data_6GYB
#
_entry.id   6GYB
#
_cell.length_a   1.000
_cell.length_b   1.000
_cell.length_c   1.000
_cell.angle_alpha   90.00
_cell.angle_beta   90.00
_cell.angle_gamma   90.00
#
_symmetry.space_group_name_H-M   'P 1'
#
loop_
_entity.id
_entity.type
_entity.pdbx_description
1 polymer VirB7
2 polymer 'VirB9 protein'
3 polymer 'VirB10 protein'
#
loop_
_entity_poly.entity_id
_entity_poly.type
_entity_poly.pdbx_seq_one_letter_code
_entity_poly.pdbx_strand_id
1 'polypeptide(L)'
;MNPMYVSKLSLVLVAAALVGACATKPAPDFGGRWKHVNHFDEAPTEIPLYTSYTYQATPMDGTLKTMLERWAADSNMQLS
YNLPSDYTLIGPVSAISTTSVQQAATELSAVYAAQGVSVSVSANKLLVQPVPVSSGAKL
;
a,d,g,j,m,p,s,A,D,G,J,M,P,S
2 'polypeptide(L)'
;MKLFNRYRVALLSALPLALCALSAAAQVVQEYEYAPDRIYQVRTGLGITTQVELSPNEKILDYSTGFTGGWELTRRENVF
YLKPKNVDVDTNMMIRTATHSYILELKVVATDWQRLEQAKQAGVQYKVVFTYPKDTSFNNVADADTSKNGPLLNAKILKD
RRYYYDYDYATRTKKSWLIPSRVYDDGKFTYINMDLTRFPTGNFPAVFAREKEHAEDFLVNTTVEGNTLIVHGTYPFLVV
RHGDNVVGLRRNKQK
;
b,e,h,k,n,q,t,B,E,H,K,N,Q,T
3 'polypeptide(L)'
;MNSNIPNSPDERIQNHGGDEQHNGDHNERNNPYFARQQASAEPDLDANEPILRSSDIKRLNRKALVFLAAIAALLILAIF
WLATQSGEDSAPPKPRTETVVAPALPQSMTAPVEEAPVPLAQQPSLPPLPPMPTDNSEEVSSAPERQRGPTLLERRILAE
SAANGGGVPGQLGAQPAPTQEDGPVTLAKPISNPDGLLVRGTYIRCILETRIISDFGGYTSCIVTEPVYSINGHNLLLPK
GSKMLGQYSAGEPTSHRLQVVWDRVTTPTGLDVTLMGPGIDTLGSSGHPGNYNAHWGNKIASALFISLLSDAFKYAAAEY
GPETTTIGVGSGIVTQQPFESNTARSMQQLAEQAVEKSGRRPATLTINQGTVLNVYVAKDVDFSAVLPKAAALEGLSAWS
HPQFEK
;
c,f,i,l,o,r,u,C,F,I,L,O,R,U
#
# COMPACT_ATOMS: atom_id res chain seq x y z
N CYS A 22 21.66 28.32 50.56
CA CYS A 22 21.43 27.25 49.59
C CYS A 22 22.48 27.25 48.49
N ALA A 23 23.41 28.20 48.56
CA ALA A 23 24.40 28.39 47.51
C ALA A 23 25.50 27.35 47.61
N THR A 24 26.55 27.52 46.78
CA THR A 24 27.62 26.53 46.66
C THR A 24 28.78 26.93 47.56
N LYS A 25 29.27 25.96 48.33
CA LYS A 25 30.42 26.18 49.19
C LYS A 25 31.70 26.28 48.37
N PRO A 26 32.45 27.39 48.46
CA PRO A 26 33.65 27.52 47.63
C PRO A 26 34.84 26.72 48.14
N ALA A 27 35.99 26.91 47.51
CA ALA A 27 37.21 26.25 47.91
C ALA A 27 37.72 26.84 49.23
N PRO A 28 38.53 26.09 49.98
CA PRO A 28 39.11 26.65 51.21
C PRO A 28 40.08 27.76 50.92
N ASP A 29 40.22 28.67 51.89
CA ASP A 29 41.05 29.85 51.76
C ASP A 29 42.11 29.83 52.84
N PHE A 30 43.26 30.46 52.56
CA PHE A 30 44.37 30.43 53.48
C PHE A 30 44.25 31.55 54.51
N GLY A 31 45.32 31.79 55.25
CA GLY A 31 45.36 32.85 56.24
C GLY A 31 46.35 32.56 57.33
N GLY A 32 47.12 33.57 57.73
CA GLY A 32 48.16 33.35 58.72
C GLY A 32 49.08 34.53 58.96
N ARG A 33 50.39 34.27 59.00
CA ARG A 33 51.35 35.20 59.55
C ARG A 33 52.25 35.84 58.49
N TRP A 34 52.33 35.24 57.31
CA TRP A 34 53.26 35.60 56.23
C TRP A 34 54.72 35.54 56.68
N LYS A 35 55.13 34.33 57.01
CA LYS A 35 56.56 34.06 57.17
C LYS A 35 57.22 34.03 55.79
N HIS A 36 58.52 34.28 55.74
CA HIS A 36 59.21 34.37 54.46
C HIS A 36 59.85 33.04 54.10
N VAL A 37 59.83 32.71 52.81
CA VAL A 37 60.22 31.38 52.35
C VAL A 37 61.73 31.23 52.35
N ASN A 38 62.42 32.05 51.55
CA ASN A 38 63.85 31.88 51.28
C ASN A 38 64.65 32.32 52.51
N HIS A 39 64.78 31.40 53.45
CA HIS A 39 65.34 31.71 54.77
C HIS A 39 66.61 30.91 54.99
N PHE A 40 67.73 31.61 55.10
CA PHE A 40 68.96 30.99 55.58
C PHE A 40 68.85 30.68 57.06
N ASP A 41 69.47 29.60 57.48
CA ASP A 41 69.51 29.24 58.88
C ASP A 41 70.78 29.82 59.53
N GLU A 42 71.05 29.42 60.77
CA GLU A 42 72.24 29.88 61.47
C GLU A 42 73.16 28.74 61.91
N ALA A 43 72.74 27.49 61.74
CA ALA A 43 73.56 26.35 62.14
C ALA A 43 74.13 25.71 60.89
N PRO A 44 75.44 25.76 60.67
CA PRO A 44 76.02 25.10 59.50
C PRO A 44 76.06 23.59 59.65
N THR A 45 74.95 22.94 59.28
CA THR A 45 74.85 21.49 59.29
C THR A 45 75.87 20.87 58.34
N GLU A 46 76.69 19.97 58.86
CA GLU A 46 77.80 19.38 58.11
C GLU A 46 77.31 18.12 57.42
N ILE A 47 77.14 18.19 56.10
CA ILE A 47 76.74 17.04 55.30
C ILE A 47 77.98 16.24 54.95
N PRO A 48 78.06 14.96 55.33
CA PRO A 48 79.23 14.17 54.95
C PRO A 48 79.22 13.85 53.47
N LEU A 49 80.42 13.64 52.93
CA LEU A 49 80.59 13.26 51.53
C LEU A 49 80.90 11.79 51.34
N TYR A 50 81.74 11.22 52.19
CA TYR A 50 82.21 9.85 52.04
C TYR A 50 81.69 9.04 53.23
N THR A 51 80.60 8.31 53.01
CA THR A 51 79.93 7.56 54.06
C THR A 51 80.32 6.09 53.97
N SER A 52 80.75 5.52 55.10
CA SER A 52 81.14 4.13 55.16
C SER A 52 79.91 3.27 55.46
N TYR A 53 80.14 1.99 55.74
CA TYR A 53 79.07 1.04 56.03
C TYR A 53 78.99 0.79 57.53
N THR A 54 77.80 1.02 58.10
CA THR A 54 77.58 0.84 59.52
C THR A 54 77.01 -0.55 59.78
N TYR A 55 77.76 -1.37 60.51
CA TYR A 55 77.25 -2.66 60.95
C TYR A 55 76.19 -2.44 62.02
N GLN A 56 74.94 -2.80 61.72
CA GLN A 56 73.86 -2.63 62.67
C GLN A 56 72.86 -3.77 62.50
N ALA A 57 71.82 -3.74 63.31
CA ALA A 57 70.84 -4.83 63.40
C ALA A 57 69.46 -4.28 63.05
N THR A 58 68.97 -4.63 61.87
CA THR A 58 67.62 -4.28 61.49
C THR A 58 66.62 -5.19 62.20
N PRO A 59 65.35 -4.79 62.27
CA PRO A 59 64.32 -5.72 62.75
C PRO A 59 63.88 -6.74 61.71
N MET A 60 64.28 -6.59 60.45
CA MET A 60 63.77 -7.47 59.40
C MET A 60 64.41 -8.85 59.45
N ASP A 61 65.74 -8.92 59.49
CA ASP A 61 66.43 -10.19 59.62
C ASP A 61 66.15 -10.80 60.98
N GLY A 62 65.46 -11.93 61.00
CA GLY A 62 64.90 -12.48 62.21
C GLY A 62 65.91 -13.09 63.16
N THR A 63 66.75 -13.98 62.66
CA THR A 63 67.63 -14.78 63.50
C THR A 63 69.06 -14.25 63.44
N LEU A 64 69.92 -14.88 64.25
CA LEU A 64 71.33 -14.48 64.27
C LEU A 64 72.05 -14.90 63.01
N LYS A 65 71.62 -15.98 62.37
CA LYS A 65 72.31 -16.44 61.16
C LYS A 65 71.98 -15.55 59.98
N THR A 66 70.72 -15.10 59.88
CA THR A 66 70.33 -14.26 58.75
C THR A 66 70.88 -12.85 58.88
N MET A 67 71.24 -12.42 60.09
CA MET A 67 71.88 -11.12 60.24
C MET A 67 73.34 -11.17 59.83
N LEU A 68 74.01 -12.28 60.13
CA LEU A 68 75.41 -12.40 59.74
C LEU A 68 75.58 -12.83 58.30
N GLU A 69 74.54 -13.37 57.66
CA GLU A 69 74.62 -13.62 56.23
C GLU A 69 74.56 -12.32 55.43
N ARG A 70 73.96 -11.28 55.99
CA ARG A 70 73.92 -9.99 55.29
C ARG A 70 74.95 -9.01 55.82
N TRP A 71 75.70 -9.35 56.87
CA TRP A 71 76.92 -8.59 57.14
C TRP A 71 78.07 -9.08 56.27
N ALA A 72 78.11 -10.38 56.01
CA ALA A 72 79.14 -10.92 55.13
C ALA A 72 78.87 -10.54 53.67
N ALA A 73 77.60 -10.44 53.29
CA ALA A 73 77.29 -10.09 51.91
C ALA A 73 77.53 -8.62 51.63
N ASP A 74 77.22 -7.77 52.60
CA ASP A 74 77.38 -6.32 52.44
C ASP A 74 78.79 -5.84 52.76
N SER A 75 79.75 -6.75 52.92
CA SER A 75 81.13 -6.36 53.20
C SER A 75 82.16 -7.20 52.48
N ASN A 76 81.73 -8.13 51.62
CA ASN A 76 82.57 -9.10 50.91
C ASN A 76 83.45 -9.91 51.87
N MET A 77 82.76 -10.67 52.72
CA MET A 77 83.41 -11.64 53.59
C MET A 77 82.65 -12.96 53.51
N GLN A 78 83.23 -13.99 54.10
CA GLN A 78 82.65 -15.33 54.10
C GLN A 78 82.16 -15.67 55.49
N LEU A 79 81.04 -16.37 55.56
CA LEU A 79 80.44 -16.76 56.83
C LEU A 79 80.63 -18.26 57.05
N SER A 80 81.23 -18.60 58.19
CA SER A 80 81.35 -19.99 58.62
C SER A 80 80.55 -20.14 59.90
N TYR A 81 79.26 -20.42 59.74
CA TYR A 81 78.38 -20.62 60.88
C TYR A 81 78.51 -22.08 61.33
N ASN A 82 79.14 -22.29 62.48
CA ASN A 82 79.45 -23.63 62.96
C ASN A 82 78.70 -23.94 64.25
N LEU A 83 77.44 -23.58 64.30
CA LEU A 83 76.60 -23.95 65.42
C LEU A 83 75.52 -24.92 64.96
N PRO A 84 75.13 -25.89 65.80
CA PRO A 84 74.10 -26.84 65.39
C PRO A 84 72.69 -26.26 65.40
N SER A 85 72.49 -25.06 65.94
CA SER A 85 71.16 -24.46 65.97
C SER A 85 71.28 -22.96 65.86
N ASP A 86 70.14 -22.31 65.64
CA ASP A 86 70.08 -20.89 65.30
C ASP A 86 69.29 -20.16 66.38
N TYR A 87 69.74 -18.94 66.70
CA TYR A 87 69.16 -18.13 67.76
C TYR A 87 68.49 -16.90 67.19
N THR A 88 67.35 -16.52 67.75
CA THR A 88 66.68 -15.31 67.30
C THR A 88 67.29 -14.08 67.96
N LEU A 89 67.01 -12.92 67.36
CA LEU A 89 67.58 -11.68 67.85
C LEU A 89 66.79 -11.14 69.02
N ILE A 90 67.51 -10.60 70.01
CA ILE A 90 66.89 -10.14 71.24
C ILE A 90 67.07 -8.64 71.42
N GLY A 91 66.55 -8.11 72.52
CA GLY A 91 66.54 -6.71 72.86
C GLY A 91 67.86 -5.95 72.79
N PRO A 92 68.88 -6.39 73.54
CA PRO A 92 70.16 -5.66 73.51
C PRO A 92 70.97 -5.79 72.22
N VAL A 93 70.46 -6.50 71.21
CA VAL A 93 71.15 -6.50 69.91
C VAL A 93 70.96 -5.16 69.22
N SER A 94 69.85 -4.48 69.49
CA SER A 94 69.56 -3.20 68.84
C SER A 94 70.28 -2.03 69.50
N ALA A 95 71.59 -2.17 69.69
CA ALA A 95 72.44 -1.06 70.12
C ALA A 95 73.77 -1.04 69.39
N ILE A 96 74.02 -2.01 68.51
CA ILE A 96 75.26 -2.07 67.75
C ILE A 96 75.14 -1.15 66.55
N SER A 97 76.03 -0.17 66.46
CA SER A 97 76.09 0.70 65.29
C SER A 97 77.54 1.15 65.15
N THR A 98 78.29 0.45 64.31
CA THR A 98 79.72 0.68 64.19
C THR A 98 80.13 0.50 62.74
N THR A 99 81.05 1.35 62.28
CA THR A 99 81.67 1.20 60.96
C THR A 99 82.86 0.26 60.98
N SER A 100 83.06 -0.48 62.07
CA SER A 100 84.16 -1.41 62.24
C SER A 100 83.59 -2.80 62.49
N VAL A 101 84.12 -3.79 61.77
CA VAL A 101 83.60 -5.14 61.92
C VAL A 101 84.06 -5.78 63.22
N GLN A 102 85.24 -5.39 63.71
CA GLN A 102 85.78 -6.02 64.92
C GLN A 102 85.06 -5.53 66.17
N GLN A 103 84.65 -4.27 66.19
CA GLN A 103 83.95 -3.74 67.36
C GLN A 103 82.51 -4.21 67.38
N ALA A 104 81.96 -4.59 66.21
CA ALA A 104 80.59 -5.09 66.15
C ALA A 104 80.53 -6.58 66.50
N ALA A 105 81.58 -7.32 66.18
CA ALA A 105 81.62 -8.73 66.59
C ALA A 105 81.94 -8.86 68.07
N THR A 106 82.55 -7.84 68.66
CA THR A 106 82.80 -7.84 70.10
C THR A 106 81.51 -7.56 70.87
N GLU A 107 80.75 -6.56 70.42
CA GLU A 107 79.49 -6.23 71.08
C GLU A 107 78.44 -7.30 70.89
N LEU A 108 78.55 -8.09 69.83
CA LEU A 108 77.59 -9.17 69.62
C LEU A 108 77.85 -10.33 70.56
N SER A 109 79.12 -10.71 70.74
CA SER A 109 79.46 -11.83 71.60
C SER A 109 79.27 -11.51 73.07
N ALA A 110 79.21 -10.24 73.45
CA ALA A 110 78.84 -9.88 74.80
C ALA A 110 77.35 -10.11 75.05
N VAL A 111 76.54 -10.00 74.01
CA VAL A 111 75.10 -10.24 74.16
C VAL A 111 74.83 -11.73 74.28
N TYR A 112 75.33 -12.51 73.33
CA TYR A 112 75.11 -13.95 73.31
C TYR A 112 76.21 -14.71 74.03
N ALA A 113 76.49 -14.31 75.27
CA ALA A 113 77.44 -15.02 76.10
C ALA A 113 76.77 -16.10 76.93
N ALA A 114 75.48 -15.97 77.19
CA ALA A 114 74.78 -16.94 78.02
C ALA A 114 74.52 -18.24 77.29
N GLN A 115 74.58 -18.24 75.96
CA GLN A 115 74.30 -19.44 75.17
C GLN A 115 75.56 -20.04 74.57
N GLY A 116 76.73 -19.50 74.91
CA GLY A 116 77.98 -20.04 74.40
C GLY A 116 78.19 -19.77 72.92
N VAL A 117 78.00 -18.52 72.51
CA VAL A 117 78.15 -18.12 71.13
C VAL A 117 79.27 -17.09 71.06
N SER A 118 80.32 -17.41 70.31
CA SER A 118 81.45 -16.51 70.13
C SER A 118 81.62 -16.21 68.64
N VAL A 119 81.59 -14.93 68.30
CA VAL A 119 81.71 -14.49 66.92
C VAL A 119 82.98 -13.67 66.80
N SER A 120 83.86 -14.06 65.88
CA SER A 120 85.13 -13.37 65.67
C SER A 120 85.41 -13.30 64.18
N VAL A 121 86.41 -12.49 63.84
CA VAL A 121 86.78 -12.23 62.44
C VAL A 121 88.23 -12.64 62.26
N SER A 122 88.47 -13.63 61.40
CA SER A 122 89.84 -14.05 61.07
C SER A 122 90.36 -13.32 59.83
N ALA A 123 90.19 -11.99 59.83
CA ALA A 123 90.78 -11.00 58.93
C ALA A 123 90.27 -11.05 57.49
N ASN A 124 89.51 -12.09 57.12
CA ASN A 124 88.85 -12.13 55.84
C ASN A 124 87.48 -12.81 55.88
N LYS A 125 87.03 -13.26 57.05
CA LYS A 125 85.83 -14.08 57.16
C LYS A 125 85.37 -14.09 58.60
N LEU A 126 84.10 -14.41 58.80
CA LEU A 126 83.49 -14.46 60.12
C LEU A 126 83.43 -15.90 60.61
N LEU A 127 83.70 -16.10 61.89
CA LEU A 127 83.68 -17.41 62.51
C LEU A 127 82.65 -17.41 63.64
N VAL A 128 81.69 -18.32 63.56
CA VAL A 128 80.69 -18.50 64.61
C VAL A 128 80.92 -19.88 65.20
N GLN A 129 81.57 -19.94 66.35
CA GLN A 129 81.94 -21.18 67.02
C GLN A 129 81.56 -21.08 68.49
N PRO A 130 81.37 -22.21 69.16
CA PRO A 130 81.13 -22.17 70.61
C PRO A 130 82.34 -21.67 71.38
N VAL A 131 82.08 -21.14 72.57
CA VAL A 131 83.12 -20.55 73.40
C VAL A 131 83.96 -21.67 73.99
N PRO A 132 85.31 -21.54 74.03
CA PRO A 132 86.15 -22.53 74.70
C PRO A 132 85.95 -22.56 76.22
N GLN B 27 72.19 18.45 -0.50
CA GLN B 27 72.93 17.69 -1.50
C GLN B 27 72.14 16.45 -1.91
N VAL B 28 71.68 15.71 -0.92
CA VAL B 28 70.84 14.53 -1.11
C VAL B 28 69.39 14.84 -0.76
N VAL B 29 69.15 15.43 0.39
CA VAL B 29 67.87 16.01 0.76
C VAL B 29 68.07 17.51 0.78
N GLN B 30 67.47 18.23 -0.16
CA GLN B 30 67.74 19.65 -0.32
C GLN B 30 66.51 20.46 0.05
N GLU B 31 66.72 21.51 0.83
CA GLU B 31 65.67 22.45 1.19
C GLU B 31 65.76 23.69 0.30
N TYR B 32 64.61 24.15 -0.16
CA TYR B 32 64.53 25.42 -0.87
C TYR B 32 63.71 26.40 -0.05
N GLU B 33 64.03 27.67 -0.17
CA GLU B 33 63.26 28.72 0.48
C GLU B 33 62.28 29.29 -0.54
N TYR B 34 61.01 29.36 -0.16
CA TYR B 34 59.98 29.78 -1.09
C TYR B 34 60.04 31.29 -1.32
N ALA B 35 60.27 31.67 -2.56
CA ALA B 35 60.13 33.04 -3.02
C ALA B 35 59.25 33.04 -4.26
N PRO B 36 58.45 34.09 -4.47
CA PRO B 36 57.55 34.10 -5.64
C PRO B 36 58.31 34.22 -6.94
N ASP B 37 57.95 33.36 -7.90
CA ASP B 37 58.50 33.30 -9.26
C ASP B 37 60.01 33.05 -9.26
N ARG B 38 60.39 31.89 -8.72
CA ARG B 38 61.77 31.44 -8.71
C ARG B 38 61.83 30.07 -9.39
N ILE B 39 62.93 29.80 -10.09
CA ILE B 39 63.08 28.56 -10.84
C ILE B 39 63.84 27.58 -9.94
N TYR B 40 63.15 26.55 -9.46
CA TYR B 40 63.76 25.55 -8.58
C TYR B 40 64.19 24.36 -9.41
N GLN B 41 65.44 23.95 -9.24
CA GLN B 41 66.00 22.86 -10.02
C GLN B 41 65.87 21.55 -9.26
N VAL B 42 65.26 20.56 -9.88
CA VAL B 42 65.09 19.22 -9.33
C VAL B 42 65.88 18.27 -10.22
N ARG B 43 66.84 17.56 -9.62
CA ARG B 43 67.72 16.67 -10.37
C ARG B 43 67.37 15.23 -10.03
N THR B 44 67.00 14.46 -11.04
CA THR B 44 66.50 13.11 -10.85
C THR B 44 67.49 12.09 -11.42
N GLY B 45 67.21 10.82 -11.14
CA GLY B 45 67.95 9.72 -11.71
C GLY B 45 67.00 8.71 -12.31
N LEU B 46 67.55 7.76 -13.06
CA LEU B 46 66.70 6.97 -13.94
C LEU B 46 65.92 5.88 -13.21
N GLY B 47 66.50 5.26 -12.19
CA GLY B 47 65.76 4.27 -11.43
C GLY B 47 65.53 4.66 -9.99
N ILE B 48 65.24 5.94 -9.76
CA ILE B 48 65.22 6.54 -8.44
C ILE B 48 63.99 7.45 -8.33
N THR B 49 63.17 7.23 -7.31
CA THR B 49 62.12 8.19 -7.01
C THR B 49 62.71 9.42 -6.34
N THR B 50 62.24 10.59 -6.77
CA THR B 50 62.50 11.85 -6.08
C THR B 50 61.15 12.40 -5.68
N GLN B 51 60.99 12.75 -4.42
CA GLN B 51 59.75 13.39 -4.01
C GLN B 51 59.97 14.88 -3.77
N VAL B 52 59.03 15.69 -4.23
CA VAL B 52 58.95 17.08 -3.84
C VAL B 52 57.81 17.20 -2.84
N GLU B 53 58.02 17.97 -1.79
CA GLU B 53 57.04 18.07 -0.72
C GLU B 53 56.65 19.54 -0.55
N LEU B 54 55.39 19.83 -0.82
CA LEU B 54 54.87 21.17 -0.72
C LEU B 54 54.36 21.40 0.71
N SER B 55 53.67 22.50 0.92
CA SER B 55 53.18 22.77 2.26
C SER B 55 51.94 21.92 2.54
N PRO B 56 51.79 21.43 3.77
CA PRO B 56 50.55 20.71 4.13
C PRO B 56 49.35 21.61 4.27
N ASN B 57 49.53 22.93 4.27
CA ASN B 57 48.45 23.85 4.58
C ASN B 57 47.50 24.02 3.40
N GLU B 58 48.05 24.22 2.20
CA GLU B 58 47.26 24.57 1.03
C GLU B 58 46.96 23.36 0.17
N LYS B 59 45.83 23.43 -0.53
CA LYS B 59 45.40 22.38 -1.44
C LYS B 59 45.91 22.67 -2.84
N ILE B 60 46.41 21.63 -3.51
CA ILE B 60 46.95 21.76 -4.85
C ILE B 60 45.82 21.82 -5.86
N LEU B 61 45.75 22.91 -6.62
CA LEU B 61 44.70 23.07 -7.61
C LEU B 61 45.00 22.26 -8.87
N ASP B 62 46.13 22.55 -9.52
CA ASP B 62 46.45 21.89 -10.78
C ASP B 62 47.97 21.86 -10.98
N TYR B 63 48.38 21.09 -11.97
CA TYR B 63 49.79 20.95 -12.31
C TYR B 63 49.88 20.48 -13.75
N SER B 64 50.97 20.86 -14.41
CA SER B 64 51.18 20.45 -15.80
C SER B 64 52.66 20.49 -16.11
N THR B 65 53.20 19.36 -16.55
CA THR B 65 54.58 19.27 -16.99
C THR B 65 54.64 19.15 -18.51
N GLY B 66 55.63 19.79 -19.11
CA GLY B 66 55.89 19.56 -20.51
C GLY B 66 56.49 18.20 -20.73
N PHE B 67 56.18 17.60 -21.89
CA PHE B 67 56.61 16.25 -22.27
C PHE B 67 56.15 15.22 -21.24
N THR B 68 54.82 15.07 -21.18
CA THR B 68 54.18 14.27 -20.14
C THR B 68 54.54 12.79 -20.26
N GLY B 69 54.75 12.30 -21.47
CA GLY B 69 55.06 10.90 -21.66
C GLY B 69 56.53 10.53 -21.47
N GLY B 70 57.23 11.25 -20.60
CA GLY B 70 58.58 10.91 -20.26
C GLY B 70 58.81 11.04 -18.77
N TRP B 71 57.72 11.17 -18.03
CA TRP B 71 57.78 11.36 -16.58
C TRP B 71 56.60 10.65 -15.95
N GLU B 72 56.87 9.64 -15.13
CA GLU B 72 55.86 8.96 -14.33
C GLU B 72 55.77 9.66 -12.98
N LEU B 73 54.71 10.44 -12.79
CA LEU B 73 54.55 11.19 -11.54
C LEU B 73 53.14 10.99 -11.01
N THR B 74 53.04 10.70 -9.71
CA THR B 74 51.78 10.55 -9.00
C THR B 74 51.79 11.47 -7.80
N ARG B 75 50.62 11.85 -7.31
CA ARG B 75 50.53 12.72 -6.16
C ARG B 75 49.67 12.12 -5.06
N ARG B 76 50.05 12.43 -3.81
CA ARG B 76 49.23 12.12 -2.63
C ARG B 76 49.14 13.40 -1.80
N GLU B 77 48.26 14.30 -2.24
CA GLU B 77 47.69 15.44 -1.54
C GLU B 77 48.65 16.59 -1.22
N ASN B 78 49.96 16.35 -1.14
CA ASN B 78 50.94 17.42 -1.25
C ASN B 78 52.29 16.98 -1.78
N VAL B 79 52.49 15.71 -2.13
CA VAL B 79 53.81 15.19 -2.48
C VAL B 79 53.73 14.55 -3.85
N PHE B 80 54.70 14.87 -4.70
CA PHE B 80 54.78 14.34 -6.05
C PHE B 80 55.98 13.42 -6.13
N TYR B 81 55.75 12.16 -6.45
CA TYR B 81 56.84 11.20 -6.61
C TYR B 81 57.22 11.16 -8.09
N LEU B 82 58.38 11.74 -8.41
CA LEU B 82 58.83 11.90 -9.78
C LEU B 82 59.83 10.82 -10.15
N LYS B 83 59.67 10.27 -11.35
CA LYS B 83 60.72 9.44 -11.91
C LYS B 83 60.66 9.58 -13.43
N PRO B 84 61.79 9.68 -14.10
CA PRO B 84 61.80 9.80 -15.55
C PRO B 84 61.56 8.45 -16.22
N LYS B 85 61.49 8.46 -17.54
CA LYS B 85 61.34 7.23 -18.30
C LYS B 85 62.40 7.04 -19.36
N ASN B 86 63.17 8.06 -19.72
CA ASN B 86 64.20 7.91 -20.73
C ASN B 86 65.31 8.90 -20.41
N VAL B 87 66.37 8.89 -21.23
CA VAL B 87 67.60 9.56 -20.86
C VAL B 87 67.51 11.07 -21.08
N ASP B 88 66.68 11.54 -22.02
CA ASP B 88 66.58 12.97 -22.31
C ASP B 88 65.12 13.40 -22.23
N VAL B 89 64.67 13.68 -21.01
CA VAL B 89 63.28 14.06 -20.75
C VAL B 89 63.26 15.34 -19.95
N ASP B 90 64.28 16.18 -20.15
CA ASP B 90 64.41 17.43 -19.39
C ASP B 90 63.26 18.37 -19.73
N THR B 91 62.59 18.88 -18.70
CA THR B 91 61.40 19.69 -18.92
C THR B 91 61.18 20.58 -17.70
N ASN B 92 60.08 21.31 -17.73
CA ASN B 92 59.58 22.06 -16.58
C ASN B 92 58.36 21.38 -15.99
N MET B 93 58.04 21.77 -14.76
CA MET B 93 56.76 21.39 -14.17
C MET B 93 56.30 22.54 -13.31
N MET B 94 55.03 22.87 -13.43
CA MET B 94 54.45 24.02 -12.76
C MET B 94 53.31 23.56 -11.87
N ILE B 95 53.43 23.83 -10.58
CA ILE B 95 52.41 23.51 -9.61
C ILE B 95 51.76 24.81 -9.18
N ARG B 96 50.43 24.81 -9.10
CA ARG B 96 49.69 26.00 -8.70
C ARG B 96 48.74 25.61 -7.59
N THR B 97 49.03 26.04 -6.38
CA THR B 97 48.15 25.82 -5.24
C THR B 97 47.20 27.01 -5.09
N ALA B 98 46.56 27.11 -3.94
CA ALA B 98 45.61 28.20 -3.72
C ALA B 98 46.30 29.54 -3.58
N THR B 99 47.49 29.58 -3.00
CA THR B 99 48.19 30.83 -2.80
C THR B 99 49.67 30.81 -3.17
N HIS B 100 50.20 29.67 -3.61
CA HIS B 100 51.59 29.58 -4.02
C HIS B 100 51.67 29.13 -5.47
N SER B 101 52.81 29.40 -6.10
CA SER B 101 53.05 29.02 -7.48
C SER B 101 54.51 28.63 -7.65
N TYR B 102 54.73 27.39 -8.08
CA TYR B 102 56.06 26.81 -8.17
C TYR B 102 56.42 26.59 -9.63
N ILE B 103 57.66 26.87 -9.98
CA ILE B 103 58.16 26.58 -11.32
C ILE B 103 59.37 25.67 -11.13
N LEU B 104 59.18 24.37 -11.29
CA LEU B 104 60.24 23.40 -11.13
C LEU B 104 60.92 23.15 -12.46
N GLU B 105 62.21 22.88 -12.41
CA GLU B 105 63.03 22.71 -13.61
C GLU B 105 63.65 21.31 -13.55
N LEU B 106 62.94 20.34 -14.13
CA LEU B 106 63.28 18.92 -13.99
C LEU B 106 64.46 18.55 -14.88
N LYS B 107 65.41 17.83 -14.31
CA LYS B 107 66.60 17.39 -15.03
C LYS B 107 66.78 15.90 -14.85
N VAL B 108 67.69 15.33 -15.62
CA VAL B 108 68.13 13.94 -15.47
C VAL B 108 69.64 13.94 -15.42
N VAL B 109 70.20 13.50 -14.29
CA VAL B 109 71.63 13.65 -14.04
C VAL B 109 72.34 12.31 -13.87
N ALA B 110 71.65 11.23 -13.49
CA ALA B 110 72.27 9.91 -13.36
C ALA B 110 71.43 8.90 -14.12
N THR B 111 72.03 8.27 -15.13
CA THR B 111 71.31 7.32 -15.96
C THR B 111 72.05 6.02 -16.21
N ASP B 112 73.36 5.95 -15.99
CA ASP B 112 74.18 4.81 -16.39
C ASP B 112 74.73 4.08 -15.17
N TRP B 113 74.27 4.42 -13.97
CA TRP B 113 74.86 3.91 -12.74
C TRP B 113 74.50 2.45 -12.53
N GLN B 114 75.46 1.71 -11.99
CA GLN B 114 75.24 0.33 -11.55
C GLN B 114 75.17 0.21 -10.05
N ARG B 115 75.93 1.04 -9.35
CA ARG B 115 75.97 1.09 -7.90
C ARG B 115 75.31 2.39 -7.45
N LEU B 116 74.52 2.31 -6.38
CA LEU B 116 73.67 3.44 -6.01
C LEU B 116 74.45 4.59 -5.39
N GLU B 117 75.70 4.35 -5.00
CA GLU B 117 76.59 5.43 -4.60
C GLU B 117 77.03 6.28 -5.78
N GLN B 118 76.99 5.74 -7.00
CA GLN B 118 77.37 6.52 -8.17
C GLN B 118 76.32 7.57 -8.52
N ALA B 119 75.06 7.36 -8.14
CA ALA B 119 74.05 8.37 -8.36
C ALA B 119 74.11 9.46 -7.31
N LYS B 120 74.62 9.15 -6.12
CA LYS B 120 74.86 10.16 -5.10
C LYS B 120 75.89 11.18 -5.59
N GLN B 121 76.99 10.68 -6.14
CA GLN B 121 78.07 11.54 -6.60
C GLN B 121 77.71 12.27 -7.89
N ALA B 122 76.82 11.68 -8.70
CA ALA B 122 76.36 12.37 -9.89
C ALA B 122 75.48 13.56 -9.54
N GLY B 123 74.77 13.49 -8.42
CA GLY B 123 74.09 14.66 -7.92
C GLY B 123 72.59 14.55 -7.88
N VAL B 124 72.06 13.35 -7.64
CA VAL B 124 70.61 13.22 -7.57
C VAL B 124 70.10 13.80 -6.26
N GLN B 125 68.81 14.06 -6.23
CA GLN B 125 68.14 14.59 -5.05
C GLN B 125 67.02 13.63 -4.67
N TYR B 126 67.19 12.95 -3.53
CA TYR B 126 66.17 12.03 -3.05
C TYR B 126 64.90 12.76 -2.63
N LYS B 127 65.03 13.85 -1.88
CA LYS B 127 63.88 14.58 -1.38
C LYS B 127 64.07 16.06 -1.67
N VAL B 128 62.97 16.76 -1.94
CA VAL B 128 62.94 18.20 -2.06
C VAL B 128 61.83 18.73 -1.17
N VAL B 129 62.18 19.59 -0.22
CA VAL B 129 61.20 20.22 0.66
C VAL B 129 61.37 21.72 0.59
N PHE B 130 60.26 22.43 0.78
CA PHE B 130 60.24 23.88 0.70
C PHE B 130 60.01 24.48 2.09
N THR B 131 60.84 25.43 2.47
CA THR B 131 60.68 26.17 3.71
C THR B 131 60.02 27.51 3.40
N TYR B 132 59.11 27.93 4.26
CA TYR B 132 58.27 29.09 3.99
C TYR B 132 58.53 30.20 5.01
N PRO B 133 59.24 31.25 4.65
CA PRO B 133 59.50 32.32 5.61
C PRO B 133 58.29 33.21 5.81
N LYS B 134 58.30 33.96 6.90
CA LYS B 134 57.29 34.96 7.11
C LYS B 134 57.67 36.25 6.40
N ASP B 135 56.74 37.19 6.35
CA ASP B 135 56.91 38.41 5.58
C ASP B 135 57.99 39.29 6.20
N THR B 136 58.68 40.05 5.35
CA THR B 136 59.84 40.81 5.81
C THR B 136 59.42 42.05 6.61
N SER B 137 58.14 42.41 6.60
CA SER B 137 57.69 43.52 7.43
C SER B 137 57.57 43.09 8.89
N PHE B 138 57.51 41.78 9.14
CA PHE B 138 57.52 41.30 10.51
C PHE B 138 58.93 40.99 10.99
N ASN B 139 59.89 40.90 10.07
CA ASN B 139 61.27 40.65 10.47
C ASN B 139 61.91 41.91 11.03
N ASN B 140 61.35 43.08 10.72
CA ASN B 140 61.85 44.32 11.30
C ASN B 140 61.46 44.44 12.77
N VAL B 141 60.42 43.72 13.17
CA VAL B 141 59.98 43.69 14.56
C VAL B 141 60.77 42.65 15.35
N LYS B 148 66.62 34.17 21.32
CA LYS B 148 67.57 33.45 20.49
C LYS B 148 68.68 32.84 21.34
N ASN B 149 69.09 33.57 22.38
CA ASN B 149 70.19 33.17 23.25
C ASN B 149 69.71 32.07 24.19
N GLY B 150 69.64 30.86 23.66
CA GLY B 150 69.25 29.71 24.43
C GLY B 150 67.77 29.68 24.75
N PRO B 151 67.36 28.74 25.60
CA PRO B 151 65.95 28.62 25.95
C PRO B 151 65.50 29.65 26.95
N LEU B 152 64.20 29.93 26.93
CA LEU B 152 63.62 30.93 27.81
C LEU B 152 63.38 30.41 29.21
N LEU B 153 63.16 29.11 29.37
CA LEU B 153 62.90 28.52 30.67
C LEU B 153 64.10 27.65 31.03
N ASN B 154 64.92 28.14 31.96
CA ASN B 154 66.11 27.41 32.39
C ASN B 154 66.11 27.45 33.91
N ALA B 155 65.93 26.28 34.53
CA ALA B 155 65.74 26.20 35.97
C ALA B 155 67.00 26.52 36.77
N LYS B 156 68.17 26.52 36.14
CA LYS B 156 69.38 26.94 36.81
C LYS B 156 69.43 28.46 36.92
N ILE B 157 70.41 28.95 37.65
CA ILE B 157 70.65 30.38 37.77
C ILE B 157 71.69 30.78 36.74
N LEU B 158 71.32 31.67 35.83
CA LEU B 158 72.20 32.04 34.75
C LEU B 158 73.05 33.24 35.16
N LYS B 159 74.08 33.50 34.35
CA LYS B 159 75.00 34.59 34.64
C LYS B 159 74.34 35.95 34.38
N ASP B 160 73.50 36.04 33.37
CA ASP B 160 72.98 37.31 32.87
C ASP B 160 71.46 37.39 32.96
N ARG B 161 70.89 36.92 34.06
CA ARG B 161 69.47 37.10 34.32
C ARG B 161 69.28 37.65 35.72
N ARG B 162 68.23 38.43 35.89
CA ARG B 162 67.95 39.11 37.16
C ARG B 162 66.88 38.34 37.91
N TYR B 163 67.20 37.94 39.13
CA TYR B 163 66.31 37.13 39.95
C TYR B 163 65.79 37.93 41.13
N TYR B 164 64.67 37.47 41.69
CA TYR B 164 63.98 38.20 42.76
C TYR B 164 63.62 37.23 43.87
N TYR B 165 64.44 37.19 44.92
CA TYR B 165 64.28 36.25 46.02
C TYR B 165 63.57 36.91 47.19
N ASP B 166 62.29 37.22 47.00
CA ASP B 166 61.56 37.85 48.10
C ASP B 166 60.11 37.39 47.99
N TYR B 167 59.80 36.32 48.72
CA TYR B 167 58.48 35.70 48.69
C TYR B 167 58.13 35.23 50.10
N ASP B 168 56.84 35.25 50.40
CA ASP B 168 56.34 34.84 51.70
C ASP B 168 55.40 33.64 51.54
N TYR B 169 54.99 33.07 52.67
CA TYR B 169 53.99 32.01 52.64
C TYR B 169 53.10 32.16 53.86
N ALA B 170 51.84 31.75 53.72
CA ALA B 170 50.89 31.82 54.81
C ALA B 170 49.97 30.61 54.76
N THR B 171 49.84 29.92 55.89
CA THR B 171 49.00 28.73 55.98
C THR B 171 48.59 28.52 57.43
N ARG B 172 47.53 27.73 57.61
CA ARG B 172 46.99 27.50 58.95
C ARG B 172 47.91 26.63 59.78
N THR B 173 48.24 25.44 59.27
CA THR B 173 49.12 24.52 59.98
C THR B 173 50.54 25.05 60.01
N LYS B 174 51.25 24.80 61.11
CA LYS B 174 52.58 25.38 61.29
C LYS B 174 53.62 24.68 60.43
N LYS B 175 53.83 23.39 60.66
CA LYS B 175 54.76 22.60 59.86
C LYS B 175 53.93 21.71 58.95
N SER B 176 53.79 22.11 57.69
CA SER B 176 53.08 21.34 56.70
C SER B 176 54.06 20.80 55.67
N TRP B 177 53.59 19.79 54.94
CA TRP B 177 54.33 19.26 53.80
C TRP B 177 53.99 19.96 52.50
N LEU B 178 53.17 21.00 52.55
CA LEU B 178 52.78 21.73 51.36
C LEU B 178 53.52 23.05 51.23
N ILE B 179 54.28 23.44 52.24
CA ILE B 179 55.07 24.66 52.19
C ILE B 179 56.21 24.47 51.19
N PRO B 180 56.38 25.37 50.21
CA PRO B 180 57.48 25.23 49.26
C PRO B 180 58.83 25.45 49.92
N SER B 181 59.84 24.82 49.35
CA SER B 181 61.20 24.99 49.86
C SER B 181 61.77 26.34 49.46
N ARG B 182 61.74 26.66 48.16
CA ARG B 182 62.32 27.87 47.63
C ARG B 182 61.42 28.39 46.52
N VAL B 183 61.12 29.69 46.54
CA VAL B 183 60.32 30.33 45.50
C VAL B 183 61.09 31.55 45.02
N TYR B 184 61.24 31.67 43.70
CA TYR B 184 61.89 32.83 43.09
C TYR B 184 61.37 32.96 41.66
N ASP B 185 61.92 33.92 40.91
CA ASP B 185 61.55 34.09 39.52
C ASP B 185 62.66 34.80 38.77
N ASP B 186 62.61 34.70 37.43
CA ASP B 186 63.57 35.37 36.57
C ASP B 186 62.95 36.51 35.78
N GLY B 187 61.80 37.01 36.21
CA GLY B 187 61.07 38.02 35.49
C GLY B 187 60.02 37.48 34.56
N LYS B 188 60.19 36.24 34.09
CA LYS B 188 59.28 35.64 33.13
C LYS B 188 58.63 34.36 33.63
N PHE B 189 59.27 33.61 34.51
CA PHE B 189 58.73 32.36 35.04
C PHE B 189 58.97 32.31 36.54
N THR B 190 57.98 31.83 37.29
CA THR B 190 58.09 31.68 38.74
C THR B 190 58.43 30.23 39.08
N TYR B 191 59.53 30.02 39.79
CA TYR B 191 60.10 28.70 40.02
C TYR B 191 59.80 28.24 41.43
N ILE B 192 58.65 27.59 41.62
CA ILE B 192 58.32 26.99 42.91
C ILE B 192 59.09 25.69 43.05
N ASN B 193 59.79 25.52 44.16
CA ASN B 193 60.65 24.38 44.38
C ASN B 193 60.24 23.70 45.67
N MET B 194 60.08 22.37 45.63
CA MET B 194 59.52 21.64 46.76
C MET B 194 60.32 20.37 47.06
N ASP B 195 61.64 20.41 46.90
CA ASP B 195 62.47 19.22 47.01
C ASP B 195 63.15 19.07 48.37
N LEU B 196 62.58 19.66 49.42
CA LEU B 196 63.02 19.38 50.77
C LEU B 196 61.91 18.88 51.68
N THR B 197 60.66 18.94 51.25
CA THR B 197 59.57 18.25 51.93
C THR B 197 59.55 16.83 51.38
N ARG B 198 60.40 15.99 51.97
CA ARG B 198 60.79 14.72 51.38
C ARG B 198 59.82 13.59 51.69
N PHE B 199 59.15 13.61 52.85
CA PHE B 199 58.46 12.42 53.32
C PHE B 199 57.22 12.02 52.50
N PRO B 200 56.16 12.82 52.37
CA PRO B 200 54.97 12.26 51.72
C PRO B 200 55.21 12.19 50.21
N THR B 201 55.11 10.98 49.66
CA THR B 201 55.39 10.83 48.24
C THR B 201 54.29 11.48 47.39
N GLY B 202 53.07 11.51 47.88
CA GLY B 202 52.02 12.23 47.19
C GLY B 202 51.85 13.66 47.68
N ASN B 203 52.81 14.54 47.40
CA ASN B 203 52.77 15.89 47.94
C ASN B 203 52.72 16.97 46.86
N PHE B 204 52.27 16.64 45.65
CA PHE B 204 52.45 17.55 44.54
C PHE B 204 51.17 18.33 44.31
N PRO B 205 51.21 19.66 44.38
CA PRO B 205 49.98 20.46 44.35
C PRO B 205 49.51 20.90 42.98
N ALA B 206 48.46 21.73 42.98
CA ALA B 206 48.01 22.48 41.82
C ALA B 206 48.11 23.96 42.12
N VAL B 207 48.86 24.69 41.30
CA VAL B 207 49.17 26.09 41.56
C VAL B 207 48.21 26.99 40.79
N PHE B 208 47.58 27.92 41.50
CA PHE B 208 46.74 28.95 40.93
C PHE B 208 47.42 30.30 41.15
N ALA B 209 46.75 31.38 40.76
CA ALA B 209 47.30 32.70 40.97
C ALA B 209 46.17 33.67 41.22
N ARG B 210 46.52 34.84 41.75
CA ARG B 210 45.49 35.72 42.31
C ARG B 210 46.03 37.14 42.28
N GLU B 211 45.17 38.10 41.96
CA GLU B 211 45.62 39.48 41.81
C GLU B 211 45.63 40.26 43.12
N LYS B 212 44.78 39.93 44.06
CA LYS B 212 44.77 40.53 45.38
C LYS B 212 44.98 39.43 46.41
N GLU B 213 44.85 39.77 47.69
CA GLU B 213 45.14 38.76 48.70
C GLU B 213 43.99 37.78 48.86
N HIS B 214 42.76 38.28 48.95
CA HIS B 214 41.59 37.42 49.14
C HIS B 214 40.59 37.60 48.01
N ALA B 215 41.10 37.81 46.80
CA ALA B 215 40.26 37.86 45.62
C ALA B 215 40.00 36.43 45.13
N GLU B 216 39.41 36.30 43.95
CA GLU B 216 39.13 34.98 43.39
C GLU B 216 40.28 34.61 42.47
N ASP B 217 40.78 33.39 42.62
CA ASP B 217 41.94 32.97 41.88
C ASP B 217 41.59 32.51 40.47
N PHE B 218 42.61 32.38 39.63
CA PHE B 218 42.44 31.97 38.25
C PHE B 218 43.55 30.98 37.89
N LEU B 219 43.65 30.66 36.61
CA LEU B 219 44.46 29.54 36.13
C LEU B 219 45.74 30.01 35.47
N VAL B 220 46.81 29.22 35.65
CA VAL B 220 48.11 29.49 35.06
C VAL B 220 48.56 28.25 34.30
N ASN B 221 49.52 28.46 33.40
CA ASN B 221 50.15 27.36 32.69
C ASN B 221 51.41 26.96 33.43
N THR B 222 51.57 25.66 33.68
CA THR B 222 52.69 25.17 34.46
C THR B 222 53.43 24.09 33.69
N THR B 223 54.75 24.10 33.80
CA THR B 223 55.58 22.97 33.42
C THR B 223 56.42 22.58 34.62
N VAL B 224 56.82 21.32 34.68
CA VAL B 224 57.47 20.74 35.85
C VAL B 224 58.73 20.01 35.44
N GLU B 225 59.76 20.08 36.29
CA GLU B 225 61.05 19.43 36.03
C GLU B 225 61.49 18.78 37.35
N GLY B 226 61.11 17.53 37.55
CA GLY B 226 61.48 16.84 38.77
C GLY B 226 60.58 17.21 39.93
N ASN B 227 61.11 17.94 40.89
CA ASN B 227 60.32 18.46 42.01
C ASN B 227 60.09 19.96 41.90
N THR B 228 60.55 20.60 40.85
CA THR B 228 60.37 22.03 40.65
C THR B 228 59.10 22.24 39.83
N LEU B 229 58.17 23.03 40.35
CA LEU B 229 56.99 23.42 39.62
C LEU B 229 57.22 24.83 39.10
N ILE B 230 57.14 25.02 37.79
CA ILE B 230 57.50 26.27 37.15
C ILE B 230 56.25 26.89 36.55
N VAL B 231 55.92 28.11 36.96
CA VAL B 231 54.69 28.77 36.59
C VAL B 231 55.00 29.82 35.53
N HIS B 232 54.29 29.75 34.40
CA HIS B 232 54.50 30.65 33.28
C HIS B 232 53.96 32.03 33.62
N GLY B 233 54.84 32.93 34.07
CA GLY B 233 54.44 34.29 34.36
C GLY B 233 54.62 34.67 35.82
N THR B 234 54.88 35.93 36.09
CA THR B 234 55.05 36.43 37.45
C THR B 234 53.77 37.11 37.92
N TYR B 235 53.34 36.78 39.13
CA TYR B 235 52.07 37.18 39.67
C TYR B 235 52.26 37.81 41.04
N PRO B 236 51.32 38.63 41.50
CA PRO B 236 51.43 39.13 42.87
C PRO B 236 51.22 38.06 43.92
N PHE B 237 50.30 37.13 43.68
CA PHE B 237 49.98 36.06 44.62
C PHE B 237 49.87 34.73 43.89
N LEU B 238 50.35 33.67 44.53
CA LEU B 238 50.19 32.32 44.05
C LEU B 238 49.44 31.54 45.12
N VAL B 239 48.55 30.66 44.70
CA VAL B 239 47.76 29.84 45.63
C VAL B 239 48.09 28.38 45.32
N VAL B 240 48.39 27.62 46.37
CA VAL B 240 48.90 26.25 46.25
C VAL B 240 47.94 25.34 47.00
N ARG B 241 47.25 24.45 46.29
CA ARG B 241 46.17 23.65 46.84
C ARG B 241 46.45 22.17 46.71
N HIS B 242 46.08 21.40 47.74
CA HIS B 242 46.12 19.94 47.70
C HIS B 242 44.89 19.37 48.40
N GLY B 243 43.72 19.93 48.11
CA GLY B 243 42.51 19.41 48.73
C GLY B 243 41.88 20.38 49.70
N ASP B 244 41.91 20.05 50.98
CA ASP B 244 41.41 20.93 52.02
C ASP B 244 42.49 21.86 52.59
N ASN B 245 43.76 21.60 52.31
CA ASN B 245 44.85 22.42 52.80
C ASN B 245 45.45 23.27 51.70
N VAL B 246 45.74 24.52 52.02
CA VAL B 246 46.07 25.56 51.05
C VAL B 246 47.19 26.42 51.62
N VAL B 247 48.12 26.83 50.76
CA VAL B 247 49.26 27.68 51.12
C VAL B 247 49.28 28.85 50.16
N GLY B 248 49.18 30.07 50.68
CA GLY B 248 49.32 31.25 49.86
C GLY B 248 50.77 31.67 49.70
N LEU B 249 51.05 32.48 48.68
CA LEU B 249 52.42 32.90 48.38
C LEU B 249 52.40 34.35 47.91
N ARG B 250 52.82 35.27 48.76
CA ARG B 250 52.91 36.67 48.37
C ARG B 250 54.29 36.97 47.81
N ARG B 251 54.32 37.66 46.68
CA ARG B 251 55.52 38.35 46.24
C ARG B 251 55.57 39.71 46.91
N ASN B 252 56.63 39.97 47.66
CA ASN B 252 56.72 41.23 48.37
C ASN B 252 57.04 42.37 47.41
N LYS B 253 56.59 43.55 47.77
CA LYS B 253 56.65 44.69 46.87
C LYS B 253 58.07 45.26 46.82
N GLN B 254 58.49 45.65 45.63
CA GLN B 254 59.83 46.17 45.38
C GLN B 254 59.99 47.52 46.07
N LYS B 255 60.81 47.56 47.10
CA LYS B 255 61.08 48.81 47.82
C LYS B 255 62.00 49.72 47.03
N PRO C 150 56.70 -42.18 -14.18
CA PRO C 150 57.77 -41.47 -13.48
C PRO C 150 58.40 -42.33 -12.40
N THR C 151 59.41 -41.80 -11.73
CA THR C 151 60.03 -42.49 -10.60
C THR C 151 59.36 -42.04 -9.30
N LEU C 152 59.97 -42.37 -8.17
CA LEU C 152 59.40 -42.00 -6.88
C LEU C 152 59.71 -40.55 -6.54
N LEU C 153 60.96 -40.11 -6.77
CA LEU C 153 61.33 -38.73 -6.50
C LEU C 153 60.65 -37.77 -7.47
N GLU C 154 60.58 -38.15 -8.75
CA GLU C 154 59.97 -37.30 -9.77
C GLU C 154 58.45 -37.19 -9.62
N ARG C 155 57.84 -38.05 -8.81
CA ARG C 155 56.40 -38.00 -8.62
C ARG C 155 56.01 -37.06 -7.50
N ARG C 156 56.79 -37.03 -6.41
CA ARG C 156 56.50 -36.16 -5.27
C ARG C 156 56.69 -34.69 -5.65
N ILE C 157 57.60 -34.41 -6.57
CA ILE C 157 57.71 -33.07 -7.12
C ILE C 157 56.48 -32.76 -7.97
N LEU C 158 56.02 -33.76 -8.73
CA LEU C 158 54.93 -33.57 -9.68
C LEU C 158 53.58 -33.51 -8.98
N ALA C 159 53.31 -34.47 -8.09
CA ALA C 159 52.01 -34.55 -7.44
C ALA C 159 51.78 -33.41 -6.45
N GLU C 160 52.85 -32.81 -5.94
CA GLU C 160 52.73 -31.65 -5.06
C GLU C 160 52.85 -30.33 -5.81
N SER C 161 52.90 -30.37 -7.14
CA SER C 161 52.93 -29.15 -7.94
C SER C 161 52.17 -29.35 -9.25
N GLY C 183 30.32 -19.06 26.14
CA GLY C 183 30.41 -17.90 25.26
C GLY C 183 31.84 -17.54 24.89
N PRO C 184 32.51 -16.78 25.75
CA PRO C 184 33.90 -16.44 25.48
C PRO C 184 34.83 -17.60 25.81
N VAL C 185 36.11 -17.36 25.61
CA VAL C 185 37.11 -18.38 25.92
C VAL C 185 37.83 -17.98 27.20
N THR C 186 38.28 -18.98 27.96
CA THR C 186 38.94 -18.78 29.24
C THR C 186 40.35 -19.35 29.14
N LEU C 187 41.35 -18.49 29.22
CA LEU C 187 42.73 -18.90 29.07
C LEU C 187 43.55 -18.39 30.26
N ALA C 188 44.75 -18.93 30.40
CA ALA C 188 45.65 -18.58 31.50
C ALA C 188 47.06 -18.47 30.92
N LYS C 189 47.45 -17.28 30.55
CA LYS C 189 48.72 -17.02 29.89
C LYS C 189 49.64 -16.24 30.82
N PRO C 190 50.96 -16.30 30.62
CA PRO C 190 51.85 -15.47 31.42
C PRO C 190 51.74 -14.01 31.02
N ILE C 191 51.98 -13.14 31.99
CA ILE C 191 51.83 -11.71 31.80
C ILE C 191 53.00 -11.20 30.99
N SER C 192 52.75 -10.22 30.13
CA SER C 192 53.67 -9.85 29.07
C SER C 192 54.29 -8.50 29.37
N ASN C 193 55.63 -8.47 29.41
CA ASN C 193 56.48 -7.32 29.69
C ASN C 193 56.07 -6.62 30.97
N PRO C 194 56.31 -7.19 32.15
CA PRO C 194 55.87 -6.54 33.39
C PRO C 194 56.74 -5.38 33.82
N ASP C 195 57.89 -5.16 33.19
CA ASP C 195 58.71 -4.01 33.59
C ASP C 195 58.13 -2.69 33.11
N GLY C 196 57.27 -2.70 32.10
CA GLY C 196 56.67 -1.48 31.62
C GLY C 196 55.18 -1.56 31.46
N LEU C 197 54.51 -2.28 32.34
CA LEU C 197 53.08 -2.53 32.21
C LEU C 197 52.32 -1.66 33.20
N LEU C 198 51.41 -0.83 32.70
CA LEU C 198 50.44 -0.12 33.53
C LEU C 198 49.15 -0.92 33.46
N VAL C 199 48.96 -1.80 34.44
CA VAL C 199 47.97 -2.86 34.32
C VAL C 199 46.57 -2.29 34.51
N ARG C 200 45.58 -3.06 34.09
CA ARG C 200 44.19 -2.74 34.39
C ARG C 200 43.96 -2.84 35.89
N GLY C 201 43.57 -1.73 36.50
CA GLY C 201 43.30 -1.70 37.90
C GLY C 201 44.29 -0.94 38.75
N THR C 202 45.14 -0.11 38.18
CA THR C 202 45.92 0.79 39.02
C THR C 202 45.14 2.09 39.18
N TYR C 203 45.44 2.80 40.25
CA TYR C 203 44.68 3.98 40.63
C TYR C 203 45.59 5.19 40.49
N ILE C 204 45.27 6.07 39.57
CA ILE C 204 46.05 7.28 39.34
C ILE C 204 45.40 8.38 40.17
N ARG C 205 46.05 8.79 41.25
CA ARG C 205 45.51 9.86 42.09
C ARG C 205 45.96 11.19 41.53
N CYS C 206 45.01 12.05 41.23
CA CYS C 206 45.31 13.39 40.74
C CYS C 206 44.42 14.37 41.47
N ILE C 207 44.84 15.63 41.53
CA ILE C 207 44.05 16.68 42.13
C ILE C 207 43.57 17.63 41.04
N LEU C 208 42.33 18.07 41.15
CA LEU C 208 41.67 18.77 40.06
C LEU C 208 42.20 20.19 39.93
N GLU C 209 42.32 20.67 38.69
CA GLU C 209 42.77 22.03 38.41
C GLU C 209 41.69 22.91 37.81
N THR C 210 40.83 22.37 36.95
CA THR C 210 39.74 23.13 36.36
C THR C 210 38.45 22.83 37.12
N ARG C 211 37.82 23.87 37.66
CA ARG C 211 36.54 23.74 38.35
C ARG C 211 35.42 23.25 37.44
N ILE C 212 34.94 22.04 37.68
CA ILE C 212 33.94 21.43 36.81
C ILE C 212 32.57 21.97 37.17
N ILE C 213 31.80 22.41 36.17
CA ILE C 213 30.40 22.76 36.32
C ILE C 213 29.60 22.09 35.22
N SER C 214 28.58 21.31 35.60
CA SER C 214 27.82 20.51 34.66
C SER C 214 26.68 21.31 34.06
N ASP C 215 27.02 22.19 33.13
CA ASP C 215 26.04 22.88 32.31
C ASP C 215 26.14 22.50 30.84
N PHE C 216 27.31 22.68 30.23
CA PHE C 216 27.43 22.46 28.81
C PHE C 216 28.28 21.27 28.43
N GLY C 217 29.18 20.83 29.29
CA GLY C 217 30.00 19.70 28.92
C GLY C 217 31.22 20.20 28.19
N GLY C 218 32.37 19.98 28.76
CA GLY C 218 33.61 20.55 28.25
C GLY C 218 34.76 19.67 28.56
N TYR C 219 35.84 20.28 29.02
CA TYR C 219 37.13 19.64 29.14
C TYR C 219 37.70 19.91 30.52
N THR C 220 38.33 18.90 31.09
CA THR C 220 38.89 18.97 32.45
C THR C 220 40.40 18.75 32.39
N SER C 221 41.06 19.01 33.52
CA SER C 221 42.49 18.78 33.64
C SER C 221 42.82 18.61 35.11
N CYS C 222 43.48 17.52 35.46
CA CYS C 222 43.92 17.32 36.83
C CYS C 222 45.40 16.99 36.84
N ILE C 223 46.11 17.50 37.83
CA ILE C 223 47.54 17.27 37.97
C ILE C 223 47.75 16.06 38.85
N VAL C 224 48.52 15.08 38.35
CA VAL C 224 48.84 13.89 39.11
C VAL C 224 49.62 14.28 40.35
N THR C 225 49.37 13.59 41.47
CA THR C 225 50.00 13.94 42.73
C THR C 225 50.92 12.88 43.29
N GLU C 226 50.75 11.61 42.92
CA GLU C 226 51.63 10.57 43.44
C GLU C 226 52.17 9.76 42.27
N PRO C 227 53.47 9.42 42.30
CA PRO C 227 54.05 8.65 41.20
C PRO C 227 53.48 7.25 41.07
N VAL C 228 53.28 6.83 39.83
CA VAL C 228 52.62 5.57 39.51
C VAL C 228 53.64 4.65 38.87
N TYR C 229 53.89 3.52 39.50
CA TYR C 229 54.94 2.59 39.10
C TYR C 229 54.35 1.51 38.21
N SER C 230 55.13 0.46 37.96
CA SER C 230 54.74 -0.63 37.07
C SER C 230 53.78 -1.58 37.76
N ILE C 231 53.54 -2.76 37.16
CA ILE C 231 52.77 -3.79 37.84
C ILE C 231 53.55 -4.34 39.02
N ASN C 232 54.88 -4.41 38.92
CA ASN C 232 55.70 -4.97 39.97
C ASN C 232 56.73 -3.97 40.50
N GLY C 233 56.60 -2.70 40.15
CA GLY C 233 57.38 -1.66 40.78
C GLY C 233 58.82 -1.53 40.32
N HIS C 234 59.19 -2.10 39.18
CA HIS C 234 60.58 -1.96 38.78
C HIS C 234 60.85 -0.64 38.08
N ASN C 235 59.82 0.04 37.59
CA ASN C 235 60.01 1.24 36.79
C ASN C 235 58.99 2.30 37.18
N LEU C 236 59.37 3.55 36.98
CA LEU C 236 58.48 4.67 37.20
C LEU C 236 57.80 5.03 35.88
N LEU C 237 56.48 4.86 35.82
CA LEU C 237 55.79 5.07 34.55
C LEU C 237 55.27 6.50 34.44
N LEU C 238 54.39 6.89 35.34
CA LEU C 238 53.88 8.26 35.34
C LEU C 238 54.56 9.02 36.46
N PRO C 239 55.37 10.03 36.17
CA PRO C 239 56.04 10.78 37.23
C PRO C 239 55.10 11.63 38.07
N LYS C 240 55.69 12.40 38.99
CA LYS C 240 54.91 13.03 40.04
C LYS C 240 54.06 14.19 39.54
N GLY C 241 54.49 14.91 38.52
CA GLY C 241 53.74 16.10 38.15
C GLY C 241 53.06 16.09 36.80
N SER C 242 52.60 14.94 36.35
CA SER C 242 51.96 14.80 35.05
C SER C 242 50.59 15.46 35.06
N LYS C 243 50.07 15.74 33.87
CA LYS C 243 48.72 16.27 33.70
C LYS C 243 47.82 15.24 33.07
N MET C 244 46.73 14.89 33.74
CA MET C 244 45.71 14.09 33.10
C MET C 244 44.65 14.99 32.49
N LEU C 245 44.12 14.55 31.37
CA LEU C 245 43.27 15.36 30.51
C LEU C 245 42.02 14.55 30.21
N GLY C 246 40.85 15.13 30.45
CA GLY C 246 39.61 14.41 30.30
C GLY C 246 38.51 15.31 29.78
N GLN C 247 37.33 14.72 29.62
CA GLN C 247 36.17 15.47 29.16
C GLN C 247 34.89 14.75 29.60
N TYR C 248 33.83 15.53 29.73
CA TYR C 248 32.54 15.05 30.19
C TYR C 248 31.46 15.57 29.26
N SER C 249 30.21 15.25 29.57
CA SER C 249 29.09 15.60 28.70
C SER C 249 27.99 16.23 29.53
N ALA C 250 27.19 17.08 28.86
CA ALA C 250 26.12 17.78 29.55
C ALA C 250 24.96 16.84 29.82
N GLY C 251 24.27 17.09 30.93
CA GLY C 251 23.10 16.31 31.27
C GLY C 251 22.44 16.87 32.50
N GLU C 252 21.25 16.36 32.77
CA GLU C 252 20.57 16.68 34.00
C GLU C 252 21.14 15.84 35.13
N PRO C 253 21.67 16.44 36.18
CA PRO C 253 22.24 15.65 37.27
C PRO C 253 21.18 15.07 38.20
N THR C 254 20.61 13.93 37.82
CA THR C 254 19.69 13.19 38.69
C THR C 254 20.43 12.73 39.94
N SER C 255 21.40 11.85 39.77
CA SER C 255 22.29 11.48 40.86
C SER C 255 23.26 12.62 41.12
N HIS C 256 23.75 12.71 42.36
CA HIS C 256 24.67 13.79 42.71
C HIS C 256 26.12 13.39 42.45
N ARG C 257 26.39 12.89 41.25
CA ARG C 257 27.73 12.52 40.82
C ARG C 257 27.87 12.86 39.35
N LEU C 258 29.11 13.10 38.93
CA LEU C 258 29.40 13.44 37.54
C LEU C 258 30.34 12.39 36.99
N GLN C 259 30.26 12.16 35.69
CA GLN C 259 30.95 11.05 35.05
C GLN C 259 31.93 11.60 34.01
N VAL C 260 33.23 11.48 34.28
CA VAL C 260 34.31 12.01 33.46
C VAL C 260 35.10 10.83 32.90
N VAL C 261 35.53 10.93 31.64
CA VAL C 261 36.35 9.90 31.01
C VAL C 261 37.72 10.51 30.74
N TRP C 262 38.70 10.16 31.56
CA TRP C 262 40.05 10.70 31.44
C TRP C 262 40.82 9.89 30.41
N ASP C 263 41.42 10.58 29.42
CA ASP C 263 41.88 9.84 28.26
C ASP C 263 43.25 10.23 27.71
N ARG C 264 44.05 11.02 28.42
CA ARG C 264 45.39 11.37 27.97
C ARG C 264 46.20 11.89 29.13
N VAL C 265 47.46 11.48 29.22
CA VAL C 265 48.42 11.98 30.21
C VAL C 265 49.66 12.43 29.45
N THR C 266 50.21 13.58 29.82
CA THR C 266 51.49 14.06 29.28
C THR C 266 52.47 14.23 30.44
N THR C 267 53.52 13.41 30.45
CA THR C 267 54.42 13.34 31.58
C THR C 267 55.49 14.43 31.52
N PRO C 268 56.15 14.74 32.64
CA PRO C 268 57.30 15.65 32.60
C PRO C 268 58.51 15.06 31.90
N THR C 269 58.58 13.74 31.76
CA THR C 269 59.68 13.07 31.10
C THR C 269 59.45 12.88 29.61
N GLY C 270 58.50 13.62 29.04
CA GLY C 270 58.30 13.62 27.61
C GLY C 270 57.59 12.40 27.07
N LEU C 271 56.39 12.13 27.55
CA LEU C 271 55.56 11.06 27.02
C LEU C 271 54.15 11.56 26.78
N ASP C 272 53.38 10.75 26.05
CA ASP C 272 52.02 11.12 25.67
C ASP C 272 51.24 9.82 25.56
N VAL C 273 50.56 9.45 26.64
CA VAL C 273 49.84 8.20 26.69
C VAL C 273 48.37 8.50 26.48
N THR C 274 47.62 7.49 26.07
CA THR C 274 46.23 7.68 25.66
C THR C 274 45.31 6.62 26.26
N LEU C 275 45.43 6.44 27.57
CA LEU C 275 44.72 5.41 28.33
C LEU C 275 43.21 5.62 28.28
N MET C 276 42.49 4.59 28.71
CA MET C 276 41.04 4.65 28.87
C MET C 276 40.77 4.55 30.37
N GLY C 277 40.57 5.69 31.01
CA GLY C 277 40.31 5.69 32.42
C GLY C 277 39.05 6.44 32.77
N PRO C 278 38.03 5.72 33.23
CA PRO C 278 36.87 6.39 33.82
C PRO C 278 37.22 6.94 35.19
N GLY C 279 36.79 8.18 35.44
CA GLY C 279 37.07 8.79 36.72
C GLY C 279 36.21 8.18 37.81
N ILE C 280 36.84 7.92 38.96
CA ILE C 280 36.17 7.30 40.09
C ILE C 280 36.33 8.20 41.31
N ASP C 281 35.64 7.83 42.37
CA ASP C 281 35.76 8.42 43.70
C ASP C 281 37.13 8.11 44.28
N THR C 282 37.47 8.76 45.39
CA THR C 282 38.74 8.48 46.04
C THR C 282 38.73 7.17 46.82
N LEU C 283 37.57 6.52 46.97
CA LEU C 283 37.49 5.17 47.49
C LEU C 283 37.12 4.13 46.44
N GLY C 284 36.90 4.54 45.19
CA GLY C 284 36.68 3.60 44.13
C GLY C 284 35.29 3.59 43.54
N SER C 285 34.38 4.42 44.02
CA SER C 285 33.04 4.45 43.49
C SER C 285 33.01 5.18 42.16
N SER C 286 32.18 4.69 41.24
CA SER C 286 32.18 5.23 39.89
C SER C 286 31.53 6.60 39.86
N GLY C 287 32.23 7.57 39.27
CA GLY C 287 31.72 8.91 39.16
C GLY C 287 32.24 9.85 40.22
N HIS C 288 32.48 11.10 39.86
CA HIS C 288 33.02 12.05 40.81
C HIS C 288 31.88 12.73 41.55
N PRO C 289 31.91 12.81 42.88
CA PRO C 289 30.84 13.49 43.60
C PRO C 289 31.01 15.00 43.57
N GLY C 290 29.88 15.69 43.48
CA GLY C 290 29.89 17.14 43.39
C GLY C 290 28.99 17.83 44.37
N ASN C 291 28.75 19.12 44.18
CA ASN C 291 27.89 19.93 45.05
C ASN C 291 26.63 20.29 44.28
N TYR C 292 25.55 19.57 44.55
CA TYR C 292 24.30 19.77 43.82
C TYR C 292 23.65 21.09 44.21
N ASN C 293 23.07 21.77 43.22
CA ASN C 293 22.48 23.08 43.44
C ASN C 293 21.29 23.22 42.49
N ALA C 294 20.10 22.90 42.99
CA ALA C 294 18.89 23.29 42.28
C ALA C 294 18.60 24.74 42.63
N HIS C 295 18.45 25.57 41.62
CA HIS C 295 18.48 27.02 41.81
C HIS C 295 17.11 27.51 42.26
N TRP C 296 16.76 27.21 43.51
CA TRP C 296 15.47 27.66 44.01
C TRP C 296 15.46 29.11 44.43
N GLY C 297 16.61 29.79 44.43
CA GLY C 297 16.59 31.22 44.63
C GLY C 297 16.06 31.97 43.43
N ASN C 298 16.44 31.53 42.23
CA ASN C 298 16.02 32.21 41.02
C ASN C 298 14.67 31.73 40.51
N LYS C 299 14.29 30.49 40.83
CA LYS C 299 13.01 29.98 40.35
C LYS C 299 11.85 30.60 41.10
N ILE C 300 12.05 30.92 42.38
CA ILE C 300 10.99 31.53 43.16
C ILE C 300 10.85 33.01 42.85
N ALA C 301 11.97 33.73 42.80
CA ALA C 301 11.93 35.19 42.70
C ALA C 301 11.45 35.66 41.33
N SER C 302 11.58 34.83 40.31
CA SER C 302 11.12 35.22 38.98
C SER C 302 9.61 35.06 38.85
N ALA C 303 9.00 34.26 39.73
CA ALA C 303 7.58 33.98 39.63
C ALA C 303 6.80 34.40 40.86
N LEU C 304 7.47 34.78 41.95
CA LEU C 304 6.76 35.34 43.09
C LEU C 304 6.39 36.80 42.85
N PHE C 305 7.30 37.56 42.24
CA PHE C 305 7.13 39.01 42.17
C PHE C 305 6.05 39.41 41.18
N ILE C 306 5.85 38.61 40.12
CA ILE C 306 4.82 38.98 39.16
C ILE C 306 3.49 38.32 39.50
N SER C 307 3.51 37.22 40.27
CA SER C 307 2.25 36.66 40.74
C SER C 307 1.71 37.43 41.92
N LEU C 308 2.55 38.15 42.64
CA LEU C 308 2.07 38.99 43.73
C LEU C 308 1.60 40.33 43.22
N LEU C 309 2.07 40.75 42.04
CA LEU C 309 1.58 42.00 41.44
C LEU C 309 0.18 41.78 40.87
N SER C 310 -0.12 40.55 40.45
CA SER C 310 -1.47 40.24 40.00
C SER C 310 -2.38 39.94 41.18
N ASP C 311 -1.82 39.72 42.37
CA ASP C 311 -2.63 39.47 43.55
C ASP C 311 -3.02 40.76 44.23
N ALA C 312 -2.32 41.86 43.96
CA ALA C 312 -2.77 43.16 44.45
C ALA C 312 -3.95 43.68 43.64
N PHE C 313 -4.00 43.32 42.36
CA PHE C 313 -5.11 43.74 41.52
C PHE C 313 -6.37 42.95 41.83
N LYS C 314 -6.23 41.68 42.24
CA LYS C 314 -7.39 40.89 42.57
C LYS C 314 -7.98 41.29 43.91
N TYR C 315 -7.14 41.69 44.86
CA TYR C 315 -7.65 42.09 46.16
C TYR C 315 -8.33 43.45 46.11
N ALA C 316 -7.85 44.34 45.25
CA ALA C 316 -8.47 45.65 45.10
C ALA C 316 -9.72 45.61 44.24
N ALA C 317 -10.06 44.46 43.67
CA ALA C 317 -11.26 44.31 42.85
C ALA C 317 -12.33 43.43 43.48
N ALA C 318 -11.94 42.45 44.31
CA ALA C 318 -12.92 41.65 45.03
C ALA C 318 -13.67 42.50 46.04
N GLU C 319 -12.94 43.20 46.90
CA GLU C 319 -13.51 44.33 47.61
C GLU C 319 -13.17 45.59 46.82
N TYR C 320 -13.67 46.74 47.29
CA TYR C 320 -13.65 48.02 46.54
C TYR C 320 -14.28 47.88 45.15
N GLY C 321 -15.37 47.11 45.08
CA GLY C 321 -16.01 46.86 43.81
C GLY C 321 -17.38 46.23 43.95
N PRO C 322 -18.13 46.17 42.84
CA PRO C 322 -19.47 45.58 42.87
C PRO C 322 -19.50 44.07 43.04
N GLU C 323 -20.69 43.49 43.01
CA GLU C 323 -20.85 42.04 43.14
C GLU C 323 -22.07 41.55 42.38
N PRO C 338 -18.45 38.18 43.38
CA PRO C 338 -17.40 39.20 43.49
C PRO C 338 -16.95 39.72 42.12
N PHE C 339 -16.36 40.91 42.10
CA PHE C 339 -16.02 41.59 40.85
C PHE C 339 -14.69 41.05 40.34
N GLU C 340 -14.76 40.22 39.30
CA GLU C 340 -13.56 39.69 38.67
C GLU C 340 -12.87 40.78 37.86
N SER C 341 -11.56 40.90 38.04
CA SER C 341 -10.77 41.87 37.29
C SER C 341 -10.15 41.21 36.07
N ASN C 342 -9.62 42.03 35.17
CA ASN C 342 -8.89 41.55 34.00
C ASN C 342 -7.39 41.67 34.14
N THR C 343 -6.91 42.66 34.89
CA THR C 343 -5.47 42.78 35.11
C THR C 343 -4.95 41.72 36.06
N ALA C 344 -5.83 41.11 36.84
CA ALA C 344 -5.44 39.96 37.64
C ALA C 344 -5.46 38.69 36.81
N ARG C 345 -6.11 38.72 35.65
CA ARG C 345 -6.12 37.54 34.78
C ARG C 345 -5.00 37.58 33.76
N SER C 346 -4.78 38.74 33.14
CA SER C 346 -3.77 38.82 32.09
C SER C 346 -2.35 38.81 32.65
N MET C 347 -2.19 39.20 33.91
CA MET C 347 -0.87 39.17 34.53
C MET C 347 -0.57 37.86 35.23
N GLN C 348 -1.60 37.12 35.61
CA GLN C 348 -1.40 35.74 36.01
C GLN C 348 -1.01 34.87 34.83
N GLN C 349 -1.30 35.32 33.60
CA GLN C 349 -0.80 34.63 32.42
C GLN C 349 0.70 34.83 32.25
N LEU C 350 1.23 35.99 32.64
CA LEU C 350 2.67 36.19 32.61
C LEU C 350 3.35 35.43 33.73
N ALA C 351 2.68 35.23 34.85
CA ALA C 351 3.24 34.42 35.93
C ALA C 351 3.31 32.96 35.54
N GLU C 352 2.41 32.50 34.67
CA GLU C 352 2.50 31.13 34.19
C GLU C 352 3.57 30.98 33.12
N GLN C 353 4.00 32.09 32.51
CA GLN C 353 5.15 32.02 31.61
C GLN C 353 6.45 31.99 32.40
N ALA C 354 6.48 32.63 33.57
CA ALA C 354 7.69 32.65 34.38
C ALA C 354 7.91 31.33 35.10
N VAL C 355 6.86 30.53 35.28
CA VAL C 355 7.05 29.19 35.84
C VAL C 355 7.55 28.24 34.76
N GLU C 356 7.01 28.35 33.55
CA GLU C 356 7.40 27.47 32.46
C GLU C 356 8.82 27.74 31.99
N LYS C 357 9.22 29.02 31.91
CA LYS C 357 10.56 29.35 31.44
C LYS C 357 11.61 29.01 32.49
N SER C 358 11.32 29.26 33.76
CA SER C 358 12.26 28.97 34.83
C SER C 358 12.21 27.53 35.28
N GLY C 359 11.33 26.71 34.71
CA GLY C 359 11.38 25.28 34.90
C GLY C 359 12.16 24.55 33.84
N ARG C 360 12.63 25.26 32.82
CA ARG C 360 13.48 24.69 31.79
C ARG C 360 14.96 24.80 32.12
N ARG C 361 15.31 25.41 33.24
CA ARG C 361 16.69 25.55 33.65
C ARG C 361 17.16 24.29 34.35
N PRO C 362 18.28 23.70 33.95
CA PRO C 362 18.76 22.50 34.61
C PRO C 362 19.48 22.81 35.91
N ALA C 363 19.56 21.81 36.77
CA ALA C 363 20.35 21.93 37.97
C ALA C 363 21.83 21.73 37.64
N THR C 364 22.69 22.24 38.52
CA THR C 364 24.12 22.10 38.32
C THR C 364 24.72 21.29 39.46
N LEU C 365 25.90 20.74 39.23
CA LEU C 365 26.73 20.30 40.32
C LEU C 365 28.16 20.71 40.03
N THR C 366 28.79 21.37 40.99
CA THR C 366 30.13 21.89 40.83
C THR C 366 31.11 21.03 41.61
N ILE C 367 32.32 20.92 41.08
CA ILE C 367 33.43 20.30 41.77
C ILE C 367 34.53 21.34 41.85
N ASN C 368 34.99 21.64 43.05
CA ASN C 368 35.88 22.77 43.27
C ASN C 368 37.28 22.47 42.74
N GLN C 369 38.12 23.51 42.70
CA GLN C 369 39.38 23.45 41.99
C GLN C 369 40.52 22.87 42.80
N GLY C 370 40.25 22.12 43.85
CA GLY C 370 41.35 21.54 44.58
C GLY C 370 41.15 20.09 44.95
N THR C 371 39.98 19.55 44.62
CA THR C 371 39.55 18.27 45.17
C THR C 371 40.38 17.12 44.61
N VAL C 372 40.72 16.18 45.49
CA VAL C 372 41.56 15.05 45.13
C VAL C 372 40.69 14.04 44.39
N LEU C 373 40.88 13.94 43.09
CA LEU C 373 40.13 12.98 42.29
C LEU C 373 40.91 11.67 42.25
N ASN C 374 40.44 10.73 41.44
CA ASN C 374 41.08 9.43 41.33
C ASN C 374 40.61 8.80 40.02
N VAL C 375 41.50 8.08 39.34
CA VAL C 375 41.22 7.54 38.01
C VAL C 375 41.47 6.04 38.02
N TYR C 376 40.49 5.26 37.58
CA TYR C 376 40.63 3.82 37.44
C TYR C 376 41.04 3.54 36.00
N VAL C 377 42.24 3.06 35.78
CA VAL C 377 42.61 2.68 34.42
C VAL C 377 41.94 1.35 34.08
N ALA C 378 41.39 1.26 32.87
CA ALA C 378 40.55 0.14 32.49
C ALA C 378 41.13 -0.73 31.39
N LYS C 379 42.24 -0.35 30.78
CA LYS C 379 42.96 -1.22 29.86
C LYS C 379 44.45 -1.06 30.09
N ASP C 380 45.19 -2.10 29.72
CA ASP C 380 46.63 -2.12 29.91
C ASP C 380 47.31 -1.14 28.95
N VAL C 381 48.34 -0.46 29.43
CA VAL C 381 49.16 0.41 28.62
C VAL C 381 50.58 -0.11 28.70
N ASP C 382 51.24 -0.24 27.56
CA ASP C 382 52.56 -0.88 27.48
C ASP C 382 53.62 0.18 27.26
N PHE C 383 54.42 0.44 28.28
CA PHE C 383 55.52 1.40 28.24
C PHE C 383 56.85 0.78 27.85
N SER C 384 56.86 -0.43 27.29
CA SER C 384 58.13 -1.13 27.10
C SER C 384 58.94 -0.54 25.95
N ALA C 385 58.30 0.17 25.02
CA ALA C 385 58.99 0.77 23.88
C ALA C 385 59.55 2.14 24.20
N VAL C 386 59.58 2.52 25.48
CA VAL C 386 60.00 3.85 25.92
C VAL C 386 61.13 3.76 26.92
N LEU C 387 61.04 2.85 27.88
CA LEU C 387 61.95 2.78 29.00
C LEU C 387 63.35 2.39 28.53
N PRO C 388 64.39 2.97 29.12
CA PRO C 388 65.75 2.65 28.68
C PRO C 388 66.15 1.22 29.04
N LYS C 389 66.99 0.64 28.20
CA LYS C 389 67.35 -0.76 28.34
C LYS C 389 68.71 -0.91 29.00
N CYS D 22 16.46 46.23 37.63
CA CYS D 22 16.48 44.92 36.99
C CYS D 22 17.34 44.94 35.73
N ALA D 23 17.90 46.11 35.41
CA ALA D 23 18.62 46.29 34.16
C ALA D 23 20.03 45.69 34.26
N THR D 24 20.85 45.92 33.25
CA THR D 24 22.16 45.32 33.12
C THR D 24 23.22 46.26 33.67
N LYS D 25 24.10 45.74 34.52
CA LYS D 25 25.19 46.53 35.07
C LYS D 25 26.25 46.77 34.00
N PRO D 26 26.60 48.03 33.69
CA PRO D 26 27.58 48.29 32.63
C PRO D 26 29.01 48.05 33.06
N ALA D 27 29.95 48.40 32.18
CA ALA D 27 31.37 48.27 32.47
C ALA D 27 31.78 49.31 33.50
N PRO D 28 32.89 49.08 34.22
CA PRO D 28 33.37 50.09 35.16
C PRO D 28 33.88 51.33 34.43
N ASP D 29 33.80 52.46 35.14
CA ASP D 29 34.17 53.75 34.58
C ASP D 29 35.29 54.35 35.41
N PHE D 30 36.11 55.18 34.77
CA PHE D 30 37.27 55.75 35.44
C PHE D 30 36.89 57.02 36.20
N GLY D 31 37.90 57.76 36.65
CA GLY D 31 37.68 59.02 37.34
C GLY D 31 38.84 59.35 38.25
N GLY D 32 39.26 60.61 38.26
CA GLY D 32 40.42 60.99 39.04
C GLY D 32 40.90 62.41 38.82
N ARG D 33 42.22 62.57 38.67
CA ARG D 33 42.86 63.86 38.79
C ARG D 33 43.37 64.41 37.46
N TRP D 34 43.52 63.57 36.44
CA TRP D 34 44.13 63.89 35.14
C TRP D 34 45.56 64.40 35.31
N LYS D 35 46.42 63.49 35.81
CA LYS D 35 47.84 63.72 35.72
C LYS D 35 48.30 63.50 34.30
N HIS D 36 49.43 64.11 33.93
CA HIS D 36 49.90 64.05 32.55
C HIS D 36 50.91 62.92 32.37
N VAL D 37 50.85 62.26 31.21
CA VAL D 37 51.61 61.04 31.00
C VAL D 37 53.07 61.35 30.73
N ASN D 38 53.35 62.08 29.66
CA ASN D 38 54.71 62.29 29.15
C ASN D 38 55.45 63.26 30.06
N HIS D 39 55.99 62.72 31.14
CA HIS D 39 56.56 63.53 32.22
C HIS D 39 58.04 63.24 32.34
N PHE D 40 58.87 64.25 32.08
CA PHE D 40 60.28 64.18 32.43
C PHE D 40 60.45 64.27 33.93
N ASP D 41 61.45 63.58 34.45
CA ASP D 41 61.77 63.65 35.86
C ASP D 41 62.83 64.73 36.10
N GLU D 42 63.36 64.79 37.32
CA GLU D 42 64.40 65.75 37.65
C GLU D 42 65.69 65.11 38.14
N ALA D 43 65.71 63.79 38.34
CA ALA D 43 66.90 63.11 38.80
C ALA D 43 67.51 62.34 37.65
N PRO D 44 68.69 62.72 37.16
CA PRO D 44 69.32 61.97 36.08
C PRO D 44 69.89 60.64 36.54
N THR D 45 69.03 59.62 36.57
CA THR D 45 69.43 58.27 36.91
C THR D 45 70.49 57.74 35.94
N GLU D 46 71.62 57.31 36.48
CA GLU D 46 72.75 56.90 35.67
C GLU D 46 72.65 55.41 35.38
N ILE D 47 72.31 55.06 34.14
CA ILE D 47 72.24 53.67 33.71
C ILE D 47 73.64 53.21 33.31
N PRO D 48 74.19 52.17 33.94
CA PRO D 48 75.50 51.69 33.52
C PRO D 48 75.43 50.99 32.18
N LEU D 49 76.56 51.00 31.47
CA LEU D 49 76.68 50.33 30.18
C LEU D 49 77.45 49.02 30.27
N TYR D 50 78.53 48.98 31.04
CA TYR D 50 79.42 47.83 31.11
C TYR D 50 79.33 47.26 32.52
N THR D 51 78.55 46.21 32.69
CA THR D 51 78.29 45.61 33.99
C THR D 51 79.16 44.36 34.16
N SER D 52 79.88 44.28 35.27
CA SER D 52 80.72 43.14 35.58
C SER D 52 79.90 42.07 36.29
N TYR D 53 80.57 41.05 36.80
CA TYR D 53 79.93 39.94 37.49
C TYR D 53 80.10 40.09 38.99
N THR D 54 79.00 40.11 39.72
CA THR D 54 79.02 40.27 41.17
C THR D 54 78.98 38.90 41.84
N TYR D 55 80.04 38.57 42.58
CA TYR D 55 80.06 37.37 43.38
C TYR D 55 79.11 37.54 44.56
N GLN D 56 78.04 36.75 44.60
CA GLN D 56 77.09 36.85 45.68
C GLN D 56 76.51 35.46 45.96
N ALA D 57 75.62 35.40 46.94
CA ALA D 57 75.09 34.15 47.46
C ALA D 57 73.58 34.13 47.29
N THR D 58 73.11 33.35 46.34
CA THR D 58 71.68 33.15 46.17
C THR D 58 71.13 32.21 47.24
N PRO D 59 69.83 32.23 47.48
CA PRO D 59 69.23 31.19 48.35
C PRO D 59 69.05 29.85 47.66
N MET D 60 69.22 29.76 46.35
CA MET D 60 68.93 28.52 45.64
C MET D 60 70.00 27.47 45.87
N ASP D 61 71.26 27.81 45.65
CA ASP D 61 72.36 26.87 45.92
C ASP D 61 72.47 26.62 47.42
N GLY D 62 72.20 25.38 47.82
CA GLY D 62 72.01 25.04 49.21
C GLY D 62 73.28 25.05 50.05
N THR D 63 74.30 24.35 49.60
CA THR D 63 75.49 24.12 50.41
C THR D 63 76.63 25.00 49.95
N LEU D 64 77.75 24.91 50.68
CA LEU D 64 78.93 25.70 50.35
C LEU D 64 79.60 25.19 49.08
N LYS D 65 79.49 23.89 48.81
CA LYS D 65 80.15 23.35 47.62
C LYS D 65 79.40 23.74 46.35
N THR D 66 78.07 23.75 46.40
CA THR D 66 77.28 24.10 45.22
C THR D 66 77.33 25.59 44.92
N MET D 67 77.66 26.41 45.91
CA MET D 67 77.83 27.83 45.64
C MET D 67 79.17 28.10 44.97
N LEU D 68 80.21 27.38 45.36
CA LEU D 68 81.51 27.59 44.75
C LEU D 68 81.65 26.84 43.43
N GLU D 69 80.78 25.86 43.15
CA GLU D 69 80.78 25.27 41.82
C GLU D 69 80.19 26.21 40.78
N ARG D 70 79.34 27.14 41.20
CA ARG D 70 78.79 28.12 40.26
C ARG D 70 79.47 29.47 40.35
N TRP D 71 80.42 29.67 41.26
CA TRP D 71 81.33 30.80 41.12
C TRP D 71 82.46 30.46 40.17
N ALA D 72 82.91 29.20 40.20
CA ALA D 72 83.95 28.78 39.27
C ALA D 72 83.41 28.64 37.86
N ALA D 73 82.14 28.25 37.72
CA ALA D 73 81.57 28.09 36.38
C ALA D 73 81.27 29.44 35.74
N ASP D 74 80.80 30.40 36.54
CA ASP D 74 80.45 31.72 36.03
C ASP D 74 81.63 32.67 35.95
N SER D 75 82.86 32.17 36.12
CA SER D 75 84.04 33.01 36.02
C SER D 75 85.21 32.35 35.32
N ASN D 76 85.01 31.13 34.79
CA ASN D 76 86.05 30.31 34.15
C ASN D 76 87.25 30.09 35.07
N MET D 77 86.98 29.42 36.20
CA MET D 77 88.00 28.97 37.11
C MET D 77 87.73 27.52 37.48
N GLN D 78 88.70 26.91 38.16
CA GLN D 78 88.61 25.51 38.57
C GLN D 78 88.43 25.44 40.07
N LEU D 79 87.63 24.48 40.52
CA LEU D 79 87.35 24.30 41.93
C LEU D 79 88.07 23.05 42.44
N SER D 80 88.86 23.22 43.48
CA SER D 80 89.50 22.11 44.17
C SER D 80 88.95 22.08 45.59
N TYR D 81 87.83 21.39 45.77
CA TYR D 81 87.20 21.26 47.07
C TYR D 81 87.87 20.09 47.79
N ASN D 82 88.67 20.40 48.81
CA ASN D 82 89.47 19.40 49.51
C ASN D 82 89.02 19.25 50.96
N LEU D 83 87.71 19.23 51.18
CA LEU D 83 87.19 18.93 52.50
C LEU D 83 86.47 17.59 52.48
N PRO D 84 86.53 16.82 53.58
CA PRO D 84 85.83 15.53 53.60
C PRO D 84 84.33 15.65 53.76
N SER D 85 83.80 16.83 54.06
CA SER D 85 82.36 16.99 54.22
C SER D 85 81.94 18.38 53.74
N ASP D 86 80.64 18.57 53.62
CA ASP D 86 80.06 19.75 53.00
C ASP D 86 79.19 20.48 54.02
N TYR D 87 79.23 21.82 53.96
CA TYR D 87 78.54 22.67 54.92
C TYR D 87 77.43 23.44 54.22
N THR D 88 76.31 23.61 54.91
CA THR D 88 75.22 24.38 54.34
C THR D 88 75.44 25.87 54.57
N LEU D 89 74.72 26.68 53.81
CA LEU D 89 74.89 28.13 53.88
C LEU D 89 74.11 28.70 55.04
N ILE D 90 74.71 29.68 55.72
CA ILE D 90 74.12 30.26 56.92
C ILE D 90 73.79 31.73 56.72
N GLY D 91 73.26 32.35 57.76
CA GLY D 91 72.81 33.73 57.77
C GLY D 91 73.78 34.81 57.28
N PRO D 92 74.97 34.92 57.88
CA PRO D 92 75.91 35.95 57.44
C PRO D 92 76.55 35.72 56.08
N VAL D 93 76.21 34.65 55.36
CA VAL D 93 76.69 34.49 54.00
C VAL D 93 75.99 35.47 53.07
N SER D 94 74.76 35.84 53.40
CA SER D 94 73.98 36.75 52.55
C SER D 94 74.33 38.20 52.78
N ALA D 95 75.63 38.52 52.73
CA ALA D 95 76.08 39.90 52.72
C ALA D 95 77.23 40.11 51.76
N ILE D 96 77.69 39.07 51.08
CA ILE D 96 78.79 39.17 50.13
C ILE D 96 78.23 39.65 48.80
N SER D 97 78.71 40.78 48.32
CA SER D 97 78.33 41.28 47.00
C SER D 97 79.52 42.08 46.48
N THR D 98 80.36 41.44 45.68
CA THR D 98 81.61 42.04 45.24
C THR D 98 81.88 41.60 43.81
N THR D 99 82.40 42.52 42.99
CA THR D 99 82.87 42.21 41.65
C THR D 99 84.31 41.72 41.64
N SER D 100 84.88 41.41 42.80
CA SER D 100 86.23 40.92 42.95
C SER D 100 86.20 39.55 43.61
N VAL D 101 86.96 38.60 43.04
CA VAL D 101 86.94 37.24 43.58
C VAL D 101 87.75 37.16 44.88
N GLN D 102 88.76 38.01 45.03
CA GLN D 102 89.62 37.92 46.20
C GLN D 102 88.93 38.50 47.43
N GLN D 103 88.12 39.54 47.26
CA GLN D 103 87.42 40.13 48.39
C GLN D 103 86.22 39.27 48.81
N ALA D 104 85.72 38.46 47.89
CA ALA D 104 84.61 37.56 48.22
C ALA D 104 85.09 36.28 48.89
N ALA D 105 86.29 35.82 48.54
CA ALA D 105 86.86 34.67 49.24
C ALA D 105 87.35 35.05 50.62
N THR D 106 87.66 36.33 50.84
CA THR D 106 88.06 36.79 52.15
C THR D 106 86.85 36.88 53.08
N GLU D 107 85.75 37.44 52.58
CA GLU D 107 84.53 37.56 53.40
C GLU D 107 83.89 36.20 53.66
N LEU D 108 84.14 35.22 52.80
CA LEU D 108 83.59 33.90 53.02
C LEU D 108 84.33 33.17 54.13
N SER D 109 85.67 33.25 54.13
CA SER D 109 86.47 32.56 55.13
C SER D 109 86.36 33.20 56.51
N ALA D 110 85.91 34.45 56.59
CA ALA D 110 85.60 35.04 57.89
C ALA D 110 84.32 34.45 58.47
N VAL D 111 83.39 34.02 57.62
CA VAL D 111 82.16 33.42 58.10
C VAL D 111 82.41 32.01 58.60
N TYR D 112 83.04 31.19 57.77
CA TYR D 112 83.32 29.80 58.11
C TYR D 112 84.68 29.62 58.74
N ALA D 113 84.95 30.41 59.77
CA ALA D 113 86.18 30.28 60.54
C ALA D 113 86.03 29.33 61.71
N ALA D 114 84.80 29.13 62.19
CA ALA D 114 84.57 28.25 63.33
C ALA D 114 84.69 26.78 62.97
N GLN D 115 84.59 26.44 61.69
CA GLN D 115 84.64 25.06 61.25
C GLN D 115 85.96 24.71 60.57
N GLY D 116 86.90 25.63 60.54
CA GLY D 116 88.20 25.38 59.93
C GLY D 116 88.12 25.29 58.42
N VAL D 117 87.48 26.25 57.78
CA VAL D 117 87.33 26.29 56.34
C VAL D 117 88.02 27.55 55.82
N SER D 118 89.02 27.37 54.97
CA SER D 118 89.75 28.47 54.37
C SER D 118 89.63 28.39 52.86
N VAL D 119 89.12 29.46 52.24
CA VAL D 119 88.92 29.52 50.80
C VAL D 119 89.83 30.62 50.26
N SER D 120 90.67 30.26 49.30
CA SER D 120 91.60 31.21 48.69
C SER D 120 91.66 30.96 47.19
N VAL D 121 92.28 31.91 46.48
CA VAL D 121 92.38 31.87 45.03
C VAL D 121 93.86 31.88 44.65
N SER D 122 94.31 30.81 44.01
CA SER D 122 95.69 30.74 43.51
C SER D 122 95.79 31.23 42.07
N ALA D 123 95.18 32.38 41.80
CA ALA D 123 95.29 33.22 40.60
C ALA D 123 94.66 32.62 39.34
N ASN D 124 94.27 31.35 39.38
CA ASN D 124 93.50 30.76 38.29
C ASN D 124 92.47 29.75 38.75
N LYS D 125 92.34 29.52 40.05
CA LYS D 125 91.51 28.44 40.58
C LYS D 125 91.25 28.69 42.05
N LEU D 126 90.19 28.07 42.57
CA LEU D 126 89.80 28.21 43.96
C LEU D 126 90.28 27.01 44.75
N LEU D 127 90.74 27.27 45.97
CA LEU D 127 91.24 26.23 46.86
C LEU D 127 90.42 26.23 48.14
N VAL D 128 89.83 25.09 48.46
CA VAL D 128 89.07 24.92 49.70
C VAL D 128 89.82 23.88 50.52
N GLN D 129 90.58 24.33 51.51
CA GLN D 129 91.42 23.50 52.34
C GLN D 129 91.20 23.88 53.80
N PRO D 130 91.48 22.98 54.74
CA PRO D 130 91.41 23.34 56.15
C PRO D 130 92.47 24.37 56.53
N VAL D 131 92.18 25.09 57.61
CA VAL D 131 93.05 26.18 58.05
C VAL D 131 94.30 25.57 58.71
N PRO D 132 95.50 26.10 58.45
CA PRO D 132 96.70 25.63 59.14
C PRO D 132 96.69 25.96 60.64
N GLN E 27 61.07 38.26 -18.94
CA GLN E 27 61.90 37.51 -19.88
C GLN E 27 61.55 36.03 -19.85
N VAL E 28 61.47 35.49 -18.63
CA VAL E 28 61.07 34.11 -18.38
C VAL E 28 59.66 34.05 -17.84
N VAL E 29 59.37 34.84 -16.82
CA VAL E 29 58.02 35.09 -16.35
C VAL E 29 57.69 36.53 -16.69
N GLN E 30 56.79 36.74 -17.63
CA GLN E 30 56.53 38.07 -18.16
C GLN E 30 55.15 38.55 -17.75
N GLU E 31 55.08 39.79 -17.27
CA GLU E 31 53.82 40.44 -16.93
C GLU E 31 53.39 41.35 -18.06
N TYR E 32 52.10 41.30 -18.39
CA TYR E 32 51.51 42.24 -19.33
C TYR E 32 50.51 43.11 -18.59
N GLU E 33 50.36 44.34 -19.06
CA GLU E 33 49.35 45.24 -18.52
C GLU E 33 48.13 45.20 -19.42
N TYR E 34 46.97 44.98 -18.81
CA TYR E 34 45.76 44.81 -19.59
C TYR E 34 45.28 46.14 -20.16
N ALA E 35 45.21 46.22 -21.48
CA ALA E 35 44.56 47.30 -22.20
C ALA E 35 43.60 46.70 -23.20
N PRO E 36 42.47 47.35 -23.47
CA PRO E 36 41.50 46.77 -24.41
C PRO E 36 42.01 46.75 -25.85
N ASP E 37 41.86 45.59 -26.48
CA ASP E 37 42.23 45.32 -27.88
C ASP E 37 43.73 45.56 -28.12
N ARG E 38 44.54 44.76 -27.43
CA ARG E 38 45.99 44.75 -27.60
C ARG E 38 46.43 43.34 -27.95
N ILE E 39 47.46 43.23 -28.78
CA ILE E 39 47.94 41.93 -29.25
C ILE E 39 49.08 41.51 -28.33
N TYR E 40 48.84 40.50 -27.50
CA TYR E 40 49.85 40.02 -26.56
C TYR E 40 50.57 38.82 -27.17
N GLN E 41 51.90 38.87 -27.17
CA GLN E 41 52.69 37.82 -27.78
C GLN E 41 53.11 36.80 -26.73
N VAL E 42 52.80 35.53 -26.99
CA VAL E 42 53.17 34.42 -26.13
C VAL E 42 54.12 33.54 -26.91
N ARG E 43 55.32 33.34 -26.40
CA ARG E 43 56.37 32.59 -27.08
C ARG E 43 56.57 31.26 -26.37
N THR E 44 56.37 30.16 -27.09
CA THR E 44 56.39 28.83 -26.51
C THR E 44 57.58 28.04 -27.03
N GLY E 45 57.78 26.87 -26.41
CA GLY E 45 58.79 25.94 -26.86
C GLY E 45 58.16 24.56 -27.02
N LEU E 46 58.92 23.65 -27.63
CA LEU E 46 58.29 22.43 -28.14
C LEU E 46 58.02 21.41 -27.04
N GLY E 47 58.90 21.29 -26.04
CA GLY E 47 58.63 20.37 -24.95
C GLY E 47 58.45 21.05 -23.61
N ILE E 48 57.76 22.20 -23.62
CA ILE E 48 57.70 23.12 -22.49
C ILE E 48 56.26 23.60 -22.34
N THR E 49 55.68 23.45 -21.15
CA THR E 49 54.41 24.09 -20.88
C THR E 49 54.62 25.57 -20.63
N THR E 50 53.74 26.37 -21.20
CA THR E 50 53.63 27.79 -20.88
C THR E 50 52.23 28.01 -20.35
N GLN E 51 52.10 28.64 -19.19
CA GLN E 51 50.77 28.95 -18.70
C GLN E 51 50.51 30.44 -18.84
N VAL E 52 49.30 30.78 -19.28
CA VAL E 52 48.79 32.13 -19.20
C VAL E 52 47.81 32.17 -18.04
N GLU E 53 47.86 33.24 -17.26
CA GLU E 53 47.04 33.34 -16.06
C GLU E 53 46.20 34.59 -16.14
N LEU E 54 44.89 34.42 -16.21
CA LEU E 54 43.95 35.51 -16.31
C LEU E 54 43.57 35.97 -14.91
N SER E 55 42.58 36.82 -14.81
CA SER E 55 42.17 37.29 -13.49
C SER E 55 41.35 36.22 -12.78
N PRO E 56 41.51 36.06 -11.46
CA PRO E 56 40.64 35.14 -10.72
C PRO E 56 39.23 35.64 -10.55
N ASN E 57 38.95 36.90 -10.88
CA ASN E 57 37.67 37.51 -10.57
C ASN E 57 36.60 37.04 -11.55
N GLU E 58 36.88 37.06 -12.84
CA GLU E 58 35.90 36.84 -13.88
C GLU E 58 35.93 35.39 -14.38
N LYS E 59 34.77 34.93 -14.83
CA LYS E 59 34.62 33.59 -15.38
C LYS E 59 34.84 33.62 -16.88
N ILE E 60 35.58 32.63 -17.38
CA ILE E 60 35.89 32.56 -18.81
C ILE E 60 34.68 31.99 -19.56
N LEU E 61 34.17 32.76 -20.51
CA LEU E 61 33.02 32.31 -21.29
C LEU E 61 33.44 31.32 -22.37
N ASP E 62 34.31 31.74 -23.27
CA ASP E 62 34.69 30.89 -24.39
C ASP E 62 36.08 31.26 -24.88
N TYR E 63 36.62 30.41 -25.74
CA TYR E 63 37.95 30.60 -26.31
C TYR E 63 38.02 29.81 -27.61
N SER E 64 38.85 30.30 -28.54
CA SER E 64 39.01 29.61 -29.81
C SER E 64 40.35 30.00 -30.41
N THR E 65 41.19 29.01 -30.68
CA THR E 65 42.45 29.21 -31.36
C THR E 65 42.37 28.70 -32.80
N GLY E 66 43.01 29.42 -33.70
CA GLY E 66 43.16 28.91 -35.05
C GLY E 66 44.17 27.78 -35.07
N PHE E 67 43.95 26.82 -35.98
CA PHE E 67 44.76 25.61 -36.13
C PHE E 67 44.80 24.82 -34.83
N THR E 68 43.62 24.30 -34.47
CA THR E 68 43.40 23.66 -33.18
C THR E 68 44.24 22.38 -33.04
N GLY E 69 44.46 21.67 -34.13
CA GLY E 69 45.21 20.43 -34.05
C GLY E 69 46.72 20.57 -34.08
N GLY E 70 47.23 21.68 -33.55
CA GLY E 70 48.66 21.88 -33.43
C GLY E 70 48.99 22.47 -32.08
N TRP E 71 48.01 22.46 -31.17
CA TRP E 71 48.17 23.05 -29.84
C TRP E 71 47.39 22.22 -28.85
N GLU E 72 48.08 21.61 -27.90
CA GLU E 72 47.46 20.90 -26.78
C GLU E 72 47.29 21.89 -25.65
N LEU E 73 46.06 22.34 -25.41
CA LEU E 73 45.80 23.31 -24.35
C LEU E 73 44.61 22.87 -23.52
N THR E 74 44.77 22.92 -22.20
CA THR E 74 43.73 22.61 -21.24
C THR E 74 43.56 23.78 -20.30
N ARG E 75 42.39 23.90 -19.68
CA ARG E 75 42.15 24.99 -18.77
C ARG E 75 41.67 24.50 -17.41
N ARG E 76 42.07 25.23 -16.36
CA ARG E 76 41.55 25.03 -15.01
C ARG E 76 41.12 26.40 -14.48
N GLU E 77 39.94 26.83 -14.92
CA GLU E 77 39.10 27.91 -14.39
C GLU E 77 39.65 29.33 -14.53
N ASN E 78 40.97 29.52 -14.66
CA ASN E 78 41.50 30.77 -15.20
C ASN E 78 42.85 30.62 -15.88
N VAL E 79 43.43 29.42 -15.97
CA VAL E 79 44.79 29.24 -16.45
C VAL E 79 44.79 28.26 -17.60
N PHE E 80 45.48 28.62 -18.68
CA PHE E 80 45.58 27.79 -19.87
C PHE E 80 47.01 27.28 -19.97
N TYR E 81 47.18 25.96 -19.96
CA TYR E 81 48.50 25.36 -20.11
C TYR E 81 48.71 25.04 -21.59
N LEU E 82 49.56 25.83 -22.25
CA LEU E 82 49.75 25.74 -23.69
C LEU E 82 51.01 24.95 -24.00
N LYS E 83 50.92 24.06 -24.99
CA LYS E 83 52.11 23.46 -25.55
C LYS E 83 51.83 23.16 -27.02
N PRO E 84 52.77 23.40 -27.91
CA PRO E 84 52.58 23.11 -29.33
C PRO E 84 52.73 21.63 -29.60
N LYS E 85 52.50 21.25 -30.86
CA LYS E 85 52.70 19.88 -31.28
C LYS E 85 53.64 19.72 -32.46
N ASN E 86 53.96 20.79 -33.19
CA ASN E 86 54.86 20.67 -34.32
C ASN E 86 55.59 22.00 -34.46
N VAL E 87 56.49 22.07 -35.44
CA VAL E 87 57.46 23.16 -35.48
C VAL E 87 56.84 24.46 -36.02
N ASP E 88 55.79 24.39 -36.86
CA ASP E 88 55.18 25.58 -37.43
C ASP E 88 53.67 25.56 -37.15
N VAL E 89 53.31 26.01 -35.96
CA VAL E 89 51.91 26.02 -35.53
C VAL E 89 51.54 27.41 -35.04
N ASP E 90 52.18 28.43 -35.62
CA ASP E 90 51.97 29.81 -35.21
C ASP E 90 50.54 30.23 -35.50
N THR E 91 49.87 30.78 -34.50
CA THR E 91 48.46 31.10 -34.65
C THR E 91 48.08 32.18 -33.65
N ASN E 92 46.80 32.52 -33.62
CA ASN E 92 46.22 33.37 -32.58
C ASN E 92 45.37 32.54 -31.63
N MET E 93 45.08 33.14 -30.47
CA MET E 93 44.10 32.58 -29.58
C MET E 93 43.37 33.72 -28.91
N MET E 94 42.05 33.62 -28.85
CA MET E 94 41.20 34.68 -28.35
C MET E 94 40.40 34.16 -27.18
N ILE E 95 40.56 34.80 -26.03
CA ILE E 95 39.84 34.47 -24.82
C ILE E 95 38.84 35.59 -24.57
N ARG E 96 37.61 35.21 -24.23
CA ARG E 96 36.56 36.18 -23.98
C ARG E 96 35.93 35.84 -22.64
N THR E 97 36.20 36.67 -21.63
CA THR E 97 35.59 36.51 -20.32
C THR E 97 34.32 37.35 -20.26
N ALA E 98 33.80 37.58 -19.05
CA ALA E 98 32.57 38.34 -18.90
C ALA E 98 32.78 39.82 -19.19
N THR E 99 33.96 40.37 -18.89
CA THR E 99 34.20 41.78 -19.11
C THR E 99 35.54 42.09 -19.76
N HIS E 100 36.37 41.09 -20.03
CA HIS E 100 37.65 41.31 -20.68
C HIS E 100 37.71 40.52 -21.99
N SER E 101 38.62 40.94 -22.86
CA SER E 101 38.80 40.29 -24.15
C SER E 101 40.28 40.32 -24.51
N TYR E 102 40.86 39.14 -24.70
CA TYR E 102 42.29 38.98 -24.91
C TYR E 102 42.53 38.47 -26.32
N ILE E 103 43.56 39.00 -26.98
CA ILE E 103 43.97 38.52 -28.29
C ILE E 103 45.43 38.10 -28.15
N LEU E 104 45.66 36.81 -27.97
CA LEU E 104 47.00 36.29 -27.81
C LEU E 104 47.57 35.90 -29.16
N GLU E 105 48.88 36.05 -29.31
CA GLU E 105 49.57 35.81 -30.59
C GLU E 105 50.61 34.73 -30.34
N LEU E 106 50.22 33.48 -30.53
CA LEU E 106 51.03 32.32 -30.16
C LEU E 106 52.15 32.09 -31.15
N LYS E 107 53.36 31.87 -30.64
CA LYS E 107 54.54 31.63 -31.47
C LYS E 107 55.23 30.36 -30.99
N VAL E 108 56.19 29.90 -31.79
CA VAL E 108 57.08 28.80 -31.42
C VAL E 108 58.51 29.27 -31.68
N VAL E 109 59.30 29.35 -30.62
CA VAL E 109 60.62 29.97 -30.69
C VAL E 109 61.76 29.02 -30.37
N ALA E 110 61.52 27.93 -29.64
CA ALA E 110 62.56 26.95 -29.34
C ALA E 110 62.04 25.56 -29.67
N THR E 111 62.69 24.88 -30.62
CA THR E 111 62.25 23.57 -31.06
C THR E 111 63.34 22.53 -31.15
N ASP E 112 64.62 22.93 -31.19
CA ASP E 112 65.73 22.03 -31.48
C ASP E 112 66.63 21.85 -30.26
N TRP E 113 66.23 22.36 -29.10
CA TRP E 113 67.09 22.40 -27.94
C TRP E 113 67.28 21.02 -27.34
N GLN E 114 68.49 20.78 -26.85
CA GLN E 114 68.80 19.57 -26.08
C GLN E 114 68.95 19.86 -24.60
N ARG E 115 69.46 21.03 -24.27
CA ARG E 115 69.65 21.49 -22.90
C ARG E 115 68.65 22.60 -22.63
N LEU E 116 68.05 22.60 -21.44
CA LEU E 116 66.92 23.47 -21.17
C LEU E 116 67.33 24.92 -20.98
N GLU E 117 68.62 25.19 -20.80
CA GLU E 117 69.13 26.55 -20.83
C GLU E 117 69.11 27.14 -22.25
N GLN E 118 69.11 26.30 -23.28
CA GLN E 118 69.07 26.80 -24.65
C GLN E 118 67.70 27.35 -25.01
N ALA E 119 66.65 26.88 -24.34
CA ALA E 119 65.33 27.45 -24.59
C ALA E 119 65.13 28.74 -23.84
N LYS E 120 65.85 28.95 -22.72
CA LYS E 120 65.85 30.22 -22.03
C LYS E 120 66.40 31.32 -22.92
N GLN E 121 67.54 31.04 -23.57
CA GLN E 121 68.21 32.04 -24.41
C GLN E 121 67.47 32.23 -25.72
N ALA E 122 66.76 31.21 -26.19
CA ALA E 122 65.93 31.37 -27.39
C ALA E 122 64.76 32.29 -27.14
N GLY E 123 64.25 32.32 -25.92
CA GLY E 123 63.27 33.32 -25.56
C GLY E 123 61.92 32.78 -25.20
N VAL E 124 61.85 31.60 -24.60
CA VAL E 124 60.55 31.07 -24.22
C VAL E 124 60.04 31.80 -23.00
N GLN E 125 58.74 31.67 -22.76
CA GLN E 125 58.08 32.27 -21.62
C GLN E 125 57.41 31.17 -20.83
N TYR E 126 57.92 30.91 -19.62
CA TYR E 126 57.34 29.89 -18.76
C TYR E 126 55.96 30.30 -18.26
N LYS E 127 55.80 31.53 -17.81
CA LYS E 127 54.54 32.00 -17.27
C LYS E 127 54.17 33.33 -17.91
N VAL E 128 52.88 33.56 -18.11
CA VAL E 128 52.35 34.85 -18.55
C VAL E 128 51.23 35.24 -17.58
N VAL E 129 51.37 36.39 -16.94
CA VAL E 129 50.35 36.91 -16.05
C VAL E 129 49.98 38.33 -16.47
N PHE E 130 48.74 38.69 -16.24
CA PHE E 130 48.21 39.99 -16.63
C PHE E 130 47.95 40.84 -15.39
N THR E 131 48.46 42.07 -15.40
CA THR E 131 48.18 43.04 -14.35
C THR E 131 47.09 43.97 -14.81
N TYR E 132 46.19 44.33 -13.91
CA TYR E 132 44.98 45.06 -14.26
C TYR E 132 44.97 46.42 -13.57
N PRO E 133 45.23 47.51 -14.29
CA PRO E 133 45.23 48.83 -13.67
C PRO E 133 43.81 49.33 -13.44
N LYS E 134 43.70 50.32 -12.56
CA LYS E 134 42.42 50.99 -12.37
C LYS E 134 42.27 52.09 -13.43
N ASP E 135 41.07 52.66 -13.49
CA ASP E 135 40.73 53.61 -14.54
C ASP E 135 41.51 54.91 -14.36
N THR E 136 41.80 55.57 -15.48
CA THR E 136 42.67 56.74 -15.43
C THR E 136 41.96 57.97 -14.86
N SER E 137 40.63 57.91 -14.69
CA SER E 137 39.94 59.02 -14.06
C SER E 137 40.15 58.99 -12.55
N PHE E 138 40.55 57.84 -12.01
CA PHE E 138 40.88 57.79 -10.59
C PHE E 138 42.35 58.05 -10.34
N ASN E 139 43.18 58.01 -11.39
CA ASN E 139 44.60 58.31 -11.23
C ASN E 139 44.83 59.81 -11.11
N ASN E 140 43.89 60.62 -11.56
CA ASN E 140 43.99 62.07 -11.38
C ASN E 140 43.76 62.44 -9.92
N VAL E 141 43.08 61.60 -9.16
CA VAL E 141 42.83 61.82 -7.75
C VAL E 141 44.02 61.32 -6.93
N LYS E 148 53.06 56.96 -0.50
CA LYS E 148 54.09 56.36 -1.34
C LYS E 148 55.44 56.37 -0.61
N ASN E 149 55.68 57.44 0.15
CA ASN E 149 56.94 57.65 0.85
C ASN E 149 56.98 56.77 2.09
N GLY E 150 57.27 55.49 1.86
CA GLY E 150 57.38 54.53 2.94
C GLY E 150 56.05 54.15 3.54
N PRO E 151 56.09 53.40 4.64
CA PRO E 151 54.85 52.96 5.29
C PRO E 151 54.19 54.05 6.11
N LEU E 152 52.89 53.91 6.27
CA LEU E 152 52.10 54.89 7.01
C LEU E 152 52.22 54.73 8.51
N LEU E 153 52.48 53.52 9.00
CA LEU E 153 52.58 53.26 10.43
C LEU E 153 54.04 52.93 10.71
N ASN E 154 54.75 53.88 11.33
CA ASN E 154 56.15 53.69 11.67
C ASN E 154 56.31 54.13 13.11
N ALA E 155 56.62 53.19 13.99
CA ALA E 155 56.63 53.44 15.43
C ALA E 155 57.80 54.33 15.87
N LYS E 156 58.81 54.51 15.03
CA LYS E 156 59.88 55.44 15.34
C LYS E 156 59.41 56.88 15.09
N ILE E 157 60.25 57.83 15.49
CA ILE E 157 60.01 59.24 15.24
C ILE E 157 60.72 59.62 13.95
N LEU E 158 59.97 60.07 12.97
CA LEU E 158 60.54 60.38 11.67
C LEU E 158 60.97 61.84 11.63
N LYS E 159 61.76 62.17 10.59
CA LYS E 159 62.27 63.52 10.44
C LYS E 159 61.17 64.49 10.02
N ASP E 160 60.23 64.05 9.21
CA ASP E 160 59.26 64.91 8.56
C ASP E 160 57.83 64.55 8.92
N ARG E 161 57.58 64.26 10.20
CA ARG E 161 56.22 64.06 10.68
C ARG E 161 56.01 64.90 11.94
N ARG E 162 54.78 65.35 12.14
CA ARG E 162 54.45 66.24 13.24
C ARG E 162 53.79 65.42 14.35
N TYR E 163 54.36 65.47 15.54
CA TYR E 163 53.91 64.70 16.69
C TYR E 163 53.29 65.60 17.73
N TYR E 164 52.46 65.01 18.59
CA TYR E 164 51.70 65.76 19.58
C TYR E 164 51.83 65.06 20.94
N TYR E 165 52.72 65.57 21.78
CA TYR E 165 53.02 64.96 23.07
C TYR E 165 52.26 65.68 24.18
N ASP E 166 50.95 65.52 24.19
CA ASP E 166 50.17 66.18 25.24
C ASP E 166 48.97 65.29 25.54
N TYR E 167 49.11 64.42 26.53
CA TYR E 167 48.10 63.46 26.90
C TYR E 167 48.09 63.31 28.41
N ASP E 168 46.91 63.03 28.96
CA ASP E 168 46.74 62.85 30.39
C ASP E 168 46.26 61.45 30.68
N TYR E 169 46.19 61.10 31.97
CA TYR E 169 45.62 59.84 32.38
C TYR E 169 44.88 60.03 33.70
N ALA E 170 43.83 59.25 33.90
CA ALA E 170 43.04 59.33 35.11
C ALA E 170 42.59 57.93 35.52
N THR E 171 42.83 57.58 36.78
CA THR E 171 42.47 56.27 37.30
C THR E 171 42.33 56.34 38.81
N ARG E 172 41.62 55.36 39.36
CA ARG E 172 41.35 55.34 40.80
C ARG E 172 42.60 55.06 41.60
N THR E 173 43.26 53.94 41.32
CA THR E 173 44.47 53.55 42.03
C THR E 173 45.62 54.47 41.65
N LYS E 174 46.49 54.75 42.62
CA LYS E 174 47.55 55.74 42.40
C LYS E 174 48.67 55.17 41.52
N LYS E 175 49.33 54.12 41.99
CA LYS E 175 50.38 53.45 41.21
C LYS E 175 49.79 52.13 40.70
N SER E 176 49.38 52.12 39.45
CA SER E 176 48.86 50.92 38.81
C SER E 176 49.84 50.44 37.75
N TRP E 177 49.67 49.18 37.37
CA TRP E 177 50.41 48.60 36.26
C TRP E 177 49.71 48.78 34.93
N LEU E 178 48.59 49.50 34.91
CA LEU E 178 47.83 49.72 33.69
C LEU E 178 48.06 51.11 33.12
N ILE E 179 48.76 51.98 33.85
CA ILE E 179 49.08 53.32 33.37
C ILE E 179 50.09 53.21 32.22
N PRO E 180 49.82 53.81 31.07
CA PRO E 180 50.79 53.76 29.97
C PRO E 180 52.05 54.54 30.28
N SER E 181 53.14 54.10 29.67
CA SER E 181 54.41 54.80 29.85
C SER E 181 54.44 56.10 29.06
N ARG E 182 54.15 56.03 27.77
CA ARG E 182 54.22 57.16 26.87
C ARG E 182 53.08 57.07 25.86
N VAL E 183 52.36 58.16 25.66
CA VAL E 183 51.28 58.22 24.68
C VAL E 183 51.53 59.43 23.80
N TYR E 184 51.47 59.23 22.48
CA TYR E 184 51.61 60.31 21.51
C TYR E 184 50.91 59.89 20.22
N ASP E 185 51.02 60.72 19.19
CA ASP E 185 50.45 60.39 17.89
C ASP E 185 51.16 61.16 16.79
N ASP E 186 50.99 60.69 15.55
CA ASP E 186 51.56 61.35 14.39
C ASP E 186 50.51 61.98 13.50
N GLY E 187 49.30 62.22 14.04
CA GLY E 187 48.21 62.73 13.28
C GLY E 187 47.30 61.65 12.71
N LYS E 188 47.82 60.45 12.51
CA LYS E 188 47.06 59.36 11.91
C LYS E 188 46.95 58.13 12.80
N PHE E 189 47.92 57.89 13.68
CA PHE E 189 47.90 56.73 14.56
C PHE E 189 48.30 57.17 15.95
N THR E 190 47.63 56.63 16.98
CA THR E 190 47.95 56.94 18.37
C THR E 190 48.80 55.80 18.95
N TYR E 191 49.98 56.14 19.46
CA TYR E 191 50.99 55.15 19.85
C TYR E 191 51.03 55.03 21.37
N ILE E 192 50.20 54.16 21.91
CA ILE E 192 50.25 53.87 23.34
C ILE E 192 51.42 52.95 23.62
N ASN E 193 52.26 53.31 24.57
CA ASN E 193 53.48 52.57 24.87
C ASN E 193 53.48 52.19 26.34
N MET E 194 53.77 50.92 26.62
CA MET E 194 53.64 50.38 27.98
C MET E 194 54.84 49.56 28.39
N ASP E 195 56.04 49.94 27.96
CA ASP E 195 57.24 49.12 28.16
C ASP E 195 58.06 49.57 29.36
N LEU E 196 57.46 50.22 30.34
CA LEU E 196 58.13 50.48 31.60
C LEU E 196 57.37 49.94 32.80
N THR E 197 56.12 49.51 32.63
CA THR E 197 55.43 48.73 33.65
C THR E 197 55.82 47.28 33.46
N ARG E 198 56.96 46.93 34.03
CA ARG E 198 57.70 45.72 33.66
C ARG E 198 57.21 44.47 34.40
N PHE E 199 56.70 44.62 35.64
CA PHE E 199 56.53 43.45 36.49
C PHE E 199 55.42 42.50 36.04
N PRO E 200 54.14 42.88 35.95
CA PRO E 200 53.14 41.83 35.69
C PRO E 200 53.22 41.42 34.23
N THR E 201 53.47 40.13 33.98
CA THR E 201 53.61 39.69 32.61
C THR E 201 52.28 39.71 31.88
N GLY E 202 51.18 39.51 32.57
CA GLY E 202 49.87 39.68 31.97
C GLY E 202 49.29 41.06 32.16
N ASN E 203 49.85 42.07 31.50
CA ASN E 203 49.42 43.45 31.72
C ASN E 203 48.89 44.12 30.46
N PHE E 204 48.42 43.35 29.47
CA PHE E 204 48.16 43.94 28.18
C PHE E 204 46.67 44.21 28.03
N PRO E 205 46.27 45.44 27.80
CA PRO E 205 44.85 45.79 27.84
C PRO E 205 44.10 45.69 26.53
N ALA E 206 42.84 46.14 26.55
CA ALA E 206 42.03 46.36 25.37
C ALA E 206 41.66 47.83 25.30
N VAL E 207 42.00 48.49 24.20
CA VAL E 207 41.86 49.94 24.09
C VAL E 207 40.56 50.26 23.34
N PHE E 208 39.73 51.11 23.94
CA PHE E 208 38.53 51.66 23.33
C PHE E 208 38.74 53.15 23.11
N ALA E 209 37.70 53.82 22.63
CA ALA E 209 37.80 55.26 22.42
C ALA E 209 36.43 55.88 22.67
N ARG E 210 36.42 57.19 22.86
CA ARG E 210 35.24 57.84 23.38
C ARG E 210 35.25 59.29 22.94
N GLU E 211 34.07 59.83 22.60
CA GLU E 211 34.01 61.18 22.06
C GLU E 211 33.92 62.25 23.13
N LYS E 212 33.33 61.95 24.28
CA LYS E 212 33.28 62.87 25.40
C LYS E 212 33.97 62.22 26.58
N GLU E 213 33.87 62.83 27.76
CA GLU E 213 34.60 62.27 28.89
C GLU E 213 33.88 61.07 29.47
N HIS E 214 32.58 61.18 29.70
CA HIS E 214 31.81 60.12 30.31
C HIS E 214 30.68 59.66 29.40
N ALA E 215 30.94 59.68 28.09
CA ALA E 215 30.00 59.14 27.11
C ALA E 215 30.19 57.63 27.02
N GLU E 216 29.55 57.00 26.05
CA GLU E 216 29.67 55.57 25.84
C GLU E 216 30.76 55.31 24.82
N ASP E 217 31.66 54.38 25.15
CA ASP E 217 32.82 54.15 24.30
C ASP E 217 32.46 53.24 23.13
N PHE E 218 33.37 53.19 22.16
CA PHE E 218 33.19 52.38 20.95
C PHE E 218 34.51 51.71 20.61
N LEU E 219 34.57 51.10 19.44
CA LEU E 219 35.65 50.19 19.06
C LEU E 219 36.62 50.82 18.09
N VAL E 220 37.90 50.47 18.21
CA VAL E 220 38.96 50.93 17.34
C VAL E 220 39.71 49.73 16.79
N ASN E 221 40.43 49.96 15.70
CA ASN E 221 41.31 48.95 15.14
C ASN E 221 42.71 49.17 15.69
N THR E 222 43.32 48.10 16.18
CA THR E 222 44.63 48.19 16.81
C THR E 222 45.60 47.22 16.16
N THR E 223 46.84 47.65 16.01
CA THR E 223 47.95 46.76 15.74
C THR E 223 49.01 46.99 16.81
N VAL E 224 49.82 45.97 17.06
CA VAL E 224 50.75 45.97 18.16
C VAL E 224 52.13 45.55 17.69
N GLU E 225 53.17 46.16 18.28
CA GLU E 225 54.57 45.87 17.93
C GLU E 225 55.36 45.77 19.23
N GLY E 226 55.44 44.57 19.78
CA GLY E 226 56.16 44.39 21.03
C GLY E 226 55.32 44.77 22.23
N ASN E 227 55.69 45.87 22.88
CA ASN E 227 54.90 46.42 23.98
C ASN E 227 54.18 47.70 23.60
N THR E 228 54.26 48.13 22.35
CA THR E 228 53.57 49.31 21.89
C THR E 228 52.22 48.91 21.31
N LEU E 229 51.16 49.50 21.82
CA LEU E 229 49.83 49.30 21.26
C LEU E 229 49.52 50.51 20.41
N ILE E 230 49.22 50.30 19.14
CA ILE E 230 49.06 51.38 18.18
C ILE E 230 47.61 51.40 17.71
N VAL E 231 46.95 52.53 17.90
CA VAL E 231 45.52 52.68 17.64
C VAL E 231 45.33 53.42 16.34
N HIS E 232 44.56 52.84 15.43
CA HIS E 232 44.32 53.42 14.10
C HIS E 232 43.39 54.61 14.24
N GLY E 233 43.96 55.82 14.29
CA GLY E 233 43.16 57.03 14.35
C GLY E 233 43.36 57.82 15.62
N THR E 234 43.20 59.13 15.54
CA THR E 234 43.35 60.02 16.69
C THR E 234 41.98 60.37 17.25
N TYR E 235 41.84 60.28 18.56
CA TYR E 235 40.56 60.41 19.24
C TYR E 235 40.69 61.41 20.37
N PRO E 236 39.59 62.02 20.81
CA PRO E 236 39.68 62.89 21.99
C PRO E 236 39.96 62.12 23.27
N PHE E 237 39.39 60.94 23.43
CA PHE E 237 39.57 60.13 24.63
C PHE E 237 39.84 58.69 24.24
N LEU E 238 40.73 58.04 24.99
CA LEU E 238 40.98 56.61 24.87
C LEU E 238 40.68 55.97 26.21
N VAL E 239 40.07 54.79 26.19
CA VAL E 239 39.74 54.06 27.41
C VAL E 239 40.50 52.74 27.38
N VAL E 240 41.17 52.43 28.48
CA VAL E 240 42.09 51.30 28.59
C VAL E 240 41.59 50.38 29.70
N ARG E 241 41.17 49.17 29.33
CA ARG E 241 40.50 48.27 30.26
C ARG E 241 41.25 46.95 30.41
N HIS E 242 41.28 46.43 31.63
CA HIS E 242 41.81 45.09 31.91
C HIS E 242 40.94 44.40 32.96
N GLY E 243 39.63 44.48 32.80
CA GLY E 243 38.74 43.81 33.73
C GLY E 243 37.94 44.78 34.57
N ASP E 244 38.22 44.83 35.87
CA ASP E 244 37.57 45.78 36.76
C ASP E 244 38.33 47.10 36.89
N ASN E 245 39.57 47.17 36.42
CA ASN E 245 40.37 48.39 36.49
C ASN E 245 40.51 49.04 35.13
N VAL E 246 40.39 50.36 35.10
CA VAL E 246 40.24 51.14 33.88
C VAL E 246 41.06 52.42 34.01
N VAL E 247 41.69 52.83 32.91
CA VAL E 247 42.50 54.04 32.84
C VAL E 247 42.02 54.86 31.66
N GLY E 248 41.57 56.08 31.90
CA GLY E 248 41.20 56.97 30.82
C GLY E 248 42.38 57.75 30.30
N LEU E 249 42.26 58.29 29.09
CA LEU E 249 43.37 59.01 28.44
C LEU E 249 42.79 60.19 27.67
N ARG E 250 42.98 61.40 28.18
CA ARG E 250 42.54 62.60 27.48
C ARG E 250 43.66 63.12 26.61
N ARG E 251 43.32 63.45 25.37
CA ARG E 251 44.15 64.32 24.56
C ARG E 251 43.82 65.76 24.90
N ASN E 252 44.80 66.52 25.34
CA ASN E 252 44.54 67.90 25.71
C ASN E 252 44.34 68.77 24.49
N LYS E 253 43.55 69.82 24.65
CA LYS E 253 43.13 70.64 23.53
C LYS E 253 44.25 71.56 23.08
N GLN E 254 44.37 71.70 21.77
CA GLN E 254 45.41 72.52 21.14
C GLN E 254 45.18 73.99 21.47
N LYS E 255 46.06 74.56 22.29
CA LYS E 255 45.97 75.97 22.64
C LYS E 255 46.42 76.86 21.50
N PRO F 150 65.59 -25.55 -15.48
CA PRO F 150 66.44 -24.39 -15.18
C PRO F 150 67.44 -24.68 -14.07
N THR F 151 68.29 -23.71 -13.75
CA THR F 151 69.22 -23.85 -12.65
C THR F 151 68.59 -23.29 -11.38
N LEU F 152 69.41 -23.10 -10.34
CA LEU F 152 68.90 -22.57 -9.09
C LEU F 152 68.73 -21.05 -9.14
N LEU F 153 69.72 -20.35 -9.70
CA LEU F 153 69.64 -18.90 -9.84
C LEU F 153 68.56 -18.50 -10.84
N GLU F 154 68.47 -19.21 -11.95
CA GLU F 154 67.50 -18.89 -13.01
C GLU F 154 66.07 -19.21 -12.59
N ARG F 155 65.88 -19.95 -11.49
CA ARG F 155 64.54 -20.29 -11.03
C ARG F 155 63.98 -19.23 -10.10
N ARG F 156 64.83 -18.68 -9.22
CA ARG F 156 64.40 -17.65 -8.28
C ARG F 156 64.03 -16.36 -8.98
N ILE F 157 64.68 -16.09 -10.11
CA ILE F 157 64.26 -14.97 -10.96
C ILE F 157 62.92 -15.30 -11.60
N LEU F 158 62.74 -16.55 -12.01
CA LEU F 158 61.53 -16.96 -12.74
C LEU F 158 60.34 -17.13 -11.82
N ALA F 159 60.52 -17.83 -10.70
CA ALA F 159 59.40 -18.11 -9.81
C ALA F 159 58.92 -16.88 -9.07
N GLU F 160 59.77 -15.87 -8.93
CA GLU F 160 59.36 -14.60 -8.32
C GLU F 160 58.95 -13.57 -9.35
N SER F 161 58.85 -13.95 -10.62
CA SER F 161 58.38 -13.05 -11.66
C SER F 161 57.57 -13.81 -12.72
N GLY F 183 37.78 -1.21 23.12
CA GLY F 183 37.37 -0.36 22.01
C GLY F 183 38.53 0.28 21.30
N PRO F 184 39.00 1.42 21.80
CA PRO F 184 40.17 2.08 21.22
C PRO F 184 41.46 1.38 21.59
N VAL F 185 42.56 1.92 21.10
CA VAL F 185 43.87 1.37 21.41
C VAL F 185 44.56 2.31 22.41
N THR F 186 45.39 1.74 23.26
CA THR F 186 46.10 2.47 24.31
C THR F 186 47.59 2.34 24.07
N LEU F 187 48.24 3.46 23.75
CA LEU F 187 49.66 3.45 23.42
C LEU F 187 50.37 4.48 24.28
N ALA F 188 51.71 4.39 24.30
CA ALA F 188 52.55 5.28 25.09
C ALA F 188 53.77 5.63 24.24
N LYS F 189 53.67 6.75 23.53
CA LYS F 189 54.70 7.18 22.60
C LYS F 189 55.40 8.42 23.12
N PRO F 190 56.63 8.70 22.69
CA PRO F 190 57.27 9.94 23.09
C PRO F 190 56.63 11.14 22.41
N ILE F 191 56.68 12.27 23.09
CA ILE F 191 56.02 13.47 22.63
C ILE F 191 56.85 14.08 21.50
N SER F 192 56.17 14.66 20.52
CA SER F 192 56.79 14.98 19.23
C SER F 192 56.95 16.48 19.10
N ASN F 193 58.19 16.92 18.86
CA ASN F 193 58.63 18.31 18.71
C ASN F 193 58.15 19.18 19.86
N PRO F 194 58.71 19.05 21.06
CA PRO F 194 58.22 19.84 22.19
C PRO F 194 58.69 21.29 22.16
N ASP F 195 59.61 21.67 21.29
CA ASP F 195 60.03 23.06 21.25
C ASP F 195 58.99 23.96 20.62
N GLY F 196 58.08 23.42 19.83
CA GLY F 196 57.05 24.23 19.22
C GLY F 196 55.66 23.67 19.38
N LEU F 197 55.38 23.04 20.52
CA LEU F 197 54.11 22.36 20.74
C LEU F 197 53.23 23.21 21.63
N LEU F 198 52.04 23.54 21.15
CA LEU F 198 50.99 24.14 21.97
C LEU F 198 50.05 23.01 22.34
N VAL F 199 50.28 22.41 23.51
CA VAL F 199 49.70 21.11 23.82
C VAL F 199 48.23 21.27 24.17
N ARG F 200 47.51 20.15 24.13
CA ARG F 200 46.15 20.11 24.63
C ARG F 200 46.13 20.37 26.12
N GLY F 201 45.46 21.43 26.53
CA GLY F 201 45.36 21.76 27.92
C GLY F 201 46.13 22.99 28.37
N THR F 202 46.57 23.84 27.46
CA THR F 202 47.08 25.12 27.91
C THR F 202 45.94 26.12 27.93
N TYR F 203 46.11 27.17 28.74
CA TYR F 203 45.04 28.12 28.99
C TYR F 203 45.46 29.46 28.41
N ILE F 204 44.75 29.91 27.39
CA ILE F 204 45.05 31.19 26.76
C ILE F 204 44.16 32.22 27.43
N ARG F 205 44.76 33.09 28.25
CA ARG F 205 43.99 34.13 28.92
C ARG F 205 43.89 35.33 28.00
N CYS F 206 42.67 35.75 27.70
CA CYS F 206 42.45 36.93 26.89
C CYS F 206 41.36 37.76 27.54
N ILE F 207 41.34 39.06 27.23
CA ILE F 207 40.30 39.95 27.73
C ILE F 207 39.41 40.37 26.57
N LEU F 208 38.11 40.44 26.82
CA LEU F 208 37.14 40.58 25.76
C LEU F 208 37.14 42.00 25.22
N GLU F 209 36.94 42.13 23.91
CA GLU F 209 36.87 43.43 23.24
C GLU F 209 35.49 43.75 22.69
N THR F 210 34.78 42.76 22.16
CA THR F 210 33.43 42.97 21.65
C THR F 210 32.42 42.52 22.69
N ARG F 211 31.54 43.43 23.10
CA ARG F 211 30.46 43.13 24.05
C ARG F 211 29.49 42.09 23.51
N ILE F 212 29.48 40.90 24.10
CA ILE F 212 28.65 39.81 23.61
C ILE F 212 27.22 39.99 24.11
N ILE F 213 26.25 39.88 23.20
CA ILE F 213 24.83 39.84 23.56
C ILE F 213 24.18 38.68 22.81
N SER F 214 23.55 37.78 23.55
CA SER F 214 23.00 36.55 22.98
C SER F 214 21.59 36.78 22.46
N ASP F 215 21.51 37.43 21.31
CA ASP F 215 20.26 37.54 20.57
C ASP F 215 20.31 36.82 19.23
N PHE F 216 21.27 37.16 18.37
CA PHE F 216 21.29 36.62 17.04
C PHE F 216 22.46 35.67 16.76
N GLY F 217 23.54 35.77 17.51
CA GLY F 217 24.64 34.88 17.25
C GLY F 217 25.53 35.51 16.20
N GLY F 218 26.75 35.81 16.57
CA GLY F 218 27.64 36.55 15.70
C GLY F 218 29.06 36.18 15.97
N TYR F 219 29.91 37.19 16.05
CA TYR F 219 31.35 37.02 16.05
C TYR F 219 31.94 37.82 17.20
N THR F 220 32.95 37.24 17.85
CA THR F 220 33.59 37.84 19.00
C THR F 220 35.07 38.07 18.70
N SER F 221 35.73 38.82 19.59
CA SER F 221 37.16 39.07 19.47
C SER F 221 37.70 39.42 20.85
N CYS F 222 38.74 38.71 21.30
CA CYS F 222 39.37 39.03 22.56
C CYS F 222 40.86 39.18 22.34
N ILE F 223 41.46 40.12 23.03
CA ILE F 223 42.89 40.39 22.93
C ILE F 223 43.60 39.58 24.00
N VAL F 224 44.59 38.79 23.59
CA VAL F 224 45.39 37.99 24.52
C VAL F 224 46.12 38.93 25.47
N THR F 225 46.25 38.52 26.73
CA THR F 225 46.86 39.38 27.73
C THR F 225 48.15 38.84 28.32
N GLU F 226 48.38 37.54 28.27
CA GLU F 226 49.60 36.98 28.83
C GLU F 226 50.27 36.09 27.79
N PRO F 227 51.59 36.17 27.63
CA PRO F 227 52.27 35.34 26.63
C PRO F 227 52.19 33.85 26.95
N VAL F 228 52.00 33.07 25.88
CA VAL F 228 51.78 31.63 25.99
C VAL F 228 52.98 30.92 25.38
N TYR F 229 53.66 30.13 26.18
CA TYR F 229 54.91 29.49 25.79
C TYR F 229 54.62 28.07 25.31
N SER F 230 55.68 27.29 25.14
CA SER F 230 55.58 25.93 24.61
C SER F 230 55.08 24.96 25.68
N ILE F 231 55.20 23.65 25.40
CA ILE F 231 54.91 22.66 26.44
C ILE F 231 55.96 22.70 27.54
N ASN F 232 57.21 23.01 27.19
CA ASN F 232 58.29 23.04 28.16
C ASN F 232 58.97 24.41 28.23
N GLY F 233 58.38 25.44 27.64
CA GLY F 233 58.83 26.79 27.85
C GLY F 233 60.07 27.21 27.10
N HIS F 234 60.48 26.49 26.07
CA HIS F 234 61.69 26.93 25.37
C HIS F 234 61.41 28.02 24.36
N ASN F 235 60.16 28.20 23.95
CA ASN F 235 59.84 29.13 22.88
C ASN F 235 58.57 29.90 23.22
N LEU F 236 58.48 31.11 22.68
CA LEU F 236 57.28 31.92 22.81
C LEU F 236 56.38 31.68 21.61
N LEU F 237 55.20 31.12 21.86
CA LEU F 237 54.34 30.76 20.75
C LEU F 237 53.35 31.87 20.41
N LEU F 238 52.49 32.23 21.36
CA LEU F 238 51.56 33.32 21.16
C LEU F 238 52.06 34.52 21.92
N PRO F 239 52.44 35.61 21.26
CA PRO F 239 52.94 36.79 21.99
C PRO F 239 51.88 37.51 22.78
N LYS F 240 52.27 38.65 23.36
CA LYS F 240 51.45 39.28 24.39
C LYS F 240 50.20 39.95 23.82
N GLY F 241 50.24 40.45 22.60
CA GLY F 241 49.10 41.22 22.13
C GLY F 241 48.31 40.63 20.97
N SER F 242 48.22 39.31 20.90
CA SER F 242 47.52 38.65 19.82
C SER F 242 46.01 38.84 19.95
N LYS F 243 45.29 38.60 18.85
CA LYS F 243 43.83 38.65 18.85
C LYS F 243 43.27 37.27 18.65
N MET F 244 42.45 36.81 19.58
CA MET F 244 41.69 35.60 19.36
C MET F 244 40.33 35.93 18.79
N LEU F 245 39.85 35.06 17.92
CA LEU F 245 38.69 35.32 17.09
C LEU F 245 37.76 34.12 17.23
N GLY F 246 36.50 34.37 17.57
CA GLY F 246 35.57 33.29 17.83
C GLY F 246 34.17 33.65 17.35
N GLN F 247 33.26 32.71 17.56
CA GLN F 247 31.87 32.92 17.19
C GLN F 247 30.97 32.01 18.02
N TYR F 248 29.73 32.44 18.19
CA TYR F 248 28.74 31.74 18.99
C TYR F 248 27.44 31.65 18.20
N SER F 249 26.44 31.05 18.81
CA SER F 249 25.17 30.80 18.14
C SER F 249 24.01 31.28 18.99
N ALA F 250 22.91 31.63 18.34
CA ALA F 250 21.75 32.14 19.05
C ALA F 250 21.01 31.02 19.75
N GLY F 251 20.42 31.34 20.88
CA GLY F 251 19.64 30.37 21.61
C GLY F 251 18.97 31.02 22.79
N GLU F 252 18.07 30.28 23.41
CA GLU F 252 17.45 30.71 24.64
C GLU F 252 18.41 30.42 25.79
N PRO F 253 18.82 31.42 26.55
CA PRO F 253 19.73 31.16 27.66
C PRO F 253 19.06 30.57 28.88
N THR F 254 18.87 29.25 28.90
CA THR F 254 18.37 28.56 30.07
C THR F 254 19.35 28.69 31.22
N SER F 255 20.55 28.12 31.06
CA SER F 255 21.62 28.35 32.00
C SER F 255 22.17 29.76 31.81
N HIS F 256 22.74 30.32 32.87
CA HIS F 256 23.28 31.67 32.78
C HIS F 256 24.74 31.68 32.33
N ARG F 257 25.02 30.97 31.24
CA ARG F 257 26.34 30.91 30.65
C ARG F 257 26.19 30.86 29.14
N LEU F 258 27.21 31.33 28.44
CA LEU F 258 27.21 31.35 26.99
C LEU F 258 28.38 30.52 26.50
N GLN F 259 28.23 29.92 25.32
CA GLN F 259 29.19 28.94 24.82
C GLN F 259 29.78 29.46 23.52
N VAL F 260 31.07 29.81 23.55
CA VAL F 260 31.79 30.39 22.42
C VAL F 260 32.87 29.39 22.00
N VAL F 261 33.11 29.28 20.69
CA VAL F 261 34.14 28.40 20.16
C VAL F 261 35.18 29.28 19.49
N TRP F 262 36.31 29.49 20.14
CA TRP F 262 37.38 30.35 19.65
C TRP F 262 38.24 29.56 18.69
N ASP F 263 38.46 30.10 17.48
CA ASP F 263 39.01 29.23 16.44
C ASP F 263 40.08 29.86 15.55
N ARG F 264 40.65 31.01 15.91
CA ARG F 264 41.73 31.60 15.12
C ARG F 264 42.44 32.63 15.96
N VAL F 265 43.77 32.66 15.88
CA VAL F 265 44.61 33.68 16.52
C VAL F 265 45.53 34.25 15.46
N THR F 266 45.70 35.57 15.44
CA THR F 266 46.65 36.24 14.56
C THR F 266 47.65 37.01 15.44
N THR F 267 48.91 36.58 15.42
CA THR F 267 49.91 37.10 16.34
C THR F 267 50.53 38.39 15.83
N PRO F 268 51.17 39.17 16.70
CA PRO F 268 51.92 40.34 16.22
C PRO F 268 53.17 39.98 15.45
N THR F 269 53.67 38.75 15.59
CA THR F 269 54.86 38.29 14.89
C THR F 269 54.53 37.64 13.56
N GLY F 270 53.32 37.87 13.04
CA GLY F 270 52.97 37.41 11.71
C GLY F 270 52.67 35.94 11.61
N LEU F 271 51.68 35.46 12.36
CA LEU F 271 51.22 34.09 12.27
C LEU F 271 49.71 34.06 12.21
N ASP F 272 49.18 32.89 11.84
CA ASP F 272 47.74 32.73 11.66
C ASP F 272 47.43 31.27 12.01
N VAL F 273 47.05 31.03 13.26
CA VAL F 273 46.81 29.69 13.72
C VAL F 273 45.31 29.46 13.75
N THR F 274 44.91 28.20 13.74
CA THR F 274 43.50 27.85 13.57
C THR F 274 43.08 26.77 14.56
N LEU F 275 43.40 26.99 15.84
CA LEU F 275 43.18 26.06 16.93
C LEU F 275 41.68 25.79 17.14
N MET F 276 41.41 24.74 17.91
CA MET F 276 40.06 24.42 18.34
C MET F 276 40.01 24.65 19.85
N GLY F 277 39.51 25.81 20.25
CA GLY F 277 39.43 26.12 21.65
C GLY F 277 38.04 26.53 22.07
N PRO F 278 37.38 25.69 22.87
CA PRO F 278 36.14 26.12 23.51
C PRO F 278 36.44 27.11 24.63
N GLY F 279 35.65 28.18 24.67
CA GLY F 279 35.85 29.16 25.71
C GLY F 279 35.38 28.65 27.06
N ILE F 280 36.18 28.92 28.08
CA ILE F 280 35.91 28.46 29.43
C ILE F 280 35.90 29.67 30.37
N ASP F 281 35.50 29.42 31.60
CA ASP F 281 35.56 30.35 32.71
C ASP F 281 37.01 30.64 33.06
N THR F 282 37.23 31.64 33.90
CA THR F 282 38.60 31.95 34.34
C THR F 282 39.12 30.96 35.38
N LEU F 283 38.28 30.06 35.89
CA LEU F 283 38.72 28.94 36.71
C LEU F 283 38.61 27.59 36.01
N GLY F 284 38.12 27.56 34.77
CA GLY F 284 38.10 26.34 34.00
C GLY F 284 36.74 25.75 33.72
N SER F 285 35.67 26.38 34.18
CA SER F 285 34.34 25.86 33.94
C SER F 285 33.92 26.15 32.51
N SER F 286 33.20 25.21 31.90
CA SER F 286 32.86 25.32 30.50
C SER F 286 31.78 26.37 30.29
N GLY F 287 32.04 27.31 29.38
CA GLY F 287 31.10 28.36 29.06
C GLY F 287 31.38 29.66 29.77
N HIS F 288 31.15 30.77 29.10
CA HIS F 288 31.44 32.06 29.70
C HIS F 288 30.23 32.55 30.48
N PRO F 289 30.39 32.99 31.72
CA PRO F 289 29.24 33.49 32.48
C PRO F 289 28.88 34.91 32.08
N GLY F 290 27.58 35.19 32.06
CA GLY F 290 27.09 36.49 31.64
C GLY F 290 26.12 37.11 32.61
N ASN F 291 25.44 38.17 32.18
CA ASN F 291 24.46 38.89 33.00
C ASN F 291 23.08 38.64 32.45
N TYR F 292 22.34 37.73 33.08
CA TYR F 292 21.02 37.34 32.59
C TYR F 292 20.01 38.45 32.80
N ASN F 293 19.13 38.64 31.82
CA ASN F 293 18.16 39.72 31.86
C ASN F 293 16.89 39.24 31.15
N ALA F 294 15.94 38.73 31.93
CA ALA F 294 14.60 38.52 31.42
C ALA F 294 13.87 39.85 31.49
N HIS F 295 13.33 40.29 30.37
CA HIS F 295 12.90 41.68 30.23
C HIS F 295 11.51 41.85 30.82
N TRP F 296 11.43 41.82 32.15
CA TRP F 296 10.12 41.96 32.77
C TRP F 296 9.67 43.41 32.86
N GLY F 297 10.51 44.37 32.48
CA GLY F 297 10.04 45.74 32.36
C GLY F 297 9.14 45.92 31.15
N ASN F 298 9.51 45.30 30.03
CA ASN F 298 8.75 45.47 28.81
C ASN F 298 7.60 44.49 28.69
N LYS F 299 7.69 43.33 29.36
CA LYS F 299 6.62 42.35 29.25
C LYS F 299 5.41 42.78 30.06
N ILE F 300 5.63 43.48 31.17
CA ILE F 300 4.53 43.93 32.01
C ILE F 300 3.87 45.16 31.40
N ALA F 301 4.66 46.15 30.97
CA ALA F 301 4.12 47.44 30.56
C ALA F 301 3.34 47.35 29.25
N SER F 302 3.64 46.35 28.42
CA SER F 302 2.91 46.21 27.16
C SER F 302 1.55 45.56 27.37
N ALA F 303 1.36 44.89 28.51
CA ALA F 303 0.11 44.19 28.77
C ALA F 303 -0.62 44.68 30.00
N LEU F 304 0.01 45.53 30.82
CA LEU F 304 -0.71 46.14 31.93
C LEU F 304 -1.58 47.29 31.44
N PHE F 305 -1.07 48.09 30.51
CA PHE F 305 -1.72 49.34 30.16
C PHE F 305 -2.99 49.11 29.34
N ILE F 306 -3.03 48.04 28.56
CA ILE F 306 -4.22 47.80 27.75
C ILE F 306 -5.20 46.89 28.49
N SER F 307 -4.72 46.11 29.46
CA SER F 307 -5.65 45.35 30.28
C SER F 307 -6.28 46.21 31.35
N LEU F 308 -5.65 47.33 31.71
CA LEU F 308 -6.26 48.25 32.66
C LEU F 308 -7.23 49.19 31.97
N LEU F 309 -7.06 49.40 30.66
CA LEU F 309 -8.01 50.22 29.92
C LEU F 309 -9.30 49.45 29.70
N SER F 310 -9.22 48.13 29.62
CA SER F 310 -10.42 47.31 29.53
C SER F 310 -11.04 47.09 30.90
N ASP F 311 -10.30 47.39 31.97
CA ASP F 311 -10.84 47.23 33.31
C ASP F 311 -11.56 48.49 33.76
N ALA F 312 -11.32 49.63 33.12
CA ALA F 312 -12.11 50.81 33.40
C ALA F 312 -13.47 50.72 32.73
N PHE F 313 -13.55 50.02 31.60
CA PHE F 313 -14.84 49.85 30.93
C PHE F 313 -15.71 48.83 31.64
N LYS F 314 -15.10 47.83 32.30
CA LYS F 314 -15.88 46.84 33.01
C LYS F 314 -16.42 47.40 34.32
N TYR F 315 -15.66 48.27 34.98
CA TYR F 315 -16.11 48.85 36.23
C TYR F 315 -17.21 49.88 36.02
N ALA F 316 -17.16 50.60 34.90
CA ALA F 316 -18.20 51.57 34.59
C ALA F 316 -19.46 50.93 34.03
N ALA F 317 -19.46 49.61 33.81
CA ALA F 317 -20.62 48.90 33.30
C ALA F 317 -21.24 47.95 34.30
N ALA F 318 -20.45 47.40 35.24
CA ALA F 318 -21.01 46.57 36.29
C ALA F 318 -21.88 47.39 37.22
N GLU F 319 -21.33 48.49 37.74
CA GLU F 319 -22.17 49.54 38.28
C GLU F 319 -22.37 50.59 37.18
N TYR F 320 -23.17 51.61 37.47
CA TYR F 320 -23.68 52.58 36.47
C TYR F 320 -24.38 51.89 35.31
N GLY F 321 -25.14 50.84 35.62
CA GLY F 321 -25.80 50.07 34.58
C GLY F 321 -26.85 49.12 35.13
N PRO F 322 -27.66 48.54 34.23
CA PRO F 322 -28.72 47.61 34.66
C PRO F 322 -28.20 46.27 35.17
N GLU F 323 -29.12 45.37 35.50
CA GLU F 323 -28.76 44.04 35.98
C GLU F 323 -29.83 43.01 35.60
N PRO F 338 -25.18 41.30 36.59
CA PRO F 338 -24.54 42.57 36.25
C PRO F 338 -24.45 42.80 34.76
N PHE F 339 -24.31 44.06 34.35
CA PHE F 339 -24.36 44.44 32.94
C PHE F 339 -23.00 44.19 32.31
N GLU F 340 -22.90 43.14 31.50
CA GLU F 340 -21.68 42.84 30.79
C GLU F 340 -21.50 43.82 29.64
N SER F 341 -20.29 44.37 29.52
CA SER F 341 -19.97 45.28 28.43
C SER F 341 -19.31 44.52 27.29
N ASN F 342 -19.20 45.18 26.14
CA ASN F 342 -18.49 44.65 25.00
C ASN F 342 -17.11 45.24 24.80
N THR F 343 -16.91 46.51 25.20
CA THR F 343 -15.59 47.10 25.08
C THR F 343 -14.63 46.54 26.13
N ALA F 344 -15.16 45.94 27.20
CA ALA F 344 -14.31 45.22 28.12
C ALA F 344 -13.99 43.82 27.62
N ARG F 345 -14.74 43.34 26.63
CA ARG F 345 -14.45 42.02 26.07
C ARG F 345 -13.54 42.12 24.86
N SER F 346 -13.79 43.07 23.97
CA SER F 346 -13.00 43.15 22.75
C SER F 346 -11.61 43.71 23.01
N MET F 347 -11.44 44.47 24.09
CA MET F 347 -10.13 45.02 24.41
C MET F 347 -9.32 44.10 25.32
N GLN F 348 -9.99 43.22 26.06
CA GLN F 348 -9.29 42.12 26.71
C GLN F 348 -8.77 41.11 25.69
N GLN F 349 -9.33 41.11 24.48
CA GLN F 349 -8.76 40.30 23.40
C GLN F 349 -7.46 40.89 22.90
N LEU F 350 -7.32 42.22 22.91
CA LEU F 350 -6.03 42.81 22.55
C LEU F 350 -5.00 42.63 23.65
N ALA F 351 -5.45 42.56 24.91
CA ALA F 351 -4.52 42.28 26.00
C ALA F 351 -4.00 40.85 25.94
N GLU F 352 -4.79 39.93 25.40
CA GLU F 352 -4.30 38.57 25.22
C GLU F 352 -3.37 38.46 24.02
N GLN F 353 -3.42 39.44 23.09
CA GLN F 353 -2.42 39.47 22.03
C GLN F 353 -1.11 40.04 22.54
N ALA F 354 -1.16 40.96 23.50
CA ALA F 354 0.05 41.56 24.02
C ALA F 354 0.79 40.62 24.96
N VAL F 355 0.10 39.62 25.52
CA VAL F 355 0.80 38.61 26.30
C VAL F 355 1.46 37.60 25.39
N GLU F 356 0.78 37.21 24.32
CA GLU F 356 1.32 36.22 23.39
C GLU F 356 2.50 36.77 22.61
N LYS F 357 2.42 38.02 22.18
CA LYS F 357 3.51 38.60 21.39
C LYS F 357 4.73 38.88 22.25
N SER F 358 4.52 39.38 23.47
CA SER F 358 5.62 39.69 24.35
C SER F 358 6.11 38.48 25.12
N GLY F 359 5.50 37.31 24.93
CA GLY F 359 6.05 36.07 25.42
C GLY F 359 6.91 35.35 24.42
N ARG F 360 7.00 35.86 23.19
CA ARG F 360 7.86 35.31 22.16
C ARG F 360 9.25 35.94 22.16
N ARG F 361 9.49 36.91 23.03
CA ARG F 361 10.78 37.56 23.12
C ARG F 361 11.73 36.74 23.97
N PRO F 362 12.93 36.43 23.49
CA PRO F 362 13.87 35.65 24.29
C PRO F 362 14.58 36.51 25.33
N ALA F 363 15.09 35.85 26.35
CA ALA F 363 15.94 36.53 27.32
C ALA F 363 17.34 36.70 26.75
N THR F 364 18.07 37.66 27.30
CA THR F 364 19.43 37.91 26.86
C THR F 364 20.39 37.66 28.01
N LEU F 365 21.66 37.44 27.66
CA LEU F 365 22.72 37.58 28.65
C LEU F 365 23.88 38.31 27.99
N THR F 366 24.34 39.37 28.65
CA THR F 366 25.40 40.20 28.11
C THR F 366 26.70 39.92 28.85
N ILE F 367 27.80 40.03 28.13
CA ILE F 367 29.14 39.98 28.69
C ILE F 367 29.81 41.29 28.32
N ASN F 368 30.28 42.03 29.32
CA ASN F 368 30.75 43.39 29.10
C ASN F 368 32.10 43.38 28.38
N GLN F 369 32.52 44.57 27.94
CA GLN F 369 33.63 44.70 27.02
C GLN F 369 35.00 44.74 27.70
N GLY F 370 35.11 44.25 28.92
CA GLY F 370 36.42 44.26 29.53
C GLY F 370 36.77 42.98 30.24
N THR F 371 35.83 42.04 30.28
CA THR F 371 35.92 40.89 31.17
C THR F 371 37.03 39.94 30.73
N VAL F 372 37.76 39.42 31.71
CA VAL F 372 38.89 38.54 31.44
C VAL F 372 38.34 37.15 31.14
N LEU F 373 38.38 36.76 29.88
CA LEU F 373 37.94 35.44 29.47
C LEU F 373 39.10 34.47 29.58
N ASN F 374 38.88 33.24 29.11
CA ASN F 374 39.91 32.21 29.16
C ASN F 374 39.53 31.14 28.15
N VAL F 375 40.53 30.56 27.48
CA VAL F 375 40.29 29.62 26.39
C VAL F 375 41.04 28.33 26.69
N TYR F 376 40.34 27.20 26.63
CA TYR F 376 40.95 25.89 26.79
C TYR F 376 41.25 25.35 25.39
N VAL F 377 42.52 25.21 25.05
CA VAL F 377 42.83 24.60 23.77
C VAL F 377 42.61 23.10 23.86
N ALA F 378 42.00 22.52 22.84
CA ALA F 378 41.55 21.14 22.90
C ALA F 378 42.24 20.21 21.92
N LYS F 379 43.10 20.73 21.04
CA LYS F 379 43.95 19.90 20.21
C LYS F 379 45.32 20.54 20.08
N ASP F 380 46.32 19.71 19.83
CA ASP F 380 47.69 20.18 19.73
C ASP F 380 47.88 21.01 18.46
N VAL F 381 48.67 22.07 18.56
CA VAL F 381 49.05 22.89 17.43
C VAL F 381 50.56 22.86 17.33
N ASP F 382 51.10 22.63 16.13
CA ASP F 382 52.52 22.42 15.95
C ASP F 382 53.13 23.64 15.28
N PHE F 383 53.91 24.39 16.05
CA PHE F 383 54.61 25.59 15.58
C PHE F 383 56.01 25.32 15.08
N SER F 384 56.36 24.06 14.82
CA SER F 384 57.76 23.75 14.53
C SER F 384 58.19 24.21 13.14
N ALA F 385 57.25 24.40 12.23
CA ALA F 385 57.56 24.85 10.87
C ALA F 385 57.65 26.37 10.76
N VAL F 386 57.69 27.07 11.89
CA VAL F 386 57.68 28.52 11.93
C VAL F 386 58.89 29.06 12.67
N LEU F 387 59.22 28.47 13.81
CA LEU F 387 60.22 28.98 14.72
C LEU F 387 61.60 28.93 14.08
N PRO F 388 62.46 29.91 14.31
CA PRO F 388 63.78 29.90 13.69
C PRO F 388 64.67 28.82 14.27
N LYS F 389 65.56 28.32 13.42
CA LYS F 389 66.39 27.18 13.80
C LYS F 389 67.79 27.63 14.20
N CYS G 22 4.03 57.52 22.41
CA CYS G 22 4.42 56.15 22.08
C CYS G 22 5.07 56.07 20.71
N ALA G 23 5.16 57.21 20.03
CA ALA G 23 5.63 57.25 18.64
C ALA G 23 7.15 57.15 18.60
N THR G 24 7.71 57.34 17.41
CA THR G 24 9.13 57.14 17.17
C THR G 24 9.87 58.47 17.26
N LYS G 25 10.96 58.49 18.02
CA LYS G 25 11.78 59.68 18.14
C LYS G 25 12.56 59.94 16.86
N PRO G 26 12.41 61.10 16.22
CA PRO G 26 13.13 61.34 14.95
C PRO G 26 14.59 61.66 15.14
N ALA G 27 15.25 62.02 14.03
CA ALA G 27 16.64 62.41 14.05
C ALA G 27 16.81 63.77 14.72
N PRO G 28 18.00 64.08 15.25
CA PRO G 28 18.22 65.41 15.81
C PRO G 28 18.17 66.49 14.75
N ASP G 29 17.81 67.70 15.18
CA ASP G 29 17.65 68.83 14.29
C ASP G 29 18.59 69.94 14.73
N PHE G 30 18.99 70.78 13.77
CA PHE G 30 19.96 71.83 14.05
C PHE G 30 19.27 73.08 14.57
N GLY G 31 20.01 74.18 14.62
CA GLY G 31 19.46 75.46 15.05
C GLY G 31 20.53 76.36 15.62
N GLY G 32 20.50 77.63 15.26
CA GLY G 32 21.54 78.54 15.69
C GLY G 32 21.49 79.92 15.08
N ARG G 33 22.64 80.42 14.64
CA ARG G 33 22.81 81.83 14.32
C ARG G 33 22.95 82.12 12.84
N TRP G 34 23.24 81.11 12.02
CA TRP G 34 23.56 81.22 10.59
C TRP G 34 24.75 82.16 10.35
N LYS G 35 25.90 81.73 10.86
CA LYS G 35 27.16 82.34 10.45
C LYS G 35 27.49 81.89 9.02
N HIS G 36 28.29 82.68 8.32
CA HIS G 36 28.59 82.37 6.93
C HIS G 36 29.90 81.61 6.81
N VAL G 37 29.93 80.67 5.87
CA VAL G 37 31.03 79.71 5.77
C VAL G 37 32.26 80.36 5.16
N ASN G 38 32.14 80.83 3.92
CA ASN G 38 33.28 81.27 3.12
C ASN G 38 33.75 82.63 3.61
N HIS G 39 34.56 82.61 4.66
CA HIS G 39 34.94 83.80 5.40
C HIS G 39 36.44 84.02 5.29
N PHE G 40 36.84 85.11 4.64
CA PHE G 40 38.22 85.56 4.71
C PHE G 40 38.52 86.11 6.10
N ASP G 41 39.75 85.93 6.54
CA ASP G 41 40.19 86.48 7.81
C ASP G 41 40.84 87.84 7.58
N GLU G 42 41.46 88.38 8.63
CA GLU G 42 42.14 89.67 8.53
C GLU G 42 43.61 89.60 8.87
N ALA G 43 44.10 88.46 9.36
CA ALA G 43 45.50 88.32 9.71
C ALA G 43 46.20 87.49 8.65
N PRO G 44 47.11 88.05 7.87
CA PRO G 44 47.83 87.25 6.88
C PRO G 44 48.87 86.34 7.51
N THR G 45 48.42 85.15 7.92
CA THR G 45 49.29 84.13 8.47
C THR G 45 50.34 83.70 7.45
N GLU G 46 51.60 83.78 7.83
CA GLU G 46 52.71 83.53 6.93
C GLU G 46 53.11 82.06 7.00
N ILE G 47 52.75 81.30 5.96
CA ILE G 47 53.10 79.88 5.88
C ILE G 47 54.52 79.78 5.32
N PRO G 48 55.45 79.17 6.03
CA PRO G 48 56.80 78.99 5.49
C PRO G 48 56.82 77.96 4.38
N LEU G 49 57.78 78.13 3.47
CA LEU G 49 57.98 77.20 2.36
C LEU G 49 59.14 76.25 2.58
N TYR G 50 60.25 76.75 3.12
CA TYR G 50 61.48 75.97 3.25
C TYR G 50 61.77 75.82 4.74
N THR G 51 61.40 74.67 5.30
CA THR G 51 61.52 74.40 6.72
C THR G 51 62.77 73.57 6.99
N SER G 52 63.60 74.02 7.93
CA SER G 52 64.81 73.31 8.29
C SER G 52 64.49 72.28 9.38
N TYR G 53 65.53 71.69 9.96
CA TYR G 53 65.38 70.67 10.99
C TYR G 53 65.68 71.28 12.36
N THR G 54 64.71 71.16 13.27
CA THR G 54 64.85 71.71 14.61
C THR G 54 65.36 70.63 15.56
N TYR G 55 66.54 70.84 16.11
CA TYR G 55 67.07 69.98 17.16
C TYR G 55 66.26 70.18 18.43
N GLN G 56 65.53 69.14 18.86
CA GLN G 56 64.74 69.25 20.07
C GLN G 56 64.70 67.89 20.75
N ALA G 57 64.01 67.84 21.89
CA ALA G 57 64.00 66.67 22.76
C ALA G 57 62.58 66.16 22.90
N THR G 58 62.29 65.04 22.27
CA THR G 58 61.00 64.39 22.43
C THR G 58 60.94 63.66 23.76
N PRO G 59 59.74 63.35 24.26
CA PRO G 59 59.64 62.46 25.42
C PRO G 59 59.84 60.99 25.12
N MET G 60 59.87 60.61 23.84
CA MET G 60 59.95 59.19 23.50
C MET G 60 61.32 58.60 23.74
N ASP G 61 62.36 59.24 23.21
CA ASP G 61 63.73 58.78 23.45
C ASP G 61 64.10 58.99 24.91
N GLY G 62 64.33 57.89 25.62
CA GLY G 62 64.42 57.91 27.07
C GLY G 62 65.69 58.53 27.61
N THR G 63 66.84 58.06 27.13
CA THR G 63 68.12 58.43 27.72
C THR G 63 68.84 59.46 26.86
N LEU G 64 69.99 59.91 27.35
CA LEU G 64 70.78 60.89 26.62
C LEU G 64 71.44 60.28 25.39
N LYS G 65 71.75 58.98 25.44
CA LYS G 65 72.40 58.36 24.30
C LYS G 65 71.42 58.15 23.15
N THR G 66 70.19 57.76 23.46
CA THR G 66 69.20 57.52 22.41
C THR G 66 68.71 58.82 21.78
N MET G 67 68.85 59.95 22.48
CA MET G 67 68.49 61.22 21.87
C MET G 67 69.57 61.68 20.90
N LEU G 68 70.82 61.44 21.24
CA LEU G 68 71.90 61.84 20.34
C LEU G 68 72.13 60.84 19.22
N GLU G 69 71.63 59.61 19.34
CA GLU G 69 71.68 58.70 18.20
C GLU G 69 70.68 59.10 17.12
N ARG G 70 69.61 59.82 17.49
CA ARG G 70 68.67 60.28 16.49
C ARG G 70 68.85 61.75 16.12
N TRP G 71 69.77 62.46 16.77
CA TRP G 71 70.21 63.73 16.20
C TRP G 71 71.28 63.50 15.14
N ALA G 72 72.14 62.49 15.36
CA ALA G 72 73.14 62.16 14.36
C ALA G 72 72.52 61.48 13.15
N ALA G 73 71.45 60.70 13.35
CA ALA G 73 70.82 60.03 12.23
C ALA G 73 70.00 61.00 11.38
N ASP G 74 69.33 61.95 12.03
CA ASP G 74 68.49 62.91 11.32
C ASP G 74 69.27 64.10 10.79
N SER G 75 70.60 64.06 10.83
CA SER G 75 71.40 65.17 10.31
C SER G 75 72.63 64.71 9.55
N ASN G 76 72.81 63.40 9.35
CA ASN G 76 73.98 62.78 8.71
C ASN G 76 75.28 63.19 9.41
N MET G 77 75.39 62.81 10.67
CA MET G 77 76.60 62.95 11.45
C MET G 77 76.89 61.65 12.18
N GLN G 78 78.07 61.56 12.77
CA GLN G 78 78.51 60.37 13.48
C GLN G 78 78.55 60.67 14.97
N LEU G 79 78.17 59.67 15.77
CA LEU G 79 78.14 59.81 17.21
C LEU G 79 79.29 59.03 17.84
N SER G 80 80.10 59.70 18.62
CA SER G 80 81.16 59.07 19.41
C SER G 80 80.82 59.27 20.88
N TYR G 81 80.02 58.35 21.42
CA TYR G 81 79.64 58.40 22.82
C TYR G 81 80.74 57.73 23.63
N ASN G 82 81.50 58.53 24.38
CA ASN G 82 82.66 58.05 25.11
C ASN G 82 82.46 58.17 26.62
N LEU G 83 81.28 57.82 27.08
CA LEU G 83 81.04 57.76 28.52
C LEU G 83 80.82 56.31 28.95
N PRO G 84 81.27 55.93 30.15
CA PRO G 84 81.06 54.56 30.61
C PRO G 84 79.63 54.25 31.03
N SER G 85 78.77 55.26 31.15
CA SER G 85 77.39 55.02 31.56
C SER G 85 76.49 56.02 30.87
N ASP G 86 75.19 55.79 30.99
CA ASP G 86 74.17 56.52 30.24
C ASP G 86 73.23 57.21 31.22
N TYR G 87 72.81 58.42 30.87
CA TYR G 87 71.98 59.26 31.73
C TYR G 87 70.61 59.44 31.11
N THR G 88 69.58 59.44 31.96
CA THR G 88 68.24 59.67 31.46
C THR G 88 67.97 61.16 31.31
N LEU G 89 66.92 61.48 30.54
CA LEU G 89 66.60 62.87 30.25
C LEU G 89 65.81 63.48 31.39
N ILE G 90 66.12 64.75 31.71
CA ILE G 90 65.50 65.42 32.84
C ILE G 90 64.68 66.62 32.38
N GLY G 91 64.09 67.32 33.35
CA GLY G 91 63.21 68.44 33.14
C GLY G 91 63.69 69.58 32.24
N PRO G 92 64.83 70.20 32.56
CA PRO G 92 65.31 71.31 31.71
C PRO G 92 65.83 70.91 30.34
N VAL G 93 65.79 69.63 29.96
CA VAL G 93 66.14 69.25 28.60
C VAL G 93 65.04 69.69 27.63
N SER G 94 63.80 69.74 28.11
CA SER G 94 62.67 70.11 27.27
C SER G 94 62.53 71.61 27.09
N ALA G 95 63.61 72.28 26.71
CA ALA G 95 63.57 73.67 26.31
C ALA G 95 64.46 73.95 25.11
N ILE G 96 65.18 72.94 24.61
CA ILE G 96 66.05 73.10 23.46
C ILE G 96 65.21 73.01 22.20
N SER G 97 65.22 74.06 21.39
CA SER G 97 64.55 74.03 20.09
C SER G 97 65.32 74.98 19.18
N THR G 98 66.23 74.42 18.39
CA THR G 98 67.14 75.23 17.58
C THR G 98 67.38 74.51 16.26
N THR G 99 67.45 75.28 15.18
CA THR G 99 67.84 74.77 13.87
C THR G 99 69.35 74.74 13.68
N SER G 100 70.12 74.95 14.75
CA SER G 100 71.58 74.95 14.73
C SER G 100 72.08 73.87 15.67
N VAL G 101 73.05 73.07 15.19
CA VAL G 101 73.55 71.98 16.01
C VAL G 101 74.49 72.50 17.09
N GLN G 102 75.16 73.61 16.85
CA GLN G 102 76.13 74.11 17.83
C GLN G 102 75.43 74.78 19.01
N GLN G 103 74.29 75.43 18.77
CA GLN G 103 73.59 76.08 19.86
C GLN G 103 72.81 75.05 20.68
N ALA G 104 72.50 73.89 20.09
CA ALA G 104 71.80 72.84 20.82
C ALA G 104 72.77 72.01 21.65
N ALA G 105 74.01 71.84 21.18
CA ALA G 105 75.00 71.14 21.98
C ALA G 105 75.50 72.03 23.12
N THR G 106 75.38 73.35 22.98
CA THR G 106 75.75 74.24 24.06
C THR G 106 74.69 74.23 25.17
N GLU G 107 73.42 74.27 24.79
CA GLU G 107 72.34 74.24 25.78
C GLU G 107 72.23 72.88 26.46
N LEU G 108 72.70 71.82 25.80
CA LEU G 108 72.66 70.50 26.42
C LEU G 108 73.73 70.37 27.51
N SER G 109 74.95 70.84 27.21
CA SER G 109 76.05 70.73 28.16
C SER G 109 75.89 71.65 29.35
N ALA G 110 75.05 72.69 29.24
CA ALA G 110 74.71 73.49 30.41
C ALA G 110 73.78 72.73 31.35
N VAL G 111 72.97 71.82 30.82
CA VAL G 111 72.07 71.04 31.66
C VAL G 111 72.85 69.96 32.39
N TYR G 112 73.63 69.17 31.66
CA TYR G 112 74.40 68.07 32.24
C TYR G 112 75.81 68.50 32.61
N ALA G 113 75.90 69.59 33.36
CA ALA G 113 77.19 70.04 33.88
C ALA G 113 77.50 69.44 35.24
N ALA G 114 76.47 69.02 35.98
CA ALA G 114 76.69 68.47 37.32
C ALA G 114 77.25 67.06 37.28
N GLN G 115 77.14 66.37 36.15
CA GLN G 115 77.61 65.01 36.03
C GLN G 115 78.87 64.89 35.19
N GLY G 116 79.43 66.01 34.76
CA GLY G 116 80.65 66.00 33.98
C GLY G 116 80.45 65.47 32.58
N VAL G 117 79.44 65.99 31.88
CA VAL G 117 79.12 65.58 30.53
C VAL G 117 79.27 66.80 29.61
N SER G 118 80.17 66.69 28.65
CA SER G 118 80.40 67.76 27.68
C SER G 118 80.14 67.23 26.28
N VAL G 119 79.25 67.88 25.56
CA VAL G 119 78.87 67.49 24.21
C VAL G 119 79.27 68.61 23.26
N SER G 120 80.08 68.28 22.26
CA SER G 120 80.54 69.26 21.28
C SER G 120 80.51 68.63 19.90
N VAL G 121 80.69 69.49 18.89
CA VAL G 121 80.63 69.08 17.49
C VAL G 121 81.96 69.42 16.83
N SER G 122 82.67 68.41 16.36
CA SER G 122 83.91 68.63 15.63
C SER G 122 83.67 68.69 14.12
N ALA G 123 82.68 69.51 13.74
CA ALA G 123 82.36 69.98 12.39
C ALA G 123 81.83 68.89 11.44
N ASN G 124 81.91 67.62 11.83
CA ASN G 124 81.27 66.55 11.08
C ASN G 124 80.70 65.44 11.95
N LYS G 125 80.80 65.55 13.27
CA LYS G 125 80.46 64.47 14.17
C LYS G 125 80.30 65.03 15.58
N LEU G 126 79.58 64.28 16.41
CA LEU G 126 79.33 64.67 17.79
C LEU G 126 80.29 63.94 18.72
N LEU G 127 80.77 64.64 19.74
CA LEU G 127 81.70 64.08 20.71
C LEU G 127 81.07 64.20 22.09
N VAL G 128 80.94 63.07 22.77
CA VAL G 128 80.44 63.03 24.15
C VAL G 128 81.59 62.53 25.02
N GLN G 129 82.25 63.44 25.70
CA GLN G 129 83.42 63.15 26.51
C GLN G 129 83.26 63.84 27.87
N PRO G 130 83.94 63.35 28.90
CA PRO G 130 83.91 64.06 30.19
C PRO G 130 84.59 65.42 30.11
N VAL G 131 84.21 66.28 31.03
CA VAL G 131 84.70 67.66 31.05
C VAL G 131 86.15 67.65 31.56
N PRO G 132 87.06 68.43 30.95
CA PRO G 132 88.42 68.55 31.48
C PRO G 132 88.48 69.25 32.83
N GLN H 27 41.81 47.98 -38.73
CA GLN H 27 42.72 47.28 -39.62
C GLN H 27 42.90 45.83 -39.19
N VAL H 28 43.16 45.65 -37.91
CA VAL H 28 43.28 44.34 -37.28
C VAL H 28 42.04 44.01 -36.46
N VAL H 29 41.62 44.93 -35.61
CA VAL H 29 40.33 44.88 -34.94
C VAL H 29 39.50 46.01 -35.53
N GLN H 30 38.47 45.67 -36.30
CA GLN H 30 37.72 46.67 -37.04
C GLN H 30 36.32 46.81 -36.47
N GLU H 31 35.88 48.06 -36.28
CA GLU H 31 34.53 48.36 -35.85
C GLU H 31 33.68 48.75 -37.05
N TYR H 32 32.46 48.24 -37.09
CA TYR H 32 31.49 48.66 -38.08
C TYR H 32 30.34 49.36 -37.38
N GLU H 33 29.73 50.31 -38.06
CA GLU H 33 28.55 50.99 -37.55
C GLU H 33 27.32 50.33 -38.15
N TYR H 34 26.38 49.96 -37.30
CA TYR H 34 25.21 49.22 -37.77
C TYR H 34 24.25 50.14 -38.50
N ALA H 35 24.00 49.82 -39.77
CA ALA H 35 22.95 50.43 -40.56
C ALA H 35 22.14 49.31 -41.19
N PRO H 36 20.84 49.50 -41.38
CA PRO H 36 20.01 48.43 -41.94
C PRO H 36 20.34 48.17 -43.41
N ASP H 37 20.51 46.88 -43.74
CA ASP H 37 20.79 46.37 -45.09
C ASP H 37 22.08 46.96 -45.66
N ARG H 38 23.19 46.66 -44.99
CA ARG H 38 24.52 47.04 -45.44
C ARG H 38 25.37 45.78 -45.55
N ILE H 39 26.27 45.76 -46.53
CA ILE H 39 27.10 44.60 -46.77
C ILE H 39 28.42 44.80 -46.03
N TYR H 40 28.65 44.03 -44.96
CA TYR H 40 29.85 44.14 -44.16
C TYR H 40 30.86 43.11 -44.62
N GLN H 41 32.09 43.53 -44.89
CA GLN H 41 33.12 42.65 -45.41
C GLN H 41 33.97 42.12 -44.26
N VAL H 42 34.07 40.81 -44.16
CA VAL H 42 34.90 40.13 -43.17
C VAL H 42 36.00 39.40 -43.91
N ARG H 43 37.24 39.72 -43.61
CA ARG H 43 38.39 39.15 -44.31
C ARG H 43 39.11 38.20 -43.37
N THR H 44 39.21 36.94 -43.77
CA THR H 44 39.75 35.89 -42.93
C THR H 44 41.07 35.37 -43.49
N GLY H 45 41.73 34.53 -42.68
CA GLY H 45 42.94 33.85 -43.11
C GLY H 45 42.80 32.37 -42.82
N LEU H 46 43.75 31.60 -43.36
CA LEU H 46 43.51 30.16 -43.44
C LEU H 46 43.74 29.44 -42.11
N GLY H 47 44.70 29.86 -41.31
CA GLY H 47 44.89 29.24 -40.01
C GLY H 47 44.65 30.18 -38.85
N ILE H 48 43.62 31.03 -38.97
CA ILE H 48 43.38 32.15 -38.09
C ILE H 48 41.88 32.21 -37.77
N THR H 49 41.54 32.22 -36.48
CA THR H 49 40.17 32.51 -36.11
C THR H 49 39.89 33.98 -36.24
N THR H 50 38.72 34.31 -36.79
CA THR H 50 38.18 35.66 -36.78
C THR H 50 36.86 35.59 -36.05
N GLN H 51 36.66 36.43 -35.05
CA GLN H 51 35.37 36.47 -34.38
C GLN H 51 34.61 37.71 -34.80
N VAL H 52 33.31 37.53 -35.05
CA VAL H 52 32.39 38.65 -35.17
C VAL H 52 31.59 38.71 -33.88
N GLU H 53 31.37 39.91 -33.38
CA GLU H 53 30.71 40.09 -32.09
C GLU H 53 29.49 40.97 -32.29
N LEU H 54 28.32 40.39 -32.05
CA LEU H 54 27.06 41.09 -32.21
C LEU H 54 26.71 41.78 -30.89
N SER H 55 25.50 42.29 -30.78
CA SER H 55 25.12 42.96 -29.55
C SER H 55 24.80 41.92 -28.47
N PRO H 56 25.15 42.20 -27.22
CA PRO H 56 24.75 41.31 -26.13
C PRO H 56 23.27 41.39 -25.79
N ASN H 57 22.56 42.36 -26.33
CA ASN H 57 21.18 42.62 -25.92
C ASN H 57 20.22 41.60 -26.54
N GLU H 58 20.34 41.36 -27.83
CA GLU H 58 19.37 40.56 -28.57
C GLU H 58 19.83 39.13 -28.74
N LYS H 59 18.86 38.23 -28.84
CA LYS H 59 19.11 36.81 -29.03
C LYS H 59 19.13 36.49 -30.52
N ILE H 60 20.10 35.67 -30.92
CA ILE H 60 20.24 35.30 -32.33
C ILE H 60 19.23 34.22 -32.67
N LEU H 61 18.37 34.50 -33.66
CA LEU H 61 17.36 33.54 -34.07
C LEU H 61 17.96 32.46 -34.96
N ASP H 62 18.53 32.85 -36.10
CA ASP H 62 19.04 31.88 -37.05
C ASP H 62 20.17 32.51 -37.87
N TYR H 63 20.86 31.65 -38.61
CA TYR H 63 21.96 32.06 -39.47
C TYR H 63 22.15 31.01 -40.54
N SER H 64 22.64 31.44 -41.70
CA SER H 64 22.89 30.51 -42.79
C SER H 64 23.93 31.10 -43.72
N THR H 65 25.02 30.37 -43.92
CA THR H 65 26.05 30.75 -44.87
C THR H 65 25.98 29.87 -46.11
N GLY H 66 26.23 30.45 -47.27
CA GLY H 66 26.39 29.67 -48.46
C GLY H 66 27.71 28.93 -48.43
N PHE H 67 27.72 27.74 -49.05
CA PHE H 67 28.87 26.82 -49.09
C PHE H 67 29.33 26.47 -47.67
N THR H 68 28.45 25.74 -46.98
CA THR H 68 28.62 25.46 -45.56
C THR H 68 29.84 24.58 -45.31
N GLY H 69 30.17 23.69 -46.23
CA GLY H 69 31.29 22.79 -46.04
C GLY H 69 32.66 23.37 -46.40
N GLY H 70 32.81 24.68 -46.24
CA GLY H 70 34.09 25.32 -46.44
C GLY H 70 34.36 26.33 -45.36
N TRP H 71 33.56 26.28 -44.30
CA TRP H 71 33.65 27.23 -43.20
C TRP H 71 33.31 26.51 -41.91
N GLU H 72 34.28 26.42 -41.00
CA GLU H 72 34.07 25.90 -39.66
C GLU H 72 33.71 27.07 -38.75
N LEU H 73 32.44 27.17 -38.39
CA LEU H 73 32.00 28.28 -37.54
C LEU H 73 31.13 27.74 -36.41
N THR H 74 31.42 28.20 -35.19
CA THR H 74 30.65 27.87 -34.00
C THR H 74 30.21 29.15 -33.33
N ARG H 75 29.15 29.08 -32.54
CA ARG H 75 28.65 30.27 -31.85
C ARG H 75 28.55 30.04 -30.35
N ARG H 76 28.79 31.11 -29.59
CA ARG H 76 28.52 31.14 -28.15
C ARG H 76 27.72 32.42 -27.86
N GLU H 77 26.41 32.35 -28.14
CA GLU H 77 25.33 33.23 -27.72
C GLU H 77 25.34 34.65 -28.28
N ASN H 78 26.49 35.18 -28.70
CA ASN H 78 26.51 36.33 -29.60
C ASN H 78 27.74 36.41 -30.49
N VAL H 79 28.67 35.46 -30.43
CA VAL H 79 29.95 35.57 -31.12
C VAL H 79 30.14 34.35 -32.00
N PHE H 80 30.55 34.59 -33.24
CA PHE H 80 30.78 33.53 -34.21
C PHE H 80 32.28 33.46 -34.48
N TYR H 81 32.89 32.32 -34.21
CA TYR H 81 34.31 32.12 -34.48
C TYR H 81 34.44 31.49 -35.86
N LEU H 82 34.88 32.27 -36.84
CA LEU H 82 34.93 31.85 -38.23
C LEU H 82 36.34 31.42 -38.60
N LYS H 83 36.44 30.32 -39.33
CA LYS H 83 37.70 29.96 -39.97
C LYS H 83 37.36 29.20 -41.24
N PRO H 84 38.06 29.46 -42.34
CA PRO H 84 37.80 28.75 -43.59
C PRO H 84 38.42 27.35 -43.56
N LYS H 85 38.19 26.60 -44.63
CA LYS H 85 38.80 25.29 -44.76
C LYS H 85 39.59 25.10 -46.04
N ASN H 86 39.44 25.97 -47.04
CA ASN H 86 40.19 25.82 -48.27
C ASN H 86 40.40 27.22 -48.84
N VAL H 87 41.10 27.28 -49.98
CA VAL H 87 41.63 28.56 -50.45
C VAL H 87 40.56 29.40 -51.14
N ASP H 88 39.51 28.80 -51.70
CA ASP H 88 38.46 29.55 -52.39
C ASP H 88 37.10 29.16 -51.82
N VAL H 89 36.74 29.79 -50.71
CA VAL H 89 35.48 29.50 -50.02
C VAL H 89 34.73 30.80 -49.80
N ASP H 90 34.91 31.76 -50.70
CA ASP H 90 34.29 33.08 -50.57
C ASP H 90 32.78 32.95 -50.66
N THR H 91 32.08 33.52 -49.70
CA THR H 91 30.63 33.36 -49.63
C THR H 91 30.04 34.51 -48.83
N ASN H 92 28.73 34.45 -48.62
CA ASN H 92 28.02 35.33 -47.72
C ASN H 92 27.62 34.59 -46.45
N MET H 93 27.29 35.36 -45.42
CA MET H 93 26.65 34.81 -44.24
C MET H 93 25.66 35.82 -43.72
N MET H 94 24.47 35.34 -43.38
CA MET H 94 23.38 36.20 -42.96
C MET H 94 22.95 35.81 -41.57
N ILE H 95 23.01 36.77 -40.65
CA ILE H 95 22.58 36.57 -39.28
C ILE H 95 21.30 37.36 -39.09
N ARG H 96 20.32 36.75 -38.43
CA ARG H 96 19.04 37.40 -38.20
C ARG H 96 18.73 37.26 -36.72
N THR H 97 18.81 38.37 -35.99
CA THR H 97 18.45 38.41 -34.59
C THR H 97 16.98 38.81 -34.46
N ALA H 98 16.57 39.20 -33.25
CA ALA H 98 15.18 39.58 -33.04
C ALA H 98 14.83 40.91 -33.69
N THR H 99 15.78 41.84 -33.75
CA THR H 99 15.50 43.15 -34.33
C THR H 99 16.57 43.65 -35.28
N HIS H 100 17.66 42.92 -35.48
CA HIS H 100 18.70 43.31 -36.41
C HIS H 100 18.88 42.25 -37.49
N SER H 101 19.48 42.66 -38.60
CA SER H 101 19.73 41.76 -39.73
C SER H 101 21.05 42.13 -40.36
N TYR H 102 21.97 41.18 -40.39
CA TYR H 102 23.34 41.40 -40.86
C TYR H 102 23.57 40.62 -42.13
N ILE H 103 24.27 41.24 -43.08
CA ILE H 103 24.67 40.55 -44.31
C ILE H 103 26.19 40.65 -44.37
N LEU H 104 26.86 39.59 -43.96
CA LEU H 104 28.32 39.54 -43.96
C LEU H 104 28.83 38.99 -45.28
N GLU H 105 29.98 39.48 -45.72
CA GLU H 105 30.55 39.11 -47.01
C GLU H 105 31.92 38.50 -46.75
N LEU H 106 31.96 37.19 -46.57
CA LEU H 106 33.15 36.48 -46.12
C LEU H 106 34.16 36.33 -47.24
N LYS H 107 35.42 36.61 -46.95
CA LYS H 107 36.50 36.53 -47.92
C LYS H 107 37.64 35.71 -47.32
N VAL H 108 38.59 35.35 -48.17
CA VAL H 108 39.84 34.72 -47.75
C VAL H 108 40.98 35.50 -48.37
N VAL H 109 41.83 36.10 -47.54
CA VAL H 109 42.82 37.04 -48.02
C VAL H 109 44.26 36.59 -47.72
N ALA H 110 44.49 35.73 -46.74
CA ALA H 110 45.83 35.22 -46.44
C ALA H 110 45.77 33.71 -46.35
N THR H 111 46.50 33.02 -47.23
CA THR H 111 46.48 31.58 -47.28
C THR H 111 47.85 30.92 -47.34
N ASP H 112 48.90 31.64 -47.72
CA ASP H 112 50.21 31.08 -48.02
C ASP H 112 51.24 31.52 -47.01
N TRP H 113 50.83 32.19 -45.93
CA TRP H 113 51.76 32.81 -45.00
C TRP H 113 52.47 31.76 -44.16
N GLN H 114 53.75 32.03 -43.87
CA GLN H 114 54.53 31.23 -42.93
C GLN H 114 54.74 31.95 -41.62
N ARG H 115 54.86 33.26 -41.66
CA ARG H 115 55.04 34.11 -40.50
C ARG H 115 53.76 34.90 -40.28
N LEU H 116 53.34 35.05 -39.02
CA LEU H 116 52.02 35.59 -38.74
C LEU H 116 51.94 37.09 -38.96
N GLU H 117 53.07 37.76 -39.12
CA GLU H 117 53.08 39.15 -39.55
C GLU H 117 52.70 39.30 -41.02
N GLN H 118 52.87 38.24 -41.82
CA GLN H 118 52.49 38.32 -43.23
C GLN H 118 50.99 38.31 -43.43
N ALA H 119 50.25 37.75 -42.47
CA ALA H 119 48.79 37.81 -42.57
C ALA H 119 48.25 39.15 -42.10
N LYS H 120 48.99 39.84 -41.23
CA LYS H 120 48.63 41.21 -40.85
C LYS H 120 48.68 42.13 -42.05
N GLN H 121 49.75 42.04 -42.83
CA GLN H 121 49.94 42.91 -43.99
C GLN H 121 49.04 42.51 -45.14
N ALA H 122 48.65 41.23 -45.22
CA ALA H 122 47.71 40.80 -46.24
C ALA H 122 46.33 41.37 -45.97
N GLY H 123 45.98 41.58 -44.70
CA GLY H 123 44.77 42.30 -44.40
C GLY H 123 43.73 41.50 -43.66
N VAL H 124 44.14 40.56 -42.82
CA VAL H 124 43.16 39.79 -42.07
C VAL H 124 42.56 40.65 -40.96
N GLN H 125 41.42 40.20 -40.45
CA GLN H 125 40.74 40.88 -39.37
C GLN H 125 40.57 39.88 -38.22
N TYR H 126 41.27 40.13 -37.12
CA TYR H 126 41.18 39.27 -35.95
C TYR H 126 39.81 39.36 -35.30
N LYS H 127 39.30 40.57 -35.12
CA LYS H 127 38.02 40.77 -34.45
C LYS H 127 37.16 41.70 -35.29
N VAL H 128 35.84 41.47 -35.26
CA VAL H 128 34.86 42.36 -35.86
C VAL H 128 33.81 42.65 -34.81
N VAL H 129 33.62 43.93 -34.48
CA VAL H 129 32.58 44.35 -33.54
C VAL H 129 31.72 45.41 -34.19
N PHE H 130 30.46 45.45 -33.79
CA PHE H 130 29.48 46.36 -34.35
C PHE H 130 29.09 47.40 -33.30
N THR H 131 29.16 48.67 -33.69
CA THR H 131 28.69 49.77 -32.85
C THR H 131 27.29 50.17 -33.29
N TYR H 132 26.44 50.48 -32.32
CA TYR H 132 25.02 50.70 -32.57
C TYR H 132 24.64 52.12 -32.22
N PRO H 133 24.42 52.99 -33.20
CA PRO H 133 24.04 54.37 -32.90
C PRO H 133 22.58 54.47 -32.51
N LYS H 134 22.24 55.58 -31.86
CA LYS H 134 20.85 55.87 -31.58
C LYS H 134 20.22 56.54 -32.80
N ASP H 135 18.89 56.68 -32.75
CA ASP H 135 18.13 57.16 -33.88
C ASP H 135 18.43 58.64 -34.15
N THR H 136 18.35 59.02 -35.43
CA THR H 136 18.77 60.36 -35.82
C THR H 136 17.75 61.42 -35.41
N SER H 137 16.55 61.02 -34.98
CA SER H 137 15.61 62.00 -34.47
C SER H 137 15.98 62.46 -33.07
N PHE H 138 16.82 61.68 -32.38
CA PHE H 138 17.31 62.11 -31.08
C PHE H 138 18.61 62.86 -31.20
N ASN H 139 19.27 62.78 -32.35
CA ASN H 139 20.53 63.52 -32.55
C ASN H 139 20.26 64.99 -32.81
N ASN H 140 19.03 65.32 -33.23
CA ASN H 140 18.67 66.72 -33.40
C ASN H 140 18.49 67.41 -32.05
N VAL H 141 18.23 66.64 -31.01
CA VAL H 141 18.10 67.16 -29.66
C VAL H 141 19.46 67.28 -28.99
N LYS H 148 30.12 67.75 -23.68
CA LYS H 148 31.19 67.29 -24.56
C LYS H 148 32.53 67.90 -24.13
N ASN H 149 32.48 69.16 -23.70
CA ASN H 149 33.68 69.91 -23.33
C ASN H 149 34.15 69.46 -21.95
N GLY H 150 34.83 68.31 -21.94
CA GLY H 150 35.38 67.76 -20.72
C GLY H 150 34.34 67.18 -19.81
N PRO H 151 34.75 66.82 -18.60
CA PRO H 151 33.83 66.22 -17.64
C PRO H 151 32.94 67.25 -16.97
N LEU H 152 31.78 66.77 -16.51
CA LEU H 152 30.80 67.65 -15.87
C LEU H 152 31.14 67.95 -14.43
N LEU H 153 31.84 67.05 -13.75
CA LEU H 153 32.20 67.23 -12.34
C LEU H 153 33.70 67.45 -12.29
N ASN H 154 34.12 68.68 -12.06
CA ASN H 154 35.52 69.02 -11.96
C ASN H 154 35.69 69.88 -10.72
N ALA H 155 36.40 69.35 -9.73
CA ALA H 155 36.50 69.98 -8.42
C ALA H 155 37.33 71.26 -8.42
N LYS H 156 38.12 71.49 -9.46
CA LYS H 156 38.83 72.75 -9.59
C LYS H 156 37.89 73.85 -10.05
N ILE H 157 38.40 75.08 -10.06
CA ILE H 157 37.67 76.23 -10.56
C ILE H 157 38.05 76.44 -12.01
N LEU H 158 37.08 76.37 -12.90
CA LEU H 158 37.36 76.46 -14.31
C LEU H 158 37.27 77.91 -14.78
N LYS H 159 37.76 78.16 -15.98
CA LYS H 159 37.77 79.51 -16.53
C LYS H 159 36.37 79.95 -16.93
N ASP H 160 35.54 79.04 -17.42
CA ASP H 160 34.27 79.37 -18.03
C ASP H 160 33.09 78.71 -17.33
N ARG H 161 33.10 78.72 -16.01
CA ARG H 161 31.96 78.27 -15.22
C ARG H 161 31.64 79.32 -14.17
N ARG H 162 30.36 79.42 -13.84
CA ARG H 162 29.87 80.43 -12.91
C ARG H 162 29.67 79.79 -11.54
N TYR H 163 30.32 80.34 -10.53
CA TYR H 163 30.29 79.81 -9.18
C TYR H 163 29.52 80.74 -8.25
N TYR H 164 29.06 80.18 -7.14
CA TYR H 164 28.21 80.91 -6.20
C TYR H 164 28.71 80.69 -4.79
N TYR H 165 29.47 81.65 -4.27
CA TYR H 165 30.11 81.54 -2.96
C TYR H 165 29.29 82.26 -1.91
N ASP H 166 28.11 81.74 -1.60
CA ASP H 166 27.28 82.40 -0.60
C ASP H 166 26.49 81.31 0.13
N TYR H 167 27.05 80.83 1.23
CA TYR H 167 26.47 79.75 2.01
C TYR H 167 26.69 80.02 3.49
N ASP H 168 25.74 79.57 4.30
CA ASP H 168 25.80 79.76 5.75
C ASP H 168 25.87 78.40 6.44
N TYR H 169 26.08 78.42 7.75
CA TYR H 169 26.02 77.21 8.54
C TYR H 169 25.40 77.53 9.89
N ALA H 170 24.72 76.55 10.47
CA ALA H 170 24.09 76.72 11.77
C ALA H 170 24.19 75.43 12.56
N THR H 171 24.68 75.53 13.79
CA THR H 171 24.85 74.36 14.64
C THR H 171 24.86 74.80 16.10
N ARG H 172 24.60 73.84 17.00
CA ARG H 172 24.52 74.15 18.42
C ARG H 172 25.89 74.48 19.00
N THR H 173 26.84 73.57 18.85
CA THR H 173 28.18 73.77 19.38
C THR H 173 28.91 74.85 18.58
N LYS H 174 29.73 75.64 19.26
CA LYS H 174 30.37 76.79 18.63
C LYS H 174 31.50 76.36 17.69
N LYS H 175 32.53 75.72 18.24
CA LYS H 175 33.64 75.21 17.44
C LYS H 175 33.49 73.70 17.36
N SER H 176 32.96 73.22 16.25
CA SER H 176 32.81 71.80 16.00
C SER H 176 33.76 71.35 14.91
N TRP H 177 33.99 70.04 14.86
CA TRP H 177 34.75 69.42 13.78
C TRP H 177 33.87 69.02 12.61
N LEU H 178 32.58 69.33 12.66
CA LEU H 178 31.67 68.98 11.59
C LEU H 178 31.34 70.16 10.70
N ILE H 179 31.78 71.36 11.06
CA ILE H 179 31.57 72.55 10.24
C ILE H 179 32.41 72.44 8.97
N PRO H 180 31.83 72.60 7.79
CA PRO H 180 32.62 72.53 6.56
C PRO H 180 33.57 73.70 6.43
N SER H 181 34.67 73.47 5.73
CA SER H 181 35.63 74.53 5.49
C SER H 181 35.13 75.51 4.44
N ARG H 182 34.74 74.99 3.28
CA ARG H 182 34.31 75.80 2.15
C ARG H 182 33.16 75.10 1.45
N VAL H 183 32.10 75.83 1.14
CA VAL H 183 30.96 75.30 0.42
C VAL H 183 30.67 76.23 -0.75
N TYR H 184 30.54 75.67 -1.95
CA TYR H 184 30.18 76.44 -3.14
C TYR H 184 29.53 75.49 -4.13
N ASP H 185 29.23 76.00 -5.32
CA ASP H 185 28.66 75.16 -6.38
C ASP H 185 28.93 75.78 -7.74
N ASP H 186 28.79 74.96 -8.78
CA ASP H 186 28.96 75.41 -10.16
C ASP H 186 27.65 75.43 -10.93
N GLY H 187 26.53 75.45 -10.24
CA GLY H 187 25.23 75.36 -10.85
C GLY H 187 24.68 73.96 -10.98
N LYS H 188 25.56 72.96 -11.01
CA LYS H 188 25.15 71.57 -11.18
C LYS H 188 25.57 70.66 -10.05
N PHE H 189 26.65 70.97 -9.34
CA PHE H 189 27.13 70.14 -8.24
C PHE H 189 27.51 71.05 -7.08
N THR H 190 27.20 70.64 -5.85
CA THR H 190 27.55 71.39 -4.66
C THR H 190 28.80 70.77 -4.02
N TYR H 191 29.84 71.58 -3.84
CA TYR H 191 31.16 71.08 -3.45
C TYR H 191 31.41 71.40 -1.98
N ILE H 192 31.00 70.50 -1.10
CA ILE H 192 31.30 70.64 0.32
C ILE H 192 32.75 70.23 0.54
N ASN H 193 33.52 71.07 1.21
CA ASN H 193 34.95 70.84 1.42
C ASN H 193 35.24 70.89 2.90
N MET H 194 35.98 69.90 3.40
CA MET H 194 36.19 69.74 4.84
C MET H 194 37.64 69.46 5.17
N ASP H 195 38.58 70.05 4.44
CA ASP H 195 39.99 69.72 4.57
C ASP H 195 40.77 70.70 5.45
N LEU H 196 40.09 71.39 6.36
CA LEU H 196 40.78 72.17 7.39
C LEU H 196 40.39 71.77 8.80
N THR H 197 39.35 70.96 8.98
CA THR H 197 39.08 70.33 10.26
C THR H 197 39.92 69.06 10.32
N ARG H 198 41.17 69.24 10.72
CA ARG H 198 42.22 68.24 10.49
C ARG H 198 42.28 67.17 11.56
N PHE H 199 41.90 67.49 12.83
CA PHE H 199 42.22 66.60 13.93
C PHE H 199 41.46 65.28 13.93
N PRO H 200 40.13 65.23 14.02
CA PRO H 200 39.52 63.89 14.20
C PRO H 200 39.57 63.13 12.88
N THR H 201 40.20 61.97 12.88
CA THR H 201 40.33 61.23 11.64
C THR H 201 39.00 60.65 11.19
N GLY H 202 38.12 60.34 12.14
CA GLY H 202 36.78 59.93 11.77
C GLY H 202 35.78 61.07 11.77
N ASN H 203 35.88 61.98 10.79
CA ASN H 203 35.04 63.18 10.79
C ASN H 203 34.17 63.28 9.54
N PHE H 204 33.88 62.17 8.87
CA PHE H 204 33.29 62.27 7.54
C PHE H 204 31.80 62.03 7.64
N PRO H 205 30.96 62.99 7.23
CA PRO H 205 29.52 62.89 7.47
C PRO H 205 28.71 62.20 6.39
N ALA H 206 27.39 62.25 6.57
CA ALA H 206 26.42 61.89 5.55
C ALA H 206 25.56 63.11 5.24
N VAL H 207 25.54 63.51 3.97
CA VAL H 207 24.89 64.76 3.56
C VAL H 207 23.50 64.46 3.04
N PHE H 208 22.51 65.16 3.59
CA PHE H 208 21.13 65.14 3.12
C PHE H 208 20.79 66.49 2.54
N ALA H 209 19.53 66.67 2.14
CA ALA H 209 19.10 67.95 1.61
C ALA H 209 17.65 68.17 1.98
N ARG H 210 17.22 69.43 1.86
CA ARG H 210 15.96 69.81 2.46
C ARG H 210 15.42 71.02 1.70
N GLU H 211 14.10 71.07 1.50
CA GLU H 211 13.52 72.15 0.69
C GLU H 211 13.19 73.39 1.49
N LYS H 212 12.88 73.26 2.77
CA LYS H 212 12.65 74.38 3.65
C LYS H 212 13.66 74.32 4.79
N GLU H 213 13.49 75.18 5.79
CA GLU H 213 14.50 75.20 6.85
C GLU H 213 14.30 74.05 7.83
N HIS H 214 13.07 73.82 8.28
CA HIS H 214 12.78 72.78 9.25
C HIS H 214 11.78 71.78 8.70
N ALA H 215 11.86 71.51 7.40
CA ALA H 215 11.06 70.48 6.78
C ALA H 215 11.73 69.12 6.98
N GLU H 216 11.24 68.09 6.32
CA GLU H 216 11.81 66.76 6.43
C GLU H 216 12.80 66.56 5.29
N ASP H 217 13.99 66.08 5.62
CA ASP H 217 15.05 65.97 4.63
C ASP H 217 14.90 64.71 3.79
N PHE H 218 15.64 64.67 2.69
CA PHE H 218 15.61 63.55 1.76
C PHE H 218 17.03 63.24 1.32
N LEU H 219 17.16 62.38 0.32
CA LEU H 219 18.43 61.76 -0.04
C LEU H 219 19.01 62.36 -1.32
N VAL H 220 20.34 62.45 -1.36
CA VAL H 220 21.07 62.95 -2.52
C VAL H 220 22.12 61.93 -2.93
N ASN H 221 22.58 62.04 -4.16
CA ASN H 221 23.68 61.24 -4.64
C ASN H 221 24.98 61.99 -4.44
N THR H 222 25.97 61.34 -3.87
CA THR H 222 27.23 61.99 -3.55
C THR H 222 28.39 61.21 -4.14
N THR H 223 29.38 61.93 -4.63
CA THR H 223 30.70 61.37 -4.91
C THR H 223 31.73 62.19 -4.15
N VAL H 224 32.86 61.57 -3.85
CA VAL H 224 33.86 62.15 -2.98
C VAL H 224 35.24 62.05 -3.61
N GLU H 225 36.07 63.08 -3.39
CA GLU H 225 37.42 63.13 -3.94
C GLU H 225 38.34 63.64 -2.83
N GLY H 226 38.90 62.71 -2.06
CA GLY H 226 39.77 63.10 -0.97
C GLY H 226 39.01 63.54 0.26
N ASN H 227 39.05 64.83 0.56
CA ASN H 227 38.26 65.39 1.65
C ASN H 227 37.09 66.24 1.15
N THR H 228 36.89 66.32 -0.16
CA THR H 228 35.79 67.08 -0.73
C THR H 228 34.61 66.14 -0.92
N LEU H 229 33.46 66.50 -0.35
CA LEU H 229 32.23 65.77 -0.57
C LEU H 229 31.42 66.55 -1.59
N ILE H 230 31.07 65.92 -2.70
CA ILE H 230 30.44 66.59 -3.82
C ILE H 230 29.03 66.06 -3.99
N VAL H 231 28.05 66.94 -3.93
CA VAL H 231 26.64 66.57 -3.92
C VAL H 231 26.06 66.85 -5.29
N HIS H 232 25.43 65.84 -5.89
CA HIS H 232 24.86 65.93 -7.23
C HIS H 232 23.60 66.78 -7.18
N GLY H 233 23.72 68.06 -7.51
CA GLY H 233 22.58 68.94 -7.56
C GLY H 233 22.64 70.08 -6.57
N THR H 234 22.04 71.22 -6.90
CA THR H 234 22.02 72.39 -6.02
C THR H 234 20.68 72.45 -5.31
N TYR H 235 20.73 72.69 -4.00
CA TYR H 235 19.57 72.62 -3.13
C TYR H 235 19.49 73.89 -2.30
N PRO H 236 18.30 74.23 -1.79
CA PRO H 236 18.23 75.37 -0.88
C PRO H 236 18.91 75.11 0.45
N PHE H 237 18.79 73.90 0.99
CA PHE H 237 19.37 73.54 2.28
C PHE H 237 20.07 72.20 2.17
N LEU H 238 21.20 72.07 2.86
CA LEU H 238 21.90 70.81 3.00
C LEU H 238 21.99 70.50 4.49
N VAL H 239 21.83 69.24 4.85
CA VAL H 239 21.91 68.81 6.24
C VAL H 239 23.06 67.82 6.36
N VAL H 240 23.92 68.04 7.36
CA VAL H 240 25.16 67.31 7.51
C VAL H 240 25.14 66.62 8.87
N ARG H 241 25.12 65.29 8.89
CA ARG H 241 24.91 64.52 10.11
C ARG H 241 26.07 63.59 10.39
N HIS H 242 26.42 63.44 11.67
CA HIS H 242 27.39 62.46 12.12
C HIS H 242 26.94 61.85 13.45
N GLY H 243 25.66 61.50 13.54
CA GLY H 243 25.17 60.88 14.75
C GLY H 243 24.19 61.75 15.50
N ASP H 244 24.60 62.24 16.67
CA ASP H 244 23.78 63.17 17.44
C ASP H 244 24.05 64.63 17.11
N ASN H 245 25.13 64.93 16.40
CA ASN H 245 25.46 66.30 16.05
C ASN H 245 25.23 66.57 14.57
N VAL H 246 24.66 67.73 14.28
CA VAL H 246 24.11 68.06 12.97
C VAL H 246 24.46 69.52 12.64
N VAL H 247 24.78 69.77 11.38
CA VAL H 247 25.12 71.11 10.88
C VAL H 247 24.25 71.38 9.67
N GLY H 248 23.45 72.44 9.72
CA GLY H 248 22.67 72.84 8.56
C GLY H 248 23.46 73.77 7.66
N LEU H 249 23.02 73.90 6.41
CA LEU H 249 23.73 74.69 5.41
C LEU H 249 22.71 75.39 4.53
N ARG H 250 22.54 76.69 4.71
CA ARG H 250 21.64 77.47 3.86
C ARG H 250 22.40 78.04 2.69
N ARG H 251 21.83 77.90 1.50
CA ARG H 251 22.22 78.71 0.37
C ARG H 251 21.45 80.03 0.44
N ASN H 252 22.17 81.14 0.49
CA ASN H 252 21.51 82.43 0.61
C ASN H 252 20.88 82.83 -0.73
N LYS H 253 19.81 83.60 -0.64
CA LYS H 253 19.00 83.91 -1.82
C LYS H 253 19.68 84.95 -2.68
N GLN H 254 19.60 84.77 -3.98
CA GLN H 254 20.21 85.65 -4.96
C GLN H 254 19.54 87.02 -4.93
N LYS H 255 20.26 88.02 -4.46
CA LYS H 255 19.74 89.38 -4.41
C LYS H 255 19.73 90.01 -5.79
N PRO I 150 68.12 -8.03 -22.14
CA PRO I 150 68.56 -6.63 -22.29
C PRO I 150 69.71 -6.29 -21.37
N THR I 151 70.21 -5.07 -21.45
CA THR I 151 71.27 -4.61 -20.55
C THR I 151 70.63 -3.93 -19.34
N LEU I 152 71.44 -3.22 -18.56
CA LEU I 152 70.94 -2.55 -17.37
C LEU I 152 70.26 -1.24 -17.73
N LEU I 153 70.88 -0.45 -18.61
CA LEU I 153 70.30 0.82 -19.05
C LEU I 153 69.04 0.59 -19.88
N GLU I 154 69.07 -0.40 -20.77
CA GLU I 154 67.93 -0.69 -21.64
C GLU I 154 66.75 -1.29 -20.90
N ARG I 155 66.95 -1.72 -19.64
CA ARG I 155 65.87 -2.30 -18.87
C ARG I 155 65.10 -1.24 -18.10
N ARG I 156 65.81 -0.24 -17.55
CA ARG I 156 65.16 0.83 -16.78
C ARG I 156 64.30 1.70 -17.68
N ILE I 157 64.68 1.83 -18.95
CA ILE I 157 63.82 2.49 -19.92
C ILE I 157 62.60 1.62 -20.19
N LEU I 158 62.80 0.31 -20.27
CA LEU I 158 61.74 -0.63 -20.64
C LEU I 158 60.78 -0.88 -19.49
N ALA I 159 61.33 -1.17 -18.29
CA ALA I 159 60.48 -1.52 -17.15
C ALA I 159 59.69 -0.31 -16.63
N GLU I 160 60.16 0.90 -16.89
CA GLU I 160 59.43 2.09 -16.51
C GLU I 160 58.57 2.63 -17.64
N SER I 161 58.45 1.91 -18.75
CA SER I 161 57.59 2.30 -19.85
C SER I 161 56.97 1.08 -20.52
N GLY I 183 38.37 16.55 14.82
CA GLY I 183 37.57 16.89 13.66
C GLY I 183 38.35 17.64 12.60
N PRO I 184 38.46 18.95 12.74
CA PRO I 184 39.25 19.74 11.80
C PRO I 184 40.75 19.59 12.06
N VAL I 185 41.53 20.27 11.24
CA VAL I 185 42.97 20.25 11.41
C VAL I 185 43.42 21.59 12.00
N THR I 186 44.49 21.55 12.79
CA THR I 186 45.02 22.71 13.48
C THR I 186 46.43 22.98 12.98
N LEU I 187 46.62 24.09 12.30
CA LEU I 187 47.90 24.44 11.71
C LEU I 187 48.32 25.82 12.15
N ALA I 188 49.60 26.14 11.93
CA ALA I 188 50.17 27.42 12.31
C ALA I 188 51.09 27.87 11.18
N LYS I 189 50.55 28.66 10.27
CA LYS I 189 51.25 29.11 9.08
C LYS I 189 51.54 30.60 9.17
N PRO I 190 52.55 31.10 8.44
CA PRO I 190 52.77 32.55 8.43
C PRO I 190 51.68 33.26 7.64
N ILE I 191 51.42 34.49 8.04
CA ILE I 191 50.34 35.27 7.46
C ILE I 191 50.78 35.76 6.08
N SER I 192 49.85 35.83 5.15
CA SER I 192 50.16 35.95 3.73
C SER I 192 49.79 37.33 3.24
N ASN I 193 50.77 38.03 2.66
CA ASN I 193 50.69 39.38 2.12
C ASN I 193 50.07 40.36 3.12
N PRO I 194 50.79 40.73 4.18
CA PRO I 194 50.19 41.63 5.18
C PRO I 194 50.13 43.08 4.75
N ASP I 195 50.76 43.46 3.64
CA ASP I 195 50.69 44.85 3.21
C ASP I 195 49.33 45.19 2.61
N GLY I 196 48.56 44.21 2.17
CA GLY I 196 47.27 44.47 1.60
C GLY I 196 46.17 43.59 2.16
N LEU I 197 46.25 43.25 3.43
CA LEU I 197 45.33 42.31 4.05
C LEU I 197 44.33 43.06 4.90
N LEU I 198 43.04 42.87 4.60
CA LEU I 198 41.96 43.34 5.46
C LEU I 198 41.51 42.12 6.26
N VAL I 199 42.06 41.96 7.45
CA VAL I 199 42.00 40.70 8.15
C VAL I 199 40.61 40.49 8.74
N ARG I 200 40.31 39.26 9.10
CA ARG I 200 39.10 38.94 9.86
C ARG I 200 39.18 39.58 11.22
N GLY I 201 38.25 40.47 11.51
CA GLY I 201 38.20 41.12 12.78
C GLY I 201 38.54 42.60 12.80
N THR I 202 38.57 43.26 11.65
CA THR I 202 38.67 44.71 11.69
C THR I 202 37.26 45.28 11.71
N TYR I 203 37.15 46.51 12.22
CA TYR I 203 35.86 47.13 12.46
C TYR I 203 35.74 48.32 11.53
N ILE I 204 34.81 48.24 10.60
CA ILE I 204 34.58 49.32 9.65
C ILE I 204 33.47 50.19 10.24
N ARG I 205 33.82 51.38 10.70
CA ARG I 205 32.83 52.30 11.26
C ARG I 205 32.22 53.10 10.13
N CYS I 206 30.91 53.05 10.00
CA CYS I 206 30.20 53.84 9.01
C CYS I 206 28.98 54.45 9.66
N ILE I 207 28.49 55.53 9.08
CA ILE I 207 27.28 56.18 9.57
C ILE I 207 26.18 55.98 8.54
N LEU I 208 24.97 55.73 9.03
CA LEU I 208 23.88 55.27 8.18
C LEU I 208 23.34 56.42 7.34
N GLU I 209 22.96 56.12 6.11
CA GLU I 209 22.38 57.10 5.20
C GLU I 209 20.92 56.84 4.87
N THR I 210 20.52 55.58 4.73
CA THR I 210 19.13 55.23 4.47
C THR I 210 18.46 54.79 5.76
N ARG I 211 17.38 55.48 6.13
CA ARG I 211 16.60 55.14 7.31
C ARG I 211 15.97 53.76 7.23
N ILE I 212 16.43 52.82 8.05
CA ILE I 212 15.97 51.44 7.98
C ILE I 212 14.64 51.32 8.70
N ILE I 213 13.66 50.68 8.06
CA ILE I 213 12.39 50.32 8.70
C ILE I 213 12.10 48.87 8.37
N SER I 214 11.89 48.05 9.41
CA SER I 214 11.73 46.60 9.23
C SER I 214 10.27 46.26 8.97
N ASP I 215 9.85 46.50 7.74
CA ASP I 215 8.56 46.03 7.26
C ASP I 215 8.70 45.02 6.13
N PHE I 216 9.38 45.39 5.05
CA PHE I 216 9.43 44.52 3.88
C PHE I 216 10.80 43.94 3.61
N GLY I 217 11.87 44.55 4.08
CA GLY I 217 13.16 43.99 3.80
C GLY I 217 13.65 44.54 2.50
N GLY I 218 14.74 45.29 2.54
CA GLY I 218 15.23 45.99 1.36
C GLY I 218 16.70 46.15 1.42
N TYR I 219 17.17 47.34 1.10
CA TYR I 219 18.57 47.62 0.86
C TYR I 219 18.99 48.84 1.66
N THR I 220 20.19 48.80 2.21
CA THR I 220 20.73 49.85 3.04
C THR I 220 21.98 50.43 2.41
N SER I 221 22.45 51.55 2.96
CA SER I 221 23.69 52.17 2.51
C SER I 221 24.23 53.03 3.64
N CYS I 222 25.48 52.82 4.00
CA CYS I 222 26.12 53.65 5.03
C CYS I 222 27.44 54.16 4.48
N ILE I 223 27.76 55.40 4.81
CA ILE I 223 28.99 56.03 4.38
C ILE I 223 30.04 55.80 5.44
N VAL I 224 31.20 55.25 5.02
CA VAL I 224 32.32 55.03 5.93
C VAL I 224 32.79 56.36 6.47
N THR I 225 33.20 56.38 7.75
CA THR I 225 33.59 57.62 8.39
C THR I 225 35.05 57.67 8.82
N GLU I 226 35.71 56.53 9.02
CA GLU I 226 37.10 56.55 9.42
C GLU I 226 37.90 55.64 8.50
N PRO I 227 39.09 56.06 8.06
CA PRO I 227 39.88 55.24 7.16
C PRO I 227 40.35 53.94 7.80
N VAL I 228 40.32 52.88 7.01
CA VAL I 228 40.61 51.52 7.47
C VAL I 228 41.90 51.07 6.81
N TYR I 229 42.90 50.76 7.61
CA TYR I 229 44.24 50.45 7.14
C TYR I 229 44.40 48.94 7.04
N SER I 230 45.63 48.48 6.85
CA SER I 230 45.94 47.07 6.66
C SER I 230 45.93 46.33 8.00
N ILE I 231 46.44 45.09 8.01
CA ILE I 231 46.63 44.39 9.28
C ILE I 231 47.73 45.05 10.10
N ASN I 232 48.74 45.60 9.45
CA ASN I 232 49.85 46.22 10.15
C ASN I 232 50.04 47.69 9.78
N GLY I 233 49.07 48.28 9.11
CA GLY I 233 49.05 49.72 8.92
C GLY I 233 49.98 50.26 7.86
N HIS I 234 50.49 49.44 6.95
CA HIS I 234 51.38 50.01 5.97
C HIS I 234 50.64 50.65 4.80
N ASN I 235 49.37 50.33 4.62
CA ASN I 235 48.62 50.80 3.45
C ASN I 235 47.23 51.21 3.86
N LEU I 236 46.66 52.14 3.09
CA LEU I 236 45.28 52.56 3.27
C LEU I 236 44.38 51.73 2.37
N LEU I 237 43.50 50.94 2.96
CA LEU I 237 42.70 50.04 2.15
C LEU I 237 41.36 50.69 1.78
N LEU I 238 40.55 51.01 2.78
CA LEU I 238 39.28 51.67 2.54
C LEU I 238 39.42 53.14 2.89
N PRO I 239 39.34 54.06 1.94
CA PRO I 239 39.48 55.49 2.27
C PRO I 239 38.34 56.05 3.08
N LYS I 240 38.38 57.36 3.31
CA LYS I 240 37.52 57.97 4.31
C LYS I 240 36.07 58.06 3.87
N GLY I 241 35.78 58.19 2.58
CA GLY I 241 34.41 58.42 2.20
C GLY I 241 33.74 57.34 1.38
N SER I 242 34.09 56.08 1.61
CA SER I 242 33.54 54.97 0.87
C SER I 242 32.08 54.74 1.25
N LYS I 243 31.36 54.00 0.40
CA LYS I 243 29.99 53.61 0.68
C LYS I 243 29.92 52.11 0.91
N MET I 244 29.41 51.71 2.06
CA MET I 244 29.09 50.32 2.27
C MET I 244 27.63 50.06 1.92
N LEU I 245 27.38 48.88 1.37
CA LEU I 245 26.12 48.54 0.76
C LEU I 245 25.67 47.21 1.35
N GLY I 246 24.45 47.15 1.86
CA GLY I 246 23.97 45.97 2.54
C GLY I 246 22.51 45.74 2.28
N GLN I 247 21.98 44.67 2.88
CA GLN I 247 20.57 44.34 2.75
C GLN I 247 20.14 43.47 3.91
N TYR I 248 18.86 43.53 4.23
CA TYR I 248 18.26 42.82 5.36
C TYR I 248 16.99 42.14 4.88
N SER I 249 16.31 41.46 5.79
CA SER I 249 15.15 40.67 5.45
C SER I 249 14.01 41.00 6.40
N ALA I 250 12.79 40.81 5.91
CA ALA I 250 11.61 41.12 6.70
C ALA I 250 11.38 40.07 7.78
N GLY I 251 10.84 40.50 8.90
CA GLY I 251 10.53 39.57 9.97
C GLY I 251 9.83 40.30 11.09
N GLU I 252 9.30 39.52 12.02
CA GLU I 252 8.72 40.07 13.23
C GLU I 252 9.85 40.40 14.20
N PRO I 253 9.99 41.65 14.62
CA PRO I 253 11.06 41.99 15.56
C PRO I 253 10.76 41.59 16.98
N THR I 254 11.04 40.33 17.33
CA THR I 254 10.94 39.86 18.70
C THR I 254 11.94 40.60 19.57
N SER I 255 13.23 40.39 19.30
CA SER I 255 14.26 41.18 19.95
C SER I 255 14.28 42.57 19.34
N HIS I 256 14.75 43.55 20.11
CA HIS I 256 14.78 44.93 19.61
C HIS I 256 16.09 45.25 18.90
N ARG I 257 16.47 44.38 17.96
CA ARG I 257 17.65 44.56 17.14
C ARG I 257 17.35 44.06 15.74
N LEU I 258 18.06 44.59 14.77
CA LEU I 258 17.89 44.22 13.38
C LEU I 258 19.21 43.67 12.87
N GLN I 259 19.14 42.76 11.91
CA GLN I 259 20.30 42.01 11.45
C GLN I 259 20.53 42.30 9.98
N VAL I 260 21.62 43.01 9.67
CA VAL I 260 21.96 43.45 8.32
C VAL I 260 23.26 42.74 7.93
N VAL I 261 23.37 42.35 6.66
CA VAL I 261 24.57 41.71 6.14
C VAL I 261 25.17 42.64 5.09
N TRP I 262 26.23 43.35 5.45
CA TRP I 262 26.87 44.32 4.57
C TRP I 262 27.83 43.59 3.65
N ASP I 263 27.72 43.81 2.34
CA ASP I 263 28.40 42.90 1.44
C ASP I 263 29.09 43.54 0.23
N ARG I 264 29.27 44.86 0.20
CA ARG I 264 29.98 45.51 -0.90
C ARG I 264 30.39 46.90 -0.46
N VAL I 265 31.62 47.29 -0.81
CA VAL I 265 32.13 48.65 -0.60
C VAL I 265 32.67 49.15 -1.92
N THR I 266 32.38 50.41 -2.26
CA THR I 266 32.94 51.07 -3.43
C THR I 266 33.71 52.30 -2.98
N THR I 267 35.03 52.28 -3.14
CA THR I 267 35.90 53.30 -2.58
C THR I 267 35.98 54.53 -3.49
N PRO I 268 36.41 55.69 -2.95
CA PRO I 268 36.67 56.85 -3.82
C PRO I 268 37.86 56.67 -4.72
N THR I 269 38.76 55.74 -4.41
CA THR I 269 39.95 55.48 -5.22
C THR I 269 39.70 54.42 -6.27
N GLY I 270 38.45 54.12 -6.58
CA GLY I 270 38.11 53.24 -7.68
C GLY I 270 38.32 51.77 -7.39
N LEU I 271 37.64 51.25 -6.36
CA LEU I 271 37.67 49.83 -6.06
C LEU I 271 36.26 49.33 -5.81
N ASP I 272 36.12 48.02 -5.79
CA ASP I 272 34.82 47.38 -5.64
C ASP I 272 35.05 46.05 -4.93
N VAL I 273 34.94 46.06 -3.61
CA VAL I 273 35.22 44.89 -2.81
C VAL I 273 33.89 44.25 -2.44
N THR I 274 33.94 42.97 -2.09
CA THR I 274 32.73 42.19 -1.89
C THR I 274 32.82 41.34 -0.63
N LEU I 275 33.19 41.99 0.48
CA LEU I 275 33.42 41.37 1.77
C LEU I 275 32.14 40.73 2.33
N MET I 276 32.34 39.92 3.36
CA MET I 276 31.24 39.33 4.11
C MET I 276 31.28 39.94 5.50
N GLY I 277 30.47 40.96 5.73
CA GLY I 277 30.45 41.61 7.01
C GLY I 277 29.07 41.68 7.60
N PRO I 278 28.83 40.94 8.68
CA PRO I 278 27.60 41.14 9.44
C PRO I 278 27.67 42.43 10.23
N GLY I 279 26.59 43.19 10.20
CA GLY I 279 26.54 44.44 10.92
C GLY I 279 26.44 44.20 12.42
N ILE I 280 27.22 44.97 13.17
CA ILE I 280 27.27 44.85 14.62
C ILE I 280 26.96 46.20 15.25
N ASP I 281 26.82 46.19 16.56
CA ASP I 281 26.68 47.36 17.40
C ASP I 281 27.99 48.16 17.38
N THR I 282 27.95 49.37 17.92
CA THR I 282 29.16 50.17 17.99
C THR I 282 30.11 49.71 19.10
N LEU I 283 29.69 48.78 19.96
CA LEU I 283 30.58 48.12 20.90
C LEU I 283 30.85 46.66 20.55
N GLY I 284 30.26 46.14 19.48
CA GLY I 284 30.57 44.81 19.02
C GLY I 284 29.48 43.79 19.15
N SER I 285 28.31 44.18 19.66
CA SER I 285 27.22 43.23 19.81
C SER I 285 26.55 42.97 18.47
N SER I 286 26.14 41.73 18.24
CA SER I 286 25.62 41.35 16.94
C SER I 286 24.23 41.94 16.72
N GLY I 287 24.05 42.61 15.59
CA GLY I 287 22.78 43.20 15.25
C GLY I 287 22.68 44.67 15.58
N HIS I 288 22.01 45.44 14.74
CA HIS I 288 21.91 46.87 14.97
C HIS I 288 20.70 47.17 15.84
N PRO I 289 20.85 47.97 16.89
CA PRO I 289 19.69 48.28 17.74
C PRO I 289 18.82 49.37 17.11
N GLY I 290 17.51 49.22 17.29
CA GLY I 290 16.57 50.15 16.70
C GLY I 290 15.56 50.70 17.69
N ASN I 291 14.52 51.35 17.18
CA ASN I 291 13.46 51.94 17.99
C ASN I 291 12.19 51.14 17.79
N TYR I 292 11.88 50.27 18.74
CA TYR I 292 10.73 49.37 18.62
C TYR I 292 9.43 50.15 18.77
N ASN I 293 8.43 49.79 17.98
CA ASN I 293 7.15 50.51 17.97
C ASN I 293 6.07 49.48 17.67
N ALA I 294 5.44 48.95 18.70
CA ALA I 294 4.19 48.22 18.53
C ALA I 294 3.07 49.24 18.44
N HIS I 295 2.29 49.17 17.38
CA HIS I 295 1.40 50.28 17.02
C HIS I 295 0.11 50.17 17.82
N TRP I 296 0.21 50.48 19.11
CA TRP I 296 -0.99 50.41 19.94
C TRP I 296 -1.91 51.62 19.79
N GLY I 297 -1.49 52.64 19.05
CA GLY I 297 -2.41 53.72 18.73
C GLY I 297 -3.44 53.29 17.71
N ASN I 298 -3.02 52.52 16.70
CA ASN I 298 -3.93 52.11 15.65
C ASN I 298 -4.68 50.83 15.99
N LYS I 299 -4.12 49.99 16.86
CA LYS I 299 -4.81 48.74 17.20
C LYS I 299 -5.99 49.00 18.12
N ILE I 300 -5.88 50.02 18.97
CA ILE I 300 -6.97 50.32 19.89
C ILE I 300 -8.08 51.08 19.16
N ALA I 301 -7.73 52.10 18.38
CA ALA I 301 -8.72 53.01 17.82
C ALA I 301 -9.56 52.34 16.73
N SER I 302 -9.04 51.28 16.11
CA SER I 302 -9.81 50.59 15.08
C SER I 302 -10.84 49.66 15.71
N ALA I 303 -10.67 49.30 16.97
CA ALA I 303 -11.56 48.35 17.62
C ALA I 303 -12.27 48.92 18.84
N LEU I 304 -11.88 50.11 19.30
CA LEU I 304 -12.63 50.75 20.37
C LEU I 304 -13.89 51.42 19.82
N PHE I 305 -13.79 52.05 18.66
CA PHE I 305 -14.86 52.90 18.17
C PHE I 305 -16.06 52.08 17.68
N ILE I 306 -15.82 50.87 17.19
CA ILE I 306 -16.95 50.08 16.71
C ILE I 306 -17.46 49.17 17.81
N SER I 307 -16.64 48.86 18.82
CA SER I 307 -17.15 48.11 19.95
C SER I 307 -17.92 49.00 20.91
N LEU I 308 -17.66 50.31 20.87
CA LEU I 308 -18.43 51.23 21.70
C LEU I 308 -19.74 51.62 21.02
N LEU I 309 -19.80 51.49 19.70
CA LEU I 309 -21.06 51.76 18.99
C LEU I 309 -22.03 50.61 19.21
N SER I 310 -21.50 49.40 19.41
CA SER I 310 -22.36 48.27 19.76
C SER I 310 -22.71 48.26 21.24
N ASP I 311 -21.98 49.05 22.04
CA ASP I 311 -22.28 49.12 23.46
C ASP I 311 -23.35 50.17 23.75
N ALA I 312 -23.56 51.10 22.84
CA ALA I 312 -24.68 52.03 22.99
C ALA I 312 -26.00 51.35 22.67
N PHE I 313 -25.97 50.38 21.75
CA PHE I 313 -27.18 49.66 21.40
C PHE I 313 -27.57 48.66 22.49
N LYS I 314 -26.59 48.12 23.20
CA LYS I 314 -26.89 47.17 24.27
C LYS I 314 -27.43 47.88 25.50
N TYR I 315 -26.94 49.09 25.77
CA TYR I 315 -27.42 49.83 26.94
C TYR I 315 -28.82 50.38 26.72
N ALA I 316 -29.15 50.75 25.49
CA ALA I 316 -30.49 51.23 25.19
C ALA I 316 -31.51 50.11 25.05
N ALA I 317 -31.08 48.86 25.11
CA ALA I 317 -31.97 47.71 25.02
C ALA I 317 -32.13 46.94 26.32
N ALA I 318 -31.09 46.93 27.17
CA ALA I 318 -31.21 46.29 28.47
C ALA I 318 -32.20 47.04 29.36
N GLU I 319 -32.00 48.34 29.50
CA GLU I 319 -33.07 49.21 29.94
C GLU I 319 -33.74 49.80 28.70
N TYR I 320 -34.81 50.58 28.91
CA TYR I 320 -35.72 51.04 27.84
C TYR I 320 -36.28 49.88 27.03
N GLY I 321 -36.60 48.77 27.70
CA GLY I 321 -37.07 47.59 27.03
C GLY I 321 -37.66 46.56 27.97
N PRO I 322 -38.32 45.54 27.40
CA PRO I 322 -38.94 44.49 28.23
C PRO I 322 -37.95 43.56 28.90
N GLU I 323 -38.46 42.56 29.61
CA GLU I 323 -37.63 41.58 30.29
C GLU I 323 -38.32 40.23 30.37
N PRO I 338 -33.28 40.32 30.76
CA PRO I 338 -33.15 41.57 30.03
C PRO I 338 -33.33 41.40 28.53
N PHE I 339 -33.67 42.48 27.84
CA PHE I 339 -34.01 42.42 26.42
C PHE I 339 -32.72 42.43 25.60
N GLU I 340 -32.37 41.27 25.05
CA GLU I 340 -31.20 41.17 24.19
C GLU I 340 -31.50 41.80 22.83
N SER I 341 -30.58 42.63 22.35
CA SER I 341 -30.71 43.27 21.05
C SER I 341 -29.97 42.46 20.00
N ASN I 342 -30.24 42.78 18.74
CA ASN I 342 -29.52 42.18 17.62
C ASN I 342 -28.46 43.09 17.03
N THR I 343 -28.65 44.40 17.09
CA THR I 343 -27.62 45.31 16.58
C THR I 343 -26.42 45.37 17.51
N ALA I 344 -26.59 44.95 18.77
CA ALA I 344 -25.44 44.82 19.64
C ALA I 344 -24.73 43.50 19.42
N ARG I 345 -25.38 42.55 18.73
CA ARG I 345 -24.73 41.29 18.43
C ARG I 345 -24.05 41.31 17.07
N SER I 346 -24.71 41.86 16.05
CA SER I 346 -24.14 41.83 14.72
C SER I 346 -23.00 42.83 14.56
N MET I 347 -22.97 43.87 15.39
CA MET I 347 -21.91 44.85 15.33
C MET I 347 -20.74 44.50 16.23
N GLN I 348 -20.98 43.69 17.26
CA GLN I 348 -19.87 43.09 17.99
C GLN I 348 -19.16 42.04 17.13
N GLN I 349 -19.82 41.53 16.09
CA GLN I 349 -19.15 40.67 15.13
C GLN I 349 -18.18 41.47 14.26
N LEU I 350 -18.50 42.71 13.95
CA LEU I 350 -17.55 43.55 13.22
C LEU I 350 -16.40 43.99 14.10
N ALA I 351 -16.64 44.13 15.40
CA ALA I 351 -15.55 44.47 16.32
C ALA I 351 -14.59 43.30 16.48
N GLU I 352 -15.07 42.07 16.33
CA GLU I 352 -14.18 40.93 16.36
C GLU I 352 -13.42 40.77 15.04
N GLN I 353 -13.89 41.40 13.97
CA GLN I 353 -13.10 41.43 12.75
C GLN I 353 -12.01 42.48 12.83
N ALA I 354 -12.26 43.57 13.57
CA ALA I 354 -11.27 44.63 13.68
C ALA I 354 -10.15 44.24 14.65
N VAL I 355 -10.39 43.28 15.53
CA VAL I 355 -9.31 42.78 16.38
C VAL I 355 -8.44 41.80 15.59
N GLU I 356 -9.08 40.95 14.80
CA GLU I 356 -8.35 39.95 14.02
C GLU I 356 -7.51 40.59 12.92
N LYS I 357 -8.06 41.59 12.24
CA LYS I 357 -7.34 42.23 11.14
C LYS I 357 -6.20 43.08 11.66
N SER I 358 -6.43 43.81 12.74
CA SER I 358 -5.40 44.67 13.31
C SER I 358 -4.44 43.92 14.21
N GLY I 359 -4.64 42.62 14.41
CA GLY I 359 -3.65 41.78 15.04
C GLY I 359 -2.71 41.10 14.08
N ARG I 360 -2.95 41.26 12.78
CA ARG I 360 -2.07 40.73 11.75
C ARG I 360 -0.99 41.71 11.33
N ARG I 361 -0.99 42.92 11.89
CA ARG I 361 0.00 43.93 11.57
C ARG I 361 1.26 43.68 12.39
N PRO I 362 2.42 43.63 11.75
CA PRO I 362 3.66 43.42 12.51
C PRO I 362 4.16 44.71 13.15
N ALA I 363 4.98 44.53 14.18
CA ALA I 363 5.64 45.67 14.79
C ALA I 363 6.83 46.09 13.93
N THR I 364 7.26 47.34 14.09
CA THR I 364 8.39 47.86 13.36
C THR I 364 9.50 48.23 14.31
N LEU I 365 10.72 48.32 13.77
CA LEU I 365 11.77 49.03 14.47
C LEU I 365 12.53 49.86 13.46
N THR I 366 12.67 51.14 13.75
CA THR I 366 13.33 52.07 12.85
C THR I 366 14.72 52.40 13.35
N ILE I 367 15.62 52.65 12.42
CA ILE I 367 16.95 53.15 12.70
C ILE I 367 17.10 54.44 11.92
N ASN I 368 17.40 55.53 12.62
CA ASN I 368 17.35 56.85 12.00
C ASN I 368 18.53 57.05 11.05
N GLN I 369 18.48 58.14 10.30
CA GLN I 369 19.36 58.33 9.16
C GLN I 369 20.69 58.97 9.53
N GLY I 370 21.11 58.90 10.78
CA GLY I 370 22.40 59.46 11.11
C GLY I 370 23.24 58.59 12.00
N THR I 371 22.69 57.46 12.44
CA THR I 371 23.27 56.68 13.52
C THR I 371 24.57 56.02 13.09
N VAL I 372 25.55 56.04 13.99
CA VAL I 372 26.87 55.49 13.72
C VAL I 372 26.79 53.98 13.84
N LEU I 373 26.83 53.28 12.72
CA LEU I 373 26.80 51.83 12.71
C LEU I 373 28.22 51.32 12.79
N ASN I 374 28.39 50.00 12.66
CA ASN I 374 29.71 49.39 12.74
C ASN I 374 29.61 48.02 12.08
N VAL I 375 30.65 47.59 11.38
CA VAL I 375 30.63 46.37 10.59
C VAL I 375 31.79 45.49 11.01
N TYR I 376 31.52 44.24 11.34
CA TYR I 376 32.55 43.26 11.66
C TYR I 376 32.85 42.49 10.39
N VAL I 377 34.04 42.63 9.85
CA VAL I 377 34.39 41.83 8.69
C VAL I 377 34.71 40.41 9.17
N ALA I 378 34.21 39.41 8.44
CA ALA I 378 34.27 38.04 8.89
C ALA I 378 35.12 37.13 8.02
N LYS I 379 35.64 37.60 6.89
CA LYS I 379 36.62 36.87 6.12
C LYS I 379 37.66 37.84 5.59
N ASP I 380 38.86 37.31 5.33
CA ASP I 380 39.96 38.11 4.85
C ASP I 380 39.71 38.58 3.42
N VAL I 381 40.10 39.81 3.13
CA VAL I 381 40.04 40.37 1.79
C VAL I 381 41.46 40.76 1.40
N ASP I 382 41.88 40.39 0.21
CA ASP I 382 43.27 40.56 -0.21
C ASP I 382 43.35 41.69 -1.24
N PHE I 383 43.91 42.81 -0.83
CA PHE I 383 44.10 43.98 -1.68
C PHE I 383 45.44 44.01 -2.38
N SER I 384 46.17 42.90 -2.42
CA SER I 384 47.55 42.95 -2.91
C SER I 384 47.63 43.12 -4.42
N ALA I 385 46.58 42.77 -5.15
CA ALA I 385 46.56 42.89 -6.60
C ALA I 385 46.12 44.27 -7.07
N VAL I 386 46.05 45.24 -6.16
CA VAL I 386 45.55 46.57 -6.43
C VAL I 386 46.59 47.63 -6.09
N LEU I 387 47.23 47.50 -4.93
CA LEU I 387 48.09 48.52 -4.38
C LEU I 387 49.33 48.70 -5.25
N PRO I 388 49.82 49.93 -5.42
CA PRO I 388 50.98 50.14 -6.28
C PRO I 388 52.24 49.58 -5.67
N LYS I 389 53.15 49.15 -6.53
CA LYS I 389 54.35 48.46 -6.08
C LYS I 389 55.55 49.40 -6.08
N CYS J 22 -13.18 59.94 7.82
CA CYS J 22 -12.38 58.72 7.74
C CYS J 22 -11.90 58.47 6.31
N ALA J 23 -12.29 59.35 5.39
CA ALA J 23 -12.02 59.15 3.97
C ALA J 23 -10.57 59.51 3.64
N THR J 24 -10.24 59.51 2.36
CA THR J 24 -8.88 59.68 1.89
C THR J 24 -8.64 61.15 1.53
N LYS J 25 -7.54 61.70 2.03
CA LYS J 25 -7.16 63.07 1.72
C LYS J 25 -6.66 63.18 0.29
N PRO J 26 -7.27 64.03 -0.55
CA PRO J 26 -6.84 64.11 -1.95
C PRO J 26 -5.55 64.89 -2.14
N ALA J 27 -5.19 65.11 -3.41
CA ALA J 27 -4.01 65.88 -3.76
C ALA J 27 -4.25 67.36 -3.45
N PRO J 28 -3.18 68.14 -3.25
CA PRO J 28 -3.36 69.59 -3.05
C PRO J 28 -3.89 70.27 -4.30
N ASP J 29 -4.59 71.38 -4.08
CA ASP J 29 -5.23 72.13 -5.15
C ASP J 29 -4.68 73.54 -5.17
N PHE J 30 -4.70 74.16 -6.34
CA PHE J 30 -4.11 75.49 -6.51
C PHE J 30 -5.13 76.57 -6.15
N GLY J 31 -4.80 77.81 -6.49
CA GLY J 31 -5.70 78.92 -6.25
C GLY J 31 -4.94 80.22 -6.12
N GLY J 32 -5.44 81.29 -6.74
CA GLY J 32 -4.73 82.55 -6.74
C GLY J 32 -5.32 83.61 -7.62
N ARG J 33 -4.47 84.29 -8.39
CA ARG J 33 -4.81 85.56 -9.02
C ARG J 33 -4.96 85.45 -10.54
N TRP J 34 -4.42 84.40 -11.16
CA TRP J 34 -4.34 84.20 -12.60
C TRP J 34 -3.57 85.35 -13.27
N LYS J 35 -2.30 85.43 -12.94
CA LYS J 35 -1.39 86.25 -13.71
C LYS J 35 -1.08 85.55 -15.03
N HIS J 36 -0.69 86.32 -16.04
CA HIS J 36 -0.46 85.74 -17.36
C HIS J 36 1.00 85.40 -17.56
N VAL J 37 1.24 84.29 -18.27
CA VAL J 37 2.58 83.72 -18.36
C VAL J 37 3.44 84.52 -19.33
N ASN J 38 3.03 84.56 -20.60
CA ASN J 38 3.85 85.09 -21.69
C ASN J 38 3.88 86.61 -21.61
N HIS J 39 4.77 87.11 -20.76
CA HIS J 39 4.80 88.53 -20.40
C HIS J 39 6.12 89.14 -20.85
N PHE J 40 6.04 90.08 -21.78
CA PHE J 40 7.19 90.92 -22.09
C PHE J 40 7.44 91.89 -20.96
N ASP J 41 8.72 92.21 -20.74
CA ASP J 41 9.08 93.19 -19.73
C ASP J 41 9.19 94.58 -20.38
N GLU J 42 9.71 95.54 -19.64
CA GLU J 42 9.89 96.89 -20.15
C GLU J 42 11.34 97.37 -20.09
N ALA J 43 12.23 96.60 -19.48
CA ALA J 43 13.64 96.98 -19.38
C ALA J 43 14.44 96.13 -20.35
N PRO J 44 15.01 96.72 -21.40
CA PRO J 44 15.84 95.93 -22.32
C PRO J 44 17.19 95.57 -21.72
N THR J 45 17.22 94.46 -20.97
CA THR J 45 18.45 93.95 -20.40
C THR J 45 19.45 93.58 -21.48
N GLU J 46 20.64 94.14 -21.39
CA GLU J 46 21.67 94.00 -22.42
C GLU J 46 22.53 92.78 -22.10
N ILE J 47 22.34 91.70 -22.84
CA ILE J 47 23.14 90.49 -22.68
C ILE J 47 24.43 90.66 -23.48
N PRO J 48 25.60 90.58 -22.85
CA PRO J 48 26.85 90.68 -23.60
C PRO J 48 27.09 89.42 -24.44
N LEU J 49 27.83 89.61 -25.53
CA LEU J 49 28.20 88.52 -26.41
C LEU J 49 29.64 88.06 -26.23
N TYR J 50 30.57 88.99 -26.05
CA TYR J 50 31.99 88.70 -25.99
C TYR J 50 32.48 89.04 -24.59
N THR J 51 32.60 88.04 -23.74
CA THR J 51 32.96 88.22 -22.34
C THR J 51 34.44 87.90 -22.15
N SER J 52 35.17 88.81 -21.52
CA SER J 52 36.59 88.63 -21.25
C SER J 52 36.76 87.89 -19.92
N TYR J 53 38.01 87.82 -19.45
CA TYR J 53 38.32 87.13 -18.21
C TYR J 53 38.54 88.14 -17.10
N THR J 54 37.80 88.00 -16.00
CA THR J 54 37.90 88.92 -14.88
C THR J 54 38.84 88.34 -13.84
N TYR J 55 39.94 89.04 -13.58
CA TYR J 55 40.85 88.69 -12.49
C TYR J 55 40.17 88.98 -11.17
N GLN J 56 39.90 87.94 -10.39
CA GLN J 56 39.25 88.13 -9.10
C GLN J 56 39.76 87.06 -8.13
N ALA J 57 39.27 87.12 -6.90
CA ALA J 57 39.76 86.29 -5.81
C ALA J 57 38.61 85.44 -5.28
N THR J 58 38.65 84.15 -5.57
CA THR J 58 37.69 83.23 -5.02
C THR J 58 38.03 82.90 -3.57
N PRO J 59 37.08 82.40 -2.80
CA PRO J 59 37.42 81.88 -1.47
C PRO J 59 38.07 80.51 -1.48
N MET J 60 38.09 79.82 -2.61
CA MET J 60 38.59 78.45 -2.64
C MET J 60 40.11 78.39 -2.55
N ASP J 61 40.81 79.13 -3.42
CA ASP J 61 42.26 79.20 -3.35
C ASP J 61 42.70 79.89 -2.07
N GLY J 62 43.37 79.15 -1.20
CA GLY J 62 43.62 79.60 0.15
C GLY J 62 44.66 80.68 0.29
N THR J 63 45.83 80.48 -0.29
CA THR J 63 46.96 81.35 -0.07
C THR J 63 47.19 82.26 -1.27
N LEU J 64 48.17 83.16 -1.12
CA LEU J 64 48.50 84.09 -2.19
C LEU J 64 49.17 83.39 -3.36
N LYS J 65 49.90 82.31 -3.10
CA LYS J 65 50.60 81.61 -4.17
C LYS J 65 49.63 80.81 -5.02
N THR J 66 48.63 80.18 -4.40
CA THR J 66 47.67 79.38 -5.15
C THR J 66 46.70 80.24 -5.93
N MET J 67 46.53 81.50 -5.55
CA MET J 67 45.69 82.40 -6.34
C MET J 67 46.43 82.88 -7.58
N LEU J 68 47.73 83.12 -7.46
CA LEU J 68 48.49 83.57 -8.62
C LEU J 68 48.91 82.41 -9.51
N GLU J 69 48.88 81.17 -9.02
CA GLU J 69 49.10 80.05 -9.92
C GLU J 69 47.91 79.81 -10.83
N ARG J 70 46.70 80.25 -10.44
CA ARG J 70 45.55 80.12 -11.31
C ARG J 70 45.18 81.42 -12.02
N TRP J 71 45.87 82.52 -11.74
CA TRP J 71 45.79 83.66 -12.65
C TRP J 71 46.74 83.47 -13.82
N ALA J 72 47.90 82.86 -13.57
CA ALA J 72 48.84 82.58 -14.65
C ALA J 72 48.35 81.44 -15.52
N ALA J 73 47.64 80.48 -14.95
CA ALA J 73 47.15 79.36 -15.74
C ALA J 73 45.96 79.77 -16.60
N ASP J 74 45.08 80.62 -16.07
CA ASP J 74 43.90 81.05 -16.79
C ASP J 74 44.15 82.24 -17.71
N SER J 75 45.41 82.61 -17.94
CA SER J 75 45.73 83.70 -18.83
C SER J 75 46.95 83.45 -19.70
N ASN J 76 47.54 82.24 -19.64
CA ASN J 76 48.77 81.85 -20.34
C ASN J 76 49.93 82.81 -20.03
N MET J 77 50.29 82.84 -18.75
CA MET J 77 51.47 83.54 -18.29
C MET J 77 52.27 82.64 -17.36
N GLN J 78 53.47 83.08 -17.02
CA GLN J 78 54.36 82.31 -16.16
C GLN J 78 54.47 83.00 -14.81
N LEU J 79 54.55 82.20 -13.75
CA LEU J 79 54.65 82.71 -12.39
C LEU J 79 56.06 82.50 -11.86
N SER J 80 56.67 83.59 -11.41
CA SER J 80 57.97 83.53 -10.74
C SER J 80 57.75 84.02 -9.31
N TYR J 81 57.38 83.10 -8.43
CA TYR J 81 57.17 83.41 -7.02
C TYR J 81 58.51 83.35 -6.32
N ASN J 82 59.04 84.51 -5.95
CA ASN J 82 60.37 84.61 -5.37
C ASN J 82 60.32 85.09 -3.92
N LEU J 83 59.39 84.54 -3.15
CA LEU J 83 59.36 84.81 -1.73
C LEU J 83 59.69 83.54 -0.94
N PRO J 84 60.38 83.65 0.19
CA PRO J 84 60.70 82.46 0.97
C PRO J 84 59.52 81.87 1.73
N SER J 85 58.39 82.56 1.79
CA SER J 85 57.23 82.05 2.51
C SER J 85 55.96 82.51 1.81
N ASP J 86 54.85 81.92 2.23
CA ASP J 86 53.56 82.10 1.56
C ASP J 86 52.56 82.72 2.53
N TYR J 87 51.71 83.61 2.01
CA TYR J 87 50.77 84.36 2.80
C TYR J 87 49.34 83.95 2.45
N THR J 88 48.49 83.88 3.47
CA THR J 88 47.09 83.55 3.21
C THR J 88 46.32 84.79 2.79
N LEU J 89 45.15 84.56 2.19
CA LEU J 89 44.34 85.66 1.67
C LEU J 89 43.53 86.29 2.78
N ILE J 90 43.42 87.62 2.74
CA ILE J 90 42.75 88.37 3.79
C ILE J 90 41.53 89.09 3.26
N GLY J 91 40.85 89.82 4.14
CA GLY J 91 39.61 90.53 3.86
C GLY J 91 39.58 91.46 2.66
N PRO J 92 40.47 92.46 2.59
CA PRO J 92 40.45 93.38 1.45
C PRO J 92 40.90 92.80 0.12
N VAL J 93 41.25 91.51 0.05
CA VAL J 93 41.55 90.90 -1.24
C VAL J 93 40.27 90.71 -2.03
N SER J 94 39.14 90.51 -1.34
CA SER J 94 37.87 90.27 -2.01
C SER J 94 37.20 91.56 -2.48
N ALA J 95 37.95 92.39 -3.20
CA ALA J 95 37.39 93.54 -3.89
C ALA J 95 38.00 93.72 -5.27
N ILE J 96 38.95 92.88 -5.67
CA ILE J 96 39.58 92.97 -6.98
C ILE J 96 38.67 92.28 -7.99
N SER J 97 38.23 93.03 -9.01
CA SER J 97 37.46 92.45 -10.10
C SER J 97 37.75 93.30 -11.33
N THR J 98 38.70 92.84 -12.14
CA THR J 98 39.18 93.62 -13.27
C THR J 98 39.50 92.68 -14.42
N THR J 99 39.17 93.11 -15.64
CA THR J 99 39.56 92.40 -16.85
C THR J 99 40.97 92.77 -17.33
N SER J 100 41.73 93.49 -16.51
CA SER J 100 43.09 93.91 -16.81
C SER J 100 44.04 93.33 -15.78
N VAL J 101 45.15 92.77 -16.25
CA VAL J 101 46.09 92.13 -15.34
C VAL J 101 46.91 93.18 -14.60
N GLN J 102 47.14 94.35 -15.21
CA GLN J 102 47.97 95.36 -14.58
C GLN J 102 47.24 96.07 -13.46
N GLN J 103 45.94 96.27 -13.61
CA GLN J 103 45.17 96.95 -12.57
C GLN J 103 44.89 96.01 -11.40
N ALA J 104 44.93 94.70 -11.65
CA ALA J 104 44.73 93.73 -10.58
C ALA J 104 46.00 93.47 -9.80
N ALA J 105 47.16 93.56 -10.45
CA ALA J 105 48.41 93.45 -9.73
C ALA J 105 48.72 94.71 -8.95
N THR J 106 48.13 95.85 -9.34
CA THR J 106 48.30 97.07 -8.58
C THR J 106 47.46 97.05 -7.32
N GLU J 107 46.20 96.60 -7.43
CA GLU J 107 45.33 96.52 -6.27
C GLU J 107 45.77 95.44 -5.29
N LEU J 108 46.49 94.43 -5.77
CA LEU J 108 46.97 93.38 -4.88
C LEU J 108 48.13 93.87 -4.04
N SER J 109 49.08 94.59 -4.66
CA SER J 109 50.25 95.08 -3.96
C SER J 109 49.93 96.20 -2.98
N ALA J 110 48.78 96.87 -3.15
CA ALA J 110 48.32 97.82 -2.15
C ALA J 110 47.83 97.11 -0.89
N VAL J 111 47.31 95.89 -1.05
CA VAL J 111 46.84 95.13 0.11
C VAL J 111 48.02 94.58 0.90
N TYR J 112 48.92 93.89 0.21
CA TYR J 112 50.09 93.27 0.87
C TYR J 112 51.30 94.19 0.84
N ALA J 113 51.10 95.41 1.31
CA ALA J 113 52.21 96.35 1.44
C ALA J 113 52.86 96.28 2.80
N ALA J 114 52.13 95.79 3.81
CA ALA J 114 52.67 95.72 5.16
C ALA J 114 53.68 94.59 5.32
N GLN J 115 53.67 93.62 4.43
CA GLN J 115 54.56 92.47 4.52
C GLN J 115 55.68 92.51 3.49
N GLY J 116 55.78 93.58 2.72
CA GLY J 116 56.83 93.73 1.74
C GLY J 116 56.65 92.80 0.55
N VAL J 117 55.46 92.78 -0.02
CA VAL J 117 55.14 91.94 -1.17
C VAL J 117 54.76 92.84 -2.33
N SER J 118 55.52 92.75 -3.42
CA SER J 118 55.27 93.53 -4.61
C SER J 118 55.05 92.59 -5.79
N VAL J 119 53.90 92.72 -6.44
CA VAL J 119 53.52 91.88 -7.57
C VAL J 119 53.41 92.76 -8.79
N SER J 120 54.15 92.42 -9.84
CA SER J 120 54.15 93.18 -11.08
C SER J 120 54.18 92.22 -12.26
N VAL J 121 53.93 92.78 -13.44
CA VAL J 121 53.85 92.00 -14.69
C VAL J 121 54.90 92.54 -15.65
N SER J 122 55.86 91.69 -16.02
CA SER J 122 56.86 92.06 -17.01
C SER J 122 56.44 91.63 -18.42
N ALA J 123 55.19 91.97 -18.77
CA ALA J 123 54.57 91.94 -20.10
C ALA J 123 54.34 90.53 -20.65
N ASN J 124 54.89 89.50 -20.02
CA ASN J 124 54.56 88.13 -20.37
C ASN J 124 54.51 87.18 -19.18
N LYS J 125 54.73 87.68 -17.96
CA LYS J 125 54.88 86.83 -16.79
C LYS J 125 54.71 87.68 -15.55
N LEU J 126 54.38 87.01 -14.43
CA LEU J 126 54.17 87.67 -13.16
C LEU J 126 55.41 87.54 -12.30
N LEU J 127 55.75 88.61 -11.59
CA LEU J 127 56.92 88.65 -10.71
C LEU J 127 56.46 88.94 -9.29
N VAL J 128 56.79 88.05 -8.36
CA VAL J 128 56.50 88.24 -6.94
C VAL J 128 57.84 88.36 -6.24
N GLN J 129 58.23 89.58 -5.92
CA GLN J 129 59.51 89.90 -5.31
C GLN J 129 59.29 90.85 -4.15
N PRO J 130 60.21 90.89 -3.18
CA PRO J 130 60.09 91.88 -2.10
C PRO J 130 60.25 93.30 -2.62
N VAL J 131 59.71 94.24 -1.84
CA VAL J 131 59.70 95.64 -2.23
C VAL J 131 61.12 96.20 -2.03
N PRO J 132 61.63 97.03 -2.96
CA PRO J 132 62.93 97.69 -2.76
C PRO J 132 62.89 98.71 -1.63
N GLN K 27 18.24 45.69 -55.92
CA GLN K 27 19.24 45.07 -56.80
C GLN K 27 19.95 43.92 -56.10
N VAL K 28 20.40 44.19 -54.89
CA VAL K 28 21.02 43.19 -54.02
C VAL K 28 20.08 42.74 -52.91
N VAL K 29 19.47 43.70 -52.23
CA VAL K 29 18.35 43.45 -51.31
C VAL K 29 17.13 44.08 -51.96
N GLN K 30 16.20 43.25 -52.42
CA GLN K 30 15.07 43.73 -53.20
C GLN K 30 13.78 43.60 -52.42
N GLU K 31 12.98 44.65 -52.42
CA GLU K 31 11.66 44.65 -51.80
C GLU K 31 10.60 44.42 -52.86
N TYR K 32 9.63 43.57 -52.55
CA TYR K 32 8.46 43.41 -53.39
C TYR K 32 7.23 43.88 -52.64
N GLU K 33 6.26 44.39 -53.39
CA GLU K 33 4.99 44.80 -52.82
C GLU K 33 4.00 43.67 -52.99
N TYR K 34 3.34 43.28 -51.91
CA TYR K 34 2.45 42.13 -51.96
C TYR K 34 1.15 42.48 -52.68
N ALA K 35 0.88 41.77 -53.76
CA ALA K 35 -0.40 41.79 -54.44
C ALA K 35 -0.85 40.35 -54.64
N PRO K 36 -2.15 40.08 -54.60
CA PRO K 36 -2.62 38.70 -54.74
C PRO K 36 -2.40 38.16 -56.15
N ASP K 37 -1.84 36.94 -56.21
CA ASP K 37 -1.56 36.19 -57.44
C ASP K 37 -0.62 36.95 -58.37
N ARG K 38 0.59 37.20 -57.89
CA ARG K 38 1.65 37.82 -58.67
C ARG K 38 2.86 36.89 -58.65
N ILE K 39 3.59 36.88 -59.76
CA ILE K 39 4.74 35.99 -59.91
C ILE K 39 5.99 36.77 -59.50
N TYR K 40 6.58 36.43 -58.36
CA TYR K 40 7.76 37.12 -57.86
C TYR K 40 9.01 36.34 -58.27
N GLN K 41 9.96 37.02 -58.87
CA GLN K 41 11.17 36.38 -59.37
C GLN K 41 12.28 36.48 -58.34
N VAL K 42 12.84 35.32 -57.97
CA VAL K 42 13.95 35.23 -57.04
C VAL K 42 15.13 34.68 -57.80
N ARG K 43 16.23 35.43 -57.84
CA ARG K 43 17.41 35.06 -58.59
C ARG K 43 18.52 34.66 -57.64
N THR K 44 19.00 33.43 -57.76
CA THR K 44 19.95 32.86 -56.82
C THR K 44 21.29 32.63 -57.51
N GLY K 45 22.29 32.29 -56.68
CA GLY K 45 23.59 31.91 -57.18
C GLY K 45 24.00 30.58 -56.56
N LEU K 46 25.09 30.02 -57.08
CA LEU K 46 25.35 28.61 -56.79
C LEU K 46 25.95 28.38 -55.41
N GLY K 47 26.82 29.27 -54.93
CA GLY K 47 27.35 29.13 -53.59
C GLY K 47 26.93 30.23 -52.65
N ILE K 48 25.67 30.66 -52.74
CA ILE K 48 25.16 31.87 -52.10
C ILE K 48 23.79 31.56 -51.50
N THR K 49 23.62 31.82 -50.22
CA THR K 49 22.27 31.77 -49.65
C THR K 49 21.50 33.01 -50.05
N THR K 50 20.24 32.81 -50.41
CA THR K 50 19.28 33.88 -50.60
C THR K 50 18.15 33.62 -49.61
N GLN K 51 17.79 34.61 -48.81
CA GLN K 51 16.66 34.44 -47.93
C GLN K 51 15.47 35.23 -48.45
N VAL K 52 14.29 34.61 -48.39
CA VAL K 52 13.04 35.33 -48.57
C VAL K 52 12.43 35.49 -47.20
N GLU K 53 11.87 36.67 -46.93
CA GLU K 53 11.34 36.98 -45.61
C GLU K 53 9.88 37.36 -45.75
N LEU K 54 9.01 36.56 -45.17
CA LEU K 54 7.58 36.77 -45.21
C LEU K 54 7.17 37.66 -44.05
N SER K 55 5.88 37.80 -43.81
CA SER K 55 5.45 38.64 -42.71
C SER K 55 5.62 37.90 -41.39
N PRO K 56 6.00 38.60 -40.32
CA PRO K 56 6.06 37.95 -39.00
C PRO K 56 4.69 37.68 -38.40
N ASN K 57 3.62 38.21 -38.99
CA ASN K 57 2.30 38.15 -38.38
C ASN K 57 1.68 36.77 -38.55
N GLU K 58 1.73 36.22 -39.77
CA GLU K 58 1.01 35.00 -40.10
C GLU K 58 1.90 33.78 -40.03
N LYS K 59 1.29 32.65 -39.73
CA LYS K 59 1.98 31.37 -39.65
C LYS K 59 1.93 30.67 -41.00
N ILE K 60 3.07 30.10 -41.40
CA ILE K 60 3.18 29.42 -42.69
C ILE K 60 2.55 28.04 -42.58
N LEU K 61 1.54 27.77 -43.41
CA LEU K 61 0.88 26.48 -43.38
C LEU K 61 1.70 25.42 -44.11
N ASP K 62 1.96 25.63 -45.40
CA ASP K 62 2.66 24.64 -46.20
C ASP K 62 3.41 25.32 -47.34
N TYR K 63 4.26 24.54 -48.00
CA TYR K 63 5.05 25.01 -49.12
C TYR K 63 5.45 23.81 -49.96
N SER K 64 5.63 24.03 -51.26
CA SER K 64 6.05 22.95 -52.14
C SER K 64 6.72 23.55 -53.36
N THR K 65 7.95 23.15 -53.61
CA THR K 65 8.68 23.55 -54.81
C THR K 65 8.78 22.37 -55.78
N GLY K 66 8.67 22.67 -57.06
CA GLY K 66 8.95 21.66 -58.06
C GLY K 66 10.44 21.39 -58.13
N PHE K 67 10.78 20.14 -58.46
CA PHE K 67 12.16 19.64 -58.52
C PHE K 67 12.87 19.84 -57.18
N THR K 68 12.38 19.10 -56.19
CA THR K 68 12.80 19.28 -54.80
C THR K 68 14.27 18.91 -54.60
N GLY K 69 14.77 17.94 -55.35
CA GLY K 69 16.14 17.52 -55.20
C GLY K 69 17.18 18.35 -55.94
N GLY K 70 16.90 19.64 -56.11
CA GLY K 70 17.86 20.54 -56.71
C GLY K 70 17.88 21.85 -55.95
N TRP K 71 17.28 21.85 -54.76
CA TRP K 71 17.17 23.06 -53.94
C TRP K 71 17.25 22.65 -52.48
N GLU K 72 18.29 23.11 -51.79
CA GLU K 72 18.43 22.94 -50.35
C GLU K 72 17.80 24.15 -49.67
N LEU K 73 16.62 23.97 -49.10
CA LEU K 73 15.92 25.07 -48.44
C LEU K 73 15.42 24.64 -47.08
N THR K 74 15.68 25.48 -46.07
CA THR K 74 15.22 25.27 -44.71
C THR K 74 14.45 26.50 -44.27
N ARG K 75 13.57 26.34 -43.28
CA ARG K 75 12.79 27.46 -42.79
C ARG K 75 12.93 27.63 -41.29
N ARG K 76 12.88 28.89 -40.85
CA ARG K 76 12.79 29.24 -39.43
C ARG K 76 11.64 30.24 -39.27
N GLU K 77 10.43 29.71 -39.27
CA GLU K 77 9.16 30.31 -38.84
C GLU K 77 8.62 31.46 -39.69
N ASN K 78 9.47 32.16 -40.44
CA ASN K 78 8.98 32.98 -41.56
C ASN K 78 10.00 33.17 -42.67
N VAL K 79 11.20 32.60 -42.59
CA VAL K 79 12.28 32.90 -43.52
C VAL K 79 12.78 31.60 -44.13
N PHE K 80 12.93 31.59 -45.45
CA PHE K 80 13.39 30.43 -46.19
C PHE K 80 14.78 30.74 -46.73
N TYR K 81 15.77 29.95 -46.34
CA TYR K 81 17.12 30.12 -46.85
C TYR K 81 17.31 29.20 -48.04
N LEU K 82 17.34 29.78 -49.24
CA LEU K 82 17.37 29.04 -50.48
C LEU K 82 18.78 28.95 -51.03
N LYS K 83 19.17 27.76 -51.50
CA LYS K 83 20.38 27.65 -52.28
C LYS K 83 20.19 26.49 -53.26
N PRO K 84 20.63 26.65 -54.49
CA PRO K 84 20.48 25.57 -55.49
C PRO K 84 21.53 24.49 -55.27
N LYS K 85 21.46 23.44 -56.07
CA LYS K 85 22.45 22.39 -56.03
C LYS K 85 23.11 22.10 -57.36
N ASN K 86 22.55 22.58 -58.48
CA ASN K 86 23.15 22.32 -59.77
C ASN K 86 22.82 23.51 -60.68
N VAL K 87 23.31 23.46 -61.92
CA VAL K 87 23.32 24.65 -62.76
C VAL K 87 21.95 24.92 -63.38
N ASP K 88 21.12 23.90 -63.58
CA ASP K 88 19.80 24.08 -64.20
C ASP K 88 18.73 23.47 -63.29
N VAL K 89 18.30 24.25 -62.30
CA VAL K 89 17.31 23.80 -61.32
C VAL K 89 16.19 24.82 -61.24
N ASP K 90 15.94 25.50 -62.35
CA ASP K 90 14.92 26.56 -62.40
C ASP K 90 13.54 25.97 -62.16
N THR K 91 12.80 26.54 -61.23
CA THR K 91 11.52 25.99 -60.84
C THR K 91 10.67 27.09 -60.22
N ASN K 92 9.49 26.69 -59.74
CA ASN K 92 8.64 27.53 -58.93
C ASN K 92 8.66 27.10 -57.48
N MET K 93 8.21 27.98 -56.60
CA MET K 93 7.95 27.60 -55.23
C MET K 93 6.73 28.37 -54.75
N MET K 94 5.82 27.68 -54.09
CA MET K 94 4.56 28.26 -53.66
C MET K 94 4.45 28.15 -52.16
N ILE K 95 4.29 29.28 -51.51
CA ILE K 95 4.12 29.36 -50.07
C ILE K 95 2.68 29.75 -49.80
N ARG K 96 2.05 29.09 -48.86
CA ARG K 96 0.65 29.36 -48.52
C ARG K 96 0.58 29.55 -47.02
N THR K 97 0.37 30.79 -46.58
CA THR K 97 0.17 31.10 -45.18
C THR K 97 -1.31 31.07 -44.86
N ALA K 98 -1.69 31.63 -43.70
CA ALA K 98 -3.10 31.62 -43.31
C ALA K 98 -3.94 32.55 -44.15
N THR K 99 -3.38 33.67 -44.61
CA THR K 99 -4.15 34.62 -45.39
C THR K 99 -3.43 35.14 -46.64
N HIS K 100 -2.19 34.73 -46.88
CA HIS K 100 -1.46 35.16 -48.06
C HIS K 100 -1.06 33.95 -48.88
N SER K 101 -0.77 34.19 -50.16
CA SER K 101 -0.36 33.14 -51.08
C SER K 101 0.67 33.70 -52.04
N TYR K 102 1.85 33.09 -52.04
CA TYR K 102 3.00 33.56 -52.80
C TYR K 102 3.34 32.57 -53.89
N ILE K 103 3.66 33.08 -55.07
CA ILE K 103 4.13 32.25 -56.18
C ILE K 103 5.51 32.77 -56.56
N LEU K 104 6.55 32.11 -56.06
CA LEU K 104 7.92 32.51 -56.35
C LEU K 104 8.43 31.78 -57.58
N GLU K 105 9.28 32.46 -58.33
CA GLU K 105 9.78 31.94 -59.60
C GLU K 105 11.31 31.87 -59.49
N LEU K 106 11.81 30.72 -59.05
CA LEU K 106 13.21 30.55 -58.68
C LEU K 106 14.08 30.40 -59.92
N LYS K 107 15.19 31.14 -59.96
CA LYS K 107 16.12 31.11 -61.08
C LYS K 107 17.53 30.85 -60.56
N VAL K 108 18.44 30.58 -61.48
CA VAL K 108 19.87 30.50 -61.19
C VAL K 108 20.60 31.38 -62.18
N VAL K 109 21.28 32.40 -61.70
CA VAL K 109 21.84 33.43 -62.55
C VAL K 109 23.36 33.53 -62.46
N ALA K 110 23.99 33.08 -61.38
CA ALA K 110 25.44 33.09 -61.25
C ALA K 110 25.91 31.72 -60.80
N THR K 111 26.72 31.08 -61.64
CA THR K 111 27.19 29.73 -61.36
C THR K 111 28.68 29.53 -61.56
N ASP K 112 29.37 30.39 -62.28
CA ASP K 112 30.75 30.18 -62.69
C ASP K 112 31.70 31.19 -62.04
N TRP K 113 31.21 31.96 -61.08
CA TRP K 113 31.97 33.06 -60.52
C TRP K 113 33.08 32.55 -59.61
N GLN K 114 34.21 33.26 -59.66
CA GLN K 114 35.32 33.02 -58.75
C GLN K 114 35.43 34.09 -57.69
N ARG K 115 35.09 35.33 -58.05
CA ARG K 115 35.10 36.47 -57.16
C ARG K 115 33.66 36.88 -56.88
N LEU K 116 33.37 37.22 -55.63
CA LEU K 116 31.99 37.40 -55.21
C LEU K 116 31.38 38.69 -55.74
N GLU K 117 32.19 39.60 -56.26
CA GLU K 117 31.67 40.76 -56.98
C GLU K 117 31.10 40.37 -58.35
N GLN K 118 31.53 39.24 -58.91
CA GLN K 118 30.99 38.80 -60.20
C GLN K 118 29.56 38.29 -60.08
N ALA K 119 29.16 37.82 -58.90
CA ALA K 119 27.78 37.41 -58.71
C ALA K 119 26.87 38.61 -58.45
N LYS K 120 27.43 39.70 -57.92
CA LYS K 120 26.68 40.94 -57.80
C LYS K 120 26.26 41.47 -59.16
N GLN K 121 27.21 41.50 -60.10
CA GLN K 121 26.95 42.03 -61.43
C GLN K 121 26.11 41.07 -62.26
N ALA K 122 26.19 39.77 -61.98
CA ALA K 122 25.33 38.82 -62.67
C ALA K 122 23.87 38.99 -62.25
N GLY K 123 23.62 39.44 -61.04
CA GLY K 123 22.28 39.82 -60.65
C GLY K 123 21.66 38.98 -59.57
N VAL K 124 22.47 38.47 -58.63
CA VAL K 124 21.89 37.68 -57.56
C VAL K 124 21.18 38.59 -56.57
N GLN K 125 20.33 37.99 -55.75
CA GLN K 125 19.59 38.69 -54.72
C GLN K 125 19.91 38.05 -53.40
N TYR K 126 20.60 38.80 -52.53
CA TYR K 126 20.95 38.30 -51.21
C TYR K 126 19.71 38.16 -50.33
N LYS K 127 18.84 39.16 -50.32
CA LYS K 127 17.66 39.14 -49.48
C LYS K 127 16.45 39.50 -50.31
N VAL K 128 15.31 38.90 -49.97
CA VAL K 128 14.01 39.27 -50.55
C VAL K 128 13.04 39.51 -49.39
N VAL K 129 12.47 40.71 -49.33
CA VAL K 129 11.48 41.03 -48.32
C VAL K 129 10.23 41.58 -49.00
N PHE K 130 9.09 41.34 -48.38
CA PHE K 130 7.80 41.73 -48.91
C PHE K 130 7.21 42.85 -48.07
N THR K 131 6.79 43.93 -48.74
CA THR K 131 6.08 45.01 -48.08
C THR K 131 4.58 44.85 -48.31
N TYR K 132 3.80 45.14 -47.28
CA TYR K 132 2.37 44.85 -47.29
C TYR K 132 1.56 46.13 -47.20
N PRO K 133 0.95 46.60 -48.29
CA PRO K 133 0.16 47.82 -48.22
C PRO K 133 -1.18 47.58 -47.58
N LYS K 134 -1.80 48.68 -47.14
CA LYS K 134 -3.17 48.60 -46.67
C LYS K 134 -4.12 48.68 -47.85
N ASP K 135 -5.41 48.44 -47.57
CA ASP K 135 -6.40 48.34 -48.61
C ASP K 135 -6.66 49.70 -49.25
N THR K 136 -7.02 49.67 -50.54
CA THR K 136 -7.13 50.92 -51.30
C THR K 136 -8.38 51.70 -50.94
N SER K 137 -9.32 51.09 -50.20
CA SER K 137 -10.48 51.85 -49.75
C SER K 137 -10.12 52.75 -48.59
N PHE K 138 -8.99 52.49 -47.92
CA PHE K 138 -8.54 53.39 -46.86
C PHE K 138 -7.58 54.43 -47.41
N ASN K 139 -7.07 54.24 -48.63
CA ASN K 139 -6.18 55.23 -49.23
C ASN K 139 -6.96 56.42 -49.75
N ASN K 140 -8.27 56.25 -49.99
CA ASN K 140 -9.11 57.37 -50.38
C ASN K 140 -9.34 58.32 -49.21
N VAL K 141 -9.21 57.82 -47.98
CA VAL K 141 -9.35 58.64 -46.79
C VAL K 141 -8.04 59.33 -46.46
N LYS K 148 2.37 64.40 -43.63
CA LYS K 148 3.43 64.06 -44.57
C LYS K 148 4.51 65.13 -44.56
N ASN K 149 4.09 66.39 -44.42
CA ASN K 149 4.99 67.54 -44.47
C ASN K 149 5.75 67.63 -43.15
N GLY K 150 6.78 66.80 -43.02
CA GLY K 150 7.62 66.80 -41.85
C GLY K 150 6.94 66.21 -40.63
N PRO K 151 7.60 66.32 -39.48
CA PRO K 151 7.04 65.77 -38.24
C PRO K 151 5.94 66.63 -37.66
N LEU K 152 5.07 65.98 -36.89
CA LEU K 152 3.94 66.65 -36.28
C LEU K 152 4.32 67.43 -35.03
N LEU K 153 5.36 67.01 -34.33
CA LEU K 153 5.80 67.67 -33.10
C LEU K 153 7.14 68.32 -33.39
N ASN K 154 7.12 69.64 -33.52
CA ASN K 154 8.33 70.40 -33.79
C ASN K 154 8.34 71.58 -32.83
N ALA K 155 9.30 71.57 -31.91
CA ALA K 155 9.33 72.55 -30.82
C ALA K 155 9.68 73.96 -31.27
N LYS K 156 10.21 74.13 -32.47
CA LYS K 156 10.43 75.45 -33.02
C LYS K 156 9.12 76.05 -33.52
N ILE K 157 9.18 77.32 -33.90
CA ILE K 157 8.04 78.01 -34.48
C ILE K 157 8.16 77.92 -35.99
N LEU K 158 7.18 77.32 -36.63
CA LEU K 158 7.25 77.10 -38.06
C LEU K 158 6.61 78.26 -38.80
N LYS K 159 6.86 78.31 -40.10
CA LYS K 159 6.34 79.39 -40.93
C LYS K 159 4.83 79.28 -41.13
N ASP K 160 4.31 78.05 -41.23
CA ASP K 160 2.94 77.81 -41.64
C ASP K 160 2.15 77.04 -40.58
N ARG K 161 2.31 77.42 -39.32
CA ARG K 161 1.49 76.90 -38.25
C ARG K 161 0.95 78.04 -37.41
N ARG K 162 -0.23 77.85 -36.86
CA ARG K 162 -0.93 78.88 -36.11
C ARG K 162 -0.74 78.61 -34.62
N TYR K 163 -0.20 79.58 -33.90
CA TYR K 163 0.11 79.46 -32.48
C TYR K 163 -0.82 80.34 -31.66
N TYR K 164 -0.94 80.00 -30.38
CA TYR K 164 -1.88 80.68 -29.48
C TYR K 164 -1.15 81.00 -28.18
N TYR K 165 -0.71 82.25 -28.04
CA TYR K 165 0.07 82.70 -26.91
C TYR K 165 -0.82 83.42 -25.89
N ASP K 166 -1.71 82.66 -25.25
CA ASP K 166 -2.58 83.29 -24.27
C ASP K 166 -2.87 82.26 -23.18
N TYR K 167 -2.06 82.29 -22.14
CA TYR K 167 -2.14 81.35 -21.04
C TYR K 167 -1.87 82.07 -19.73
N ASP K 168 -2.49 81.60 -18.66
CA ASP K 168 -2.33 82.18 -17.34
C ASP K 168 -1.73 81.15 -16.40
N TYR K 169 -1.40 81.60 -15.18
CA TYR K 169 -0.94 80.68 -14.15
C TYR K 169 -1.46 81.17 -12.81
N ALA K 170 -1.72 80.23 -11.90
CA ALA K 170 -2.20 80.55 -10.58
C ALA K 170 -1.58 79.62 -9.56
N THR K 171 -1.01 80.19 -8.50
CA THR K 171 -0.36 79.41 -7.46
C THR K 171 -0.32 80.22 -6.17
N ARG K 172 -0.14 79.52 -5.05
CA ARG K 172 -0.16 80.16 -3.74
C ARG K 172 1.07 81.03 -3.53
N THR K 173 2.26 80.44 -3.67
CA THR K 173 3.50 81.18 -3.48
C THR K 173 3.73 82.15 -4.63
N LYS K 174 4.31 83.31 -4.31
CA LYS K 174 4.43 84.38 -5.30
C LYS K 174 5.52 84.07 -6.33
N LYS K 175 6.76 83.93 -5.87
CA LYS K 175 7.88 83.58 -6.74
C LYS K 175 8.24 82.13 -6.44
N SER K 176 7.78 81.23 -7.30
CA SER K 176 8.10 79.82 -7.17
C SER K 176 9.01 79.39 -8.30
N TRP K 177 9.66 78.25 -8.12
CA TRP K 177 10.45 77.62 -9.15
C TRP K 177 9.65 76.67 -10.01
N LEU K 178 8.34 76.58 -9.78
CA LEU K 178 7.48 75.69 -10.54
C LEU K 178 6.66 76.43 -11.58
N ILE K 179 6.72 77.75 -11.59
CA ILE K 179 6.02 78.55 -12.60
C ILE K 179 6.70 78.36 -13.95
N PRO K 180 5.96 78.00 -15.01
CA PRO K 180 6.58 77.83 -16.32
C PRO K 180 7.05 79.16 -16.89
N SER K 181 8.07 79.08 -17.73
CA SER K 181 8.59 80.27 -18.38
C SER K 181 7.67 80.72 -19.50
N ARG K 182 7.34 79.82 -20.42
CA ARG K 182 6.53 80.11 -21.59
C ARG K 182 5.62 78.95 -21.88
N VAL K 183 4.35 79.21 -22.11
CA VAL K 183 3.37 78.18 -22.46
C VAL K 183 2.65 78.63 -23.73
N TYR K 184 2.58 77.75 -24.73
CA TYR K 184 1.85 78.02 -25.96
C TYR K 184 1.45 76.68 -26.56
N ASP K 185 0.85 76.72 -27.75
CA ASP K 185 0.49 75.50 -28.46
C ASP K 185 0.37 75.78 -29.94
N ASP K 186 0.41 74.70 -30.73
CA ASP K 186 0.25 74.78 -32.18
C ASP K 186 -1.07 74.20 -32.67
N GLY K 187 -2.04 74.05 -31.78
CA GLY K 187 -3.30 73.43 -32.10
C GLY K 187 -3.34 71.95 -31.79
N LYS K 188 -2.20 71.28 -31.77
CA LYS K 188 -2.13 69.85 -31.55
C LYS K 188 -1.30 69.46 -30.34
N PHE K 189 -0.31 70.25 -29.95
CA PHE K 189 0.55 69.95 -28.81
C PHE K 189 0.74 71.21 -27.99
N THR K 190 0.71 71.08 -26.67
CA THR K 190 0.94 72.20 -25.75
C THR K 190 2.38 72.18 -25.26
N TYR K 191 3.11 73.27 -25.48
CA TYR K 191 4.55 73.33 -25.26
C TYR K 191 4.85 74.09 -23.97
N ILE K 192 4.87 73.39 -22.85
CA ILE K 192 5.27 74.00 -21.60
C ILE K 192 6.79 74.11 -21.57
N ASN K 193 7.29 75.31 -21.27
CA ASN K 193 8.73 75.57 -21.31
C ASN K 193 9.15 76.11 -19.96
N MET K 194 10.25 75.57 -19.42
CA MET K 194 10.66 75.88 -18.06
C MET K 194 12.16 76.15 -17.96
N ASP K 195 12.74 76.77 -18.98
CA ASP K 195 14.18 76.93 -19.05
C ASP K 195 14.68 78.29 -18.58
N LEU K 196 13.91 78.97 -17.74
CA LEU K 196 14.41 80.17 -17.08
C LEU K 196 14.34 80.08 -15.56
N THR K 197 13.68 79.07 -15.00
CA THR K 197 13.78 78.77 -13.57
C THR K 197 15.01 77.88 -13.41
N ARG K 198 16.17 78.53 -13.32
CA ARG K 198 17.45 77.88 -13.53
C ARG K 198 18.00 77.20 -12.27
N PHE K 199 17.68 77.72 -11.07
CA PHE K 199 18.41 77.32 -9.88
C PHE K 199 18.15 75.88 -9.43
N PRO K 200 16.94 75.45 -9.07
CA PRO K 200 16.84 74.10 -8.48
C PRO K 200 16.99 73.07 -9.58
N THR K 201 17.98 72.19 -9.45
CA THR K 201 18.21 71.21 -10.49
C THR K 201 17.10 70.17 -10.52
N GLY K 202 16.50 69.87 -9.39
CA GLY K 202 15.34 69.00 -9.37
C GLY K 202 14.02 69.74 -9.43
N ASN K 203 13.69 70.34 -10.58
CA ASN K 203 12.51 71.17 -10.69
C ASN K 203 11.51 70.67 -11.72
N PHE K 204 11.54 69.38 -12.07
CA PHE K 204 10.80 68.93 -13.22
C PHE K 204 9.50 68.30 -12.78
N PRO K 205 8.36 68.80 -13.22
CA PRO K 205 7.07 68.36 -12.69
C PRO K 205 6.41 67.19 -13.40
N ALA K 206 5.19 66.89 -12.98
CA ALA K 206 4.29 65.98 -13.68
C ALA K 206 3.04 66.75 -14.08
N VAL K 207 2.73 66.77 -15.36
CA VAL K 207 1.65 67.60 -15.90
C VAL K 207 0.40 66.77 -16.06
N PHE K 208 -0.70 67.26 -15.50
CA PHE K 208 -2.03 66.69 -15.66
C PHE K 208 -2.88 67.69 -16.45
N ALA K 209 -4.16 67.36 -16.63
CA ALA K 209 -5.05 68.26 -17.33
C ALA K 209 -6.45 68.13 -16.74
N ARG K 210 -7.28 69.11 -17.04
CA ARG K 210 -8.53 69.26 -16.30
C ARG K 210 -9.53 69.99 -17.18
N GLU K 211 -10.79 69.58 -17.13
CA GLU K 211 -11.79 70.17 -18.03
C GLU K 211 -12.43 71.43 -17.48
N LYS K 212 -12.53 71.56 -16.16
CA LYS K 212 -13.03 72.77 -15.53
C LYS K 212 -11.94 73.33 -14.62
N GLU K 213 -12.26 74.33 -13.82
CA GLU K 213 -11.21 74.94 -13.02
C GLU K 213 -10.89 74.11 -11.79
N HIS K 214 -11.91 73.65 -11.06
CA HIS K 214 -11.71 72.88 -9.85
C HIS K 214 -12.37 71.52 -9.96
N ALA K 215 -12.36 70.94 -11.15
CA ALA K 215 -12.82 69.58 -11.35
C ALA K 215 -11.71 68.60 -10.99
N GLU K 216 -11.90 67.33 -11.30
CA GLU K 216 -10.89 66.32 -11.02
C GLU K 216 -10.04 66.12 -12.26
N ASP K 217 -8.73 66.12 -12.06
CA ASP K 217 -7.81 66.07 -13.19
C ASP K 217 -7.63 64.64 -13.69
N PHE K 218 -7.04 64.52 -14.89
CA PHE K 218 -6.80 63.23 -15.52
C PHE K 218 -5.42 63.25 -16.15
N LEU K 219 -5.11 62.22 -16.93
CA LEU K 219 -3.77 61.94 -17.40
C LEU K 219 -3.59 62.31 -18.86
N VAL K 220 -2.38 62.78 -19.19
CA VAL K 220 -2.01 63.13 -20.55
C VAL K 220 -0.72 62.40 -20.91
N ASN K 221 -0.47 62.31 -22.21
CA ASN K 221 0.78 61.76 -22.72
C ASN K 221 1.75 62.90 -22.95
N THR K 222 2.97 62.76 -22.45
CA THR K 222 3.97 63.81 -22.54
C THR K 222 5.25 63.29 -23.17
N THR K 223 5.87 64.11 -24.00
CA THR K 223 7.25 63.91 -24.41
C THR K 223 8.02 65.17 -24.06
N VAL K 224 9.32 65.02 -23.87
CA VAL K 224 10.16 66.10 -23.36
C VAL K 224 11.40 66.24 -24.23
N GLU K 225 11.86 67.48 -24.40
CA GLU K 225 13.04 67.80 -25.20
C GLU K 225 13.85 68.83 -24.44
N GLY K 226 14.77 68.37 -23.61
CA GLY K 226 15.58 69.29 -22.84
C GLY K 226 14.87 69.79 -21.61
N ASN K 227 14.50 71.07 -21.60
CA ASN K 227 13.70 71.65 -20.54
C ASN K 227 12.26 71.94 -20.97
N THR K 228 11.90 71.59 -22.20
CA THR K 228 10.55 71.80 -22.68
C THR K 228 9.73 70.53 -22.43
N LEU K 229 8.61 70.68 -21.73
CA LEU K 229 7.68 69.58 -21.54
C LEU K 229 6.54 69.77 -22.53
N ILE K 230 6.30 68.78 -23.38
CA ILE K 230 5.36 68.91 -24.48
C ILE K 230 4.21 67.95 -24.22
N VAL K 231 2.99 68.48 -24.17
CA VAL K 231 1.81 67.72 -23.80
C VAL K 231 1.01 67.42 -25.06
N HIS K 232 0.71 66.15 -25.27
CA HIS K 232 -0.02 65.70 -26.45
C HIS K 232 -1.48 66.11 -26.35
N GLY K 233 -1.83 67.23 -26.98
CA GLY K 233 -3.21 67.67 -26.99
C GLY K 233 -3.41 69.01 -26.31
N THR K 234 -4.41 69.78 -26.76
CA THR K 234 -4.72 71.07 -26.18
C THR K 234 -5.91 70.94 -25.24
N TYR K 235 -5.79 71.52 -24.06
CA TYR K 235 -6.75 71.35 -22.98
C TYR K 235 -7.16 72.72 -22.45
N PRO K 236 -8.33 72.81 -21.81
CA PRO K 236 -8.68 74.09 -21.17
C PRO K 236 -7.81 74.43 -19.98
N PHE K 237 -7.43 73.43 -19.18
CA PHE K 237 -6.63 73.63 -17.99
C PHE K 237 -5.53 72.59 -17.92
N LEU K 238 -4.36 72.99 -17.47
CA LEU K 238 -3.26 72.09 -17.19
C LEU K 238 -2.89 72.25 -15.71
N VAL K 239 -2.58 71.14 -15.06
CA VAL K 239 -2.20 71.15 -13.65
C VAL K 239 -0.77 70.63 -13.55
N VAL K 240 0.08 71.35 -12.83
CA VAL K 240 1.51 71.10 -12.77
C VAL K 240 1.87 70.85 -11.30
N ARG K 241 2.31 69.63 -10.99
CA ARG K 241 2.51 69.19 -9.62
C ARG K 241 3.94 68.75 -9.36
N HIS K 242 4.47 69.09 -8.19
CA HIS K 242 5.77 68.61 -7.73
C HIS K 242 5.70 68.28 -6.24
N GLY K 243 4.65 67.60 -5.82
CA GLY K 243 4.54 67.22 -4.42
C GLY K 243 3.42 67.94 -3.71
N ASP K 244 3.76 68.82 -2.78
CA ASP K 244 2.76 69.63 -2.09
C ASP K 244 2.48 70.96 -2.77
N ASN K 245 3.31 71.37 -3.74
CA ASN K 245 3.11 72.62 -4.45
C ASN K 245 2.63 72.39 -5.88
N VAL K 246 1.67 73.20 -6.30
CA VAL K 246 0.90 72.98 -7.52
C VAL K 246 0.70 74.32 -8.22
N VAL K 247 0.76 74.30 -9.54
CA VAL K 247 0.56 75.48 -10.38
C VAL K 247 -0.48 75.14 -11.43
N GLY K 248 -1.59 75.88 -11.45
CA GLY K 248 -2.58 75.71 -12.49
C GLY K 248 -2.26 76.53 -13.72
N LEU K 249 -2.87 76.17 -14.85
CA LEU K 249 -2.59 76.85 -16.12
C LEU K 249 -3.87 76.94 -16.92
N ARG K 250 -4.47 78.12 -17.00
CA ARG K 250 -5.67 78.32 -17.80
C ARG K 250 -5.28 78.76 -19.20
N ARG K 251 -5.90 78.14 -20.19
CA ARG K 251 -5.95 78.68 -21.53
C ARG K 251 -7.11 79.67 -21.60
N ASN K 252 -6.80 80.92 -21.94
CA ASN K 252 -7.85 81.92 -21.98
C ASN K 252 -8.72 81.74 -23.22
N LYS K 253 -9.97 82.14 -23.09
CA LYS K 253 -10.97 81.86 -24.13
C LYS K 253 -10.79 82.80 -25.31
N GLN K 254 -10.96 82.23 -26.50
CA GLN K 254 -10.79 82.96 -27.76
C GLN K 254 -11.88 84.02 -27.90
N LYS K 255 -11.50 85.28 -27.82
CA LYS K 255 -12.44 86.37 -27.96
C LYS K 255 -12.82 86.57 -29.42
N PRO L 150 63.73 6.89 -32.93
CA PRO L 150 63.65 8.25 -33.46
C PRO L 150 64.72 9.17 -32.89
N THR L 151 64.76 10.41 -33.34
CA THR L 151 65.70 11.39 -32.79
C THR L 151 65.01 12.15 -31.65
N LEU L 152 65.63 13.26 -31.22
CA LEU L 152 65.07 14.04 -30.14
C LEU L 152 63.94 14.95 -30.64
N LEU L 153 64.15 15.61 -31.78
CA LEU L 153 63.12 16.46 -32.36
C LEU L 153 61.93 15.66 -32.85
N GLU L 154 62.19 14.52 -33.49
CA GLU L 154 61.13 13.68 -34.04
C GLU L 154 60.32 12.99 -32.95
N ARG L 155 60.80 13.00 -31.70
CA ARG L 155 60.07 12.35 -30.61
C ARG L 155 59.08 13.31 -29.96
N ARG L 156 59.47 14.57 -29.80
CA ARG L 156 58.59 15.56 -29.18
C ARG L 156 57.39 15.86 -30.06
N ILE L 157 57.54 15.76 -31.38
CA ILE L 157 56.40 15.83 -32.28
C ILE L 157 55.54 14.60 -32.10
N LEU L 158 56.16 13.44 -31.92
CA LEU L 158 55.44 12.16 -31.85
C LEU L 158 54.77 11.96 -30.50
N ALA L 159 55.51 12.19 -29.42
CA ALA L 159 54.97 11.94 -28.09
C ALA L 159 53.89 12.94 -27.69
N GLU L 160 53.89 14.11 -28.30
CA GLU L 160 52.85 15.10 -28.06
C GLU L 160 51.72 15.02 -29.09
N SER L 161 51.73 14.02 -29.96
CA SER L 161 50.66 13.82 -30.93
C SER L 161 50.43 12.34 -31.17
N GLY L 183 31.91 30.63 2.84
CA GLY L 183 30.91 30.38 1.81
C GLY L 183 31.26 31.01 0.47
N PRO L 184 30.94 32.28 0.30
CA PRO L 184 31.30 32.98 -0.93
C PRO L 184 32.78 33.36 -0.95
N VAL L 185 33.17 34.00 -2.04
CA VAL L 185 34.55 34.45 -2.16
C VAL L 185 34.59 35.97 -1.97
N THR L 186 35.68 36.47 -1.44
CA THR L 186 35.87 37.88 -1.13
C THR L 186 37.04 38.40 -1.95
N LEU L 187 36.76 39.30 -2.89
CA LEU L 187 37.78 39.83 -3.79
C LEU L 187 37.75 41.35 -3.75
N ALA L 188 38.80 41.95 -4.28
CA ALA L 188 38.95 43.41 -4.32
C ALA L 188 39.52 43.77 -5.68
N LYS L 189 38.65 44.09 -6.61
CA LYS L 189 39.01 44.38 -7.99
C LYS L 189 38.78 45.86 -8.30
N PRO L 190 39.47 46.41 -9.30
CA PRO L 190 39.18 47.79 -9.68
C PRO L 190 37.84 47.91 -10.37
N ILE L 191 37.23 49.07 -10.22
CA ILE L 191 35.88 49.30 -10.73
C ILE L 191 35.98 49.50 -12.23
N SER L 192 34.97 49.02 -12.96
CA SER L 192 35.06 48.83 -14.39
C SER L 192 34.18 49.86 -15.10
N ASN L 193 34.79 50.64 -16.00
CA ASN L 193 34.20 51.70 -16.80
C ASN L 193 33.41 52.68 -15.94
N PRO L 194 34.07 53.53 -15.15
CA PRO L 194 33.33 54.45 -14.28
C PRO L 194 32.72 55.63 -15.00
N ASP L 195 33.05 55.87 -16.27
CA ASP L 195 32.46 56.99 -16.97
C ASP L 195 31.01 56.74 -17.35
N GLY L 196 30.58 55.49 -17.41
CA GLY L 196 29.21 55.19 -17.74
C GLY L 196 28.56 54.20 -16.79
N LEU L 197 28.90 54.27 -15.52
CA LEU L 197 28.43 53.31 -14.54
C LEU L 197 27.33 53.92 -13.70
N LEU L 198 26.17 53.29 -13.68
CA LEU L 198 25.09 53.63 -12.75
C LEU L 198 25.17 52.60 -11.64
N VAL L 199 25.87 52.95 -10.57
CA VAL L 199 26.33 51.96 -9.60
C VAL L 199 25.18 51.52 -8.72
N ARG L 200 25.35 50.40 -8.04
CA ARG L 200 24.44 49.96 -7.02
C ARG L 200 24.44 50.95 -5.87
N GLY L 201 23.30 51.55 -5.60
CA GLY L 201 23.18 52.50 -4.53
C GLY L 201 23.01 53.95 -4.91
N THR L 202 22.67 54.25 -6.16
CA THR L 202 22.27 55.61 -6.46
C THR L 202 20.77 55.72 -6.28
N TYR L 203 20.31 56.95 -6.05
CA TYR L 203 18.93 57.19 -5.70
C TYR L 203 18.29 57.99 -6.83
N ILE L 204 17.34 57.39 -7.52
CA ILE L 204 16.65 58.05 -8.61
C ILE L 204 15.40 58.68 -8.02
N ARG L 205 15.37 59.99 -7.91
CA ARG L 205 14.20 60.69 -7.39
C ARG L 205 13.23 60.94 -8.53
N CYS L 206 12.01 60.46 -8.37
CA CYS L 206 10.97 60.70 -9.35
C CYS L 206 9.70 61.07 -8.62
N ILE L 207 8.80 61.76 -9.32
CA ILE L 207 7.50 62.13 -8.76
C ILE L 207 6.42 61.33 -9.48
N LEU L 208 5.44 60.87 -8.71
CA LEU L 208 4.48 59.90 -9.21
C LEU L 208 3.49 60.56 -10.15
N GLU L 209 3.10 59.83 -11.19
CA GLU L 209 2.11 60.30 -12.16
C GLU L 209 0.80 59.54 -12.13
N THR L 210 0.84 58.23 -11.90
CA THR L 210 -0.37 57.42 -11.80
C THR L 210 -0.69 57.19 -10.33
N ARG L 211 -1.90 57.58 -9.92
CA ARG L 211 -2.38 57.37 -8.55
C ARG L 211 -2.50 55.89 -8.21
N ILE L 212 -1.66 55.41 -7.31
CA ILE L 212 -1.62 53.99 -6.97
C ILE L 212 -2.75 53.67 -5.99
N ILE L 213 -3.52 52.63 -6.27
CA ILE L 213 -4.51 52.09 -5.33
C ILE L 213 -4.33 50.58 -5.26
N SER L 214 -4.12 50.06 -4.05
CA SER L 214 -3.79 48.64 -3.86
C SER L 214 -5.07 47.82 -3.74
N ASP L 215 -5.70 47.57 -4.90
CA ASP L 215 -6.80 46.63 -4.99
C ASP L 215 -6.46 45.44 -5.86
N PHE L 216 -6.07 45.68 -7.12
CA PHE L 216 -5.86 44.58 -8.05
C PHE L 216 -4.42 44.38 -8.46
N GLY L 217 -3.58 45.39 -8.36
CA GLY L 217 -2.22 45.20 -8.75
C GLY L 217 -2.09 45.48 -10.22
N GLY L 218 -1.32 46.49 -10.56
CA GLY L 218 -1.25 46.97 -11.93
C GLY L 218 0.08 47.57 -12.22
N TYR L 219 0.08 48.71 -12.86
CA TYR L 219 1.27 49.31 -13.44
C TYR L 219 1.34 50.77 -13.04
N THR L 220 2.54 51.24 -12.74
CA THR L 220 2.77 52.60 -12.28
C THR L 220 3.68 53.32 -13.26
N SER L 221 3.81 54.63 -13.08
CA SER L 221 4.70 55.45 -13.89
C SER L 221 5.04 56.71 -13.11
N CYS L 222 6.33 56.99 -12.97
CA CYS L 222 6.75 58.21 -12.31
C CYS L 222 7.75 58.93 -13.20
N ILE L 223 7.66 60.24 -13.22
CA ILE L 223 8.55 61.07 -14.02
C ILE L 223 9.74 61.47 -13.17
N VAL L 224 10.95 61.20 -13.68
CA VAL L 224 12.18 61.57 -12.98
C VAL L 224 12.24 63.08 -12.85
N THR L 225 12.76 63.57 -11.72
CA THR L 225 12.78 65.00 -11.46
C THR L 225 14.17 65.59 -11.36
N GLU L 226 15.19 64.80 -11.03
CA GLU L 226 16.53 65.34 -10.94
C GLU L 226 17.48 64.50 -11.77
N PRO L 227 18.39 65.12 -12.52
CA PRO L 227 19.32 64.36 -13.35
C PRO L 227 20.27 63.49 -12.55
N VAL L 228 20.51 62.28 -13.06
CA VAL L 228 21.29 61.26 -12.38
C VAL L 228 22.57 61.04 -13.17
N TYR L 229 23.70 61.29 -12.53
CA TYR L 229 25.00 61.26 -13.18
C TYR L 229 25.65 59.91 -12.97
N SER L 230 26.94 59.81 -13.29
CA SER L 230 27.68 58.56 -13.23
C SER L 230 28.08 58.24 -11.78
N ILE L 231 28.98 57.26 -11.60
CA ILE L 231 29.54 57.03 -10.27
C ILE L 231 30.43 58.18 -9.85
N ASN L 232 31.13 58.82 -10.79
CA ASN L 232 32.03 59.91 -10.48
C ASN L 232 31.67 61.20 -11.20
N GLY L 233 30.48 61.27 -11.77
CA GLY L 233 29.95 62.53 -12.28
C GLY L 233 30.52 63.01 -13.59
N HIS L 234 31.17 62.16 -14.37
CA HIS L 234 31.69 62.67 -15.63
C HIS L 234 30.64 62.71 -16.73
N ASN L 235 29.54 62.00 -16.58
CA ASN L 235 28.56 61.88 -17.64
C ASN L 235 27.15 61.96 -17.07
N LEU L 236 26.22 62.42 -17.90
CA LEU L 236 24.82 62.45 -17.54
C LEU L 236 24.15 61.18 -18.04
N LEU L 237 23.66 60.35 -17.13
CA LEU L 237 23.12 59.07 -17.55
C LEU L 237 21.61 59.16 -17.77
N LEU L 238 20.87 59.48 -16.73
CA LEU L 238 19.42 59.65 -16.86
C LEU L 238 19.11 61.12 -16.87
N PRO L 239 18.60 61.69 -17.97
CA PRO L 239 18.30 63.12 -18.00
C PRO L 239 17.12 63.52 -17.12
N LYS L 240 16.74 64.79 -17.20
CA LYS L 240 15.85 65.38 -16.22
C LYS L 240 14.41 64.89 -16.36
N GLY L 241 13.96 64.58 -17.56
CA GLY L 241 12.55 64.27 -17.71
C GLY L 241 12.20 62.86 -18.12
N SER L 242 12.99 61.88 -17.68
CA SER L 242 12.75 60.49 -18.04
C SER L 242 11.52 59.95 -17.33
N LYS L 243 10.99 58.83 -17.84
CA LYS L 243 9.88 58.14 -17.21
C LYS L 243 10.34 56.81 -16.65
N MET L 244 10.14 56.62 -15.36
CA MET L 244 10.34 55.30 -14.78
C MET L 244 9.03 54.53 -14.77
N LEU L 245 9.13 53.24 -14.99
CA LEU L 245 8.00 52.37 -15.24
C LEU L 245 8.09 51.19 -14.30
N GLY L 246 7.04 50.92 -13.56
CA GLY L 246 7.07 49.87 -12.55
C GLY L 246 5.74 49.15 -12.44
N GLN L 247 5.69 48.18 -11.54
CA GLN L 247 4.47 47.43 -11.31
C GLN L 247 4.50 46.82 -9.92
N TYR L 248 3.31 46.59 -9.37
CA TYR L 248 3.13 46.07 -8.03
C TYR L 248 2.11 44.93 -8.08
N SER L 249 1.82 44.36 -6.92
CA SER L 249 0.97 43.20 -6.84
C SER L 249 -0.10 43.41 -5.78
N ALA L 250 -1.24 42.75 -5.95
CA ALA L 250 -2.35 42.90 -5.03
C ALA L 250 -2.08 42.16 -3.73
N GLY L 251 -2.59 42.70 -2.65
CA GLY L 251 -2.45 42.06 -1.36
C GLY L 251 -3.23 42.83 -0.32
N GLU L 252 -3.35 42.21 0.85
CA GLU L 252 -3.93 42.87 2.00
C GLU L 252 -2.88 43.77 2.63
N PRO L 253 -3.13 45.06 2.72
CA PRO L 253 -2.13 45.96 3.33
C PRO L 253 -2.10 45.90 4.85
N THR L 254 -1.38 44.92 5.39
CA THR L 254 -1.15 44.84 6.83
C THR L 254 -0.37 46.06 7.29
N SER L 255 0.88 46.17 6.83
CA SER L 255 1.64 47.38 7.06
C SER L 255 1.11 48.49 6.17
N HIS L 256 1.31 49.74 6.59
CA HIS L 256 0.82 50.87 5.81
C HIS L 256 1.85 51.36 4.80
N ARG L 257 2.39 50.42 4.03
CA ARG L 257 3.33 50.71 2.97
C ARG L 257 3.06 49.78 1.80
N LEU L 258 3.43 50.21 0.61
CA LEU L 258 3.24 49.44 -0.60
C LEU L 258 4.59 49.18 -1.23
N GLN L 259 4.73 48.06 -1.93
CA GLN L 259 6.02 47.60 -2.43
C GLN L 259 5.96 47.53 -3.94
N VAL L 260 6.70 48.43 -4.61
CA VAL L 260 6.72 48.56 -6.06
C VAL L 260 8.12 48.19 -6.55
N VAL L 261 8.21 47.51 -7.69
CA VAL L 261 9.49 47.14 -8.29
C VAL L 261 9.61 47.89 -9.61
N TRP L 262 10.40 48.95 -9.64
CA TRP L 262 10.57 49.78 -10.81
C TRP L 262 11.61 49.15 -11.72
N ASP L 263 11.27 48.96 -13.00
CA ASP L 263 12.12 48.08 -13.80
C ASP L 263 12.40 48.54 -15.24
N ARG L 264 12.12 49.80 -15.59
CA ARG L 264 12.44 50.30 -16.92
C ARG L 264 12.40 51.82 -16.89
N VAL L 265 13.37 52.44 -17.56
CA VAL L 265 13.42 53.89 -17.76
C VAL L 265 13.60 54.16 -19.24
N THR L 266 12.85 55.13 -19.78
CA THR L 266 13.03 55.57 -21.16
C THR L 266 13.38 57.05 -21.15
N THR L 267 14.60 57.38 -21.57
CA THR L 267 15.13 58.72 -21.43
C THR L 267 14.68 59.62 -22.58
N PRO L 268 14.75 60.95 -22.41
CA PRO L 268 14.50 61.85 -23.55
C PRO L 268 15.57 61.81 -24.61
N THR L 269 16.75 61.31 -24.29
CA THR L 269 17.86 61.20 -25.23
C THR L 269 17.87 59.86 -25.96
N GLY L 270 16.77 59.13 -25.94
CA GLY L 270 16.62 57.93 -26.72
C GLY L 270 17.34 56.73 -26.17
N LEU L 271 17.01 56.33 -24.94
CA LEU L 271 17.55 55.12 -24.34
C LEU L 271 16.43 54.32 -23.71
N ASP L 272 16.75 53.08 -23.37
CA ASP L 272 15.77 52.15 -22.83
C ASP L 272 16.53 51.21 -21.89
N VAL L 273 16.56 51.54 -20.62
CA VAL L 273 17.31 50.76 -19.65
C VAL L 273 16.34 49.89 -18.89
N THR L 274 16.86 48.82 -18.29
CA THR L 274 16.02 47.81 -17.68
C THR L 274 16.53 47.41 -16.30
N LEU L 275 16.78 48.42 -15.47
CA LEU L 275 17.36 48.27 -14.14
C LEU L 275 16.45 47.46 -13.21
N MET L 276 17.02 47.05 -12.09
CA MET L 276 16.29 46.40 -11.02
C MET L 276 16.28 47.35 -9.84
N GLY L 277 15.20 48.11 -9.69
CA GLY L 277 15.11 49.04 -8.60
C GLY L 277 13.87 48.86 -7.78
N PRO L 278 14.02 48.40 -6.54
CA PRO L 278 12.89 48.44 -5.61
C PRO L 278 12.61 49.86 -5.15
N GLY L 279 11.34 50.21 -5.14
CA GLY L 279 10.96 51.55 -4.72
C GLY L 279 11.12 51.70 -3.22
N ILE L 280 11.67 52.84 -2.82
CA ILE L 280 11.93 53.15 -1.42
C ILE L 280 11.25 54.46 -1.06
N ASP L 281 11.28 54.76 0.23
CA ASP L 281 10.85 56.03 0.79
C ASP L 281 11.80 57.14 0.34
N THR L 282 11.41 58.39 0.59
CA THR L 282 12.28 59.50 0.24
C THR L 282 13.44 59.67 1.21
N LEU L 283 13.48 58.94 2.32
CA LEU L 283 14.63 58.84 3.19
C LEU L 283 15.34 57.50 3.12
N GLY L 284 14.84 56.56 2.33
CA GLY L 284 15.53 55.30 2.13
C GLY L 284 14.87 54.08 2.70
N SER L 285 13.71 54.22 3.34
CA SER L 285 13.03 53.07 3.91
C SER L 285 12.34 52.28 2.81
N SER L 286 12.34 50.96 2.95
CA SER L 286 11.84 50.09 1.90
C SER L 286 10.32 50.16 1.84
N GLY L 287 9.79 50.41 0.64
CA GLY L 287 8.36 50.48 0.44
C GLY L 287 7.81 51.88 0.44
N HIS L 288 6.83 52.15 -0.39
CA HIS L 288 6.27 53.50 -0.47
C HIS L 288 5.15 53.66 0.53
N PRO L 289 5.14 54.71 1.35
CA PRO L 289 4.05 54.89 2.30
C PRO L 289 2.80 55.45 1.64
N GLY L 290 1.64 54.97 2.10
CA GLY L 290 0.38 55.38 1.52
C GLY L 290 -0.63 55.85 2.54
N ASN L 291 -1.89 55.99 2.11
CA ASN L 291 -2.98 56.45 2.97
C ASN L 291 -3.92 55.28 3.21
N TYR L 292 -3.81 54.64 4.37
CA TYR L 292 -4.59 53.46 4.69
C TYR L 292 -6.05 53.83 4.92
N ASN L 293 -6.95 52.97 4.44
CA ASN L 293 -8.38 53.24 4.53
C ASN L 293 -9.09 51.90 4.68
N ALA L 294 -9.37 51.51 5.91
CA ALA L 294 -10.31 50.42 6.15
C ALA L 294 -11.71 51.00 6.07
N HIS L 295 -12.54 50.42 5.22
CA HIS L 295 -13.79 51.06 4.81
C HIS L 295 -14.86 50.80 5.87
N TRP L 296 -14.73 51.47 7.01
CA TRP L 296 -15.73 51.26 8.05
C TRP L 296 -17.00 52.06 7.82
N GLY L 297 -17.04 52.92 6.81
CA GLY L 297 -18.30 53.53 6.45
C GLY L 297 -19.24 52.56 5.76
N ASN L 298 -18.71 51.71 4.89
CA ASN L 298 -19.55 50.77 4.15
C ASN L 298 -19.78 49.47 4.91
N LYS L 299 -18.86 49.10 5.82
CA LYS L 299 -19.05 47.86 6.55
C LYS L 299 -20.12 47.99 7.62
N ILE L 300 -20.27 49.18 8.18
CA ILE L 300 -21.29 49.39 9.20
C ILE L 300 -22.67 49.56 8.58
N ALA L 301 -22.77 50.38 7.52
CA ALA L 301 -24.07 50.75 6.98
C ALA L 301 -24.75 49.59 6.26
N SER L 302 -23.98 48.62 5.80
CA SER L 302 -24.58 47.47 5.12
C SER L 302 -25.16 46.48 6.13
N ALA L 303 -24.73 46.55 7.38
CA ALA L 303 -25.16 45.60 8.39
C ALA L 303 -25.88 46.24 9.56
N LEU L 304 -25.86 47.58 9.67
CA LEU L 304 -26.66 48.23 10.69
C LEU L 304 -28.12 48.31 10.28
N PHE L 305 -28.37 48.60 9.00
CA PHE L 305 -29.72 48.93 8.56
C PHE L 305 -30.62 47.70 8.53
N ILE L 306 -30.04 46.52 8.27
CA ILE L 306 -30.89 45.32 8.21
C ILE L 306 -30.93 44.64 9.57
N SER L 307 -29.94 44.88 10.43
CA SER L 307 -30.04 44.35 11.79
C SER L 307 -30.95 45.20 12.65
N LEU L 308 -31.15 46.47 12.28
CA LEU L 308 -32.09 47.30 13.02
C LEU L 308 -33.51 47.08 12.54
N LEU L 309 -33.69 46.58 11.31
CA LEU L 309 -35.03 46.26 10.83
C LEU L 309 -35.52 44.97 11.49
N SER L 310 -34.60 44.08 11.85
CA SER L 310 -34.98 42.90 12.59
C SER L 310 -35.12 43.19 14.08
N ASP L 311 -34.63 44.34 14.53
CA ASP L 311 -34.76 44.71 15.93
C ASP L 311 -36.07 45.43 16.19
N ALA L 312 -36.71 45.97 15.14
CA ALA L 312 -38.04 46.52 15.31
C ALA L 312 -39.08 45.42 15.42
N PHE L 313 -38.83 44.30 14.75
CA PHE L 313 -39.76 43.17 14.82
C PHE L 313 -39.65 42.45 16.15
N LYS L 314 -38.46 42.44 16.76
CA LYS L 314 -38.31 41.78 18.05
C LYS L 314 -38.92 42.60 19.17
N TYR L 315 -38.83 43.93 19.07
CA TYR L 315 -39.39 44.78 20.12
C TYR L 315 -40.91 44.80 20.06
N ALA L 316 -41.49 44.71 18.87
CA ALA L 316 -42.94 44.67 18.74
C ALA L 316 -43.52 43.30 19.06
N ALA L 317 -42.70 42.30 19.32
CA ALA L 317 -43.16 40.97 19.66
C ALA L 317 -42.88 40.57 21.10
N ALA L 318 -41.81 41.10 21.71
CA ALA L 318 -41.56 40.84 23.12
C ALA L 318 -42.63 41.47 23.99
N GLU L 319 -42.87 42.76 23.80
CA GLU L 319 -44.12 43.36 24.25
C GLU L 319 -45.08 43.36 23.06
N TYR L 320 -46.32 43.81 23.29
CA TYR L 320 -47.45 43.67 22.36
C TYR L 320 -47.67 42.21 21.95
N GLY L 321 -47.52 41.30 22.90
CA GLY L 321 -47.63 39.89 22.62
C GLY L 321 -47.73 39.03 23.86
N PRO L 322 -48.07 37.74 23.67
CA PRO L 322 -48.19 36.83 24.82
C PRO L 322 -46.88 36.45 25.47
N GLU L 323 -46.93 35.58 26.47
CA GLU L 323 -45.74 35.12 27.17
C GLU L 323 -45.91 33.70 27.68
N PRO L 338 -41.19 35.38 27.04
CA PRO L 338 -41.59 36.38 26.04
C PRO L 338 -41.86 35.75 24.68
N PHE L 339 -42.63 36.45 23.84
CA PHE L 339 -43.09 35.91 22.57
C PHE L 339 -41.99 36.07 21.54
N GLU L 340 -41.34 34.97 21.19
CA GLU L 340 -40.31 34.98 20.16
C GLU L 340 -40.96 35.10 18.79
N SER L 341 -40.44 36.00 17.96
CA SER L 341 -40.93 36.19 16.61
C SER L 341 -40.08 35.38 15.63
N ASN L 342 -40.58 35.25 14.40
CA ASN L 342 -39.83 34.60 13.33
C ASN L 342 -39.22 35.58 12.36
N THR L 343 -39.84 36.75 12.15
CA THR L 343 -39.25 37.75 11.28
C THR L 343 -38.05 38.42 11.91
N ALA L 344 -37.91 38.33 13.23
CA ALA L 344 -36.69 38.79 13.87
C ALA L 344 -35.61 37.73 13.80
N ARG L 345 -35.97 36.49 13.49
CA ARG L 345 -34.97 35.44 13.35
C ARG L 345 -34.50 35.30 11.91
N SER L 346 -35.42 35.32 10.96
CA SER L 346 -35.03 35.09 9.56
C SER L 346 -34.34 36.31 8.97
N MET L 347 -34.57 37.50 9.53
CA MET L 347 -33.91 38.69 9.03
C MET L 347 -32.59 38.97 9.75
N GLN L 348 -32.42 38.45 10.95
CA GLN L 348 -31.10 38.41 11.56
C GLN L 348 -30.19 37.44 10.83
N GLN L 349 -30.75 36.49 10.09
CA GLN L 349 -29.93 35.63 9.23
C GLN L 349 -29.39 36.41 8.02
N LEU L 350 -30.16 37.38 7.51
CA LEU L 350 -29.63 38.22 6.44
C LEU L 350 -28.62 39.21 6.96
N ALA L 351 -28.74 39.62 8.23
CA ALA L 351 -27.73 40.50 8.81
C ALA L 351 -26.42 39.76 9.03
N GLU L 352 -26.47 38.45 9.24
CA GLU L 352 -25.24 37.69 9.35
C GLU L 352 -24.63 37.41 7.99
N GLN L 353 -25.40 37.54 6.91
CA GLN L 353 -24.82 37.48 5.58
C GLN L 353 -24.15 38.79 5.21
N ALA L 354 -24.67 39.90 5.72
CA ALA L 354 -24.08 41.20 5.40
C ALA L 354 -22.80 41.45 6.18
N VAL L 355 -22.59 40.74 7.29
CA VAL L 355 -21.32 40.83 7.99
C VAL L 355 -20.28 39.98 7.29
N GLU L 356 -20.67 38.79 6.84
CA GLU L 356 -19.74 37.88 6.18
C GLU L 356 -19.30 38.41 4.81
N LYS L 357 -20.24 38.98 4.05
CA LYS L 357 -19.90 39.48 2.73
C LYS L 357 -19.06 40.75 2.80
N SER L 358 -19.39 41.64 3.72
CA SER L 358 -18.66 42.88 3.87
C SER L 358 -17.40 42.74 4.70
N GLY L 359 -17.13 41.54 5.22
CA GLY L 359 -15.85 41.25 5.82
C GLY L 359 -14.86 40.64 4.86
N ARG L 360 -15.28 40.35 3.63
CA ARG L 360 -14.40 39.85 2.59
C ARG L 360 -13.78 40.95 1.75
N ARG L 361 -14.13 42.21 2.03
CA ARG L 361 -13.57 43.33 1.30
C ARG L 361 -12.22 43.71 1.87
N PRO L 362 -11.19 43.84 1.05
CA PRO L 362 -9.87 44.22 1.57
C PRO L 362 -9.78 45.72 1.81
N ALA L 363 -8.84 46.10 2.66
CA ALA L 363 -8.52 47.50 2.85
C ALA L 363 -7.66 48.00 1.70
N THR L 364 -7.66 49.31 1.50
CA THR L 364 -6.87 49.92 0.46
C THR L 364 -5.85 50.86 1.06
N LEU L 365 -4.80 51.15 0.29
CA LEU L 365 -3.98 52.31 0.59
C LEU L 365 -3.67 53.02 -0.71
N THR L 366 -3.94 54.31 -0.75
CA THR L 366 -3.75 55.11 -1.94
C THR L 366 -2.49 55.96 -1.81
N ILE L 367 -1.85 56.19 -2.93
CA ILE L 367 -0.74 57.13 -3.04
C ILE L 367 -1.13 58.14 -4.10
N ASN L 368 -1.14 59.42 -3.73
CA ASN L 368 -1.70 60.44 -4.61
C ASN L 368 -0.78 60.72 -5.80
N GLN L 369 -1.29 61.49 -6.75
CA GLN L 369 -0.66 61.62 -8.05
C GLN L 369 0.41 62.70 -8.10
N GLY L 370 0.96 63.10 -6.97
CA GLY L 370 2.02 64.09 -7.05
C GLY L 370 3.21 63.79 -6.16
N THR L 371 3.11 62.71 -5.39
CA THR L 371 4.05 62.47 -4.30
C THR L 371 5.44 62.14 -4.82
N VAL L 372 6.45 62.69 -4.16
CA VAL L 372 7.84 62.51 -4.56
C VAL L 372 8.29 61.14 -4.10
N LEU L 373 8.43 60.21 -5.02
CA LEU L 373 8.90 58.86 -4.70
C LEU L 373 10.41 58.84 -4.79
N ASN L 374 11.00 57.66 -4.66
CA ASN L 374 12.45 57.51 -4.71
C ASN L 374 12.74 56.04 -5.01
N VAL L 375 13.77 55.77 -5.80
CA VAL L 375 14.08 54.42 -6.27
C VAL L 375 15.51 54.09 -5.92
N TYR L 376 15.72 52.95 -5.26
CA TYR L 376 17.05 52.46 -4.94
C TYR L 376 17.45 51.49 -6.04
N VAL L 377 18.45 51.82 -6.83
CA VAL L 377 18.92 50.87 -7.82
C VAL L 377 19.75 49.80 -7.12
N ALA L 378 19.53 48.55 -7.50
CA ALA L 378 20.11 47.44 -6.77
C ALA L 378 21.11 46.61 -7.57
N LYS L 379 21.30 46.90 -8.86
CA LYS L 379 22.38 46.30 -9.63
C LYS L 379 22.96 47.36 -10.55
N ASP L 380 24.22 47.15 -10.92
CA ASP L 380 24.92 48.09 -11.78
C ASP L 380 24.37 48.05 -13.20
N VAL L 381 24.27 49.21 -13.83
CA VAL L 381 23.88 49.33 -15.22
C VAL L 381 25.02 50.01 -15.96
N ASP L 382 25.41 49.46 -17.09
CA ASP L 382 26.60 49.92 -17.81
C ASP L 382 26.18 50.70 -19.06
N PHE L 383 26.36 52.00 -19.03
CA PHE L 383 26.04 52.90 -20.14
C PHE L 383 27.21 53.13 -21.07
N SER L 384 28.26 52.32 -21.02
CA SER L 384 29.47 52.64 -21.77
C SER L 384 29.32 52.41 -23.26
N ALA L 385 28.37 51.58 -23.67
CA ALA L 385 28.14 51.29 -25.08
C ALA L 385 27.21 52.28 -25.75
N VAL L 386 26.92 53.40 -25.07
CA VAL L 386 25.97 54.39 -25.53
C VAL L 386 26.61 55.76 -25.65
N LEU L 387 27.39 56.15 -24.64
CA LEU L 387 27.91 57.49 -24.52
C LEU L 387 28.91 57.78 -25.64
N PRO L 388 28.93 59.01 -26.16
CA PRO L 388 29.85 59.31 -27.27
C PRO L 388 31.29 59.35 -26.80
N LYS L 389 32.18 58.99 -27.71
CA LYS L 389 33.59 58.84 -27.37
C LYS L 389 34.39 60.05 -27.81
N CYS M 22 -31.74 53.00 -3.18
CA CYS M 22 -30.59 52.10 -3.14
C CYS M 22 -30.23 51.62 -4.54
N ALA M 23 -31.00 52.06 -5.53
CA ALA M 23 -30.85 51.57 -6.91
C ALA M 23 -29.64 52.23 -7.59
N THR M 24 -29.49 51.98 -8.88
CA THR M 24 -28.34 52.41 -9.64
C THR M 24 -28.65 53.73 -10.35
N LYS M 25 -27.75 54.70 -10.21
CA LYS M 25 -27.90 55.98 -10.90
C LYS M 25 -27.64 55.83 -12.39
N PRO M 26 -28.59 56.19 -13.25
CA PRO M 26 -28.38 56.01 -14.69
C PRO M 26 -27.47 57.05 -15.31
N ALA M 27 -27.35 57.01 -16.63
CA ALA M 27 -26.56 57.98 -17.38
C ALA M 27 -27.25 59.34 -17.36
N PRO M 28 -26.49 60.43 -17.57
CA PRO M 28 -27.12 61.75 -17.66
C PRO M 28 -27.99 61.87 -18.89
N ASP M 29 -29.00 62.73 -18.79
CA ASP M 29 -29.98 62.93 -19.85
C ASP M 29 -29.95 64.38 -20.29
N PHE M 30 -30.31 64.62 -21.55
CA PHE M 30 -30.24 65.96 -22.12
C PHE M 30 -31.52 66.74 -21.81
N GLY M 31 -31.67 67.87 -22.48
CA GLY M 31 -32.86 68.70 -22.33
C GLY M 31 -32.58 70.15 -22.65
N GLY M 32 -33.48 70.80 -23.37
CA GLY M 32 -33.24 72.15 -23.79
C GLY M 32 -34.26 72.72 -24.75
N ARG M 33 -33.77 73.38 -25.80
CA ARG M 33 -34.61 74.25 -26.62
C ARG M 33 -34.89 73.69 -28.02
N TRP M 34 -34.10 72.72 -28.48
CA TRP M 34 -34.12 72.17 -29.83
C TRP M 34 -33.88 73.25 -30.88
N LYS M 35 -32.67 73.82 -30.83
CA LYS M 35 -32.19 74.63 -31.93
C LYS M 35 -31.82 73.71 -33.10
N HIS M 36 -31.83 74.25 -34.31
CA HIS M 36 -31.57 73.43 -35.49
C HIS M 36 -30.12 73.50 -35.90
N VAL M 37 -29.60 72.36 -36.37
CA VAL M 37 -28.17 72.22 -36.60
C VAL M 37 -27.75 72.93 -37.88
N ASN M 38 -28.30 72.50 -39.02
CA ASN M 38 -27.83 72.92 -40.33
C ASN M 38 -28.31 74.35 -40.60
N HIS M 39 -27.56 75.30 -40.08
CA HIS M 39 -27.97 76.70 -40.06
C HIS M 39 -27.00 77.53 -40.90
N PHE M 40 -27.50 78.11 -41.98
CA PHE M 40 -26.74 79.13 -42.69
C PHE M 40 -26.71 80.41 -41.87
N ASP M 41 -25.61 81.15 -41.98
CA ASP M 41 -25.48 82.43 -41.32
C ASP M 41 -25.92 83.55 -42.27
N GLU M 42 -25.69 84.79 -41.87
CA GLU M 42 -26.03 85.94 -42.70
C GLU M 42 -24.84 86.81 -43.04
N ALA M 43 -23.67 86.56 -42.47
CA ALA M 43 -22.49 87.35 -42.74
C ALA M 43 -21.55 86.55 -43.64
N PRO M 44 -21.34 86.96 -44.87
CA PRO M 44 -20.40 86.23 -45.74
C PRO M 44 -18.95 86.47 -45.36
N THR M 45 -18.46 85.68 -44.41
CA THR M 45 -17.07 85.74 -43.99
C THR M 45 -16.14 85.40 -45.14
N GLU M 46 -15.21 86.30 -45.42
CA GLU M 46 -14.32 86.18 -46.58
C GLU M 46 -13.06 85.42 -46.17
N ILE M 47 -12.96 84.17 -46.60
CA ILE M 47 -11.78 83.35 -46.34
C ILE M 47 -10.73 83.67 -47.39
N PRO M 48 -9.53 84.12 -47.00
CA PRO M 48 -8.49 84.37 -48.00
C PRO M 48 -7.94 83.07 -48.56
N LEU M 49 -7.44 83.16 -49.79
CA LEU M 49 -6.83 82.03 -50.47
C LEU M 49 -5.31 82.09 -50.48
N TYR M 50 -4.74 83.27 -50.70
CA TYR M 50 -3.29 83.44 -50.87
C TYR M 50 -2.80 84.29 -49.70
N THR M 51 -2.25 83.64 -48.68
CA THR M 51 -1.80 84.30 -47.46
C THR M 51 -0.29 84.51 -47.51
N SER M 52 0.14 85.73 -47.26
CA SER M 52 1.56 86.06 -47.24
C SER M 52 2.13 85.81 -45.85
N TYR M 53 3.36 86.24 -45.62
CA TYR M 53 4.05 86.06 -44.36
C TYR M 53 4.03 87.35 -43.57
N THR M 54 3.51 87.30 -42.34
CA THR M 54 3.42 88.48 -41.49
C THR M 54 4.63 88.52 -40.55
N TYR M 55 5.44 89.56 -40.68
CA TYR M 55 6.53 89.80 -39.76
C TYR M 55 5.96 90.23 -38.42
N GLN M 56 6.14 89.42 -37.39
CA GLN M 56 5.64 89.76 -36.07
C GLN M 56 6.58 89.20 -35.02
N ALA M 57 6.24 89.44 -33.76
CA ALA M 57 7.10 89.13 -32.62
C ALA M 57 6.39 88.16 -31.70
N THR M 58 6.83 86.91 -31.70
CA THR M 58 6.31 85.93 -30.78
C THR M 58 6.91 86.14 -29.39
N PRO M 59 6.28 85.60 -28.35
CA PRO M 59 6.93 85.60 -27.03
C PRO M 59 8.00 84.54 -26.87
N MET M 60 8.12 83.60 -27.79
CA MET M 60 9.06 82.49 -27.62
C MET M 60 10.50 82.92 -27.83
N ASP M 61 10.80 83.56 -28.95
CA ASP M 61 12.14 84.07 -29.19
C ASP M 61 12.46 85.20 -28.22
N GLY M 62 13.44 84.96 -27.35
CA GLY M 62 13.67 85.82 -26.21
C GLY M 62 14.30 87.16 -26.54
N THR M 63 15.39 87.15 -27.28
CA THR M 63 16.18 88.35 -27.48
C THR M 63 15.95 88.93 -28.87
N LEU M 64 16.56 90.08 -29.14
CA LEU M 64 16.43 90.73 -30.43
C LEU M 64 17.16 89.97 -31.51
N LYS M 65 18.25 89.27 -31.16
CA LYS M 65 19.00 88.55 -32.18
C LYS M 65 18.27 87.30 -32.62
N THR M 66 17.63 86.60 -31.69
CA THR M 66 16.91 85.37 -32.03
C THR M 66 15.62 85.65 -32.78
N MET M 67 15.08 86.86 -32.66
CA MET M 67 13.90 87.21 -33.45
C MET M 67 14.29 87.52 -34.88
N LEU M 68 15.43 88.17 -35.09
CA LEU M 68 15.85 88.48 -36.44
C LEU M 68 16.54 87.31 -37.12
N GLU M 69 16.98 86.30 -36.37
CA GLU M 69 17.46 85.08 -37.01
C GLU M 69 16.32 84.26 -37.60
N ARG M 70 15.11 84.42 -37.09
CA ARG M 70 13.98 83.71 -37.65
C ARG M 70 13.11 84.59 -38.54
N TRP M 71 13.41 85.88 -38.66
CA TRP M 71 12.84 86.64 -39.78
C TRP M 71 13.66 86.44 -41.04
N ALA M 72 14.97 86.30 -40.89
CA ALA M 72 15.82 86.02 -42.04
C ALA M 72 15.64 84.60 -42.53
N ALA M 73 15.38 83.66 -41.62
CA ALA M 73 15.21 82.27 -42.03
C ALA M 73 13.87 82.05 -42.71
N ASP M 74 12.82 82.71 -42.22
CA ASP M 74 11.49 82.55 -42.76
C ASP M 74 11.21 83.46 -43.95
N SER M 75 12.23 84.10 -44.50
CA SER M 75 12.05 84.96 -45.67
C SER M 75 13.18 84.85 -46.68
N ASN M 76 14.14 83.95 -46.47
CA ASN M 76 15.33 83.77 -47.30
C ASN M 76 16.13 85.07 -47.44
N MET M 77 16.61 85.55 -46.30
CA MET M 77 17.53 86.69 -46.25
C MET M 77 18.68 86.35 -45.32
N GLN M 78 19.70 87.20 -45.34
CA GLN M 78 20.89 87.01 -44.53
C GLN M 78 20.91 88.04 -43.40
N LEU M 79 21.38 87.63 -42.24
CA LEU M 79 21.45 88.50 -41.08
C LEU M 79 22.90 88.88 -40.80
N SER M 80 23.16 90.17 -40.75
CA SER M 80 24.46 90.70 -40.35
C SER M 80 24.26 91.47 -39.05
N TYR M 81 24.33 90.76 -37.94
CA TYR M 81 24.19 91.37 -36.61
C TYR M 81 25.54 91.91 -36.20
N ASN M 82 25.69 93.23 -36.20
CA ASN M 82 26.96 93.89 -35.94
C ASN M 82 26.92 94.70 -34.66
N LEU M 83 26.33 94.14 -33.62
CA LEU M 83 26.37 94.76 -32.31
C LEU M 83 27.20 93.92 -31.35
N PRO M 84 27.94 94.54 -30.43
CA PRO M 84 28.74 93.76 -29.47
C PRO M 84 27.92 93.08 -28.39
N SER M 85 26.64 93.39 -28.26
CA SER M 85 25.83 92.78 -27.23
C SER M 85 24.39 92.63 -27.74
N ASP M 86 23.60 91.87 -26.99
CA ASP M 86 22.26 91.46 -27.41
C ASP M 86 21.24 92.00 -26.43
N TYR M 87 20.09 92.41 -26.96
CA TYR M 87 19.03 93.03 -26.17
C TYR M 87 17.80 92.13 -26.13
N THR M 88 17.14 92.09 -24.98
CA THR M 88 15.93 91.31 -24.87
C THR M 88 14.73 92.09 -25.40
N LEU M 89 13.65 91.37 -25.68
CA LEU M 89 12.47 91.98 -26.26
C LEU M 89 11.62 92.63 -25.17
N ILE M 90 11.06 93.80 -25.49
CA ILE M 90 10.30 94.57 -24.52
C ILE M 90 8.86 94.72 -24.94
N GLY M 91 8.08 95.43 -24.13
CA GLY M 91 6.65 95.63 -24.31
C GLY M 91 6.16 96.14 -25.66
N PRO M 92 6.64 97.30 -26.12
CA PRO M 92 6.18 97.83 -27.42
C PRO M 92 6.65 97.06 -28.64
N VAL M 93 7.41 95.96 -28.50
CA VAL M 93 7.74 95.14 -29.65
C VAL M 93 6.52 94.36 -30.11
N SER M 94 5.61 94.03 -29.18
CA SER M 94 4.43 93.26 -29.50
C SER M 94 3.31 94.11 -30.11
N ALA M 95 3.65 94.89 -31.13
CA ALA M 95 2.66 95.59 -31.94
C ALA M 95 2.99 95.55 -33.41
N ILE M 96 4.12 94.95 -33.79
CA ILE M 96 4.52 94.86 -35.19
C ILE M 96 3.80 93.69 -35.82
N SER M 97 3.02 93.96 -36.86
CA SER M 97 2.37 92.89 -37.63
C SER M 97 2.22 93.41 -39.05
N THR M 98 3.16 93.05 -39.91
CA THR M 98 3.21 93.60 -41.26
C THR M 98 3.69 92.51 -42.21
N THR M 99 3.11 92.48 -43.41
CA THR M 99 3.57 91.61 -44.49
C THR M 99 4.69 92.24 -45.30
N SER M 100 5.25 93.34 -44.83
CA SER M 100 6.34 94.05 -45.49
C SER M 100 7.55 94.10 -44.56
N VAL M 101 8.72 93.77 -45.10
CA VAL M 101 9.93 93.74 -44.28
C VAL M 101 10.42 95.15 -43.97
N GLN M 102 10.17 96.10 -44.86
CA GLN M 102 10.67 97.45 -44.65
C GLN M 102 9.87 98.19 -43.60
N GLN M 103 8.57 97.95 -43.53
CA GLN M 103 7.75 98.62 -42.53
C GLN M 103 7.94 98.00 -41.15
N ALA M 104 8.40 96.75 -41.10
CA ALA M 104 8.65 96.10 -39.82
C ALA M 104 10.02 96.46 -39.28
N ALA M 105 11.00 96.71 -40.16
CA ALA M 105 12.30 97.18 -39.69
C ALA M 105 12.24 98.64 -39.28
N THR M 106 11.26 99.39 -39.79
CA THR M 106 11.09 100.78 -39.38
C THR M 106 10.45 100.84 -38.00
N GLU M 107 9.42 100.04 -37.75
CA GLU M 107 8.76 100.02 -36.45
C GLU M 107 9.66 99.43 -35.37
N LEU M 108 10.62 98.59 -35.75
CA LEU M 108 11.53 98.02 -34.76
C LEU M 108 12.54 99.05 -34.31
N SER M 109 13.11 99.81 -35.24
CA SER M 109 14.12 100.80 -34.90
C SER M 109 13.54 102.00 -34.17
N ALA M 110 12.23 102.22 -34.25
CA ALA M 110 11.60 103.24 -33.41
C ALA M 110 11.53 102.78 -31.96
N VAL M 111 11.44 101.47 -31.72
CA VAL M 111 11.39 100.96 -30.35
C VAL M 111 12.77 101.03 -29.72
N TYR M 112 13.77 100.48 -30.39
CA TYR M 112 15.14 100.44 -29.87
C TYR M 112 15.96 101.63 -30.35
N ALA M 113 15.41 102.82 -30.14
CA ALA M 113 16.14 104.04 -30.43
C ALA M 113 16.94 104.54 -29.24
N ALA M 114 16.54 104.16 -28.03
CA ALA M 114 17.22 104.63 -26.83
C ALA M 114 18.56 103.94 -26.62
N GLN M 115 18.79 102.80 -27.27
CA GLN M 115 20.02 102.05 -27.09
C GLN M 115 20.93 102.14 -28.31
N GLY M 116 20.56 102.94 -29.30
CA GLY M 116 21.38 103.11 -30.48
C GLY M 116 21.40 101.88 -31.38
N VAL M 117 20.22 101.35 -31.69
CA VAL M 117 20.07 100.17 -32.52
C VAL M 117 19.29 100.56 -33.76
N SER M 118 19.90 100.41 -34.92
CA SER M 118 19.26 100.72 -36.20
C SER M 118 19.23 99.46 -37.05
N VAL M 119 18.04 99.06 -37.48
CA VAL M 119 17.85 97.87 -38.29
C VAL M 119 17.30 98.30 -39.64
N SER M 120 17.99 97.92 -40.71
CA SER M 120 17.58 98.28 -42.07
C SER M 120 17.79 97.09 -42.97
N VAL M 121 17.24 97.18 -44.18
CA VAL M 121 17.28 96.12 -45.17
C VAL M 121 17.97 96.65 -46.43
N SER M 122 19.10 96.06 -46.78
CA SER M 122 19.80 96.43 -48.02
C SER M 122 19.40 95.52 -49.18
N ALA M 123 18.07 95.35 -49.34
CA ALA M 123 17.36 94.77 -50.48
C ALA M 123 17.55 93.27 -50.64
N ASN M 124 18.48 92.66 -49.91
CA ASN M 124 18.61 91.22 -49.89
C ASN M 124 19.02 90.67 -48.53
N LYS M 125 19.19 91.52 -47.51
CA LYS M 125 19.76 91.11 -46.24
C LYS M 125 19.45 92.18 -45.20
N LEU M 126 19.51 91.78 -43.94
CA LEU M 126 19.23 92.67 -42.83
C LEU M 126 20.54 93.16 -42.22
N LEU M 127 20.57 94.44 -41.84
CA LEU M 127 21.74 95.06 -41.25
C LEU M 127 21.38 95.59 -39.87
N VAL M 128 22.11 95.13 -38.86
CA VAL M 128 21.94 95.61 -37.49
C VAL M 128 23.23 96.31 -37.10
N GLN M 129 23.21 97.64 -37.15
CA GLN M 129 24.37 98.47 -36.90
C GLN M 129 23.97 99.60 -35.95
N PRO M 130 24.93 100.16 -35.22
CA PRO M 130 24.61 101.34 -34.39
C PRO M 130 24.22 102.54 -35.22
N VAL M 131 23.48 103.44 -34.60
CA VAL M 131 22.95 104.63 -35.28
C VAL M 131 24.11 105.61 -35.49
N PRO M 132 24.19 106.26 -36.67
CA PRO M 132 25.20 107.31 -36.88
C PRO M 132 24.95 108.55 -36.03
N GLN N 27 -4.98 31.84 -67.18
CA GLN N 27 -3.95 31.34 -68.08
C GLN N 27 -2.81 30.69 -67.29
N VAL N 28 -2.34 31.40 -66.29
CA VAL N 28 -1.31 30.91 -65.37
C VAL N 28 -1.92 30.53 -64.02
N VAL N 29 -2.73 31.41 -63.45
CA VAL N 29 -3.57 31.10 -62.31
C VAL N 29 -5.01 31.13 -62.82
N GLN N 30 -5.65 29.97 -62.88
CA GLN N 30 -6.95 29.86 -63.52
C GLN N 30 -8.02 29.56 -62.47
N GLU N 31 -9.13 30.29 -62.56
CA GLU N 31 -10.29 30.07 -61.70
C GLU N 31 -11.32 29.25 -62.45
N TYR N 32 -11.90 28.27 -61.77
CA TYR N 32 -13.04 27.53 -62.30
C TYR N 32 -14.26 27.81 -61.44
N GLU N 33 -15.43 27.78 -62.08
CA GLU N 33 -16.69 27.92 -61.36
C GLU N 33 -17.25 26.54 -61.09
N TYR N 34 -17.60 26.29 -59.84
CA TYR N 34 -18.04 24.96 -59.45
C TYR N 34 -19.45 24.70 -59.95
N ALA N 35 -19.60 23.68 -60.78
CA ALA N 35 -20.87 23.11 -61.17
C ALA N 35 -20.83 21.61 -60.96
N PRO N 36 -21.95 21.00 -60.60
CA PRO N 36 -21.93 19.55 -60.33
C PRO N 36 -21.70 18.73 -61.60
N ASP N 37 -20.77 17.77 -61.49
CA ASP N 37 -20.40 16.83 -62.55
C ASP N 37 -19.89 17.55 -63.81
N ARG N 38 -18.79 18.27 -63.64
CA ARG N 38 -18.10 18.94 -64.73
C ARG N 38 -16.66 18.46 -64.76
N ILE N 39 -16.10 18.36 -65.96
CA ILE N 39 -14.73 17.85 -66.13
C ILE N 39 -13.80 19.05 -66.17
N TYR N 40 -13.00 19.23 -65.12
CA TYR N 40 -12.07 20.34 -65.04
C TYR N 40 -10.69 19.89 -65.50
N GLN N 41 -10.10 20.64 -66.41
CA GLN N 41 -8.81 20.28 -66.99
C GLN N 41 -7.69 20.98 -66.24
N VAL N 42 -6.73 20.19 -65.75
CA VAL N 42 -5.56 20.70 -65.06
C VAL N 42 -4.35 20.34 -65.90
N ARG N 43 -3.59 21.35 -66.32
CA ARG N 43 -2.45 21.15 -67.21
C ARG N 43 -1.17 21.38 -66.43
N THR N 44 -0.32 20.37 -66.36
CA THR N 44 0.88 20.38 -65.54
C THR N 44 2.12 20.39 -66.41
N GLY N 45 3.26 20.59 -65.74
CA GLY N 45 4.56 20.51 -66.38
C GLY N 45 5.46 19.59 -65.58
N LEU N 46 6.61 19.25 -66.17
CA LEU N 46 7.36 18.12 -65.64
C LEU N 46 8.16 18.48 -64.39
N GLY N 47 8.71 19.68 -64.30
CA GLY N 47 9.43 20.08 -63.10
C GLY N 47 8.76 21.23 -62.36
N ILE N 48 7.44 21.21 -62.29
CA ILE N 48 6.63 22.33 -61.84
C ILE N 48 5.52 21.80 -60.94
N THR N 49 5.41 22.34 -59.72
CA THR N 49 4.25 22.06 -58.91
C THR N 49 3.06 22.85 -59.40
N THR N 50 1.91 22.18 -59.46
CA THR N 50 0.63 22.82 -59.68
C THR N 50 -0.22 22.52 -58.46
N GLN N 51 -0.80 23.54 -57.85
CA GLN N 51 -1.70 23.29 -56.74
C GLN N 51 -3.15 23.51 -57.17
N VAL N 52 -4.02 22.61 -56.74
CA VAL N 52 -5.45 22.84 -56.82
C VAL N 52 -5.92 23.19 -55.42
N GLU N 53 -6.82 24.17 -55.32
CA GLU N 53 -7.26 24.66 -54.03
C GLU N 53 -8.78 24.54 -53.95
N LEU N 54 -9.23 23.71 -53.04
CA LEU N 54 -10.65 23.46 -52.86
C LEU N 54 -11.20 24.47 -51.85
N SER N 55 -12.42 24.27 -51.41
CA SER N 55 -12.98 25.21 -50.45
C SER N 55 -12.42 24.95 -49.06
N PRO N 56 -12.17 25.99 -48.27
CA PRO N 56 -11.75 25.79 -46.88
C PRO N 56 -12.86 25.29 -45.98
N ASN N 57 -14.10 25.30 -46.44
CA ASN N 57 -15.25 25.01 -45.58
C ASN N 57 -15.38 23.52 -45.31
N GLU N 58 -15.29 22.70 -46.35
CA GLU N 58 -15.59 21.28 -46.26
C GLU N 58 -14.33 20.45 -46.11
N LYS N 59 -14.48 19.31 -45.45
CA LYS N 59 -13.39 18.37 -45.23
C LYS N 59 -13.35 17.35 -46.35
N ILE N 60 -12.15 17.06 -46.83
CA ILE N 60 -11.96 16.11 -47.92
C ILE N 60 -12.06 14.69 -47.39
N LEU N 61 -13.01 13.91 -47.92
CA LEU N 61 -13.19 12.54 -47.48
C LEU N 61 -12.15 11.63 -48.11
N ASP N 62 -12.12 11.55 -49.44
CA ASP N 62 -11.22 10.63 -50.12
C ASP N 62 -10.89 11.15 -51.51
N TYR N 63 -9.91 10.52 -52.13
CA TYR N 63 -9.47 10.88 -53.47
C TYR N 63 -8.77 9.67 -54.08
N SER N 64 -8.83 9.57 -55.40
CA SER N 64 -8.18 8.46 -56.09
C SER N 64 -7.91 8.87 -57.52
N THR N 65 -6.64 8.81 -57.92
CA THR N 65 -6.23 9.05 -59.29
C THR N 65 -5.86 7.75 -59.97
N GLY N 66 -6.21 7.64 -61.25
CA GLY N 66 -5.72 6.52 -62.03
C GLY N 66 -4.26 6.70 -62.34
N PHE N 67 -3.54 5.57 -62.44
CA PHE N 67 -2.09 5.51 -62.66
C PHE N 67 -1.34 6.28 -61.58
N THR N 68 -1.44 5.72 -60.36
CA THR N 68 -0.94 6.39 -59.16
C THR N 68 0.57 6.55 -59.19
N GLY N 69 1.28 5.60 -59.79
CA GLY N 69 2.73 5.67 -59.82
C GLY N 69 3.33 6.54 -60.92
N GLY N 70 2.61 7.59 -61.31
CA GLY N 70 3.12 8.54 -62.27
C GLY N 70 2.79 9.95 -61.84
N TRP N 71 2.36 10.10 -60.59
CA TRP N 71 1.96 11.39 -60.05
C TRP N 71 2.33 11.44 -58.59
N GLU N 72 3.22 12.36 -58.24
CA GLU N 72 3.57 12.64 -56.85
C GLU N 72 2.66 13.75 -56.35
N LEU N 73 1.69 13.39 -55.52
CA LEU N 73 0.74 14.37 -55.00
C LEU N 73 0.58 14.20 -53.51
N THR N 74 0.65 15.32 -52.78
CA THR N 74 0.45 15.37 -51.34
C THR N 74 -0.64 16.38 -51.05
N ARG N 75 -1.29 16.24 -49.89
CA ARG N 75 -2.35 17.17 -49.51
C ARG N 75 -2.09 17.78 -48.15
N ARG N 76 -2.52 19.04 -48.00
CA ARG N 76 -2.55 19.72 -46.70
C ARG N 76 -3.94 20.33 -46.55
N GLU N 77 -4.90 19.49 -46.19
CA GLU N 77 -6.23 19.78 -45.65
C GLU N 77 -7.23 20.43 -46.62
N ASN N 78 -6.77 21.12 -47.65
CA ASN N 78 -7.62 21.41 -48.81
C ASN N 78 -6.87 21.59 -50.11
N VAL N 79 -5.54 21.45 -50.14
CA VAL N 79 -4.75 21.79 -51.31
C VAL N 79 -3.92 20.58 -51.71
N PHE N 80 -3.92 20.26 -53.00
CA PHE N 80 -3.17 19.13 -53.53
C PHE N 80 -2.06 19.68 -54.40
N TYR N 81 -0.82 19.36 -54.04
CA TYR N 81 0.33 19.78 -54.84
C TYR N 81 0.67 18.67 -55.82
N LEU N 82 0.37 18.87 -57.08
CA LEU N 82 0.50 17.86 -58.12
C LEU N 82 1.79 18.06 -58.90
N LYS N 83 2.50 16.96 -59.16
CA LYS N 83 3.58 17.00 -60.13
C LYS N 83 3.67 15.62 -60.76
N PRO N 84 3.89 15.55 -62.07
CA PRO N 84 4.01 14.26 -62.74
C PRO N 84 5.38 13.64 -62.51
N LYS N 85 5.57 12.44 -63.03
CA LYS N 85 6.86 11.78 -62.95
C LYS N 85 7.41 11.35 -64.30
N ASN N 86 6.61 11.31 -65.35
CA ASN N 86 7.11 10.91 -66.66
C ASN N 86 6.28 11.64 -67.71
N VAL N 87 6.62 11.41 -68.98
CA VAL N 87 6.12 12.26 -70.05
C VAL N 87 4.68 11.93 -70.43
N ASP N 88 4.22 10.69 -70.22
CA ASP N 88 2.87 10.29 -70.59
C ASP N 88 2.17 9.66 -69.38
N VAL N 89 1.63 10.52 -68.52
CA VAL N 89 0.98 10.08 -67.29
C VAL N 89 -0.40 10.70 -67.22
N ASP N 90 -1.01 10.94 -68.38
CA ASP N 90 -2.32 11.59 -68.46
C ASP N 90 -3.38 10.70 -67.82
N THR N 91 -4.16 11.28 -66.91
CA THR N 91 -5.12 10.48 -66.16
C THR N 91 -6.22 11.40 -65.63
N ASN N 92 -7.12 10.82 -64.86
CA ASN N 92 -8.12 11.56 -64.10
C ASN N 92 -7.78 11.56 -62.62
N MET N 93 -8.40 12.48 -61.89
CA MET N 93 -8.35 12.43 -60.44
C MET N 93 -9.69 12.91 -59.92
N MET N 94 -10.23 12.18 -58.95
CA MET N 94 -11.55 12.44 -58.42
C MET N 94 -11.45 12.73 -56.94
N ILE N 95 -11.91 13.90 -56.54
CA ILE N 95 -11.93 14.31 -55.15
C ILE N 95 -13.37 14.32 -54.70
N ARG N 96 -13.63 13.77 -53.52
CA ARG N 96 -14.97 13.70 -52.98
C ARG N 96 -14.93 14.27 -51.57
N THR N 97 -15.50 15.45 -51.38
CA THR N 97 -15.62 16.07 -50.07
C THR N 97 -16.97 15.69 -49.46
N ALA N 98 -17.38 16.40 -48.42
CA ALA N 98 -18.63 16.08 -47.75
C ALA N 98 -19.84 16.44 -48.60
N THR N 99 -19.75 17.52 -49.40
CA THR N 99 -20.89 17.94 -50.21
C THR N 99 -20.53 18.29 -51.64
N HIS N 100 -19.27 18.22 -52.04
CA HIS N 100 -18.87 18.50 -53.40
C HIS N 100 -18.18 17.27 -54.00
N SER N 101 -18.14 17.25 -55.33
CA SER N 101 -17.51 16.15 -56.05
C SER N 101 -16.84 16.70 -57.30
N TYR N 102 -15.53 16.50 -57.40
CA TYR N 102 -14.72 17.08 -58.46
C TYR N 102 -14.20 15.96 -59.36
N ILE N 103 -14.19 16.20 -60.66
CA ILE N 103 -13.60 15.28 -61.61
C ILE N 103 -12.54 16.06 -62.37
N LEU N 104 -11.29 15.90 -61.97
CA LEU N 104 -10.18 16.60 -62.59
C LEU N 104 -9.60 15.76 -63.71
N GLU N 105 -9.13 16.41 -64.75
CA GLU N 105 -8.62 15.75 -65.95
C GLU N 105 -7.16 16.16 -66.13
N LEU N 106 -6.25 15.39 -65.55
CA LEU N 106 -4.84 15.75 -65.46
C LEU N 106 -4.13 15.53 -66.78
N LYS N 107 -3.34 16.52 -67.19
CA LYS N 107 -2.60 16.47 -68.45
C LYS N 107 -1.14 16.80 -68.17
N VAL N 108 -0.30 16.57 -69.17
CA VAL N 108 1.10 16.99 -69.16
C VAL N 108 1.36 17.74 -70.45
N VAL N 109 1.70 19.03 -70.34
CA VAL N 109 1.77 19.89 -71.51
C VAL N 109 3.17 20.47 -71.75
N ALA N 110 4.04 20.54 -70.73
CA ALA N 110 5.39 21.02 -70.91
C ALA N 110 6.36 20.04 -70.28
N THR N 111 7.24 19.46 -71.09
CA THR N 111 8.16 18.44 -70.62
C THR N 111 9.61 18.65 -71.05
N ASP N 112 9.87 19.45 -72.09
CA ASP N 112 11.18 19.56 -72.71
C ASP N 112 11.79 20.93 -72.49
N TRP N 113 11.18 21.76 -71.64
CA TRP N 113 11.59 23.15 -71.50
C TRP N 113 12.91 23.26 -70.76
N GLN N 114 13.72 24.23 -71.18
CA GLN N 114 14.94 24.60 -70.47
C GLN N 114 14.80 25.91 -69.73
N ARG N 115 14.03 26.83 -70.28
CA ARG N 115 13.75 28.12 -69.69
C ARG N 115 12.30 28.14 -69.22
N LEU N 116 12.05 28.73 -68.04
CA LEU N 116 10.75 28.58 -67.41
C LEU N 116 9.67 29.42 -68.08
N GLU N 117 10.06 30.35 -68.94
CA GLU N 117 9.11 31.06 -69.78
C GLU N 117 8.55 30.16 -70.88
N GLN N 118 9.26 29.09 -71.25
CA GLN N 118 8.75 28.19 -72.28
C GLN N 118 7.61 27.33 -71.76
N ALA N 119 7.54 27.10 -70.46
CA ALA N 119 6.41 26.37 -69.92
C ALA N 119 5.19 27.26 -69.75
N LYS N 120 5.40 28.57 -69.60
CA LYS N 120 4.28 29.51 -69.60
C LYS N 120 3.57 29.50 -70.94
N GLN N 121 4.33 29.54 -72.02
CA GLN N 121 3.76 29.59 -73.36
C GLN N 121 3.20 28.23 -73.78
N ALA N 122 3.74 27.15 -73.23
CA ALA N 122 3.18 25.83 -73.50
C ALA N 122 1.81 25.67 -72.86
N GLY N 123 1.57 26.33 -71.74
CA GLY N 123 0.23 26.40 -71.20
C GLY N 123 0.07 25.74 -69.86
N VAL N 124 1.10 25.77 -69.00
CA VAL N 124 0.96 25.17 -67.69
C VAL N 124 0.10 26.06 -66.81
N GLN N 125 -0.39 25.48 -65.72
CA GLN N 125 -1.21 26.18 -64.76
C GLN N 125 -0.54 26.06 -63.40
N TYR N 126 -0.04 27.18 -62.89
CA TYR N 126 0.60 27.19 -61.58
C TYR N 126 -0.40 26.94 -60.47
N LYS N 127 -1.55 27.59 -60.50
CA LYS N 127 -2.55 27.46 -59.45
C LYS N 127 -3.90 27.19 -60.08
N VAL N 128 -4.73 26.40 -59.41
CA VAL N 128 -6.12 26.19 -59.78
C VAL N 128 -6.98 26.44 -58.54
N VAL N 129 -7.91 27.38 -58.63
CA VAL N 129 -8.83 27.67 -57.54
C VAL N 129 -10.24 27.59 -58.06
N PHE N 130 -11.16 27.20 -57.18
CA PHE N 130 -12.57 27.03 -57.53
C PHE N 130 -13.40 28.11 -56.86
N THR N 131 -14.24 28.78 -57.64
CA THR N 131 -15.19 29.75 -57.12
C THR N 131 -16.55 29.09 -56.99
N TYR N 132 -17.27 29.41 -55.93
CA TYR N 132 -18.50 28.71 -55.58
C TYR N 132 -19.69 29.66 -55.62
N PRO N 133 -20.54 29.61 -56.63
CA PRO N 133 -21.68 30.50 -56.69
C PRO N 133 -22.78 30.07 -55.75
N LYS N 134 -23.68 31.00 -55.46
CA LYS N 134 -24.87 30.65 -54.72
C LYS N 134 -25.94 30.12 -55.66
N ASP N 135 -27.01 29.59 -55.10
CA ASP N 135 -28.04 28.91 -55.86
C ASP N 135 -28.80 29.90 -56.73
N THR N 136 -29.28 29.42 -57.88
CA THR N 136 -29.89 30.31 -58.86
C THR N 136 -31.29 30.75 -58.43
N SER N 137 -31.87 30.12 -57.41
CA SER N 137 -33.16 30.59 -56.91
C SER N 137 -33.00 31.85 -56.07
N PHE N 138 -31.78 32.12 -55.60
CA PHE N 138 -31.53 33.37 -54.89
C PHE N 138 -31.06 34.46 -55.84
N ASN N 139 -30.66 34.09 -57.06
CA ASN N 139 -30.23 35.10 -58.02
C ASN N 139 -31.44 35.82 -58.63
N ASN N 140 -32.61 35.20 -58.55
CA ASN N 140 -33.82 35.87 -59.02
C ASN N 140 -34.24 36.99 -58.05
N VAL N 141 -33.79 36.91 -56.81
CA VAL N 141 -34.07 37.93 -55.82
C VAL N 141 -33.05 39.06 -55.92
N LYS N 148 -24.73 47.58 -56.41
CA LYS N 148 -23.74 47.34 -57.45
C LYS N 148 -23.09 48.63 -57.90
N ASN N 149 -23.90 49.69 -57.96
CA ASN N 149 -23.45 50.99 -58.45
C ASN N 149 -22.62 51.68 -57.35
N GLY N 150 -21.37 51.25 -57.26
CA GLY N 150 -20.44 51.83 -56.31
C GLY N 150 -20.72 51.42 -54.88
N PRO N 151 -20.02 52.05 -53.94
CA PRO N 151 -20.21 51.71 -52.53
C PRO N 151 -21.46 52.33 -51.93
N LEU N 152 -21.96 51.69 -50.88
CA LEU N 152 -23.17 52.13 -50.22
C LEU N 152 -22.94 53.30 -49.28
N LEU N 153 -21.75 53.42 -48.72
CA LEU N 153 -21.42 54.49 -47.78
C LEU N 153 -20.43 55.41 -48.47
N ASN N 154 -20.90 56.57 -48.89
CA ASN N 154 -20.06 57.55 -49.57
C ASN N 154 -20.34 58.89 -48.91
N ALA N 155 -19.34 59.43 -48.21
CA ALA N 155 -19.52 60.63 -47.39
C ALA N 155 -19.73 61.89 -48.21
N LYS N 156 -19.43 61.88 -49.50
CA LYS N 156 -19.73 63.01 -50.36
C LYS N 156 -21.21 63.03 -50.71
N ILE N 157 -21.63 64.10 -51.36
CA ILE N 157 -23.00 64.23 -51.85
C ILE N 157 -23.03 63.77 -53.29
N LEU N 158 -23.82 62.75 -53.57
CA LEU N 158 -23.84 62.17 -54.90
C LEU N 158 -24.92 62.85 -55.74
N LYS N 159 -24.87 62.60 -57.05
CA LYS N 159 -25.81 63.20 -57.97
C LYS N 159 -27.20 62.59 -57.82
N ASP N 160 -27.28 61.30 -57.56
CA ASP N 160 -28.53 60.55 -57.61
C ASP N 160 -28.87 59.91 -56.28
N ARG N 161 -28.71 60.65 -55.19
CA ARG N 161 -29.17 60.21 -53.88
C ARG N 161 -29.97 61.33 -53.23
N ARG N 162 -30.94 60.95 -52.43
CA ARG N 162 -31.85 61.89 -51.79
C ARG N 162 -31.42 62.11 -50.35
N TYR N 163 -31.16 63.36 -49.99
CA TYR N 163 -30.66 63.74 -48.68
C TYR N 163 -31.73 64.48 -47.90
N TYR N 164 -31.58 64.49 -46.58
CA TYR N 164 -32.58 65.07 -45.69
C TYR N 164 -31.87 65.94 -44.65
N TYR N 165 -31.86 67.26 -44.90
CA TYR N 165 -31.15 68.21 -44.06
C TYR N 165 -32.11 68.87 -43.08
N ASP N 166 -32.60 68.10 -42.12
CA ASP N 166 -33.53 68.69 -41.15
C ASP N 166 -33.32 67.96 -39.83
N TYR N 167 -32.45 68.52 -38.99
CA TYR N 167 -32.07 67.93 -37.72
C TYR N 167 -31.91 69.03 -36.69
N ASP N 168 -32.21 68.71 -35.44
CA ASP N 168 -32.11 69.65 -34.34
C ASP N 168 -31.09 69.15 -33.33
N TYR N 169 -30.78 69.99 -32.34
CA TYR N 169 -29.93 69.58 -31.24
C TYR N 169 -30.43 70.23 -29.96
N ALA N 170 -30.23 69.55 -28.84
CA ALA N 170 -30.65 70.07 -27.54
C ALA N 170 -29.62 69.68 -26.49
N THR N 171 -29.16 70.66 -25.73
CA THR N 171 -28.17 70.43 -24.69
C THR N 171 -28.26 71.53 -23.65
N ARG N 172 -27.72 71.25 -22.46
CA ARG N 172 -27.80 72.20 -21.35
C ARG N 172 -26.93 73.42 -21.58
N THR N 173 -25.63 73.19 -21.82
CA THR N 173 -24.71 74.29 -22.05
C THR N 173 -24.96 74.93 -23.41
N LYS N 174 -24.78 76.24 -23.48
CA LYS N 174 -25.14 76.98 -24.68
C LYS N 174 -24.14 76.75 -25.82
N LYS N 175 -22.89 77.13 -25.60
CA LYS N 175 -21.82 76.90 -26.57
C LYS N 175 -20.95 75.76 -26.04
N SER N 176 -21.17 74.57 -26.57
CA SER N 176 -20.39 73.41 -26.20
C SER N 176 -19.52 72.98 -27.37
N TRP N 177 -18.51 72.18 -27.06
CA TRP N 177 -17.67 71.55 -28.08
C TRP N 177 -18.20 70.21 -28.52
N LEU N 178 -19.37 69.80 -28.02
CA LEU N 178 -19.95 68.52 -28.37
C LEU N 178 -21.09 68.67 -29.36
N ILE N 179 -21.49 69.88 -29.68
CA ILE N 179 -22.53 70.14 -30.68
C ILE N 179 -21.98 69.79 -32.05
N PRO N 180 -22.67 68.94 -32.84
CA PRO N 180 -22.19 68.62 -34.18
C PRO N 180 -22.28 69.82 -35.11
N SER N 181 -21.38 69.82 -36.10
CA SER N 181 -21.39 70.88 -37.08
C SER N 181 -22.53 70.71 -38.07
N ARG N 182 -22.64 69.53 -38.68
CA ARG N 182 -23.63 69.25 -39.71
C ARG N 182 -24.11 67.82 -39.54
N VAL N 183 -25.42 67.62 -39.56
CA VAL N 183 -26.02 66.30 -39.48
C VAL N 183 -26.99 66.14 -40.64
N TYR N 184 -26.87 65.04 -41.38
CA TYR N 184 -27.79 64.73 -42.47
C TYR N 184 -27.78 63.22 -42.68
N ASP N 185 -28.48 62.75 -43.70
CA ASP N 185 -28.49 61.33 -44.03
C ASP N 185 -28.87 61.14 -45.49
N ASP N 186 -28.57 59.95 -46.00
CA ASP N 186 -28.90 59.58 -47.37
C ASP N 186 -29.99 58.52 -47.44
N GLY N 187 -30.75 58.35 -46.37
CA GLY N 187 -31.75 57.30 -46.29
C GLY N 187 -31.25 56.03 -45.65
N LYS N 188 -29.95 55.77 -45.72
CA LYS N 188 -29.38 54.54 -45.20
C LYS N 188 -28.32 54.75 -44.13
N PHE N 189 -27.62 55.89 -44.13
CA PHE N 189 -26.59 56.19 -43.15
C PHE N 189 -26.75 57.62 -42.67
N THR N 190 -26.58 57.85 -41.38
CA THR N 190 -26.64 59.19 -40.81
C THR N 190 -25.23 59.74 -40.63
N TYR N 191 -24.95 60.90 -41.22
CA TYR N 191 -23.60 61.44 -41.31
C TYR N 191 -23.43 62.58 -40.32
N ILE N 192 -23.03 62.26 -39.09
CA ILE N 192 -22.72 63.28 -38.09
C ILE N 192 -21.35 63.85 -38.41
N ASN N 193 -21.24 65.17 -38.49
CA ASN N 193 -20.01 65.83 -38.87
C ASN N 193 -19.63 66.83 -37.79
N MET N 194 -18.36 66.80 -37.36
CA MET N 194 -17.92 67.57 -36.22
C MET N 194 -16.60 68.29 -36.49
N ASP N 195 -16.39 68.76 -37.72
CA ASP N 195 -15.10 69.32 -38.11
C ASP N 195 -15.05 70.84 -38.06
N LEU N 196 -15.90 71.47 -37.25
CA LEU N 196 -15.76 72.88 -36.98
C LEU N 196 -15.62 73.21 -35.51
N THR N 197 -15.84 72.24 -34.62
CA THR N 197 -15.48 72.39 -33.21
C THR N 197 -14.00 71.99 -33.10
N ARG N 198 -13.13 72.95 -33.39
CA ARG N 198 -11.73 72.68 -33.69
C ARG N 198 -10.85 72.57 -32.46
N PHE N 199 -11.19 73.28 -31.36
CA PHE N 199 -10.23 73.46 -30.28
C PHE N 199 -9.93 72.19 -29.49
N PRO N 200 -10.87 71.54 -28.80
CA PRO N 200 -10.43 70.44 -27.93
C PRO N 200 -10.07 69.23 -28.78
N THR N 201 -8.83 68.76 -28.64
CA THR N 201 -8.41 67.65 -29.48
C THR N 201 -9.09 66.36 -29.06
N GLY N 202 -9.42 66.22 -27.78
CA GLY N 202 -10.20 65.08 -27.34
C GLY N 202 -11.69 65.35 -27.31
N ASN N 203 -12.34 65.48 -28.46
CA ASN N 203 -13.74 65.86 -28.51
C ASN N 203 -14.62 64.82 -29.19
N PHE N 204 -14.19 63.56 -29.23
CA PHE N 204 -14.87 62.61 -30.09
C PHE N 204 -15.81 61.76 -29.27
N PRO N 205 -17.10 61.75 -29.57
CA PRO N 205 -18.09 61.11 -28.71
C PRO N 205 -18.38 59.66 -29.01
N ALA N 206 -19.37 59.12 -28.29
CA ALA N 206 -19.98 57.83 -28.57
C ALA N 206 -21.46 58.06 -28.88
N VAL N 207 -21.91 57.63 -30.05
CA VAL N 207 -23.26 57.91 -30.53
C VAL N 207 -24.17 56.74 -30.25
N PHE N 208 -25.30 57.01 -29.60
CA PHE N 208 -26.36 56.06 -29.36
C PHE N 208 -27.58 56.48 -30.16
N ALA N 209 -28.68 55.76 -30.00
CA ALA N 209 -29.90 56.12 -30.69
C ALA N 209 -31.09 55.75 -29.82
N ARG N 210 -32.24 56.32 -30.16
CA ARG N 210 -33.36 56.28 -29.24
C ARG N 210 -34.66 56.41 -30.05
N GLU N 211 -35.69 55.67 -29.66
CA GLU N 211 -36.93 55.67 -30.43
C GLU N 211 -37.89 56.77 -30.05
N LYS N 212 -37.86 57.23 -28.82
CA LYS N 212 -38.68 58.35 -28.37
C LYS N 212 -37.74 59.44 -27.85
N GLU N 213 -38.29 60.49 -27.25
CA GLU N 213 -37.43 61.57 -26.83
C GLU N 213 -36.69 61.24 -25.54
N HIS N 214 -37.41 60.73 -24.54
CA HIS N 214 -36.82 60.41 -23.25
C HIS N 214 -36.98 58.94 -22.92
N ALA N 215 -36.91 58.09 -23.93
CA ALA N 215 -36.91 56.65 -23.73
C ALA N 215 -35.50 56.19 -23.39
N GLU N 216 -35.28 54.89 -23.36
CA GLU N 216 -33.96 54.33 -23.07
C GLU N 216 -33.24 54.07 -24.38
N ASP N 217 -31.99 54.51 -24.47
CA ASP N 217 -31.25 54.44 -25.71
C ASP N 217 -30.66 53.05 -25.90
N PHE N 218 -30.21 52.78 -27.14
CA PHE N 218 -29.62 51.50 -27.50
C PHE N 218 -28.41 51.76 -28.39
N LEU N 219 -27.87 50.70 -28.96
CA LEU N 219 -26.56 50.71 -29.61
C LEU N 219 -26.69 50.70 -31.13
N VAL N 220 -25.76 51.40 -31.79
CA VAL N 220 -25.69 51.47 -33.24
C VAL N 220 -24.29 51.08 -33.68
N ASN N 221 -24.18 50.71 -34.95
CA ASN N 221 -22.88 50.44 -35.56
C ASN N 221 -22.39 51.71 -36.23
N THR N 222 -21.14 52.09 -35.96
CA THR N 222 -20.59 53.32 -36.49
C THR N 222 -19.28 53.05 -37.22
N THR N 223 -19.08 53.75 -38.32
CA THR N 223 -17.77 53.88 -38.94
C THR N 223 -17.44 55.35 -39.06
N VAL N 224 -16.15 55.66 -39.09
CA VAL N 224 -15.68 57.04 -39.01
C VAL N 224 -14.67 57.30 -40.12
N GLU N 225 -14.69 58.52 -40.65
CA GLU N 225 -13.78 58.94 -41.72
C GLU N 225 -13.29 60.35 -41.39
N GLY N 226 -12.18 60.43 -40.68
CA GLY N 226 -11.64 61.71 -40.30
C GLY N 226 -12.34 62.29 -39.10
N ASN N 227 -13.12 63.36 -39.31
CA ASN N 227 -13.94 63.94 -38.26
C ASN N 227 -15.42 63.66 -38.45
N THR N 228 -15.79 62.90 -39.47
CA THR N 228 -17.18 62.54 -39.71
C THR N 228 -17.47 61.22 -39.03
N LEU N 229 -18.49 61.20 -38.18
CA LEU N 229 -18.97 59.98 -37.55
C LEU N 229 -20.20 59.54 -38.31
N ILE N 230 -20.19 58.33 -38.86
CA ILE N 230 -21.24 57.86 -39.74
C ILE N 230 -21.96 56.71 -39.06
N VAL N 231 -23.27 56.85 -38.88
CA VAL N 231 -24.08 55.90 -38.13
C VAL N 231 -24.86 55.04 -39.10
N HIS N 232 -24.74 53.73 -38.96
CA HIS N 232 -25.40 52.77 -39.85
C HIS N 232 -26.89 52.75 -39.54
N GLY N 233 -27.68 53.48 -40.32
CA GLY N 233 -29.12 53.48 -40.16
C GLY N 233 -29.68 54.82 -39.76
N THR N 234 -30.91 55.10 -40.16
CA THR N 234 -31.59 56.35 -39.83
C THR N 234 -32.54 56.13 -38.67
N TYR N 235 -32.50 57.03 -37.69
CA TYR N 235 -33.20 56.89 -36.43
C TYR N 235 -33.99 58.15 -36.16
N PRO N 236 -35.03 58.07 -35.33
CA PRO N 236 -35.72 59.31 -34.93
C PRO N 236 -34.88 60.20 -34.04
N PHE N 237 -34.10 59.63 -33.13
CA PHE N 237 -33.28 60.37 -32.20
C PHE N 237 -31.89 59.76 -32.12
N LEU N 238 -30.89 60.61 -32.02
CA LEU N 238 -29.52 60.19 -31.77
C LEU N 238 -29.06 60.85 -30.47
N VAL N 239 -28.31 60.12 -29.66
CA VAL N 239 -27.79 60.62 -28.39
C VAL N 239 -26.28 60.60 -28.47
N VAL N 240 -25.65 61.71 -28.10
CA VAL N 240 -24.22 61.93 -28.28
C VAL N 240 -23.62 62.21 -26.91
N ARG N 241 -22.76 61.31 -26.42
CA ARG N 241 -22.27 61.35 -25.05
C ARG N 241 -20.75 61.46 -25.01
N HIS N 242 -20.24 62.24 -24.06
CA HIS N 242 -18.81 62.31 -23.77
C HIS N 242 -18.59 62.41 -22.26
N GLY N 243 -19.29 61.58 -21.50
CA GLY N 243 -19.10 61.59 -20.06
C GLY N 243 -20.31 62.10 -19.31
N ASP N 244 -20.18 63.27 -18.70
CA ASP N 244 -21.30 63.90 -18.02
C ASP N 244 -22.09 64.84 -18.91
N ASN N 245 -21.58 65.20 -20.09
CA ASN N 245 -22.27 66.09 -21.00
C ASN N 245 -22.80 65.34 -22.22
N VAL N 246 -24.03 65.68 -22.60
CA VAL N 246 -24.81 64.91 -23.56
C VAL N 246 -25.54 65.88 -24.49
N VAL N 247 -25.63 65.52 -25.77
CA VAL N 247 -26.32 66.31 -26.79
C VAL N 247 -27.30 65.39 -27.51
N GLY N 248 -28.58 65.74 -27.47
CA GLY N 248 -29.57 64.99 -28.22
C GLY N 248 -29.70 65.50 -29.64
N LEU N 249 -30.27 64.69 -30.52
CA LEU N 249 -30.38 65.04 -31.94
C LEU N 249 -31.71 64.51 -32.47
N ARG N 250 -32.68 65.40 -32.68
CA ARG N 250 -33.96 65.01 -33.25
C ARG N 250 -33.91 65.13 -34.76
N ARG N 251 -34.39 64.11 -35.44
CA ARG N 251 -34.78 64.22 -36.83
C ARG N 251 -36.20 64.75 -36.90
N ASN N 252 -36.39 65.89 -37.55
CA ASN N 252 -37.71 66.50 -37.61
C ASN N 252 -38.60 65.72 -38.58
N LYS N 253 -39.90 65.75 -38.29
CA LYS N 253 -40.85 64.91 -39.01
C LYS N 253 -41.13 65.49 -40.39
N GLN N 254 -41.24 64.60 -41.37
CA GLN N 254 -41.48 64.97 -42.76
C GLN N 254 -42.87 65.57 -42.91
N LYS N 255 -42.92 66.86 -43.19
CA LYS N 255 -44.20 67.54 -43.39
C LYS N 255 -44.79 67.21 -44.74
N PRO O 150 53.34 16.29 -45.68
CA PRO O 150 52.73 17.37 -46.47
C PRO O 150 53.49 18.68 -46.34
N THR O 151 53.05 19.71 -47.06
CA THR O 151 53.65 21.03 -46.94
C THR O 151 52.88 21.83 -45.88
N LEU O 152 53.13 23.14 -45.84
CA LEU O 152 52.46 24.00 -44.87
C LEU O 152 51.05 24.35 -45.33
N LEU O 153 50.89 24.69 -46.60
CA LEU O 153 49.57 25.02 -47.14
C LEU O 153 48.68 23.79 -47.20
N GLU O 154 49.23 22.65 -47.60
CA GLU O 154 48.46 21.41 -47.73
C GLU O 154 48.07 20.83 -46.36
N ARG O 155 48.66 21.33 -45.28
CA ARG O 155 48.33 20.82 -43.95
C ARG O 155 47.15 21.58 -43.35
N ARG O 156 47.11 22.90 -43.55
CA ARG O 156 46.02 23.72 -43.00
C ARG O 156 44.69 23.39 -43.67
N ILE O 157 44.73 22.97 -44.93
CA ILE O 157 43.53 22.45 -45.58
C ILE O 157 43.15 21.11 -44.97
N LEU O 158 44.15 20.29 -44.65
CA LEU O 158 43.92 18.93 -44.17
C LEU O 158 43.53 18.92 -42.70
N ALA O 159 44.26 19.64 -41.86
CA ALA O 159 44.00 19.62 -40.43
C ALA O 159 42.70 20.32 -40.06
N GLU O 160 42.22 21.23 -40.90
CA GLU O 160 40.94 21.87 -40.68
C GLU O 160 39.80 21.19 -41.41
N SER O 161 40.06 20.04 -42.04
CA SER O 161 39.02 19.27 -42.69
C SER O 161 39.27 17.78 -42.56
N GLY O 183 19.72 38.32 -10.46
CA GLY O 183 18.75 37.52 -11.19
C GLY O 183 18.72 37.83 -12.67
N PRO O 184 17.95 38.85 -13.05
CA PRO O 184 17.92 39.25 -14.46
C PRO O 184 19.16 40.03 -14.86
N VAL O 185 19.19 40.44 -16.11
CA VAL O 185 20.30 41.23 -16.61
C VAL O 185 19.84 42.67 -16.77
N THR O 186 20.77 43.61 -16.59
CA THR O 186 20.48 45.04 -16.66
C THR O 186 21.31 45.64 -17.78
N LEU O 187 20.63 46.12 -18.82
CA LEU O 187 21.29 46.65 -19.99
C LEU O 187 20.75 48.04 -20.29
N ALA O 188 21.47 48.77 -21.16
CA ALA O 188 21.11 50.13 -21.54
C ALA O 188 21.36 50.27 -23.03
N LYS O 189 20.33 50.04 -23.81
CA LYS O 189 20.40 50.04 -25.26
C LYS O 189 19.66 51.23 -25.83
N PRO O 190 19.99 51.66 -27.05
CA PRO O 190 19.21 52.73 -27.67
C PRO O 190 17.85 52.25 -28.09
N ILE O 191 16.89 53.16 -28.07
CA ILE O 191 15.50 52.83 -28.35
C ILE O 191 15.34 52.63 -29.85
N SER O 192 14.48 51.69 -30.23
CA SER O 192 14.46 51.15 -31.58
C SER O 192 13.22 51.63 -32.30
N ASN O 193 13.42 52.27 -33.45
CA ASN O 193 12.40 52.85 -34.34
C ASN O 193 11.43 53.74 -33.58
N PRO O 194 11.86 54.94 -33.14
CA PRO O 194 10.95 55.79 -32.37
C PRO O 194 9.90 56.50 -33.20
N ASP O 195 9.98 56.46 -34.52
CA ASP O 195 8.96 57.12 -35.33
C ASP O 195 7.65 56.36 -35.35
N GLY O 196 7.67 55.06 -35.03
CA GLY O 196 6.45 54.29 -35.02
C GLY O 196 6.29 53.46 -33.76
N LEU O 197 6.73 53.97 -32.63
CA LEU O 197 6.73 53.22 -31.38
C LEU O 197 5.60 53.68 -30.50
N LEU O 198 4.72 52.77 -30.12
CA LEU O 198 3.72 53.00 -29.08
C LEU O 198 4.28 52.41 -27.81
N VAL O 199 4.94 53.23 -27.00
CA VAL O 199 5.82 52.73 -25.95
C VAL O 199 4.99 52.22 -24.78
N ARG O 200 5.63 51.43 -23.93
CA ARG O 200 5.02 51.04 -22.67
C ARG O 200 4.82 52.26 -21.79
N GLY O 201 3.59 52.55 -21.44
CA GLY O 201 3.29 53.67 -20.59
C GLY O 201 2.59 54.83 -21.25
N THR O 202 2.02 54.67 -22.44
CA THR O 202 1.15 55.71 -22.95
C THR O 202 -0.27 55.42 -22.51
N TYR O 203 -1.09 56.46 -22.46
CA TYR O 203 -2.43 56.37 -21.91
C TYR O 203 -3.41 56.60 -23.04
N ILE O 204 -4.18 55.57 -23.38
CA ILE O 204 -5.18 55.66 -24.43
C ILE O 204 -6.49 56.03 -23.76
N ARG O 205 -6.96 57.26 -23.94
CA ARG O 205 -8.21 57.68 -23.35
C ARG O 205 -9.34 57.31 -24.29
N CYS O 206 -10.30 56.55 -23.80
CA CYS O 206 -11.47 56.18 -24.59
C CYS O 206 -12.70 56.35 -23.72
N ILE O 207 -13.85 56.52 -24.36
CA ILE O 207 -15.12 56.61 -23.64
C ILE O 207 -15.94 55.37 -23.93
N LEU O 208 -16.61 54.86 -22.91
CA LEU O 208 -17.23 53.56 -22.98
C LEU O 208 -18.49 53.60 -23.82
N GLU O 209 -18.74 52.54 -24.57
CA GLU O 209 -19.92 52.41 -25.40
C GLU O 209 -20.88 51.32 -24.94
N THR O 210 -20.37 50.20 -24.44
CA THR O 210 -21.21 49.12 -23.93
C THR O 210 -21.28 49.22 -22.41
N ARG O 211 -22.48 49.34 -21.86
CA ARG O 211 -22.69 49.37 -20.42
C ARG O 211 -22.27 48.08 -19.73
N ILE O 212 -21.21 48.14 -18.93
CA ILE O 212 -20.66 46.95 -18.30
C ILE O 212 -21.49 46.59 -17.07
N ILE O 213 -21.89 45.33 -16.95
CA ILE O 213 -22.50 44.80 -15.74
C ILE O 213 -21.82 43.50 -15.38
N SER O 214 -21.31 43.40 -14.15
CA SER O 214 -20.50 42.27 -13.71
C SER O 214 -21.40 41.16 -13.16
N ASP O 215 -22.03 40.44 -14.08
CA ASP O 215 -22.76 39.23 -13.74
C ASP O 215 -22.13 38.00 -14.39
N PHE O 216 -22.00 37.98 -15.71
CA PHE O 216 -21.54 36.79 -16.39
C PHE O 216 -20.17 36.93 -17.03
N GLY O 217 -19.72 38.13 -17.32
CA GLY O 217 -18.42 38.25 -17.93
C GLY O 217 -18.57 38.14 -19.43
N GLY O 218 -18.24 39.20 -20.13
CA GLY O 218 -18.49 39.27 -21.55
C GLY O 218 -17.48 40.14 -22.22
N TYR O 219 -17.96 41.01 -23.10
CA TYR O 219 -17.13 41.76 -24.02
C TYR O 219 -17.51 43.22 -23.96
N THR O 220 -16.51 44.09 -24.03
CA THR O 220 -16.70 45.53 -23.94
C THR O 220 -16.21 46.19 -25.22
N SER O 221 -16.53 47.48 -25.36
CA SER O 221 -16.06 48.27 -26.50
C SER O 221 -16.08 49.73 -26.10
N CYS O 222 -14.95 50.41 -26.27
CA CYS O 222 -14.89 51.84 -26.01
C CYS O 222 -14.31 52.55 -27.22
N ILE O 223 -14.85 53.71 -27.51
CA ILE O 223 -14.40 54.52 -28.64
C ILE O 223 -13.32 55.47 -28.15
N VAL O 224 -12.16 55.44 -28.81
CA VAL O 224 -11.05 56.34 -28.48
C VAL O 224 -11.50 57.78 -28.70
N THR O 225 -11.05 58.69 -27.84
CA THR O 225 -11.48 60.07 -27.91
C THR O 225 -10.38 61.06 -28.22
N GLU O 226 -9.12 60.74 -27.95
CA GLU O 226 -8.04 61.66 -28.23
C GLU O 226 -6.96 60.94 -29.04
N PRO O 227 -6.41 61.58 -30.07
CA PRO O 227 -5.39 60.92 -30.88
C PRO O 227 -4.12 60.63 -30.11
N VAL O 228 -3.54 59.46 -30.38
CA VAL O 228 -2.38 58.95 -29.66
C VAL O 228 -1.20 58.92 -30.62
N TYR O 229 -0.16 59.65 -30.30
CA TYR O 229 0.99 59.84 -31.17
C TYR O 229 2.08 58.85 -30.80
N SER O 230 3.28 59.06 -31.34
CA SER O 230 4.41 58.16 -31.15
C SER O 230 5.05 58.38 -29.78
N ILE O 231 6.25 57.81 -29.57
CA ILE O 231 7.01 58.12 -28.35
C ILE O 231 7.50 59.56 -28.39
N ASN O 232 7.82 60.09 -29.57
CA ASN O 232 8.33 61.45 -29.70
C ASN O 232 7.46 62.32 -30.59
N GLY O 233 6.26 61.87 -30.93
CA GLY O 233 5.28 62.72 -31.58
C GLY O 233 5.49 62.98 -33.05
N HIS O 234 6.30 62.17 -33.74
CA HIS O 234 6.47 62.45 -35.16
C HIS O 234 5.35 61.88 -36.01
N ASN O 235 4.58 60.93 -35.48
CA ASN O 235 3.58 60.24 -36.27
C ASN O 235 2.30 60.04 -35.47
N LEU O 236 1.19 59.96 -36.17
CA LEU O 236 -0.09 59.67 -35.56
C LEU O 236 -0.34 58.17 -35.62
N LEU O 237 -0.40 57.52 -34.47
CA LEU O 237 -0.53 56.07 -34.47
C LEU O 237 -1.99 55.64 -34.40
N LEU O 238 -2.68 56.00 -33.33
CA LEU O 238 -4.09 55.68 -33.21
C LEU O 238 -4.89 56.93 -33.48
N PRO O 239 -5.69 57.00 -34.55
CA PRO O 239 -6.46 58.21 -34.83
C PRO O 239 -7.59 58.46 -33.86
N LYS O 240 -8.38 59.49 -34.14
CA LYS O 240 -9.30 60.03 -33.15
C LYS O 240 -10.49 59.12 -32.90
N GLY O 241 -10.95 58.36 -33.88
CA GLY O 241 -12.18 57.62 -33.67
C GLY O 241 -12.07 56.11 -33.68
N SER O 242 -10.96 55.58 -33.20
CA SER O 242 -10.74 54.14 -33.19
C SER O 242 -11.62 53.47 -32.14
N LYS O 243 -11.80 52.16 -32.27
CA LYS O 243 -12.53 51.36 -31.30
C LYS O 243 -11.58 50.44 -30.56
N MET O 244 -11.54 50.55 -29.24
CA MET O 244 -10.85 49.57 -28.44
C MET O 244 -11.81 48.48 -28.00
N LEU O 245 -11.30 47.27 -27.93
CA LEU O 245 -12.09 46.07 -27.75
C LEU O 245 -11.49 45.27 -26.62
N GLY O 246 -12.30 44.92 -25.63
CA GLY O 246 -11.79 44.24 -24.45
C GLY O 246 -12.77 43.23 -23.93
N GLN O 247 -12.38 42.57 -22.84
CA GLN O 247 -13.24 41.59 -22.20
C GLN O 247 -12.85 41.43 -20.74
N TYR O 248 -13.81 41.00 -19.94
CA TYR O 248 -13.65 40.84 -18.50
C TYR O 248 -14.21 39.48 -18.10
N SER O 249 -14.16 39.20 -16.80
CA SER O 249 -14.56 37.90 -16.29
C SER O 249 -15.50 38.07 -15.11
N ALA O 250 -16.35 37.06 -14.91
CA ALA O 250 -17.33 37.13 -13.85
C ALA O 250 -16.68 36.89 -12.50
N GLY O 251 -17.23 37.54 -11.47
CA GLY O 251 -16.72 37.35 -10.13
C GLY O 251 -17.58 38.10 -9.14
N GLU O 252 -17.34 37.82 -7.88
CA GLU O 252 -17.98 38.57 -6.82
C GLU O 252 -17.24 39.89 -6.62
N PRO O 253 -17.90 41.03 -6.77
CA PRO O 253 -17.20 42.29 -6.59
C PRO O 253 -16.98 42.66 -5.13
N THR O 254 -15.90 42.13 -4.54
CA THR O 254 -15.50 42.52 -3.20
C THR O 254 -15.12 44.00 -3.18
N SER O 255 -14.06 44.35 -3.90
CA SER O 255 -13.73 45.75 -4.10
C SER O 255 -14.71 46.36 -5.10
N HIS O 256 -14.90 47.68 -5.00
CA HIS O 256 -15.84 48.35 -5.90
C HIS O 256 -15.16 48.81 -7.17
N ARG O 257 -14.42 47.91 -7.82
CA ARG O 257 -13.76 48.17 -9.08
C ARG O 257 -13.83 46.91 -9.94
N LEU O 258 -13.77 47.10 -11.25
CA LEU O 258 -13.83 45.98 -12.18
C LEU O 258 -12.55 46.00 -13.00
N GLN O 259 -12.13 44.82 -13.44
CA GLN O 259 -10.83 44.65 -14.08
C GLN O 259 -11.03 44.15 -15.50
N VAL O 260 -10.72 45.00 -16.48
CA VAL O 260 -10.92 44.72 -17.90
C VAL O 260 -9.54 44.67 -18.56
N VAL O 261 -9.36 43.76 -19.52
CA VAL O 261 -8.11 43.65 -20.26
C VAL O 261 -8.41 44.00 -21.71
N TRP O 262 -8.04 45.20 -22.13
CA TRP O 262 -8.29 45.69 -23.48
C TRP O 262 -7.21 45.17 -24.41
N ASP O 263 -7.61 44.54 -25.52
CA ASP O 263 -6.62 43.77 -26.26
C ASP O 263 -6.68 43.89 -27.78
N ARG O 264 -7.40 44.85 -28.34
CA ARG O 264 -7.44 45.04 -29.78
C ARG O 264 -7.98 46.42 -30.10
N VAL O 265 -7.37 47.11 -31.06
CA VAL O 265 -7.85 48.38 -31.58
C VAL O 265 -7.94 48.27 -33.09
N THR O 266 -9.02 48.78 -33.68
CA THR O 266 -9.17 48.87 -35.13
C THR O 266 -9.35 50.33 -35.51
N THR O 267 -8.38 50.87 -36.24
CA THR O 267 -8.32 52.31 -36.51
C THR O 267 -9.18 52.67 -37.71
N PRO O 268 -9.55 53.96 -37.85
CA PRO O 268 -10.22 54.39 -39.09
C PRO O 268 -9.33 54.37 -40.31
N THR O 269 -8.01 54.36 -40.13
CA THR O 269 -7.06 54.32 -41.22
C THR O 269 -6.67 52.91 -41.62
N GLY O 270 -7.46 51.93 -41.22
CA GLY O 270 -7.27 50.56 -41.68
C GLY O 270 -6.13 49.84 -41.02
N LEU O 271 -6.16 49.71 -39.70
CA LEU O 271 -5.17 48.94 -38.96
C LEU O 271 -5.87 48.04 -37.96
N ASP O 272 -5.10 47.09 -37.43
CA ASP O 272 -5.64 46.09 -36.50
C ASP O 272 -4.51 45.71 -35.56
N VAL O 273 -4.45 46.39 -34.42
CA VAL O 273 -3.37 46.16 -33.48
C VAL O 273 -3.88 45.28 -32.36
N THR O 274 -2.97 44.64 -31.65
CA THR O 274 -3.33 43.62 -30.67
C THR O 274 -2.56 43.80 -29.37
N LEU O 275 -2.58 45.02 -28.86
CA LEU O 275 -1.83 45.42 -27.67
C LEU O 275 -2.29 44.67 -26.42
N MET O 276 -1.49 44.78 -25.37
CA MET O 276 -1.83 44.24 -24.06
C MET O 276 -2.03 45.45 -23.15
N GLY O 277 -3.27 45.86 -22.96
CA GLY O 277 -3.54 46.98 -22.10
C GLY O 277 -4.55 46.67 -21.04
N PRO O 278 -4.11 46.64 -19.78
CA PRO O 278 -5.06 46.58 -18.67
C PRO O 278 -5.75 47.92 -18.49
N GLY O 279 -7.06 47.87 -18.31
CA GLY O 279 -7.82 49.09 -18.12
C GLY O 279 -7.55 49.70 -16.76
N ILE O 280 -7.38 51.02 -16.75
CA ILE O 280 -7.08 51.75 -15.53
C ILE O 280 -8.12 52.86 -15.35
N ASP O 281 -8.04 53.50 -14.19
CA ASP O 281 -8.81 54.68 -13.85
C ASP O 281 -8.36 55.85 -14.72
N THR O 282 -9.11 56.94 -14.67
CA THR O 282 -8.71 58.12 -15.42
C THR O 282 -7.57 58.90 -14.77
N LEU O 283 -7.17 58.53 -13.55
CA LEU O 283 -5.95 59.04 -12.93
C LEU O 283 -4.85 58.00 -12.84
N GLY O 284 -5.09 56.77 -13.29
CA GLY O 284 -4.04 55.78 -13.34
C GLY O 284 -4.18 54.62 -12.39
N SER O 285 -5.23 54.57 -11.58
CA SER O 285 -5.41 53.48 -10.65
C SER O 285 -5.90 52.25 -11.38
N SER O 286 -5.43 51.08 -10.95
CA SER O 286 -5.73 49.85 -11.67
C SER O 286 -7.19 49.44 -11.44
N GLY O 287 -7.90 49.19 -12.53
CA GLY O 287 -9.29 48.76 -12.44
C GLY O 287 -10.27 49.89 -12.65
N HIS O 288 -11.38 49.60 -13.30
CA HIS O 288 -12.36 50.64 -13.57
C HIS O 288 -13.35 50.73 -12.42
N PRO O 289 -13.63 51.91 -11.88
CA PRO O 289 -14.59 52.01 -10.79
C PRO O 289 -16.03 51.97 -11.29
N GLY O 290 -16.89 51.32 -10.52
CA GLY O 290 -18.27 51.16 -10.91
C GLY O 290 -19.26 51.56 -9.84
N ASN O 291 -20.53 51.20 -10.02
CA ASN O 291 -21.60 51.53 -9.08
C ASN O 291 -22.05 50.24 -8.41
N TYR O 292 -21.59 50.02 -7.19
CA TYR O 292 -21.89 48.79 -6.47
C TYR O 292 -23.35 48.74 -6.03
N ASN O 293 -23.95 47.56 -6.13
CA ASN O 293 -25.37 47.40 -5.82
C ASN O 293 -25.56 46.01 -5.24
N ALA O 294 -25.54 45.91 -3.91
CA ALA O 294 -26.02 44.71 -3.26
C ALA O 294 -27.54 44.79 -3.18
N HIS O 295 -28.21 43.77 -3.69
CA HIS O 295 -29.64 43.87 -3.97
C HIS O 295 -30.43 43.61 -2.71
N TRP O 296 -30.40 44.58 -1.79
CA TRP O 296 -31.14 44.38 -0.54
C TRP O 296 -32.63 44.66 -0.69
N GLY O 297 -33.08 45.15 -1.84
CA GLY O 297 -34.51 45.24 -2.07
C GLY O 297 -35.13 43.88 -2.31
N ASN O 298 -34.44 43.02 -3.06
CA ASN O 298 -34.99 41.71 -3.38
C ASN O 298 -34.67 40.67 -2.32
N LYS O 299 -33.60 40.86 -1.57
CA LYS O 299 -33.25 39.86 -0.55
C LYS O 299 -34.18 39.95 0.64
N ILE O 300 -34.66 41.16 0.95
CA ILE O 300 -35.57 41.32 2.08
C ILE O 300 -36.98 40.89 1.72
N ALA O 301 -37.47 41.32 0.56
CA ALA O 301 -38.88 41.13 0.22
C ALA O 301 -39.20 39.67 -0.08
N SER O 302 -38.20 38.87 -0.46
CA SER O 302 -38.46 37.46 -0.72
C SER O 302 -38.54 36.66 0.57
N ALA O 303 -38.01 37.20 1.66
CA ALA O 303 -37.97 36.48 2.93
C ALA O 303 -38.73 37.18 4.05
N LEU O 304 -39.16 38.43 3.85
CA LEU O 304 -40.01 39.07 4.84
C LEU O 304 -41.44 38.59 4.71
N PHE O 305 -41.93 38.43 3.48
CA PHE O 305 -43.35 38.20 3.27
C PHE O 305 -43.77 36.80 3.67
N ILE O 306 -42.86 35.82 3.58
CA ILE O 306 -43.25 34.47 3.96
C ILE O 306 -42.89 34.20 5.42
N SER O 307 -41.96 34.96 5.99
CA SER O 307 -41.71 34.81 7.41
C SER O 307 -42.75 35.56 8.23
N LEU O 308 -43.41 36.55 7.64
CA LEU O 308 -44.49 37.24 8.34
C LEU O 308 -45.80 36.48 8.22
N LEU O 309 -45.93 35.64 7.20
CA LEU O 309 -47.12 34.81 7.08
C LEU O 309 -47.07 33.67 8.09
N SER O 310 -45.87 33.23 8.45
CA SER O 310 -45.73 32.23 9.50
C SER O 310 -45.80 32.87 10.88
N ASP O 311 -45.67 34.19 10.95
CA ASP O 311 -45.76 34.87 12.23
C ASP O 311 -47.20 35.22 12.59
N ALA O 312 -48.09 35.23 11.60
CA ALA O 312 -49.51 35.39 11.90
C ALA O 312 -50.10 34.09 12.45
N PHE O 313 -49.55 32.95 12.02
CA PHE O 313 -50.02 31.67 12.52
C PHE O 313 -49.53 31.41 13.93
N LYS O 314 -48.34 31.92 14.27
CA LYS O 314 -47.82 31.71 15.62
C LYS O 314 -48.54 32.60 16.63
N TYR O 315 -48.93 33.80 16.22
CA TYR O 315 -49.62 34.70 17.14
C TYR O 315 -51.05 34.25 17.40
N ALA O 316 -51.70 33.66 16.39
CA ALA O 316 -53.05 33.17 16.56
C ALA O 316 -53.09 31.83 17.29
N ALA O 317 -51.95 31.23 17.60
CA ALA O 317 -51.88 29.97 18.30
C ALA O 317 -51.33 30.09 19.71
N ALA O 318 -50.44 31.05 19.97
CA ALA O 318 -49.94 31.28 21.32
C ALA O 318 -51.06 31.78 22.22
N GLU O 319 -51.75 32.84 21.81
CA GLU O 319 -53.06 33.14 22.35
C GLU O 319 -54.10 32.52 21.41
N TYR O 320 -55.38 32.62 21.78
CA TYR O 320 -56.50 31.89 21.14
C TYR O 320 -56.25 30.38 21.12
N GLY O 321 -55.69 29.87 22.21
CA GLY O 321 -55.35 28.46 22.27
C GLY O 321 -55.01 27.99 23.66
N PRO O 322 -54.90 26.66 23.83
CA PRO O 322 -54.58 26.10 25.16
C PRO O 322 -53.14 26.33 25.60
N GLU O 323 -52.78 25.79 26.76
CA GLU O 323 -51.44 25.92 27.29
C GLU O 323 -51.05 24.71 28.13
N PRO O 338 -47.29 27.49 26.20
CA PRO O 338 -48.11 28.00 25.10
C PRO O 338 -48.32 26.97 24.00
N PHE O 339 -49.37 27.16 23.20
CA PHE O 339 -49.76 26.17 22.19
C PHE O 339 -48.91 26.35 20.94
N GLU O 340 -47.97 25.45 20.74
CA GLU O 340 -47.13 25.49 19.55
C GLU O 340 -47.93 25.03 18.34
N SER O 341 -47.85 25.78 17.24
CA SER O 341 -48.53 25.43 16.01
C SER O 341 -47.58 24.68 15.08
N ASN O 342 -48.15 24.07 14.05
CA ASN O 342 -47.36 23.41 13.01
C ASN O 342 -47.23 24.22 11.75
N THR O 343 -48.23 25.05 11.42
CA THR O 343 -48.12 25.89 10.24
C THR O 343 -47.15 27.04 10.46
N ALA O 344 -46.85 27.36 11.70
CA ALA O 344 -45.79 28.32 11.97
C ALA O 344 -44.42 27.66 11.92
N ARG O 345 -44.37 26.33 11.97
CA ARG O 345 -43.10 25.63 11.87
C ARG O 345 -42.78 25.24 10.44
N SER O 346 -43.76 24.72 9.71
CA SER O 346 -43.48 24.25 8.35
C SER O 346 -43.32 25.41 7.38
N MET O 347 -43.87 26.58 7.69
CA MET O 347 -43.71 27.73 6.82
C MET O 347 -42.49 28.57 7.18
N GLN O 348 -42.02 28.48 8.41
CA GLN O 348 -40.71 29.01 8.74
C GLN O 348 -39.60 28.20 8.08
N GLN O 349 -39.90 26.95 7.68
CA GLN O 349 -38.95 26.18 6.89
C GLN O 349 -38.85 26.71 5.47
N LEU O 350 -39.95 27.23 4.91
CA LEU O 350 -39.87 27.86 3.60
C LEU O 350 -39.19 29.22 3.67
N ALA O 351 -39.30 29.90 4.80
CA ALA O 351 -38.59 31.17 4.97
C ALA O 351 -37.09 30.95 5.08
N GLU O 352 -36.67 29.79 5.59
CA GLU O 352 -35.25 29.49 5.62
C GLU O 352 -34.75 29.04 4.25
N GLN O 353 -35.64 28.64 3.36
CA GLN O 353 -35.23 28.39 1.98
C GLN O 353 -35.09 29.68 1.20
N ALA O 354 -35.90 30.68 1.55
CA ALA O 354 -35.83 31.96 0.83
C ALA O 354 -34.63 32.78 1.27
N VAL O 355 -34.06 32.50 2.44
CA VAL O 355 -32.83 33.16 2.84
C VAL O 355 -31.63 32.51 2.14
N GLU O 356 -31.65 31.17 2.06
CA GLU O 356 -30.55 30.44 1.45
C GLU O 356 -30.49 30.68 -0.06
N LYS O 357 -31.64 30.71 -0.72
CA LYS O 357 -31.65 30.89 -2.17
C LYS O 357 -31.29 32.33 -2.55
N SER O 358 -31.80 33.29 -1.80
CA SER O 358 -31.52 34.70 -2.09
C SER O 358 -30.20 35.16 -1.50
N GLY O 359 -29.48 34.29 -0.80
CA GLY O 359 -28.11 34.57 -0.43
C GLY O 359 -27.09 34.06 -1.41
N ARG O 360 -27.53 33.33 -2.43
CA ARG O 360 -26.66 32.84 -3.48
C ARG O 360 -26.55 33.81 -4.65
N ARG O 361 -27.27 34.93 -4.60
CA ARG O 361 -27.22 35.92 -5.66
C ARG O 361 -26.02 36.84 -5.46
N PRO O 362 -25.20 37.03 -6.48
CA PRO O 362 -24.04 37.91 -6.32
C PRO O 362 -24.43 39.37 -6.45
N ALA O 363 -23.58 40.24 -5.91
CA ALA O 363 -23.74 41.66 -6.11
C ALA O 363 -23.24 42.07 -7.48
N THR O 364 -23.72 43.20 -7.97
CA THR O 364 -23.31 43.70 -9.27
C THR O 364 -22.59 45.03 -9.10
N LEU O 365 -21.81 45.40 -10.10
CA LEU O 365 -21.40 46.79 -10.24
C LEU O 365 -21.51 47.17 -11.70
N THR O 366 -22.19 48.27 -11.97
CA THR O 366 -22.43 48.71 -13.33
C THR O 366 -21.55 49.91 -13.64
N ILE O 367 -21.14 50.01 -14.90
CA ILE O 367 -20.45 51.17 -15.42
C ILE O 367 -21.28 51.69 -16.58
N ASN O 368 -21.68 52.94 -16.52
CA ASN O 368 -22.66 53.48 -17.47
C ASN O 368 -22.02 53.67 -18.84
N GLN O 369 -22.88 53.96 -19.82
CA GLN O 369 -22.49 53.91 -21.22
C GLN O 369 -21.85 55.20 -21.72
N GLY O 370 -21.34 56.05 -20.85
CA GLY O 370 -20.70 57.25 -21.35
C GLY O 370 -19.39 57.57 -20.68
N THR O 371 -19.01 56.77 -19.68
CA THR O 371 -17.94 57.13 -18.78
C THR O 371 -16.59 57.10 -19.47
N VAL O 372 -15.75 58.08 -19.17
CA VAL O 372 -14.45 58.22 -19.80
C VAL O 372 -13.50 57.23 -19.13
N LEU O 373 -13.17 56.16 -19.83
CA LEU O 373 -12.24 55.17 -19.32
C LEU O 373 -10.82 55.58 -19.71
N ASN O 374 -9.86 54.71 -19.44
CA ASN O 374 -8.46 54.99 -19.74
C ASN O 374 -7.72 53.66 -19.76
N VAL O 375 -6.76 53.50 -20.66
CA VAL O 375 -6.07 52.23 -20.87
C VAL O 375 -4.58 52.45 -20.75
N TYR O 376 -3.92 51.65 -19.91
CA TYR O 376 -2.47 51.68 -19.76
C TYR O 376 -1.90 50.62 -20.68
N VAL O 377 -1.17 51.01 -21.70
CA VAL O 377 -0.53 50.00 -22.53
C VAL O 377 0.69 49.47 -21.79
N ALA O 378 0.88 48.15 -21.82
CA ALA O 378 1.87 47.50 -21.00
C ALA O 378 3.00 46.84 -21.78
N LYS O 379 2.93 46.80 -23.11
CA LYS O 379 4.05 46.36 -23.93
C LYS O 379 4.12 47.24 -25.16
N ASP O 380 5.33 47.34 -25.72
CA ASP O 380 5.56 48.17 -26.89
C ASP O 380 4.89 47.57 -28.13
N VAL O 381 4.34 48.43 -28.97
CA VAL O 381 3.76 48.03 -30.24
C VAL O 381 4.52 48.80 -31.32
N ASP O 382 4.94 48.10 -32.36
CA ASP O 382 5.80 48.68 -33.39
C ASP O 382 5.00 48.91 -34.66
N PHE O 383 4.73 50.17 -34.97
CA PHE O 383 4.00 50.59 -36.16
C PHE O 383 4.89 50.90 -37.34
N SER O 384 6.16 50.49 -37.31
CA SER O 384 7.09 50.93 -38.34
C SER O 384 6.86 50.26 -39.69
N ALA O 385 6.21 49.11 -39.70
CA ALA O 385 5.93 48.38 -40.94
C ALA O 385 4.64 48.84 -41.61
N VAL O 386 4.07 49.95 -41.16
CA VAL O 386 2.79 50.45 -41.63
C VAL O 386 2.92 51.87 -42.16
N LEU O 387 3.62 52.73 -41.45
CA LEU O 387 3.67 54.14 -41.73
C LEU O 387 4.37 54.41 -43.06
N PRO O 388 3.92 55.39 -43.84
CA PRO O 388 4.53 55.63 -45.14
C PRO O 388 5.92 56.22 -44.99
N LYS O 389 6.78 55.90 -45.97
CA LYS O 389 8.18 56.28 -45.89
C LYS O 389 8.45 57.51 -46.75
N CYS P 22 -48.03 38.08 -8.53
CA CYS P 22 -46.65 37.60 -8.53
C CYS P 22 -46.31 36.88 -9.82
N ALA P 23 -47.29 36.78 -10.72
CA ALA P 23 -47.14 36.00 -11.95
C ALA P 23 -46.32 36.78 -12.98
N THR P 24 -46.24 36.25 -14.19
CA THR P 24 -45.40 36.79 -15.25
C THR P 24 -46.22 37.70 -16.15
N LYS P 25 -45.69 38.89 -16.41
CA LYS P 25 -46.34 39.84 -17.32
C LYS P 25 -46.22 39.36 -18.76
N PRO P 26 -47.33 39.17 -19.48
CA PRO P 26 -47.24 38.68 -20.86
C PRO P 26 -46.82 39.73 -21.85
N ALA P 27 -46.84 39.37 -23.14
CA ALA P 27 -46.52 40.29 -24.21
C ALA P 27 -47.62 41.34 -24.37
N PRO P 28 -47.31 42.49 -24.95
CA PRO P 28 -48.35 43.49 -25.20
C PRO P 28 -49.36 43.00 -26.24
N ASP P 29 -50.58 43.52 -26.13
CA ASP P 29 -51.67 43.11 -26.99
C ASP P 29 -52.19 44.34 -27.74
N PHE P 30 -52.76 44.11 -28.92
CA PHE P 30 -53.20 45.19 -29.77
C PHE P 30 -54.62 45.61 -29.41
N GLY P 31 -55.24 46.43 -30.26
CA GLY P 31 -56.60 46.87 -30.06
C GLY P 31 -56.86 48.19 -30.74
N GLY P 32 -58.02 48.31 -31.40
CA GLY P 32 -58.30 49.51 -32.14
C GLY P 32 -59.55 49.46 -32.99
N ARG P 33 -59.45 49.92 -34.24
CA ARG P 33 -60.62 50.24 -35.04
C ARG P 33 -60.85 49.28 -36.20
N TRP P 34 -59.84 48.49 -36.58
CA TRP P 34 -59.83 47.61 -37.74
C TRP P 34 -60.09 48.39 -39.03
N LYS P 35 -59.15 49.27 -39.34
CA LYS P 35 -59.10 49.85 -40.67
C LYS P 35 -58.58 48.82 -41.66
N HIS P 36 -58.91 48.97 -42.93
CA HIS P 36 -58.54 47.98 -43.92
C HIS P 36 -57.24 48.36 -44.62
N VAL P 37 -56.42 47.34 -44.92
CA VAL P 37 -55.06 47.58 -45.40
C VAL P 37 -55.06 48.01 -46.86
N ASN P 38 -55.56 47.14 -47.74
CA ASN P 38 -55.42 47.30 -49.19
C ASN P 38 -56.39 48.39 -49.66
N HIS P 39 -55.95 49.63 -49.52
CA HIS P 39 -56.80 50.79 -49.74
C HIS P 39 -56.27 51.62 -50.90
N PHE P 40 -57.05 51.70 -51.96
CA PHE P 40 -56.79 52.67 -53.02
C PHE P 40 -57.10 54.07 -52.53
N ASP P 41 -56.32 55.03 -53.01
CA ASP P 41 -56.56 56.43 -52.69
C ASP P 41 -57.46 57.06 -53.76
N GLU P 42 -57.62 58.38 -53.70
CA GLU P 42 -58.43 59.10 -54.67
C GLU P 42 -57.65 60.16 -55.43
N ALA P 43 -56.41 60.43 -55.05
CA ALA P 43 -55.59 61.43 -55.73
C ALA P 43 -54.56 60.74 -56.59
N PRO P 44 -54.65 60.84 -57.91
CA PRO P 44 -53.62 60.22 -58.76
C PRO P 44 -52.31 60.97 -58.75
N THR P 45 -51.47 60.65 -57.75
CA THR P 45 -50.14 61.24 -57.64
C THR P 45 -49.29 60.89 -58.85
N GLU P 46 -48.75 61.91 -59.51
CA GLU P 46 -48.02 61.75 -60.75
C GLU P 46 -46.54 61.54 -60.44
N ILE P 47 -46.07 60.31 -60.61
CA ILE P 47 -44.66 59.98 -60.41
C ILE P 47 -43.92 60.30 -61.69
N PRO P 48 -42.91 61.17 -61.66
CA PRO P 48 -42.13 61.44 -62.86
C PRO P 48 -41.24 60.26 -63.23
N LEU P 49 -40.95 60.16 -64.52
CA LEU P 49 -40.07 59.11 -65.04
C LEU P 49 -38.67 59.63 -65.37
N TYR P 50 -38.57 60.81 -65.95
CA TYR P 50 -37.30 61.36 -66.43
C TYR P 50 -36.99 62.60 -65.60
N THR P 51 -36.13 62.44 -64.60
CA THR P 51 -35.81 63.52 -63.67
C THR P 51 -34.46 64.14 -64.06
N SER P 52 -34.45 65.47 -64.18
CA SER P 52 -33.23 66.19 -64.51
C SER P 52 -32.45 66.51 -63.24
N TYR P 53 -31.42 67.34 -63.36
CA TYR P 53 -30.57 67.71 -62.25
C TYR P 53 -30.93 69.11 -61.78
N THR P 54 -31.25 69.25 -60.49
CA THR P 54 -31.64 70.53 -59.92
C THR P 54 -30.43 71.18 -59.27
N TYR P 55 -30.03 72.33 -59.79
CA TYR P 55 -28.98 73.14 -59.18
C TYR P 55 -29.52 73.73 -57.88
N GLN P 56 -28.95 73.32 -56.75
CA GLN P 56 -29.38 73.83 -55.47
C GLN P 56 -28.19 73.90 -54.53
N ALA P 57 -28.44 74.36 -53.31
CA ALA P 57 -27.40 74.65 -52.33
C ALA P 57 -27.64 73.79 -51.09
N THR P 58 -26.80 72.79 -50.91
CA THR P 58 -26.84 71.98 -49.71
C THR P 58 -26.20 72.73 -48.54
N PRO P 59 -26.48 72.33 -47.30
CA PRO P 59 -25.73 72.89 -46.17
C PRO P 59 -24.35 72.28 -45.99
N MET P 60 -24.02 71.20 -46.70
CA MET P 60 -22.75 70.53 -46.47
C MET P 60 -21.57 71.29 -47.06
N ASP P 61 -21.65 71.66 -48.33
CA ASP P 61 -20.59 72.46 -48.94
C ASP P 61 -20.55 73.86 -48.32
N GLY P 62 -19.46 74.16 -47.63
CA GLY P 62 -19.40 75.32 -46.77
C GLY P 62 -19.31 76.64 -47.51
N THR P 63 -18.38 76.77 -48.43
CA THR P 63 -18.07 78.04 -49.05
C THR P 63 -18.65 78.12 -50.46
N LEU P 64 -18.48 79.28 -51.08
CA LEU P 64 -18.99 79.48 -52.44
C LEU P 64 -18.16 78.71 -53.45
N LYS P 65 -16.88 78.49 -53.18
CA LYS P 65 -16.04 77.78 -54.14
C LYS P 65 -16.35 76.29 -54.14
N THR P 66 -16.60 75.71 -52.96
CA THR P 66 -16.89 74.29 -52.88
C THR P 66 -18.29 73.95 -53.40
N MET P 67 -19.19 74.93 -53.44
CA MET P 67 -20.50 74.69 -54.04
C MET P 67 -20.41 74.69 -55.56
N LEU P 68 -19.58 75.57 -56.12
CA LEU P 68 -19.45 75.61 -57.57
C LEU P 68 -18.50 74.56 -58.10
N GLU P 69 -17.65 73.97 -57.24
CA GLU P 69 -16.87 72.82 -57.68
C GLU P 69 -17.72 71.58 -57.84
N ARG P 70 -18.84 71.49 -57.14
CA ARG P 70 -19.74 70.36 -57.30
C ARG P 70 -20.94 70.66 -58.17
N TRP P 71 -21.12 71.90 -58.63
CA TRP P 71 -22.03 72.12 -59.75
C TRP P 71 -21.34 71.83 -61.07
N ALA P 72 -20.05 72.14 -61.16
CA ALA P 72 -19.30 71.83 -62.36
C ALA P 72 -19.04 70.33 -62.48
N ALA P 73 -18.86 69.64 -61.35
CA ALA P 73 -18.60 68.22 -61.41
C ALA P 73 -19.86 67.43 -61.74
N ASP P 74 -21.00 67.86 -61.21
CA ASP P 74 -22.26 67.16 -61.43
C ASP P 74 -22.96 67.58 -62.71
N SER P 75 -22.29 68.33 -63.59
CA SER P 75 -22.87 68.74 -64.84
C SER P 75 -21.90 68.70 -66.01
N ASN P 76 -20.68 68.22 -65.80
CA ASN P 76 -19.60 68.17 -66.79
C ASN P 76 -19.31 69.56 -67.37
N MET P 77 -18.89 70.46 -66.49
CA MET P 77 -18.41 71.78 -66.87
C MET P 77 -17.11 72.07 -66.14
N GLN P 78 -16.46 73.16 -66.55
CA GLN P 78 -15.19 73.56 -65.97
C GLN P 78 -15.39 74.81 -65.13
N LEU P 79 -14.68 74.89 -64.02
CA LEU P 79 -14.77 76.02 -63.11
C LEU P 79 -13.51 76.88 -63.22
N SER P 80 -13.70 78.16 -63.50
CA SER P 80 -12.62 79.14 -63.49
C SER P 80 -12.92 80.14 -62.38
N TYR P 81 -12.48 79.82 -61.18
CA TYR P 81 -12.67 80.69 -60.03
C TYR P 81 -11.54 81.71 -60.03
N ASN P 82 -11.85 82.96 -60.34
CA ASN P 82 -10.84 84.00 -60.49
C ASN P 82 -11.01 85.09 -59.43
N LEU P 83 -11.26 84.68 -58.20
CA LEU P 83 -11.28 85.62 -57.10
C LEU P 83 -10.11 85.35 -56.16
N PRO P 84 -9.52 86.40 -55.56
CA PRO P 84 -8.40 86.18 -54.64
C PRO P 84 -8.80 85.61 -53.29
N SER P 85 -10.10 85.55 -52.98
CA SER P 85 -10.53 85.03 -51.69
C SER P 85 -11.87 84.33 -51.86
N ASP P 86 -12.28 83.61 -50.83
CA ASP P 86 -13.43 82.72 -50.88
C ASP P 86 -14.46 83.17 -49.85
N TYR P 87 -15.74 83.06 -50.22
CA TYR P 87 -16.84 83.54 -49.40
C TYR P 87 -17.68 82.35 -48.91
N THR P 88 -18.14 82.44 -47.68
CA THR P 88 -19.00 81.38 -47.16
C THR P 88 -20.44 81.59 -47.60
N LEU P 89 -21.24 80.54 -47.49
CA LEU P 89 -22.63 80.59 -47.94
C LEU P 89 -23.51 81.22 -46.89
N ILE P 90 -24.46 82.04 -47.34
CA ILE P 90 -25.32 82.78 -46.43
C ILE P 90 -26.77 82.37 -46.58
N GLY P 91 -27.64 83.01 -45.81
CA GLY P 91 -29.06 82.72 -45.73
C GLY P 91 -29.85 82.67 -47.03
N PRO P 92 -29.85 83.75 -47.83
CA PRO P 92 -30.61 83.74 -49.09
C PRO P 92 -30.05 82.85 -50.18
N VAL P 93 -28.96 82.11 -49.95
CA VAL P 93 -28.49 81.15 -50.93
C VAL P 93 -29.43 79.94 -50.96
N SER P 94 -30.06 79.63 -49.83
CA SER P 94 -30.94 78.47 -49.74
C SER P 94 -32.33 78.75 -50.28
N ALA P 95 -32.41 79.28 -51.49
CA ALA P 95 -33.66 79.40 -52.22
C ALA P 95 -33.50 79.07 -53.69
N ILE P 96 -32.29 78.76 -54.14
CA ILE P 96 -32.05 78.41 -55.53
C ILE P 96 -32.40 76.94 -55.74
N SER P 97 -33.34 76.68 -56.63
CA SER P 97 -33.68 75.30 -56.99
C SER P 97 -34.17 75.34 -58.44
N THR P 98 -33.26 75.06 -59.38
CA THR P 98 -33.56 75.21 -60.80
C THR P 98 -32.85 74.10 -61.55
N THR P 99 -33.51 73.56 -62.58
CA THR P 99 -32.91 72.62 -63.50
C THR P 99 -32.17 73.30 -64.64
N SER P 100 -31.96 74.61 -64.55
CA SER P 100 -31.26 75.40 -65.55
C SER P 100 -30.05 76.06 -64.92
N VAL P 101 -28.91 75.96 -65.60
CA VAL P 101 -27.68 76.51 -65.04
C VAL P 101 -27.66 78.03 -65.15
N GLN P 102 -28.32 78.59 -66.16
CA GLN P 102 -28.28 80.03 -66.37
C GLN P 102 -29.15 80.76 -65.36
N GLN P 103 -30.28 80.16 -64.98
CA GLN P 103 -31.16 80.81 -64.01
C GLN P 103 -30.62 80.68 -62.60
N ALA P 104 -29.76 79.68 -62.36
CA ALA P 104 -29.14 79.51 -61.05
C ALA P 104 -27.92 80.41 -60.88
N ALA P 105 -27.21 80.68 -61.97
CA ALA P 105 -26.10 81.62 -61.89
C ALA P 105 -26.60 83.05 -61.80
N THR P 106 -27.82 83.30 -62.27
CA THR P 106 -28.41 84.63 -62.14
C THR P 106 -28.86 84.89 -60.71
N GLU P 107 -29.52 83.90 -60.10
CA GLU P 107 -29.98 84.06 -58.71
C GLU P 107 -28.82 84.07 -57.73
N LEU P 108 -27.69 83.49 -58.10
CA LEU P 108 -26.53 83.50 -57.21
C LEU P 108 -25.87 84.88 -57.20
N SER P 109 -25.71 85.49 -58.38
CA SER P 109 -25.06 86.79 -58.48
C SER P 109 -25.92 87.92 -57.92
N ALA P 110 -27.23 87.70 -57.79
CA ALA P 110 -28.07 88.67 -57.08
C ALA P 110 -27.82 88.63 -55.59
N VAL P 111 -27.43 87.47 -55.05
CA VAL P 111 -27.15 87.36 -53.63
C VAL P 111 -25.81 88.00 -53.30
N TYR P 112 -24.76 87.61 -54.03
CA TYR P 112 -23.41 88.12 -53.80
C TYR P 112 -23.11 89.34 -54.66
N ALA P 113 -23.99 90.32 -54.62
CA ALA P 113 -23.76 91.57 -55.33
C ALA P 113 -23.06 92.60 -54.45
N ALA P 114 -23.16 92.46 -53.13
CA ALA P 114 -22.54 93.41 -52.23
C ALA P 114 -21.03 93.25 -52.15
N GLN P 115 -20.51 92.09 -52.54
CA GLN P 115 -19.08 91.81 -52.46
C GLN P 115 -18.41 91.84 -53.83
N GLY P 116 -19.13 92.20 -54.88
CA GLY P 116 -18.56 92.26 -56.21
C GLY P 116 -18.24 90.90 -56.78
N VAL P 117 -19.19 89.98 -56.73
CA VAL P 117 -19.02 88.63 -57.23
C VAL P 117 -20.03 88.41 -58.35
N SER P 118 -19.54 88.14 -59.55
CA SER P 118 -20.39 87.88 -60.71
C SER P 118 -20.09 86.50 -61.25
N VAL P 119 -21.11 85.66 -61.33
CA VAL P 119 -20.98 84.28 -61.80
C VAL P 119 -21.80 84.15 -63.07
N SER P 120 -21.15 83.71 -64.15
CA SER P 120 -21.81 83.55 -65.44
C SER P 120 -21.31 82.27 -66.10
N VAL P 121 -22.00 81.87 -67.16
CA VAL P 121 -21.71 80.63 -67.88
C VAL P 121 -21.40 80.99 -69.33
N SER P 122 -20.19 80.69 -69.76
CA SER P 122 -19.80 80.90 -71.16
C SER P 122 -20.01 79.63 -71.98
N ALA P 123 -21.20 79.03 -71.84
CA ALA P 123 -21.80 77.98 -72.66
C ALA P 123 -21.14 76.62 -72.53
N ASN P 124 -19.97 76.53 -71.88
CA ASN P 124 -19.36 75.26 -71.55
C ASN P 124 -18.64 75.26 -70.22
N LYS P 125 -18.64 76.36 -69.48
CA LYS P 125 -17.83 76.51 -68.28
C LYS P 125 -18.36 77.67 -67.47
N LEU P 126 -18.03 77.67 -66.18
CA LEU P 126 -18.46 78.70 -65.25
C LEU P 126 -17.33 79.72 -65.05
N LEU P 127 -17.70 80.99 -64.98
CA LEU P 127 -16.73 82.07 -64.79
C LEU P 127 -17.10 82.82 -63.51
N VAL P 128 -16.14 82.90 -62.58
CA VAL P 128 -16.31 83.65 -61.35
C VAL P 128 -15.29 84.80 -61.39
N GLN P 129 -15.76 85.99 -61.72
CA GLN P 129 -14.94 87.16 -61.90
C GLN P 129 -15.58 88.33 -61.16
N PRO P 130 -14.80 89.35 -60.78
CA PRO P 130 -15.39 90.54 -60.19
C PRO P 130 -16.27 91.30 -61.17
N VAL P 131 -17.20 92.07 -60.62
CA VAL P 131 -18.16 92.81 -61.43
C VAL P 131 -17.45 94.00 -62.08
N PRO P 132 -17.72 94.29 -63.36
CA PRO P 132 -17.15 95.50 -63.99
C PRO P 132 -17.70 96.79 -63.41
N GLN Q 27 -23.24 9.17 -70.20
CA GLN Q 27 -22.21 8.77 -71.15
C GLN Q 27 -20.84 8.73 -70.49
N VAL Q 28 -20.53 9.79 -69.78
CA VAL Q 28 -19.30 9.91 -69.00
C VAL Q 28 -19.57 9.74 -67.51
N VAL Q 29 -20.56 10.46 -66.99
CA VAL Q 29 -21.12 10.23 -65.66
C VAL Q 29 -22.51 9.70 -65.87
N GLN Q 30 -22.73 8.43 -65.55
CA GLN Q 30 -23.99 7.76 -65.87
C GLN Q 30 -24.77 7.46 -64.59
N GLU Q 31 -26.06 7.77 -64.61
CA GLU Q 31 -26.96 7.45 -63.52
C GLU Q 31 -27.73 6.20 -63.86
N TYR Q 32 -27.87 5.31 -62.87
CA TYR Q 32 -28.74 4.15 -62.99
C TYR Q 32 -29.88 4.27 -61.99
N GLU Q 33 -31.03 3.73 -62.36
CA GLU Q 33 -32.18 3.68 -61.46
C GLU Q 33 -32.20 2.32 -60.78
N TYR Q 34 -32.29 2.34 -59.46
CA TYR Q 34 -32.21 1.10 -58.70
C TYR Q 34 -33.50 0.30 -58.85
N ALA Q 35 -33.38 -0.91 -59.38
CA ALA Q 35 -34.43 -1.91 -59.38
C ALA Q 35 -33.85 -3.21 -58.84
N PRO Q 36 -34.64 -4.01 -58.15
CA PRO Q 36 -34.11 -5.26 -57.57
C PRO Q 36 -33.76 -6.28 -58.65
N ASP Q 37 -32.56 -6.85 -58.53
CA ASP Q 37 -32.01 -7.89 -59.40
C ASP Q 37 -31.93 -7.44 -60.86
N ARG Q 38 -31.12 -6.40 -61.08
CA ARG Q 38 -30.83 -5.88 -62.40
C ARG Q 38 -29.33 -5.89 -62.61
N ILE Q 39 -28.90 -6.15 -63.84
CA ILE Q 39 -27.48 -6.25 -64.17
C ILE Q 39 -27.02 -4.88 -64.66
N TYR Q 40 -26.22 -4.20 -63.85
CA TYR Q 40 -25.71 -2.87 -64.20
C TYR Q 40 -24.33 -3.01 -64.82
N GLN Q 41 -24.13 -2.39 -65.98
CA GLN Q 41 -22.87 -2.50 -66.70
C GLN Q 41 -21.98 -1.32 -66.37
N VAL Q 42 -20.77 -1.62 -65.92
CA VAL Q 42 -19.75 -0.62 -65.59
C VAL Q 42 -18.61 -0.82 -66.56
N ARG Q 43 -18.29 0.22 -67.34
CA ARG Q 43 -17.26 0.13 -68.36
C ARG Q 43 -16.05 0.93 -67.92
N THR Q 44 -14.91 0.27 -67.81
CA THR Q 44 -13.70 0.88 -67.25
C THR Q 44 -12.64 1.02 -68.34
N GLY Q 45 -11.56 1.73 -67.98
CA GLY Q 45 -10.41 1.86 -68.83
C GLY Q 45 -9.15 1.51 -68.04
N LEU Q 46 -8.04 1.37 -68.75
CA LEU Q 46 -6.88 0.72 -68.15
C LEU Q 46 -6.11 1.62 -67.20
N GLY Q 47 -6.00 2.92 -67.49
CA GLY Q 47 -5.33 3.82 -66.57
C GLY Q 47 -6.25 4.87 -65.98
N ILE Q 48 -7.48 4.48 -65.66
CA ILE Q 48 -8.57 5.39 -65.31
C ILE Q 48 -9.32 4.82 -64.11
N THR Q 49 -9.45 5.62 -63.05
CA THR Q 49 -10.36 5.24 -61.97
C THR Q 49 -11.79 5.46 -62.39
N THR Q 50 -12.64 4.50 -62.07
CA THR Q 50 -14.08 4.65 -62.16
C THR Q 50 -14.63 4.44 -60.76
N GLN Q 51 -15.45 5.38 -60.28
CA GLN Q 51 -16.07 5.18 -59.00
C GLN Q 51 -17.54 4.83 -59.17
N VAL Q 52 -18.00 3.87 -58.39
CA VAL Q 52 -19.44 3.63 -58.23
C VAL Q 52 -19.83 4.19 -56.88
N GLU Q 53 -20.98 4.85 -56.82
CA GLU Q 53 -21.41 5.51 -55.60
C GLU Q 53 -22.77 4.98 -55.20
N LEU Q 54 -22.82 4.32 -54.06
CA LEU Q 54 -24.04 3.73 -53.54
C LEU Q 54 -24.77 4.77 -52.70
N SER Q 55 -25.80 4.34 -51.99
CA SER Q 55 -26.53 5.29 -51.17
C SER Q 55 -25.76 5.61 -49.89
N PRO Q 56 -25.79 6.85 -49.43
CA PRO Q 56 -25.16 7.17 -48.13
C PRO Q 56 -25.93 6.63 -46.94
N ASN Q 57 -27.15 6.14 -47.14
CA ASN Q 57 -28.01 5.77 -46.03
C ASN Q 57 -27.60 4.44 -45.42
N GLU Q 58 -27.36 3.44 -46.25
CA GLU Q 58 -27.15 2.07 -45.79
C GLU Q 58 -25.67 1.73 -45.71
N LYS Q 59 -25.34 0.82 -44.79
CA LYS Q 59 -23.98 0.36 -44.59
C LYS Q 59 -23.73 -0.87 -45.45
N ILE Q 60 -22.56 -0.92 -46.08
CA ILE Q 60 -22.20 -2.03 -46.96
C ILE Q 60 -21.75 -3.21 -46.11
N LEU Q 61 -22.43 -4.34 -46.26
CA LEU Q 61 -22.08 -5.54 -45.50
C LEU Q 61 -20.87 -6.24 -46.10
N ASP Q 62 -20.97 -6.66 -47.35
CA ASP Q 62 -19.90 -7.42 -47.98
C ASP Q 62 -19.93 -7.22 -49.48
N TYR Q 63 -18.87 -7.69 -50.14
CA TYR Q 63 -18.74 -7.59 -51.58
C TYR Q 63 -17.75 -8.65 -52.03
N SER Q 64 -17.92 -9.13 -53.26
CA SER Q 64 -17.02 -10.13 -53.80
C SER Q 64 -17.06 -10.07 -55.32
N THR Q 65 -15.91 -9.85 -55.93
CA THR Q 65 -15.78 -9.89 -57.38
C THR Q 65 -15.06 -11.16 -57.82
N GLY Q 66 -15.50 -11.72 -58.94
CA GLY Q 66 -14.76 -12.80 -59.54
C GLY Q 66 -13.48 -12.28 -60.16
N PHE Q 67 -12.45 -13.13 -60.15
CA PHE Q 67 -11.10 -12.82 -60.64
C PHE Q 67 -10.53 -11.60 -59.92
N THR Q 68 -10.29 -11.80 -58.61
CA THR Q 68 -9.92 -10.71 -57.71
C THR Q 68 -8.55 -10.13 -58.08
N GLY Q 69 -7.64 -10.94 -58.59
CA GLY Q 69 -6.32 -10.45 -58.92
C GLY Q 69 -6.19 -9.78 -60.27
N GLY Q 70 -7.26 -9.15 -60.74
CA GLY Q 70 -7.20 -8.39 -61.97
C GLY Q 70 -7.95 -7.08 -61.81
N TRP Q 71 -8.25 -6.72 -60.56
CA TRP Q 71 -9.01 -5.52 -60.25
C TRP Q 71 -8.51 -4.96 -58.94
N GLU Q 72 -7.94 -3.75 -58.99
CA GLU Q 72 -7.55 -3.01 -57.80
C GLU Q 72 -8.72 -2.14 -57.37
N LEU Q 73 -9.41 -2.53 -56.31
CA LEU Q 73 -10.57 -1.78 -55.85
C LEU Q 73 -10.49 -1.57 -54.35
N THR Q 74 -10.72 -0.33 -53.92
CA THR Q 74 -10.76 0.05 -52.52
C THR Q 74 -12.08 0.74 -52.24
N ARG Q 75 -12.50 0.74 -50.98
CA ARG Q 75 -13.76 1.37 -50.61
C ARG Q 75 -13.58 2.38 -49.50
N ARG Q 76 -14.38 3.45 -49.55
CA ARG Q 76 -14.50 4.41 -48.45
C ARG Q 76 -15.99 4.60 -48.16
N GLU Q 77 -16.54 3.64 -47.44
CA GLU Q 77 -17.83 3.65 -46.73
C GLU Q 77 -19.09 3.68 -47.59
N ASN Q 78 -19.02 4.17 -48.83
CA ASN Q 78 -20.04 3.87 -49.83
C ASN Q 78 -19.55 3.89 -51.26
N VAL Q 79 -18.27 4.16 -51.53
CA VAL Q 79 -17.78 4.38 -52.88
C VAL Q 79 -16.64 3.42 -53.16
N PHE Q 80 -16.69 2.77 -54.31
CA PHE Q 80 -15.67 1.82 -54.72
C PHE Q 80 -14.91 2.41 -55.89
N TYR Q 81 -13.61 2.58 -55.73
CA TYR Q 81 -12.76 3.10 -56.80
C TYR Q 81 -12.18 1.91 -57.56
N LEU Q 82 -12.68 1.67 -58.76
CA LEU Q 82 -12.33 0.50 -59.55
C LEU Q 82 -11.29 0.84 -60.60
N LYS Q 83 -10.29 -0.02 -60.74
CA LYS Q 83 -9.41 0.07 -61.89
C LYS Q 83 -8.92 -1.33 -62.21
N PRO Q 84 -8.85 -1.70 -63.48
CA PRO Q 84 -8.38 -3.02 -63.86
C PRO Q 84 -6.86 -3.11 -63.78
N LYS Q 85 -6.33 -4.30 -64.05
CA LYS Q 85 -4.89 -4.49 -64.08
C LYS Q 85 -4.38 -5.09 -65.38
N ASN Q 86 -5.25 -5.65 -66.22
CA ASN Q 86 -4.80 -6.24 -67.47
C ASN Q 86 -5.93 -6.10 -68.48
N VAL Q 87 -5.70 -6.56 -69.70
CA VAL Q 87 -6.56 -6.22 -70.81
C VAL Q 87 -7.85 -7.06 -70.82
N ASP Q 88 -7.83 -8.27 -70.26
CA ASP Q 88 -9.00 -9.14 -70.25
C ASP Q 88 -9.30 -9.59 -68.82
N VAL Q 89 -9.99 -8.73 -68.08
CA VAL Q 89 -10.32 -8.99 -66.68
C VAL Q 89 -11.81 -8.82 -66.48
N ASP Q 90 -12.59 -9.09 -67.52
CA ASP Q 90 -14.04 -8.92 -67.47
C ASP Q 90 -14.66 -9.86 -66.46
N THR Q 91 -15.47 -9.33 -65.56
CA THR Q 91 -16.01 -10.13 -64.47
C THR Q 91 -17.28 -9.48 -63.96
N ASN Q 92 -17.85 -10.07 -62.91
CA ASN Q 92 -18.94 -9.48 -62.16
C ASN Q 92 -18.45 -8.97 -60.81
N MET Q 93 -19.26 -8.12 -60.20
CA MET Q 93 -19.03 -7.75 -58.81
C MET Q 93 -20.39 -7.57 -58.15
N MET Q 94 -20.52 -8.13 -56.95
CA MET Q 94 -21.79 -8.13 -56.24
C MET Q 94 -21.61 -7.44 -54.91
N ILE Q 95 -22.40 -6.40 -54.70
CA ILE Q 95 -22.39 -5.64 -53.46
C ILE Q 95 -23.69 -5.95 -52.74
N ARG Q 96 -23.61 -6.20 -51.44
CA ARG Q 96 -24.78 -6.51 -50.64
C ARG Q 96 -24.77 -5.59 -49.43
N THR Q 97 -25.68 -4.64 -49.40
CA THR Q 97 -25.85 -3.75 -48.27
C THR Q 97 -26.90 -4.33 -47.33
N ALA Q 98 -27.41 -3.51 -46.40
CA ALA Q 98 -28.39 -3.99 -45.45
C ALA Q 98 -29.74 -4.25 -46.10
N THR Q 99 -30.11 -3.47 -47.12
CA THR Q 99 -31.41 -3.65 -47.75
C THR Q 99 -31.37 -3.62 -49.27
N HIS Q 100 -30.21 -3.41 -49.88
CA HIS Q 100 -30.09 -3.40 -51.33
C HIS Q 100 -29.11 -4.49 -51.78
N SER Q 101 -29.21 -4.86 -53.04
CA SER Q 101 -28.34 -5.87 -53.62
C SER Q 101 -28.04 -5.51 -55.06
N TYR Q 102 -26.76 -5.34 -55.38
CA TYR Q 102 -26.31 -4.86 -56.67
C TYR Q 102 -25.56 -5.96 -57.39
N ILE Q 103 -25.79 -6.11 -58.69
CA ILE Q 103 -25.02 -7.04 -59.51
C ILE Q 103 -24.39 -6.21 -60.62
N LEU Q 104 -23.13 -5.87 -60.45
CA LEU Q 104 -22.40 -5.07 -61.42
C LEU Q 104 -21.70 -5.98 -62.41
N GLU Q 105 -21.59 -5.52 -63.66
CA GLU Q 105 -21.03 -6.31 -64.75
C GLU Q 105 -19.84 -5.54 -65.30
N LEU Q 106 -18.67 -5.82 -64.75
CA LEU Q 106 -17.45 -5.04 -65.02
C LEU Q 106 -16.87 -5.38 -66.38
N LYS Q 107 -16.52 -4.37 -67.15
CA LYS Q 107 -15.96 -4.54 -68.47
C LYS Q 107 -14.67 -3.72 -68.58
N VAL Q 108 -13.93 -3.95 -69.65
CA VAL Q 108 -12.76 -3.14 -70.02
C VAL Q 108 -12.92 -2.74 -71.47
N VAL Q 109 -13.02 -1.43 -71.71
CA VAL Q 109 -13.39 -0.93 -73.04
C VAL Q 109 -12.31 -0.06 -73.66
N ALA Q 110 -11.41 0.54 -72.89
CA ALA Q 110 -10.32 1.34 -73.43
C ALA Q 110 -9.02 0.90 -72.80
N THR Q 111 -8.09 0.41 -73.62
CA THR Q 111 -6.83 -0.11 -73.12
C THR Q 111 -5.60 0.39 -73.88
N ASP Q 112 -5.75 0.92 -75.09
CA ASP Q 112 -4.64 1.23 -75.97
C ASP Q 112 -4.49 2.73 -76.19
N TRP Q 113 -5.24 3.53 -75.44
CA TRP Q 113 -5.32 4.96 -75.70
C TRP Q 113 -4.04 5.67 -75.27
N GLN Q 114 -3.67 6.68 -76.06
CA GLN Q 114 -2.58 7.57 -75.70
C GLN Q 114 -3.06 8.93 -75.26
N ARG Q 115 -4.16 9.40 -75.83
CA ARG Q 115 -4.79 10.66 -75.50
C ARG Q 115 -6.09 10.37 -74.76
N LEU Q 116 -6.38 11.15 -73.73
CA LEU Q 116 -7.48 10.81 -72.82
C LEU Q 116 -8.84 11.07 -73.43
N GLU Q 117 -8.90 11.81 -74.55
CA GLU Q 117 -10.12 11.93 -75.31
C GLU Q 117 -10.47 10.65 -76.05
N GLN Q 118 -9.48 9.78 -76.31
CA GLN Q 118 -9.77 8.52 -76.99
C GLN Q 118 -10.48 7.54 -76.09
N ALA Q 119 -10.33 7.66 -74.76
CA ALA Q 119 -11.08 6.81 -73.86
C ALA Q 119 -12.50 7.30 -73.66
N LYS Q 120 -12.73 8.60 -73.84
CA LYS Q 120 -14.08 9.14 -73.83
C LYS Q 120 -14.90 8.54 -74.96
N GLN Q 121 -14.34 8.51 -76.17
CA GLN Q 121 -15.04 8.01 -77.34
C GLN Q 121 -15.15 6.49 -77.33
N ALA Q 122 -14.21 5.81 -76.67
CA ALA Q 122 -14.32 4.36 -76.53
C ALA Q 122 -15.46 3.98 -75.61
N GLY Q 123 -15.78 4.83 -74.65
CA GLY Q 123 -16.99 4.64 -73.87
C GLY Q 123 -16.76 4.35 -72.40
N VAL Q 124 -15.71 4.92 -71.81
CA VAL Q 124 -15.49 4.70 -70.40
C VAL Q 124 -16.50 5.50 -69.58
N GLN Q 125 -16.63 5.11 -68.32
CA GLN Q 125 -17.52 5.78 -67.38
C GLN Q 125 -16.69 6.24 -66.21
N TYR Q 126 -16.56 7.55 -66.06
CA TYR Q 126 -15.80 8.11 -64.94
C TYR Q 126 -16.52 7.88 -63.62
N LYS Q 127 -17.83 8.12 -63.57
CA LYS Q 127 -18.58 7.99 -62.34
C LYS Q 127 -19.84 7.18 -62.62
N VAL Q 128 -20.26 6.40 -61.63
CA VAL Q 128 -21.54 5.68 -61.66
C VAL Q 128 -22.27 5.99 -60.36
N VAL Q 129 -23.47 6.56 -60.47
CA VAL Q 129 -24.30 6.83 -59.31
C VAL Q 129 -25.67 6.21 -59.51
N PHE Q 130 -26.29 5.82 -58.41
CA PHE Q 130 -27.58 5.14 -58.41
C PHE Q 130 -28.64 6.07 -57.85
N THR Q 131 -29.74 6.22 -58.58
CA THR Q 131 -30.90 6.96 -58.10
C THR Q 131 -31.93 5.98 -57.57
N TYR Q 132 -32.58 6.36 -56.48
CA TYR Q 132 -33.46 5.44 -55.75
C TYR Q 132 -34.89 5.95 -55.76
N PRO Q 133 -35.78 5.36 -56.55
CA PRO Q 133 -37.16 5.83 -56.57
C PRO Q 133 -37.94 5.36 -55.37
N LYS Q 134 -39.06 6.02 -55.11
CA LYS Q 134 -39.97 5.56 -54.08
C LYS Q 134 -40.88 4.49 -54.66
N ASP Q 135 -41.65 3.85 -53.78
CA ASP Q 135 -42.46 2.71 -54.16
C ASP Q 135 -43.62 3.14 -55.06
N THR Q 136 -44.03 2.25 -55.96
CA THR Q 136 -45.02 2.61 -56.97
C THR Q 136 -46.43 2.72 -56.38
N SER Q 137 -46.63 2.25 -55.14
CA SER Q 137 -47.93 2.43 -54.51
C SER Q 137 -48.11 3.86 -54.03
N PHE Q 138 -47.01 4.59 -53.88
CA PHE Q 138 -47.12 6.00 -53.53
C PHE Q 138 -47.17 6.89 -54.76
N ASN Q 139 -46.81 6.34 -55.93
CA ASN Q 139 -46.87 7.13 -57.17
C ASN Q 139 -48.30 7.25 -57.66
N ASN Q 140 -49.18 6.36 -57.22
CA ASN Q 140 -50.60 6.48 -57.56
C ASN Q 140 -51.25 7.64 -56.81
N VAL Q 141 -50.67 8.05 -55.69
CA VAL Q 141 -51.15 9.18 -54.92
C VAL Q 141 -50.58 10.48 -55.47
N LYS Q 148 -45.77 20.61 -59.48
CA LYS Q 148 -44.88 20.39 -60.61
C LYS Q 148 -44.77 21.65 -61.46
N ASN Q 149 -45.89 22.37 -61.59
CA ASN Q 149 -45.96 23.56 -62.43
C ASN Q 149 -45.30 24.74 -61.70
N GLY Q 150 -43.98 24.74 -61.76
CA GLY Q 150 -43.20 25.80 -61.18
C GLY Q 150 -43.16 25.74 -59.66
N PRO Q 151 -42.61 26.77 -59.04
CA PRO Q 151 -42.50 26.80 -57.58
C PRO Q 151 -43.81 27.16 -56.90
N LEU Q 152 -43.93 26.71 -55.66
CA LEU Q 152 -45.15 26.94 -54.89
C LEU Q 152 -45.21 28.33 -54.28
N LEU Q 153 -44.07 28.95 -54.01
CA LEU Q 153 -44.02 30.29 -53.43
C LEU Q 153 -43.50 31.23 -54.49
N ASN Q 154 -44.37 32.04 -55.05
CA ASN Q 154 -43.99 33.00 -56.07
C ASN Q 154 -44.64 34.32 -55.68
N ALA Q 155 -43.81 35.30 -55.34
CA ALA Q 155 -44.29 36.56 -54.79
C ALA Q 155 -45.01 37.44 -55.81
N LYS Q 156 -44.87 37.16 -57.10
CA LYS Q 156 -45.63 37.87 -58.11
C LYS Q 156 -47.07 37.34 -58.15
N ILE Q 157 -47.90 38.02 -58.93
CA ILE Q 157 -49.28 37.61 -59.15
C ILE Q 157 -49.32 36.78 -60.42
N LEU Q 158 -49.74 35.53 -60.30
CA LEU Q 158 -49.72 34.64 -61.44
C LEU Q 158 -51.05 34.70 -62.18
N LYS Q 159 -51.06 34.13 -63.37
CA LYS Q 159 -52.26 34.15 -64.20
C LYS Q 159 -53.33 33.22 -63.66
N ASP Q 160 -52.93 32.08 -63.10
CA ASP Q 160 -53.85 31.01 -62.74
C ASP Q 160 -53.81 30.68 -61.25
N ARG Q 161 -53.77 31.71 -60.41
CA ARG Q 161 -53.91 31.53 -58.97
C ARG Q 161 -54.96 32.49 -58.44
N ARG Q 162 -55.64 32.07 -57.39
CA ARG Q 162 -56.73 32.84 -56.82
C ARG Q 162 -56.24 33.56 -55.58
N TYR Q 163 -56.38 34.89 -55.57
CA TYR Q 163 -55.89 35.73 -54.48
C TYR Q 163 -57.06 36.31 -53.70
N TYR Q 164 -56.77 36.73 -52.46
CA TYR Q 164 -57.79 37.21 -51.53
C TYR Q 164 -57.30 38.50 -50.90
N TYR Q 165 -57.77 39.63 -51.42
CA TYR Q 165 -57.33 40.95 -50.97
C TYR Q 165 -58.34 41.54 -49.99
N ASP Q 166 -58.43 40.94 -48.81
CA ASP Q 166 -59.37 41.47 -47.83
C ASP Q 166 -58.78 41.23 -46.45
N TYR Q 167 -58.07 42.23 -45.95
CA TYR Q 167 -57.37 42.16 -44.67
C TYR Q 167 -57.46 43.49 -43.97
N ASP Q 168 -57.50 43.44 -42.64
CA ASP Q 168 -57.58 44.64 -41.82
C ASP Q 168 -56.35 44.76 -40.94
N TYR Q 169 -56.24 45.89 -40.26
CA TYR Q 169 -55.18 46.07 -39.27
C TYR Q 169 -55.70 46.88 -38.10
N ALA Q 170 -55.16 46.62 -36.92
CA ALA Q 170 -55.58 47.32 -35.72
C ALA Q 170 -54.37 47.56 -34.82
N THR Q 171 -54.18 48.80 -34.40
CA THR Q 171 -53.05 49.17 -33.56
C THR Q 171 -53.39 50.43 -32.79
N ARG Q 172 -52.65 50.67 -31.71
CA ARG Q 172 -52.93 51.80 -30.83
C ARG Q 172 -52.55 53.12 -31.50
N THR Q 173 -51.30 53.24 -31.94
CA THR Q 173 -50.83 54.46 -32.59
C THR Q 173 -51.45 54.60 -33.97
N LYS Q 174 -51.73 55.83 -34.37
CA LYS Q 174 -52.45 56.06 -35.61
C LYS Q 174 -51.57 55.84 -36.83
N LYS Q 175 -50.50 56.62 -36.96
CA LYS Q 175 -49.54 56.47 -38.05
C LYS Q 175 -48.29 55.83 -37.47
N SER Q 176 -48.14 54.53 -37.66
CA SER Q 176 -46.98 53.80 -37.21
C SER Q 176 -46.16 53.35 -38.41
N TRP Q 177 -44.91 53.00 -38.13
CA TRP Q 177 -44.03 52.40 -39.12
C TRP Q 177 -44.12 50.89 -39.14
N LEU Q 178 -45.01 50.31 -38.35
CA LEU Q 178 -45.17 48.87 -38.28
C LEU Q 178 -46.39 48.39 -39.04
N ILE Q 179 -47.21 49.31 -39.53
CA ILE Q 179 -48.39 48.94 -40.33
C ILE Q 179 -47.92 48.41 -41.69
N PRO Q 180 -48.36 47.23 -42.10
CA PRO Q 180 -47.96 46.71 -43.41
C PRO Q 180 -48.55 47.51 -44.55
N SER Q 181 -47.84 47.51 -45.67
CA SER Q 181 -48.32 48.21 -46.85
C SER Q 181 -49.44 47.45 -47.52
N ARG Q 182 -49.21 46.17 -47.83
CA ARG Q 182 -50.16 45.33 -48.55
C ARG Q 182 -50.10 43.93 -47.97
N VAL Q 183 -51.26 43.35 -47.69
CA VAL Q 183 -51.36 41.98 -47.19
C VAL Q 183 -52.35 41.24 -48.08
N TYR Q 184 -51.95 40.06 -48.56
CA TYR Q 184 -52.82 39.20 -49.35
C TYR Q 184 -52.33 37.77 -49.21
N ASP Q 185 -52.95 36.85 -49.95
CA ASP Q 185 -52.51 35.45 -49.95
C ASP Q 185 -52.96 34.77 -51.22
N ASP Q 186 -52.34 33.62 -51.51
CA ASP Q 186 -52.69 32.81 -52.68
C ASP Q 186 -53.35 31.51 -52.29
N GLY Q 187 -53.88 31.41 -51.08
CA GLY Q 187 -54.45 30.19 -50.57
C GLY Q 187 -53.48 29.34 -49.78
N LYS Q 188 -52.19 29.47 -50.05
CA LYS Q 188 -51.17 28.67 -49.39
C LYS Q 188 -50.14 29.47 -48.63
N PHE Q 189 -49.87 30.72 -49.02
CA PHE Q 189 -48.89 31.56 -48.35
C PHE Q 189 -49.47 32.95 -48.18
N THR Q 190 -49.24 33.58 -47.03
CA THR Q 190 -49.68 34.94 -46.77
C THR Q 190 -48.53 35.91 -46.99
N TYR Q 191 -48.73 36.88 -47.88
CA TYR Q 191 -47.66 37.76 -48.35
C TYR Q 191 -47.77 39.13 -47.68
N ILE Q 192 -47.16 39.28 -46.52
CA ILE Q 192 -47.11 40.58 -45.87
C ILE Q 192 -46.04 41.42 -46.56
N ASN Q 193 -46.40 42.64 -46.95
CA ASN Q 193 -45.52 43.51 -47.71
C ASN Q 193 -45.38 44.83 -46.97
N MET Q 194 -44.14 45.30 -46.81
CA MET Q 194 -43.85 46.46 -45.98
C MET Q 194 -42.91 47.44 -46.65
N ASP Q 195 -43.00 47.59 -47.97
CA ASP Q 195 -42.03 48.37 -48.73
C ASP Q 195 -42.50 49.79 -49.03
N LEU Q 196 -43.41 50.33 -48.22
CA LEU Q 196 -43.73 51.75 -48.31
C LEU Q 196 -43.53 52.49 -46.99
N THR Q 197 -43.31 51.79 -45.89
CA THR Q 197 -42.85 52.41 -44.65
C THR Q 197 -41.34 52.51 -44.75
N ARG Q 198 -40.89 53.57 -45.41
CA ARG Q 198 -39.52 53.66 -45.92
C ARG Q 198 -38.52 54.16 -44.90
N PHE Q 199 -38.95 55.02 -43.94
CA PHE Q 199 -37.98 55.75 -43.14
C PHE Q 199 -37.19 54.91 -42.16
N PRO Q 200 -37.77 54.22 -41.17
CA PRO Q 200 -36.88 53.57 -40.18
C PRO Q 200 -36.23 52.35 -40.79
N THR Q 201 -34.90 52.33 -40.80
CA THR Q 201 -34.22 51.21 -41.44
C THR Q 201 -34.37 49.94 -40.61
N GLY Q 202 -34.48 50.06 -39.30
CA GLY Q 202 -34.77 48.91 -38.48
C GLY Q 202 -36.26 48.72 -38.20
N ASN Q 203 -37.03 48.33 -39.21
CA ASN Q 203 -38.48 48.25 -39.06
C ASN Q 203 -39.03 46.84 -39.31
N PHE Q 204 -38.20 45.81 -39.16
CA PHE Q 204 -38.61 44.50 -39.64
C PHE Q 204 -39.11 43.67 -38.47
N PRO Q 205 -40.34 43.20 -38.51
CA PRO Q 205 -40.95 42.55 -37.34
C PRO Q 205 -40.76 41.05 -37.24
N ALA Q 206 -41.43 40.47 -36.25
CA ALA Q 206 -41.59 39.03 -36.10
C ALA Q 206 -43.08 38.71 -36.15
N VAL Q 207 -43.49 37.86 -37.08
CA VAL Q 207 -44.91 37.59 -37.35
C VAL Q 207 -45.32 36.32 -36.64
N PHE Q 208 -46.39 36.41 -35.86
CA PHE Q 208 -47.04 35.29 -35.20
C PHE Q 208 -48.42 35.09 -35.81
N ALA Q 209 -49.18 34.15 -35.29
CA ALA Q 209 -50.52 33.92 -35.78
C ALA Q 209 -51.40 33.47 -34.64
N ARG Q 210 -52.71 33.55 -34.85
CA ARG Q 210 -53.64 33.43 -33.74
C ARG Q 210 -54.98 32.95 -34.28
N GLU Q 211 -55.65 32.07 -33.54
CA GLU Q 211 -56.89 31.48 -34.04
C GLU Q 211 -58.12 32.32 -33.73
N LYS Q 212 -58.11 33.08 -32.66
CA LYS Q 212 -59.20 33.98 -32.33
C LYS Q 212 -58.63 35.40 -32.26
N GLU Q 213 -59.44 36.36 -31.80
CA GLU Q 213 -58.94 37.73 -31.81
C GLU Q 213 -58.00 37.99 -30.64
N HIS Q 214 -58.37 37.58 -29.44
CA HIS Q 214 -57.57 37.83 -28.25
C HIS Q 214 -57.18 36.52 -27.58
N ALA Q 215 -56.94 35.49 -28.37
CA ALA Q 215 -56.44 34.23 -27.86
C ALA Q 215 -54.91 34.32 -27.71
N GLU Q 216 -54.27 33.20 -27.45
CA GLU Q 216 -52.82 33.17 -27.30
C GLU Q 216 -52.21 32.78 -28.64
N ASP Q 217 -51.21 33.54 -29.07
CA ASP Q 217 -50.63 33.34 -30.38
C ASP Q 217 -49.62 32.20 -30.38
N PHE Q 218 -49.26 31.75 -31.59
CA PHE Q 218 -48.32 30.66 -31.76
C PHE Q 218 -47.38 31.01 -32.91
N LEU Q 219 -46.58 30.05 -33.34
CA LEU Q 219 -45.44 30.28 -34.22
C LEU Q 219 -45.73 29.81 -35.64
N VAL Q 220 -45.18 30.54 -36.61
CA VAL Q 220 -45.30 30.22 -38.03
C VAL Q 220 -43.91 30.16 -38.64
N ASN Q 221 -43.83 29.52 -39.79
CA ASN Q 221 -42.60 29.49 -40.57
C ASN Q 221 -42.65 30.61 -41.59
N THR Q 222 -41.58 31.40 -41.66
CA THR Q 222 -41.54 32.55 -42.55
C THR Q 222 -40.32 32.50 -43.44
N THR Q 223 -40.49 32.90 -44.69
CA THR Q 223 -39.39 33.24 -45.57
C THR Q 223 -39.59 34.65 -46.08
N VAL Q 224 -38.49 35.31 -46.43
CA VAL Q 224 -38.51 36.73 -46.75
C VAL Q 224 -37.79 36.96 -48.07
N GLU Q 225 -38.28 37.92 -48.85
CA GLU Q 225 -37.70 38.29 -50.14
C GLU Q 225 -37.67 39.81 -50.24
N GLY Q 226 -36.58 40.41 -49.79
CA GLY Q 226 -36.48 41.85 -49.82
C GLY Q 226 -37.19 42.51 -48.66
N ASN Q 227 -38.30 43.18 -48.94
CA ASN Q 227 -39.14 43.76 -47.91
C ASN Q 227 -40.45 43.01 -47.74
N THR Q 228 -40.65 41.92 -48.46
CA THR Q 228 -41.86 41.12 -48.34
C THR Q 228 -41.61 40.01 -47.33
N LEU Q 229 -42.45 39.93 -46.32
CA LEU Q 229 -42.41 38.83 -45.36
C LEU Q 229 -43.50 37.86 -45.74
N ILE Q 230 -43.14 36.60 -46.00
CA ILE Q 230 -44.07 35.62 -46.52
C ILE Q 230 -44.28 34.54 -45.48
N VAL Q 231 -45.52 34.33 -45.08
CA VAL Q 231 -45.86 33.43 -43.99
C VAL Q 231 -46.42 32.14 -44.58
N HIS Q 232 -45.85 31.01 -44.18
CA HIS Q 232 -46.24 29.70 -44.68
C HIS Q 232 -47.59 29.31 -44.09
N GLY Q 233 -48.66 29.54 -44.83
CA GLY Q 233 -49.98 29.15 -44.39
C GLY Q 233 -50.93 30.32 -44.20
N THR Q 234 -52.22 30.10 -44.40
CA THR Q 234 -53.23 31.13 -44.22
C THR Q 234 -53.91 30.97 -42.88
N TYR Q 235 -54.06 32.07 -42.15
CA TYR Q 235 -54.52 32.07 -40.78
C TYR Q 235 -55.66 33.07 -40.64
N PRO Q 236 -56.50 32.91 -39.61
CA PRO Q 236 -57.52 33.94 -39.38
C PRO Q 236 -56.94 35.25 -38.89
N PHE Q 237 -55.91 35.21 -38.06
CA PHE Q 237 -55.29 36.39 -37.49
C PHE Q 237 -53.78 36.26 -37.56
N LEU Q 238 -53.11 37.38 -37.85
CA LEU Q 238 -51.66 37.47 -37.78
C LEU Q 238 -51.31 38.56 -36.78
N VAL Q 239 -50.27 38.34 -36.00
CA VAL Q 239 -49.81 39.30 -35.01
C VAL Q 239 -48.40 39.71 -35.37
N VAL Q 240 -48.15 41.01 -35.40
CA VAL Q 240 -46.90 41.59 -35.89
C VAL Q 240 -46.28 42.39 -34.76
N ARG Q 241 -45.11 41.97 -34.27
CA ARG Q 241 -44.51 42.54 -33.07
C ARG Q 241 -43.12 43.09 -33.36
N HIS Q 242 -42.81 44.22 -32.73
CA HIS Q 242 -41.46 44.80 -32.75
C HIS Q 242 -41.11 45.35 -31.37
N GLY Q 243 -41.40 44.60 -30.32
CA GLY Q 243 -41.06 45.05 -28.99
C GLY Q 243 -42.27 45.37 -28.15
N ASP Q 244 -42.49 46.64 -27.84
CA ASP Q 244 -43.66 47.08 -27.11
C ASP Q 244 -44.82 47.46 -28.02
N ASN Q 245 -44.60 47.61 -29.31
CA ASN Q 245 -45.65 47.98 -30.26
C ASN Q 245 -46.03 46.79 -31.14
N VAL Q 246 -47.34 46.63 -31.34
CA VAL Q 246 -47.92 45.43 -31.93
C VAL Q 246 -49.04 45.85 -32.89
N VAL Q 247 -49.14 45.14 -34.01
CA VAL Q 247 -50.17 45.38 -35.02
C VAL Q 247 -50.86 44.06 -35.31
N GLY Q 248 -52.17 44.00 -35.10
CA GLY Q 248 -52.93 42.82 -35.45
C GLY Q 248 -53.39 42.86 -36.90
N LEU Q 249 -53.75 41.70 -37.45
CA LEU Q 249 -54.14 41.59 -38.85
C LEU Q 249 -55.26 40.57 -38.97
N ARG Q 250 -56.49 41.04 -39.18
CA ARG Q 250 -57.62 40.15 -39.39
C ARG Q 250 -57.79 39.86 -40.86
N ARG Q 251 -57.97 38.58 -41.19
CA ARG Q 251 -58.53 38.20 -42.47
C ARG Q 251 -60.04 38.24 -42.36
N ASN Q 252 -60.68 39.05 -43.20
CA ASN Q 252 -62.12 39.18 -43.13
C ASN Q 252 -62.80 37.95 -43.70
N LYS Q 253 -63.99 37.67 -43.18
CA LYS Q 253 -64.68 36.43 -43.50
C LYS Q 253 -65.31 36.49 -44.88
N GLN Q 254 -65.21 35.37 -45.60
CA GLN Q 254 -65.72 35.27 -46.96
C GLN Q 254 -67.24 35.35 -46.96
N LYS Q 255 -67.77 36.44 -47.50
CA LYS Q 255 -69.21 36.63 -47.58
C LYS Q 255 -69.81 35.77 -48.69
N PRO R 150 38.96 18.26 -57.83
CA PRO R 150 37.94 18.84 -58.70
C PRO R 150 38.22 20.30 -59.03
N THR R 151 37.38 20.91 -59.85
CA THR R 151 37.51 22.33 -60.14
C THR R 151 36.64 23.13 -59.17
N LEU R 152 36.43 24.41 -59.47
CA LEU R 152 35.63 25.26 -58.60
C LEU R 152 34.14 25.03 -58.83
N LEU R 153 33.72 24.96 -60.10
CA LEU R 153 32.32 24.71 -60.41
C LEU R 153 31.90 23.31 -60.01
N GLU R 154 32.75 22.31 -60.27
CA GLU R 154 32.44 20.92 -59.95
C GLU R 154 32.42 20.64 -58.45
N ARG R 155 32.94 21.57 -57.64
CA ARG R 155 32.96 21.38 -56.20
C ARG R 155 31.67 21.88 -55.55
N ARG R 156 31.16 23.02 -56.02
CA ARG R 156 29.93 23.59 -55.47
C ARG R 156 28.72 22.71 -55.76
N ILE R 157 28.75 22.00 -56.89
CA ILE R 157 27.73 20.99 -57.14
C ILE R 157 27.90 19.82 -56.19
N LEU R 158 29.16 19.45 -55.91
CA LEU R 158 29.47 18.27 -55.10
C LEU R 158 29.26 18.55 -53.62
N ALA R 159 29.81 19.66 -53.12
CA ALA R 159 29.73 19.95 -51.69
C ALA R 159 28.33 20.30 -51.24
N GLU R 160 27.47 20.77 -52.15
CA GLU R 160 26.08 21.03 -51.82
C GLU R 160 25.16 19.87 -52.16
N SER R 161 25.72 18.72 -52.54
CA SER R 161 24.93 17.53 -52.79
C SER R 161 25.70 16.27 -52.38
N GLY R 183 4.19 38.04 -22.40
CA GLY R 183 3.47 36.81 -22.73
C GLY R 183 3.17 36.68 -24.21
N PRO R 184 2.06 37.28 -24.65
CA PRO R 184 1.72 37.25 -26.08
C PRO R 184 2.57 38.23 -26.87
N VAL R 185 2.32 38.26 -28.17
CA VAL R 185 3.03 39.18 -29.04
C VAL R 185 2.09 40.32 -29.42
N THR R 186 2.66 41.50 -29.64
CA THR R 186 1.90 42.71 -29.96
C THR R 186 2.33 43.19 -31.33
N LEU R 187 1.42 43.14 -32.30
CA LEU R 187 1.72 43.51 -33.67
C LEU R 187 0.72 44.53 -34.16
N ALA R 188 1.04 45.17 -35.28
CA ALA R 188 0.19 46.21 -35.88
C ALA R 188 0.20 45.99 -37.39
N LYS R 189 -0.77 45.26 -37.88
CA LYS R 189 -0.86 44.88 -39.28
C LYS R 189 -2.03 45.60 -39.94
N PRO R 190 -2.01 45.75 -41.26
CA PRO R 190 -3.17 46.33 -41.94
C PRO R 190 -4.33 45.36 -41.95
N ILE R 191 -5.54 45.92 -41.96
CA ILE R 191 -6.75 45.13 -41.86
C ILE R 191 -7.00 44.48 -43.22
N SER R 192 -7.53 43.26 -43.20
CA SER R 192 -7.52 42.39 -44.37
C SER R 192 -8.93 42.26 -44.91
N ASN R 193 -9.10 42.59 -46.20
CA ASN R 193 -10.34 42.57 -46.97
C ASN R 193 -11.46 43.31 -46.25
N PRO R 194 -11.42 44.64 -46.18
CA PRO R 194 -12.47 45.36 -45.45
C PRO R 194 -13.79 45.48 -46.19
N ASP R 195 -13.85 45.10 -47.46
CA ASP R 195 -15.12 45.18 -48.18
C ASP R 195 -16.08 44.08 -47.76
N GLY R 196 -15.59 42.99 -47.18
CA GLY R 196 -16.46 41.92 -46.75
C GLY R 196 -16.18 41.46 -45.34
N LEU R 197 -15.82 42.38 -44.46
CA LEU R 197 -15.42 42.02 -43.10
C LEU R 197 -16.53 42.36 -42.13
N LEU R 198 -16.99 41.36 -41.39
CA LEU R 198 -17.89 41.57 -40.26
C LEU R 198 -17.01 41.53 -39.01
N VAL R 199 -16.59 42.70 -38.57
CA VAL R 199 -15.47 42.80 -37.62
C VAL R 199 -15.95 42.41 -36.23
N ARG R 200 -14.99 42.11 -35.36
CA ARG R 200 -15.26 41.92 -33.95
C ARG R 200 -15.75 43.22 -33.34
N GLY R 201 -16.97 43.21 -32.83
CA GLY R 201 -17.54 44.37 -32.22
C GLY R 201 -18.66 45.04 -32.96
N THR R 202 -19.27 44.40 -33.95
CA THR R 202 -20.49 44.96 -34.49
C THR R 202 -21.67 44.39 -33.72
N TYR R 203 -22.78 45.11 -33.75
CA TYR R 203 -23.93 44.77 -32.93
C TYR R 203 -25.07 44.38 -33.86
N ILE R 204 -25.47 43.12 -33.80
CA ILE R 204 -26.56 42.62 -34.63
C ILE R 204 -27.83 42.75 -33.81
N ARG R 205 -28.70 43.68 -34.16
CA ARG R 205 -29.95 43.86 -33.45
C ARG R 205 -30.99 42.93 -34.04
N CYS R 206 -31.57 42.07 -33.22
CA CYS R 206 -32.62 41.17 -33.64
C CYS R 206 -33.73 41.20 -32.61
N ILE R 207 -34.94 40.84 -33.02
CA ILE R 207 -36.06 40.74 -32.11
C ILE R 207 -36.45 39.28 -31.95
N LEU R 208 -36.79 38.89 -30.73
CA LEU R 208 -36.93 37.49 -30.38
C LEU R 208 -38.22 36.94 -30.94
N GLU R 209 -38.17 35.68 -31.38
CA GLU R 209 -39.33 34.98 -31.90
C GLU R 209 -39.80 33.83 -31.02
N THR R 210 -38.89 33.09 -30.41
CA THR R 210 -39.24 32.00 -29.51
C THR R 210 -39.16 32.48 -28.06
N ARG R 211 -40.26 32.38 -27.33
CA ARG R 211 -40.31 32.74 -25.92
C ARG R 211 -39.39 31.88 -25.06
N ILE R 212 -38.33 32.47 -24.52
CA ILE R 212 -37.34 31.72 -23.76
C ILE R 212 -37.86 31.49 -22.36
N ILE R 213 -37.78 30.25 -21.87
CA ILE R 213 -38.04 29.90 -20.48
C ILE R 213 -36.91 29.02 -19.98
N SER R 214 -36.27 29.43 -18.89
CA SER R 214 -35.07 28.75 -18.37
C SER R 214 -35.47 27.62 -17.43
N ASP R 215 -35.92 26.52 -18.02
CA ASP R 215 -36.15 25.28 -17.28
C ASP R 215 -35.22 24.17 -17.75
N PHE R 216 -35.24 23.84 -19.03
CA PHE R 216 -34.49 22.70 -19.52
C PHE R 216 -33.33 23.06 -20.42
N GLY R 217 -33.36 24.21 -21.07
CA GLY R 217 -32.25 24.53 -21.93
C GLY R 217 -32.53 23.98 -23.30
N GLY R 218 -32.66 24.85 -24.27
CA GLY R 218 -33.08 24.46 -25.60
C GLY R 218 -32.53 25.36 -26.63
N TYR R 219 -33.36 25.78 -27.57
CA TYR R 219 -32.94 26.46 -28.77
C TYR R 219 -33.79 27.69 -28.97
N THR R 220 -33.16 28.77 -29.42
CA THR R 220 -33.81 30.05 -29.62
C THR R 220 -33.73 30.46 -31.09
N SER R 221 -34.48 31.50 -31.44
CA SER R 221 -34.44 32.05 -32.80
C SER R 221 -34.91 33.49 -32.74
N CYS R 222 -34.12 34.40 -33.29
CA CYS R 222 -34.51 35.79 -33.36
C CYS R 222 -34.36 36.28 -34.78
N ILE R 223 -35.28 37.11 -35.22
CA ILE R 223 -35.26 37.66 -36.57
C ILE R 223 -34.52 38.99 -36.52
N VAL R 224 -33.50 39.14 -37.38
CA VAL R 224 -32.74 40.37 -37.48
C VAL R 224 -33.68 41.49 -37.92
N THR R 225 -33.46 42.70 -37.39
CA THR R 225 -34.35 43.81 -37.68
C THR R 225 -33.69 44.96 -38.41
N GLU R 226 -32.37 45.11 -38.33
CA GLU R 226 -31.71 46.20 -39.02
C GLU R 226 -30.55 45.64 -39.85
N PRO R 227 -30.37 46.11 -41.08
CA PRO R 227 -29.29 45.59 -41.92
C PRO R 227 -27.91 45.92 -41.36
N VAL R 228 -27.00 44.95 -41.48
CA VAL R 228 -25.67 45.02 -40.92
C VAL R 228 -24.67 45.08 -42.06
N TYR R 229 -23.91 46.16 -42.12
CA TYR R 229 -23.00 46.43 -43.22
C TYR R 229 -21.60 45.95 -42.86
N SER R 230 -20.62 46.35 -43.67
CA SER R 230 -19.24 45.91 -43.51
C SER R 230 -18.55 46.69 -42.38
N ILE R 231 -17.22 46.58 -42.29
CA ILE R 231 -16.48 47.42 -41.36
C ILE R 231 -16.51 48.88 -41.80
N ASN R 232 -16.53 49.13 -43.11
CA ASN R 232 -16.53 50.48 -43.63
C ASN R 232 -17.74 50.78 -44.51
N GLY R 233 -18.75 49.91 -44.49
CA GLY R 233 -20.02 50.23 -45.10
C GLY R 233 -20.08 50.11 -46.61
N HIS R 234 -19.14 49.44 -47.25
CA HIS R 234 -19.24 49.35 -48.70
C HIS R 234 -20.18 48.26 -49.16
N ASN R 235 -20.53 47.31 -48.30
CA ASN R 235 -21.32 46.16 -48.70
C ASN R 235 -22.34 45.82 -47.63
N LEU R 236 -23.44 45.22 -48.07
CA LEU R 236 -24.46 44.74 -47.16
C LEU R 236 -24.19 43.28 -46.84
N LEU R 237 -23.90 42.98 -45.58
CA LEU R 237 -23.52 41.62 -45.23
C LEU R 237 -24.73 40.81 -44.79
N LEU R 238 -25.37 41.23 -43.70
CA LEU R 238 -26.56 40.55 -43.23
C LEU R 238 -27.77 41.38 -43.61
N PRO R 239 -28.66 40.91 -44.49
CA PRO R 239 -29.83 41.70 -44.87
C PRO R 239 -30.85 41.87 -43.77
N LYS R 240 -31.97 42.50 -44.11
CA LYS R 240 -32.89 42.98 -43.10
C LYS R 240 -33.68 41.86 -42.42
N GLY R 241 -33.96 40.77 -43.11
CA GLY R 241 -34.83 39.78 -42.50
C GLY R 241 -34.22 38.43 -42.19
N SER R 242 -32.94 38.41 -41.83
CA SER R 242 -32.25 37.16 -41.55
C SER R 242 -32.73 36.57 -40.22
N LYS R 243 -32.46 35.29 -40.02
CA LYS R 243 -32.76 34.60 -38.77
C LYS R 243 -31.47 34.25 -38.05
N MET R 244 -31.32 34.73 -36.82
CA MET R 244 -30.25 34.25 -35.98
C MET R 244 -30.72 33.10 -35.13
N LEU R 245 -29.82 32.16 -34.89
CA LEU R 245 -30.15 30.87 -34.30
C LEU R 245 -29.18 30.63 -33.16
N GLY R 246 -29.69 30.33 -31.97
CA GLY R 246 -28.86 30.21 -30.81
C GLY R 246 -29.36 29.12 -29.88
N GLN R 247 -28.65 28.94 -28.77
CA GLN R 247 -29.05 27.95 -27.78
C GLN R 247 -28.46 28.33 -26.43
N TYR R 248 -29.12 27.87 -25.37
CA TYR R 248 -28.75 28.17 -24.00
C TYR R 248 -28.76 26.88 -23.20
N SER R 249 -28.47 26.99 -21.91
CA SER R 249 -28.33 25.82 -21.05
C SER R 249 -29.15 26.02 -19.78
N ALA R 250 -29.58 24.90 -19.20
CA ALA R 250 -30.38 24.96 -18.00
C ALA R 250 -29.54 25.30 -16.79
N GLY R 251 -30.15 26.02 -15.84
CA GLY R 251 -29.46 26.37 -14.62
C GLY R 251 -30.41 27.07 -13.68
N GLU R 252 -29.94 27.23 -12.46
CA GLU R 252 -30.66 28.01 -11.48
C GLU R 252 -30.40 29.49 -11.73
N PRO R 253 -31.42 30.29 -11.99
CA PRO R 253 -31.18 31.71 -12.25
C PRO R 253 -30.92 32.51 -10.98
N THR R 254 -29.68 32.51 -10.51
CA THR R 254 -29.28 33.36 -9.39
C THR R 254 -29.42 34.83 -9.78
N SER R 255 -28.64 35.27 -10.75
CA SER R 255 -28.82 36.59 -11.32
C SER R 255 -30.05 36.58 -12.21
N HIS R 256 -30.66 37.76 -12.37
CA HIS R 256 -31.87 37.84 -13.19
C HIS R 256 -31.55 38.12 -14.66
N ARG R 257 -30.63 37.34 -15.21
CA ARG R 257 -30.24 37.42 -16.61
C ARG R 257 -29.99 36.02 -17.14
N LEU R 258 -30.14 35.85 -18.44
CA LEU R 258 -29.94 34.56 -19.07
C LEU R 258 -28.83 34.72 -20.11
N GLN R 259 -28.10 33.65 -20.36
CA GLN R 259 -26.89 33.71 -21.18
C GLN R 259 -27.08 32.80 -22.39
N VAL R 260 -27.19 33.40 -23.58
CA VAL R 260 -27.45 32.70 -24.83
C VAL R 260 -26.22 32.88 -25.72
N VAL R 261 -25.85 31.85 -26.47
CA VAL R 261 -24.73 31.91 -27.40
C VAL R 261 -25.30 31.73 -28.80
N TRP R 262 -25.41 32.84 -29.54
CA TRP R 262 -25.97 32.83 -30.89
C TRP R 262 -24.89 32.43 -31.88
N ASP R 263 -25.18 31.43 -32.72
CA ASP R 263 -24.08 30.83 -33.46
C ASP R 263 -24.35 30.49 -34.92
N ARG R 264 -25.43 31.00 -35.52
CA ARG R 264 -25.69 30.76 -36.94
C ARG R 264 -26.70 31.78 -37.44
N VAL R 265 -26.47 32.32 -38.63
CA VAL R 265 -27.41 33.21 -39.31
C VAL R 265 -27.63 32.66 -40.71
N THR R 266 -28.88 32.64 -41.17
CA THR R 266 -29.22 32.27 -42.54
C THR R 266 -29.93 33.45 -43.20
N THR R 267 -29.29 34.04 -44.20
CA THR R 267 -29.75 35.29 -44.79
C THR R 267 -30.82 35.04 -45.85
N PRO R 268 -31.61 36.06 -46.21
CA PRO R 268 -32.53 35.92 -47.34
C PRO R 268 -31.84 35.83 -48.67
N THR R 269 -30.58 36.26 -48.77
CA THR R 269 -29.80 36.22 -49.99
C THR R 269 -29.01 34.93 -50.14
N GLY R 270 -29.37 33.90 -49.38
CA GLY R 270 -28.78 32.59 -49.55
C GLY R 270 -27.38 32.46 -48.98
N LEU R 271 -27.22 32.69 -47.69
CA LEU R 271 -25.95 32.47 -47.01
C LEU R 271 -26.18 31.72 -45.71
N ASP R 272 -25.09 31.23 -45.15
CA ASP R 272 -25.15 30.42 -43.94
C ASP R 272 -23.85 30.67 -43.18
N VAL R 273 -23.88 31.61 -42.25
CA VAL R 273 -22.69 32.00 -41.53
C VAL R 273 -22.74 31.34 -40.16
N THR R 274 -21.59 31.22 -39.51
CA THR R 274 -21.48 30.44 -38.29
C THR R 274 -20.67 31.19 -37.24
N LEU R 275 -21.03 32.45 -37.02
CA LEU R 275 -20.33 33.36 -36.12
C LEU R 275 -20.36 32.88 -34.67
N MET R 276 -19.54 33.51 -33.85
CA MET R 276 -19.53 33.28 -32.41
C MET R 276 -19.99 34.57 -31.76
N GLY R 277 -21.28 34.63 -31.43
CA GLY R 277 -21.81 35.81 -30.81
C GLY R 277 -22.52 35.51 -29.52
N PRO R 278 -21.96 35.97 -28.41
CA PRO R 278 -22.70 35.94 -27.15
C PRO R 278 -23.78 37.00 -27.14
N GLY R 279 -24.97 36.61 -26.68
CA GLY R 279 -26.07 37.55 -26.63
C GLY R 279 -25.86 38.56 -25.52
N ILE R 280 -26.14 39.83 -25.83
CA ILE R 280 -25.98 40.92 -24.89
C ILE R 280 -27.29 41.67 -24.75
N ASP R 281 -27.31 42.60 -23.81
CA ASP R 281 -28.40 43.54 -23.58
C ASP R 281 -28.47 44.51 -24.77
N THR R 282 -29.54 45.30 -24.82
CA THR R 282 -29.66 46.29 -25.88
C THR R 282 -28.78 47.52 -25.65
N LEU R 283 -28.13 47.64 -24.49
CA LEU R 283 -27.10 48.63 -24.26
C LEU R 283 -25.70 48.03 -24.15
N GLY R 284 -25.56 46.73 -24.26
CA GLY R 284 -24.25 46.11 -24.30
C GLY R 284 -23.88 45.27 -23.11
N SER R 285 -24.75 45.14 -22.12
CA SER R 285 -24.44 44.34 -20.95
C SER R 285 -24.57 42.86 -21.27
N SER R 286 -23.68 42.06 -20.70
CA SER R 286 -23.63 40.65 -21.06
C SER R 286 -24.81 39.90 -20.45
N GLY R 287 -25.52 39.16 -21.29
CA GLY R 287 -26.66 38.38 -20.84
C GLY R 287 -27.99 39.06 -21.09
N HIS R 288 -29.00 38.29 -21.43
CA HIS R 288 -30.31 38.87 -21.73
C HIS R 288 -31.12 38.97 -20.45
N PRO R 289 -31.72 40.12 -20.14
CA PRO R 289 -32.53 40.23 -18.93
C PRO R 289 -33.91 39.62 -19.11
N GLY R 290 -34.40 38.97 -18.06
CA GLY R 290 -35.68 38.31 -18.12
C GLY R 290 -36.63 38.67 -16.99
N ASN R 291 -37.71 37.92 -16.83
CA ASN R 291 -38.71 38.16 -15.80
C ASN R 291 -38.61 37.02 -14.78
N TYR R 292 -37.97 37.30 -13.65
CA TYR R 292 -37.74 36.28 -12.64
C TYR R 292 -39.04 35.93 -11.93
N ASN R 293 -39.21 34.65 -11.63
CA ASN R 293 -40.45 34.16 -11.02
C ASN R 293 -40.08 32.99 -10.12
N ALA R 294 -39.89 33.27 -8.83
CA ALA R 294 -39.84 32.21 -7.84
C ALA R 294 -41.27 31.85 -7.48
N HIS R 295 -41.62 30.57 -7.62
CA HIS R 295 -43.02 30.17 -7.62
C HIS R 295 -43.53 30.04 -6.19
N TRP R 296 -43.72 31.18 -5.54
CA TRP R 296 -44.20 31.13 -4.16
C TRP R 296 -45.70 30.89 -4.07
N GLY R 297 -46.42 30.89 -5.18
CA GLY R 297 -47.81 30.48 -5.14
C GLY R 297 -47.96 28.98 -4.94
N ASN R 298 -47.11 28.20 -5.60
CA ASN R 298 -47.21 26.76 -5.52
C ASN R 298 -46.44 26.19 -4.34
N LYS R 299 -45.41 26.89 -3.86
CA LYS R 299 -44.63 26.36 -2.74
C LYS R 299 -45.39 26.49 -1.44
N ILE R 300 -46.21 27.53 -1.31
CA ILE R 300 -46.99 27.73 -0.09
C ILE R 300 -48.20 26.81 -0.07
N ALA R 301 -48.94 26.74 -1.17
CA ALA R 301 -50.23 26.05 -1.17
C ALA R 301 -50.07 24.54 -1.07
N SER R 302 -48.91 24.00 -1.45
CA SER R 302 -48.70 22.56 -1.34
C SER R 302 -48.36 22.16 0.10
N ALA R 303 -47.92 23.12 0.91
CA ALA R 303 -47.50 22.81 2.27
C ALA R 303 -48.31 23.53 3.33
N LEU R 304 -49.15 24.49 2.95
CA LEU R 304 -50.05 25.10 3.92
C LEU R 304 -51.25 24.20 4.20
N PHE R 305 -51.78 23.57 3.16
CA PHE R 305 -53.06 22.88 3.28
C PHE R 305 -52.93 21.58 4.07
N ILE R 306 -51.76 20.93 4.01
CA ILE R 306 -51.62 19.69 4.75
C ILE R 306 -51.02 19.94 6.13
N SER R 307 -50.34 21.08 6.32
CA SER R 307 -49.90 21.41 7.67
C SER R 307 -51.02 22.02 8.49
N LEU R 308 -52.05 22.55 7.84
CA LEU R 308 -53.20 23.05 8.56
C LEU R 308 -54.18 21.93 8.88
N LEU R 309 -54.14 20.84 8.12
CA LEU R 309 -54.98 19.70 8.43
C LEU R 309 -54.43 18.95 9.63
N SER R 310 -53.12 19.01 9.83
CA SER R 310 -52.53 18.42 11.03
C SER R 310 -52.65 19.36 12.22
N ASP R 311 -52.97 20.63 11.98
CA ASP R 311 -53.14 21.58 13.06
C ASP R 311 -54.55 21.56 13.60
N ALA R 312 -55.51 21.03 12.84
CA ALA R 312 -56.85 20.84 13.37
C ALA R 312 -56.89 19.64 14.30
N PHE R 313 -56.05 18.64 14.03
CA PHE R 313 -56.00 17.45 14.89
C PHE R 313 -55.28 17.75 16.19
N LYS R 314 -54.31 18.66 16.18
CA LYS R 314 -53.60 19.01 17.40
C LYS R 314 -54.45 19.88 18.31
N TYR R 315 -55.27 20.76 17.73
CA TYR R 315 -56.11 21.63 18.55
C TYR R 315 -57.26 20.85 19.17
N ALA R 316 -57.78 19.85 18.48
CA ALA R 316 -58.86 19.03 19.02
C ALA R 316 -58.36 17.99 20.02
N ALA R 317 -57.05 17.89 20.22
CA ALA R 317 -56.49 16.94 21.17
C ALA R 317 -55.84 17.60 22.37
N ALA R 318 -55.31 18.82 22.22
CA ALA R 318 -54.77 19.55 23.36
C ALA R 318 -55.88 19.92 24.33
N GLU R 319 -56.93 20.56 23.84
CA GLU R 319 -58.19 20.59 24.55
C GLU R 319 -59.06 19.47 24.00
N TYR R 320 -60.25 19.28 24.59
CA TYR R 320 -61.12 18.11 24.36
C TYR R 320 -60.37 16.79 24.62
N GLY R 321 -59.55 16.78 25.66
CA GLY R 321 -58.75 15.61 25.97
C GLY R 321 -58.11 15.66 27.33
N PRO R 322 -57.54 14.53 27.78
CA PRO R 322 -56.89 14.48 29.10
C PRO R 322 -55.58 15.25 29.18
N GLU R 323 -54.93 15.17 30.34
CA GLU R 323 -53.64 15.84 30.55
C GLU R 323 -52.78 15.09 31.54
N PRO R 338 -50.45 18.20 28.33
CA PRO R 338 -51.52 18.13 27.33
C PRO R 338 -51.48 16.83 26.55
N PHE R 339 -52.61 16.46 25.96
CA PHE R 339 -52.76 15.17 25.30
C PHE R 339 -52.18 15.25 23.90
N GLU R 340 -51.01 14.65 23.71
CA GLU R 340 -50.39 14.60 22.39
C GLU R 340 -51.12 13.61 21.51
N SER R 341 -51.43 14.02 20.28
CA SER R 341 -52.08 13.16 19.31
C SER R 341 -51.04 12.50 18.41
N ASN R 342 -51.48 11.49 17.66
CA ASN R 342 -50.64 10.84 16.66
C ASN R 342 -50.95 11.26 15.25
N THR R 343 -52.20 11.63 14.95
CA THR R 343 -52.52 12.11 13.62
C THR R 343 -51.98 13.51 13.38
N ALA R 344 -51.65 14.24 14.44
CA ALA R 344 -50.97 15.51 14.27
C ALA R 344 -49.47 15.30 14.10
N ARG R 345 -48.97 14.11 14.43
CA ARG R 345 -47.55 13.82 14.24
C ARG R 345 -47.28 13.17 12.89
N SER R 346 -48.12 12.20 12.50
CA SER R 346 -47.85 11.49 11.25
C SER R 346 -48.20 12.33 10.04
N MET R 347 -49.08 13.31 10.19
CA MET R 347 -49.43 14.17 9.07
C MET R 347 -48.53 15.40 8.98
N GLN R 348 -47.91 15.80 10.09
CA GLN R 348 -46.83 16.77 10.01
C GLN R 348 -45.60 16.17 9.35
N GLN R 349 -45.51 14.84 9.30
CA GLN R 349 -44.45 14.20 8.53
C GLN R 349 -44.69 14.33 7.03
N LEU R 350 -45.97 14.31 6.61
CA LEU R 350 -46.25 14.55 5.20
C LEU R 350 -46.08 16.01 4.84
N ALA R 351 -46.28 16.92 5.78
CA ALA R 351 -46.03 18.33 5.52
C ALA R 351 -44.55 18.61 5.37
N GLU R 352 -43.69 17.82 6.03
CA GLU R 352 -42.26 17.98 5.85
C GLU R 352 -41.80 17.34 4.54
N GLN R 353 -42.60 16.46 3.95
CA GLN R 353 -42.29 15.98 2.61
C GLN R 353 -42.69 16.98 1.56
N ALA R 354 -43.74 17.76 1.82
CA ALA R 354 -44.20 18.75 0.84
C ALA R 354 -43.30 19.98 0.84
N VAL R 355 -42.54 20.21 1.91
CA VAL R 355 -41.56 21.29 1.89
C VAL R 355 -40.32 20.85 1.14
N GLU R 356 -39.88 19.62 1.36
CA GLU R 356 -38.69 19.11 0.71
C GLU R 356 -38.87 18.93 -0.79
N LYS R 357 -40.04 18.43 -1.20
CA LYS R 357 -40.28 18.19 -2.62
C LYS R 357 -40.48 19.51 -3.37
N SER R 358 -41.19 20.45 -2.77
CA SER R 358 -41.44 21.74 -3.41
C SER R 358 -40.30 22.72 -3.22
N GLY R 359 -39.25 22.33 -2.50
CA GLY R 359 -38.02 23.09 -2.48
C GLY R 359 -37.00 22.66 -3.50
N ARG R 360 -37.29 21.58 -4.23
CA ARG R 360 -36.44 21.11 -5.30
C ARG R 360 -36.80 21.70 -6.65
N ARG R 361 -37.84 22.52 -6.71
CA ARG R 361 -38.25 23.15 -7.94
C ARG R 361 -37.43 24.40 -8.20
N PRO R 362 -36.84 24.55 -9.38
CA PRO R 362 -36.04 25.74 -9.66
C PRO R 362 -36.92 26.92 -10.03
N ALA R 363 -36.35 28.11 -9.87
CA ALA R 363 -37.02 29.31 -10.33
C ALA R 363 -36.84 29.45 -11.84
N THR R 364 -37.73 30.22 -12.46
CA THR R 364 -37.67 30.44 -13.90
C THR R 364 -37.44 31.93 -14.17
N LEU R 365 -36.94 32.22 -15.36
CA LEU R 365 -37.05 33.56 -15.89
C LEU R 365 -37.44 33.48 -17.35
N THR R 366 -38.49 34.20 -17.71
CA THR R 366 -39.02 34.17 -19.07
C THR R 366 -38.64 35.44 -19.80
N ILE R 367 -38.44 35.30 -21.10
CA ILE R 367 -38.25 36.43 -22.00
C ILE R 367 -39.33 36.34 -23.05
N ASN R 368 -40.12 37.39 -23.20
CA ASN R 368 -41.33 37.32 -24.02
C ASN R 368 -40.97 37.30 -25.50
N GLN R 369 -41.97 37.05 -26.34
CA GLN R 369 -41.75 36.74 -27.73
C GLN R 369 -41.65 37.97 -28.63
N GLY R 370 -41.36 39.13 -28.08
CA GLY R 370 -41.23 40.28 -28.96
C GLY R 370 -40.03 41.15 -28.65
N THR R 371 -39.30 40.81 -27.59
CA THR R 371 -38.31 41.71 -27.02
C THR R 371 -37.13 41.89 -27.95
N VAL R 372 -36.64 43.12 -28.04
CA VAL R 372 -35.55 43.46 -28.93
C VAL R 372 -34.25 43.02 -28.27
N LEU R 373 -33.65 41.96 -28.77
CA LEU R 373 -32.39 41.47 -28.24
C LEU R 373 -31.25 42.16 -28.99
N ASN R 374 -30.03 41.72 -28.72
CA ASN R 374 -28.85 42.31 -29.36
C ASN R 374 -27.72 41.31 -29.21
N VAL R 375 -26.87 41.21 -30.24
CA VAL R 375 -25.82 40.19 -30.30
C VAL R 375 -24.48 40.87 -30.52
N TYR R 376 -23.50 40.57 -29.68
CA TYR R 376 -22.14 41.08 -29.83
C TYR R 376 -21.35 40.02 -30.58
N VAL R 377 -20.93 40.30 -31.80
CA VAL R 377 -20.08 39.36 -32.49
C VAL R 377 -18.67 39.43 -31.91
N ALA R 378 -18.06 38.28 -31.69
CA ALA R 378 -16.81 38.20 -30.95
C ALA R 378 -15.63 37.73 -31.77
N LYS R 379 -15.83 37.30 -33.02
CA LYS R 379 -14.74 37.00 -33.93
C LYS R 379 -15.10 37.50 -35.32
N ASP R 380 -14.08 37.79 -36.11
CA ASP R 380 -14.28 38.29 -37.46
C ASP R 380 -14.84 37.21 -38.37
N VAL R 381 -15.75 37.61 -39.25
CA VAL R 381 -16.30 36.72 -40.27
C VAL R 381 -15.97 37.34 -41.62
N ASP R 382 -15.47 36.55 -42.55
CA ASP R 382 -14.98 37.05 -43.82
C ASP R 382 -15.95 36.68 -44.93
N PHE R 383 -16.67 37.67 -45.45
CA PHE R 383 -17.62 37.50 -46.53
C PHE R 383 -17.03 37.72 -47.90
N SER R 384 -15.71 37.73 -48.03
CA SER R 384 -15.11 38.14 -49.30
C SER R 384 -15.25 37.09 -50.39
N ALA R 385 -15.47 35.82 -50.03
CA ALA R 385 -15.63 34.74 -50.99
C ALA R 385 -17.06 34.59 -51.47
N VAL R 386 -17.92 35.56 -51.17
CA VAL R 386 -19.34 35.50 -51.48
C VAL R 386 -19.77 36.69 -52.33
N LEU R 387 -19.32 37.89 -51.98
CA LEU R 387 -19.79 39.12 -52.58
C LEU R 387 -19.37 39.20 -54.03
N PRO R 388 -20.22 39.74 -54.91
CA PRO R 388 -19.88 39.80 -56.33
C PRO R 388 -18.77 40.79 -56.60
N LYS R 389 -17.97 40.49 -57.62
CA LYS R 389 -16.78 41.28 -57.91
C LYS R 389 -17.04 42.24 -59.05
N CYS S 22 -58.75 18.19 -7.01
CA CYS S 22 -57.30 18.16 -7.18
C CYS S 22 -56.89 17.26 -8.33
N ALA S 23 -57.88 16.62 -8.96
CA ALA S 23 -57.61 15.62 -9.99
C ALA S 23 -57.23 16.29 -11.31
N THR S 24 -57.11 15.48 -12.36
CA THR S 24 -56.63 15.95 -13.65
C THR S 24 -57.81 16.28 -14.56
N LYS S 25 -57.76 17.45 -15.18
CA LYS S 25 -58.79 17.87 -16.12
C LYS S 25 -58.68 17.08 -17.42
N PRO S 26 -59.73 16.38 -17.83
CA PRO S 26 -59.64 15.57 -19.07
C PRO S 26 -59.71 16.39 -20.34
N ALA S 27 -59.77 15.70 -21.47
CA ALA S 27 -59.90 16.33 -22.77
C ALA S 27 -61.30 16.92 -22.93
N PRO S 28 -61.47 17.92 -23.81
CA PRO S 28 -62.82 18.43 -24.06
C PRO S 28 -63.70 17.41 -24.74
N ASP S 29 -65.01 17.55 -24.52
CA ASP S 29 -65.99 16.62 -25.03
C ASP S 29 -66.98 17.36 -25.90
N PHE S 30 -67.55 16.65 -26.87
CA PHE S 30 -68.44 17.29 -27.84
C PHE S 30 -69.88 17.35 -27.30
N GLY S 31 -70.82 17.66 -28.18
CA GLY S 31 -72.22 17.71 -27.81
C GLY S 31 -72.99 18.66 -28.70
N GLY S 32 -74.19 18.24 -29.12
CA GLY S 32 -74.94 19.06 -30.05
C GLY S 32 -76.20 18.40 -30.59
N ARG S 33 -76.40 18.50 -31.90
CA ARG S 33 -77.69 18.23 -32.51
C ARG S 33 -77.72 16.96 -33.36
N TRP S 34 -76.55 16.44 -33.74
CA TRP S 34 -76.37 15.31 -34.66
C TRP S 34 -77.02 15.59 -36.02
N LYS S 35 -76.49 16.60 -36.70
CA LYS S 35 -76.79 16.77 -38.11
C LYS S 35 -76.06 15.71 -38.92
N HIS S 36 -76.58 15.40 -40.10
CA HIS S 36 -76.01 14.33 -40.90
C HIS S 36 -75.00 14.88 -41.92
N VAL S 37 -73.93 14.11 -42.13
CA VAL S 37 -72.80 14.60 -42.92
C VAL S 37 -73.11 14.59 -44.40
N ASN S 38 -73.38 13.40 -44.94
CA ASN S 38 -73.47 13.19 -46.39
C ASN S 38 -74.80 13.77 -46.89
N HIS S 39 -74.78 15.07 -47.13
CA HIS S 39 -76.01 15.82 -47.42
C HIS S 39 -75.92 16.41 -48.83
N PHE S 40 -76.81 15.95 -49.70
CA PHE S 40 -77.01 16.63 -50.98
C PHE S 40 -77.72 17.96 -50.76
N ASP S 41 -77.38 18.93 -51.59
CA ASP S 41 -78.05 20.22 -51.55
C ASP S 41 -79.22 20.24 -52.52
N GLU S 42 -79.81 21.41 -52.73
CA GLU S 42 -80.91 21.56 -53.67
C GLU S 42 -80.64 22.56 -54.78
N ALA S 43 -79.53 23.28 -54.73
CA ALA S 43 -79.20 24.25 -55.75
C ALA S 43 -78.09 23.69 -56.63
N PRO S 44 -78.36 23.38 -57.89
CA PRO S 44 -77.29 22.89 -58.76
C PRO S 44 -76.31 23.98 -59.18
N THR S 45 -75.31 24.20 -58.33
CA THR S 45 -74.26 25.16 -58.61
C THR S 45 -73.48 24.77 -59.87
N GLU S 46 -73.40 25.69 -60.82
CA GLU S 46 -72.80 25.42 -62.13
C GLU S 46 -71.33 25.75 -62.08
N ILE S 47 -70.48 24.72 -62.05
CA ILE S 47 -69.03 24.90 -62.07
C ILE S 47 -68.59 25.06 -63.52
N PRO S 48 -67.94 26.17 -63.88
CA PRO S 48 -67.44 26.31 -65.24
C PRO S 48 -66.26 25.39 -65.51
N LEU S 49 -66.10 25.03 -66.78
CA LEU S 49 -64.98 24.20 -67.21
C LEU S 49 -63.89 25.00 -67.91
N TYR S 50 -64.26 25.95 -68.76
CA TYR S 50 -63.32 26.70 -69.59
C TYR S 50 -63.36 28.15 -69.14
N THR S 51 -62.39 28.54 -68.32
CA THR S 51 -62.35 29.88 -67.73
C THR S 51 -61.35 30.73 -68.51
N SER S 52 -61.79 31.92 -68.92
CA SER S 52 -60.94 32.85 -69.65
C SER S 52 -60.18 33.74 -68.66
N TYR S 53 -59.51 34.76 -69.17
CA TYR S 53 -58.72 35.67 -68.35
C TYR S 53 -59.48 36.97 -68.15
N THR S 54 -59.68 37.34 -66.88
CA THR S 54 -60.40 38.56 -66.55
C THR S 54 -59.42 39.70 -66.32
N TYR S 55 -59.50 40.72 -67.15
CA TYR S 55 -58.74 41.94 -66.95
C TYR S 55 -59.28 42.68 -65.74
N GLN S 56 -58.48 42.79 -64.68
CA GLN S 56 -58.91 43.48 -63.48
C GLN S 56 -57.71 44.16 -62.84
N ALA S 57 -57.97 44.84 -61.73
CA ALA S 57 -56.98 45.68 -61.06
C ALA S 57 -56.77 45.17 -59.65
N THR S 58 -55.63 44.55 -59.41
CA THR S 58 -55.25 44.14 -58.07
C THR S 58 -54.77 45.34 -57.26
N PRO S 59 -54.76 45.24 -55.93
CA PRO S 59 -54.11 46.28 -55.14
C PRO S 59 -52.59 46.19 -55.09
N MET S 60 -52.01 45.10 -55.60
CA MET S 60 -50.56 44.91 -55.48
C MET S 60 -49.78 45.82 -56.44
N ASP S 61 -50.13 45.78 -57.72
CA ASP S 61 -49.49 46.65 -58.70
C ASP S 61 -49.85 48.10 -58.43
N GLY S 62 -48.86 48.90 -58.06
CA GLY S 62 -49.10 50.22 -57.51
C GLY S 62 -49.56 51.26 -58.51
N THR S 63 -48.83 51.39 -59.62
CA THR S 63 -49.04 52.48 -60.55
C THR S 63 -49.78 51.98 -61.79
N LEU S 64 -50.09 52.93 -62.68
CA LEU S 64 -50.78 52.59 -63.92
C LEU S 64 -49.86 51.84 -64.88
N LYS S 65 -48.56 52.11 -64.82
CA LYS S 65 -47.66 51.44 -65.75
C LYS S 65 -47.44 49.99 -65.35
N THR S 66 -47.34 49.71 -64.05
CA THR S 66 -47.11 48.34 -63.60
C THR S 66 -48.36 47.48 -63.76
N MET S 67 -49.54 48.09 -63.83
CA MET S 67 -50.74 47.31 -64.09
C MET S 67 -50.84 46.93 -65.55
N LEU S 68 -50.43 47.82 -66.44
CA LEU S 68 -50.49 47.49 -67.86
C LEU S 68 -49.30 46.68 -68.32
N GLU S 69 -48.22 46.62 -67.55
CA GLU S 69 -47.14 45.69 -67.86
C GLU S 69 -47.53 44.25 -67.57
N ARG S 70 -48.48 44.04 -66.65
CA ARG S 70 -48.94 42.68 -66.38
C ARG S 70 -50.27 42.36 -67.04
N TRP S 71 -50.91 43.31 -67.72
CA TRP S 71 -51.96 42.93 -68.65
C TRP S 71 -51.37 42.51 -69.99
N ALA S 72 -50.28 43.15 -70.39
CA ALA S 72 -49.61 42.75 -71.62
C ALA S 72 -48.88 41.44 -71.46
N ALA S 73 -48.35 41.18 -70.26
CA ALA S 73 -47.62 39.93 -70.05
C ALA S 73 -48.57 38.75 -69.93
N ASP S 74 -49.72 38.95 -69.30
CA ASP S 74 -50.68 37.87 -69.10
C ASP S 74 -51.62 37.70 -70.28
N SER S 75 -51.35 38.33 -71.41
CA SER S 75 -52.18 38.19 -72.59
C SER S 75 -51.40 38.12 -73.89
N ASN S 76 -50.07 38.10 -73.82
CA ASN S 76 -49.16 38.12 -74.97
C ASN S 76 -49.43 39.30 -75.90
N MET S 77 -49.24 40.49 -75.34
CA MET S 77 -49.30 41.74 -76.10
C MET S 77 -48.10 42.59 -75.72
N GLN S 78 -47.90 43.67 -76.47
CA GLN S 78 -46.78 44.58 -76.26
C GLN S 78 -47.30 45.90 -75.71
N LEU S 79 -46.53 46.48 -74.80
CA LEU S 79 -46.90 47.74 -74.17
C LEU S 79 -46.03 48.87 -74.72
N SER S 80 -46.66 49.91 -75.24
CA SER S 80 -45.99 51.12 -75.66
C SER S 80 -46.49 52.25 -74.76
N TYR S 81 -45.83 52.42 -73.63
CA TYR S 81 -46.18 53.48 -72.69
C TYR S 81 -45.46 54.75 -73.14
N ASN S 82 -46.21 55.71 -73.66
CA ASN S 82 -45.65 56.93 -74.23
C ASN S 82 -46.05 58.15 -73.43
N LEU S 83 -46.00 58.05 -72.12
CA LEU S 83 -46.22 59.21 -71.27
C LEU S 83 -44.92 59.58 -70.55
N PRO S 84 -44.67 60.87 -70.33
CA PRO S 84 -43.43 61.26 -69.62
C PRO S 84 -43.46 61.00 -68.13
N SER S 85 -44.62 60.64 -67.56
CA SER S 85 -44.69 60.38 -66.13
C SER S 85 -45.73 59.29 -65.88
N ASP S 86 -45.74 58.80 -64.64
CA ASP S 86 -46.51 57.63 -64.26
C ASP S 86 -47.51 58.03 -63.18
N TYR S 87 -48.70 57.44 -63.24
CA TYR S 87 -49.80 57.76 -62.34
C TYR S 87 -50.13 56.58 -61.45
N THR S 88 -50.45 56.85 -60.20
CA THR S 88 -50.83 55.77 -59.30
C THR S 88 -52.30 55.42 -59.48
N LEU S 89 -52.67 54.24 -58.99
CA LEU S 89 -54.04 53.75 -59.15
C LEU S 89 -54.95 54.36 -58.11
N ILE S 90 -56.17 54.69 -58.53
CA ILE S 90 -57.13 55.38 -57.66
C ILE S 90 -58.36 54.51 -57.43
N GLY S 91 -59.30 55.05 -56.65
CA GLY S 91 -60.52 54.39 -56.24
C GLY S 91 -61.38 53.74 -57.32
N PRO S 92 -61.84 54.51 -58.31
CA PRO S 92 -62.69 53.92 -59.36
C PRO S 92 -61.99 52.96 -60.32
N VAL S 93 -60.69 52.69 -60.15
CA VAL S 93 -60.05 51.67 -60.97
C VAL S 93 -60.51 50.29 -60.54
N SER S 94 -60.87 50.13 -59.26
CA SER S 94 -61.28 48.83 -58.74
C SER S 94 -62.74 48.52 -59.04
N ALA S 95 -63.13 48.65 -60.30
CA ALA S 95 -64.43 48.20 -60.77
C ALA S 95 -64.33 47.53 -62.13
N ILE S 96 -63.15 47.48 -62.73
CA ILE S 96 -62.97 46.85 -64.04
C ILE S 96 -62.81 45.35 -63.84
N SER S 97 -63.70 44.57 -64.44
CA SER S 97 -63.60 43.12 -64.42
C SER S 97 -64.23 42.61 -65.71
N THR S 98 -63.40 42.36 -66.72
CA THR S 98 -63.89 42.03 -68.04
C THR S 98 -62.94 41.01 -68.66
N THR S 99 -63.50 40.04 -69.38
CA THR S 99 -62.73 39.09 -70.17
C THR S 99 -62.39 39.64 -71.56
N SER S 100 -62.63 40.92 -71.82
CA SER S 100 -62.36 41.58 -73.08
C SER S 100 -61.38 42.71 -72.87
N VAL S 101 -60.35 42.78 -73.72
CA VAL S 101 -59.34 43.79 -73.55
C VAL S 101 -59.84 45.17 -74.00
N GLN S 102 -60.77 45.20 -74.97
CA GLN S 102 -61.24 46.47 -75.49
C GLN S 102 -62.20 47.15 -74.52
N GLN S 103 -63.00 46.38 -73.79
CA GLN S 103 -63.94 46.97 -72.84
C GLN S 103 -63.21 47.40 -71.58
N ALA S 104 -62.04 46.81 -71.29
CA ALA S 104 -61.26 47.20 -70.12
C ALA S 104 -60.41 48.43 -70.41
N ALA S 105 -59.95 48.60 -71.65
CA ALA S 105 -59.24 49.81 -72.00
C ALA S 105 -60.18 50.99 -72.15
N THR S 106 -61.45 50.73 -72.40
CA THR S 106 -62.44 51.80 -72.45
C THR S 106 -62.79 52.29 -71.05
N GLU S 107 -63.00 51.36 -70.12
CA GLU S 107 -63.32 51.74 -68.75
C GLU S 107 -62.13 52.38 -68.04
N LEU S 108 -60.92 52.09 -68.49
CA LEU S 108 -59.74 52.69 -67.87
C LEU S 108 -59.60 54.14 -68.30
N SER S 109 -59.78 54.42 -69.59
CA SER S 109 -59.64 55.78 -70.10
C SER S 109 -60.76 56.70 -69.65
N ALA S 110 -61.89 56.15 -69.22
CA ALA S 110 -62.92 56.99 -68.60
C ALA S 110 -62.50 57.43 -67.21
N VAL S 111 -61.68 56.64 -66.52
CA VAL S 111 -61.21 57.02 -65.20
C VAL S 111 -60.14 58.09 -65.29
N TYR S 112 -59.12 57.85 -66.10
CA TYR S 112 -58.00 58.79 -66.27
C TYR S 112 -58.23 59.74 -67.42
N ALA S 113 -59.39 60.39 -67.43
CA ALA S 113 -59.69 61.41 -68.43
C ALA S 113 -59.27 62.80 -67.97
N ALA S 114 -59.17 63.00 -66.65
CA ALA S 114 -58.81 64.31 -66.13
C ALA S 114 -57.34 64.63 -66.31
N GLN S 115 -56.50 63.63 -66.53
CA GLN S 115 -55.07 63.82 -66.68
C GLN S 115 -54.60 63.66 -68.12
N GLY S 116 -55.52 63.48 -69.05
CA GLY S 116 -55.16 63.35 -70.45
C GLY S 116 -54.47 62.05 -70.77
N VAL S 117 -55.04 60.94 -70.32
CA VAL S 117 -54.48 59.61 -70.54
C VAL S 117 -55.47 58.81 -71.35
N SER S 118 -55.07 58.37 -72.53
CA SER S 118 -55.90 57.56 -73.41
C SER S 118 -55.21 56.23 -73.67
N VAL S 119 -55.89 55.14 -73.36
CA VAL S 119 -55.35 53.79 -73.53
C VAL S 119 -56.22 53.08 -74.56
N SER S 120 -55.59 52.58 -75.62
CA SER S 120 -56.29 51.87 -76.67
C SER S 120 -55.48 50.67 -77.11
N VAL S 121 -56.10 49.80 -77.90
CA VAL S 121 -55.49 48.57 -78.37
C VAL S 121 -55.49 48.58 -79.89
N SER S 122 -54.30 48.55 -80.49
CA SER S 122 -54.18 48.47 -81.94
C SER S 122 -54.04 47.02 -82.41
N ALA S 123 -54.93 46.17 -81.90
CA ALA S 123 -55.23 44.80 -82.32
C ALA S 123 -54.13 43.78 -82.02
N ASN S 124 -52.94 44.24 -81.62
CA ASN S 124 -51.90 43.34 -81.14
C ASN S 124 -51.06 43.93 -80.02
N LYS S 125 -51.37 45.13 -79.56
CA LYS S 125 -50.52 45.84 -78.61
C LYS S 125 -51.32 46.98 -77.98
N LEU S 126 -50.85 47.42 -76.82
CA LEU S 126 -51.50 48.50 -76.09
C LEU S 126 -50.76 49.81 -76.34
N LEU S 127 -51.53 50.89 -76.48
CA LEU S 127 -50.98 52.22 -76.72
C LEU S 127 -51.42 53.15 -75.60
N VAL S 128 -50.47 53.76 -74.93
CA VAL S 128 -50.73 54.74 -73.89
C VAL S 128 -50.17 56.06 -74.39
N GLN S 129 -51.06 56.93 -74.88
CA GLN S 129 -50.70 58.21 -75.47
C GLN S 129 -51.62 59.28 -74.89
N PRO S 130 -51.18 60.54 -74.92
CA PRO S 130 -52.08 61.62 -74.49
C PRO S 130 -53.27 61.79 -75.43
N VAL S 131 -54.33 62.37 -74.90
CA VAL S 131 -55.58 62.53 -75.64
C VAL S 131 -55.39 63.65 -76.67
N PRO S 132 -55.89 63.49 -77.90
CA PRO S 132 -55.85 64.58 -78.89
C PRO S 132 -56.74 65.76 -78.50
N GLN T 27 -32.93 -17.86 -64.39
CA GLN T 27 -31.95 -18.18 -65.41
C GLN T 27 -30.58 -17.63 -65.04
N VAL T 28 -30.57 -16.36 -64.66
CA VAL T 28 -29.37 -15.68 -64.19
C VAL T 28 -29.40 -15.50 -62.68
N VAL T 29 -30.50 -15.00 -62.16
CA VAL T 29 -30.80 -15.00 -60.73
C VAL T 29 -31.94 -15.97 -60.53
N GLN T 30 -31.67 -17.10 -59.89
CA GLN T 30 -32.66 -18.17 -59.80
C GLN T 30 -33.14 -18.33 -58.36
N GLU T 31 -34.45 -18.43 -58.19
CA GLU T 31 -35.05 -18.69 -56.90
C GLU T 31 -35.40 -20.17 -56.78
N TYR T 32 -35.10 -20.74 -55.61
CA TYR T 32 -35.53 -22.09 -55.29
C TYR T 32 -36.53 -22.04 -54.15
N GLU T 33 -37.45 -22.99 -54.14
CA GLU T 33 -38.40 -23.12 -53.04
C GLU T 33 -37.88 -24.18 -52.09
N TYR T 34 -37.82 -23.84 -50.81
CA TYR T 34 -37.24 -24.75 -49.83
C TYR T 34 -38.19 -25.90 -49.54
N ALA T 35 -37.72 -27.11 -49.79
CA ALA T 35 -38.37 -28.34 -49.37
C ALA T 35 -37.32 -29.20 -48.68
N PRO T 36 -37.71 -29.98 -47.68
CA PRO T 36 -36.72 -30.80 -46.95
C PRO T 36 -36.18 -31.93 -47.82
N ASP T 37 -34.84 -32.06 -47.82
CA ASP T 37 -34.08 -33.09 -48.53
C ASP T 37 -34.33 -33.04 -50.03
N ARG T 38 -33.95 -31.92 -50.64
CA ARG T 38 -34.02 -31.72 -52.08
C ARG T 38 -32.62 -31.35 -52.58
N ILE T 39 -32.29 -31.80 -53.78
CA ILE T 39 -30.96 -31.55 -54.34
C ILE T 39 -31.05 -30.30 -55.21
N TYR T 40 -30.44 -29.21 -54.76
CA TYR T 40 -30.47 -27.96 -55.48
C TYR T 40 -29.20 -27.83 -56.33
N GLN T 41 -29.36 -27.53 -57.61
CA GLN T 41 -28.22 -27.45 -58.52
C GLN T 41 -27.76 -26.01 -58.64
N VAL T 42 -26.47 -25.80 -58.39
CA VAL T 42 -25.83 -24.50 -58.51
C VAL T 42 -24.80 -24.60 -59.62
N ARG T 43 -24.95 -23.78 -60.65
CA ARG T 43 -24.07 -23.83 -61.82
C ARG T 43 -23.17 -22.61 -61.82
N THR T 44 -21.87 -22.84 -61.79
CA THR T 44 -20.89 -21.78 -61.64
C THR T 44 -20.06 -21.63 -62.91
N GLY T 45 -19.27 -20.56 -62.94
CA GLY T 45 -18.32 -20.34 -64.02
C GLY T 45 -16.94 -20.06 -63.44
N LEU T 46 -15.94 -20.05 -64.31
CA LEU T 46 -14.57 -20.14 -63.82
C LEU T 46 -14.04 -18.82 -63.26
N GLY T 47 -14.41 -17.68 -63.85
CA GLY T 47 -13.98 -16.41 -63.30
C GLY T 47 -15.13 -15.55 -62.80
N ILE T 48 -16.11 -16.19 -62.15
CA ILE T 48 -17.39 -15.60 -61.81
C ILE T 48 -17.76 -15.99 -60.40
N THR T 49 -18.04 -15.02 -59.53
CA THR T 49 -18.63 -15.34 -58.24
C THR T 49 -20.09 -15.68 -58.39
N THR T 50 -20.52 -16.72 -57.70
CA THR T 50 -21.93 -17.05 -57.54
C THR T 50 -22.21 -17.00 -56.05
N GLN T 51 -23.23 -16.26 -55.64
CA GLN T 51 -23.60 -16.28 -54.23
C GLN T 51 -24.88 -17.08 -54.04
N VAL T 52 -24.89 -17.88 -52.99
CA VAL T 52 -26.12 -18.48 -52.49
C VAL T 52 -26.53 -17.71 -51.25
N GLU T 53 -27.81 -17.45 -51.11
CA GLU T 53 -28.31 -16.63 -50.01
C GLU T 53 -29.34 -17.42 -49.24
N LEU T 54 -29.03 -17.72 -48.00
CA LEU T 54 -29.90 -18.47 -47.12
C LEU T 54 -30.85 -17.51 -46.40
N SER T 55 -31.58 -18.01 -45.43
CA SER T 55 -32.49 -17.14 -44.71
C SER T 55 -31.72 -16.26 -43.72
N PRO T 56 -32.13 -15.00 -43.55
CA PRO T 56 -31.49 -14.18 -42.51
C PRO T 56 -31.90 -14.56 -41.10
N ASN T 57 -32.89 -15.43 -40.94
CA ASN T 57 -33.44 -15.71 -39.62
C ASN T 57 -32.54 -16.64 -38.81
N GLU T 58 -32.06 -17.72 -39.43
CA GLU T 58 -31.34 -18.77 -38.73
C GLU T 58 -29.84 -18.62 -38.88
N LYS T 59 -29.12 -19.10 -37.87
CA LYS T 59 -27.67 -19.08 -37.83
C LYS T 59 -27.12 -20.35 -38.43
N ILE T 60 -26.08 -20.21 -39.26
CA ILE T 60 -25.47 -21.37 -39.92
C ILE T 60 -24.55 -22.08 -38.94
N LEU T 61 -24.83 -23.35 -38.69
CA LEU T 61 -24.00 -24.13 -37.77
C LEU T 61 -22.70 -24.57 -38.43
N ASP T 62 -22.80 -25.35 -39.51
CA ASP T 62 -21.61 -25.89 -40.16
C ASP T 62 -21.88 -26.14 -41.63
N TYR T 63 -20.81 -26.42 -42.36
CA TYR T 63 -20.88 -26.69 -43.79
C TYR T 63 -19.65 -27.49 -44.18
N SER T 64 -19.80 -28.32 -45.21
CA SER T 64 -18.68 -29.11 -45.68
C SER T 64 -18.92 -29.49 -47.14
N THR T 65 -17.98 -29.13 -48.00
CA THR T 65 -18.01 -29.51 -49.40
C THR T 65 -16.97 -30.58 -49.68
N GLY T 66 -17.31 -31.53 -50.53
CA GLY T 66 -16.32 -32.46 -51.02
C GLY T 66 -15.37 -31.78 -51.98
N PHE T 67 -14.13 -32.25 -51.97
CA PHE T 67 -13.03 -31.69 -52.79
C PHE T 67 -12.83 -30.20 -52.48
N THR T 68 -12.39 -29.96 -51.25
CA THR T 68 -12.30 -28.61 -50.70
C THR T 68 -11.28 -27.76 -51.46
N GLY T 69 -10.20 -28.37 -51.94
CA GLY T 69 -9.17 -27.63 -52.63
C GLY T 69 -9.43 -27.35 -54.10
N GLY T 70 -10.70 -27.22 -54.47
CA GLY T 70 -11.06 -26.85 -55.82
C GLY T 70 -12.17 -25.83 -55.81
N TRP T 71 -12.43 -25.26 -54.64
CA TRP T 71 -13.52 -24.29 -54.47
C TRP T 71 -13.08 -23.27 -53.43
N GLU T 72 -12.97 -22.01 -53.87
CA GLU T 72 -12.72 -20.89 -52.96
C GLU T 72 -14.06 -20.33 -52.53
N LEU T 73 -14.45 -20.59 -51.29
CA LEU T 73 -15.73 -20.13 -50.79
C LEU T 73 -15.55 -19.49 -49.41
N THR T 74 -16.14 -18.31 -49.24
CA THR T 74 -16.15 -17.58 -47.98
C THR T 74 -17.58 -17.28 -47.60
N ARG T 75 -17.82 -17.06 -46.32
CA ARG T 75 -19.17 -16.76 -45.85
C ARG T 75 -19.21 -15.46 -45.05
N ARG T 76 -20.34 -14.74 -45.17
CA ARG T 76 -20.65 -13.59 -44.32
C ARG T 76 -22.06 -13.79 -43.79
N GLU T 77 -22.18 -14.63 -42.77
CA GLU T 77 -23.30 -14.82 -41.84
C GLU T 77 -24.59 -15.40 -42.42
N ASN T 78 -24.83 -15.27 -43.73
CA ASN T 78 -25.80 -16.13 -44.41
C ASN T 78 -25.51 -16.35 -45.88
N VAL T 79 -24.44 -15.80 -46.45
CA VAL T 79 -24.21 -15.82 -47.89
C VAL T 79 -22.85 -16.45 -48.17
N PHE T 80 -22.81 -17.37 -49.11
CA PHE T 80 -21.59 -18.05 -49.49
C PHE T 80 -21.20 -17.60 -50.90
N TYR T 81 -20.03 -17.01 -51.04
CA TYR T 81 -19.54 -16.59 -52.35
C TYR T 81 -18.69 -17.70 -52.92
N LEU T 82 -19.21 -18.41 -53.91
CA LEU T 82 -18.58 -19.59 -54.46
C LEU T 82 -17.84 -19.25 -55.75
N LYS T 83 -16.63 -19.78 -55.90
CA LYS T 83 -15.98 -19.75 -57.19
C LYS T 83 -15.08 -20.98 -57.29
N PRO T 84 -15.04 -21.64 -58.44
CA PRO T 84 -14.19 -22.82 -58.60
C PRO T 84 -12.73 -22.42 -58.79
N LYS T 85 -11.88 -23.43 -58.89
CA LYS T 85 -10.47 -23.18 -59.17
C LYS T 85 -9.94 -23.94 -60.37
N ASN T 86 -10.65 -24.94 -60.88
CA ASN T 86 -10.18 -25.68 -62.03
C ASN T 86 -11.41 -26.18 -62.80
N VAL T 87 -11.16 -26.86 -63.91
CA VAL T 87 -12.22 -27.12 -64.87
C VAL T 87 -13.14 -28.27 -64.43
N ASP T 88 -12.64 -29.21 -63.64
CA ASP T 88 -13.44 -30.36 -63.20
C ASP T 88 -13.39 -30.46 -61.67
N VAL T 89 -14.25 -29.69 -61.02
CA VAL T 89 -14.30 -29.63 -59.57
C VAL T 89 -15.72 -29.86 -59.10
N ASP T 90 -16.49 -30.63 -59.88
CA ASP T 90 -17.89 -30.89 -59.59
C ASP T 90 -18.03 -31.66 -58.28
N THR T 91 -18.87 -31.16 -57.39
CA THR T 91 -18.97 -31.75 -56.06
C THR T 91 -20.33 -31.40 -55.46
N ASN T 92 -20.53 -31.82 -54.22
CA ASN T 92 -21.65 -31.39 -53.41
C ASN T 92 -21.22 -30.41 -52.33
N MET T 93 -22.19 -29.71 -51.78
CA MET T 93 -21.94 -28.92 -50.59
C MET T 93 -23.19 -28.98 -49.73
N MET T 94 -23.00 -29.19 -48.43
CA MET T 94 -24.09 -29.39 -47.50
C MET T 94 -24.01 -28.33 -46.43
N ILE T 95 -25.06 -27.55 -46.30
CA ILE T 95 -25.17 -26.52 -45.28
C ILE T 95 -26.20 -26.99 -44.27
N ARG T 96 -25.89 -26.83 -43.00
CA ARG T 96 -26.78 -27.25 -41.92
C ARG T 96 -26.95 -26.08 -40.97
N THR T 97 -28.12 -25.47 -40.98
CA THR T 97 -28.45 -24.39 -40.06
C THR T 97 -29.13 -24.98 -38.83
N ALA T 98 -29.77 -24.13 -38.03
CA ALA T 98 -30.41 -24.60 -36.81
C ALA T 98 -31.66 -25.41 -37.11
N THR T 99 -32.39 -25.09 -38.17
CA THR T 99 -33.61 -25.81 -38.48
C THR T 99 -33.75 -26.19 -39.95
N HIS T 100 -32.81 -25.83 -40.81
CA HIS T 100 -32.88 -26.18 -42.22
C HIS T 100 -31.64 -27.00 -42.59
N SER T 101 -31.75 -27.73 -43.71
CA SER T 101 -30.66 -28.55 -44.20
C SER T 101 -30.68 -28.53 -45.71
N TYR T 102 -29.58 -28.07 -46.31
CA TYR T 102 -29.47 -27.86 -47.74
C TYR T 102 -28.48 -28.84 -48.33
N ILE T 103 -28.80 -29.40 -49.49
CA ILE T 103 -27.87 -30.26 -50.22
C ILE T 103 -27.68 -29.61 -51.59
N LEU T 104 -26.59 -28.87 -51.76
CA LEU T 104 -26.30 -28.20 -53.00
C LEU T 104 -25.46 -29.10 -53.89
N GLU T 105 -25.66 -28.98 -55.19
CA GLU T 105 -24.99 -29.83 -56.17
C GLU T 105 -24.20 -28.94 -57.11
N LEU T 106 -22.94 -28.69 -56.76
CA LEU T 106 -22.12 -27.69 -57.44
C LEU T 106 -21.61 -28.21 -58.77
N LYS T 107 -21.72 -27.38 -59.80
CA LYS T 107 -21.29 -27.73 -61.14
C LYS T 107 -20.38 -26.63 -61.68
N VAL T 108 -19.73 -26.92 -62.80
CA VAL T 108 -18.96 -25.93 -63.56
C VAL T 108 -19.41 -26.01 -65.00
N VAL T 109 -19.98 -24.91 -65.51
CA VAL T 109 -20.64 -24.93 -66.81
C VAL T 109 -19.99 -23.99 -67.82
N ALA T 110 -19.27 -22.95 -67.40
CA ALA T 110 -18.59 -22.05 -68.31
C ALA T 110 -17.16 -21.89 -67.86
N THR T 111 -16.23 -22.29 -68.73
CA THR T 111 -14.81 -22.26 -68.39
C THR T 111 -13.92 -21.64 -69.47
N ASP T 112 -14.38 -21.54 -70.71
CA ASP T 112 -13.55 -21.16 -71.84
C ASP T 112 -13.95 -19.81 -72.41
N TRP T 113 -14.84 -19.09 -71.73
CA TRP T 113 -15.43 -17.88 -72.27
C TRP T 113 -14.42 -16.74 -72.28
N GLN T 114 -14.51 -15.91 -73.33
CA GLN T 114 -13.74 -14.68 -73.41
C GLN T 114 -14.61 -13.45 -73.19
N ARG T 115 -15.86 -13.52 -73.61
CA ARG T 115 -16.84 -12.46 -73.46
C ARG T 115 -17.87 -12.91 -72.44
N LEU T 116 -18.28 -12.00 -71.56
CA LEU T 116 -19.09 -12.39 -70.40
C LEU T 116 -20.53 -12.73 -70.77
N GLU T 117 -20.95 -12.37 -71.98
CA GLU T 117 -22.23 -12.84 -72.51
C GLU T 117 -22.20 -14.32 -72.85
N GLN T 118 -21.02 -14.89 -73.11
CA GLN T 118 -20.94 -16.31 -73.41
C GLN T 118 -21.16 -17.17 -72.18
N ALA T 119 -20.90 -16.64 -70.99
CA ALA T 119 -21.20 -17.41 -69.79
C ALA T 119 -22.67 -17.32 -69.42
N LYS T 120 -23.36 -16.25 -69.83
CA LYS T 120 -24.80 -16.16 -69.68
C LYS T 120 -25.50 -17.27 -70.46
N GLN T 121 -25.09 -17.45 -71.72
CA GLN T 121 -25.72 -18.45 -72.59
C GLN T 121 -25.31 -19.86 -72.21
N ALA T 122 -24.12 -20.02 -71.63
CA ALA T 122 -23.71 -21.34 -71.14
C ALA T 122 -24.55 -21.78 -69.95
N GLY T 123 -25.02 -20.83 -69.15
CA GLY T 123 -25.99 -21.15 -68.13
C GLY T 123 -25.51 -20.93 -66.71
N VAL T 124 -24.66 -19.94 -66.49
CA VAL T 124 -24.21 -19.69 -65.13
C VAL T 124 -25.33 -19.03 -64.32
N GLN T 125 -25.18 -19.08 -63.01
CA GLN T 125 -26.12 -18.48 -62.09
C GLN T 125 -25.37 -17.48 -61.23
N TYR T 126 -25.68 -16.21 -61.41
CA TYR T 126 -25.03 -15.16 -60.62
C TYR T 126 -25.47 -15.21 -59.17
N LYS T 127 -26.77 -15.37 -58.92
CA LYS T 127 -27.29 -15.38 -57.56
C LYS T 127 -28.21 -16.57 -57.39
N VAL T 128 -28.22 -17.15 -56.19
CA VAL T 128 -29.18 -18.18 -55.80
C VAL T 128 -29.82 -17.75 -54.49
N VAL T 129 -31.14 -17.63 -54.48
CA VAL T 129 -31.87 -17.31 -53.27
C VAL T 129 -32.96 -18.34 -53.05
N PHE T 130 -33.28 -18.58 -51.78
CA PHE T 130 -34.25 -19.58 -51.38
C PHE T 130 -35.50 -18.90 -50.83
N THR T 131 -36.66 -19.28 -51.34
CA THR T 131 -37.93 -18.82 -50.83
C THR T 131 -38.51 -19.88 -49.89
N TYR T 132 -39.12 -19.43 -48.81
CA TYR T 132 -39.53 -20.33 -47.73
C TYR T 132 -41.05 -20.29 -47.57
N PRO T 133 -41.77 -21.31 -48.01
CA PRO T 133 -43.23 -21.30 -47.87
C PRO T 133 -43.64 -21.63 -46.45
N LYS T 134 -44.89 -21.29 -46.13
CA LYS T 134 -45.45 -21.71 -44.87
C LYS T 134 -46.02 -23.11 -45.00
N ASP T 135 -46.41 -23.69 -43.86
CA ASP T 135 -46.83 -25.08 -43.81
C ASP T 135 -48.16 -25.27 -44.52
N THR T 136 -48.35 -26.45 -45.11
CA THR T 136 -49.51 -26.69 -45.95
C THR T 136 -50.79 -26.87 -45.14
N SER T 137 -50.68 -27.01 -43.82
CA SER T 137 -51.88 -27.06 -43.00
C SER T 137 -52.48 -25.67 -42.82
N PHE T 138 -51.69 -24.63 -43.06
CA PHE T 138 -52.23 -23.28 -43.01
C PHE T 138 -52.71 -22.82 -44.38
N ASN T 139 -52.33 -23.54 -45.44
CA ASN T 139 -52.79 -23.18 -46.78
C ASN T 139 -54.23 -23.62 -47.00
N ASN T 140 -54.70 -24.58 -46.20
CA ASN T 140 -56.10 -24.99 -46.28
C ASN T 140 -57.02 -23.92 -45.69
N VAL T 141 -56.48 -23.07 -44.82
CA VAL T 141 -57.23 -21.96 -44.24
C VAL T 141 -57.20 -20.76 -45.17
N LYS T 148 -56.62 -11.17 -52.22
CA LYS T 148 -55.84 -11.41 -53.43
C LYS T 148 -56.27 -10.46 -54.55
N ASN T 149 -57.56 -10.18 -54.60
CA ASN T 149 -58.15 -9.34 -55.65
C ASN T 149 -57.83 -7.88 -55.35
N GLY T 150 -56.61 -7.49 -55.68
CA GLY T 150 -56.17 -6.13 -55.51
C GLY T 150 -55.94 -5.75 -54.05
N PRO T 151 -55.70 -4.47 -53.80
CA PRO T 151 -55.45 -4.02 -52.44
C PRO T 151 -56.71 -3.89 -51.61
N LEU T 152 -56.53 -3.99 -50.30
CA LEU T 152 -57.65 -3.94 -49.38
C LEU T 152 -58.12 -2.52 -49.10
N LEU T 153 -57.23 -1.54 -49.20
CA LEU T 153 -57.57 -0.14 -48.94
C LEU T 153 -57.51 0.59 -50.28
N ASN T 154 -58.68 0.91 -50.82
CA ASN T 154 -58.77 1.62 -52.09
C ASN T 154 -59.77 2.74 -51.88
N ALA T 155 -59.30 3.99 -51.95
CA ALA T 155 -60.11 5.15 -51.60
C ALA T 155 -61.20 5.45 -52.63
N LYS T 156 -61.12 4.88 -53.82
CA LYS T 156 -62.19 5.01 -54.79
C LYS T 156 -63.35 4.10 -54.41
N ILE T 157 -64.45 4.25 -55.15
CA ILE T 157 -65.62 3.41 -54.99
C ILE T 157 -65.53 2.28 -56.01
N LEU T 158 -65.47 1.05 -55.54
CA LEU T 158 -65.29 -0.08 -56.43
C LEU T 158 -66.64 -0.61 -56.88
N LYS T 159 -66.60 -1.48 -57.90
CA LYS T 159 -67.82 -2.04 -58.45
C LYS T 159 -68.44 -3.06 -57.51
N ASP T 160 -67.62 -3.82 -56.80
CA ASP T 160 -68.06 -4.97 -56.04
C ASP T 160 -67.74 -4.85 -54.55
N ARG T 161 -67.96 -3.67 -53.98
CA ARG T 161 -67.86 -3.48 -52.55
C ARG T 161 -69.10 -2.76 -52.05
N ARG T 162 -69.48 -3.06 -50.82
CA ARG T 162 -70.70 -2.53 -50.22
C ARG T 162 -70.34 -1.38 -49.29
N TYR T 163 -70.92 -0.21 -49.55
CA TYR T 163 -70.62 1.00 -48.81
C TYR T 163 -71.81 1.40 -47.95
N TYR T 164 -71.54 2.21 -46.93
CA TYR T 164 -72.55 2.60 -45.95
C TYR T 164 -72.46 4.11 -45.72
N TYR T 165 -73.34 4.85 -46.38
CA TYR T 165 -73.33 6.32 -46.33
C TYR T 165 -74.36 6.82 -45.32
N ASP T 166 -74.10 6.57 -44.05
CA ASP T 166 -75.05 7.05 -43.04
C ASP T 166 -74.24 7.38 -41.79
N TYR T 167 -73.86 8.66 -41.67
CA TYR T 167 -73.03 9.14 -40.58
C TYR T 167 -73.51 10.53 -40.18
N ASP T 168 -73.36 10.85 -38.90
CA ASP T 168 -73.76 12.14 -38.37
C ASP T 168 -72.54 12.86 -37.81
N TYR T 169 -72.74 14.12 -37.42
CA TYR T 169 -71.70 14.87 -36.74
C TYR T 169 -72.33 15.77 -35.70
N ALA T 170 -71.60 16.02 -34.62
CA ALA T 170 -72.08 16.87 -33.54
C ALA T 170 -70.94 17.69 -32.99
N THR T 171 -71.14 19.00 -32.90
CA THR T 171 -70.11 19.91 -32.40
C THR T 171 -70.77 21.17 -31.88
N ARG T 172 -70.04 21.91 -31.05
CA ARG T 172 -70.58 23.11 -30.41
C ARG T 172 -70.75 24.23 -31.42
N THR T 173 -69.67 24.59 -32.11
CA THR T 173 -69.72 25.67 -33.09
C THR T 173 -70.50 25.23 -34.33
N LYS T 174 -71.23 26.17 -34.92
CA LYS T 174 -72.13 25.82 -36.01
C LYS T 174 -71.37 25.54 -37.31
N LYS T 175 -70.66 26.54 -37.82
CA LYS T 175 -69.83 26.38 -39.02
C LYS T 175 -68.38 26.34 -38.57
N SER T 176 -67.83 25.14 -38.49
CA SER T 176 -66.43 24.94 -38.13
C SER T 176 -65.66 24.45 -39.34
N TRP T 177 -64.34 24.58 -39.25
CA TRP T 177 -63.43 24.02 -40.24
C TRP T 177 -63.01 22.60 -39.90
N LEU T 178 -63.55 22.03 -38.83
CA LEU T 178 -63.19 20.68 -38.41
C LEU T 178 -64.26 19.67 -38.79
N ILE T 179 -65.40 20.12 -39.30
CA ILE T 179 -66.46 19.22 -39.75
C ILE T 179 -66.00 18.50 -41.01
N PRO T 180 -66.06 17.17 -41.06
CA PRO T 180 -65.66 16.46 -42.28
C PRO T 180 -66.62 16.71 -43.42
N SER T 181 -66.08 16.61 -44.63
CA SER T 181 -66.90 16.78 -45.81
C SER T 181 -67.77 15.56 -46.06
N ARG T 182 -67.15 14.38 -46.11
CA ARG T 182 -67.84 13.13 -46.42
C ARG T 182 -67.24 12.02 -45.58
N VAL T 183 -68.10 11.21 -44.94
CA VAL T 183 -67.66 10.08 -44.14
C VAL T 183 -68.43 8.86 -44.63
N TYR T 184 -67.73 7.77 -44.90
CA TYR T 184 -68.34 6.51 -45.30
C TYR T 184 -67.37 5.38 -44.94
N ASP T 185 -67.73 4.16 -45.32
CA ASP T 185 -66.85 3.01 -45.09
C ASP T 185 -67.18 1.90 -46.06
N ASP T 186 -66.25 0.97 -46.21
CA ASP T 186 -66.43 -0.21 -47.07
C ASP T 186 -66.56 -1.50 -46.27
N GLY T 187 -66.88 -1.40 -44.99
CA GLY T 187 -66.94 -2.54 -44.12
C GLY T 187 -65.65 -2.81 -43.37
N LYS T 188 -64.51 -2.38 -43.91
CA LYS T 188 -63.22 -2.64 -43.31
C LYS T 188 -62.44 -1.39 -42.97
N PHE T 189 -62.65 -0.27 -43.67
CA PHE T 189 -61.95 0.97 -43.41
C PHE T 189 -62.94 2.12 -43.46
N THR T 190 -62.80 3.08 -42.55
CA THR T 190 -63.67 4.26 -42.51
C THR T 190 -62.95 5.43 -43.17
N TYR T 191 -63.56 6.02 -44.18
CA TYR T 191 -62.91 7.01 -45.05
C TYR T 191 -63.41 8.40 -44.69
N ILE T 192 -62.75 9.05 -43.74
CA ILE T 192 -63.06 10.44 -43.42
C ILE T 192 -62.44 11.34 -44.48
N ASN T 193 -63.23 12.23 -45.05
CA ASN T 193 -62.79 13.08 -46.14
C ASN T 193 -63.03 14.53 -45.76
N MET T 194 -62.01 15.37 -45.96
CA MET T 194 -62.04 16.75 -45.48
C MET T 194 -61.57 17.73 -46.54
N ASP T 195 -61.86 17.48 -47.81
CA ASP T 195 -61.31 18.28 -48.89
C ASP T 195 -62.26 19.35 -49.40
N LEU T 196 -63.20 19.80 -48.58
CA LEU T 196 -63.99 20.97 -48.91
C LEU T 196 -63.91 22.07 -47.86
N THR T 197 -63.32 21.80 -46.70
CA THR T 197 -62.97 22.85 -45.75
C THR T 197 -61.60 23.36 -46.17
N ARG T 198 -61.62 24.29 -47.12
CA ARG T 198 -60.43 24.63 -47.90
C ARG T 198 -59.55 25.68 -47.23
N PHE T 199 -60.13 26.59 -46.43
CA PHE T 199 -59.40 27.77 -46.02
C PHE T 199 -58.24 27.51 -45.05
N PRO T 200 -58.43 26.98 -43.84
CA PRO T 200 -57.28 26.93 -42.92
C PRO T 200 -56.33 25.83 -43.37
N THR T 201 -55.08 26.20 -43.65
CA THR T 201 -54.14 25.21 -44.13
C THR T 201 -53.75 24.23 -43.04
N GLY T 202 -53.74 24.68 -41.79
CA GLY T 202 -53.53 23.76 -40.69
C GLY T 202 -54.82 23.23 -40.09
N ASN T 203 -55.53 22.36 -40.81
CA ASN T 203 -56.83 21.89 -40.36
C ASN T 203 -56.89 20.38 -40.18
N PHE T 204 -55.76 19.72 -39.96
CA PHE T 204 -55.75 18.28 -40.04
C PHE T 204 -55.79 17.68 -38.64
N PRO T 205 -56.80 16.87 -38.33
CA PRO T 205 -57.00 16.43 -36.95
C PRO T 205 -56.32 15.14 -36.56
N ALA T 206 -56.62 14.69 -35.34
CA ALA T 206 -56.26 13.35 -34.86
C ALA T 206 -57.56 12.61 -34.53
N VAL T 207 -57.75 11.45 -35.15
CA VAL T 207 -59.00 10.72 -35.06
C VAL T 207 -58.88 9.63 -34.01
N PHE T 208 -59.82 9.61 -33.07
CA PHE T 208 -59.97 8.56 -32.07
C PHE T 208 -61.26 7.81 -32.35
N ALA T 209 -61.59 6.87 -31.47
CA ALA T 209 -62.82 6.12 -31.63
C ALA T 209 -63.37 5.76 -30.26
N ARG T 210 -64.64 5.38 -30.22
CA ARG T 210 -65.33 5.30 -28.95
C ARG T 210 -66.48 4.31 -29.09
N GLU T 211 -66.72 3.52 -28.05
CA GLU T 211 -67.74 2.47 -28.15
C GLU T 211 -69.14 2.95 -27.80
N LYS T 212 -69.26 3.95 -26.94
CA LYS T 212 -70.55 4.55 -26.61
C LYS T 212 -70.49 6.03 -26.97
N GLU T 213 -71.51 6.78 -26.59
CA GLU T 213 -71.52 8.18 -27.00
C GLU T 213 -70.60 9.03 -26.14
N HIS T 214 -70.67 8.87 -24.83
CA HIS T 214 -69.86 9.65 -23.91
C HIS T 214 -68.98 8.77 -23.04
N ALA T 215 -68.49 7.68 -23.62
CA ALA T 215 -67.53 6.81 -22.96
C ALA T 215 -66.14 7.39 -23.14
N GLU T 216 -65.11 6.64 -22.76
CA GLU T 216 -63.74 7.08 -22.92
C GLU T 216 -63.19 6.55 -24.22
N ASP T 217 -62.55 7.42 -25.00
CA ASP T 217 -62.11 7.05 -26.32
C ASP T 217 -60.78 6.30 -26.27
N PHE T 218 -60.42 5.67 -27.39
CA PHE T 218 -59.20 4.90 -27.51
C PHE T 218 -58.57 5.19 -28.86
N LEU T 219 -57.54 4.42 -29.21
CA LEU T 219 -56.67 4.73 -30.34
C LEU T 219 -56.94 3.83 -31.53
N VAL T 220 -56.78 4.39 -32.73
CA VAL T 220 -56.96 3.68 -33.98
C VAL T 220 -55.72 3.87 -34.83
N ASN T 221 -55.55 2.99 -35.81
CA ASN T 221 -54.48 3.11 -36.79
C ASN T 221 -55.03 3.84 -38.00
N THR T 222 -54.30 4.86 -38.46
CA THR T 222 -54.76 5.68 -39.57
C THR T 222 -53.71 5.74 -40.65
N THR T 223 -54.15 5.72 -41.90
CA THR T 223 -53.33 6.11 -43.03
C THR T 223 -54.06 7.20 -43.79
N VAL T 224 -53.31 8.03 -44.49
CA VAL T 224 -53.83 9.23 -45.12
C VAL T 224 -53.39 9.30 -46.57
N GLU T 225 -54.27 9.82 -47.42
CA GLU T 225 -54.01 9.97 -48.86
C GLU T 225 -54.51 11.34 -49.29
N GLY T 226 -53.64 12.34 -49.22
CA GLY T 226 -54.04 13.68 -49.61
C GLY T 226 -54.79 14.38 -48.50
N ASN T 227 -56.09 14.59 -48.69
CA ASN T 227 -56.95 15.15 -47.67
C ASN T 227 -57.90 14.12 -47.06
N THR T 228 -57.80 12.87 -47.48
CA THR T 228 -58.64 11.81 -46.95
C THR T 228 -57.91 11.15 -45.78
N LEU T 229 -58.55 11.10 -44.63
CA LEU T 229 -58.03 10.38 -43.48
C LEU T 229 -58.77 9.05 -43.41
N ILE T 230 -58.03 7.95 -43.44
CA ILE T 230 -58.63 6.62 -43.55
C ILE T 230 -58.33 5.87 -42.26
N VAL T 231 -59.38 5.41 -41.59
CA VAL T 231 -59.26 4.79 -40.28
C VAL T 231 -59.41 3.28 -40.44
N HIS T 232 -58.45 2.53 -39.92
CA HIS T 232 -58.42 1.08 -40.03
C HIS T 232 -59.48 0.49 -39.11
N GLY T 233 -60.65 0.17 -39.66
CA GLY T 233 -61.70 -0.45 -38.88
C GLY T 233 -62.95 0.39 -38.77
N THR T 234 -64.10 -0.26 -38.66
CA THR T 234 -65.38 0.43 -38.52
C THR T 234 -65.80 0.45 -37.06
N TYR T 235 -66.24 1.60 -36.58
CA TYR T 235 -66.51 1.85 -35.18
C TYR T 235 -67.89 2.47 -35.04
N PRO T 236 -68.52 2.35 -33.86
CA PRO T 236 -69.78 3.06 -33.67
C PRO T 236 -69.63 4.56 -33.62
N PHE T 237 -68.56 5.06 -33.00
CA PHE T 237 -68.31 6.48 -32.86
C PHE T 237 -66.86 6.80 -33.20
N LEU T 238 -66.66 7.93 -33.85
CA LEU T 238 -65.33 8.46 -34.10
C LEU T 238 -65.26 9.84 -33.46
N VAL T 239 -64.11 10.17 -32.87
CA VAL T 239 -63.90 11.46 -32.24
C VAL T 239 -62.76 12.16 -32.96
N VAL T 240 -62.97 13.42 -33.32
CA VAL T 240 -62.07 14.18 -34.17
C VAL T 240 -61.63 15.42 -33.39
N ARG T 241 -60.34 15.50 -33.06
CA ARG T 241 -59.82 16.53 -32.16
C ARG T 241 -58.76 17.37 -32.83
N HIS T 242 -58.76 18.67 -32.55
CA HIS T 242 -57.71 19.59 -32.97
C HIS T 242 -57.42 20.59 -31.85
N GLY T 243 -57.30 20.10 -30.62
CA GLY T 243 -56.99 20.98 -29.52
C GLY T 243 -58.13 21.14 -28.54
N ASP T 244 -58.73 22.33 -28.50
CA ASP T 244 -59.89 22.58 -27.67
C ASP T 244 -61.21 22.32 -28.38
N ASN T 245 -61.20 22.17 -29.70
CA ASN T 245 -62.42 21.94 -30.46
C ASN T 245 -62.47 20.50 -30.97
N VAL T 246 -63.66 19.90 -30.86
CA VAL T 246 -63.87 18.47 -31.04
C VAL T 246 -65.16 18.26 -31.82
N VAL T 247 -65.15 17.27 -32.71
CA VAL T 247 -66.31 16.90 -33.52
C VAL T 247 -66.54 15.41 -33.37
N GLY T 248 -67.71 15.02 -32.90
CA GLY T 248 -68.06 13.61 -32.82
C GLY T 248 -68.67 13.12 -34.11
N LEU T 249 -68.67 11.80 -34.31
CA LEU T 249 -69.16 11.19 -35.54
C LEU T 249 -69.87 9.90 -35.21
N ARG T 250 -71.21 9.90 -35.26
CA ARG T 250 -71.98 8.69 -35.04
C ARG T 250 -72.22 7.97 -36.35
N ARG T 251 -71.99 6.66 -36.34
CA ARG T 251 -72.53 5.79 -37.37
C ARG T 251 -73.94 5.41 -36.97
N ASN T 252 -74.91 5.73 -37.83
CA ASN T 252 -76.29 5.44 -37.50
C ASN T 252 -76.57 3.95 -37.63
N LYS T 253 -77.53 3.47 -36.84
CA LYS T 253 -77.78 2.05 -36.72
C LYS T 253 -78.55 1.54 -37.93
N GLN T 254 -78.17 0.35 -38.39
CA GLN T 254 -78.76 -0.28 -39.56
C GLN T 254 -80.21 -0.65 -39.28
N LYS T 255 -81.13 0.04 -39.93
CA LYS T 255 -82.55 -0.24 -39.76
C LYS T 255 -82.95 -1.50 -40.52
N PRO U 150 23.49 12.41 -66.97
CA PRO U 150 22.24 12.40 -67.74
C PRO U 150 21.96 13.73 -68.43
N THR U 151 20.88 13.81 -69.17
CA THR U 151 20.47 15.06 -69.80
C THR U 151 19.51 15.81 -68.87
N LEU U 152 18.85 16.83 -69.40
CA LEU U 152 17.91 17.61 -68.60
C LEU U 152 16.57 16.89 -68.47
N LEU U 153 16.06 16.35 -69.58
CA LEU U 153 14.80 15.61 -69.55
C LEU U 153 14.93 14.31 -68.78
N GLU U 154 16.03 13.60 -68.97
CA GLU U 154 16.25 12.32 -68.30
C GLU U 154 16.50 12.47 -66.80
N ARG U 155 16.76 13.70 -66.33
CA ARG U 155 17.00 13.92 -64.92
C ARG U 155 15.71 14.18 -64.16
N ARG U 156 14.79 14.92 -64.76
CA ARG U 156 13.51 15.24 -64.11
C ARG U 156 12.66 13.99 -63.96
N ILE U 157 12.79 13.04 -64.88
CA ILE U 157 12.15 11.74 -64.71
C ILE U 157 12.83 10.99 -63.56
N LEU U 158 14.16 11.10 -63.47
CA LEU U 158 14.92 10.34 -62.50
C LEU U 158 14.82 10.94 -61.09
N ALA U 159 15.00 12.26 -60.97
CA ALA U 159 15.00 12.88 -59.66
C ALA U 159 13.62 12.92 -59.03
N GLU U 160 12.56 12.84 -59.83
CA GLU U 160 11.21 12.75 -59.30
C GLU U 160 10.71 11.32 -59.17
N SER U 161 11.58 10.34 -59.40
CA SER U 161 11.22 8.94 -59.22
C SER U 161 12.41 8.14 -58.70
N GLY U 183 -11.60 29.84 -30.64
CA GLY U 183 -11.89 28.42 -30.54
C GLY U 183 -12.30 27.80 -31.86
N PRO U 184 -13.58 27.89 -32.19
CA PRO U 184 -14.06 27.38 -33.48
C PRO U 184 -13.69 28.30 -34.62
N VAL U 185 -14.09 27.91 -35.82
CA VAL U 185 -13.83 28.72 -36.99
C VAL U 185 -15.14 29.38 -37.43
N THR U 186 -15.04 30.57 -38.01
CA THR U 186 -16.19 31.36 -38.44
C THR U 186 -16.12 31.55 -39.94
N LEU U 187 -17.06 30.96 -40.67
CA LEU U 187 -17.06 31.01 -42.12
C LEU U 187 -18.40 31.51 -42.61
N ALA U 188 -18.45 31.88 -43.89
CA ALA U 188 -19.66 32.42 -44.52
C ALA U 188 -19.75 31.81 -45.92
N LYS U 189 -20.47 30.71 -46.03
CA LYS U 189 -20.59 29.96 -47.26
C LYS U 189 -21.99 30.08 -47.81
N PRO U 190 -22.18 29.87 -49.13
CA PRO U 190 -23.54 29.86 -49.66
C PRO U 190 -24.30 28.63 -49.23
N ILE U 191 -25.61 28.78 -49.12
CA ILE U 191 -26.46 27.72 -48.62
C ILE U 191 -26.64 26.68 -49.71
N SER U 192 -26.72 25.41 -49.32
CA SER U 192 -26.55 24.29 -50.25
C SER U 192 -27.88 23.60 -50.47
N ASN U 193 -28.29 23.50 -51.73
CA ASN U 193 -29.54 22.90 -52.20
C ASN U 193 -30.75 23.45 -51.47
N PRO U 194 -31.17 24.70 -51.70
CA PRO U 194 -32.30 25.24 -50.96
C PRO U 194 -33.65 24.75 -51.43
N ASP U 195 -33.73 24.03 -52.55
CA ASP U 195 -35.02 23.53 -53.00
C ASP U 195 -35.50 22.36 -52.16
N GLY U 196 -34.61 21.67 -51.46
CA GLY U 196 -35.02 20.56 -50.64
C GLY U 196 -34.43 20.60 -49.25
N LEU U 197 -34.29 21.78 -48.67
CA LEU U 197 -33.64 21.95 -47.39
C LEU U 197 -34.69 22.19 -46.31
N LEU U 198 -34.69 21.35 -45.29
CA LEU U 198 -35.47 21.58 -44.08
C LEU U 198 -34.49 22.15 -43.06
N VAL U 199 -34.45 23.48 -42.98
CA VAL U 199 -33.34 24.14 -42.32
C VAL U 199 -33.47 24.03 -40.80
N ARG U 200 -32.38 24.29 -40.11
CA ARG U 200 -32.41 24.42 -38.66
C ARG U 200 -33.24 25.62 -38.27
N GLY U 201 -34.31 25.39 -37.54
CA GLY U 201 -35.17 26.45 -37.11
C GLY U 201 -36.53 26.54 -37.73
N THR U 202 -36.99 25.49 -38.41
CA THR U 202 -38.38 25.48 -38.82
C THR U 202 -39.21 24.82 -37.71
N TYR U 203 -40.49 25.14 -37.69
CA TYR U 203 -41.36 24.72 -36.59
C TYR U 203 -42.39 23.77 -37.17
N ILE U 204 -42.33 22.51 -36.76
CA ILE U 204 -43.27 21.50 -37.21
C ILE U 204 -44.40 21.45 -36.21
N ARG U 205 -45.58 21.96 -36.58
CA ARG U 205 -46.73 21.95 -35.69
C ARG U 205 -47.44 20.62 -35.84
N CYS U 206 -47.59 19.89 -34.75
CA CYS U 206 -48.33 18.64 -34.76
C CYS U 206 -49.26 18.62 -33.55
N ILE U 207 -50.30 17.81 -33.62
CA ILE U 207 -51.22 17.64 -32.52
C ILE U 207 -51.06 16.23 -31.96
N LEU U 208 -51.10 16.12 -30.64
CA LEU U 208 -50.73 14.89 -29.96
C LEU U 208 -51.80 13.83 -30.12
N GLU U 209 -51.37 12.59 -30.26
CA GLU U 209 -52.29 11.45 -30.39
C GLU U 209 -52.23 10.51 -29.20
N THR U 210 -51.06 10.27 -28.63
CA THR U 210 -50.92 9.41 -27.46
C THR U 210 -50.84 10.28 -26.20
N ARG U 211 -51.74 10.05 -25.26
CA ARG U 211 -51.75 10.76 -23.98
C ARG U 211 -50.51 10.48 -23.15
N ILE U 212 -49.66 11.48 -22.98
CA ILE U 212 -48.38 11.30 -22.29
C ILE U 212 -48.62 11.32 -20.79
N ILE U 213 -48.07 10.34 -20.07
CA ILE U 213 -48.05 10.34 -18.61
C ILE U 213 -46.63 10.00 -18.15
N SER U 214 -46.04 10.88 -17.34
CA SER U 214 -44.64 10.74 -16.93
C SER U 214 -44.52 9.85 -15.70
N ASP U 215 -44.64 8.55 -15.93
CA ASP U 215 -44.33 7.56 -14.91
C ASP U 215 -43.14 6.69 -15.28
N PHE U 216 -43.20 6.02 -16.44
CA PHE U 216 -42.17 5.07 -16.79
C PHE U 216 -41.31 5.50 -17.98
N GLY U 217 -41.80 6.36 -18.83
CA GLY U 217 -40.98 6.76 -19.95
C GLY U 217 -41.22 5.80 -21.08
N GLY U 218 -41.75 6.28 -22.17
CA GLY U 218 -42.16 5.43 -23.27
C GLY U 218 -42.06 6.15 -24.57
N TYR U 219 -43.09 6.01 -25.39
CA TYR U 219 -43.06 6.43 -26.78
C TYR U 219 -44.30 7.25 -27.07
N THR U 220 -44.13 8.29 -27.87
CA THR U 220 -45.20 9.22 -28.22
C THR U 220 -45.43 9.21 -29.71
N SER U 221 -46.53 9.84 -30.14
CA SER U 221 -46.84 9.98 -31.55
C SER U 221 -47.75 11.18 -31.73
N CYS U 222 -47.38 12.10 -32.61
CA CYS U 222 -48.23 13.23 -32.91
C CYS U 222 -48.41 13.34 -34.41
N ILE U 223 -49.61 13.70 -34.82
CA ILE U 223 -49.94 13.85 -36.23
C ILE U 223 -49.69 15.29 -36.64
N VAL U 224 -48.89 15.48 -37.69
CA VAL U 224 -48.62 16.82 -38.22
C VAL U 224 -49.92 17.44 -38.70
N THR U 225 -50.07 18.75 -38.49
CA THR U 225 -51.30 19.43 -38.85
C THR U 225 -51.16 20.48 -39.93
N GLU U 226 -49.97 21.03 -40.16
CA GLU U 226 -49.80 22.03 -41.19
C GLU U 226 -48.63 21.63 -42.07
N PRO U 227 -48.77 21.78 -43.40
CA PRO U 227 -47.66 21.40 -44.29
C PRO U 227 -46.43 22.26 -44.11
N VAL U 228 -45.27 21.61 -44.20
CA VAL U 228 -43.98 22.24 -43.93
C VAL U 228 -43.20 22.27 -45.23
N TYR U 229 -42.86 23.47 -45.68
CA TYR U 229 -42.23 23.68 -46.97
C TYR U 229 -40.72 23.77 -46.80
N SER U 230 -40.03 24.19 -47.85
CA SER U 230 -38.58 24.26 -47.88
C SER U 230 -38.07 25.48 -47.11
N ILE U 231 -36.79 25.80 -47.27
CA ILE U 231 -36.27 27.06 -46.71
C ILE U 231 -36.85 28.24 -47.45
N ASN U 232 -37.10 28.11 -48.76
CA ASN U 232 -37.61 29.21 -49.55
C ASN U 232 -38.94 28.88 -50.22
N GLY U 233 -39.59 27.80 -49.80
CA GLY U 233 -40.96 27.54 -50.21
C GLY U 233 -41.15 27.00 -51.60
N HIS U 234 -40.11 26.48 -52.26
CA HIS U 234 -40.35 25.97 -53.60
C HIS U 234 -40.91 24.56 -53.61
N ASN U 235 -40.80 23.83 -52.50
CA ASN U 235 -41.20 22.44 -52.48
C ASN U 235 -41.92 22.12 -51.18
N LEU U 236 -42.79 21.13 -51.25
CA LEU U 236 -43.48 20.62 -50.06
C LEU U 236 -42.69 19.46 -49.49
N LEU U 237 -42.17 19.62 -48.28
CA LEU U 237 -41.32 18.58 -47.72
C LEU U 237 -42.12 17.60 -46.88
N LEU U 238 -42.74 18.09 -45.81
CA LEU U 238 -43.57 17.24 -44.97
C LEU U 238 -45.03 17.54 -45.27
N PRO U 239 -45.79 16.60 -45.83
CA PRO U 239 -47.19 16.87 -46.15
C PRO U 239 -48.08 17.02 -44.93
N LYS U 240 -49.37 17.17 -45.17
CA LYS U 240 -50.29 17.61 -44.13
C LYS U 240 -50.56 16.55 -43.08
N GLY U 241 -50.53 15.26 -43.43
CA GLY U 241 -50.94 14.28 -42.45
C GLY U 241 -49.88 13.30 -41.98
N SER U 242 -48.64 13.77 -41.89
CA SER U 242 -47.52 12.91 -41.48
C SER U 242 -47.62 12.59 -39.99
N LYS U 243 -46.91 11.55 -39.56
CA LYS U 243 -46.81 11.19 -38.17
C LYS U 243 -45.41 11.44 -37.65
N MET U 244 -45.29 12.25 -36.61
CA MET U 244 -44.03 12.38 -35.92
C MET U 244 -43.99 11.42 -34.75
N LEU U 245 -42.80 10.88 -34.50
CA LEU U 245 -42.59 9.78 -33.59
C LEU U 245 -41.48 10.17 -32.64
N GLY U 246 -41.72 10.07 -31.34
CA GLY U 246 -40.76 10.52 -30.35
C GLY U 246 -40.76 9.63 -29.13
N GLN U 247 -39.91 9.97 -28.17
CA GLN U 247 -39.83 9.23 -26.93
C GLN U 247 -39.24 10.11 -25.84
N TYR U 248 -39.59 9.80 -24.60
CA TYR U 248 -39.18 10.56 -23.43
C TYR U 248 -38.67 9.59 -22.37
N SER U 249 -38.27 10.13 -21.23
CA SER U 249 -37.67 9.33 -20.18
C SER U 249 -38.34 9.62 -18.85
N ALA U 250 -38.30 8.64 -17.96
CA ALA U 250 -38.93 8.78 -16.66
C ALA U 250 -38.12 9.69 -15.75
N GLY U 251 -38.82 10.40 -14.89
CA GLY U 251 -38.16 11.27 -13.94
C GLY U 251 -39.17 11.89 -13.00
N GLU U 252 -38.64 12.51 -11.96
CA GLU U 252 -39.48 13.28 -11.06
C GLU U 252 -39.76 14.64 -11.68
N PRO U 253 -41.01 15.00 -11.91
CA PRO U 253 -41.30 16.30 -12.52
C PRO U 253 -41.19 17.46 -11.53
N THR U 254 -39.97 17.95 -11.33
CA THR U 254 -39.76 19.15 -10.53
C THR U 254 -40.43 20.35 -11.20
N SER U 255 -39.96 20.72 -12.38
CA SER U 255 -40.65 21.71 -13.18
C SER U 255 -41.90 21.10 -13.79
N HIS U 256 -42.89 21.94 -14.08
CA HIS U 256 -44.14 21.43 -14.64
C HIS U 256 -44.10 21.38 -16.17
N ARG U 257 -43.04 20.79 -16.70
CA ARG U 257 -42.87 20.60 -18.14
C ARG U 257 -42.21 19.25 -18.37
N LEU U 258 -42.46 18.68 -19.54
CA LEU U 258 -41.89 17.39 -19.91
C LEU U 258 -41.04 17.59 -21.15
N GLN U 259 -40.01 16.76 -21.30
CA GLN U 259 -39.01 16.95 -22.34
C GLN U 259 -39.01 15.73 -23.25
N VAL U 260 -39.46 15.92 -24.50
CA VAL U 260 -39.60 14.86 -25.49
C VAL U 260 -38.63 15.15 -26.63
N VAL U 261 -38.01 14.10 -27.18
CA VAL U 261 -37.10 14.23 -28.30
C VAL U 261 -37.73 13.52 -29.49
N TRP U 262 -38.29 14.30 -30.43
CA TRP U 262 -38.97 13.76 -31.59
C TRP U 262 -37.94 13.44 -32.67
N ASP U 263 -37.97 12.20 -33.18
CA ASP U 263 -36.82 11.78 -33.97
C ASP U 263 -37.12 10.99 -35.25
N ARG U 264 -38.37 10.97 -35.72
CA ARG U 264 -38.70 10.29 -36.97
C ARG U 264 -40.05 10.78 -37.46
N VAL U 265 -40.16 11.01 -38.77
CA VAL U 265 -41.41 11.35 -39.43
C VAL U 265 -41.59 10.40 -40.59
N THR U 266 -42.81 9.89 -40.79
CA THR U 266 -43.16 9.07 -41.95
C THR U 266 -44.29 9.76 -42.69
N THR U 267 -44.01 10.22 -43.91
CA THR U 267 -44.93 11.06 -44.65
C THR U 267 -45.98 10.22 -45.40
N PRO U 268 -47.10 10.82 -45.81
CA PRO U 268 -48.04 10.10 -46.68
C PRO U 268 -47.51 9.86 -48.08
N THR U 269 -46.49 10.61 -48.50
CA THR U 269 -45.90 10.47 -49.82
C THR U 269 -44.74 9.49 -49.83
N GLY U 270 -44.63 8.64 -48.80
CA GLY U 270 -43.66 7.58 -48.80
C GLY U 270 -42.25 8.02 -48.50
N LEU U 271 -42.03 8.64 -47.35
CA LEU U 271 -40.70 9.01 -46.91
C LEU U 271 -40.50 8.61 -45.46
N ASP U 272 -39.25 8.64 -45.03
CA ASP U 272 -38.89 8.21 -43.68
C ASP U 272 -37.67 9.03 -43.28
N VAL U 273 -37.92 10.14 -42.58
CA VAL U 273 -36.85 11.05 -42.22
C VAL U 273 -36.52 10.81 -40.75
N THR U 274 -35.33 11.22 -40.34
CA THR U 274 -34.82 10.88 -39.02
C THR U 274 -34.19 12.09 -38.35
N LEU U 275 -34.93 13.20 -38.33
CA LEU U 275 -34.50 14.49 -37.83
C LEU U 275 -34.18 14.44 -36.33
N MET U 276 -33.53 15.49 -35.85
CA MET U 276 -33.28 15.67 -34.43
C MET U 276 -34.09 16.89 -34.00
N GLY U 277 -35.26 16.65 -33.43
CA GLY U 277 -36.09 17.74 -33.01
C GLY U 277 -36.51 17.62 -31.57
N PRO U 278 -36.00 18.50 -30.71
CA PRO U 278 -36.54 18.60 -29.36
C PRO U 278 -37.91 19.25 -29.37
N GLY U 279 -38.83 18.67 -28.62
CA GLY U 279 -40.17 19.22 -28.55
C GLY U 279 -40.20 20.50 -27.76
N ILE U 280 -40.92 21.49 -28.28
CA ILE U 280 -41.03 22.79 -27.66
C ILE U 280 -42.50 23.12 -27.43
N ASP U 281 -42.71 24.23 -26.73
CA ASP U 281 -44.02 24.83 -26.52
C ASP U 281 -44.56 25.37 -27.85
N THR U 282 -45.83 25.76 -27.85
CA THR U 282 -46.40 26.34 -29.06
C THR U 282 -45.97 27.78 -29.29
N LEU U 283 -45.28 28.40 -28.33
CA LEU U 283 -44.62 29.68 -28.55
C LEU U 283 -43.10 29.59 -28.59
N GLY U 284 -42.53 28.40 -28.43
CA GLY U 284 -41.11 28.21 -28.60
C GLY U 284 -40.34 27.89 -27.34
N SER U 285 -41.00 27.77 -26.19
CA SER U 285 -40.30 27.47 -24.96
C SER U 285 -39.95 25.99 -24.92
N SER U 286 -38.79 25.67 -24.37
CA SER U 286 -38.30 24.30 -24.40
C SER U 286 -39.08 23.43 -23.42
N GLY U 287 -39.59 22.31 -23.92
CA GLY U 287 -40.34 21.38 -23.10
C GLY U 287 -41.84 21.53 -23.21
N HIS U 288 -42.56 20.43 -23.17
CA HIS U 288 -44.00 20.50 -23.32
C HIS U 288 -44.65 20.70 -21.97
N PRO U 289 -45.57 21.65 -21.82
CA PRO U 289 -46.22 21.84 -20.51
C PRO U 289 -47.32 20.82 -20.28
N GLY U 290 -47.45 20.38 -19.03
CA GLY U 290 -48.42 19.36 -18.69
C GLY U 290 -49.29 19.73 -17.51
N ASN U 291 -50.03 18.76 -16.98
CA ASN U 291 -50.92 18.96 -15.84
C ASN U 291 -50.34 18.24 -14.64
N TYR U 292 -49.70 18.99 -13.75
CA TYR U 292 -49.03 18.41 -12.60
C TYR U 292 -50.03 17.90 -11.57
N ASN U 293 -49.72 16.75 -10.97
CA ASN U 293 -50.64 16.11 -10.04
C ASN U 293 -49.81 15.39 -8.99
N ALA U 294 -49.56 16.06 -7.87
CA ALA U 294 -49.05 15.37 -6.69
C ALA U 294 -50.22 14.72 -5.99
N HIS U 295 -50.13 13.41 -5.76
CA HIS U 295 -51.30 12.62 -5.40
C HIS U 295 -51.55 12.74 -3.90
N TRP U 296 -52.05 13.91 -3.50
CA TRP U 296 -52.32 14.08 -2.08
C TRP U 296 -53.63 13.46 -1.63
N GLY U 297 -54.43 12.94 -2.56
CA GLY U 297 -55.59 12.16 -2.15
C GLY U 297 -55.20 10.81 -1.60
N ASN U 298 -54.21 10.16 -2.23
CA ASN U 298 -53.81 8.83 -1.80
C ASN U 298 -52.76 8.86 -0.70
N LYS U 299 -51.98 9.94 -0.61
CA LYS U 299 -50.95 10.00 0.42
C LYS U 299 -51.55 10.25 1.79
N ILE U 300 -52.66 11.00 1.84
CA ILE U 300 -53.30 11.28 3.12
C ILE U 300 -54.12 10.08 3.59
N ALA U 301 -54.92 9.49 2.69
CA ALA U 301 -55.88 8.48 3.10
C ALA U 301 -55.21 7.18 3.51
N SER U 302 -53.99 6.92 3.03
CA SER U 302 -53.30 5.70 3.41
C SER U 302 -52.67 5.82 4.80
N ALA U 303 -52.49 7.05 5.28
CA ALA U 303 -51.83 7.28 6.56
C ALA U 303 -52.71 7.98 7.57
N LEU U 304 -53.87 8.51 7.17
CA LEU U 304 -54.80 9.06 8.14
C LEU U 304 -55.58 7.96 8.83
N PHE U 305 -55.99 6.94 8.09
CA PHE U 305 -56.93 5.95 8.61
C PHE U 305 -56.28 5.03 9.62
N ILE U 306 -54.98 4.76 9.49
CA ILE U 306 -54.34 3.87 10.44
C ILE U 306 -53.71 4.67 11.58
N SER U 307 -53.44 5.95 11.38
CA SER U 307 -52.97 6.76 12.50
C SER U 307 -54.14 7.20 13.37
N LEU U 308 -55.35 7.21 12.83
CA LEU U 308 -56.51 7.53 13.65
C LEU U 308 -57.01 6.30 14.40
N LEU U 309 -56.69 5.10 13.90
CA LEU U 309 -57.05 3.88 14.62
C LEU U 309 -56.16 3.70 15.82
N SER U 310 -54.92 4.20 15.75
CA SER U 310 -54.03 4.17 16.90
C SER U 310 -54.33 5.32 17.84
N ASP U 311 -55.09 6.31 17.40
CA ASP U 311 -55.44 7.43 18.26
C ASP U 311 -56.69 7.14 19.06
N ALA U 312 -57.49 6.17 18.64
CA ALA U 312 -58.62 5.73 19.46
C ALA U 312 -58.14 4.87 20.61
N PHE U 313 -57.04 4.14 20.42
CA PHE U 313 -56.50 3.31 21.48
C PHE U 313 -55.78 4.16 22.52
N LYS U 314 -55.18 5.28 22.11
CA LYS U 314 -54.50 6.13 23.06
C LYS U 314 -55.48 6.92 23.90
N TYR U 315 -56.61 7.32 23.32
CA TYR U 315 -57.60 8.09 24.07
C TYR U 315 -58.34 7.21 25.07
N ALA U 316 -58.57 5.95 24.73
CA ALA U 316 -59.23 5.03 25.64
C ALA U 316 -58.30 4.51 26.72
N ALA U 317 -57.02 4.85 26.68
CA ALA U 317 -56.06 4.42 27.68
C ALA U 317 -55.54 5.54 28.56
N ALA U 318 -55.47 6.78 28.04
CA ALA U 318 -55.08 7.91 28.87
C ALA U 318 -56.13 8.18 29.93
N GLU U 319 -57.39 8.32 29.52
CA GLU U 319 -58.50 8.17 30.44
C GLU U 319 -58.98 6.73 30.34
N TYR U 320 -59.96 6.36 31.19
CA TYR U 320 -60.41 4.97 31.40
C TYR U 320 -59.23 4.07 31.79
N GLY U 321 -58.34 4.59 32.62
CA GLY U 321 -57.16 3.85 33.01
C GLY U 321 -56.42 4.46 34.18
N PRO U 322 -55.46 3.71 34.74
CA PRO U 322 -54.69 4.22 35.88
C PRO U 322 -53.71 5.33 35.54
N GLU U 323 -52.94 5.78 36.52
CA GLU U 323 -51.96 6.84 36.32
C GLU U 323 -50.77 6.68 37.27
N PRO U 338 -50.02 9.34 33.05
CA PRO U 338 -51.11 8.69 32.32
C PRO U 338 -50.73 7.28 31.86
N PHE U 339 -51.72 6.45 31.59
CA PHE U 339 -51.50 5.04 31.28
C PHE U 339 -51.15 4.91 29.81
N GLU U 340 -49.87 4.64 29.53
CA GLU U 340 -49.43 4.44 28.17
C GLU U 340 -49.88 3.06 27.68
N SER U 341 -50.44 3.01 26.48
CA SER U 341 -50.87 1.77 25.88
C SER U 341 -49.79 1.22 24.96
N ASN U 342 -49.94 -0.04 24.55
CA ASN U 342 -49.05 -0.65 23.59
C ASN U 342 -49.65 -0.75 22.20
N THR U 343 -50.97 -0.85 22.09
CA THR U 343 -51.59 -0.89 20.77
C THR U 343 -51.58 0.49 20.12
N ALA U 344 -51.41 1.54 20.90
CA ALA U 344 -51.21 2.87 20.32
C ALA U 344 -49.76 3.07 19.91
N ARG U 345 -48.86 2.22 20.39
CA ARG U 345 -47.46 2.33 19.99
C ARG U 345 -47.14 1.44 18.80
N SER U 346 -47.63 0.21 18.81
CA SER U 346 -47.29 -0.71 17.73
C SER U 346 -48.04 -0.39 16.44
N MET U 347 -49.17 0.30 16.54
CA MET U 347 -49.93 0.67 15.35
C MET U 347 -49.51 2.04 14.82
N GLN U 348 -48.95 2.89 15.66
CA GLN U 348 -48.27 4.08 15.16
C GLN U 348 -47.00 3.72 14.41
N GLN U 349 -46.46 2.52 14.65
CA GLN U 349 -45.34 2.03 13.84
C GLN U 349 -45.80 1.66 12.43
N LEU U 350 -47.02 1.16 12.28
CA LEU U 350 -47.54 0.90 10.95
C LEU U 350 -47.90 2.20 10.24
N ALA U 351 -48.29 3.22 10.98
CA ALA U 351 -48.57 4.51 10.37
C ALA U 351 -47.29 5.17 9.87
N GLU U 352 -46.16 4.88 10.50
CA GLU U 352 -44.89 5.40 10.01
C GLU U 352 -44.40 4.61 8.81
N GLN U 353 -44.92 3.40 8.60
CA GLN U 353 -44.62 2.67 7.37
C GLN U 353 -45.46 3.19 6.21
N ALA U 354 -46.67 3.66 6.50
CA ALA U 354 -47.54 4.15 5.45
C ALA U 354 -47.13 5.54 4.99
N VAL U 355 -46.37 6.28 5.81
CA VAL U 355 -45.83 7.55 5.36
C VAL U 355 -44.60 7.32 4.49
N GLU U 356 -43.75 6.38 4.89
CA GLU U 356 -42.53 6.09 4.15
C GLU U 356 -42.82 5.45 2.80
N LYS U 357 -43.79 4.54 2.74
CA LYS U 357 -44.10 3.87 1.48
C LYS U 357 -44.82 4.80 0.52
N SER U 358 -45.73 5.62 1.02
CA SER U 358 -46.48 6.54 0.18
C SER U 358 -45.71 7.84 -0.09
N GLY U 359 -44.52 7.98 0.48
CA GLY U 359 -43.63 9.05 0.09
C GLY U 359 -42.66 8.68 -1.00
N ARG U 360 -42.65 7.41 -1.40
CA ARG U 360 -41.81 6.94 -2.48
C ARG U 360 -42.51 7.01 -3.83
N ARG U 361 -43.76 7.43 -3.86
CA ARG U 361 -44.51 7.54 -5.10
C ARG U 361 -44.18 8.86 -5.78
N PRO U 362 -43.82 8.85 -7.06
CA PRO U 362 -43.52 10.10 -7.75
C PRO U 362 -44.78 10.81 -8.19
N ALA U 363 -44.63 12.11 -8.42
CA ALA U 363 -45.72 12.88 -9.00
C ALA U 363 -45.78 12.65 -10.50
N THR U 364 -46.93 12.92 -11.09
CA THR U 364 -47.11 12.75 -12.51
C THR U 364 -47.43 14.10 -13.16
N LEU U 365 -47.21 14.17 -14.46
CA LEU U 365 -47.83 15.24 -15.24
C LEU U 365 -48.34 14.64 -16.54
N THR U 366 -49.60 14.90 -16.83
CA THR U 366 -50.24 14.33 -18.00
C THR U 366 -50.39 15.41 -19.07
N ILE U 367 -50.32 14.98 -20.33
CA ILE U 367 -50.62 15.82 -21.47
C ILE U 367 -51.72 15.12 -22.23
N ASN U 368 -52.84 15.80 -22.44
CA ASN U 368 -54.03 15.16 -22.98
C ASN U 368 -53.86 14.84 -24.46
N GLN U 369 -54.81 14.08 -25.00
CA GLN U 369 -54.66 13.48 -26.31
C GLN U 369 -55.08 14.39 -27.46
N GLY U 370 -55.15 15.69 -27.25
CA GLY U 370 -55.52 16.54 -28.37
C GLY U 370 -54.67 17.78 -28.50
N THR U 371 -53.74 17.97 -27.57
CA THR U 371 -53.05 19.25 -27.41
C THR U 371 -52.12 19.52 -28.58
N VAL U 372 -52.10 20.76 -29.03
CA VAL U 372 -51.29 21.15 -30.17
C VAL U 372 -49.86 21.33 -29.70
N LEU U 373 -48.99 20.39 -30.06
CA LEU U 373 -47.59 20.46 -29.71
C LEU U 373 -46.84 21.23 -30.80
N ASN U 374 -45.52 21.27 -30.70
CA ASN U 374 -44.70 21.97 -31.66
C ASN U 374 -43.29 21.44 -31.54
N VAL U 375 -42.58 21.32 -32.65
CA VAL U 375 -41.26 20.69 -32.69
C VAL U 375 -40.27 21.65 -33.32
N TYR U 376 -39.15 21.90 -32.64
CA TYR U 376 -38.07 22.72 -33.17
C TYR U 376 -37.06 21.78 -33.81
N VAL U 377 -36.90 21.85 -35.12
CA VAL U 377 -35.87 21.03 -35.74
C VAL U 377 -34.51 21.69 -35.48
N ALA U 378 -33.52 20.87 -35.13
CA ALA U 378 -32.25 21.38 -34.67
C ALA U 378 -31.07 21.07 -35.58
N LYS U 379 -31.26 20.28 -36.63
CA LYS U 379 -30.25 20.09 -37.66
C LYS U 379 -30.92 20.05 -39.02
N ASP U 380 -30.15 20.40 -40.04
CA ASP U 380 -30.66 20.44 -41.40
C ASP U 380 -30.92 19.03 -41.91
N VAL U 381 -32.01 18.87 -42.67
CA VAL U 381 -32.34 17.62 -43.34
C VAL U 381 -32.41 17.92 -44.82
N ASP U 382 -31.77 17.08 -45.63
CA ASP U 382 -31.63 17.34 -47.07
C ASP U 382 -32.54 16.39 -47.84
N PHE U 383 -33.60 16.95 -48.41
CA PHE U 383 -34.57 16.22 -49.21
C PHE U 383 -34.25 16.22 -50.70
N SER U 384 -33.03 16.59 -51.09
CA SER U 384 -32.76 16.79 -52.51
C SER U 384 -32.67 15.49 -53.28
N ALA U 385 -32.39 14.37 -52.61
CA ALA U 385 -32.28 13.07 -53.26
C ALA U 385 -33.63 12.37 -53.41
N VAL U 386 -34.72 13.08 -53.17
CA VAL U 386 -36.06 12.53 -53.15
C VAL U 386 -36.97 13.25 -54.15
N LEU U 387 -36.91 14.58 -54.17
CA LEU U 387 -37.83 15.39 -54.92
C LEU U 387 -37.64 15.19 -56.42
N PRO U 388 -38.72 15.19 -57.20
CA PRO U 388 -38.58 14.96 -58.63
C PRO U 388 -37.91 16.12 -59.34
N LYS U 389 -37.19 15.80 -60.40
CA LYS U 389 -36.38 16.80 -61.09
C LYS U 389 -37.08 17.29 -62.34
N CYS V 22 -61.79 -2.86 0.98
CA CYS V 22 -60.45 -2.50 0.54
C CYS V 22 -59.89 -3.52 -0.43
N ALA V 23 -60.66 -4.56 -0.71
CA ALA V 23 -60.20 -5.68 -1.52
C ALA V 23 -60.23 -5.32 -3.00
N THR V 24 -59.96 -6.32 -3.86
CA THR V 24 -59.82 -6.10 -5.29
C THR V 24 -61.14 -6.39 -5.99
N LYS V 25 -61.56 -5.48 -6.86
CA LYS V 25 -62.78 -5.66 -7.63
C LYS V 25 -62.56 -6.70 -8.72
N PRO V 26 -63.36 -7.78 -8.75
CA PRO V 26 -63.14 -8.83 -9.76
C PRO V 26 -63.63 -8.45 -11.15
N ALA V 27 -63.58 -9.41 -12.06
CA ALA V 27 -64.07 -9.22 -13.42
C ALA V 27 -65.60 -9.15 -13.42
N PRO V 28 -66.19 -8.54 -14.44
CA PRO V 28 -67.66 -8.53 -14.53
C PRO V 28 -68.21 -9.92 -14.78
N ASP V 29 -69.46 -10.12 -14.33
CA ASP V 29 -70.11 -11.41 -14.42
C ASP V 29 -71.40 -11.26 -15.24
N PHE V 30 -71.81 -12.34 -15.88
CA PHE V 30 -72.96 -12.30 -16.76
C PHE V 30 -74.25 -12.52 -15.97
N GLY V 31 -75.34 -12.75 -16.69
CA GLY V 31 -76.62 -13.02 -16.07
C GLY V 31 -77.77 -12.63 -16.98
N GLY V 32 -78.79 -13.48 -17.05
CA GLY V 32 -79.89 -13.23 -17.96
C GLY V 32 -80.90 -14.35 -18.09
N ARG V 33 -81.28 -14.67 -19.33
CA ARG V 33 -82.46 -15.47 -19.59
C ARG V 33 -82.14 -16.88 -20.10
N TRP V 34 -80.92 -17.10 -20.58
CA TRP V 34 -80.48 -18.33 -21.25
C TRP V 34 -81.35 -18.65 -22.47
N LYS V 35 -81.27 -17.76 -23.45
CA LYS V 35 -81.77 -18.07 -24.78
C LYS V 35 -80.83 -19.06 -25.46
N HIS V 36 -81.34 -19.81 -26.42
CA HIS V 36 -80.54 -20.84 -27.06
C HIS V 36 -79.90 -20.32 -28.35
N VAL V 37 -78.67 -20.76 -28.61
CA VAL V 37 -77.86 -20.19 -29.68
C VAL V 37 -78.32 -20.70 -31.04
N ASN V 38 -78.24 -22.02 -31.24
CA ASN V 38 -78.43 -22.64 -32.56
C ASN V 38 -79.91 -22.64 -32.90
N HIS V 39 -80.38 -21.51 -33.42
CA HIS V 39 -81.80 -21.27 -33.62
C HIS V 39 -82.09 -21.09 -35.10
N PHE V 40 -82.87 -22.01 -35.66
CA PHE V 40 -83.43 -21.81 -36.99
C PHE V 40 -84.51 -20.74 -36.94
N ASP V 41 -84.63 -19.99 -38.01
CA ASP V 41 -85.68 -18.99 -38.11
C ASP V 41 -86.90 -19.60 -38.82
N GLU V 42 -87.87 -18.75 -39.16
CA GLU V 42 -89.06 -19.21 -39.86
C GLU V 42 -89.28 -18.52 -41.20
N ALA V 43 -88.47 -17.51 -41.53
CA ALA V 43 -88.61 -16.80 -42.80
C ALA V 43 -87.49 -17.24 -43.73
N PRO V 44 -87.78 -17.93 -44.82
CA PRO V 44 -86.73 -18.31 -45.75
C PRO V 44 -86.23 -17.14 -46.58
N THR V 45 -85.27 -16.40 -46.02
CA THR V 45 -84.64 -15.27 -46.72
C THR V 45 -83.94 -15.75 -47.98
N GLU V 46 -84.29 -15.16 -49.11
CA GLU V 46 -83.79 -15.58 -50.41
C GLU V 46 -82.52 -14.82 -50.74
N ILE V 47 -81.38 -15.50 -50.66
CA ILE V 47 -80.08 -14.92 -51.00
C ILE V 47 -79.89 -15.03 -52.51
N PRO V 48 -79.70 -13.92 -53.22
CA PRO V 48 -79.45 -14.03 -54.66
C PRO V 48 -78.07 -14.58 -54.95
N LEU V 49 -77.94 -15.21 -56.11
CA LEU V 49 -76.67 -15.75 -56.57
C LEU V 49 -76.01 -14.90 -57.63
N TYR V 50 -76.78 -14.37 -58.57
CA TYR V 50 -76.24 -13.64 -59.71
C TYR V 50 -76.72 -12.19 -59.60
N THR V 51 -75.85 -11.31 -59.10
CA THR V 51 -76.20 -9.92 -58.85
C THR V 51 -75.65 -9.05 -59.98
N SER V 52 -76.51 -8.21 -60.55
CA SER V 52 -76.12 -7.31 -61.61
C SER V 52 -75.59 -6.01 -61.02
N TYR V 53 -75.37 -5.02 -61.87
CA TYR V 53 -74.85 -3.72 -61.45
C TYR V 53 -75.98 -2.70 -61.39
N THR V 54 -76.14 -2.07 -60.22
CA THR V 54 -77.20 -1.08 -60.02
C THR V 54 -76.64 0.31 -60.26
N TYR V 55 -77.16 1.00 -61.26
CA TYR V 55 -76.83 2.40 -61.49
C TYR V 55 -77.45 3.24 -60.39
N GLN V 56 -76.62 3.87 -59.56
CA GLN V 56 -77.12 4.70 -58.49
C GLN V 56 -76.15 5.86 -58.27
N ALA V 57 -76.50 6.71 -57.31
CA ALA V 57 -75.78 7.96 -57.06
C ALA V 57 -75.24 7.94 -55.63
N THR V 58 -73.93 7.78 -55.50
CA THR V 58 -73.29 7.88 -54.21
C THR V 58 -73.16 9.34 -53.79
N PRO V 59 -72.95 9.61 -52.50
CA PRO V 59 -72.61 10.99 -52.10
C PRO V 59 -71.16 11.36 -52.35
N MET V 60 -70.30 10.41 -52.71
CA MET V 60 -68.88 10.71 -52.84
C MET V 60 -68.57 11.49 -54.11
N ASP V 61 -69.03 11.01 -55.26
CA ASP V 61 -68.85 11.73 -56.51
C ASP V 61 -69.64 13.02 -56.49
N GLY V 62 -68.95 14.14 -56.52
CA GLY V 62 -69.55 15.43 -56.24
C GLY V 62 -70.44 15.96 -57.34
N THR V 63 -69.94 16.01 -58.57
CA THR V 63 -70.62 16.68 -59.66
C THR V 63 -71.28 15.66 -60.58
N LEU V 64 -72.00 16.19 -61.58
CA LEU V 64 -72.67 15.33 -62.55
C LEU V 64 -71.68 14.67 -63.49
N LYS V 65 -70.55 15.30 -63.75
CA LYS V 65 -69.58 14.71 -64.67
C LYS V 65 -68.84 13.55 -64.02
N THR V 66 -68.49 13.69 -62.73
CA THR V 66 -67.77 12.64 -62.04
C THR V 66 -68.65 11.43 -61.74
N MET V 67 -69.98 11.62 -61.72
CA MET V 67 -70.86 10.48 -61.54
C MET V 67 -71.00 9.69 -62.84
N LEU V 68 -71.02 10.38 -63.97
CA LEU V 68 -71.13 9.68 -65.24
C LEU V 68 -69.80 9.16 -65.74
N GLU V 69 -68.68 9.65 -65.20
CA GLU V 69 -67.39 9.03 -65.52
C GLU V 69 -67.24 7.68 -64.84
N ARG V 70 -67.93 7.46 -63.73
CA ARG V 70 -67.88 6.15 -63.07
C ARG V 70 -69.08 5.28 -63.36
N TRP V 71 -70.08 5.78 -64.10
CA TRP V 71 -71.04 4.86 -64.69
C TRP V 71 -70.50 4.28 -65.99
N ALA V 72 -69.76 5.08 -66.74
CA ALA V 72 -69.15 4.58 -67.96
C ALA V 72 -67.98 3.64 -67.65
N ALA V 73 -67.26 3.89 -66.56
CA ALA V 73 -66.14 3.02 -66.22
C ALA V 73 -66.61 1.69 -65.67
N ASP V 74 -67.67 1.71 -64.87
CA ASP V 74 -68.19 0.49 -64.25
C ASP V 74 -69.14 -0.28 -65.15
N SER V 75 -69.23 0.08 -66.43
CA SER V 75 -70.11 -0.63 -67.36
C SER V 75 -69.50 -0.83 -68.74
N ASN V 76 -68.25 -0.42 -68.94
CA ASN V 76 -67.53 -0.44 -70.22
C ASN V 76 -68.31 0.31 -71.31
N MET V 77 -68.47 1.60 -71.08
CA MET V 77 -69.02 2.51 -72.07
C MET V 77 -68.15 3.76 -72.13
N GLN V 78 -68.41 4.59 -73.13
CA GLN V 78 -67.66 5.82 -73.36
C GLN V 78 -68.52 7.01 -73.01
N LEU V 79 -67.90 8.04 -72.44
CA LEU V 79 -68.60 9.25 -72.04
C LEU V 79 -68.24 10.38 -72.99
N SER V 80 -69.25 11.00 -73.58
CA SER V 80 -69.08 12.20 -74.39
C SER V 80 -69.82 13.32 -73.69
N TYR V 81 -69.13 13.99 -72.77
CA TYR V 81 -69.70 15.11 -72.04
C TYR V 81 -69.51 16.36 -72.89
N ASN V 82 -70.61 16.88 -73.44
CA ASN V 82 -70.56 17.99 -74.38
C ASN V 82 -71.26 19.22 -73.81
N LEU V 83 -71.02 19.50 -72.55
CA LEU V 83 -71.52 20.73 -71.95
C LEU V 83 -70.35 21.64 -71.60
N PRO V 84 -70.52 22.97 -71.72
CA PRO V 84 -69.42 23.89 -71.38
C PRO V 84 -69.19 24.04 -69.89
N SER V 85 -70.07 23.53 -69.04
CA SER V 85 -69.89 23.67 -67.60
C SER V 85 -70.46 22.43 -66.91
N ASP V 86 -70.16 22.32 -65.62
CA ASP V 86 -70.44 21.12 -64.84
C ASP V 86 -71.38 21.48 -63.70
N TYR V 87 -72.31 20.57 -63.40
CA TYR V 87 -73.34 20.79 -62.39
C TYR V 87 -73.14 19.85 -61.21
N THR V 88 -73.38 20.35 -60.01
CA THR V 88 -73.26 19.49 -58.83
C THR V 88 -74.54 18.68 -58.64
N LEU V 89 -74.43 17.63 -57.83
CA LEU V 89 -75.55 16.73 -57.61
C LEU V 89 -76.49 17.30 -56.56
N ILE V 90 -77.79 17.13 -56.80
CA ILE V 90 -78.81 17.70 -55.93
C ILE V 90 -79.64 16.61 -55.26
N GLY V 91 -80.61 17.03 -54.46
CA GLY V 91 -81.47 16.18 -53.67
C GLY V 91 -82.19 15.04 -54.39
N PRO V 92 -82.99 15.34 -55.42
CA PRO V 92 -83.71 14.26 -56.11
C PRO V 92 -82.84 13.32 -56.96
N VAL V 93 -81.52 13.51 -57.00
CA VAL V 93 -80.67 12.54 -57.68
C VAL V 93 -80.59 11.26 -56.86
N SER V 94 -80.71 11.36 -55.54
CA SER V 94 -80.60 10.19 -54.67
C SER V 94 -81.88 9.39 -54.60
N ALA V 95 -82.44 9.05 -55.76
CA ALA V 95 -83.54 8.11 -55.85
C ALA V 95 -83.39 7.16 -57.01
N ILE V 96 -82.35 7.29 -57.81
CA ILE V 96 -82.11 6.42 -58.95
C ILE V 96 -81.44 5.15 -58.46
N SER V 97 -82.08 4.01 -58.69
CA SER V 97 -81.48 2.72 -58.37
C SER V 97 -82.04 1.71 -59.36
N THR V 98 -81.30 1.46 -60.43
CA THR V 98 -81.80 0.64 -61.53
C THR V 98 -80.64 -0.18 -62.09
N THR V 99 -80.92 -1.43 -62.45
CA THR V 99 -79.97 -2.28 -63.15
C THR V 99 -80.00 -2.07 -64.65
N SER V 100 -80.69 -1.04 -65.13
CA SER V 100 -80.80 -0.71 -66.54
C SER V 100 -80.25 0.68 -66.78
N VAL V 101 -79.42 0.81 -67.81
CA VAL V 101 -78.79 2.10 -68.08
C VAL V 101 -79.78 3.07 -68.71
N GLN V 102 -80.77 2.57 -69.46
CA GLN V 102 -81.71 3.44 -70.14
C GLN V 102 -82.72 4.04 -69.18
N GLN V 103 -83.12 3.30 -68.15
CA GLN V 103 -84.08 3.83 -67.19
C GLN V 103 -83.40 4.78 -66.22
N ALA V 104 -82.08 4.66 -66.06
CA ALA V 104 -81.35 5.57 -65.18
C ALA V 104 -81.01 6.88 -65.89
N ALA V 105 -80.78 6.82 -67.20
CA ALA V 105 -80.56 8.06 -67.96
C ALA V 105 -81.86 8.81 -68.17
N THR V 106 -82.99 8.12 -68.10
CA THR V 106 -84.29 8.79 -68.18
C THR V 106 -84.61 9.52 -66.89
N GLU V 107 -84.38 8.86 -65.75
CA GLU V 107 -84.65 9.50 -64.46
C GLU V 107 -83.68 10.62 -64.17
N LEU V 108 -82.50 10.60 -64.77
CA LEU V 108 -81.53 11.67 -64.55
C LEU V 108 -81.94 12.92 -65.31
N SER V 109 -82.36 12.77 -66.57
CA SER V 109 -82.74 13.91 -67.39
C SER V 109 -84.05 14.54 -66.94
N ALA V 110 -84.87 13.83 -66.18
CA ALA V 110 -86.03 14.45 -65.56
C ALA V 110 -85.64 15.37 -64.42
N VAL V 111 -84.52 15.06 -63.75
CA VAL V 111 -84.06 15.92 -62.66
C VAL V 111 -83.44 17.19 -63.21
N TYR V 112 -82.49 17.05 -64.13
CA TYR V 112 -81.80 18.20 -64.72
C TYR V 112 -82.46 18.68 -65.99
N ALA V 113 -83.77 18.93 -65.91
CA ALA V 113 -84.50 19.51 -67.02
C ALA V 113 -84.53 21.02 -66.97
N ALA V 114 -84.35 21.60 -65.79
CA ALA V 114 -84.40 23.05 -65.65
C ALA V 114 -83.16 23.73 -66.18
N GLN V 115 -82.06 22.99 -66.35
CA GLN V 115 -80.81 23.56 -66.81
C GLN V 115 -80.49 23.17 -68.24
N GLY V 116 -81.39 22.46 -68.91
CA GLY V 116 -81.18 22.07 -70.30
C GLY V 116 -80.11 21.00 -70.45
N VAL V 117 -80.23 19.94 -69.66
CA VAL V 117 -79.28 18.83 -69.68
C VAL V 117 -80.03 17.57 -70.08
N SER V 118 -79.64 16.97 -71.19
CA SER V 118 -80.24 15.75 -71.68
C SER V 118 -79.18 14.66 -71.78
N VAL V 119 -79.41 13.55 -71.10
CA VAL V 119 -78.47 12.43 -71.08
C VAL V 119 -79.15 11.24 -71.72
N SER V 120 -78.52 10.67 -72.74
CA SER V 120 -79.07 9.53 -73.46
C SER V 120 -77.94 8.56 -73.78
N VAL V 121 -78.33 7.36 -74.21
CA VAL V 121 -77.39 6.28 -74.51
C VAL V 121 -77.57 5.88 -75.96
N SER V 122 -76.52 6.05 -76.76
CA SER V 122 -76.54 5.61 -78.16
C SER V 122 -75.98 4.19 -78.31
N ALA V 123 -76.47 3.29 -77.46
CA ALA V 123 -76.33 1.83 -77.49
C ALA V 123 -74.92 1.31 -77.21
N ASN V 124 -73.92 2.20 -77.16
CA ASN V 124 -72.58 1.82 -76.72
C ASN V 124 -71.87 2.91 -75.94
N LYS V 125 -72.51 4.05 -75.70
CA LYS V 125 -71.85 5.21 -75.12
C LYS V 125 -72.90 6.18 -74.62
N LEU V 126 -72.49 7.05 -73.70
CA LEU V 126 -73.38 8.05 -73.11
C LEU V 126 -73.16 9.39 -73.79
N LEU V 127 -74.26 10.11 -74.02
CA LEU V 127 -74.23 11.41 -74.65
C LEU V 127 -74.83 12.45 -73.70
N VAL V 128 -74.05 13.47 -73.38
CA VAL V 128 -74.51 14.58 -72.55
C VAL V 128 -74.51 15.82 -73.43
N GLN V 129 -75.68 16.21 -73.92
CA GLN V 129 -75.85 17.32 -74.83
C GLN V 129 -77.00 18.19 -74.34
N PRO V 130 -77.03 19.46 -74.73
CA PRO V 130 -78.19 20.30 -74.39
C PRO V 130 -79.46 19.83 -75.07
N VAL V 131 -80.59 20.20 -74.49
CA VAL V 131 -81.89 19.77 -74.98
C VAL V 131 -82.21 20.57 -76.25
N PRO V 132 -82.77 19.93 -77.29
CA PRO V 132 -83.22 20.67 -78.48
C PRO V 132 -84.41 21.58 -78.20
N GLN W 27 -32.14 -43.85 -50.95
CA GLN W 27 -31.24 -44.13 -52.05
C GLN W 27 -30.10 -43.12 -52.09
N VAL W 28 -30.47 -41.85 -52.01
CA VAL W 28 -29.53 -40.74 -51.96
C VAL W 28 -29.45 -40.18 -50.54
N VAL W 29 -30.60 -39.90 -49.93
CA VAL W 29 -30.69 -39.59 -48.51
C VAL W 29 -31.41 -40.77 -47.88
N GLN W 30 -30.71 -41.55 -47.07
CA GLN W 30 -31.25 -42.79 -46.55
C GLN W 30 -31.48 -42.68 -45.05
N GLU W 31 -32.64 -43.13 -44.60
CA GLU W 31 -32.98 -43.19 -43.18
C GLU W 31 -32.78 -44.61 -42.68
N TYR W 32 -32.18 -44.72 -41.50
CA TYR W 32 -32.08 -46.00 -40.81
C TYR W 32 -32.89 -45.94 -39.53
N GLU W 33 -33.44 -47.08 -39.13
CA GLU W 33 -34.15 -47.18 -37.87
C GLU W 33 -33.19 -47.74 -36.82
N TYR W 34 -33.11 -47.06 -35.69
CA TYR W 34 -32.15 -47.44 -34.67
C TYR W 34 -32.60 -48.70 -33.94
N ALA W 35 -31.79 -49.74 -34.02
CA ALA W 35 -31.93 -50.93 -33.21
C ALA W 35 -30.58 -51.23 -32.57
N PRO W 36 -30.56 -51.78 -31.36
CA PRO W 36 -29.27 -52.04 -30.69
C PRO W 36 -28.49 -53.15 -31.37
N ASP W 37 -27.20 -52.87 -31.60
CA ASP W 37 -26.22 -53.78 -32.21
C ASP W 37 -26.63 -54.22 -33.61
N ARG W 38 -26.74 -53.24 -34.51
CA ARG W 38 -27.03 -53.48 -35.91
C ARG W 38 -25.92 -52.86 -36.75
N ILE W 39 -25.59 -53.49 -37.87
CA ILE W 39 -24.50 -53.04 -38.73
C ILE W 39 -25.10 -52.15 -39.81
N TYR W 40 -24.85 -50.85 -39.74
CA TYR W 40 -25.38 -49.90 -40.71
C TYR W 40 -24.34 -49.64 -41.79
N GLN W 41 -24.74 -49.77 -43.04
CA GLN W 41 -23.82 -49.61 -44.16
C GLN W 41 -23.88 -48.19 -44.69
N VAL W 42 -22.73 -47.54 -44.75
CA VAL W 42 -22.58 -46.19 -45.28
C VAL W 42 -21.71 -46.29 -46.52
N ARG W 43 -22.25 -45.85 -47.66
CA ARG W 43 -21.55 -45.96 -48.94
C ARG W 43 -21.12 -44.57 -49.39
N THR W 44 -19.82 -44.39 -49.56
CA THR W 44 -19.24 -43.09 -49.85
C THR W 44 -18.68 -43.05 -51.27
N GLY W 45 -18.30 -41.85 -51.69
CA GLY W 45 -17.61 -41.65 -52.95
C GLY W 45 -16.36 -40.83 -52.74
N LEU W 46 -15.52 -40.76 -53.77
CA LEU W 46 -14.17 -40.30 -53.55
C LEU W 46 -14.05 -38.78 -53.41
N GLY W 47 -14.85 -38.02 -54.15
CA GLY W 47 -14.83 -36.58 -54.00
C GLY W 47 -16.12 -35.99 -53.47
N ILE W 48 -16.75 -36.69 -52.53
CA ILE W 48 -18.11 -36.43 -52.08
C ILE W 48 -18.15 -36.53 -50.56
N THR W 49 -18.63 -35.48 -49.90
CA THR W 49 -18.92 -35.60 -48.48
C THR W 49 -20.20 -36.39 -48.26
N THR W 50 -20.16 -37.28 -47.28
CA THR W 50 -21.35 -37.95 -46.77
C THR W 50 -21.46 -37.58 -45.31
N GLN W 51 -22.61 -37.10 -44.88
CA GLN W 51 -22.79 -36.84 -43.46
C GLN W 51 -23.69 -37.89 -42.84
N VAL W 52 -23.31 -38.35 -41.65
CA VAL W 52 -24.19 -39.13 -40.81
C VAL W 52 -24.69 -38.21 -39.71
N GLU W 53 -25.97 -38.30 -39.38
CA GLU W 53 -26.57 -37.40 -38.42
C GLU W 53 -27.19 -38.23 -37.29
N LEU W 54 -26.65 -38.06 -36.10
CA LEU W 54 -27.11 -38.77 -34.93
C LEU W 54 -28.23 -37.98 -34.27
N SER W 55 -28.63 -38.39 -33.08
CA SER W 55 -29.70 -37.66 -32.41
C SER W 55 -29.15 -36.37 -31.81
N PRO W 56 -29.94 -35.29 -31.84
CA PRO W 56 -29.51 -34.06 -31.15
C PRO W 56 -29.60 -34.14 -29.65
N ASN W 57 -30.20 -35.19 -29.10
CA ASN W 57 -30.47 -35.25 -27.67
C ASN W 57 -29.22 -35.61 -26.88
N GLU W 58 -28.49 -36.63 -27.33
CA GLU W 58 -27.38 -37.18 -26.57
C GLU W 58 -26.04 -36.63 -27.04
N LYS W 59 -25.09 -36.58 -26.11
CA LYS W 59 -23.74 -36.11 -26.38
C LYS W 59 -22.86 -37.29 -26.77
N ILE W 60 -22.04 -37.09 -27.79
CA ILE W 60 -21.16 -38.13 -28.29
C ILE W 60 -19.94 -38.24 -27.38
N LEU W 61 -19.72 -39.42 -26.81
CA LEU W 61 -18.59 -39.63 -25.92
C LEU W 61 -17.31 -39.83 -26.71
N ASP W 62 -17.26 -40.86 -27.56
CA ASP W 62 -16.04 -41.18 -28.28
C ASP W 62 -16.39 -41.89 -29.59
N TYR W 63 -15.37 -42.03 -30.43
CA TYR W 63 -15.51 -42.70 -31.72
C TYR W 63 -14.14 -43.16 -32.16
N SER W 64 -14.12 -44.24 -32.93
CA SER W 64 -12.85 -44.77 -33.44
C SER W 64 -13.12 -45.58 -34.69
N THR W 65 -12.46 -45.20 -35.78
CA THR W 65 -12.52 -45.95 -37.03
C THR W 65 -11.22 -46.69 -37.26
N GLY W 66 -11.32 -47.90 -37.81
CA GLY W 66 -10.14 -48.58 -38.26
C GLY W 66 -9.59 -47.95 -39.51
N PHE W 67 -8.27 -48.00 -39.66
CA PHE W 67 -7.53 -47.39 -40.78
C PHE W 67 -7.81 -45.88 -40.86
N THR W 68 -7.34 -45.19 -39.81
CA THR W 68 -7.66 -43.78 -39.61
C THR W 68 -7.07 -42.90 -40.72
N GLY W 69 -5.92 -43.28 -41.25
CA GLY W 69 -5.28 -42.48 -42.28
C GLY W 69 -5.80 -42.71 -43.70
N GLY W 70 -7.07 -43.07 -43.83
CA GLY W 70 -7.68 -43.20 -45.12
C GLY W 70 -9.07 -42.60 -45.13
N TRP W 71 -9.37 -41.84 -44.08
CA TRP W 71 -10.69 -41.23 -43.91
C TRP W 71 -10.51 -39.88 -43.24
N GLU W 72 -10.88 -38.82 -43.95
CA GLU W 72 -10.93 -37.47 -43.40
C GLU W 72 -12.32 -37.23 -42.83
N LEU W 73 -12.44 -37.25 -41.51
CA LEU W 73 -13.75 -37.07 -40.88
C LEU W 73 -13.63 -36.06 -39.75
N THR W 74 -14.56 -35.11 -39.72
CA THR W 74 -14.67 -34.10 -38.68
C THR W 74 -16.06 -34.14 -38.10
N ARG W 75 -16.22 -33.67 -36.87
CA ARG W 75 -17.52 -33.66 -36.24
C ARG W 75 -17.91 -32.27 -35.74
N ARG W 76 -19.22 -31.99 -35.80
CA ARG W 76 -19.79 -30.79 -35.18
C ARG W 76 -20.99 -31.25 -34.35
N GLU W 77 -20.70 -31.78 -33.16
CA GLU W 77 -21.57 -32.01 -32.01
C GLU W 77 -22.64 -33.09 -32.18
N ASN W 78 -23.06 -33.41 -33.41
CA ASN W 78 -23.76 -34.67 -33.67
C ASN W 78 -23.59 -35.19 -35.09
N VAL W 79 -22.83 -34.52 -35.96
CA VAL W 79 -22.78 -34.87 -37.38
C VAL W 79 -21.33 -35.10 -37.77
N PHE W 80 -21.08 -36.20 -38.48
CA PHE W 80 -19.75 -36.56 -38.94
C PHE W 80 -19.72 -36.42 -40.45
N TYR W 81 -18.85 -35.56 -40.95
CA TYR W 81 -18.69 -35.40 -42.39
C TYR W 81 -17.56 -36.32 -42.86
N LEU W 82 -17.93 -37.40 -43.55
CA LEU W 82 -17.00 -38.44 -43.95
C LEU W 82 -16.59 -38.26 -45.40
N LYS W 83 -15.29 -38.43 -45.66
CA LYS W 83 -14.83 -38.55 -47.03
C LYS W 83 -13.59 -39.44 -47.03
N PRO W 84 -13.46 -40.34 -47.98
CA PRO W 84 -12.30 -41.21 -48.04
C PRO W 84 -11.09 -40.47 -48.61
N LYS W 85 -9.96 -41.15 -48.65
CA LYS W 85 -8.76 -40.59 -49.25
C LYS W 85 -8.15 -41.46 -50.34
N ASN W 86 -8.53 -42.72 -50.46
CA ASN W 86 -7.98 -43.58 -51.49
C ASN W 86 -9.04 -44.59 -51.87
N VAL W 87 -8.71 -45.46 -52.83
CA VAL W 87 -9.72 -46.27 -53.48
C VAL W 87 -10.13 -47.47 -52.62
N ASP W 88 -9.26 -47.97 -51.75
CA ASP W 88 -9.57 -49.14 -50.92
C ASP W 88 -9.32 -48.80 -49.45
N VAL W 89 -10.30 -48.17 -48.83
CA VAL W 89 -10.20 -47.73 -47.44
C VAL W 89 -11.40 -48.24 -46.67
N ASP W 90 -11.93 -49.39 -47.09
CA ASP W 90 -13.13 -49.96 -46.48
C ASP W 90 -12.84 -50.35 -45.04
N THR W 91 -13.69 -49.90 -44.11
CA THR W 91 -13.43 -50.12 -42.70
C THR W 91 -14.76 -50.03 -41.94
N ASN W 92 -14.65 -50.13 -40.63
CA ASN W 92 -15.76 -49.86 -39.72
C ASN W 92 -15.56 -48.54 -39.00
N MET W 93 -16.64 -48.03 -38.42
CA MET W 93 -16.53 -46.91 -37.51
C MET W 93 -17.58 -47.10 -36.43
N MET W 94 -17.18 -46.88 -35.19
CA MET W 94 -18.02 -47.14 -34.03
C MET W 94 -18.18 -45.84 -33.25
N ILE W 95 -19.42 -45.41 -33.10
CA ILE W 95 -19.75 -44.22 -32.34
C ILE W 95 -20.43 -44.68 -31.06
N ARG W 96 -20.04 -44.09 -29.93
CA ARG W 96 -20.62 -44.44 -28.64
C ARG W 96 -21.06 -43.17 -27.97
N THR W 97 -22.36 -42.96 -27.88
CA THR W 97 -22.93 -41.82 -27.17
C THR W 97 -23.21 -42.23 -25.72
N ALA W 98 -24.01 -41.42 -25.03
CA ALA W 98 -24.31 -41.71 -23.64
C ALA W 98 -25.23 -42.91 -23.49
N THR W 99 -26.15 -43.12 -24.42
CA THR W 99 -27.08 -44.23 -24.33
C THR W 99 -27.26 -45.02 -25.61
N HIS W 100 -26.60 -44.64 -26.70
CA HIS W 100 -26.70 -45.38 -27.95
C HIS W 100 -25.32 -45.85 -28.37
N SER W 101 -25.30 -46.85 -29.25
CA SER W 101 -24.06 -47.42 -29.76
C SER W 101 -24.26 -47.82 -31.21
N TYR W 102 -23.45 -47.23 -32.10
CA TYR W 102 -23.60 -47.41 -33.53
C TYR W 102 -22.40 -48.16 -34.07
N ILE W 103 -22.64 -49.08 -34.99
CA ILE W 103 -21.57 -49.79 -35.68
C ILE W 103 -21.77 -49.52 -37.17
N LEU W 104 -21.03 -48.57 -37.71
CA LEU W 104 -21.13 -48.21 -39.11
C LEU W 104 -20.14 -49.02 -39.92
N GLU W 105 -20.52 -49.33 -41.16
CA GLU W 105 -19.72 -50.18 -42.03
C GLU W 105 -19.40 -49.38 -43.29
N LEU W 106 -18.26 -48.68 -43.26
CA LEU W 106 -17.91 -47.71 -44.29
C LEU W 106 -17.41 -48.39 -45.55
N LYS W 107 -17.92 -47.95 -46.69
CA LYS W 107 -17.54 -48.51 -47.99
C LYS W 107 -17.14 -47.39 -48.92
N VAL W 108 -16.56 -47.76 -50.06
CA VAL W 108 -16.27 -46.84 -51.15
C VAL W 108 -16.83 -47.44 -52.42
N VAL W 109 -17.79 -46.75 -53.04
CA VAL W 109 -18.55 -47.32 -54.14
C VAL W 109 -18.39 -46.53 -55.44
N ALA W 110 -18.02 -45.25 -55.41
CA ALA W 110 -17.79 -44.47 -56.61
C ALA W 110 -16.45 -43.78 -56.52
N THR W 111 -15.54 -44.10 -57.44
CA THR W 111 -14.19 -43.55 -57.41
C THR W 111 -13.70 -43.03 -58.74
N ASP W 112 -14.31 -43.41 -59.86
CA ASP W 112 -13.79 -43.12 -61.19
C ASP W 112 -14.69 -42.16 -61.95
N TRP W 113 -15.69 -41.58 -61.28
CA TRP W 113 -16.71 -40.80 -61.95
C TRP W 113 -16.16 -39.46 -62.41
N GLN W 114 -16.64 -39.02 -63.57
CA GLN W 114 -16.36 -37.68 -64.08
C GLN W 114 -17.54 -36.76 -63.97
N ARG W 115 -18.74 -37.31 -64.11
CA ARG W 115 -20.00 -36.59 -64.00
C ARG W 115 -20.69 -37.04 -62.72
N LEU W 116 -21.28 -36.08 -62.00
CA LEU W 116 -21.77 -36.37 -60.65
C LEU W 116 -23.04 -37.20 -60.64
N GLU W 117 -23.70 -37.33 -61.80
CA GLU W 117 -24.80 -38.28 -61.94
C GLU W 117 -24.31 -39.73 -61.94
N GLN W 118 -23.04 -39.96 -62.30
CA GLN W 118 -22.51 -41.32 -62.29
C GLN W 118 -22.29 -41.84 -60.88
N ALA W 119 -22.09 -40.96 -59.91
CA ALA W 119 -21.97 -41.41 -58.54
C ALA W 119 -23.33 -41.67 -57.91
N LYS W 120 -24.38 -41.02 -58.41
CA LYS W 120 -25.74 -41.32 -57.99
C LYS W 120 -26.11 -42.76 -58.36
N GLN W 121 -25.81 -43.14 -59.60
CA GLN W 121 -26.17 -44.47 -60.08
C GLN W 121 -25.25 -45.55 -59.50
N ALA W 122 -24.02 -45.18 -59.13
CA ALA W 122 -23.14 -46.13 -58.46
C ALA W 122 -23.63 -46.45 -57.06
N GLY W 123 -24.30 -45.51 -56.41
CA GLY W 123 -24.98 -45.82 -55.17
C GLY W 123 -24.44 -45.09 -53.96
N VAL W 124 -23.96 -43.86 -54.14
CA VAL W 124 -23.47 -43.13 -52.98
C VAL W 124 -24.64 -42.64 -52.14
N GLN W 125 -24.33 -42.27 -50.91
CA GLN W 125 -25.31 -41.76 -49.97
C GLN W 125 -24.85 -40.38 -49.51
N TYR W 126 -25.58 -39.35 -49.92
CA TYR W 126 -25.25 -37.99 -49.51
C TYR W 126 -25.47 -37.77 -48.02
N LYS W 127 -26.60 -38.23 -47.49
CA LYS W 127 -26.92 -38.03 -46.09
C LYS W 127 -27.36 -39.35 -45.48
N VAL W 128 -27.04 -39.55 -44.21
CA VAL W 128 -27.53 -40.67 -43.43
C VAL W 128 -28.12 -40.11 -42.13
N VAL W 129 -29.40 -40.39 -41.89
CA VAL W 129 -30.05 -39.97 -40.66
C VAL W 129 -30.69 -41.19 -40.01
N PHE W 130 -30.77 -41.16 -38.68
CA PHE W 130 -31.29 -42.25 -37.89
C PHE W 130 -32.62 -41.85 -37.27
N THR W 131 -33.62 -42.69 -37.43
CA THR W 131 -34.92 -42.51 -36.79
C THR W 131 -34.99 -43.38 -35.55
N TYR W 132 -35.58 -42.86 -34.49
CA TYR W 132 -35.54 -43.51 -33.19
C TYR W 132 -36.95 -43.89 -32.74
N PRO W 133 -37.33 -45.15 -32.79
CA PRO W 133 -38.67 -45.54 -32.37
C PRO W 133 -38.78 -45.58 -30.86
N LYS W 134 -40.03 -45.55 -30.38
CA LYS W 134 -40.27 -45.76 -28.97
C LYS W 134 -40.34 -47.25 -28.67
N ASP W 135 -40.36 -47.58 -27.38
CA ASP W 135 -40.29 -48.96 -26.94
C ASP W 135 -41.54 -49.73 -27.32
N THR W 136 -41.38 -51.02 -27.58
CA THR W 136 -42.49 -51.82 -28.10
C THR W 136 -43.53 -52.13 -27.03
N SER W 137 -43.22 -51.87 -25.75
CA SER W 137 -44.23 -52.05 -24.72
C SER W 137 -45.24 -50.91 -24.73
N PHE W 138 -44.88 -49.79 -25.35
CA PHE W 138 -45.85 -48.70 -25.50
C PHE W 138 -46.60 -48.81 -26.82
N ASN W 139 -46.13 -49.63 -27.75
CA ASN W 139 -46.84 -49.81 -29.01
C ASN W 139 -48.05 -50.70 -28.84
N ASN W 140 -48.08 -51.50 -27.77
CA ASN W 140 -49.25 -52.31 -27.48
C ASN W 140 -50.41 -51.45 -26.97
N VAL W 141 -50.09 -50.27 -26.44
CA VAL W 141 -51.09 -49.33 -25.98
C VAL W 141 -51.59 -48.47 -27.13
N LYS W 148 -55.11 -41.46 -36.09
CA LYS W 148 -54.45 -41.78 -37.35
C LYS W 148 -55.30 -41.34 -38.54
N ASN W 149 -56.61 -41.49 -38.41
CA ASN W 149 -57.55 -41.18 -39.48
C ASN W 149 -57.73 -39.67 -39.58
N GLY W 150 -56.75 -39.03 -40.21
CA GLY W 150 -56.79 -37.61 -40.44
C GLY W 150 -56.53 -36.80 -39.18
N PRO W 151 -56.72 -35.49 -39.27
CA PRO W 151 -56.48 -34.63 -38.12
C PRO W 151 -57.59 -34.67 -37.11
N LEU W 152 -57.24 -34.35 -35.86
CA LEU W 152 -58.20 -34.37 -34.78
C LEU W 152 -59.08 -33.14 -34.73
N LEU W 153 -58.60 -32.01 -35.23
CA LEU W 153 -59.36 -30.76 -35.23
C LEU W 153 -59.71 -30.44 -36.67
N ASN W 154 -60.98 -30.64 -37.02
CA ASN W 154 -61.45 -30.37 -38.37
C ASN W 154 -62.74 -29.58 -38.23
N ALA W 155 -62.72 -28.32 -38.66
CA ALA W 155 -63.83 -27.41 -38.42
C ALA W 155 -65.07 -27.74 -39.25
N LYS W 156 -64.94 -28.56 -40.28
CA LYS W 156 -66.10 -29.02 -41.03
C LYS W 156 -66.84 -30.10 -40.24
N ILE W 157 -68.00 -30.48 -40.75
CA ILE W 157 -68.78 -31.57 -40.18
C ILE W 157 -68.43 -32.85 -40.92
N LEU W 158 -67.91 -33.83 -40.21
CA LEU W 158 -67.46 -35.05 -40.85
C LEU W 158 -68.59 -36.07 -40.89
N LYS W 159 -68.38 -37.12 -41.68
CA LYS W 159 -69.39 -38.15 -41.84
C LYS W 159 -69.51 -39.02 -40.59
N ASP W 160 -68.41 -39.27 -39.91
CA ASP W 160 -68.34 -40.26 -38.84
C ASP W 160 -67.92 -39.64 -37.51
N ARG W 161 -68.46 -38.47 -37.19
CA ARG W 161 -68.26 -37.87 -35.87
C ARG W 161 -69.60 -37.45 -35.30
N ARG W 162 -69.71 -37.49 -33.99
CA ARG W 162 -70.96 -37.20 -33.30
C ARG W 162 -70.90 -35.79 -32.74
N TYR W 163 -71.87 -34.97 -33.13
CA TYR W 163 -71.92 -33.56 -32.74
C TYR W 163 -73.07 -33.32 -31.78
N TYR W 164 -72.96 -32.21 -31.04
CA TYR W 164 -73.92 -31.89 -29.99
C TYR W 164 -74.33 -30.43 -30.11
N TYR W 165 -75.48 -30.19 -30.74
CA TYR W 165 -75.96 -28.84 -31.01
C TYR W 165 -76.98 -28.40 -29.97
N ASP W 166 -76.50 -28.20 -28.74
CA ASP W 166 -77.44 -27.77 -27.70
C ASP W 166 -76.66 -26.89 -26.74
N TYR W 167 -76.72 -25.59 -26.98
CA TYR W 167 -75.98 -24.60 -26.21
C TYR W 167 -76.85 -23.36 -26.05
N ASP W 168 -76.67 -22.67 -24.93
CA ASP W 168 -77.42 -21.46 -24.63
C ASP W 168 -76.46 -20.28 -24.49
N TYR W 169 -77.03 -19.09 -24.35
CA TYR W 169 -76.23 -17.90 -24.08
C TYR W 169 -77.00 -16.98 -23.15
N ALA W 170 -76.29 -16.24 -22.32
CA ALA W 170 -76.90 -15.32 -21.39
C ALA W 170 -76.04 -14.07 -21.27
N THR W 171 -76.66 -12.90 -21.43
CA THR W 171 -75.95 -11.64 -21.36
C THR W 171 -76.94 -10.53 -21.01
N ARG W 172 -76.40 -9.42 -20.52
CA ARG W 172 -77.25 -8.31 -20.08
C ARG W 172 -77.90 -7.61 -21.26
N THR W 173 -77.10 -7.14 -22.21
CA THR W 173 -77.61 -6.45 -23.38
C THR W 173 -78.34 -7.41 -24.30
N LYS W 174 -79.41 -6.93 -24.93
CA LYS W 174 -80.26 -7.82 -25.73
C LYS W 174 -79.61 -8.19 -27.05
N LYS W 175 -79.34 -7.21 -27.89
CA LYS W 175 -78.65 -7.44 -29.16
C LYS W 175 -77.23 -6.93 -29.02
N SER W 176 -76.29 -7.84 -28.79
CA SER W 176 -74.89 -7.50 -28.68
C SER W 176 -74.14 -8.06 -29.88
N TRP W 177 -72.94 -7.51 -30.08
CA TRP W 177 -72.02 -8.03 -31.08
C TRP W 177 -71.10 -9.11 -30.53
N LEU W 178 -71.28 -9.50 -29.28
CA LEU W 178 -70.46 -10.51 -28.65
C LEU W 178 -71.15 -11.86 -28.58
N ILE W 179 -72.43 -11.92 -28.93
CA ILE W 179 -73.17 -13.19 -28.95
C ILE W 179 -72.63 -14.05 -30.09
N PRO W 180 -72.25 -15.31 -29.83
CA PRO W 180 -71.77 -16.17 -30.91
C PRO W 180 -72.88 -16.54 -31.87
N SER W 181 -72.48 -16.80 -33.11
CA SER W 181 -73.45 -17.21 -34.12
C SER W 181 -73.88 -18.66 -33.91
N ARG W 182 -72.90 -19.57 -33.82
CA ARG W 182 -73.16 -21.00 -33.71
C ARG W 182 -72.13 -21.60 -32.76
N VAL W 183 -72.58 -22.41 -31.81
CA VAL W 183 -71.70 -23.11 -30.89
C VAL W 183 -72.06 -24.59 -30.92
N TYR W 184 -71.06 -25.45 -31.09
CA TYR W 184 -71.25 -26.89 -31.07
C TYR W 184 -69.92 -27.53 -30.67
N ASP W 185 -69.88 -28.87 -30.68
CA ASP W 185 -68.65 -29.58 -30.39
C ASP W 185 -68.70 -30.97 -31.01
N ASP W 186 -67.52 -31.59 -31.13
CA ASP W 186 -67.40 -32.94 -31.65
C ASP W 186 -66.99 -33.94 -30.58
N GLY W 187 -67.17 -33.61 -29.31
CA GLY W 187 -66.73 -34.43 -28.22
C GLY W 187 -65.36 -34.09 -27.70
N LYS W 188 -64.51 -33.50 -28.54
CA LYS W 188 -63.14 -33.19 -28.17
C LYS W 188 -62.80 -31.71 -28.27
N PHE W 189 -63.46 -30.96 -29.15
CA PHE W 189 -63.19 -29.53 -29.31
C PHE W 189 -64.51 -28.79 -29.42
N THR W 190 -64.60 -27.63 -28.78
CA THR W 190 -65.80 -26.79 -28.84
C THR W 190 -65.60 -25.68 -29.87
N TYR W 191 -66.50 -25.60 -30.85
CA TYR W 191 -66.33 -24.74 -32.01
C TYR W 191 -67.22 -23.53 -31.89
N ILE W 192 -66.72 -22.47 -31.26
CA ILE W 192 -67.44 -21.21 -31.19
C ILE W 192 -67.28 -20.50 -32.53
N ASN W 193 -68.40 -20.07 -33.12
CA ASN W 193 -68.40 -19.47 -34.43
C ASN W 193 -69.06 -18.10 -34.34
N MET W 194 -68.42 -17.08 -34.92
CA MET W 194 -68.87 -15.71 -34.75
C MET W 194 -68.88 -14.95 -36.07
N ASP W 195 -69.21 -15.61 -37.18
CA ASP W 195 -69.09 -15.02 -38.50
C ASP W 195 -70.41 -14.46 -39.04
N LEU W 196 -71.34 -14.10 -38.16
CA LEU W 196 -72.52 -13.36 -38.58
C LEU W 196 -72.69 -12.05 -37.83
N THR W 197 -71.92 -11.80 -36.78
CA THR W 197 -71.83 -10.47 -36.18
C THR W 197 -70.77 -9.71 -36.96
N ARG W 198 -71.22 -9.13 -38.09
CA ARG W 198 -70.32 -8.67 -39.14
C ARG W 198 -69.78 -7.28 -38.90
N PHE W 199 -70.53 -6.39 -38.22
CA PHE W 199 -70.19 -4.97 -38.24
C PHE W 199 -68.91 -4.61 -37.48
N PRO W 200 -68.77 -4.82 -36.17
CA PRO W 200 -67.58 -4.26 -35.52
C PRO W 200 -66.37 -5.11 -35.89
N THR W 201 -65.36 -4.47 -36.49
CA THR W 201 -64.20 -5.24 -36.92
C THR W 201 -63.38 -5.72 -35.72
N GLY W 202 -63.38 -4.97 -34.64
CA GLY W 202 -62.74 -5.43 -33.42
C GLY W 202 -63.69 -6.15 -32.47
N ASN W 203 -64.15 -7.35 -32.84
CA ASN W 203 -65.15 -8.04 -32.04
C ASN W 203 -64.67 -9.39 -31.51
N PHE W 204 -63.36 -9.60 -31.40
CA PHE W 204 -62.87 -10.94 -31.16
C PHE W 204 -62.55 -11.11 -29.68
N PRO W 205 -63.18 -12.07 -29.00
CA PRO W 205 -63.06 -12.16 -27.55
C PRO W 205 -61.93 -13.02 -27.02
N ALA W 206 -61.92 -13.20 -25.70
CA ALA W 206 -61.10 -14.17 -25.01
C ALA W 206 -62.01 -15.15 -24.29
N VAL W 207 -61.86 -16.44 -24.59
CA VAL W 207 -62.77 -17.46 -24.08
C VAL W 207 -62.17 -18.13 -22.86
N PHE W 208 -62.94 -18.18 -21.77
CA PHE W 208 -62.60 -18.89 -20.56
C PHE W 208 -63.58 -20.05 -20.40
N ALA W 209 -63.47 -20.77 -19.28
CA ALA W 209 -64.39 -21.87 -19.03
C ALA W 209 -64.60 -21.97 -17.53
N ARG W 210 -65.66 -22.69 -17.16
CA ARG W 210 -66.14 -22.62 -15.79
C ARG W 210 -66.89 -23.91 -15.48
N GLU W 211 -66.73 -24.43 -14.27
CA GLU W 211 -67.33 -25.71 -13.92
C GLU W 211 -68.76 -25.59 -13.41
N LYS W 212 -69.12 -24.48 -12.79
CA LYS W 212 -70.48 -24.23 -12.36
C LYS W 212 -70.96 -22.95 -13.04
N GLU W 213 -72.13 -22.46 -12.64
CA GLU W 213 -72.66 -21.30 -13.35
C GLU W 213 -71.99 -20.02 -12.88
N HIS W 214 -71.85 -19.82 -11.58
CA HIS W 214 -71.26 -18.60 -11.04
C HIS W 214 -70.03 -18.92 -10.20
N ALA W 215 -69.28 -19.93 -10.61
CA ALA W 215 -68.01 -20.25 -9.97
C ALA W 215 -66.92 -19.35 -10.55
N GLU W 216 -65.67 -19.64 -10.23
CA GLU W 216 -64.56 -18.86 -10.74
C GLU W 216 -64.01 -19.55 -11.98
N ASP W 217 -63.80 -18.78 -13.04
CA ASP W 217 -63.41 -19.35 -14.31
C ASP W 217 -61.91 -19.62 -14.36
N PHE W 218 -61.50 -20.39 -15.36
CA PHE W 218 -60.11 -20.76 -15.55
C PHE W 218 -59.78 -20.68 -17.03
N LEU W 219 -58.61 -21.17 -17.40
CA LEU W 219 -58.01 -20.94 -18.71
C LEU W 219 -58.10 -22.17 -19.60
N VAL W 220 -58.29 -21.94 -20.90
CA VAL W 220 -58.35 -22.99 -21.91
C VAL W 220 -57.35 -22.67 -23.00
N ASN W 221 -57.01 -23.71 -23.77
CA ASN W 221 -56.18 -23.54 -24.95
C ASN W 221 -57.07 -23.37 -26.16
N THR W 222 -56.80 -22.35 -26.97
CA THR W 222 -57.63 -22.03 -28.11
C THR W 222 -56.79 -21.96 -29.38
N THR W 223 -57.35 -22.46 -30.47
CA THR W 223 -56.84 -22.17 -31.80
C THR W 223 -57.98 -21.59 -32.62
N VAL W 224 -57.64 -20.80 -33.63
CA VAL W 224 -58.61 -20.02 -34.39
C VAL W 224 -58.39 -20.22 -35.87
N GLU W 225 -59.49 -20.25 -36.63
CA GLU W 225 -59.45 -20.44 -38.08
C GLU W 225 -60.45 -19.45 -38.70
N GLY W 226 -59.96 -18.26 -39.03
CA GLY W 226 -60.83 -17.26 -39.60
C GLY W 226 -61.64 -16.53 -38.55
N ASN W 227 -62.94 -16.78 -38.53
CA ASN W 227 -63.83 -16.24 -37.50
C ASN W 227 -64.28 -17.30 -36.52
N THR W 228 -63.82 -18.53 -36.65
CA THR W 228 -64.18 -19.61 -35.75
C THR W 228 -63.14 -19.67 -34.63
N LEU W 229 -63.59 -19.60 -33.39
CA LEU W 229 -62.73 -19.78 -32.24
C LEU W 229 -62.96 -21.19 -31.73
N ILE W 230 -61.90 -22.00 -31.67
CA ILE W 230 -62.02 -23.41 -31.36
C ILE W 230 -61.34 -23.66 -30.02
N VAL W 231 -62.08 -24.21 -29.06
CA VAL W 231 -61.61 -24.38 -27.70
C VAL W 231 -61.26 -25.85 -27.49
N HIS W 232 -60.04 -26.11 -27.01
CA HIS W 232 -59.54 -27.45 -26.80
C HIS W 232 -60.22 -28.06 -25.59
N GLY W 233 -61.27 -28.85 -25.81
CA GLY W 233 -61.95 -29.53 -24.73
C GLY W 233 -63.39 -29.10 -24.55
N THR W 234 -64.23 -30.00 -24.07
CA THR W 234 -65.64 -29.71 -23.85
C THR W 234 -65.88 -29.43 -22.37
N TYR W 235 -66.61 -28.36 -22.08
CA TYR W 235 -66.79 -27.84 -20.75
C TYR W 235 -68.27 -27.65 -20.47
N PRO W 236 -68.68 -27.62 -19.20
CA PRO W 236 -70.08 -27.30 -18.91
C PRO W 236 -70.44 -25.86 -19.22
N PHE W 237 -69.54 -24.92 -18.97
CA PHE W 237 -69.77 -23.50 -19.19
C PHE W 237 -68.57 -22.87 -19.87
N LEU W 238 -68.83 -21.95 -20.79
CA LEU W 238 -67.81 -21.14 -21.41
C LEU W 238 -68.13 -19.68 -21.11
N VAL W 239 -67.11 -18.89 -20.86
CA VAL W 239 -67.27 -17.47 -20.56
C VAL W 239 -66.52 -16.68 -21.64
N VAL W 240 -67.19 -15.70 -22.22
CA VAL W 240 -66.70 -14.96 -23.38
C VAL W 240 -66.62 -13.49 -23.00
N ARG W 241 -65.41 -12.93 -22.96
CA ARG W 241 -65.18 -11.60 -22.43
C ARG W 241 -64.54 -10.69 -23.47
N HIS W 242 -64.96 -9.42 -23.48
CA HIS W 242 -64.34 -8.39 -24.30
C HIS W 242 -64.26 -7.08 -23.52
N GLY W 243 -63.85 -7.16 -22.26
CA GLY W 243 -63.74 -5.95 -21.46
C GLY W 243 -64.74 -5.88 -20.34
N ASP W 244 -65.69 -4.96 -20.43
CA ASP W 244 -66.77 -4.85 -19.46
C ASP W 244 -67.99 -5.67 -19.82
N ASN W 245 -68.09 -6.16 -21.05
CA ASN W 245 -69.23 -6.96 -21.49
C ASN W 245 -68.86 -8.42 -21.64
N VAL W 246 -69.75 -9.29 -21.18
CA VAL W 246 -69.47 -10.71 -20.99
C VAL W 246 -70.70 -11.51 -21.42
N VAL W 247 -70.46 -12.66 -22.06
CA VAL W 247 -71.51 -13.56 -22.53
C VAL W 247 -71.20 -14.95 -22.01
N GLY W 248 -72.11 -15.52 -21.22
CA GLY W 248 -71.95 -16.89 -20.78
C GLY W 248 -72.50 -17.88 -21.79
N LEU W 249 -72.08 -19.15 -21.68
CA LEU W 249 -72.47 -20.18 -22.63
C LEU W 249 -72.67 -21.49 -21.88
N ARG W 250 -73.91 -21.89 -21.67
CA ARG W 250 -74.19 -23.18 -21.03
C ARG W 250 -74.32 -24.27 -22.08
N ARG W 251 -73.67 -25.38 -21.82
CA ARG W 251 -74.00 -26.62 -22.50
C ARG W 251 -75.15 -27.29 -21.76
N ASN W 252 -76.25 -27.52 -22.45
CA ASN W 252 -77.41 -28.11 -21.81
C ASN W 252 -77.18 -29.59 -21.54
N LYS W 253 -77.82 -30.09 -20.50
CA LYS W 253 -77.56 -31.43 -20.02
C LYS W 253 -78.24 -32.46 -20.91
N GLN W 254 -77.54 -33.56 -21.15
CA GLN W 254 -78.01 -34.64 -22.02
C GLN W 254 -79.21 -35.33 -21.38
N LYS W 255 -80.38 -35.15 -21.97
CA LYS W 255 -81.60 -35.79 -21.47
C LYS W 255 -81.62 -37.27 -21.82
N PRO X 150 9.92 -0.08 -71.39
CA PRO X 150 8.66 -0.67 -71.86
C PRO X 150 7.88 0.27 -72.76
N THR X 151 6.76 -0.18 -73.27
CA THR X 151 5.88 0.68 -74.07
C THR X 151 4.84 1.32 -73.16
N LEU X 152 3.81 1.91 -73.76
CA LEU X 152 2.77 2.57 -72.98
C LEU X 152 1.77 1.55 -72.43
N LEU X 153 1.35 0.59 -73.27
CA LEU X 153 0.42 -0.45 -72.82
C LEU X 153 1.07 -1.39 -71.81
N GLU X 154 2.33 -1.76 -72.06
CA GLU X 154 3.05 -2.68 -71.18
C GLU X 154 3.40 -2.05 -69.83
N ARG X 155 3.27 -0.73 -69.71
CA ARG X 155 3.60 -0.06 -68.46
C ARG X 155 2.40 0.00 -67.53
N ARG X 156 1.21 0.24 -68.09
CA ARG X 156 -0.02 0.32 -67.29
C ARG X 156 -0.37 -1.03 -66.69
N ILE X 157 -0.03 -2.11 -67.39
CA ILE X 157 -0.16 -3.44 -66.81
C ILE X 157 0.85 -3.61 -65.68
N LEU X 158 2.06 -3.08 -65.88
CA LEU X 158 3.16 -3.28 -64.94
C LEU X 158 3.01 -2.39 -63.71
N ALA X 159 2.76 -1.10 -63.93
CA ALA X 159 2.69 -0.15 -62.82
C ALA X 159 1.46 -0.37 -61.94
N GLU X 160 0.41 -0.98 -62.48
CA GLU X 160 -0.76 -1.31 -61.69
C GLU X 160 -0.72 -2.73 -61.15
N SER X 161 0.39 -3.44 -61.32
CA SER X 161 0.55 -4.77 -60.75
C SER X 161 2.00 -5.01 -60.33
N GLY X 183 -24.53 15.39 -33.57
CA GLY X 183 -24.30 14.03 -33.10
C GLY X 183 -24.63 12.97 -34.14
N PRO X 184 -25.91 12.59 -34.23
CA PRO X 184 -26.31 11.62 -35.24
C PRO X 184 -26.42 12.26 -36.61
N VAL X 185 -26.79 11.45 -37.59
CA VAL X 185 -26.97 11.95 -38.94
C VAL X 185 -28.47 12.04 -39.24
N THR X 186 -28.84 13.00 -40.09
CA THR X 186 -30.23 13.26 -40.43
C THR X 186 -30.40 13.04 -41.93
N LEU X 187 -31.16 12.03 -42.30
CA LEU X 187 -31.35 11.68 -43.70
C LEU X 187 -32.84 11.59 -44.01
N ALA X 188 -33.15 11.57 -45.30
CA ALA X 188 -34.53 11.52 -45.78
C ALA X 188 -34.57 10.55 -46.96
N LYS X 189 -34.89 9.31 -46.68
CA LYS X 189 -34.88 8.24 -47.66
C LYS X 189 -36.31 7.78 -47.95
N PRO X 190 -36.56 7.17 -49.11
CA PRO X 190 -37.89 6.61 -49.35
C PRO X 190 -38.12 5.38 -48.51
N ILE X 191 -39.39 5.15 -48.17
CA ILE X 191 -39.76 4.06 -47.29
C ILE X 191 -39.70 2.76 -48.07
N SER X 192 -39.30 1.69 -47.41
CA SER X 192 -38.87 0.47 -48.07
C SER X 192 -39.91 -0.62 -47.85
N ASN X 193 -40.41 -1.18 -48.96
CA ASN X 193 -41.42 -2.23 -49.04
C ASN X 193 -42.65 -1.90 -48.21
N PRO X 194 -43.48 -0.95 -48.62
CA PRO X 194 -44.65 -0.58 -47.81
C PRO X 194 -45.79 -1.57 -47.89
N ASP X 195 -45.75 -2.55 -48.78
CA ASP X 195 -46.84 -3.51 -48.83
C ASP X 195 -46.79 -4.50 -47.68
N GLY X 196 -45.64 -4.67 -47.04
CA GLY X 196 -45.55 -5.59 -45.93
C GLY X 196 -44.86 -4.99 -44.72
N LEU X 197 -45.07 -3.71 -44.47
CA LEU X 197 -44.36 -3.00 -43.41
C LEU X 197 -45.30 -2.80 -42.23
N LEU X 198 -44.90 -3.29 -41.06
CA LEU X 198 -45.56 -2.98 -39.80
C LEU X 198 -44.73 -1.89 -39.14
N VAL X 199 -45.12 -0.64 -39.37
CA VAL X 199 -44.23 0.49 -39.12
C VAL X 199 -44.15 0.75 -37.62
N ARG X 200 -43.13 1.51 -37.23
CA ARG X 200 -43.04 2.01 -35.87
C ARG X 200 -44.18 2.98 -35.60
N GLY X 201 -45.02 2.65 -34.64
CA GLY X 201 -46.12 3.49 -34.28
C GLY X 201 -47.50 2.97 -34.63
N THR X 202 -47.65 1.71 -34.95
CA THR X 202 -49.00 1.16 -35.06
C THR X 202 -49.41 0.62 -33.70
N TYR X 203 -50.71 0.54 -33.48
CA TYR X 203 -51.25 0.19 -32.18
C TYR X 203 -51.96 -1.15 -32.31
N ILE X 204 -51.43 -2.16 -31.65
CA ILE X 204 -52.02 -3.49 -31.68
C ILE X 204 -52.95 -3.59 -30.48
N ARG X 205 -54.25 -3.59 -30.72
CA ARG X 205 -55.21 -3.70 -29.63
C ARG X 205 -55.45 -5.17 -29.34
N CYS X 206 -55.22 -5.57 -28.10
CA CYS X 206 -55.48 -6.94 -27.68
C CYS X 206 -56.19 -6.90 -26.35
N ILE X 207 -56.91 -7.97 -26.02
CA ILE X 207 -57.57 -8.09 -24.74
C ILE X 207 -56.88 -9.18 -23.93
N LEU X 208 -56.74 -8.93 -22.64
CA LEU X 208 -55.88 -9.76 -21.80
C LEU X 208 -56.55 -11.09 -21.49
N GLU X 209 -55.75 -12.15 -21.44
CA GLU X 209 -56.23 -13.49 -21.12
C GLU X 209 -55.71 -14.01 -19.79
N THR X 210 -54.47 -13.72 -19.43
CA THR X 210 -53.92 -14.14 -18.15
C THR X 210 -53.99 -12.98 -17.16
N ARG X 211 -54.65 -13.19 -16.03
CA ARG X 211 -54.74 -12.19 -14.97
C ARG X 211 -53.39 -11.85 -14.36
N ILE X 212 -52.92 -10.64 -14.58
CA ILE X 212 -51.59 -10.24 -14.14
C ILE X 212 -51.64 -9.87 -12.66
N ILE X 213 -50.72 -10.41 -11.87
CA ILE X 213 -50.51 -10.00 -10.48
C ILE X 213 -49.03 -9.76 -10.26
N SER X 214 -48.68 -8.57 -9.79
CA SER X 214 -47.29 -8.16 -9.65
C SER X 214 -46.72 -8.59 -8.31
N ASP X 215 -46.42 -9.88 -8.21
CA ASP X 215 -45.69 -10.42 -7.08
C ASP X 215 -44.32 -10.97 -7.48
N PHE X 216 -44.29 -11.91 -8.42
CA PHE X 216 -43.04 -12.56 -8.76
C PHE X 216 -42.52 -12.24 -10.14
N GLY X 217 -43.37 -11.83 -11.06
CA GLY X 217 -42.87 -11.54 -12.38
C GLY X 217 -42.89 -12.80 -13.20
N GLY X 218 -43.67 -12.81 -14.24
CA GLY X 218 -43.90 -14.02 -15.02
C GLY X 218 -44.20 -13.68 -16.44
N TYR X 219 -45.21 -14.34 -16.98
CA TYR X 219 -45.49 -14.33 -18.40
C TYR X 219 -46.96 -14.03 -18.62
N THR X 220 -47.24 -13.25 -19.65
CA THR X 220 -48.60 -12.81 -19.97
C THR X 220 -48.99 -13.30 -21.36
N SER X 221 -50.27 -13.17 -21.69
CA SER X 221 -50.77 -13.53 -23.00
C SER X 221 -52.05 -12.75 -23.26
N CYS X 222 -52.12 -12.04 -24.37
CA CYS X 222 -53.34 -11.34 -24.73
C CYS X 222 -53.72 -11.71 -26.16
N ILE X 223 -55.01 -11.85 -26.40
CA ILE X 223 -55.53 -12.21 -27.71
C ILE X 223 -55.83 -10.93 -28.46
N VAL X 224 -55.28 -10.79 -29.67
CA VAL X 224 -55.53 -9.64 -30.52
C VAL X 224 -57.01 -9.59 -30.86
N THR X 225 -57.57 -8.39 -30.94
CA THR X 225 -59.00 -8.23 -31.17
C THR X 225 -59.35 -7.53 -32.47
N GLU X 226 -58.45 -6.73 -33.03
CA GLU X 226 -58.75 -6.05 -34.28
C GLU X 226 -57.63 -6.30 -35.27
N PRO X 227 -57.95 -6.57 -36.54
CA PRO X 227 -56.90 -6.84 -37.53
C PRO X 227 -56.02 -5.64 -37.80
N VAL X 228 -54.73 -5.91 -37.96
CA VAL X 228 -53.71 -4.88 -38.11
C VAL X 228 -53.15 -4.97 -39.51
N TYR X 229 -53.29 -3.90 -40.27
CA TYR X 229 -52.93 -3.87 -41.68
C TYR X 229 -51.52 -3.30 -41.84
N SER X 230 -51.15 -2.99 -43.07
CA SER X 230 -49.81 -2.50 -43.40
C SER X 230 -49.66 -1.03 -43.04
N ILE X 231 -48.59 -0.39 -43.52
CA ILE X 231 -48.47 1.06 -43.36
C ILE X 231 -49.50 1.78 -44.22
N ASN X 232 -49.84 1.22 -45.38
CA ASN X 232 -50.78 1.85 -46.29
C ASN X 232 -52.00 0.96 -46.58
N GLY X 233 -52.18 -0.10 -45.82
CA GLY X 233 -53.41 -0.86 -45.87
C GLY X 233 -53.58 -1.79 -47.05
N HIS X 234 -52.51 -2.14 -47.76
CA HIS X 234 -52.71 -3.03 -48.89
C HIS X 234 -52.76 -4.49 -48.47
N ASN X 235 -52.29 -4.82 -47.28
CA ASN X 235 -52.18 -6.22 -46.86
C ASN X 235 -52.59 -6.37 -45.41
N LEU X 236 -53.07 -7.55 -45.08
CA LEU X 236 -53.41 -7.89 -43.70
C LEU X 236 -52.21 -8.57 -43.05
N LEU X 237 -51.64 -7.93 -42.04
CA LEU X 237 -50.43 -8.47 -41.44
C LEU X 237 -50.74 -9.37 -40.25
N LEU X 238 -51.36 -8.81 -39.23
CA LEU X 238 -51.75 -9.61 -38.07
C LEU X 238 -53.24 -9.85 -38.14
N PRO X 239 -53.70 -11.09 -38.31
CA PRO X 239 -55.14 -11.35 -38.39
C PRO X 239 -55.88 -11.14 -37.08
N LYS X 240 -57.17 -11.46 -37.09
CA LYS X 240 -58.05 -11.04 -36.01
C LYS X 240 -57.82 -11.81 -34.71
N GLY X 241 -57.39 -13.06 -34.77
CA GLY X 241 -57.33 -13.82 -33.54
C GLY X 241 -55.95 -14.26 -33.08
N SER X 242 -54.94 -13.45 -33.34
CA SER X 242 -53.57 -13.78 -32.99
C SER X 242 -53.37 -13.69 -31.48
N LYS X 243 -52.31 -14.32 -30.99
CA LYS X 243 -51.93 -14.24 -29.58
C LYS X 243 -50.65 -13.44 -29.43
N MET X 244 -50.70 -12.37 -28.64
CA MET X 244 -49.48 -11.70 -28.26
C MET X 244 -48.97 -12.25 -26.94
N LEU X 245 -47.66 -12.30 -26.82
CA LEU X 245 -46.98 -13.00 -25.74
C LEU X 245 -45.97 -12.05 -25.15
N GLY X 246 -46.00 -11.86 -23.83
CA GLY X 246 -45.15 -10.90 -23.19
C GLY X 246 -44.71 -11.38 -21.82
N GLN X 247 -43.92 -10.54 -21.16
CA GLN X 247 -43.45 -10.85 -19.82
C GLN X 247 -43.07 -9.56 -19.09
N TYR X 248 -43.14 -9.62 -17.77
CA TYR X 248 -42.88 -8.49 -16.90
C TYR X 248 -41.95 -8.92 -15.79
N SER X 249 -41.64 -8.00 -14.89
CA SER X 249 -40.67 -8.25 -13.83
C SER X 249 -41.25 -7.82 -12.49
N ALA X 250 -40.76 -8.47 -11.43
CA ALA X 250 -41.26 -8.17 -10.10
C ALA X 250 -40.70 -6.85 -9.60
N GLY X 251 -41.50 -6.16 -8.79
CA GLY X 251 -41.06 -4.92 -8.20
C GLY X 251 -42.10 -4.40 -7.25
N GLU X 252 -41.70 -3.38 -6.50
CA GLU X 252 -42.64 -2.68 -5.65
C GLU X 252 -43.44 -1.70 -6.48
N PRO X 253 -44.76 -1.80 -6.53
CA PRO X 253 -45.54 -0.87 -7.34
C PRO X 253 -45.72 0.49 -6.68
N THR X 254 -44.72 1.37 -6.84
CA THR X 254 -44.84 2.76 -6.39
C THR X 254 -45.95 3.46 -7.16
N SER X 255 -45.77 3.61 -8.46
CA SER X 255 -46.85 4.10 -9.31
C SER X 255 -47.87 3.00 -9.50
N HIS X 256 -49.12 3.38 -9.77
CA HIS X 256 -50.18 2.39 -9.94
C HIS X 256 -50.31 1.95 -11.39
N ARG X 257 -49.17 1.57 -11.98
CA ARG X 257 -49.12 1.05 -13.34
C ARG X 257 -48.07 -0.05 -13.40
N LEU X 258 -48.24 -0.96 -14.35
CA LEU X 258 -47.32 -2.07 -14.52
C LEU X 258 -46.74 -1.99 -15.92
N GLN X 259 -45.52 -2.48 -16.08
CA GLN X 259 -44.77 -2.29 -17.31
C GLN X 259 -44.46 -3.65 -17.92
N VAL X 260 -45.08 -3.96 -19.06
CA VAL X 260 -44.98 -5.24 -19.74
C VAL X 260 -44.29 -5.00 -21.09
N VAL X 261 -43.42 -5.93 -21.50
CA VAL X 261 -42.75 -5.84 -22.79
C VAL X 261 -43.24 -7.00 -23.64
N TRP X 262 -44.13 -6.72 -24.59
CA TRP X 262 -44.72 -7.74 -25.45
C TRP X 262 -43.78 -8.02 -26.61
N ASP X 263 -43.44 -9.30 -26.83
CA ASP X 263 -42.31 -9.56 -27.71
C ASP X 263 -42.48 -10.72 -28.69
N ARG X 264 -43.69 -11.25 -28.89
CA ARG X 264 -43.91 -12.31 -29.86
C ARG X 264 -45.39 -12.40 -30.17
N VAL X 265 -45.73 -12.58 -31.45
CA VAL X 265 -47.10 -12.82 -31.91
C VAL X 265 -47.07 -14.07 -32.77
N THR X 266 -48.05 -14.95 -32.59
CA THR X 266 -48.24 -16.11 -33.45
C THR X 266 -49.62 -16.03 -34.09
N THR X 267 -49.65 -15.86 -35.41
CA THR X 267 -50.89 -15.58 -36.12
C THR X 267 -51.66 -16.86 -36.44
N PRO X 268 -52.96 -16.76 -36.74
CA PRO X 268 -53.70 -17.93 -37.23
C PRO X 268 -53.29 -18.38 -38.62
N THR X 269 -52.64 -17.51 -39.39
CA THR X 269 -52.19 -17.82 -40.73
C THR X 269 -50.77 -18.38 -40.75
N GLY X 270 -50.27 -18.84 -39.61
CA GLY X 270 -49.00 -19.52 -39.56
C GLY X 270 -47.80 -18.61 -39.65
N LEU X 271 -47.67 -17.66 -38.75
CA LEU X 271 -46.50 -16.80 -38.66
C LEU X 271 -46.01 -16.72 -37.23
N ASP X 272 -44.80 -16.20 -37.08
CA ASP X 272 -44.16 -16.11 -35.76
C ASP X 272 -43.26 -14.88 -35.81
N VAL X 273 -43.79 -13.75 -35.34
CA VAL X 273 -43.05 -12.50 -35.40
C VAL X 273 -42.50 -12.22 -34.02
N THR X 274 -41.47 -11.39 -33.96
CA THR X 274 -40.73 -11.17 -32.73
C THR X 274 -40.48 -9.69 -32.47
N LEU X 275 -41.54 -8.90 -32.56
CA LEU X 275 -41.51 -7.45 -32.45
C LEU X 275 -41.04 -7.00 -31.07
N MET X 276 -40.72 -5.71 -30.98
CA MET X 276 -40.38 -5.06 -29.72
C MET X 276 -41.51 -4.08 -29.42
N GLY X 277 -42.45 -4.50 -28.59
CA GLY X 277 -43.55 -3.64 -28.25
C GLY X 277 -43.72 -3.47 -26.77
N PRO X 278 -43.46 -2.28 -26.26
CA PRO X 278 -43.83 -1.97 -24.88
C PRO X 278 -45.34 -1.79 -24.76
N GLY X 279 -45.91 -2.39 -23.73
CA GLY X 279 -47.34 -2.27 -23.53
C GLY X 279 -47.71 -0.89 -23.04
N ILE X 280 -48.78 -0.35 -23.61
CA ILE X 280 -49.25 0.99 -23.29
C ILE X 280 -50.71 0.92 -22.85
N ASP X 281 -51.20 2.05 -22.38
CA ASP X 281 -52.61 2.27 -22.06
C ASP X 281 -53.44 2.24 -23.33
N THR X 282 -54.76 2.21 -23.18
CA THR X 282 -55.63 2.23 -24.34
C THR X 282 -55.74 3.62 -24.97
N LEU X 283 -55.20 4.66 -24.33
CA LEU X 283 -55.05 5.97 -24.94
C LEU X 283 -53.60 6.32 -25.27
N GLY X 284 -52.64 5.45 -24.97
CA GLY X 284 -51.28 5.66 -25.37
C GLY X 284 -50.30 5.93 -24.25
N SER X 285 -50.74 5.96 -23.00
CA SER X 285 -49.85 6.22 -21.90
C SER X 285 -49.02 4.98 -21.60
N SER X 286 -47.75 5.19 -21.23
CA SER X 286 -46.84 4.07 -21.06
C SER X 286 -47.16 3.31 -19.78
N GLY X 287 -47.31 2.00 -19.90
CA GLY X 287 -47.60 1.16 -18.76
C GLY X 287 -49.06 0.82 -18.61
N HIS X 288 -49.36 -0.39 -18.18
CA HIS X 288 -50.74 -0.80 -18.05
C HIS X 288 -51.26 -0.44 -16.67
N PRO X 289 -52.42 0.20 -16.54
CA PRO X 289 -52.94 0.53 -15.22
C PRO X 289 -53.60 -0.66 -14.56
N GLY X 290 -53.42 -0.76 -13.24
CA GLY X 290 -53.95 -1.88 -12.49
C GLY X 290 -54.75 -1.48 -11.28
N ASN X 291 -55.05 -2.44 -10.40
CA ASN X 291 -55.82 -2.21 -9.18
C ASN X 291 -54.88 -2.37 -7.99
N TYR X 292 -54.44 -1.24 -7.44
CA TYR X 292 -53.47 -1.27 -6.34
C TYR X 292 -54.13 -1.75 -5.06
N ASN X 293 -53.38 -2.55 -4.29
CA ASN X 293 -53.91 -3.14 -3.07
C ASN X 293 -52.75 -3.26 -2.08
N ALA X 294 -52.63 -2.27 -1.20
CA ALA X 294 -51.78 -2.43 -0.03
C ALA X 294 -52.58 -3.18 1.02
N HIS X 295 -52.02 -4.27 1.50
CA HIS X 295 -52.80 -5.25 2.26
C HIS X 295 -52.90 -4.81 3.71
N TRP X 296 -53.71 -3.77 3.95
CA TRP X 296 -53.87 -3.30 5.32
C TRP X 296 -54.82 -4.14 6.13
N GLY X 297 -55.50 -5.11 5.53
CA GLY X 297 -56.26 -6.05 6.32
C GLY X 297 -55.38 -7.03 7.07
N ASN X 298 -54.31 -7.50 6.42
CA ASN X 298 -53.44 -8.48 7.04
C ASN X 298 -52.34 -7.83 7.87
N LYS X 299 -51.96 -6.58 7.56
CA LYS X 299 -50.91 -5.94 8.33
C LYS X 299 -51.39 -5.51 9.70
N ILE X 300 -52.67 -5.15 9.80
CA ILE X 300 -53.22 -4.74 11.09
C ILE X 300 -53.52 -5.94 11.96
N ALA X 301 -54.17 -6.96 11.41
CA ALA X 301 -54.68 -8.07 12.21
C ALA X 301 -53.56 -8.95 12.76
N SER X 302 -52.39 -8.94 12.12
CA SER X 302 -51.28 -9.75 12.61
C SER X 302 -50.59 -9.06 13.78
N ALA X 303 -50.78 -7.76 13.94
CA ALA X 303 -50.09 -7.01 14.97
C ALA X 303 -51.04 -6.34 15.96
N LEU X 304 -52.34 -6.32 15.68
CA LEU X 304 -53.29 -5.82 16.67
C LEU X 304 -53.56 -6.88 17.74
N PHE X 305 -53.68 -8.14 17.34
CA PHE X 305 -54.16 -9.17 18.25
C PHE X 305 -53.12 -9.54 19.29
N ILE X 306 -51.83 -9.44 18.95
CA ILE X 306 -50.82 -9.79 19.93
C ILE X 306 -50.37 -8.57 20.72
N SER X 307 -50.57 -7.36 20.19
CA SER X 307 -50.30 -6.18 20.98
C SER X 307 -51.43 -5.89 21.95
N LEU X 308 -52.63 -6.39 21.68
CA LEU X 308 -53.72 -6.22 22.62
C LEU X 308 -53.69 -7.29 23.70
N LEU X 309 -53.03 -8.42 23.43
CA LEU X 309 -52.88 -9.45 24.45
C LEU X 309 -51.83 -9.02 25.47
N SER X 310 -50.86 -8.21 25.03
CA SER X 310 -49.89 -7.66 25.97
C SER X 310 -50.44 -6.43 26.67
N ASP X 311 -51.54 -5.87 26.17
CA ASP X 311 -52.15 -4.72 26.82
C ASP X 311 -53.13 -5.14 27.90
N ALA X 312 -53.60 -6.39 27.87
CA ALA X 312 -54.40 -6.90 28.98
C ALA X 312 -53.52 -7.22 30.18
N PHE X 313 -52.28 -7.62 29.93
CA PHE X 313 -51.37 -7.92 31.02
C PHE X 313 -50.86 -6.65 31.69
N LYS X 314 -50.73 -5.55 30.92
CA LYS X 314 -50.27 -4.31 31.51
C LYS X 314 -51.36 -3.65 32.33
N TYR X 315 -52.62 -3.78 31.91
CA TYR X 315 -53.71 -3.17 32.66
C TYR X 315 -53.99 -3.91 33.95
N ALA X 316 -53.81 -5.23 33.95
CA ALA X 316 -54.01 -6.01 35.16
C ALA X 316 -52.84 -5.92 36.12
N ALA X 317 -51.77 -5.23 35.75
CA ALA X 317 -50.60 -5.07 36.62
C ALA X 317 -50.40 -3.64 37.09
N ALA X 318 -50.82 -2.64 36.31
CA ALA X 318 -50.76 -1.26 36.76
C ALA X 318 -51.70 -1.03 37.93
N GLU X 319 -52.96 -1.39 37.76
CA GLU X 319 -53.84 -1.61 38.90
C GLU X 319 -53.82 -3.09 39.22
N TYR X 320 -54.51 -3.49 40.30
CA TYR X 320 -54.42 -4.84 40.90
C TYR X 320 -52.98 -5.21 41.24
N GLY X 321 -52.22 -4.23 41.74
CA GLY X 321 -50.83 -4.46 42.04
C GLY X 321 -50.21 -3.35 42.87
N PRO X 322 -48.99 -3.59 43.38
CA PRO X 322 -48.31 -2.58 44.20
C PRO X 322 -47.82 -1.37 43.43
N GLU X 323 -47.14 -0.46 44.12
CA GLU X 323 -46.59 0.74 43.49
C GLU X 323 -45.33 1.20 44.19
N PRO X 338 -46.02 2.71 39.43
CA PRO X 338 -46.90 1.58 39.10
C PRO X 338 -46.12 0.28 38.89
N PHE X 339 -46.80 -0.85 39.03
CA PHE X 339 -46.14 -2.15 39.00
C PHE X 339 -45.95 -2.58 37.55
N GLU X 340 -44.70 -2.50 37.08
CA GLU X 340 -44.37 -2.94 35.74
C GLU X 340 -44.38 -4.46 35.68
N SER X 341 -45.03 -5.01 34.65
CA SER X 341 -45.08 -6.44 34.44
C SER X 341 -43.99 -6.87 33.46
N ASN X 342 -43.75 -8.18 33.39
CA ASN X 342 -42.82 -8.74 32.42
C ASN X 342 -43.51 -9.38 31.24
N THR X 343 -44.72 -9.92 31.42
CA THR X 343 -45.44 -10.48 30.29
C THR X 343 -45.98 -9.41 29.37
N ALA X 344 -46.08 -8.18 29.85
CA ALA X 344 -46.41 -7.07 28.96
C ALA X 344 -45.18 -6.57 28.24
N ARG X 345 -43.99 -6.94 28.70
CA ARG X 345 -42.77 -6.53 28.01
C ARG X 345 -42.31 -7.57 27.01
N SER X 346 -42.35 -8.85 27.39
CA SER X 346 -41.84 -9.89 26.50
C SER X 346 -42.80 -10.16 25.35
N MET X 347 -44.08 -9.85 25.52
CA MET X 347 -45.04 -10.05 24.45
C MET X 347 -45.19 -8.83 23.55
N GLN X 348 -44.85 -7.66 24.05
CA GLN X 348 -44.68 -6.51 23.18
C GLN X 348 -43.46 -6.66 22.29
N GLN X 349 -42.51 -7.52 22.68
CA GLN X 349 -41.40 -7.86 21.79
C GLN X 349 -41.86 -8.72 20.62
N LEU X 350 -42.86 -9.59 20.83
CA LEU X 350 -43.41 -10.35 19.72
C LEU X 350 -44.27 -9.47 18.83
N ALA X 351 -44.90 -8.44 19.38
CA ALA X 351 -45.67 -7.51 18.57
C ALA X 351 -44.76 -6.67 17.69
N GLU X 352 -43.52 -6.42 18.14
CA GLU X 352 -42.58 -5.71 17.29
C GLU X 352 -41.98 -6.61 16.22
N GLN X 353 -42.08 -7.94 16.40
CA GLN X 353 -41.69 -8.84 15.33
C GLN X 353 -42.79 -8.94 14.28
N ALA X 354 -44.05 -8.79 14.69
CA ALA X 354 -45.15 -8.88 13.74
C ALA X 354 -45.29 -7.62 12.92
N VAL X 355 -44.75 -6.50 13.38
CA VAL X 355 -44.72 -5.29 12.56
C VAL X 355 -43.59 -5.38 11.54
N GLU X 356 -42.44 -5.88 11.96
CA GLU X 356 -41.29 -5.97 11.07
C GLU X 356 -41.50 -7.02 9.98
N LYS X 357 -42.10 -8.16 10.32
CA LYS X 357 -42.30 -9.21 9.34
C LYS X 357 -43.40 -8.84 8.35
N SER X 358 -44.47 -8.22 8.84
CA SER X 358 -45.58 -7.83 7.97
C SER X 358 -45.34 -6.51 7.29
N GLY X 359 -44.22 -5.85 7.54
CA GLY X 359 -43.80 -4.71 6.75
C GLY X 359 -42.88 -5.06 5.61
N ARG X 360 -42.48 -6.33 5.52
CA ARG X 360 -41.67 -6.81 4.42
C ARG X 360 -42.50 -7.33 3.25
N ARG X 361 -43.82 -7.32 3.38
CA ARG X 361 -44.70 -7.79 2.32
C ARG X 361 -44.92 -6.68 1.31
N PRO X 362 -44.73 -6.93 0.02
CA PRO X 362 -44.95 -5.89 -0.97
C PRO X 362 -46.42 -5.72 -1.30
N ALA X 363 -46.75 -4.56 -1.84
CA ALA X 363 -48.09 -4.33 -2.34
C ALA X 363 -48.24 -4.98 -3.71
N THR X 364 -49.48 -5.24 -4.10
CA THR X 364 -49.76 -5.84 -5.39
C THR X 364 -50.59 -4.88 -6.24
N LEU X 365 -50.57 -5.09 -7.55
CA LEU X 365 -51.59 -4.53 -8.39
C LEU X 365 -52.01 -5.58 -9.40
N THR X 366 -53.31 -5.82 -9.49
CA THR X 366 -53.86 -6.84 -10.36
C THR X 366 -54.49 -6.20 -11.58
N ILE X 367 -54.42 -6.90 -12.70
CA ILE X 367 -55.12 -6.54 -13.91
C ILE X 367 -56.00 -7.72 -14.27
N ASN X 368 -57.29 -7.49 -14.40
CA ASN X 368 -58.26 -8.58 -14.53
C ASN X 368 -58.16 -9.22 -15.91
N GLN X 369 -58.85 -10.35 -16.07
CA GLN X 369 -58.66 -11.21 -17.22
C GLN X 369 -59.50 -10.83 -18.42
N GLY X 370 -59.98 -9.60 -18.51
CA GLY X 370 -60.73 -9.25 -19.68
C GLY X 370 -60.37 -7.90 -20.26
N THR X 371 -59.47 -7.19 -19.59
CA THR X 371 -59.25 -5.78 -19.87
C THR X 371 -58.59 -5.57 -21.23
N VAL X 372 -59.06 -4.55 -21.94
CA VAL X 372 -58.57 -4.26 -23.29
C VAL X 372 -57.23 -3.55 -23.15
N LEU X 373 -56.15 -4.25 -23.46
CA LEU X 373 -54.82 -3.66 -23.42
C LEU X 373 -54.51 -3.04 -24.77
N ASN X 374 -53.28 -2.58 -24.95
CA ASN X 374 -52.87 -1.95 -26.19
C ASN X 374 -51.34 -1.99 -26.24
N VAL X 375 -50.77 -2.20 -27.42
CA VAL X 375 -49.34 -2.39 -27.58
C VAL X 375 -48.81 -1.39 -28.59
N TYR X 376 -47.77 -0.64 -28.22
CA TYR X 376 -47.10 0.29 -29.12
C TYR X 376 -45.92 -0.44 -29.73
N VAL X 377 -45.95 -0.71 -31.02
CA VAL X 377 -44.78 -1.31 -31.64
C VAL X 377 -43.71 -0.23 -31.81
N ALA X 378 -42.46 -0.58 -31.50
CA ALA X 378 -41.39 0.39 -31.42
C ALA X 378 -40.30 0.20 -32.46
N LYS X 379 -40.32 -0.87 -33.24
CA LYS X 379 -39.44 -1.02 -34.38
C LYS X 379 -40.21 -1.63 -35.54
N ASP X 380 -39.72 -1.37 -36.75
CA ASP X 380 -40.37 -1.85 -37.95
C ASP X 380 -40.20 -3.36 -38.08
N VAL X 381 -41.25 -4.03 -38.54
CA VAL X 381 -41.21 -5.46 -38.83
C VAL X 381 -41.55 -5.62 -40.31
N ASP X 382 -40.76 -6.41 -41.02
CA ASP X 382 -40.88 -6.53 -42.47
C ASP X 382 -41.51 -7.87 -42.82
N PHE X 383 -42.75 -7.85 -43.27
CA PHE X 383 -43.49 -9.03 -43.69
C PHE X 383 -43.37 -9.33 -45.17
N SER X 384 -42.40 -8.75 -45.87
CA SER X 384 -42.38 -8.86 -47.32
C SER X 384 -41.94 -10.24 -47.79
N ALA X 385 -41.23 -11.00 -46.95
CA ALA X 385 -40.76 -12.34 -47.30
C ALA X 385 -41.79 -13.41 -47.02
N VAL X 386 -43.03 -13.02 -46.73
CA VAL X 386 -44.09 -13.93 -46.33
C VAL X 386 -45.30 -13.81 -47.27
N LEU X 387 -45.69 -12.59 -47.59
CA LEU X 387 -46.92 -12.32 -48.30
C LEU X 387 -46.85 -12.86 -49.73
N PRO X 388 -47.95 -13.40 -50.25
CA PRO X 388 -47.91 -13.97 -51.60
C PRO X 388 -47.76 -12.89 -52.66
N LYS X 389 -47.10 -13.26 -53.75
CA LYS X 389 -46.76 -12.30 -54.79
C LYS X 389 -47.72 -12.41 -55.96
N CYS Y 22 -56.57 -20.79 13.88
CA CYS Y 22 -55.49 -20.17 13.11
C CYS Y 22 -54.73 -21.22 12.30
N ALA Y 23 -55.13 -22.48 12.43
CA ALA Y 23 -54.41 -23.59 11.81
C ALA Y 23 -54.73 -23.68 10.31
N THR Y 24 -54.26 -24.73 9.67
CA THR Y 24 -54.36 -24.90 8.23
C THR Y 24 -55.57 -25.74 7.89
N LYS Y 25 -56.38 -25.27 6.94
CA LYS Y 25 -57.54 -26.01 6.48
C LYS Y 25 -57.11 -27.20 5.64
N PRO Y 26 -57.49 -28.43 5.99
CA PRO Y 26 -57.05 -29.60 5.22
C PRO Y 26 -57.80 -29.79 3.91
N ALA Y 27 -57.53 -30.89 3.24
CA ALA Y 27 -58.21 -31.24 2.00
C ALA Y 27 -59.65 -31.63 2.29
N PRO Y 28 -60.54 -31.54 1.30
CA PRO Y 28 -61.93 -31.99 1.50
C PRO Y 28 -62.00 -33.49 1.69
N ASP Y 29 -63.03 -33.92 2.41
CA ASP Y 29 -63.23 -35.32 2.75
C ASP Y 29 -64.56 -35.78 2.19
N PHE Y 30 -64.65 -37.08 1.89
CA PHE Y 30 -65.85 -37.62 1.27
C PHE Y 30 -66.89 -37.99 2.33
N GLY Y 31 -67.92 -38.72 1.91
CA GLY Y 31 -68.95 -39.18 2.83
C GLY Y 31 -70.26 -39.42 2.10
N GLY Y 32 -70.93 -40.52 2.42
CA GLY Y 32 -72.14 -40.87 1.71
C GLY Y 32 -72.72 -42.23 2.05
N ARG Y 33 -73.11 -42.97 1.01
CA ARG Y 33 -73.97 -44.13 1.17
C ARG Y 33 -73.26 -45.46 0.92
N TRP Y 34 -72.10 -45.44 0.27
CA TRP Y 34 -71.35 -46.62 -0.18
C TRP Y 34 -72.20 -47.50 -1.10
N LYS Y 35 -72.53 -46.92 -2.26
CA LYS Y 35 -73.04 -47.73 -3.35
C LYS Y 35 -71.91 -48.52 -3.97
N HIS Y 36 -72.25 -49.64 -4.62
CA HIS Y 36 -71.22 -50.52 -5.16
C HIS Y 36 -70.96 -50.20 -6.62
N VAL Y 37 -69.68 -50.32 -7.02
CA VAL Y 37 -69.25 -49.85 -8.33
C VAL Y 37 -69.67 -50.82 -9.42
N ASN Y 38 -69.17 -52.06 -9.35
CA ASN Y 38 -69.28 -53.04 -10.42
C ASN Y 38 -70.71 -53.58 -10.45
N HIS Y 39 -71.58 -52.83 -11.11
CA HIS Y 39 -73.02 -53.08 -11.07
C HIS Y 39 -73.52 -53.42 -12.46
N PHE Y 40 -74.00 -54.65 -12.64
CA PHE Y 40 -74.75 -54.99 -13.84
C PHE Y 40 -76.11 -54.33 -13.81
N ASP Y 41 -76.61 -53.96 -14.98
CA ASP Y 41 -77.94 -53.39 -15.09
C ASP Y 41 -78.95 -54.50 -15.39
N GLU Y 42 -80.18 -54.12 -15.71
CA GLU Y 42 -81.22 -55.08 -16.04
C GLU Y 42 -81.81 -54.88 -17.43
N ALA Y 43 -81.44 -53.81 -18.13
CA ALA Y 43 -81.96 -53.56 -19.46
C ALA Y 43 -80.87 -53.87 -20.48
N PRO Y 44 -81.03 -54.89 -21.31
CA PRO Y 44 -80.03 -55.18 -22.33
C PRO Y 44 -80.06 -54.19 -23.48
N THR Y 45 -79.36 -53.07 -23.30
CA THR Y 45 -79.22 -52.06 -24.33
C THR Y 45 -78.55 -52.63 -25.58
N GLU Y 46 -79.21 -52.49 -26.72
CA GLU Y 46 -78.76 -53.09 -27.96
C GLU Y 46 -77.86 -52.11 -28.70
N ILE Y 47 -76.55 -52.37 -28.70
CA ILE Y 47 -75.59 -51.55 -29.41
C ILE Y 47 -75.55 -52.01 -30.87
N PRO Y 48 -75.83 -51.13 -31.83
CA PRO Y 48 -75.73 -51.55 -33.23
C PRO Y 48 -74.28 -51.72 -33.66
N LEU Y 49 -74.08 -52.57 -34.65
CA LEU Y 49 -72.76 -52.82 -35.22
C LEU Y 49 -72.56 -52.13 -36.56
N TYR Y 50 -73.56 -52.13 -37.42
CA TYR Y 50 -73.45 -51.62 -38.78
C TYR Y 50 -74.37 -50.41 -38.90
N THR Y 51 -73.80 -49.22 -38.79
CA THR Y 51 -74.56 -47.97 -38.78
C THR Y 51 -74.48 -47.33 -40.17
N SER Y 52 -75.63 -46.97 -40.72
CA SER Y 52 -75.71 -46.32 -42.01
C SER Y 52 -75.58 -44.82 -41.84
N TYR Y 53 -75.82 -44.06 -42.91
CA TYR Y 53 -75.71 -42.62 -42.91
C TYR Y 53 -77.10 -42.00 -42.85
N THR Y 54 -77.34 -41.16 -41.85
CA THR Y 54 -78.63 -40.52 -41.66
C THR Y 54 -78.61 -39.13 -42.31
N TYR Y 55 -79.46 -38.94 -43.32
CA TYR Y 55 -79.64 -37.63 -43.92
C TYR Y 55 -80.38 -36.73 -42.92
N GLN Y 56 -79.72 -35.68 -42.45
CA GLN Y 56 -80.34 -34.78 -41.50
C GLN Y 56 -79.80 -33.38 -41.73
N ALA Y 57 -80.30 -32.43 -40.94
CA ALA Y 57 -80.03 -31.01 -41.12
C ALA Y 57 -79.36 -30.47 -39.87
N THR Y 58 -78.07 -30.20 -39.97
CA THR Y 58 -77.35 -29.55 -38.88
C THR Y 58 -77.68 -28.06 -38.84
N PRO Y 59 -77.43 -27.40 -37.71
CA PRO Y 59 -77.53 -25.93 -37.70
C PRO Y 59 -76.33 -25.23 -38.31
N MET Y 60 -75.24 -25.94 -38.61
CA MET Y 60 -74.03 -25.29 -39.09
C MET Y 60 -74.16 -24.83 -40.53
N ASP Y 61 -74.55 -25.72 -41.43
CA ASP Y 61 -74.77 -25.35 -42.82
C ASP Y 61 -75.96 -24.40 -42.93
N GLY Y 62 -75.69 -23.17 -43.34
CA GLY Y 62 -76.66 -22.10 -43.25
C GLY Y 62 -77.80 -22.18 -44.23
N THR Y 63 -77.49 -22.32 -45.51
CA THR Y 63 -78.48 -22.22 -46.57
C THR Y 63 -78.86 -23.59 -47.10
N LEU Y 64 -79.81 -23.60 -48.02
CA LEU Y 64 -80.27 -24.86 -48.62
C LEU Y 64 -79.22 -25.42 -49.56
N LYS Y 65 -78.42 -24.57 -50.19
CA LYS Y 65 -77.42 -25.08 -51.13
C LYS Y 65 -76.25 -25.73 -50.39
N THR Y 66 -75.84 -25.16 -49.26
CA THR Y 66 -74.72 -25.72 -48.51
C THR Y 66 -75.11 -27.00 -47.78
N MET Y 67 -76.40 -27.22 -47.54
CA MET Y 67 -76.82 -28.47 -46.94
C MET Y 67 -76.83 -29.59 -47.98
N LEU Y 68 -77.22 -29.28 -49.21
CA LEU Y 68 -77.23 -30.30 -50.24
C LEU Y 68 -75.86 -30.51 -50.87
N GLU Y 69 -74.92 -29.59 -50.69
CA GLU Y 69 -73.55 -29.85 -51.11
C GLU Y 69 -72.87 -30.85 -50.19
N ARG Y 70 -73.31 -30.97 -48.94
CA ARG Y 70 -72.74 -31.95 -48.04
C ARG Y 70 -73.61 -33.19 -47.88
N TRP Y 71 -74.79 -33.24 -48.49
CA TRP Y 71 -75.45 -34.53 -48.67
C TRP Y 71 -74.90 -35.26 -49.88
N ALA Y 72 -74.56 -34.50 -50.93
CA ALA Y 72 -73.96 -35.12 -52.10
C ALA Y 72 -72.53 -35.55 -51.84
N ALA Y 73 -71.81 -34.80 -50.99
CA ALA Y 73 -70.42 -35.16 -50.70
C ALA Y 73 -70.34 -36.37 -49.78
N ASP Y 74 -71.25 -36.46 -48.81
CA ASP Y 74 -71.25 -37.55 -47.85
C ASP Y 74 -71.98 -38.79 -48.34
N SER Y 75 -72.34 -38.84 -49.63
CA SER Y 75 -73.02 -40.00 -50.18
C SER Y 75 -72.55 -40.38 -51.58
N ASN Y 76 -71.53 -39.68 -52.11
CA ASN Y 76 -71.01 -39.85 -53.47
C ASN Y 76 -72.11 -39.69 -54.52
N MET Y 77 -72.68 -38.50 -54.55
CA MET Y 77 -73.62 -38.10 -55.59
C MET Y 77 -73.23 -36.72 -56.11
N GLN Y 78 -73.88 -36.31 -57.19
CA GLN Y 78 -73.62 -35.02 -57.83
C GLN Y 78 -74.79 -34.09 -57.59
N LEU Y 79 -74.49 -32.82 -57.39
CA LEU Y 79 -75.51 -31.81 -57.14
C LEU Y 79 -75.66 -30.92 -58.37
N SER Y 80 -76.88 -30.82 -58.87
CA SER Y 80 -77.23 -29.89 -59.94
C SER Y 80 -78.22 -28.89 -59.38
N TYR Y 81 -77.69 -27.82 -58.79
CA TYR Y 81 -78.52 -26.77 -58.23
C TYR Y 81 -78.88 -25.81 -59.36
N ASN Y 82 -80.13 -25.81 -59.77
CA ASN Y 82 -80.58 -25.04 -60.93
C ASN Y 82 -81.59 -23.97 -60.51
N LEU Y 83 -81.31 -23.29 -59.41
CA LEU Y 83 -82.11 -22.15 -59.02
C LEU Y 83 -81.30 -20.87 -59.13
N PRO Y 84 -81.92 -19.75 -59.50
CA PRO Y 84 -81.17 -18.49 -59.60
C PRO Y 84 -80.83 -17.87 -58.26
N SER Y 85 -81.38 -18.36 -57.15
CA SER Y 85 -81.09 -17.79 -55.84
C SER Y 85 -81.12 -18.90 -54.79
N ASP Y 86 -80.65 -18.56 -53.60
CA ASP Y 86 -80.42 -19.53 -52.54
C ASP Y 86 -81.28 -19.16 -51.33
N TYR Y 87 -81.80 -20.19 -50.66
CA TYR Y 87 -82.73 -20.01 -49.55
C TYR Y 87 -82.07 -20.50 -48.26
N THR Y 88 -82.33 -19.79 -47.16
CA THR Y 88 -81.80 -20.20 -45.88
C THR Y 88 -82.69 -21.27 -45.26
N LEU Y 89 -82.14 -21.98 -44.27
CA LEU Y 89 -82.86 -23.07 -43.64
C LEU Y 89 -83.81 -22.55 -42.58
N ILE Y 90 -85.00 -23.16 -42.51
CA ILE Y 90 -86.04 -22.69 -41.61
C ILE Y 90 -86.37 -23.75 -40.56
N GLY Y 91 -87.32 -23.43 -39.70
CA GLY Y 91 -87.75 -24.26 -38.59
C GLY Y 91 -88.11 -25.71 -38.86
N PRO Y 92 -89.08 -25.97 -39.76
CA PRO Y 92 -89.46 -27.36 -40.04
C PRO Y 92 -88.44 -28.18 -40.81
N VAL Y 93 -87.27 -27.63 -41.15
CA VAL Y 93 -86.22 -28.45 -41.76
C VAL Y 93 -85.61 -29.37 -40.71
N SER Y 94 -85.61 -28.95 -39.45
CA SER Y 94 -85.01 -29.75 -38.38
C SER Y 94 -85.93 -30.84 -37.88
N ALA Y 95 -86.47 -31.64 -38.80
CA ALA Y 95 -87.19 -32.85 -38.45
C ALA Y 95 -86.86 -34.00 -39.38
N ILE Y 96 -86.02 -33.78 -40.39
CA ILE Y 96 -85.64 -34.82 -41.34
C ILE Y 96 -84.53 -35.65 -40.71
N SER Y 97 -84.76 -36.94 -40.55
CA SER Y 97 -83.73 -37.86 -40.07
C SER Y 97 -84.03 -39.22 -40.68
N THR Y 98 -83.38 -39.53 -41.81
CA THR Y 98 -83.69 -40.73 -42.57
C THR Y 98 -82.40 -41.27 -43.14
N THR Y 99 -82.27 -42.61 -43.16
CA THR Y 99 -81.17 -43.29 -43.83
C THR Y 99 -81.45 -43.53 -45.31
N SER Y 100 -82.50 -42.92 -45.85
CA SER Y 100 -82.88 -43.04 -47.25
C SER Y 100 -82.87 -41.66 -47.90
N VAL Y 101 -82.26 -41.59 -49.08
CA VAL Y 101 -82.14 -40.29 -49.75
C VAL Y 101 -83.47 -39.87 -50.37
N GLN Y 102 -84.30 -40.83 -50.76
CA GLN Y 102 -85.55 -40.51 -51.43
C GLN Y 102 -86.59 -39.99 -50.44
N GLN Y 103 -86.59 -40.51 -49.22
CA GLN Y 103 -87.55 -40.04 -48.23
C GLN Y 103 -87.13 -38.70 -47.64
N ALA Y 104 -85.85 -38.37 -47.72
CA ALA Y 104 -85.37 -37.08 -47.24
C ALA Y 104 -85.57 -35.98 -48.28
N ALA Y 105 -85.49 -36.32 -49.56
CA ALA Y 105 -85.80 -35.34 -50.60
C ALA Y 105 -87.29 -35.09 -50.70
N THR Y 106 -88.11 -36.04 -50.26
CA THR Y 106 -89.55 -35.84 -50.24
C THR Y 106 -89.95 -34.91 -49.10
N GLU Y 107 -89.38 -35.13 -47.92
CA GLU Y 107 -89.70 -34.28 -46.76
C GLU Y 107 -89.14 -32.88 -46.93
N LEU Y 108 -88.09 -32.71 -47.73
CA LEU Y 108 -87.53 -31.39 -47.95
C LEU Y 108 -88.42 -30.57 -48.88
N SER Y 109 -88.92 -31.19 -49.96
CA SER Y 109 -89.75 -30.48 -50.92
C SER Y 109 -91.14 -30.17 -50.37
N ALA Y 110 -91.57 -30.86 -49.32
CA ALA Y 110 -92.80 -30.47 -48.64
C ALA Y 110 -92.60 -29.19 -47.83
N VAL Y 111 -91.38 -28.95 -47.35
CA VAL Y 111 -91.12 -27.74 -46.59
C VAL Y 111 -91.04 -26.53 -47.52
N TYR Y 112 -90.21 -26.64 -48.55
CA TYR Y 112 -90.01 -25.55 -49.51
C TYR Y 112 -90.95 -25.65 -50.69
N ALA Y 113 -92.24 -25.79 -50.42
CA ALA Y 113 -93.25 -25.80 -51.46
C ALA Y 113 -93.79 -24.40 -51.74
N ALA Y 114 -93.68 -23.49 -50.77
CA ALA Y 114 -94.20 -22.14 -50.95
C ALA Y 114 -93.33 -21.30 -51.87
N GLN Y 115 -92.08 -21.69 -52.07
CA GLN Y 115 -91.15 -20.93 -52.89
C GLN Y 115 -90.88 -21.59 -54.24
N GLY Y 116 -91.57 -22.67 -54.55
CA GLY Y 116 -91.40 -23.35 -55.82
C GLY Y 116 -90.06 -24.06 -55.93
N VAL Y 117 -89.71 -24.85 -54.92
CA VAL Y 117 -88.45 -25.58 -54.89
C VAL Y 117 -88.78 -27.07 -54.84
N SER Y 118 -88.33 -27.81 -55.85
CA SER Y 118 -88.54 -29.24 -55.92
C SER Y 118 -87.19 -29.93 -55.99
N VAL Y 119 -86.94 -30.84 -55.04
CA VAL Y 119 -85.69 -31.58 -54.96
C VAL Y 119 -86.00 -33.05 -55.18
N SER Y 120 -85.33 -33.65 -56.16
CA SER Y 120 -85.54 -35.06 -56.48
C SER Y 120 -84.19 -35.70 -56.79
N VAL Y 121 -84.20 -37.03 -56.85
CA VAL Y 121 -83.00 -37.82 -57.09
C VAL Y 121 -83.19 -38.64 -58.35
N SER Y 122 -82.37 -38.39 -59.36
CA SER Y 122 -82.39 -39.18 -60.59
C SER Y 122 -81.41 -40.34 -60.53
N ALA Y 123 -81.46 -41.09 -59.42
CA ALA Y 123 -80.83 -42.39 -59.17
C ALA Y 123 -79.31 -42.36 -59.06
N ASN Y 124 -78.68 -41.24 -59.41
CA ASN Y 124 -77.25 -41.07 -59.16
C ASN Y 124 -76.86 -39.65 -58.80
N LYS Y 125 -77.82 -38.73 -58.71
CA LYS Y 125 -77.53 -37.31 -58.54
C LYS Y 125 -78.78 -36.61 -58.07
N LEU Y 126 -78.59 -35.43 -57.47
CA LEU Y 126 -79.68 -34.63 -56.95
C LEU Y 126 -80.02 -33.52 -57.93
N LEU Y 127 -81.31 -33.25 -58.08
CA LEU Y 127 -81.80 -32.22 -58.99
C LEU Y 127 -82.60 -31.20 -58.19
N VAL Y 128 -82.19 -29.94 -58.28
CA VAL Y 128 -82.90 -28.84 -57.63
C VAL Y 128 -83.41 -27.94 -58.75
N GLN Y 129 -84.70 -28.06 -59.06
CA GLN Y 129 -85.34 -27.36 -60.14
C GLN Y 129 -86.65 -26.77 -59.65
N PRO Y 130 -87.16 -25.72 -60.29
CA PRO Y 130 -88.47 -25.20 -59.92
C PRO Y 130 -89.59 -26.20 -60.23
N VAL Y 131 -90.70 -26.04 -59.51
CA VAL Y 131 -91.83 -26.96 -59.64
C VAL Y 131 -92.55 -26.68 -60.95
N PRO Y 132 -92.97 -27.70 -61.70
CA PRO Y 132 -93.78 -27.49 -62.91
C PRO Y 132 -95.16 -26.93 -62.60
N GLN Z 27 -21.03 -63.67 -32.51
CA GLN Z 27 -20.21 -63.96 -33.69
C GLN Z 27 -19.49 -62.71 -34.17
N VAL Z 28 -20.27 -61.63 -34.30
CA VAL Z 28 -19.76 -60.32 -34.68
C VAL Z 28 -19.71 -59.39 -33.47
N VAL Z 29 -20.79 -59.31 -32.73
CA VAL Z 29 -20.83 -58.68 -31.42
C VAL Z 29 -21.03 -59.79 -30.40
N GLN Z 30 -20.01 -60.07 -29.61
CA GLN Z 30 -20.03 -61.23 -28.73
C GLN Z 30 -20.10 -60.78 -27.27
N GLU Z 31 -20.99 -61.42 -26.51
CA GLU Z 31 -21.12 -61.18 -25.08
C GLU Z 31 -20.39 -62.28 -24.32
N TYR Z 32 -19.65 -61.88 -23.29
CA TYR Z 32 -19.05 -62.83 -22.37
C TYR Z 32 -19.68 -62.66 -21.00
N GLU Z 33 -19.75 -63.75 -20.26
CA GLU Z 33 -20.24 -63.72 -18.88
C GLU Z 33 -19.04 -63.65 -17.95
N TYR Z 34 -19.05 -62.68 -17.04
CA TYR Z 34 -17.91 -62.47 -16.18
C TYR Z 34 -17.83 -63.56 -15.11
N ALA Z 35 -16.72 -64.29 -15.11
CA ALA Z 35 -16.34 -65.20 -14.05
C ALA Z 35 -14.92 -64.89 -13.65
N PRO Z 36 -14.57 -65.05 -12.37
CA PRO Z 36 -13.20 -64.72 -11.93
C PRO Z 36 -12.16 -65.69 -12.50
N ASP Z 37 -11.09 -65.11 -13.04
CA ASP Z 37 -9.93 -65.81 -13.61
C ASP Z 37 -10.35 -66.74 -14.77
N ARG Z 38 -10.87 -66.12 -15.82
CA ARG Z 38 -11.23 -66.81 -17.05
C ARG Z 38 -10.50 -66.13 -18.20
N ILE Z 39 -10.11 -66.92 -19.20
CA ILE Z 39 -9.34 -66.42 -20.33
C ILE Z 39 -10.33 -66.09 -21.44
N TYR Z 40 -10.53 -64.80 -21.71
CA TYR Z 40 -11.47 -64.36 -22.74
C TYR Z 40 -10.71 -64.11 -24.04
N GLN Z 41 -11.18 -64.69 -25.13
CA GLN Z 41 -10.50 -64.58 -26.41
C GLN Z 41 -11.11 -63.44 -27.23
N VAL Z 42 -10.25 -62.52 -27.66
CA VAL Z 42 -10.64 -61.39 -28.49
C VAL Z 42 -9.95 -61.56 -29.83
N ARG Z 43 -10.72 -61.64 -30.90
CA ARG Z 43 -10.19 -61.88 -32.24
C ARG Z 43 -10.30 -60.61 -33.06
N THR Z 44 -9.18 -60.10 -33.53
CA THR Z 44 -9.11 -58.82 -34.21
C THR Z 44 -8.76 -59.01 -35.68
N GLY Z 45 -8.86 -57.90 -36.43
CA GLY Z 45 -8.44 -57.88 -37.82
C GLY Z 45 -7.52 -56.68 -38.03
N LEU Z 46 -6.89 -56.66 -39.21
CA LEU Z 46 -5.74 -55.77 -39.37
C LEU Z 46 -6.15 -54.31 -39.60
N GLY Z 47 -7.24 -54.06 -40.32
CA GLY Z 47 -7.68 -52.69 -40.49
C GLY Z 47 -9.03 -52.40 -39.87
N ILE Z 48 -9.27 -52.97 -38.68
CA ILE Z 48 -10.58 -53.02 -38.04
C ILE Z 48 -10.41 -52.69 -36.56
N THR Z 49 -11.14 -51.70 -36.06
CA THR Z 49 -11.20 -51.50 -34.62
C THR Z 49 -12.10 -52.55 -33.99
N THR Z 50 -11.65 -53.07 -32.86
CA THR Z 50 -12.47 -53.90 -31.99
C THR Z 50 -12.52 -53.20 -30.65
N GLN Z 51 -13.71 -52.99 -30.12
CA GLN Z 51 -13.80 -52.40 -28.79
C GLN Z 51 -14.21 -53.47 -27.78
N VAL Z 52 -13.57 -53.44 -26.62
CA VAL Z 52 -14.02 -54.19 -25.47
C VAL Z 52 -14.67 -53.19 -24.52
N GLU Z 53 -15.79 -53.58 -23.94
CA GLU Z 53 -16.56 -52.67 -23.09
C GLU Z 53 -16.72 -53.29 -21.72
N LEU Z 54 -16.14 -52.66 -20.72
CA LEU Z 54 -16.18 -53.13 -19.35
C LEU Z 54 -17.43 -52.55 -18.67
N SER Z 55 -17.53 -52.72 -17.38
CA SER Z 55 -18.68 -52.19 -16.68
C SER Z 55 -18.55 -50.68 -16.50
N PRO Z 56 -19.66 -49.93 -16.62
CA PRO Z 56 -19.59 -48.49 -16.31
C PRO Z 56 -19.47 -48.18 -14.84
N ASN Z 57 -19.61 -49.17 -13.97
CA ASN Z 57 -19.68 -48.92 -12.54
C ASN Z 57 -18.30 -48.65 -11.96
N GLU Z 58 -17.31 -49.47 -12.30
CA GLU Z 58 -16.01 -49.45 -11.67
C GLU Z 58 -15.00 -48.67 -12.51
N LYS Z 59 -14.02 -48.09 -11.82
CA LYS Z 59 -12.95 -47.33 -12.45
C LYS Z 59 -11.78 -48.25 -12.74
N ILE Z 60 -11.20 -48.10 -13.93
CA ILE Z 60 -10.07 -48.94 -14.35
C ILE Z 60 -8.80 -48.41 -13.70
N LEU Z 61 -8.13 -49.27 -12.93
CA LEU Z 61 -6.90 -48.88 -12.27
C LEU Z 61 -5.72 -48.91 -13.24
N ASP Z 62 -5.43 -50.05 -13.82
CA ASP Z 62 -4.27 -50.19 -14.69
C ASP Z 62 -4.49 -51.30 -15.70
N TYR Z 63 -3.60 -51.36 -16.68
CA TYR Z 63 -3.66 -52.35 -17.74
C TYR Z 63 -2.27 -52.50 -18.32
N SER Z 64 -1.97 -53.69 -18.83
CA SER Z 64 -0.67 -53.93 -19.44
C SER Z 64 -0.79 -55.10 -20.41
N THR Z 65 -0.44 -54.86 -21.67
CA THR Z 65 -0.38 -55.90 -22.67
C THR Z 65 1.06 -56.26 -23.00
N GLY Z 66 1.31 -57.53 -23.23
CA GLY Z 66 2.60 -57.93 -23.74
C GLY Z 66 2.74 -57.54 -25.19
N PHE Z 67 3.98 -57.22 -25.59
CA PHE Z 67 4.33 -56.75 -26.93
C PHE Z 67 3.55 -55.49 -27.28
N THR Z 68 3.88 -54.43 -26.53
CA THR Z 68 3.12 -53.18 -26.59
C THR Z 68 3.25 -52.51 -27.96
N GLY Z 69 4.39 -52.66 -28.62
CA GLY Z 69 4.58 -52.01 -29.91
C GLY Z 69 4.02 -52.76 -31.10
N GLY Z 70 2.94 -53.51 -30.90
CA GLY Z 70 2.27 -54.18 -31.98
C GLY Z 70 0.77 -54.04 -31.84
N TRP Z 71 0.35 -53.14 -30.95
CA TRP Z 71 -1.07 -52.93 -30.66
C TRP Z 71 -1.29 -51.46 -30.36
N GLU Z 72 -2.08 -50.79 -31.19
CA GLU Z 72 -2.51 -49.42 -30.96
C GLU Z 72 -3.82 -49.47 -30.19
N LEU Z 73 -3.78 -49.16 -28.90
CA LEU Z 73 -4.98 -49.20 -28.08
C LEU Z 73 -5.09 -47.95 -27.25
N THR Z 74 -6.28 -47.34 -27.24
CA THR Z 74 -6.60 -46.16 -26.46
C THR Z 74 -7.82 -46.46 -25.61
N ARG Z 75 -7.99 -45.73 -24.52
CA ARG Z 75 -9.12 -45.94 -23.65
C ARG Z 75 -9.90 -44.66 -23.40
N ARG Z 76 -11.23 -44.80 -23.27
CA ARG Z 76 -12.10 -43.71 -22.82
C ARG Z 76 -12.96 -44.26 -21.69
N GLU Z 77 -12.37 -44.32 -20.50
CA GLU Z 77 -12.97 -44.49 -19.17
C GLU Z 77 -13.63 -45.83 -18.89
N ASN Z 78 -14.06 -46.59 -19.90
CA ASN Z 78 -14.31 -48.02 -19.73
C ASN Z 78 -14.13 -48.84 -21.00
N VAL Z 79 -13.76 -48.24 -22.14
CA VAL Z 79 -13.75 -48.94 -23.42
C VAL Z 79 -12.37 -48.82 -24.04
N PHE Z 80 -11.85 -49.95 -24.51
CA PHE Z 80 -10.54 -50.01 -25.14
C PHE Z 80 -10.73 -50.29 -26.62
N TYR Z 81 -10.26 -49.38 -27.47
CA TYR Z 81 -10.34 -49.57 -28.91
C TYR Z 81 -9.04 -50.21 -29.37
N LEU Z 82 -9.09 -51.49 -29.72
CA LEU Z 82 -7.91 -52.28 -30.05
C LEU Z 82 -7.76 -52.39 -31.56
N LYS Z 83 -6.52 -52.22 -32.04
CA LYS Z 83 -6.21 -52.58 -33.41
C LYS Z 83 -4.75 -53.02 -33.45
N PRO Z 84 -4.43 -54.07 -34.18
CA PRO Z 84 -3.05 -54.53 -34.29
C PRO Z 84 -2.25 -53.65 -35.24
N LYS Z 85 -0.96 -53.95 -35.35
CA LYS Z 85 -0.11 -53.24 -36.28
C LYS Z 85 0.63 -54.15 -37.25
N ASN Z 86 0.69 -55.45 -37.00
CA ASN Z 86 1.38 -56.35 -37.92
C ASN Z 86 0.69 -57.70 -37.84
N VAL Z 87 1.18 -58.66 -38.63
CA VAL Z 87 0.42 -59.88 -38.87
C VAL Z 87 0.55 -60.87 -37.70
N ASP Z 88 1.64 -60.83 -36.93
CA ASP Z 88 1.85 -61.76 -35.82
C ASP Z 88 2.14 -60.97 -34.54
N VAL Z 89 1.07 -60.51 -33.90
CA VAL Z 89 1.19 -59.70 -32.68
C VAL Z 89 0.33 -60.32 -31.59
N ASP Z 90 0.17 -61.64 -31.63
CA ASP Z 90 -0.68 -62.35 -30.68
C ASP Z 90 -0.11 -62.22 -29.28
N THR Z 91 -0.95 -61.81 -28.34
CA THR Z 91 -0.47 -61.54 -26.99
C THR Z 91 -1.64 -61.65 -26.02
N ASN Z 92 -1.36 -61.34 -24.76
CA ASN Z 92 -2.38 -61.18 -23.73
C ASN Z 92 -2.55 -59.71 -23.38
N MET Z 93 -3.67 -59.41 -22.72
CA MET Z 93 -3.85 -58.11 -22.12
C MET Z 93 -4.64 -58.29 -20.84
N MET Z 94 -4.19 -57.64 -19.78
CA MET Z 94 -4.76 -57.80 -18.46
C MET Z 94 -5.25 -56.46 -17.97
N ILE Z 95 -6.54 -56.38 -17.66
CA ILE Z 95 -7.17 -55.19 -17.14
C ILE Z 95 -7.50 -55.47 -15.68
N ARG Z 96 -7.21 -54.50 -14.82
CA ARG Z 96 -7.47 -54.64 -13.40
C ARG Z 96 -8.23 -53.41 -12.94
N THR Z 97 -9.52 -53.59 -12.64
CA THR Z 97 -10.34 -52.53 -12.11
C THR Z 97 -10.31 -52.58 -10.58
N ALA Z 98 -11.24 -51.89 -9.93
CA ALA Z 98 -11.26 -51.86 -8.48
C ALA Z 98 -11.70 -53.19 -7.89
N THR Z 99 -12.59 -53.92 -8.56
CA THR Z 99 -13.08 -55.18 -8.03
C THR Z 99 -13.12 -56.31 -9.04
N HIS Z 100 -12.76 -56.07 -10.30
CA HIS Z 100 -12.75 -57.11 -11.31
C HIS Z 100 -11.34 -57.25 -11.89
N SER Z 101 -11.09 -58.40 -12.50
CA SER Z 101 -9.80 -58.69 -13.11
C SER Z 101 -10.02 -59.51 -14.36
N TYR Z 102 -9.57 -58.99 -15.50
CA TYR Z 102 -9.82 -59.58 -16.80
C TYR Z 102 -8.51 -60.06 -17.39
N ILE Z 103 -8.52 -61.23 -18.02
CA ILE Z 103 -7.37 -61.74 -18.73
C ILE Z 103 -7.81 -61.97 -20.17
N LEU Z 104 -7.50 -61.02 -21.05
CA LEU Z 104 -7.88 -61.11 -22.44
C LEU Z 104 -6.78 -61.77 -23.24
N GLU Z 105 -7.17 -62.51 -24.27
CA GLU Z 105 -6.23 -63.30 -25.08
C GLU Z 105 -6.35 -62.81 -26.52
N LEU Z 106 -5.53 -61.82 -26.87
CA LEU Z 106 -5.65 -61.11 -28.14
C LEU Z 106 -5.10 -61.94 -29.29
N LYS Z 107 -5.86 -62.00 -30.38
CA LYS Z 107 -5.47 -62.76 -31.57
C LYS Z 107 -5.58 -61.87 -32.78
N VAL Z 108 -5.05 -62.35 -33.90
CA VAL Z 108 -5.21 -61.71 -35.21
C VAL Z 108 -5.68 -62.78 -36.18
N VAL Z 109 -6.87 -62.60 -36.72
CA VAL Z 109 -7.53 -63.65 -37.50
C VAL Z 109 -7.79 -63.25 -38.95
N ALA Z 110 -7.87 -61.96 -39.27
CA ALA Z 110 -8.08 -61.51 -40.65
C ALA Z 110 -7.04 -60.45 -40.98
N THR Z 111 -6.20 -60.73 -41.96
CA THR Z 111 -5.12 -59.81 -42.32
C THR Z 111 -5.00 -59.55 -43.81
N ASP Z 112 -5.56 -60.39 -44.67
CA ASP Z 112 -5.33 -60.35 -46.11
C ASP Z 112 -6.58 -59.94 -46.87
N TRP Z 113 -7.63 -59.53 -46.16
CA TRP Z 113 -8.93 -59.30 -46.77
C TRP Z 113 -8.92 -58.03 -47.62
N GLN Z 114 -9.66 -58.10 -48.73
CA GLN Z 114 -9.91 -56.93 -49.57
C GLN Z 114 -11.32 -56.41 -49.42
N ARG Z 115 -12.26 -57.32 -49.20
CA ARG Z 115 -13.68 -57.00 -49.00
C ARG Z 115 -14.01 -57.25 -47.55
N LEU Z 116 -14.81 -56.37 -46.95
CA LEU Z 116 -15.01 -56.40 -45.51
C LEU Z 116 -15.91 -57.54 -45.06
N GLU Z 117 -16.62 -58.18 -45.99
CA GLU Z 117 -17.34 -59.41 -45.70
C GLU Z 117 -16.38 -60.59 -45.49
N GLN Z 118 -15.16 -60.52 -46.01
CA GLN Z 118 -14.21 -61.60 -45.82
C GLN Z 118 -13.66 -61.63 -44.41
N ALA Z 119 -13.67 -60.50 -43.72
CA ALA Z 119 -13.24 -60.50 -42.32
C ALA Z 119 -14.34 -60.96 -41.40
N LYS Z 120 -15.61 -60.82 -41.81
CA LYS Z 120 -16.72 -61.39 -41.07
C LYS Z 120 -16.62 -62.90 -41.02
N GLN Z 121 -16.36 -63.52 -42.19
CA GLN Z 121 -16.29 -64.97 -42.28
C GLN Z 121 -15.01 -65.51 -41.66
N ALA Z 122 -13.95 -64.71 -41.65
CA ALA Z 122 -12.72 -65.12 -40.97
C ALA Z 122 -12.91 -65.18 -39.46
N GLY Z 123 -13.78 -64.34 -38.92
CA GLY Z 123 -14.16 -64.48 -37.54
C GLY Z 123 -13.76 -63.33 -36.65
N VAL Z 124 -13.75 -62.11 -37.18
CA VAL Z 124 -13.41 -60.98 -36.34
C VAL Z 124 -14.57 -60.65 -35.42
N GLN Z 125 -14.26 -59.88 -34.37
CA GLN Z 125 -15.24 -59.44 -33.41
C GLN Z 125 -15.22 -57.93 -33.37
N TYR Z 126 -16.30 -57.31 -33.84
CA TYR Z 126 -16.41 -55.85 -33.82
C TYR Z 126 -16.52 -55.32 -32.40
N LYS Z 127 -17.35 -55.92 -31.57
CA LYS Z 127 -17.57 -55.45 -30.22
C LYS Z 127 -17.46 -56.62 -29.25
N VAL Z 128 -16.94 -56.36 -28.06
CA VAL Z 128 -16.92 -57.32 -26.96
C VAL Z 128 -17.51 -56.63 -25.73
N VAL Z 129 -18.58 -57.19 -25.18
CA VAL Z 129 -19.20 -56.67 -23.97
C VAL Z 129 -19.30 -57.79 -22.94
N PHE Z 130 -19.22 -57.42 -21.68
CA PHE Z 130 -19.25 -58.36 -20.57
C PHE Z 130 -20.55 -58.22 -19.81
N THR Z 131 -21.23 -59.34 -19.58
CA THR Z 131 -22.42 -59.38 -18.74
C THR Z 131 -22.04 -59.86 -17.35
N TYR Z 132 -22.65 -59.27 -16.33
CA TYR Z 132 -22.24 -59.49 -14.96
C TYR Z 132 -23.38 -60.12 -14.17
N PRO Z 133 -23.31 -61.41 -13.86
CA PRO Z 133 -24.39 -62.05 -13.10
C PRO Z 133 -24.29 -61.70 -11.62
N LYS Z 134 -25.41 -61.92 -10.93
CA LYS Z 134 -25.40 -61.78 -9.49
C LYS Z 134 -24.92 -63.09 -8.86
N ASP Z 135 -24.69 -63.04 -7.55
CA ASP Z 135 -24.09 -64.17 -6.84
C ASP Z 135 -25.05 -65.35 -6.78
N THR Z 136 -24.49 -66.56 -6.77
CA THR Z 136 -25.31 -67.76 -6.87
C THR Z 136 -26.05 -68.06 -5.57
N SER Z 137 -25.71 -67.37 -4.47
CA SER Z 137 -26.47 -67.56 -3.24
C SER Z 137 -27.80 -66.82 -3.31
N PHE Z 138 -27.92 -65.86 -4.22
CA PHE Z 138 -29.20 -65.20 -4.41
C PHE Z 138 -30.03 -65.87 -5.49
N ASN Z 139 -29.41 -66.74 -6.29
CA ASN Z 139 -30.16 -67.47 -7.32
C ASN Z 139 -30.97 -68.60 -6.70
N ASN Z 140 -30.60 -69.04 -5.51
CA ASN Z 140 -31.39 -70.06 -4.81
C ASN Z 140 -32.70 -69.46 -4.30
N VAL Z 141 -32.75 -68.15 -4.11
CA VAL Z 141 -33.94 -67.46 -3.67
C VAL Z 141 -34.84 -67.15 -4.88
N LYS Z 148 -41.54 -64.26 -14.28
CA LYS Z 148 -40.96 -64.70 -15.54
C LYS Z 148 -42.04 -64.87 -16.61
N ASN Z 149 -43.20 -65.36 -16.18
CA ASN Z 149 -44.31 -65.66 -17.08
C ASN Z 149 -45.00 -64.37 -17.48
N GLY Z 150 -44.37 -63.67 -18.43
CA GLY Z 150 -44.92 -62.43 -18.94
C GLY Z 150 -44.81 -61.27 -17.97
N PRO Z 151 -45.44 -60.15 -18.32
CA PRO Z 151 -45.38 -58.97 -17.46
C PRO Z 151 -46.29 -59.07 -16.25
N LEU Z 152 -45.92 -58.33 -15.22
CA LEU Z 152 -46.68 -58.33 -13.97
C LEU Z 152 -47.92 -57.46 -14.04
N LEU Z 153 -47.91 -56.41 -14.86
CA LEU Z 153 -49.04 -55.50 -14.98
C LEU Z 153 -49.65 -55.72 -16.35
N ASN Z 154 -50.80 -56.38 -16.39
CA ASN Z 154 -51.49 -56.64 -17.64
C ASN Z 154 -52.94 -56.27 -17.42
N ALA Z 155 -53.41 -55.23 -18.12
CA ALA Z 155 -54.73 -54.65 -17.88
C ALA Z 155 -55.87 -55.55 -18.35
N LYS Z 156 -55.59 -56.56 -19.17
CA LYS Z 156 -56.60 -57.52 -19.55
C LYS Z 156 -56.83 -58.52 -18.41
N ILE Z 157 -57.84 -59.35 -18.58
CA ILE Z 157 -58.14 -60.43 -17.64
C ILE Z 157 -57.46 -61.69 -18.14
N LEU Z 158 -56.56 -62.23 -17.34
CA LEU Z 158 -55.80 -63.40 -17.77
C LEU Z 158 -56.51 -64.67 -17.35
N LYS Z 159 -56.05 -65.79 -17.93
CA LYS Z 159 -56.66 -67.08 -17.64
C LYS Z 159 -56.34 -67.56 -16.24
N ASP Z 160 -55.14 -67.27 -15.75
CA ASP Z 160 -54.62 -67.86 -14.53
C ASP Z 160 -54.27 -66.81 -13.48
N ARG Z 161 -55.14 -65.80 -13.32
CA ARG Z 161 -55.00 -64.84 -12.25
C ARG Z 161 -56.34 -64.69 -11.52
N ARG Z 162 -56.26 -64.41 -10.23
CA ARG Z 162 -57.45 -64.33 -9.38
C ARG Z 162 -57.82 -62.87 -9.18
N TYR Z 163 -59.04 -62.51 -9.54
CA TYR Z 163 -59.53 -61.14 -9.48
C TYR Z 163 -60.56 -60.99 -8.39
N TYR Z 164 -60.76 -59.75 -7.94
CA TYR Z 164 -61.64 -59.45 -6.81
C TYR Z 164 -62.53 -58.27 -7.18
N TYR Z 165 -63.76 -58.56 -7.60
CA TYR Z 165 -64.70 -57.55 -8.07
C TYR Z 165 -65.67 -57.17 -6.96
N ASP Z 166 -65.16 -56.50 -5.94
CA ASP Z 166 -66.05 -56.11 -4.84
C ASP Z 166 -65.52 -54.80 -4.28
N TYR Z 167 -66.04 -53.69 -4.79
CA TYR Z 167 -65.60 -52.36 -4.42
C TYR Z 167 -66.81 -51.43 -4.37
N ASP Z 168 -66.75 -50.45 -3.48
CA ASP Z 168 -67.82 -49.48 -3.31
C ASP Z 168 -67.31 -48.09 -3.63
N TYR Z 169 -68.23 -47.12 -3.66
CA TYR Z 169 -67.86 -45.73 -3.82
C TYR Z 169 -68.79 -44.87 -2.99
N ALA Z 170 -68.27 -43.75 -2.50
CA ALA Z 170 -69.05 -42.82 -1.70
C ALA Z 170 -68.66 -41.39 -2.03
N THR Z 171 -69.65 -40.56 -2.32
CA THR Z 171 -69.42 -39.17 -2.68
C THR Z 171 -70.68 -38.36 -2.39
N ARG Z 172 -70.49 -37.04 -2.28
CA ARG Z 172 -71.60 -36.16 -1.94
C ARG Z 172 -72.59 -36.03 -3.09
N THR Z 173 -72.11 -35.63 -4.26
CA THR Z 173 -72.96 -35.47 -5.42
C THR Z 173 -73.42 -36.83 -5.94
N LYS Z 174 -74.66 -36.89 -6.44
CA LYS Z 174 -75.25 -38.17 -6.82
C LYS Z 174 -74.66 -38.68 -8.14
N LYS Z 175 -74.84 -37.94 -9.22
CA LYS Z 175 -74.27 -38.29 -10.52
C LYS Z 175 -73.09 -37.35 -10.77
N SER Z 176 -71.89 -37.84 -10.53
CA SER Z 176 -70.67 -37.09 -10.79
C SER Z 176 -69.92 -37.70 -11.96
N TRP Z 177 -69.02 -36.90 -12.52
CA TRP Z 177 -68.10 -37.38 -13.54
C TRP Z 177 -66.81 -37.93 -12.96
N LEU Z 178 -66.71 -38.00 -11.64
CA LEU Z 178 -65.51 -38.51 -10.98
C LEU Z 178 -65.69 -39.93 -10.47
N ILE Z 179 -66.90 -40.47 -10.54
CA ILE Z 179 -67.17 -41.85 -10.13
C ILE Z 179 -66.51 -42.79 -11.13
N PRO Z 180 -65.69 -43.75 -10.68
CA PRO Z 180 -65.08 -44.69 -11.61
C PRO Z 180 -66.10 -45.63 -12.23
N SER Z 181 -65.79 -46.08 -13.43
CA SER Z 181 -66.67 -47.03 -14.11
C SER Z 181 -66.55 -48.42 -13.51
N ARG Z 182 -65.33 -48.94 -13.41
CA ARG Z 182 -65.06 -50.28 -12.93
C ARG Z 182 -63.78 -50.27 -12.11
N VAL Z 183 -63.82 -50.89 -10.93
CA VAL Z 183 -62.65 -51.00 -10.07
C VAL Z 183 -62.50 -52.47 -9.71
N TYR Z 184 -61.29 -53.00 -9.87
CA TYR Z 184 -60.97 -54.38 -9.49
C TYR Z 184 -59.47 -54.46 -9.23
N ASP Z 185 -58.98 -55.67 -8.96
CA ASP Z 185 -57.55 -55.88 -8.77
C ASP Z 185 -57.20 -57.33 -9.04
N ASP Z 186 -55.90 -57.58 -9.26
CA ASP Z 186 -55.39 -58.92 -9.47
C ASP Z 186 -54.54 -59.42 -8.32
N GLY Z 187 -54.68 -58.81 -7.14
CA GLY Z 187 -53.87 -59.14 -6.01
C GLY Z 187 -52.63 -58.27 -5.86
N LYS Z 188 -52.14 -57.71 -6.96
CA LYS Z 188 -50.92 -56.91 -6.95
C LYS Z 188 -51.12 -55.48 -7.44
N PHE Z 189 -52.09 -55.23 -8.30
CA PHE Z 189 -52.35 -53.91 -8.85
C PHE Z 189 -53.84 -53.65 -8.83
N THR Z 190 -54.25 -52.43 -8.47
CA THR Z 190 -55.66 -52.05 -8.47
C THR Z 190 -55.97 -51.26 -9.74
N TYR Z 191 -56.94 -51.72 -10.51
CA TYR Z 191 -57.21 -51.21 -11.86
C TYR Z 191 -58.45 -50.32 -11.83
N ILE Z 192 -58.26 -49.04 -11.55
CA ILE Z 192 -59.36 -48.09 -11.63
C ILE Z 192 -59.61 -47.75 -13.10
N ASN Z 193 -60.86 -47.86 -13.52
CA ASN Z 193 -61.22 -47.66 -14.92
C ASN Z 193 -62.29 -46.59 -15.00
N MET Z 194 -62.11 -45.63 -15.91
CA MET Z 194 -62.98 -44.46 -15.97
C MET Z 194 -63.40 -44.13 -17.40
N ASP Z 195 -63.62 -45.14 -18.24
CA ASP Z 195 -63.86 -44.93 -19.65
C ASP Z 195 -65.34 -44.96 -20.02
N LEU Z 196 -66.22 -44.67 -19.09
CA LEU Z 196 -67.62 -44.45 -19.41
C LEU Z 196 -68.15 -43.10 -18.96
N THR Z 197 -67.39 -42.36 -18.16
CA THR Z 197 -67.69 -40.95 -17.90
C THR Z 197 -67.05 -40.15 -19.03
N ARG Z 198 -67.79 -40.07 -20.13
CA ARG Z 198 -67.23 -39.67 -21.42
C ARG Z 198 -67.17 -38.16 -21.62
N PHE Z 199 -68.10 -37.39 -21.01
CA PHE Z 199 -68.27 -36.01 -21.42
C PHE Z 199 -67.11 -35.08 -21.03
N PRO Z 200 -66.75 -34.88 -19.76
CA PRO Z 200 -65.75 -33.83 -19.50
C PRO Z 200 -64.37 -34.34 -19.90
N THR Z 201 -63.72 -33.63 -20.82
CA THR Z 201 -62.43 -34.09 -21.29
C THR Z 201 -61.37 -33.95 -20.21
N GLY Z 202 -61.49 -32.98 -19.33
CA GLY Z 202 -60.59 -32.88 -18.20
C GLY Z 202 -61.13 -33.55 -16.95
N ASN Z 203 -61.18 -34.88 -16.93
CA ASN Z 203 -61.80 -35.60 -15.82
C ASN Z 203 -60.83 -36.54 -15.12
N PHE Z 204 -59.52 -36.31 -15.22
CA PHE Z 204 -58.59 -37.33 -14.79
C PHE Z 204 -58.06 -36.99 -13.41
N PRO Z 205 -58.24 -37.85 -12.42
CA PRO Z 205 -57.92 -37.49 -11.04
C PRO Z 205 -56.52 -37.81 -10.57
N ALA Z 206 -56.30 -37.60 -9.27
CA ALA Z 206 -55.11 -38.06 -8.57
C ALA Z 206 -55.54 -39.02 -7.47
N VAL Z 207 -55.01 -40.24 -7.49
CA VAL Z 207 -55.46 -41.31 -6.61
C VAL Z 207 -54.52 -41.40 -5.41
N PHE Z 208 -55.09 -41.37 -4.21
CA PHE Z 208 -54.39 -41.60 -2.96
C PHE Z 208 -54.89 -42.90 -2.35
N ALA Z 209 -54.42 -43.21 -1.16
CA ALA Z 209 -54.87 -44.43 -0.49
C ALA Z 209 -54.87 -44.18 1.01
N ARG Z 210 -55.57 -45.04 1.73
CA ARG Z 210 -55.87 -44.75 3.12
C ARG Z 210 -56.10 -46.06 3.85
N GLU Z 211 -55.63 -46.15 5.10
CA GLU Z 211 -55.73 -47.41 5.83
C GLU Z 211 -57.03 -47.59 6.57
N LYS Z 212 -57.67 -46.51 6.99
CA LYS Z 212 -58.98 -46.57 7.62
C LYS Z 212 -59.95 -45.74 6.79
N GLU Z 213 -61.16 -45.53 7.29
CA GLU Z 213 -62.12 -44.81 6.47
C GLU Z 213 -61.88 -43.32 6.48
N HIS Z 214 -61.66 -42.73 7.65
CA HIS Z 214 -61.46 -41.30 7.78
C HIS Z 214 -60.12 -40.99 8.41
N ALA Z 215 -59.12 -41.81 8.10
CA ALA Z 215 -57.74 -41.54 8.53
C ALA Z 215 -57.11 -40.56 7.55
N GLU Z 216 -55.80 -40.35 7.68
CA GLU Z 216 -55.08 -39.45 6.79
C GLU Z 216 -54.48 -40.26 5.65
N ASP Z 217 -54.68 -39.78 4.43
CA ASP Z 217 -54.27 -40.53 3.26
C ASP Z 217 -52.79 -40.35 2.98
N PHE Z 218 -52.25 -41.20 2.12
CA PHE Z 218 -50.85 -41.18 1.73
C PHE Z 218 -50.74 -41.42 0.23
N LEU Z 219 -49.52 -41.62 -0.24
CA LEU Z 219 -49.20 -41.60 -1.66
C LEU Z 219 -48.98 -42.99 -2.22
N VAL Z 220 -49.37 -43.19 -3.47
CA VAL Z 220 -49.19 -44.43 -4.19
C VAL Z 220 -48.49 -44.16 -5.51
N ASN Z 221 -47.92 -45.21 -6.08
CA ASN Z 221 -47.34 -45.13 -7.40
C ASN Z 221 -48.37 -45.58 -8.42
N THR Z 222 -48.55 -44.79 -9.47
CA THR Z 222 -49.57 -45.06 -10.47
C THR Z 222 -48.95 -45.09 -11.86
N THR Z 223 -49.43 -46.01 -12.68
CA THR Z 223 -49.21 -45.96 -14.11
C THR Z 223 -50.57 -46.00 -14.80
N VAL Z 224 -50.64 -45.45 -16.01
CA VAL Z 224 -51.90 -45.25 -16.71
C VAL Z 224 -51.79 -45.77 -18.12
N GLU Z 225 -52.90 -46.33 -18.62
CA GLU Z 225 -52.97 -46.88 -19.98
C GLU Z 225 -54.30 -46.45 -20.59
N GLY Z 226 -54.29 -45.30 -21.26
CA GLY Z 226 -55.52 -44.80 -21.86
C GLY Z 226 -56.40 -44.10 -20.86
N ASN Z 227 -57.52 -44.71 -20.52
CA ASN Z 227 -58.41 -44.20 -19.48
C ASN Z 227 -58.37 -45.03 -18.22
N THR Z 228 -57.53 -46.06 -18.16
CA THR Z 228 -57.39 -46.89 -16.99
C THR Z 228 -56.27 -46.35 -16.11
N LEU Z 229 -56.58 -46.06 -14.86
CA LEU Z 229 -55.57 -45.66 -13.89
C LEU Z 229 -55.24 -46.88 -13.05
N ILE Z 230 -53.99 -47.27 -13.02
CA ILE Z 230 -53.57 -48.52 -12.38
C ILE Z 230 -52.69 -48.18 -11.19
N VAL Z 231 -53.09 -48.63 -10.02
CA VAL Z 231 -52.44 -48.29 -8.75
C VAL Z 231 -51.58 -49.45 -8.30
N HIS Z 232 -50.31 -49.19 -8.04
CA HIS Z 232 -49.35 -50.23 -7.64
C HIS Z 232 -49.65 -50.64 -6.21
N GLY Z 233 -50.38 -51.74 -6.03
CA GLY Z 233 -50.66 -52.27 -4.71
C GLY Z 233 -52.13 -52.26 -4.36
N THR Z 234 -52.55 -53.20 -3.52
CA THR Z 234 -53.94 -53.30 -3.09
C THR Z 234 -54.08 -52.69 -1.70
N TYR Z 235 -55.10 -51.87 -1.52
CA TYR Z 235 -55.28 -51.07 -0.32
C TYR Z 235 -56.70 -51.26 0.19
N PRO Z 236 -56.95 -51.01 1.48
CA PRO Z 236 -58.33 -51.05 1.97
C PRO Z 236 -59.19 -49.93 1.42
N PHE Z 237 -58.63 -48.74 1.28
CA PHE Z 237 -59.37 -47.57 0.80
C PHE Z 237 -58.53 -46.83 -0.23
N LEU Z 238 -59.20 -46.32 -1.26
CA LEU Z 238 -58.59 -45.44 -2.25
C LEU Z 238 -59.35 -44.12 -2.23
N VAL Z 239 -58.63 -43.01 -2.35
CA VAL Z 239 -59.24 -41.69 -2.36
C VAL Z 239 -58.93 -41.05 -3.70
N VAL Z 240 -59.96 -40.51 -4.35
CA VAL Z 240 -59.89 -40.01 -5.71
C VAL Z 240 -60.27 -38.53 -5.69
N ARG Z 241 -59.32 -37.66 -6.02
CA ARG Z 241 -59.50 -36.22 -5.86
C ARG Z 241 -59.33 -35.48 -7.18
N HIS Z 242 -60.15 -34.46 -7.39
CA HIS Z 242 -60.02 -33.55 -8.53
C HIS Z 242 -60.31 -32.11 -8.07
N GLY Z 243 -59.76 -31.71 -6.94
CA GLY Z 243 -59.96 -30.35 -6.48
C GLY Z 243 -60.79 -30.28 -5.22
N ASP Z 244 -62.00 -29.74 -5.32
CA ASP Z 244 -62.92 -29.70 -4.20
C ASP Z 244 -63.84 -30.92 -4.12
N ASN Z 245 -63.90 -31.74 -5.16
CA ASN Z 245 -64.74 -32.92 -5.18
C ASN Z 245 -63.91 -34.19 -5.06
N VAL Z 246 -64.40 -35.13 -4.26
CA VAL Z 246 -63.64 -36.29 -3.82
C VAL Z 246 -64.57 -37.50 -3.82
N VAL Z 247 -64.03 -38.66 -4.21
CA VAL Z 247 -64.75 -39.92 -4.25
C VAL Z 247 -63.93 -40.96 -3.51
N GLY Z 248 -64.50 -41.54 -2.46
CA GLY Z 248 -63.83 -42.62 -1.76
C GLY Z 248 -64.12 -43.96 -2.38
N LEU Z 249 -63.29 -44.96 -2.09
CA LEU Z 249 -63.42 -46.29 -2.69
C LEU Z 249 -63.06 -47.33 -1.64
N ARG Z 250 -64.06 -48.03 -1.10
CA ARG Z 250 -63.81 -49.10 -0.15
C ARG Z 250 -63.69 -50.42 -0.89
N ARG Z 251 -62.66 -51.18 -0.53
CA ARG Z 251 -62.63 -52.60 -0.82
C ARG Z 251 -63.39 -53.34 0.25
N ASN Z 252 -64.42 -54.07 -0.13
CA ASN Z 252 -65.22 -54.78 0.85
C ASN Z 252 -64.48 -56.00 1.38
N LYS Z 253 -64.78 -56.35 2.62
CA LYS Z 253 -64.04 -57.37 3.32
C LYS Z 253 -64.43 -58.76 2.83
N GLN Z 254 -63.42 -59.62 2.71
CA GLN Z 254 -63.60 -60.99 2.21
C GLN Z 254 -64.41 -61.80 3.22
N LYS Z 255 -65.63 -62.15 2.85
CA LYS Z 255 -66.48 -62.95 3.71
C LYS Z 255 -66.05 -64.41 3.71
N PRO AA 150 1.03 -16.71 -70.10
CA PRO AA 150 0.01 -17.76 -70.17
C PRO AA 150 -1.15 -17.37 -71.08
N THR AA 151 -2.11 -18.26 -71.25
CA THR AA 151 -3.30 -17.97 -72.02
C THR AA 151 -4.39 -17.44 -71.09
N LEU AA 152 -5.63 -17.36 -71.59
CA LEU AA 152 -6.73 -16.87 -70.78
C LEU AA 152 -7.25 -17.95 -69.83
N LEU AA 153 -7.41 -19.17 -70.33
CA LEU AA 153 -7.87 -20.28 -69.50
C LEU AA 153 -6.83 -20.66 -68.46
N GLU AA 154 -5.56 -20.70 -68.86
CA GLU AA 154 -4.48 -21.09 -67.95
C GLU AA 154 -4.21 -20.04 -66.89
N ARG AA 155 -4.76 -18.83 -67.03
CA ARG AA 155 -4.54 -17.78 -66.05
C ARG AA 155 -5.57 -17.83 -64.93
N ARG AA 156 -6.83 -18.12 -65.28
CA ARG AA 156 -7.90 -18.19 -64.30
C ARG AA 156 -7.72 -19.37 -63.36
N ILE AA 157 -7.11 -20.44 -63.85
CA ILE AA 157 -6.71 -21.54 -62.97
C ILE AA 157 -5.57 -21.08 -62.06
N LEU AA 158 -4.65 -20.30 -62.61
CA LEU AA 158 -3.44 -19.89 -61.88
C LEU AA 158 -3.73 -18.78 -60.88
N ALA AA 159 -4.45 -17.74 -61.33
CA ALA AA 159 -4.70 -16.59 -60.46
C ALA AA 159 -5.67 -16.90 -59.33
N GLU AA 160 -6.50 -17.93 -59.50
CA GLU AA 160 -7.39 -18.36 -58.43
C GLU AA 160 -6.81 -19.50 -57.62
N SER AA 161 -5.56 -19.86 -57.84
CA SER AA 161 -4.89 -20.89 -57.05
C SER AA 161 -3.41 -20.55 -56.86
N GLY AA 183 -31.98 -2.46 -30.57
CA GLY AA 183 -31.26 -3.51 -29.86
C GLY AA 183 -31.33 -4.85 -30.55
N PRO AA 184 -32.39 -5.61 -30.30
CA PRO AA 184 -32.57 -6.90 -30.97
C PRO AA 184 -33.04 -6.72 -32.41
N VAL AA 185 -33.23 -7.84 -33.08
CA VAL AA 185 -33.72 -7.81 -34.45
C VAL AA 185 -35.19 -8.26 -34.45
N THR AA 186 -35.95 -7.73 -35.39
CA THR AA 186 -37.38 -8.00 -35.51
C THR AA 186 -37.64 -8.65 -36.85
N LEU AA 187 -38.06 -9.92 -36.83
CA LEU AA 187 -38.27 -10.68 -38.05
C LEU AA 187 -39.66 -11.27 -38.03
N ALA AA 188 -40.10 -11.75 -39.20
CA ALA AA 188 -41.43 -12.33 -39.38
C ALA AA 188 -41.28 -13.55 -40.28
N LYS AA 189 -41.11 -14.72 -39.66
CA LYS AA 189 -40.86 -15.95 -40.37
C LYS AA 189 -42.07 -16.88 -40.25
N PRO AA 190 -42.24 -17.83 -41.18
CA PRO AA 190 -43.31 -18.80 -41.02
C PRO AA 190 -43.01 -19.78 -39.90
N ILE AA 191 -44.08 -20.26 -39.28
CA ILE AA 191 -43.96 -21.12 -38.12
C ILE AA 191 -43.55 -22.51 -38.59
N SER AA 192 -42.73 -23.19 -37.79
CA SER AA 192 -41.99 -24.36 -38.24
C SER AA 192 -42.57 -25.61 -37.58
N ASN AA 193 -42.97 -26.58 -38.41
CA ASN AA 193 -43.57 -27.86 -38.05
C ASN AA 193 -44.74 -27.69 -37.09
N PRO AA 194 -45.88 -27.18 -37.54
CA PRO AA 194 -47.00 -26.97 -36.61
C PRO AA 194 -47.74 -28.23 -36.23
N ASP AA 195 -47.48 -29.37 -36.87
CA ASP AA 195 -48.17 -30.58 -36.49
C ASP AA 195 -47.65 -31.16 -35.18
N GLY AA 196 -46.45 -30.79 -34.77
CA GLY AA 196 -45.92 -31.29 -33.52
C GLY AA 196 -45.33 -30.21 -32.63
N LEU AA 197 -45.95 -29.04 -32.64
CA LEU AA 197 -45.41 -27.89 -31.92
C LEU AA 197 -46.20 -27.66 -30.65
N LEU AA 198 -45.53 -27.67 -29.51
CA LEU AA 198 -46.11 -27.24 -28.25
C LEU AA 198 -45.62 -25.81 -28.03
N VAL AA 199 -46.44 -24.85 -28.44
CA VAL AA 199 -45.96 -23.48 -28.63
C VAL AA 199 -45.81 -22.81 -27.28
N ARG AA 200 -45.07 -21.70 -27.27
CA ARG AA 200 -45.00 -20.84 -26.11
C ARG AA 200 -46.35 -20.22 -25.83
N GLY AA 201 -46.91 -20.51 -24.67
CA GLY AA 201 -48.19 -19.97 -24.30
C GLY AA 201 -49.34 -20.95 -24.25
N THR AA 202 -49.08 -22.25 -24.24
CA THR AA 202 -50.18 -23.17 -23.96
C THR AA 202 -50.21 -23.42 -22.46
N TYR AA 203 -51.38 -23.83 -21.97
CA TYR AA 203 -51.61 -23.95 -20.54
C TYR AA 203 -51.83 -25.42 -20.23
N ILE AA 204 -50.92 -26.00 -19.47
CA ILE AA 204 -51.02 -27.40 -19.09
C ILE AA 204 -51.72 -27.44 -17.74
N ARG AA 205 -52.96 -27.89 -17.71
CA ARG AA 205 -53.70 -27.98 -16.46
C ARG AA 205 -53.38 -29.31 -15.80
N CYS AA 206 -52.89 -29.27 -14.58
CA CYS AA 206 -52.61 -30.48 -13.82
C CYS AA 206 -53.13 -30.30 -12.41
N ILE AA 207 -53.41 -31.40 -11.73
CA ILE AA 207 -53.84 -31.36 -10.34
C ILE AA 207 -52.73 -31.93 -9.46
N LEU AA 208 -52.52 -31.30 -8.31
CA LEU AA 208 -51.35 -31.57 -7.50
C LEU AA 208 -51.49 -32.90 -6.79
N GLU AA 209 -50.37 -33.61 -6.66
CA GLU AA 209 -50.33 -34.89 -5.96
C GLU AA 209 -49.52 -34.85 -4.67
N THR AA 210 -48.42 -34.11 -4.64
CA THR AA 210 -47.61 -33.98 -3.44
C THR AA 210 -47.95 -32.67 -2.74
N ARG AA 211 -48.37 -32.76 -1.48
CA ARG AA 211 -48.67 -31.58 -0.66
C ARG AA 211 -47.45 -30.70 -0.44
N ILE AA 212 -47.45 -29.50 -1.02
CA ILE AA 212 -46.30 -28.61 -0.95
C ILE AA 212 -46.30 -27.89 0.40
N ILE AA 213 -45.15 -27.89 1.08
CA ILE AA 213 -44.95 -27.07 2.28
C ILE AA 213 -43.61 -26.36 2.15
N SER AA 214 -43.64 -25.03 2.26
CA SER AA 214 -42.47 -24.20 2.02
C SER AA 214 -41.64 -24.06 3.29
N ASP AA 215 -40.90 -25.12 3.61
CA ASP AA 215 -39.90 -25.08 4.66
C ASP AA 215 -38.49 -25.29 4.13
N PHE AA 216 -38.24 -26.40 3.43
CA PHE AA 216 -36.90 -26.72 3.01
C PHE AA 216 -36.68 -26.65 1.51
N GLY AA 217 -37.72 -26.78 0.70
CA GLY AA 217 -37.51 -26.72 -0.71
C GLY AA 217 -37.19 -28.11 -1.21
N GLY AA 218 -38.05 -28.64 -2.05
CA GLY AA 218 -37.94 -30.02 -2.48
C GLY AA 218 -38.50 -30.19 -3.84
N TYR AA 219 -39.28 -31.25 -4.02
CA TYR AA 219 -39.71 -31.72 -5.31
C TYR AA 219 -41.21 -31.94 -5.30
N THR AA 220 -41.86 -31.59 -6.40
CA THR AA 220 -43.30 -31.68 -6.53
C THR AA 220 -43.66 -32.62 -7.67
N SER AA 221 -44.94 -32.98 -7.76
CA SER AA 221 -45.44 -33.82 -8.84
C SER AA 221 -46.93 -33.56 -8.99
N CYS AA 222 -47.37 -33.24 -10.20
CA CYS AA 222 -48.78 -33.06 -10.46
C CYS AA 222 -49.17 -33.90 -11.66
N ILE AA 223 -50.36 -34.48 -11.60
CA ILE AA 223 -50.87 -35.33 -12.67
C ILE AA 223 -51.68 -34.45 -13.61
N VAL AA 224 -51.35 -34.50 -14.91
CA VAL AA 224 -52.07 -33.74 -15.93
C VAL AA 224 -53.52 -34.24 -15.96
N THR AA 225 -54.45 -33.32 -16.19
CA THR AA 225 -55.86 -33.67 -16.16
C THR AA 225 -56.58 -33.49 -17.49
N GLU AA 226 -56.08 -32.65 -18.39
CA GLU AA 226 -56.74 -32.45 -19.66
C GLU AA 226 -55.72 -32.63 -20.78
N PRO AA 227 -56.08 -33.32 -21.86
CA PRO AA 227 -55.12 -33.53 -22.96
C PRO AA 227 -54.75 -32.23 -23.66
N VAL AA 228 -53.46 -32.14 -24.01
CA VAL AA 228 -52.87 -30.94 -24.58
C VAL AA 228 -52.48 -31.24 -26.02
N TYR AA 229 -53.06 -30.51 -26.95
CA TYR AA 229 -52.89 -30.76 -28.37
C TYR AA 229 -51.80 -29.86 -28.93
N SER AA 230 -51.70 -29.81 -30.25
CA SER AA 230 -50.66 -29.06 -30.94
C SER AA 230 -50.98 -27.56 -30.95
N ILE AA 231 -50.25 -26.80 -31.77
CA ILE AA 231 -50.61 -25.39 -31.97
C ILE AA 231 -51.91 -25.27 -32.74
N ASN AA 232 -52.17 -26.21 -33.65
CA ASN AA 232 -53.38 -26.16 -34.48
C ASN AA 232 -54.24 -27.41 -34.31
N GLY AA 233 -53.96 -28.24 -33.31
CA GLY AA 233 -54.86 -29.31 -32.95
C GLY AA 233 -54.83 -30.53 -33.83
N HIS AA 234 -53.80 -30.72 -34.65
CA HIS AA 234 -53.82 -31.92 -35.48
C HIS AA 234 -53.32 -33.15 -34.75
N ASN AA 235 -52.62 -32.98 -33.64
CA ASN AA 235 -52.00 -34.10 -32.95
C ASN AA 235 -52.17 -33.96 -31.45
N LEU AA 236 -52.18 -35.10 -30.77
CA LEU AA 236 -52.22 -35.14 -29.32
C LEU AA 236 -50.80 -35.22 -28.78
N LEU AA 237 -50.36 -34.18 -28.07
CA LEU AA 237 -48.98 -34.16 -27.62
C LEU AA 237 -48.82 -34.74 -26.23
N LEU AA 238 -49.47 -34.14 -25.24
CA LEU AA 238 -49.44 -34.67 -23.89
C LEU AA 238 -50.75 -35.35 -23.61
N PRO AA 239 -50.78 -36.67 -23.40
CA PRO AA 239 -52.05 -37.35 -23.13
C PRO AA 239 -52.65 -37.02 -21.79
N LYS AA 240 -53.75 -37.71 -21.46
CA LYS AA 240 -54.59 -37.29 -20.35
C LYS AA 240 -53.96 -37.56 -18.99
N GLY AA 241 -53.15 -38.60 -18.85
CA GLY AA 241 -52.69 -38.94 -17.52
C GLY AA 241 -51.20 -38.80 -17.26
N SER AA 242 -50.56 -37.83 -17.90
CA SER AA 242 -49.13 -37.63 -17.75
C SER AA 242 -48.80 -37.08 -16.37
N LYS AA 243 -47.54 -37.19 -15.98
CA LYS AA 243 -47.04 -36.61 -14.73
C LYS AA 243 -46.10 -35.47 -15.01
N MET AA 244 -46.42 -34.30 -14.49
CA MET AA 244 -45.47 -33.20 -14.52
C MET AA 244 -44.65 -33.19 -13.24
N LEU AA 245 -43.39 -32.82 -13.37
CA LEU AA 245 -42.40 -32.96 -12.32
C LEU AA 245 -41.70 -31.62 -12.16
N GLY AA 246 -41.66 -31.10 -10.94
CA GLY AA 246 -41.11 -29.78 -10.72
C GLY AA 246 -40.37 -29.71 -9.39
N GLN AA 247 -39.84 -28.53 -9.10
CA GLN AA 247 -39.14 -28.31 -7.85
C GLN AA 247 -39.15 -26.83 -7.51
N TYR AA 248 -39.04 -26.53 -6.23
CA TYR AA 248 -39.08 -25.18 -5.70
C TYR AA 248 -37.93 -24.99 -4.72
N SER AA 249 -37.85 -23.81 -4.14
CA SER AA 249 -36.75 -23.46 -3.26
C SER AA 249 -37.26 -22.87 -1.97
N ALA AA 250 -36.48 -23.02 -0.91
CA ALA AA 250 -36.89 -22.54 0.40
C ALA AA 250 -36.76 -21.03 0.48
N GLY AA 251 -37.64 -20.42 1.24
CA GLY AA 251 -37.58 -18.99 1.44
C GLY AA 251 -38.62 -18.56 2.44
N GLU AA 252 -38.51 -17.30 2.86
CA GLU AA 252 -39.52 -16.71 3.71
C GLU AA 252 -40.70 -16.28 2.84
N PRO AA 253 -41.90 -16.78 3.09
CA PRO AA 253 -43.03 -16.38 2.27
C PRO AA 253 -43.58 -15.01 2.62
N THR AA 254 -42.98 -13.95 2.08
CA THR AA 254 -43.51 -12.61 2.23
C THR AA 254 -44.87 -12.50 1.56
N SER AA 255 -44.91 -12.66 0.24
CA SER AA 255 -46.17 -12.78 -0.46
C SER AA 255 -46.78 -14.14 -0.19
N HIS AA 256 -48.10 -14.23 -0.29
CA HIS AA 256 -48.78 -15.50 -0.03
C HIS AA 256 -48.91 -16.35 -1.28
N ARG AA 257 -47.80 -16.52 -1.99
CA ARG AA 257 -47.73 -17.35 -3.18
C ARG AA 257 -46.39 -18.05 -3.20
N LEU AA 258 -46.34 -19.20 -3.87
CA LEU AA 258 -45.13 -19.98 -3.97
C LEU AA 258 -44.78 -20.12 -5.44
N GLN AA 259 -43.49 -20.25 -5.73
CA GLN AA 259 -42.98 -20.19 -7.10
C GLN AA 259 -42.31 -21.51 -7.43
N VAL AA 260 -42.92 -22.29 -8.32
CA VAL AA 260 -42.46 -23.62 -8.71
C VAL AA 260 -42.07 -23.56 -10.19
N VAL AA 261 -41.00 -24.27 -10.55
CA VAL AA 261 -40.54 -24.34 -11.93
C VAL AA 261 -40.70 -25.78 -12.39
N TRP AA 262 -41.73 -26.05 -13.18
CA TRP AA 262 -42.04 -27.39 -13.66
C TRP AA 262 -41.20 -27.68 -14.89
N ASP AA 263 -40.48 -28.82 -14.88
CA ASP AA 263 -39.44 -28.96 -15.89
C ASP AA 263 -39.32 -30.35 -16.53
N ARG AA 264 -40.29 -31.23 -16.37
CA ARG AA 264 -40.25 -32.54 -17.02
C ARG AA 264 -41.63 -33.15 -17.00
N VAL AA 265 -42.03 -33.76 -18.11
CA VAL AA 265 -43.29 -34.52 -18.22
C VAL AA 265 -42.94 -35.89 -18.78
N THR AA 266 -43.54 -36.94 -18.22
CA THR AA 266 -43.41 -38.30 -18.73
C THR AA 266 -44.81 -38.82 -19.09
N THR AA 267 -45.04 -39.03 -20.38
CA THR AA 267 -46.38 -39.34 -20.88
C THR AA 267 -46.70 -40.82 -20.75
N PRO AA 268 -47.98 -41.20 -20.80
CA PRO AA 268 -48.33 -42.63 -20.85
C PRO AA 268 -47.96 -43.29 -22.15
N THR AA 269 -47.74 -42.52 -23.22
CA THR AA 269 -47.36 -43.04 -24.52
C THR AA 269 -45.86 -43.14 -24.70
N GLY AA 270 -45.10 -43.08 -23.60
CA GLY AA 270 -43.67 -43.31 -23.66
C GLY AA 270 -42.87 -42.15 -24.19
N LEU AA 271 -42.96 -40.99 -23.56
CA LEU AA 271 -42.16 -39.84 -23.91
C LEU AA 271 -41.57 -39.22 -22.66
N ASP AA 272 -40.60 -38.34 -22.87
CA ASP AA 272 -39.88 -37.71 -21.76
C ASP AA 272 -39.46 -36.33 -22.25
N VAL AA 273 -40.28 -35.33 -21.96
CA VAL AA 273 -40.03 -33.99 -22.44
C VAL AA 273 -39.44 -33.18 -21.29
N THR AA 274 -38.77 -32.10 -21.63
CA THR AA 274 -38.00 -31.34 -20.64
C THR AA 274 -38.24 -29.84 -20.79
N LEU AA 275 -39.51 -29.46 -20.83
CA LEU AA 275 -39.96 -28.10 -21.05
C LEU AA 275 -39.51 -27.16 -19.92
N MET AA 276 -39.64 -25.87 -20.19
CA MET AA 276 -39.40 -24.83 -19.19
C MET AA 276 -40.75 -24.19 -18.90
N GLY AA 277 -41.39 -24.61 -17.83
CA GLY AA 277 -42.67 -24.06 -17.48
C GLY AA 277 -42.72 -23.56 -16.06
N PRO AA 278 -42.81 -22.24 -15.89
CA PRO AA 278 -43.11 -21.70 -14.57
C PRO AA 278 -44.56 -21.95 -14.20
N GLY AA 279 -44.77 -22.39 -12.96
CA GLY AA 279 -46.12 -22.65 -12.51
C GLY AA 279 -46.88 -21.36 -12.29
N ILE AA 280 -48.13 -21.34 -12.74
CA ILE AA 280 -48.98 -20.17 -12.63
C ILE AA 280 -50.27 -20.55 -11.91
N ASP AA 281 -51.07 -19.54 -11.61
CA ASP AA 281 -52.40 -19.66 -11.07
C ASP AA 281 -53.32 -20.30 -12.11
N THR AA 282 -54.52 -20.68 -11.69
CA THR AA 282 -55.48 -21.23 -12.64
C THR AA 282 -56.13 -20.16 -13.52
N LEU AA 283 -55.90 -18.88 -13.26
CA LEU AA 283 -56.28 -17.81 -14.16
C LEU AA 283 -55.08 -17.14 -14.84
N GLY AA 284 -53.86 -17.57 -14.54
CA GLY AA 284 -52.70 -17.08 -15.25
C GLY AA 284 -51.76 -16.23 -14.44
N SER AA 285 -52.03 -16.00 -13.16
CA SER AA 285 -51.15 -15.20 -12.34
C SER AA 285 -49.92 -15.99 -11.95
N SER AA 286 -48.78 -15.33 -11.90
CA SER AA 286 -47.52 -16.02 -11.67
C SER AA 286 -47.41 -16.46 -10.21
N GLY AA 287 -47.13 -17.75 -10.00
CA GLY AA 287 -46.97 -18.29 -8.68
C GLY AA 287 -48.20 -18.98 -8.16
N HIS AA 288 -48.03 -20.07 -7.42
CA HIS AA 288 -49.16 -20.82 -6.93
C HIS AA 288 -49.60 -20.26 -5.59
N PRO AA 289 -50.89 -19.98 -5.39
CA PRO AA 289 -51.34 -19.47 -4.10
C PRO AA 289 -51.47 -20.58 -3.06
N GLY AA 290 -51.12 -20.25 -1.82
CA GLY AA 290 -51.14 -21.23 -0.76
C GLY AA 290 -51.88 -20.77 0.48
N ASN AA 291 -51.72 -21.50 1.58
CA ASN AA 291 -52.38 -21.19 2.85
C ASN AA 291 -51.32 -20.72 3.84
N TYR AA 292 -51.23 -19.41 4.03
CA TYR AA 292 -50.19 -18.83 4.89
C TYR AA 292 -50.48 -19.12 6.35
N ASN AA 293 -49.44 -19.41 7.11
CA ASN AA 293 -49.59 -19.79 8.51
C ASN AA 293 -48.35 -19.28 9.26
N ALA AA 294 -48.47 -18.09 9.85
CA ALA AA 294 -47.49 -17.65 10.83
C ALA AA 294 -47.85 -18.29 12.15
N HIS AA 295 -46.90 -19.00 12.75
CA HIS AA 295 -47.21 -19.91 13.85
C HIS AA 295 -47.30 -19.14 15.16
N TRP AA 296 -48.38 -18.38 15.31
CA TRP AA 296 -48.51 -17.61 16.54
C TRP AA 296 -49.03 -18.44 17.70
N GLY AA 297 -49.40 -19.70 17.48
CA GLY AA 297 -49.71 -20.57 18.60
C GLY AA 297 -48.46 -20.98 19.35
N ASN AA 298 -47.39 -21.27 18.61
CA ASN AA 298 -46.16 -21.74 19.25
C ASN AA 298 -45.25 -20.60 19.68
N LYS AA 299 -45.37 -19.43 19.04
CA LYS AA 299 -44.50 -18.32 19.42
C LYS AA 299 -44.95 -17.70 20.73
N ILE AA 300 -46.25 -17.72 21.01
CA ILE AA 300 -46.76 -17.14 22.24
C ILE AA 300 -46.53 -18.09 23.41
N ALA AA 301 -46.85 -19.38 23.23
CA ALA AA 301 -46.85 -20.33 24.34
C ALA AA 301 -45.45 -20.64 24.84
N SER AA 302 -44.44 -20.47 23.99
CA SER AA 302 -43.07 -20.73 24.43
C SER AA 302 -42.51 -19.58 25.25
N ALA AA 303 -43.12 -18.40 25.14
CA ALA AA 303 -42.62 -17.22 25.83
C ALA AA 303 -43.60 -16.63 26.81
N LEU AA 304 -44.86 -17.08 26.80
CA LEU AA 304 -45.80 -16.63 27.82
C LEU AA 304 -45.57 -17.37 29.13
N PHE AA 305 -45.30 -18.68 29.05
CA PHE AA 305 -45.30 -19.52 30.24
C PHE AA 305 -44.08 -19.25 31.11
N ILE AA 306 -42.96 -18.87 30.52
CA ILE AA 306 -41.77 -18.62 31.32
C ILE AA 306 -41.67 -17.15 31.72
N SER AA 307 -42.33 -16.27 30.98
CA SER AA 307 -42.39 -14.88 31.43
C SER AA 307 -43.42 -14.68 32.51
N LEU AA 308 -44.41 -15.57 32.60
CA LEU AA 308 -45.38 -15.48 33.68
C LEU AA 308 -44.86 -16.15 34.94
N LEU AA 309 -43.90 -17.07 34.80
CA LEU AA 309 -43.29 -17.68 35.98
C LEU AA 309 -42.34 -16.69 36.64
N SER AA 310 -41.75 -15.80 35.86
CA SER AA 310 -40.92 -14.74 36.43
C SER AA 310 -41.77 -13.58 36.94
N ASP AA 311 -43.05 -13.54 36.56
CA ASP AA 311 -43.93 -12.49 37.04
C ASP AA 311 -44.58 -12.88 38.36
N ALA AA 312 -44.60 -14.16 38.71
CA ALA AA 312 -45.06 -14.55 40.03
C ALA AA 312 -43.98 -14.27 41.08
N PHE AA 313 -42.72 -14.33 40.68
CA PHE AA 313 -41.64 -14.02 41.61
C PHE AA 313 -41.51 -12.53 41.86
N LYS AA 314 -41.86 -11.70 40.86
CA LYS AA 314 -41.77 -10.26 41.05
C LYS AA 314 -42.93 -9.75 41.91
N TYR AA 315 -44.10 -10.36 41.79
CA TYR AA 315 -45.24 -9.93 42.58
C TYR AA 315 -45.11 -10.35 44.04
N ALA AA 316 -44.49 -11.50 44.29
CA ALA AA 316 -44.27 -11.94 45.66
C ALA AA 316 -43.10 -11.24 46.33
N ALA AA 317 -42.36 -10.39 45.60
CA ALA AA 317 -41.24 -9.66 46.16
C ALA AA 317 -41.48 -8.16 46.26
N ALA AA 318 -42.31 -7.59 45.38
CA ALA AA 318 -42.65 -6.18 45.49
C ALA AA 318 -43.48 -5.93 46.74
N GLU AA 319 -44.56 -6.68 46.90
CA GLU AA 319 -45.17 -6.82 48.22
C GLU AA 319 -44.61 -8.10 48.85
N TYR AA 320 -45.00 -8.37 50.10
CA TYR AA 320 -44.38 -9.40 50.96
C TYR AA 320 -42.88 -9.22 51.09
N GLY AA 321 -42.44 -7.97 51.19
CA GLY AA 321 -41.02 -7.68 51.25
C GLY AA 321 -40.73 -6.25 51.68
N PRO AA 322 -39.45 -5.96 51.97
CA PRO AA 322 -39.06 -4.62 52.40
C PRO AA 322 -39.11 -3.57 51.29
N GLU AA 323 -38.69 -2.35 51.61
CA GLU AA 323 -38.67 -1.26 50.63
C GLU AA 323 -37.56 -0.27 50.96
N PRO AA 338 -39.28 -0.41 46.21
CA PRO AA 338 -39.74 -1.79 46.32
C PRO AA 338 -38.61 -2.79 46.25
N PHE AA 339 -38.84 -4.00 46.77
CA PHE AA 339 -37.80 -5.01 46.90
C PHE AA 339 -37.63 -5.73 45.57
N GLU AA 340 -36.55 -5.42 44.86
CA GLU AA 340 -36.25 -6.09 43.62
C GLU AA 340 -35.74 -7.51 43.89
N SER AA 341 -36.29 -8.48 43.16
CA SER AA 341 -35.86 -9.86 43.29
C SER AA 341 -34.82 -10.19 42.23
N ASN AA 342 -34.16 -11.33 42.41
CA ASN AA 342 -33.22 -11.84 41.43
C ASN AA 342 -33.77 -12.96 40.57
N THR AA 343 -34.71 -13.76 41.11
CA THR AA 343 -35.31 -14.81 40.30
C THR AA 343 -36.29 -14.23 39.28
N ALA AA 344 -36.76 -13.00 39.49
CA ALA AA 344 -37.53 -12.33 38.46
C ALA AA 344 -36.64 -11.71 37.41
N ARG AA 345 -35.35 -11.56 37.70
CA ARG AA 345 -34.43 -11.01 36.71
C ARG AA 345 -33.77 -12.11 35.90
N SER AA 346 -33.32 -13.19 36.55
CA SER AA 346 -32.60 -14.23 35.83
C SER AA 346 -33.53 -15.07 34.98
N MET AA 347 -34.81 -15.13 35.33
CA MET AA 347 -35.76 -15.90 34.54
C MET AA 347 -36.43 -15.07 33.44
N GLN AA 348 -36.45 -13.75 33.60
CA GLN AA 348 -36.79 -12.89 32.48
C GLN AA 348 -35.68 -12.91 31.42
N GLN AA 349 -34.47 -13.32 31.79
CA GLN AA 349 -33.43 -13.54 30.79
C GLN AA 349 -33.70 -14.78 29.97
N LEU AA 350 -34.31 -15.81 30.56
CA LEU AA 350 -34.69 -16.97 29.76
C LEU AA 350 -35.90 -16.68 28.89
N ALA AA 351 -36.77 -15.77 29.33
CA ALA AA 351 -37.89 -15.37 28.49
C ALA AA 351 -37.43 -14.57 27.28
N GLU AA 352 -36.32 -13.85 27.41
CA GLU AA 352 -35.77 -13.15 26.26
C GLU AA 352 -35.04 -14.10 25.32
N GLN AA 353 -34.65 -15.29 25.80
CA GLN AA 353 -34.11 -16.29 24.90
C GLN AA 353 -35.23 -16.99 24.14
N ALA AA 354 -36.40 -17.13 24.75
CA ALA AA 354 -37.51 -17.80 24.10
C ALA AA 354 -38.17 -16.91 23.05
N VAL AA 355 -37.98 -15.59 23.13
CA VAL AA 355 -38.46 -14.72 22.08
C VAL AA 355 -37.51 -14.73 20.90
N GLU AA 356 -36.20 -14.74 21.18
CA GLU AA 356 -35.19 -14.72 20.12
C GLU AA 356 -35.18 -16.04 19.36
N LYS AA 357 -35.31 -17.16 20.06
CA LYS AA 357 -35.26 -18.46 19.39
C LYS AA 357 -36.52 -18.71 18.59
N SER AA 358 -37.68 -18.34 19.12
CA SER AA 358 -38.93 -18.56 18.43
C SER AA 358 -39.25 -17.46 17.44
N GLY AA 359 -38.38 -16.45 17.31
CA GLY AA 359 -38.47 -15.50 16.23
C GLY AA 359 -37.63 -15.86 15.03
N ARG AA 360 -36.84 -16.93 15.13
CA ARG AA 360 -36.04 -17.44 14.03
C ARG AA 360 -36.77 -18.48 13.20
N ARG AA 361 -38.00 -18.83 13.59
CA ARG AA 361 -38.78 -19.79 12.86
C ARG AA 361 -39.48 -19.13 11.68
N PRO AA 362 -39.37 -19.66 10.47
CA PRO AA 362 -40.04 -19.04 9.33
C PRO AA 362 -41.52 -19.42 9.28
N ALA AA 363 -42.28 -18.60 8.58
CA ALA AA 363 -43.67 -18.94 8.30
C ALA AA 363 -43.75 -19.95 7.17
N THR AA 364 -44.86 -20.66 7.11
CA THR AA 364 -45.07 -21.65 6.07
C THR AA 364 -46.26 -21.25 5.22
N LEU AA 365 -46.31 -21.81 4.00
CA LEU AA 365 -47.56 -21.82 3.27
C LEU AA 365 -47.72 -23.19 2.63
N THR AA 366 -48.87 -23.81 2.86
CA THR AA 366 -49.12 -25.15 2.37
C THR AA 366 -50.08 -25.09 1.19
N ILE AA 367 -49.90 -26.02 0.26
CA ILE AA 367 -50.81 -26.23 -0.85
C ILE AA 367 -51.28 -27.67 -0.75
N ASN AA 368 -52.59 -27.88 -0.67
CA ASN AA 368 -53.13 -29.20 -0.36
C ASN AA 368 -52.98 -30.13 -1.55
N GLN AA 369 -53.26 -31.42 -1.31
CA GLN AA 369 -52.92 -32.46 -2.25
C GLN AA 369 -53.97 -32.70 -3.33
N GLY AA 370 -54.84 -31.74 -3.58
CA GLY AA 370 -55.81 -31.96 -4.63
C GLY AA 370 -55.99 -30.78 -5.55
N THR AA 371 -55.31 -29.68 -5.25
CA THR AA 371 -55.62 -28.39 -5.88
C THR AA 371 -55.23 -28.39 -7.35
N VAL AA 372 -56.09 -27.79 -8.16
CA VAL AA 372 -55.89 -27.75 -9.60
C VAL AA 372 -54.87 -26.66 -9.90
N LEU AA 373 -53.66 -27.07 -10.26
CA LEU AA 373 -52.62 -26.13 -10.62
C LEU AA 373 -52.70 -25.84 -12.11
N ASN AA 374 -51.72 -25.09 -12.62
CA ASN AA 374 -51.70 -24.74 -14.03
C ASN AA 374 -50.26 -24.33 -14.36
N VAL AA 375 -49.80 -24.67 -15.56
CA VAL AA 375 -48.42 -24.47 -15.96
C VAL AA 375 -48.39 -23.67 -17.25
N TYR AA 376 -47.63 -22.58 -17.27
CA TYR AA 376 -47.42 -21.78 -18.47
C TYR AA 376 -46.13 -22.26 -19.12
N VAL AA 377 -46.22 -22.86 -20.29
CA VAL AA 377 -45.00 -23.23 -20.98
C VAL AA 377 -44.38 -21.98 -21.59
N ALA AA 378 -43.07 -21.84 -21.47
CA ALA AA 378 -42.39 -20.61 -21.82
C ALA AA 378 -41.41 -20.74 -22.98
N LYS AA 379 -41.18 -21.94 -23.50
CA LYS AA 379 -40.43 -22.13 -24.73
C LYS AA 379 -41.07 -23.24 -25.55
N ASP AA 380 -40.86 -23.18 -26.86
CA ASP AA 380 -41.44 -24.15 -27.76
C ASP AA 380 -40.77 -25.51 -27.58
N VAL AA 381 -41.58 -26.57 -27.67
CA VAL AA 381 -41.10 -27.94 -27.64
C VAL AA 381 -41.52 -28.59 -28.94
N ASP AA 382 -40.60 -29.29 -29.61
CA ASP AA 382 -40.85 -29.82 -30.94
C ASP AA 382 -41.01 -31.33 -30.85
N PHE AA 383 -42.24 -31.80 -31.04
CA PHE AA 383 -42.58 -33.22 -31.03
C PHE AA 383 -42.53 -33.87 -32.40
N SER AA 384 -41.91 -33.23 -33.39
CA SER AA 384 -42.01 -33.74 -34.75
C SER AA 384 -41.18 -34.99 -34.99
N ALA AA 385 -40.17 -35.24 -34.16
CA ALA AA 385 -39.33 -36.42 -34.29
C ALA AA 385 -39.89 -37.63 -33.57
N VAL AA 386 -41.15 -37.56 -33.14
CA VAL AA 386 -41.78 -38.60 -32.35
C VAL AA 386 -43.05 -39.11 -33.02
N LEU AA 387 -43.87 -38.20 -33.52
CA LEU AA 387 -45.20 -38.52 -34.02
C LEU AA 387 -45.11 -39.39 -35.26
N PRO AA 388 -46.01 -40.35 -35.43
CA PRO AA 388 -45.94 -41.22 -36.60
C PRO AA 388 -46.29 -40.48 -37.88
N LYS AA 389 -45.67 -40.94 -38.97
CA LYS AA 389 -45.80 -40.23 -40.25
C LYS AA 389 -46.81 -40.94 -41.15
N CYS BA 22 -44.15 -32.06 29.14
CA CYS BA 22 -43.44 -31.39 28.05
C CYS BA 22 -42.48 -32.34 27.35
N ALA BA 23 -42.41 -33.58 27.83
CA ALA BA 23 -41.43 -34.54 27.34
C ALA BA 23 -41.88 -35.12 26.00
N THR BA 24 -41.13 -36.13 25.53
CA THR BA 24 -41.35 -36.71 24.21
C THR BA 24 -42.24 -37.94 24.31
N LYS BA 25 -43.26 -38.00 23.47
CA LYS BA 25 -44.14 -39.16 23.42
C LYS BA 25 -43.43 -40.35 22.79
N PRO BA 26 -43.33 -41.49 23.49
CA PRO BA 26 -42.61 -42.64 22.92
C PRO BA 26 -43.40 -43.39 21.87
N ALA BA 27 -42.84 -44.52 21.42
CA ALA BA 27 -43.49 -45.37 20.45
C ALA BA 27 -44.68 -46.08 21.10
N PRO BA 28 -45.66 -46.52 20.30
CA PRO BA 28 -46.78 -47.30 20.87
C PRO BA 28 -46.32 -48.64 21.40
N ASP BA 29 -47.05 -49.15 22.38
CA ASP BA 29 -46.72 -50.39 23.05
C ASP BA 29 -47.88 -51.37 22.89
N PHE BA 30 -47.56 -52.66 22.92
CA PHE BA 30 -48.56 -53.69 22.69
C PHE BA 30 -49.28 -54.04 23.98
N GLY BA 31 -50.04 -55.13 23.95
CA GLY BA 31 -50.74 -55.61 25.13
C GLY BA 31 -51.96 -56.42 24.75
N GLY BA 32 -52.18 -57.54 25.43
CA GLY BA 32 -53.28 -58.40 25.08
C GLY BA 32 -53.31 -59.73 25.81
N ARG BA 33 -53.55 -60.81 25.07
CA ARG BA 33 -53.93 -62.09 25.65
C ARG BA 33 -52.85 -63.15 25.57
N TRP BA 34 -51.84 -62.97 24.72
CA TRP BA 34 -50.80 -63.94 24.39
C TRP BA 34 -51.39 -65.26 23.88
N LYS BA 35 -52.04 -65.15 22.72
CA LYS BA 35 -52.38 -66.34 21.95
C LYS BA 35 -51.11 -66.90 21.32
N HIS BA 36 -51.13 -68.19 21.01
CA HIS BA 36 -49.93 -68.83 20.48
C HIS BA 36 -49.96 -68.88 18.96
N VAL BA 37 -48.78 -68.70 18.36
CA VAL BA 37 -48.69 -68.51 16.91
C VAL BA 37 -48.87 -69.83 16.17
N ASN BA 38 -47.98 -70.79 16.43
CA ASN BA 38 -47.88 -72.01 15.64
C ASN BA 38 -49.02 -72.94 16.01
N HIS BA 39 -50.18 -72.70 15.40
CA HIS BA 39 -51.42 -73.35 15.77
C HIS BA 39 -51.94 -74.19 14.62
N PHE BA 40 -51.98 -75.50 14.82
CA PHE BA 40 -52.70 -76.37 13.90
C PHE BA 40 -54.21 -76.16 14.05
N ASP BA 41 -54.93 -76.30 12.95
CA ASP BA 41 -56.37 -76.21 12.98
C ASP BA 41 -56.97 -77.61 13.15
N GLU BA 42 -58.29 -77.71 13.00
CA GLU BA 42 -58.98 -78.98 13.10
C GLU BA 42 -59.75 -79.36 11.85
N ALA BA 43 -59.85 -78.47 10.87
CA ALA BA 43 -60.57 -78.76 9.64
C ALA BA 43 -59.57 -79.00 8.53
N PRO BA 44 -59.47 -80.21 8.00
CA PRO BA 44 -58.55 -80.45 6.89
C PRO BA 44 -59.05 -79.88 5.57
N THR BA 45 -58.76 -78.59 5.36
CA THR BA 45 -59.09 -77.91 4.12
C THR BA 45 -58.41 -78.58 2.93
N GLU BA 46 -59.21 -78.96 1.94
CA GLU BA 46 -58.73 -79.72 0.80
C GLU BA 46 -58.31 -78.75 -0.31
N ILE BA 47 -57.00 -78.60 -0.50
CA ILE BA 47 -56.46 -77.75 -1.56
C ILE BA 47 -56.43 -78.56 -2.86
N PRO BA 48 -57.11 -78.12 -3.91
CA PRO BA 48 -57.04 -78.85 -5.19
C PRO BA 48 -55.68 -78.69 -5.84
N LEU BA 49 -55.31 -79.69 -6.64
CA LEU BA 49 -54.07 -79.68 -7.39
C LEU BA 49 -54.26 -79.35 -8.85
N TYR BA 50 -55.30 -79.89 -9.48
CA TYR BA 50 -55.53 -79.76 -10.92
C TYR BA 50 -56.81 -78.96 -11.11
N THR BA 51 -56.67 -77.67 -11.38
CA THR BA 51 -57.79 -76.76 -11.51
C THR BA 51 -58.11 -76.53 -12.98
N SER BA 52 -59.37 -76.70 -13.36
CA SER BA 52 -59.80 -76.49 -14.73
C SER BA 52 -60.17 -75.02 -14.93
N TYR BA 53 -60.77 -74.70 -16.07
CA TYR BA 53 -61.16 -73.35 -16.41
C TYR BA 53 -62.67 -73.18 -16.22
N THR BA 54 -63.06 -72.21 -15.40
CA THR BA 54 -64.47 -71.96 -15.11
C THR BA 54 -64.99 -70.87 -16.04
N TYR BA 55 -65.95 -71.22 -16.87
CA TYR BA 55 -66.65 -70.24 -17.70
C TYR BA 55 -67.53 -69.38 -16.80
N GLN BA 56 -67.21 -68.08 -16.71
CA GLN BA 56 -67.99 -67.18 -15.88
C GLN BA 56 -67.99 -65.80 -16.52
N ALA BA 57 -68.69 -64.87 -15.88
CA ALA BA 57 -68.94 -63.54 -16.42
C ALA BA 57 -68.35 -62.50 -15.48
N THR BA 58 -67.25 -61.89 -15.89
CA THR BA 58 -66.67 -60.79 -15.14
C THR BA 58 -67.47 -59.52 -15.37
N PRO BA 59 -67.34 -58.52 -14.49
CA PRO BA 59 -67.92 -57.21 -14.78
C PRO BA 59 -67.12 -56.37 -15.76
N MET BA 60 -65.90 -56.79 -16.10
CA MET BA 60 -65.05 -55.95 -16.95
C MET BA 60 -65.48 -55.96 -18.40
N ASP BA 61 -65.65 -57.15 -18.98
CA ASP BA 61 -66.14 -57.25 -20.35
C ASP BA 61 -67.59 -56.77 -20.44
N GLY BA 62 -67.80 -55.69 -21.15
CA GLY BA 62 -69.06 -54.97 -21.10
C GLY BA 62 -70.22 -55.66 -21.80
N THR BA 63 -70.02 -56.05 -23.05
CA THR BA 63 -71.10 -56.53 -23.89
C THR BA 63 -71.05 -58.05 -24.01
N LEU BA 64 -72.05 -58.60 -24.70
CA LEU BA 64 -72.11 -60.04 -24.91
C LEU BA 64 -71.06 -60.51 -25.89
N LYS BA 65 -70.66 -59.66 -26.83
CA LYS BA 65 -69.67 -60.09 -27.81
C LYS BA 65 -68.28 -60.14 -27.19
N THR BA 66 -67.96 -59.18 -26.32
CA THR BA 66 -66.62 -59.15 -25.71
C THR BA 66 -66.47 -60.24 -24.66
N MET BA 67 -67.57 -60.76 -24.12
CA MET BA 67 -67.46 -61.87 -23.18
C MET BA 67 -67.22 -63.17 -23.93
N LEU BA 68 -67.83 -63.34 -25.08
CA LEU BA 68 -67.61 -64.56 -25.85
C LEU BA 68 -66.33 -64.52 -26.67
N GLU BA 69 -65.75 -63.34 -26.89
CA GLU BA 69 -64.44 -63.30 -27.51
C GLU BA 69 -63.35 -63.75 -26.54
N ARG BA 70 -63.59 -63.64 -25.23
CA ARG BA 70 -62.61 -64.13 -24.27
C ARG BA 70 -62.98 -65.48 -23.68
N TRP BA 71 -64.13 -66.04 -24.01
CA TRP BA 71 -64.33 -67.46 -23.75
C TRP BA 71 -63.71 -68.29 -24.86
N ALA BA 72 -63.77 -67.80 -26.10
CA ALA BA 72 -63.14 -68.50 -27.21
C ALA BA 72 -61.62 -68.39 -27.14
N ALA BA 73 -61.11 -67.27 -26.64
CA ALA BA 73 -59.66 -67.11 -26.56
C ALA BA 73 -59.07 -67.93 -25.42
N ASP BA 74 -59.77 -68.01 -24.30
CA ASP BA 74 -59.29 -68.75 -23.14
C ASP BA 74 -59.61 -70.23 -23.20
N SER BA 75 -60.08 -70.73 -24.33
CA SER BA 75 -60.38 -72.16 -24.46
C SER BA 75 -59.98 -72.74 -25.81
N ASN BA 76 -59.33 -71.95 -26.67
CA ASN BA 76 -58.93 -72.32 -28.04
C ASN BA 76 -60.14 -72.79 -28.85
N MET BA 77 -61.08 -71.88 -29.05
CA MET BA 77 -62.21 -72.08 -29.93
C MET BA 77 -62.39 -70.84 -30.81
N GLN BA 78 -63.26 -70.97 -31.81
CA GLN BA 78 -63.51 -69.89 -32.75
C GLN BA 78 -64.89 -69.33 -32.50
N LEU BA 79 -65.02 -68.01 -32.66
CA LEU BA 79 -66.29 -67.33 -32.44
C LEU BA 79 -66.88 -66.89 -33.77
N SER BA 80 -68.11 -67.31 -34.03
CA SER BA 80 -68.87 -66.86 -35.20
C SER BA 80 -70.08 -66.09 -34.68
N TYR BA 81 -69.87 -64.79 -34.46
CA TYR BA 81 -70.94 -63.92 -33.99
C TYR BA 81 -71.73 -63.45 -35.21
N ASN BA 82 -72.95 -63.95 -35.36
CA ASN BA 82 -73.76 -63.70 -36.54
C ASN BA 82 -75.01 -62.90 -36.18
N LEU BA 83 -74.85 -61.90 -35.34
CA LEU BA 83 -75.95 -60.99 -35.06
C LEU BA 83 -75.64 -59.60 -35.61
N PRO BA 84 -76.65 -58.86 -36.09
CA PRO BA 84 -76.39 -57.52 -36.62
C PRO BA 84 -76.12 -56.47 -35.54
N SER BA 85 -76.35 -56.80 -34.26
CA SER BA 85 -76.12 -55.83 -33.20
C SER BA 85 -75.64 -56.56 -31.96
N ASP BA 86 -75.18 -55.78 -30.98
CA ASP BA 86 -74.52 -56.30 -29.79
C ASP BA 86 -75.31 -55.89 -28.56
N TYR BA 87 -75.37 -56.80 -27.59
CA TYR BA 87 -76.16 -56.62 -26.37
C TYR BA 87 -75.24 -56.51 -25.17
N THR BA 88 -75.60 -55.63 -24.23
CA THR BA 88 -74.81 -55.50 -23.02
C THR BA 88 -75.20 -56.57 -22.01
N LEU BA 89 -74.33 -56.78 -21.02
CA LEU BA 89 -74.56 -57.82 -20.03
C LEU BA 89 -75.50 -57.33 -18.95
N ILE BA 90 -76.40 -58.23 -18.51
CA ILE BA 90 -77.43 -57.87 -17.53
C ILE BA 90 -77.25 -58.65 -16.25
N GLY BA 91 -78.15 -58.40 -15.29
CA GLY BA 91 -78.13 -58.97 -13.96
C GLY BA 91 -78.02 -60.49 -13.84
N PRO BA 92 -78.93 -61.25 -14.44
CA PRO BA 92 -78.85 -62.72 -14.32
C PRO BA 92 -77.71 -63.37 -15.09
N VAL BA 93 -76.84 -62.62 -15.76
CA VAL BA 93 -75.66 -63.22 -16.37
C VAL BA 93 -74.65 -63.60 -15.29
N SER BA 94 -74.64 -62.86 -14.18
CA SER BA 94 -73.70 -63.11 -13.10
C SER BA 94 -74.13 -64.25 -12.19
N ALA BA 95 -74.46 -65.40 -12.79
CA ALA BA 95 -74.68 -66.63 -12.04
C ALA BA 95 -74.09 -67.83 -12.74
N ILE BA 96 -73.50 -67.65 -13.92
CA ILE BA 96 -72.90 -68.75 -14.66
C ILE BA 96 -71.51 -69.01 -14.10
N SER BA 97 -71.27 -70.22 -13.62
CA SER BA 97 -69.94 -70.62 -13.17
C SER BA 97 -69.83 -72.12 -13.38
N THR BA 98 -69.24 -72.51 -14.51
CA THR BA 98 -69.21 -73.91 -14.92
C THR BA 98 -67.89 -74.19 -15.60
N THR BA 99 -67.32 -75.36 -15.35
CA THR BA 99 -66.14 -75.85 -16.06
C THR BA 99 -66.49 -76.55 -17.35
N SER BA 100 -67.74 -76.46 -17.80
CA SER BA 100 -68.23 -77.07 -19.03
C SER BA 100 -68.75 -75.98 -19.96
N VAL BA 101 -68.35 -76.05 -21.23
CA VAL BA 101 -68.75 -75.02 -22.18
C VAL BA 101 -70.21 -75.21 -22.59
N GLN BA 102 -70.69 -76.45 -22.59
CA GLN BA 102 -72.06 -76.69 -23.06
C GLN BA 102 -73.08 -76.26 -22.02
N GLN BA 103 -72.76 -76.40 -20.73
CA GLN BA 103 -73.71 -76.00 -19.70
C GLN BA 103 -73.70 -74.48 -19.53
N ALA BA 104 -72.62 -73.82 -19.94
CA ALA BA 104 -72.57 -72.36 -19.85
C ALA BA 104 -73.24 -71.71 -21.04
N ALA BA 105 -73.20 -72.35 -22.22
CA ALA BA 105 -73.93 -71.82 -23.36
C ALA BA 105 -75.43 -72.07 -23.22
N THR BA 106 -75.82 -73.07 -22.42
CA THR BA 106 -77.23 -73.30 -22.16
C THR BA 106 -77.79 -72.26 -21.19
N GLU BA 107 -77.05 -71.96 -20.12
CA GLU BA 107 -77.50 -70.97 -19.15
C GLU BA 107 -77.47 -69.56 -19.74
N LEU BA 108 -76.64 -69.33 -20.76
CA LEU BA 108 -76.59 -68.01 -21.37
C LEU BA 108 -77.82 -67.78 -22.25
N SER BA 109 -78.19 -68.78 -23.06
CA SER BA 109 -79.32 -68.66 -23.96
C SER BA 109 -80.65 -68.63 -23.23
N ALA BA 110 -80.70 -69.10 -21.97
CA ALA BA 110 -81.90 -68.92 -21.17
C ALA BA 110 -82.05 -67.48 -20.73
N VAL BA 111 -80.96 -66.76 -20.57
CA VAL BA 111 -81.03 -65.36 -20.16
C VAL BA 111 -81.46 -64.50 -21.33
N TYR BA 112 -80.79 -64.63 -22.47
CA TYR BA 112 -81.08 -63.83 -23.65
C TYR BA 112 -82.06 -64.53 -24.58
N ALA BA 113 -83.18 -64.97 -24.03
CA ALA BA 113 -84.24 -65.56 -24.82
C ALA BA 113 -85.24 -64.53 -25.29
N ALA BA 114 -85.34 -63.40 -24.59
CA ALA BA 114 -86.31 -62.37 -24.96
C ALA BA 114 -85.89 -61.58 -26.19
N GLN BA 115 -84.60 -61.63 -26.55
CA GLN BA 115 -84.11 -60.89 -27.69
C GLN BA 115 -83.78 -61.77 -28.88
N GLY BA 116 -84.08 -63.06 -28.79
CA GLY BA 116 -83.84 -63.97 -29.89
C GLY BA 116 -82.37 -64.25 -30.12
N VAL BA 117 -81.65 -64.59 -29.04
CA VAL BA 117 -80.23 -64.87 -29.10
C VAL BA 117 -80.02 -66.31 -28.66
N SER BA 118 -79.47 -67.13 -29.54
CA SER BA 118 -79.18 -68.53 -29.25
C SER BA 118 -77.70 -68.78 -29.42
N VAL BA 119 -77.05 -69.27 -28.38
CA VAL BA 119 -75.62 -69.55 -28.38
C VAL BA 119 -75.43 -71.05 -28.20
N SER BA 120 -74.72 -71.68 -29.13
CA SER BA 120 -74.47 -73.10 -29.08
C SER BA 120 -73.04 -73.37 -29.50
N VAL BA 121 -72.60 -74.62 -29.28
CA VAL BA 121 -71.23 -75.04 -29.56
C VAL BA 121 -71.29 -76.19 -30.54
N SER BA 122 -70.71 -76.00 -31.72
CA SER BA 122 -70.61 -77.07 -32.71
C SER BA 122 -69.29 -77.82 -32.60
N ALA BA 123 -68.96 -78.21 -31.36
CA ALA BA 123 -67.91 -79.14 -30.95
C ALA BA 123 -66.48 -78.63 -31.17
N ASN BA 124 -66.31 -77.52 -31.87
CA ASN BA 124 -65.00 -76.87 -31.97
C ASN BA 124 -65.08 -75.35 -32.01
N LYS BA 125 -66.28 -74.77 -31.93
CA LYS BA 125 -66.47 -73.35 -32.15
C LYS BA 125 -67.83 -72.94 -31.60
N LEU BA 126 -67.97 -71.64 -31.33
CA LEU BA 126 -69.21 -71.09 -30.80
C LEU BA 126 -70.02 -70.45 -31.92
N LEU BA 127 -71.33 -70.63 -31.86
CA LEU BA 127 -72.25 -70.08 -32.86
C LEU BA 127 -73.23 -69.17 -32.16
N VAL BA 128 -73.29 -67.92 -32.61
CA VAL BA 128 -74.25 -66.95 -32.09
C VAL BA 128 -75.18 -66.60 -33.26
N GLN BA 129 -76.36 -67.18 -33.27
CA GLN BA 129 -77.33 -67.02 -34.34
C GLN BA 129 -78.69 -66.73 -33.73
N PRO BA 130 -79.60 -66.11 -34.48
CA PRO BA 130 -80.96 -65.93 -33.98
C PRO BA 130 -81.69 -67.25 -33.82
N VAL BA 131 -82.71 -67.24 -32.96
CA VAL BA 131 -83.46 -68.45 -32.64
C VAL BA 131 -84.39 -68.77 -33.82
N PRO BA 132 -84.51 -70.05 -34.21
CA PRO BA 132 -85.47 -70.42 -35.27
C PRO BA 132 -86.93 -70.24 -34.83
N GLN CA 27 -1.76 -73.39 -12.71
CA GLN CA 27 -1.03 -73.73 -13.92
C GLN CA 27 -0.86 -72.50 -14.81
N VAL CA 28 -1.95 -71.79 -15.02
CA VAL CA 28 -1.97 -70.54 -15.78
C VAL CA 28 -2.10 -69.34 -14.84
N VAL CA 29 -3.06 -69.39 -13.93
CA VAL CA 29 -3.15 -68.46 -12.82
C VAL CA 29 -2.84 -69.27 -11.57
N GLN CA 30 -1.70 -69.00 -10.94
CA GLN CA 30 -1.23 -69.82 -9.83
C GLN CA 30 -1.28 -69.04 -8.53
N GLU CA 31 -1.81 -69.67 -7.48
CA GLU CA 31 -1.83 -69.11 -6.15
C GLU CA 31 -0.70 -69.67 -5.33
N TYR CA 32 -0.02 -68.82 -4.57
CA TYR CA 32 0.97 -69.25 -3.61
C TYR CA 32 0.48 -68.91 -2.21
N GLU CA 33 0.87 -69.73 -1.25
CA GLU CA 33 0.57 -69.47 0.15
C GLU CA 33 1.77 -68.79 0.78
N TYR CA 34 1.53 -67.67 1.45
CA TYR CA 34 2.64 -66.88 2.00
C TYR CA 34 3.21 -67.56 3.24
N ALA CA 35 4.48 -67.90 3.17
CA ALA CA 35 5.26 -68.33 4.32
C ALA CA 35 6.54 -67.51 4.35
N PRO CA 36 7.07 -67.20 5.53
CA PRO CA 36 8.27 -66.37 5.61
C PRO CA 36 9.50 -67.10 5.08
N ASP CA 37 10.26 -66.40 4.22
CA ASP CA 37 11.51 -66.86 3.60
C ASP CA 37 11.30 -68.13 2.78
N ARG CA 38 10.48 -68.01 1.75
CA ARG CA 38 10.23 -69.09 0.80
C ARG CA 38 10.56 -68.57 -0.61
N ILE CA 39 11.08 -69.45 -1.45
CA ILE CA 39 11.48 -69.07 -2.79
C ILE CA 39 10.32 -69.38 -3.74
N TYR CA 40 9.66 -68.33 -4.25
CA TYR CA 40 8.53 -68.49 -5.14
C TYR CA 40 9.00 -68.39 -6.58
N GLN CA 41 8.63 -69.36 -7.40
CA GLN CA 41 9.07 -69.41 -8.79
C GLN CA 41 8.03 -68.77 -9.70
N VAL CA 42 8.46 -67.79 -10.47
CA VAL CA 42 7.62 -67.10 -11.45
C VAL CA 42 8.17 -67.42 -12.83
N ARG CA 43 7.35 -68.01 -13.67
CA ARG CA 43 7.78 -68.45 -15.00
C ARG CA 43 7.14 -67.54 -16.04
N THR CA 44 7.97 -66.87 -16.84
CA THR CA 44 7.51 -65.87 -17.78
C THR CA 44 7.74 -66.33 -19.21
N GLY CA 45 7.18 -65.56 -20.14
CA GLY CA 45 7.40 -65.79 -21.56
C GLY CA 45 7.83 -64.49 -22.21
N LEU CA 46 8.28 -64.60 -23.47
CA LEU CA 46 9.03 -63.48 -24.05
C LEU CA 46 8.13 -62.34 -24.51
N GLY CA 47 6.94 -62.63 -25.03
CA GLY CA 47 6.04 -61.55 -25.42
C GLY CA 47 4.75 -61.52 -24.61
N ILE CA 48 4.87 -61.78 -23.31
CA ILE CA 48 3.74 -62.04 -22.43
C ILE CA 48 3.96 -61.29 -21.12
N THR CA 49 2.99 -60.46 -20.72
CA THR CA 49 3.03 -59.91 -19.38
C THR CA 49 2.62 -60.95 -18.37
N THR CA 50 3.35 -61.00 -17.26
CA THR CA 50 2.97 -61.77 -16.08
C THR CA 50 2.84 -60.77 -14.94
N GLN CA 51 1.71 -60.78 -14.25
CA GLN CA 51 1.59 -59.91 -13.09
C GLN CA 51 1.68 -60.73 -11.82
N VAL CA 52 2.41 -60.19 -10.84
CA VAL CA 52 2.37 -60.70 -9.48
C VAL CA 52 1.54 -59.72 -8.67
N GLU CA 53 0.68 -60.25 -7.80
CA GLU CA 53 -0.24 -59.42 -7.04
C GLU CA 53 -0.01 -59.66 -5.56
N LEU CA 54 0.42 -58.63 -4.86
CA LEU CA 54 0.70 -58.69 -3.45
C LEU CA 54 -0.58 -58.36 -2.68
N SER CA 55 -0.46 -58.18 -1.38
CA SER CA 55 -1.65 -57.85 -0.60
C SER CA 55 -2.01 -56.38 -0.80
N PRO CA 56 -3.31 -56.06 -0.85
CA PRO CA 56 -3.71 -54.65 -0.90
C PRO CA 56 -3.52 -53.92 0.42
N ASN CA 57 -3.23 -54.63 1.50
CA ASN CA 57 -3.21 -54.02 2.82
C ASN CA 57 -1.93 -53.21 3.04
N GLU CA 58 -0.78 -53.77 2.71
CA GLU CA 58 0.50 -53.18 3.03
C GLU CA 58 1.09 -52.40 1.87
N LYS CA 59 1.88 -51.38 2.20
CA LYS CA 59 2.55 -50.55 1.22
C LYS CA 59 3.92 -51.11 0.91
N ILE CA 60 4.27 -51.13 -0.38
CA ILE CA 60 5.56 -51.67 -0.81
C ILE CA 60 6.64 -50.63 -0.57
N LEU CA 61 7.65 -51.01 0.22
CA LEU CA 61 8.75 -50.10 0.53
C LEU CA 61 9.74 -50.03 -0.62
N ASP CA 62 10.34 -51.16 -0.98
CA ASP CA 62 11.37 -51.18 -2.01
C ASP CA 62 11.41 -52.54 -2.69
N TYR CA 63 12.15 -52.59 -3.79
CA TYR CA 63 12.32 -53.81 -4.57
C TYR CA 63 13.60 -53.68 -5.37
N SER CA 64 14.23 -54.83 -5.65
CA SER CA 64 15.44 -54.83 -6.45
C SER CA 64 15.62 -56.19 -7.08
N THR CA 65 15.72 -56.21 -8.40
CA THR CA 65 16.00 -57.43 -9.15
C THR CA 65 17.44 -57.41 -9.66
N GLY CA 66 18.08 -58.56 -9.65
CA GLY CA 66 19.36 -58.69 -10.30
C GLY CA 66 19.18 -58.68 -11.80
N PHE CA 67 20.19 -58.14 -12.50
CA PHE CA 67 20.21 -57.96 -13.96
C PHE CA 67 19.00 -57.13 -14.42
N THR CA 68 19.03 -55.86 -14.01
CA THR CA 68 17.90 -54.96 -14.19
C THR CA 68 17.63 -54.69 -15.66
N GLY CA 69 18.66 -54.67 -16.49
CA GLY CA 69 18.49 -54.37 -17.91
C GLY CA 69 18.07 -55.56 -18.77
N GLY CA 70 17.34 -56.50 -18.19
CA GLY CA 70 16.81 -57.61 -18.94
C GLY CA 70 15.39 -57.89 -18.54
N TRP CA 71 14.79 -56.95 -17.81
CA TRP CA 71 13.44 -57.10 -17.29
C TRP CA 71 12.77 -55.74 -17.28
N GLU CA 72 11.71 -55.60 -18.07
CA GLU CA 72 10.87 -54.41 -18.07
C GLU CA 72 9.74 -54.63 -17.06
N LEU CA 73 9.83 -53.99 -15.91
CA LEU CA 73 8.81 -54.16 -14.88
C LEU CA 73 8.38 -52.81 -14.34
N THR CA 74 7.07 -52.62 -14.24
CA THR CA 74 6.46 -51.42 -13.68
C THR CA 74 5.51 -51.82 -12.56
N ARG CA 75 5.25 -50.90 -11.64
CA ARG CA 75 4.35 -51.20 -10.54
C ARG CA 75 3.22 -50.19 -10.45
N ARG CA 76 2.05 -50.67 -10.02
CA ARG CA 76 0.92 -49.82 -9.66
C ARG CA 76 0.42 -50.26 -8.28
N GLU CA 77 1.13 -49.82 -7.24
CA GLU CA 77 0.78 -49.79 -5.83
C GLU CA 77 0.66 -51.14 -5.13
N ASN CA 78 0.40 -52.24 -5.84
CA ASN CA 78 0.67 -53.57 -5.32
C ASN CA 78 0.96 -54.62 -6.39
N VAL CA 79 0.98 -54.28 -7.67
CA VAL CA 79 1.08 -55.25 -8.74
C VAL CA 79 2.26 -54.91 -9.63
N PHE CA 80 3.07 -55.91 -9.94
CA PHE CA 80 4.24 -55.75 -10.78
C PHE CA 80 3.98 -56.46 -12.10
N TYR CA 81 4.02 -55.73 -13.20
CA TYR CA 81 3.84 -56.32 -14.52
C TYR CA 81 5.22 -56.65 -15.09
N LEU CA 82 5.57 -57.93 -15.12
CA LEU CA 82 6.89 -58.39 -15.49
C LEU CA 82 6.90 -58.85 -16.94
N LYS CA 83 7.94 -58.47 -17.67
CA LYS CA 83 8.19 -59.07 -18.97
C LYS CA 83 9.69 -59.05 -19.20
N PRO CA 84 10.26 -60.12 -19.74
CA PRO CA 84 11.70 -60.16 -20.00
C PRO CA 84 12.04 -59.36 -21.27
N LYS CA 85 13.34 -59.29 -21.57
CA LYS CA 85 13.78 -58.65 -22.79
C LYS CA 85 14.66 -59.52 -23.65
N ASN CA 86 15.19 -60.63 -23.14
CA ASN CA 86 16.04 -61.49 -23.95
C ASN CA 86 15.87 -62.91 -23.44
N VAL CA 87 16.56 -63.86 -24.08
CA VAL CA 87 16.24 -65.27 -23.89
C VAL CA 87 16.83 -65.81 -22.59
N ASP CA 88 17.92 -65.23 -22.07
CA ASP CA 88 18.55 -65.71 -20.85
C ASP CA 88 18.70 -64.56 -19.86
N VAL CA 89 17.63 -64.28 -19.13
CA VAL CA 89 17.60 -63.17 -18.17
C VAL CA 89 17.14 -63.70 -16.82
N ASP CA 90 17.43 -64.96 -16.54
CA ASP CA 90 16.99 -65.61 -15.30
C ASP CA 90 17.64 -64.94 -14.11
N THR CA 91 16.83 -64.55 -13.13
CA THR CA 91 17.34 -63.80 -11.99
C THR CA 91 16.40 -63.97 -10.82
N ASN CA 92 16.70 -63.27 -9.73
CA ASN CA 92 15.82 -63.14 -8.59
C ASN CA 92 15.19 -61.75 -8.54
N MET CA 93 14.12 -61.63 -7.77
CA MET CA 93 13.58 -60.33 -7.44
C MET CA 93 13.06 -60.38 -6.02
N MET CA 94 13.38 -59.35 -5.25
CA MET CA 94 13.05 -59.31 -3.84
C MET CA 94 12.19 -58.10 -3.57
N ILE CA 95 11.00 -58.34 -3.03
CA ILE CA 95 10.07 -57.28 -2.67
C ILE CA 95 10.02 -57.23 -1.15
N ARG CA 96 10.07 -56.02 -0.60
CA ARG CA 96 10.04 -55.85 0.84
C ARG CA 96 8.96 -54.82 1.15
N THR CA 97 7.86 -55.29 1.74
CA THR CA 97 6.79 -54.42 2.17
C THR CA 97 7.02 -54.04 3.63
N ALA CA 98 5.98 -53.50 4.29
CA ALA CA 98 6.12 -53.09 5.68
C ALA CA 98 6.24 -54.28 6.63
N THR CA 99 5.57 -55.39 6.32
CA THR CA 99 5.61 -56.54 7.21
C THR CA 99 5.84 -57.86 6.49
N HIS CA 100 5.94 -57.89 5.17
CA HIS CA 100 6.19 -59.11 4.43
C HIS CA 100 7.48 -58.98 3.63
N SER CA 101 8.04 -60.12 3.25
CA SER CA 101 9.27 -60.16 2.47
C SER CA 101 9.20 -61.32 1.50
N TYR CA 102 9.31 -61.02 0.21
CA TYR CA 102 9.14 -62.00 -0.85
C TYR CA 102 10.45 -62.20 -1.57
N ILE CA 103 10.75 -63.46 -1.91
CA ILE CA 103 11.93 -63.77 -2.71
C ILE CA 103 11.42 -64.50 -3.94
N LEU CA 104 11.28 -63.79 -5.04
CA LEU CA 104 10.80 -64.36 -6.29
C LEU CA 104 11.97 -64.86 -7.12
N GLU CA 105 11.73 -65.94 -7.86
CA GLU CA 105 12.78 -66.60 -8.64
C GLU CA 105 12.34 -66.58 -10.10
N LEU CA 106 12.72 -65.53 -10.82
CA LEU CA 106 12.22 -65.26 -12.17
C LEU CA 106 12.89 -66.17 -13.19
N LYS CA 107 12.08 -66.75 -14.07
CA LYS CA 107 12.56 -67.65 -15.10
C LYS CA 107 12.01 -67.20 -16.45
N VAL CA 108 12.55 -67.79 -17.52
CA VAL CA 108 12.02 -67.62 -18.87
C VAL CA 108 11.83 -69.00 -19.47
N VAL CA 109 10.59 -69.35 -19.79
CA VAL CA 109 10.26 -70.71 -20.16
C VAL CA 109 9.70 -70.82 -21.59
N ALA CA 110 9.15 -69.75 -22.16
CA ALA CA 110 8.65 -69.78 -23.53
C ALA CA 110 9.22 -68.59 -24.28
N THR CA 111 9.99 -68.86 -25.34
CA THR CA 111 10.64 -67.81 -26.09
C THR CA 111 10.49 -67.93 -27.60
N ASP CA 112 10.15 -69.10 -28.13
CA ASP CA 112 10.19 -69.39 -29.56
C ASP CA 112 8.79 -69.61 -30.11
N TRP CA 113 7.75 -69.35 -29.33
CA TRP CA 113 6.39 -69.69 -29.69
C TRP CA 113 5.87 -68.77 -30.79
N GLN CA 114 5.08 -69.35 -31.69
CA GLN CA 114 4.35 -68.59 -32.70
C GLN CA 114 2.88 -68.50 -32.40
N ARG CA 115 2.32 -69.54 -31.80
CA ARG CA 115 0.93 -69.62 -31.40
C ARG CA 115 0.86 -69.55 -29.88
N LEU CA 116 -0.12 -68.81 -29.35
CA LEU CA 116 -0.12 -68.51 -27.92
C LEU CA 116 -0.53 -69.70 -27.07
N GLU CA 117 -1.07 -70.75 -27.68
CA GLU CA 117 -1.29 -72.01 -26.98
C GLU CA 117 0.02 -72.75 -26.70
N GLN CA 118 1.08 -72.46 -27.47
CA GLN CA 118 2.36 -73.11 -27.23
C GLN CA 118 3.05 -72.59 -25.99
N ALA CA 119 2.73 -71.35 -25.58
CA ALA CA 119 3.29 -70.85 -24.33
C ALA CA 119 2.53 -71.36 -23.12
N LYS CA 120 1.25 -71.71 -23.30
CA LYS CA 120 0.48 -72.37 -22.24
C LYS CA 120 1.10 -73.71 -21.89
N GLN CA 121 1.42 -74.50 -22.91
CA GLN CA 121 1.97 -75.84 -22.69
C GLN CA 121 3.42 -75.78 -22.24
N ALA CA 122 4.15 -74.73 -22.60
CA ALA CA 122 5.51 -74.56 -22.12
C ALA CA 122 5.52 -74.26 -20.64
N GLY CA 123 4.49 -73.60 -20.12
CA GLY CA 123 4.35 -73.46 -18.69
C GLY CA 123 4.41 -72.04 -18.19
N VAL CA 124 3.96 -71.07 -18.97
CA VAL CA 124 3.99 -69.70 -18.49
C VAL CA 124 2.91 -69.49 -17.44
N GLN CA 125 3.06 -68.41 -16.68
CA GLN CA 125 2.10 -68.05 -15.65
C GLN CA 125 1.61 -66.64 -15.96
N TYR CA 126 0.33 -66.53 -16.32
CA TYR CA 126 -0.26 -65.23 -16.61
C TYR CA 126 -0.38 -64.38 -15.35
N LYS CA 127 -0.85 -64.96 -14.26
CA LYS CA 127 -1.06 -64.21 -13.02
C LYS CA 127 -0.44 -64.99 -11.88
N VAL CA 128 0.09 -64.26 -10.89
CA VAL CA 128 0.55 -64.83 -9.63
C VAL CA 128 -0.09 -64.04 -8.50
N VAL CA 129 -0.83 -64.73 -7.64
CA VAL CA 129 -1.44 -64.10 -6.47
C VAL CA 129 -1.04 -64.88 -5.23
N PHE CA 130 -0.95 -64.16 -4.11
CA PHE CA 130 -0.52 -64.73 -2.85
C PHE CA 130 -1.70 -64.78 -1.88
N THR CA 131 -1.93 -65.94 -1.29
CA THR CA 131 -2.93 -66.11 -0.24
C THR CA 131 -2.25 -66.05 1.12
N TYR CA 132 -2.90 -65.41 2.08
CA TYR CA 132 -2.29 -65.12 3.37
C TYR CA 132 -3.04 -65.82 4.48
N PRO CA 133 -2.51 -66.89 5.04
CA PRO CA 133 -3.20 -67.59 6.13
C PRO CA 133 -3.07 -66.85 7.44
N LYS CA 134 -3.95 -67.19 8.37
CA LYS CA 134 -3.83 -66.66 9.72
C LYS CA 134 -2.87 -67.54 10.51
N ASP CA 135 -2.51 -67.07 11.71
CA ASP CA 135 -1.49 -67.72 12.51
C ASP CA 135 -1.98 -69.07 13.03
N THR CA 136 -1.03 -70.00 13.19
CA THR CA 136 -1.41 -71.38 13.53
C THR CA 136 -1.85 -71.51 14.98
N SER CA 137 -1.63 -70.48 15.81
CA SER CA 137 -2.14 -70.55 17.17
C SER CA 137 -3.64 -70.29 17.21
N PHE CA 138 -4.18 -69.69 16.15
CA PHE CA 138 -5.62 -69.52 16.07
C PHE CA 138 -6.29 -70.68 15.37
N ASN CA 139 -5.51 -71.51 14.67
CA ASN CA 139 -6.09 -72.68 14.00
C ASN CA 139 -6.39 -73.79 14.99
N ASN CA 140 -5.75 -73.75 16.16
CA ASN CA 140 -6.06 -74.72 17.20
C ASN CA 140 -7.42 -74.44 17.83
N VAL CA 141 -7.89 -73.20 17.72
CA VAL CA 141 -9.19 -72.81 18.22
C VAL CA 141 -10.28 -73.10 17.19
N LYS CA 148 -18.61 -75.05 8.90
CA LYS CA 148 -18.06 -75.63 7.68
C LYS CA 148 -19.13 -76.40 6.92
N ASN CA 149 -20.00 -77.08 7.66
CA ASN CA 149 -21.04 -77.93 7.09
C ASN CA 149 -22.17 -77.06 6.56
N GLY CA 150 -21.93 -76.50 5.38
CA GLY CA 150 -22.92 -75.68 4.72
C GLY CA 150 -23.09 -74.31 5.36
N PRO CA 151 -24.10 -73.57 4.91
CA PRO CA 151 -24.34 -72.24 5.45
C PRO CA 151 -25.03 -72.27 6.81
N LEU CA 152 -24.81 -71.19 7.56
CA LEU CA 152 -25.38 -71.09 8.91
C LEU CA 152 -26.84 -70.68 8.90
N LEU CA 153 -27.28 -69.94 7.88
CA LEU CA 153 -28.66 -69.48 7.79
C LEU CA 153 -29.31 -70.23 6.65
N ASN CA 154 -30.16 -71.19 6.98
CA ASN CA 154 -30.87 -71.98 5.99
C ASN CA 154 -32.33 -72.01 6.40
N ALA CA 155 -33.19 -71.38 5.60
CA ALA CA 155 -34.59 -71.19 5.97
C ALA CA 155 -35.40 -72.48 5.95
N LYS CA 156 -34.89 -73.54 5.32
CA LYS CA 156 -35.55 -74.83 5.38
C LYS CA 156 -35.30 -75.50 6.72
N ILE CA 157 -35.98 -76.62 6.95
CA ILE CA 157 -35.78 -77.43 8.14
C ILE CA 157 -34.79 -78.52 7.81
N LEU CA 158 -33.67 -78.53 8.52
CA LEU CA 158 -32.61 -79.47 8.22
C LEU CA 158 -32.80 -80.75 9.03
N LYS CA 159 -32.05 -81.78 8.65
CA LYS CA 159 -32.15 -83.06 9.32
C LYS CA 159 -31.52 -83.03 10.70
N ASP CA 160 -30.44 -82.27 10.87
CA ASP CA 160 -29.62 -82.31 12.07
C ASP CA 160 -29.54 -80.96 12.76
N ARG CA 161 -30.66 -80.26 12.86
CA ARG CA 161 -30.74 -79.04 13.65
C ARG CA 161 -31.95 -79.12 14.57
N ARG CA 162 -31.83 -78.48 15.72
CA ARG CA 162 -32.86 -78.53 16.75
C ARG CA 162 -33.68 -77.24 16.69
N TYR CA 163 -34.99 -77.38 16.52
CA TYR CA 163 -35.89 -76.25 16.37
C TYR CA 163 -36.79 -76.13 17.59
N TYR CA 164 -37.34 -74.93 17.78
CA TYR CA 164 -38.14 -74.61 18.96
C TYR CA 164 -39.40 -73.90 18.53
N TYR CA 165 -40.50 -74.64 18.45
CA TYR CA 165 -41.78 -74.13 17.95
C TYR CA 165 -42.69 -73.76 19.12
N ASP CA 166 -42.32 -72.73 19.86
CA ASP CA 166 -43.16 -72.33 20.98
C ASP CA 166 -43.03 -70.81 21.13
N TYR CA 167 -43.96 -70.10 20.49
CA TYR CA 167 -43.97 -68.65 20.46
C TYR CA 167 -45.40 -68.16 20.55
N ASP CA 168 -45.57 -66.99 21.17
CA ASP CA 168 -46.88 -66.39 21.33
C ASP CA 168 -46.92 -65.04 20.61
N TYR CA 169 -48.10 -64.44 20.55
CA TYR CA 169 -48.25 -63.10 20.02
C TYR CA 169 -49.31 -62.36 20.82
N ALA CA 170 -49.15 -61.05 20.91
CA ALA CA 170 -50.10 -60.22 21.64
C ALA CA 170 -50.26 -58.89 20.93
N THR CA 171 -51.51 -58.51 20.67
CA THR CA 171 -51.80 -57.26 19.98
C THR CA 171 -53.21 -56.82 20.32
N ARG CA 172 -53.48 -55.52 20.09
CA ARG CA 172 -54.78 -54.96 20.45
C ARG CA 172 -55.88 -55.46 19.52
N THR CA 173 -55.69 -55.26 18.22
CA THR CA 173 -56.69 -55.69 17.24
C THR CA 173 -56.71 -57.21 17.13
N LYS CA 174 -57.90 -57.77 16.92
CA LYS CA 174 -58.06 -59.22 16.94
C LYS CA 174 -57.49 -59.87 15.70
N LYS CA 175 -58.04 -59.54 14.53
CA LYS CA 175 -57.53 -60.05 13.26
C LYS CA 175 -56.79 -58.92 12.57
N SER CA 176 -55.47 -58.94 12.67
CA SER CA 176 -54.62 -57.96 12.02
C SER CA 176 -53.84 -58.61 10.89
N TRP CA 177 -53.34 -57.77 10.00
CA TRP CA 177 -52.44 -58.20 8.94
C TRP CA 177 -50.98 -58.17 9.37
N LEU CA 178 -50.70 -57.83 10.63
CA LEU CA 178 -49.34 -57.76 11.12
C LEU CA 178 -48.97 -58.98 11.95
N ILE CA 179 -49.92 -59.84 12.25
CA ILE CA 179 -49.66 -61.07 13.00
C ILE CA 179 -48.83 -62.02 12.12
N PRO CA 180 -47.70 -62.53 12.60
CA PRO CA 180 -46.91 -63.46 11.80
C PRO CA 180 -47.62 -64.78 11.62
N SER CA 181 -47.31 -65.45 10.51
CA SER CA 181 -47.88 -66.76 10.25
C SER CA 181 -47.24 -67.83 11.11
N ARG CA 182 -45.90 -67.91 11.07
CA ARG CA 182 -45.14 -68.93 11.77
C ARG CA 182 -43.87 -68.31 12.30
N VAL CA 183 -43.55 -68.57 13.57
CA VAL CA 183 -42.32 -68.08 14.19
C VAL CA 183 -41.63 -69.28 14.83
N TYR CA 184 -40.34 -69.46 14.55
CA TYR CA 184 -39.54 -70.50 15.16
C TYR CA 184 -38.08 -70.07 15.12
N ASP CA 185 -37.19 -70.95 15.55
CA ASP CA 185 -35.75 -70.66 15.49
C ASP CA 185 -34.96 -71.96 15.48
N ASP CA 186 -33.70 -71.85 15.08
CA ASP CA 186 -32.78 -72.99 15.06
C ASP CA 186 -31.69 -72.87 16.11
N GLY CA 187 -31.89 -72.04 17.12
CA GLY CA 187 -30.89 -71.77 18.12
C GLY CA 187 -30.01 -70.58 17.82
N LYS CA 188 -29.87 -70.22 16.55
CA LYS CA 188 -29.01 -69.12 16.14
C LYS CA 188 -29.73 -68.03 15.39
N PHE CA 189 -30.82 -68.32 14.70
CA PHE CA 189 -31.57 -67.32 13.95
C PHE CA 189 -33.06 -67.53 14.20
N THR CA 190 -33.82 -66.44 14.35
CA THR CA 190 -35.25 -66.51 14.55
C THR CA 190 -35.96 -66.23 13.22
N TYR CA 191 -36.81 -67.16 12.79
CA TYR CA 191 -37.38 -67.14 11.44
C TYR CA 191 -38.84 -66.69 11.52
N ILE CA 192 -39.07 -65.39 11.46
CA ILE CA 192 -40.42 -64.85 11.39
C ILE CA 192 -40.94 -65.03 9.98
N ASN CA 193 -42.12 -65.62 9.84
CA ASN CA 193 -42.68 -65.92 8.53
C ASN CA 193 -44.06 -65.30 8.43
N MET CA 194 -44.32 -64.61 7.31
CA MET CA 194 -45.54 -63.81 7.17
C MET CA 194 -46.20 -64.03 5.82
N ASP CA 195 -46.15 -65.25 5.29
CA ASP CA 195 -46.61 -65.52 3.93
C ASP CA 195 -48.03 -66.09 3.88
N LEU CA 196 -48.85 -65.83 4.89
CA LEU CA 196 -50.27 -66.14 4.81
C LEU CA 196 -51.16 -64.94 5.04
N THR CA 197 -50.62 -63.81 5.50
CA THR CA 197 -51.34 -62.55 5.49
C THR CA 197 -51.15 -61.93 4.11
N ARG CA 198 -52.00 -62.38 3.18
CA ARG CA 198 -51.76 -62.20 1.75
C ARG CA 198 -52.23 -60.86 1.22
N PHE CA 199 -53.30 -60.26 1.81
CA PHE CA 199 -53.97 -59.15 1.16
C PHE CA 199 -53.15 -57.86 1.09
N PRO CA 200 -52.75 -57.22 2.19
CA PRO CA 200 -52.13 -55.89 2.00
C PRO CA 200 -50.72 -56.06 1.45
N THR CA 201 -50.46 -55.46 0.30
CA THR CA 201 -49.15 -55.63 -0.31
C THR CA 201 -48.08 -54.89 0.47
N GLY CA 202 -48.43 -53.79 1.12
CA GLY CA 202 -47.49 -53.13 2.00
C GLY CA 202 -47.62 -53.56 3.45
N ASN CA 203 -47.22 -54.79 3.77
CA ASN CA 203 -47.42 -55.32 5.12
C ASN CA 203 -46.11 -55.70 5.80
N PHE CA 204 -44.99 -55.12 5.40
CA PHE CA 204 -43.71 -55.66 5.84
C PHE CA 204 -43.18 -54.81 6.98
N PRO CA 205 -42.94 -55.39 8.16
CA PRO CA 205 -42.61 -54.59 9.34
C PRO CA 205 -41.13 -54.32 9.57
N ALA CA 206 -40.84 -53.71 10.72
CA ALA CA 206 -39.50 -53.59 11.26
C ALA CA 206 -39.45 -54.30 12.60
N VAL CA 207 -38.55 -55.26 12.74
CA VAL CA 207 -38.50 -56.13 13.91
C VAL CA 207 -37.46 -55.61 14.89
N PHE CA 208 -37.86 -55.42 16.14
CA PHE CA 208 -36.99 -55.08 17.25
C PHE CA 208 -36.94 -56.24 18.21
N ALA CA 209 -36.25 -56.07 19.33
CA ALA CA 209 -36.18 -57.12 20.34
C ALA CA 209 -36.09 -56.48 21.70
N ARG CA 210 -36.36 -57.28 22.73
CA ARG CA 210 -36.60 -56.73 24.04
C ARG CA 210 -36.27 -57.80 25.08
N GLU CA 211 -35.66 -57.39 26.20
CA GLU CA 211 -35.23 -58.38 27.19
C GLU CA 211 -36.31 -58.73 28.20
N LYS CA 212 -37.22 -57.82 28.50
CA LYS CA 212 -38.35 -58.08 29.37
C LYS CA 212 -39.63 -57.84 28.58
N GLU CA 213 -40.78 -57.87 29.25
CA GLU CA 213 -42.02 -57.74 28.50
C GLU CA 213 -42.30 -56.29 28.13
N HIS CA 214 -42.16 -55.37 29.09
CA HIS CA 214 -42.45 -53.97 28.85
C HIS CA 214 -41.22 -53.11 29.12
N ALA CA 215 -40.04 -53.63 28.79
CA ALA CA 215 -38.81 -52.87 28.87
C ALA CA 215 -38.65 -52.05 27.60
N GLU CA 216 -37.49 -51.43 27.41
CA GLU CA 216 -37.23 -50.64 26.22
C GLU CA 216 -36.53 -51.51 25.20
N ASP CA 217 -37.02 -51.47 23.96
CA ASP CA 217 -36.51 -52.36 22.93
C ASP CA 217 -35.22 -51.82 22.32
N PHE CA 218 -34.54 -52.69 21.58
CA PHE CA 218 -33.27 -52.34 20.94
C PHE CA 218 -33.27 -52.94 19.54
N LEU CA 219 -32.12 -52.89 18.89
CA LEU CA 219 -31.99 -53.16 17.46
C LEU CA 219 -31.36 -54.52 17.19
N VAL CA 220 -31.82 -55.16 16.11
CA VAL CA 220 -31.31 -56.45 15.67
C VAL CA 220 -30.90 -56.35 14.21
N ASN CA 221 -30.07 -57.30 13.79
CA ASN CA 221 -29.71 -57.41 12.38
C ASN CA 221 -30.64 -58.40 11.71
N THR CA 222 -31.20 -58.03 10.58
CA THR CA 222 -32.17 -58.85 9.89
C THR CA 222 -31.75 -59.08 8.45
N THR CA 223 -31.98 -60.29 7.96
CA THR CA 223 -31.96 -60.56 6.53
C THR CA 223 -33.29 -61.20 6.16
N VAL CA 224 -33.68 -61.05 4.90
CA VAL CA 224 -35.00 -61.42 4.44
C VAL CA 224 -34.90 -62.27 3.18
N GLU CA 225 -35.80 -63.25 3.05
CA GLU CA 225 -35.83 -64.15 1.89
C GLU CA 225 -37.29 -64.31 1.48
N GLY CA 226 -37.75 -63.44 0.58
CA GLY CA 226 -39.12 -63.51 0.14
C GLY CA 226 -40.07 -62.86 1.12
N ASN CA 227 -40.88 -63.66 1.80
CA ASN CA 227 -41.76 -63.17 2.85
C ASN CA 227 -41.29 -63.58 4.24
N THR CA 228 -40.16 -64.25 4.35
CA THR CA 228 -39.60 -64.65 5.63
C THR CA 228 -38.65 -63.58 6.12
N LEU CA 229 -38.88 -63.06 7.31
CA LEU CA 229 -37.97 -62.12 7.94
C LEU CA 229 -37.16 -62.91 8.96
N ILE CA 230 -35.84 -62.90 8.83
CA ILE CA 230 -34.96 -63.73 9.62
C ILE CA 230 -34.11 -62.84 10.51
N VAL CA 231 -34.19 -63.05 11.82
CA VAL CA 231 -33.56 -62.19 12.80
C VAL CA 231 -32.31 -62.88 13.33
N HIS CA 232 -31.18 -62.19 13.27
CA HIS CA 232 -29.89 -62.74 13.69
C HIS CA 232 -29.85 -62.81 15.21
N GLY CA 233 -30.15 -63.98 15.76
CA GLY CA 233 -30.08 -64.18 17.19
C GLY CA 233 -31.41 -64.52 17.83
N THR CA 234 -31.40 -65.28 18.92
CA THR CA 234 -32.61 -65.67 19.63
C THR CA 234 -32.78 -64.78 20.84
N TYR CA 235 -33.99 -64.27 21.04
CA TYR CA 235 -34.30 -63.28 22.05
C TYR CA 235 -35.50 -63.73 22.86
N PRO CA 236 -35.66 -63.22 24.09
CA PRO CA 236 -36.87 -63.55 24.82
C PRO CA 236 -38.12 -62.92 24.23
N PHE CA 237 -38.03 -61.70 23.72
CA PHE CA 237 -39.16 -60.98 23.15
C PHE CA 237 -38.75 -60.34 21.83
N LEU CA 238 -39.67 -60.35 20.87
CA LEU CA 238 -39.51 -59.63 19.62
C LEU CA 238 -40.67 -58.66 19.50
N VAL CA 239 -40.39 -57.47 18.99
CA VAL CA 239 -41.41 -56.44 18.80
C VAL CA 239 -41.49 -56.13 17.32
N VAL CA 240 -42.72 -56.11 16.79
CA VAL CA 240 -42.97 -56.01 15.37
C VAL CA 240 -43.83 -54.77 15.13
N ARG CA 241 -43.28 -53.77 14.44
CA ARG CA 241 -43.91 -52.46 14.31
C ARG CA 241 -44.16 -52.11 12.85
N HIS CA 242 -45.30 -51.47 12.59
CA HIS CA 242 -45.61 -50.91 11.28
C HIS CA 242 -46.31 -49.56 11.44
N GLY CA 243 -45.80 -48.72 12.33
CA GLY CA 243 -46.40 -47.41 12.52
C GLY CA 243 -47.05 -47.25 13.87
N ASP CA 244 -48.38 -47.15 13.88
CA ASP CA 244 -49.13 -47.09 15.13
C ASP CA 244 -49.56 -48.45 15.65
N ASN CA 245 -49.46 -49.50 14.85
CA ASN CA 245 -49.85 -50.83 15.27
C ASN CA 245 -48.63 -51.73 15.49
N VAL CA 246 -48.67 -52.50 16.56
CA VAL CA 246 -47.52 -53.22 17.10
C VAL CA 246 -47.97 -54.60 17.55
N VAL CA 247 -47.12 -55.60 17.32
CA VAL CA 247 -47.37 -56.99 17.71
C VAL CA 247 -46.17 -57.48 18.48
N GLY CA 248 -46.37 -57.89 19.73
CA GLY CA 248 -45.30 -58.48 20.50
C GLY CA 248 -45.20 -59.98 20.26
N LEU CA 249 -44.04 -60.56 20.60
CA LEU CA 249 -43.78 -61.97 20.34
C LEU CA 249 -42.98 -62.54 21.50
N ARG CA 250 -43.61 -63.32 22.36
CA ARG CA 250 -42.91 -63.97 23.46
C ARG CA 250 -42.42 -65.34 23.04
N ARG CA 251 -41.17 -65.64 23.34
CA ARG CA 251 -40.68 -67.01 23.36
C ARG CA 251 -41.03 -67.61 24.71
N ASN CA 252 -41.78 -68.70 24.71
CA ASN CA 252 -42.18 -69.31 25.96
C ASN CA 252 -41.01 -70.06 26.59
N LYS CA 253 -41.04 -70.13 27.91
CA LYS CA 253 -39.90 -70.65 28.66
C LYS CA 253 -39.84 -72.16 28.58
N GLN CA 254 -38.64 -72.69 28.44
CA GLN CA 254 -38.40 -74.12 28.32
C GLN CA 254 -38.76 -74.83 29.61
N LYS CA 255 -39.82 -75.62 29.58
CA LYS CA 255 -40.25 -76.37 30.75
C LYS CA 255 -39.35 -77.58 30.99
N PRO DA 150 -1.52 -34.23 -63.42
CA PRO DA 150 -2.12 -35.51 -63.05
C PRO DA 150 -3.44 -35.75 -63.77
N THR DA 151 -4.05 -36.90 -63.54
CA THR DA 151 -5.36 -37.20 -64.11
C THR DA 151 -6.44 -36.78 -63.11
N LEU DA 152 -7.67 -37.23 -63.35
CA LEU DA 152 -8.78 -36.89 -62.48
C LEU DA 152 -8.79 -37.76 -61.23
N LEU DA 153 -8.59 -39.07 -61.40
CA LEU DA 153 -8.55 -39.99 -60.28
C LEU DA 153 -7.32 -39.74 -59.40
N GLU DA 154 -6.17 -39.50 -60.03
CA GLU DA 154 -4.92 -39.28 -59.30
C GLU DA 154 -4.89 -37.95 -58.56
N ARG DA 155 -5.84 -37.05 -58.86
CA ARG DA 155 -5.88 -35.76 -58.19
C ARG DA 155 -6.70 -35.81 -56.92
N ARG DA 156 -7.82 -36.54 -56.94
CA ARG DA 156 -8.69 -36.65 -55.76
C ARG DA 156 -7.99 -37.41 -54.64
N ILE DA 157 -7.12 -38.35 -55.00
CA ILE DA 157 -6.28 -39.00 -54.00
C ILE DA 157 -5.26 -37.99 -53.46
N LEU DA 158 -4.72 -37.15 -54.34
CA LEU DA 158 -3.66 -36.22 -53.97
C LEU DA 158 -4.19 -35.02 -53.21
N ALA DA 159 -5.27 -34.39 -53.73
CA ALA DA 159 -5.78 -33.18 -53.10
C ALA DA 159 -6.45 -33.46 -51.76
N GLU DA 160 -6.90 -34.69 -51.52
CA GLU DA 160 -7.47 -35.06 -50.24
C GLU DA 160 -6.44 -35.70 -49.32
N SER DA 161 -5.17 -35.71 -49.70
CA SER DA 161 -4.11 -36.23 -48.85
C SER DA 161 -2.82 -35.43 -49.04
N GLY DA 183 -32.58 -20.22 -22.25
CA GLY DA 183 -31.47 -20.76 -21.49
C GLY DA 183 -31.16 -22.20 -21.84
N PRO DA 184 -31.86 -23.13 -21.22
CA PRO DA 184 -31.67 -24.55 -21.54
C PRO DA 184 -32.34 -24.92 -22.86
N VAL DA 185 -32.20 -26.19 -23.22
CA VAL DA 185 -32.84 -26.68 -24.43
C VAL DA 185 -34.05 -27.53 -24.04
N THR DA 186 -35.06 -27.53 -24.90
CA THR DA 186 -36.31 -28.24 -24.67
C THR DA 186 -36.48 -29.29 -25.75
N LEU DA 187 -36.44 -30.55 -25.38
CA LEU DA 187 -36.53 -31.65 -26.32
C LEU DA 187 -37.62 -32.61 -25.89
N ALA DA 188 -38.00 -33.49 -26.82
CA ALA DA 188 -39.06 -34.47 -26.59
C ALA DA 188 -38.61 -35.79 -27.22
N LYS DA 189 -37.99 -36.63 -26.41
CA LYS DA 189 -37.41 -37.89 -26.85
C LYS DA 189 -38.21 -39.06 -26.30
N PRO DA 190 -38.15 -40.23 -26.94
CA PRO DA 190 -38.82 -41.40 -26.35
C PRO DA 190 -38.08 -41.89 -25.12
N ILE DA 191 -38.83 -42.47 -24.21
CA ILE DA 191 -38.29 -42.92 -22.93
C ILE DA 191 -37.49 -44.19 -23.16
N SER DA 192 -36.41 -44.35 -22.41
CA SER DA 192 -35.38 -45.33 -22.73
C SER DA 192 -35.41 -46.45 -21.71
N ASN DA 193 -35.55 -47.69 -22.21
CA ASN DA 193 -35.63 -48.94 -21.46
C ASN DA 193 -36.66 -48.87 -20.34
N PRO DA 194 -37.96 -48.87 -20.66
CA PRO DA 194 -38.96 -48.75 -19.60
C PRO DA 194 -39.19 -50.02 -18.80
N ASP DA 195 -38.63 -51.15 -19.22
CA ASP DA 195 -38.81 -52.37 -18.45
C ASP DA 195 -37.99 -52.39 -17.18
N GLY DA 196 -36.94 -51.57 -17.09
CA GLY DA 196 -36.13 -51.54 -15.91
C GLY DA 196 -35.85 -50.13 -15.41
N LEU DA 197 -36.81 -49.24 -15.56
CA LEU DA 197 -36.62 -47.83 -15.23
C LEU DA 197 -37.30 -47.51 -13.92
N LEU DA 198 -36.53 -47.00 -12.96
CA LEU DA 198 -37.07 -46.44 -11.73
C LEU DA 198 -37.09 -44.93 -11.94
N VAL DA 199 -38.22 -44.40 -12.39
CA VAL DA 199 -38.26 -43.07 -12.95
C VAL DA 199 -38.19 -42.03 -11.85
N ARG DA 200 -37.88 -40.80 -12.23
CA ARG DA 200 -37.96 -39.66 -11.32
C ARG DA 200 -39.40 -39.44 -10.93
N GLY DA 201 -39.70 -39.55 -9.65
CA GLY DA 201 -41.03 -39.33 -9.16
C GLY DA 201 -41.76 -40.56 -8.66
N THR DA 202 -41.08 -41.67 -8.42
CA THR DA 202 -41.75 -42.75 -7.73
C THR DA 202 -41.52 -42.58 -6.23
N TYR DA 203 -42.42 -43.16 -5.45
CA TYR DA 203 -42.44 -42.95 -4.01
C TYR DA 203 -42.11 -44.28 -3.34
N ILE DA 204 -40.97 -44.33 -2.68
CA ILE DA 204 -40.54 -45.54 -1.98
C ILE DA 204 -41.02 -45.40 -0.54
N ARG DA 205 -42.02 -46.18 -0.16
CA ARG DA 205 -42.53 -46.14 1.20
C ARG DA 205 -41.71 -47.09 2.05
N CYS DA 206 -41.12 -46.57 3.12
CA CYS DA 206 -40.37 -47.39 4.06
C CYS DA 206 -40.76 -46.98 5.46
N ILE DA 207 -40.55 -47.88 6.41
CA ILE DA 207 -40.81 -47.60 7.82
C ILE DA 207 -39.48 -47.54 8.55
N LEU DA 208 -39.37 -46.59 9.48
CA LEU DA 208 -38.09 -46.26 10.08
C LEU DA 208 -37.68 -47.32 11.07
N GLU DA 209 -36.38 -47.61 11.13
CA GLU DA 209 -35.82 -48.57 12.07
C GLU DA 209 -34.94 -47.95 13.13
N THR DA 210 -34.15 -46.93 12.79
CA THR DA 210 -33.31 -46.23 13.74
C THR DA 210 -33.99 -44.94 14.19
N ARG DA 211 -34.21 -44.80 15.49
CA ARG DA 211 -34.79 -43.60 16.06
C ARG DA 211 -33.93 -42.37 15.85
N ILE DA 212 -34.40 -41.43 15.03
CA ILE DA 212 -33.61 -40.26 14.67
C ILE DA 212 -33.70 -39.23 15.79
N ILE DA 213 -32.56 -38.69 16.22
CA ILE DA 213 -32.51 -37.56 17.15
C ILE DA 213 -31.53 -36.54 16.59
N SER DA 214 -31.99 -35.30 16.41
CA SER DA 214 -31.19 -34.26 15.76
C SER DA 214 -30.32 -33.54 16.78
N ASP DA 215 -29.23 -34.20 17.17
CA ASP DA 215 -28.19 -33.58 17.97
C ASP DA 215 -26.87 -33.49 17.21
N PHE DA 216 -26.34 -34.62 16.75
CA PHE DA 216 -25.02 -34.63 16.15
C PHE DA 216 -25.02 -34.91 14.66
N GLY DA 217 -26.04 -35.56 14.13
CA GLY DA 217 -26.02 -35.83 12.72
C GLY DA 217 -25.32 -37.14 12.49
N GLY DA 218 -26.04 -38.12 11.98
CA GLY DA 218 -25.51 -39.46 11.85
C GLY DA 218 -26.13 -40.16 10.70
N TYR DA 219 -26.53 -41.41 10.92
CA TYR DA 219 -26.91 -42.32 9.87
C TYR DA 219 -28.24 -42.97 10.23
N THR DA 220 -29.10 -43.15 9.24
CA THR DA 220 -30.43 -43.70 9.42
C THR DA 220 -30.57 -44.98 8.62
N SER DA 221 -31.66 -45.71 8.87
CA SER DA 221 -31.97 -46.92 8.13
C SER DA 221 -33.46 -47.17 8.22
N CYS DA 222 -34.11 -47.34 7.08
CA CYS DA 222 -35.53 -47.67 7.07
C CYS DA 222 -35.74 -48.89 6.19
N ILE DA 223 -36.65 -49.76 6.61
CA ILE DA 223 -36.97 -50.97 5.87
C ILE DA 223 -38.13 -50.67 4.95
N VAL DA 224 -37.95 -50.97 3.65
CA VAL DA 224 -39.01 -50.78 2.66
C VAL DA 224 -40.18 -51.67 3.02
N THR DA 225 -41.40 -51.18 2.79
CA THR DA 225 -42.60 -51.91 3.17
C THR DA 225 -43.47 -52.32 2.00
N GLU DA 226 -43.41 -51.65 0.86
CA GLU DA 226 -44.22 -52.03 -0.27
C GLU DA 226 -43.35 -52.18 -1.50
N PRO DA 227 -43.57 -53.22 -2.31
CA PRO DA 227 -42.74 -53.43 -3.49
C PRO DA 227 -42.90 -52.33 -4.53
N VAL DA 228 -41.78 -51.95 -5.14
CA VAL DA 228 -41.71 -50.83 -6.07
C VAL DA 228 -41.40 -51.38 -7.45
N TYR DA 229 -42.30 -51.14 -8.39
CA TYR DA 229 -42.23 -51.72 -9.72
C TYR DA 229 -41.58 -50.72 -10.67
N SER DA 230 -41.65 -51.00 -11.96
CA SER DA 230 -41.01 -50.20 -13.00
C SER DA 230 -41.82 -48.93 -13.27
N ILE DA 231 -41.50 -48.22 -14.36
CA ILE DA 231 -42.33 -47.11 -14.79
C ILE DA 231 -43.68 -47.62 -15.30
N ASN DA 232 -43.71 -48.79 -15.91
CA ASN DA 232 -44.95 -49.34 -16.46
C ASN DA 232 -45.31 -50.69 -15.87
N GLY DA 233 -44.65 -51.08 -14.78
CA GLY DA 233 -45.09 -52.23 -14.02
C GLY DA 233 -44.74 -53.58 -14.59
N HIS DA 234 -43.81 -53.68 -15.53
CA HIS DA 234 -43.52 -55.00 -16.06
C HIS DA 234 -42.55 -55.78 -15.19
N ASN DA 235 -41.83 -55.11 -14.30
CA ASN DA 235 -40.78 -55.77 -13.52
C ASN DA 235 -40.82 -55.27 -12.09
N LEU DA 236 -40.36 -56.14 -11.19
CA LEU DA 236 -40.21 -55.78 -9.78
C LEU DA 236 -38.80 -55.27 -9.54
N LEU DA 237 -38.67 -54.01 -9.18
CA LEU DA 237 -37.33 -53.45 -9.04
C LEU DA 237 -36.83 -53.56 -7.60
N LEU DA 238 -37.52 -52.93 -6.67
CA LEU DA 238 -37.15 -53.02 -5.27
C LEU DA 238 -38.11 -53.97 -4.58
N PRO DA 239 -37.67 -55.12 -4.09
CA PRO DA 239 -38.59 -56.06 -3.42
C PRO DA 239 -39.11 -55.56 -2.09
N LYS DA 240 -39.86 -56.42 -1.41
CA LYS DA 240 -40.67 -55.98 -0.28
C LYS DA 240 -39.83 -55.67 0.96
N GLY DA 241 -38.69 -56.35 1.16
CA GLY DA 241 -37.99 -56.14 2.41
C GLY DA 241 -36.63 -55.51 2.33
N SER DA 242 -36.42 -54.61 1.38
CA SER DA 242 -35.15 -53.95 1.19
C SER DA 242 -34.86 -52.97 2.33
N LYS DA 243 -33.60 -52.58 2.47
CA LYS DA 243 -33.20 -51.57 3.44
C LYS DA 243 -32.74 -50.32 2.72
N MET DA 244 -33.37 -49.20 3.02
CA MET DA 244 -32.86 -47.93 2.57
C MET DA 244 -31.95 -47.32 3.63
N LEU DA 245 -30.91 -46.64 3.16
CA LEU DA 245 -29.82 -46.19 3.99
C LEU DA 245 -29.61 -44.71 3.71
N GLY DA 246 -29.59 -43.89 4.75
CA GLY DA 246 -29.51 -42.46 4.57
C GLY DA 246 -28.69 -41.81 5.66
N GLN DA 247 -28.57 -40.49 5.58
CA GLN DA 247 -27.84 -39.73 6.59
C GLN DA 247 -28.31 -38.29 6.58
N TYR DA 248 -28.16 -37.63 7.71
CA TYR DA 248 -28.60 -36.26 7.93
C TYR DA 248 -27.48 -35.49 8.60
N SER DA 249 -27.73 -34.22 8.88
CA SER DA 249 -26.71 -33.33 9.41
C SER DA 249 -27.26 -32.59 10.62
N ALA DA 250 -26.35 -32.21 11.51
CA ALA DA 250 -26.74 -31.53 12.73
C ALA DA 250 -27.12 -30.08 12.45
N GLY DA 251 -28.07 -29.58 13.22
CA GLY DA 251 -28.47 -28.19 13.07
C GLY DA 251 -29.47 -27.84 14.15
N GLU DA 252 -29.75 -26.55 14.25
CA GLU DA 252 -30.80 -26.07 15.12
C GLU DA 252 -32.14 -26.26 14.44
N PRO DA 253 -33.06 -27.01 15.02
CA PRO DA 253 -34.36 -27.21 14.37
C PRO DA 253 -35.29 -26.03 14.52
N THR DA 254 -35.15 -25.03 13.65
CA THR DA 254 -36.08 -23.91 13.60
C THR DA 254 -37.46 -24.41 13.21
N SER DA 255 -37.59 -24.93 11.99
CA SER DA 255 -38.82 -25.61 11.60
C SER DA 255 -38.89 -26.96 12.28
N HIS DA 256 -40.11 -27.47 12.47
CA HIS DA 256 -40.28 -28.75 13.14
C HIS DA 256 -40.26 -29.92 12.15
N ARG DA 257 -39.24 -29.93 11.29
CA ARG DA 257 -39.03 -30.99 10.33
C ARG DA 257 -37.54 -31.25 10.20
N LEU DA 258 -37.20 -32.46 9.81
CA LEU DA 258 -35.81 -32.85 9.64
C LEU DA 258 -35.61 -33.27 8.19
N GLN DA 259 -34.39 -33.08 7.69
CA GLN DA 259 -34.10 -33.26 6.27
C GLN DA 259 -33.06 -34.35 6.12
N VAL DA 260 -33.47 -35.49 5.55
CA VAL DA 260 -32.63 -36.68 5.39
C VAL DA 260 -32.46 -36.91 3.89
N VAL DA 261 -31.26 -37.34 3.48
CA VAL DA 261 -30.97 -37.65 2.09
C VAL DA 261 -30.69 -39.14 2.00
N TRP DA 262 -31.65 -39.92 1.51
CA TRP DA 262 -31.53 -41.36 1.42
C TRP DA 262 -30.79 -41.70 0.14
N ASP DA 263 -29.74 -42.53 0.25
CA ASP DA 263 -28.83 -42.62 -0.89
C ASP DA 263 -28.32 -44.03 -1.22
N ARG DA 264 -28.91 -45.09 -0.67
CA ARG DA 264 -28.49 -46.45 -1.01
C ARG DA 264 -29.59 -47.41 -0.58
N VAL DA 265 -29.87 -48.40 -1.43
CA VAL DA 265 -30.80 -49.49 -1.12
C VAL DA 265 -30.08 -50.80 -1.41
N THR DA 266 -30.22 -51.78 -0.52
CA THR DA 266 -29.70 -53.13 -0.74
C THR DA 266 -30.86 -54.11 -0.69
N THR DA 267 -31.16 -54.74 -1.82
CA THR DA 267 -32.36 -55.54 -1.97
C THR DA 267 -32.14 -56.97 -1.45
N PRO DA 268 -33.22 -57.71 -1.15
CA PRO DA 268 -33.06 -59.14 -0.82
C PRO DA 268 -32.63 -59.99 -1.99
N THR DA 269 -32.82 -59.51 -3.21
CA THR DA 269 -32.44 -60.24 -4.42
C THR DA 269 -31.03 -59.92 -4.87
N GLY DA 270 -30.21 -59.34 -4.00
CA GLY DA 270 -28.81 -59.14 -4.27
C GLY DA 270 -28.51 -57.99 -5.21
N LEU DA 271 -28.93 -56.78 -4.84
CA LEU DA 271 -28.59 -55.58 -5.59
C LEU DA 271 -28.12 -54.50 -4.65
N ASP DA 272 -27.54 -53.46 -5.23
CA ASP DA 272 -26.95 -52.37 -4.47
C ASP DA 272 -27.08 -51.11 -5.32
N VAL DA 273 -28.15 -50.37 -5.10
CA VAL DA 273 -28.44 -49.19 -5.90
C VAL DA 273 -28.03 -47.97 -5.10
N THR DA 274 -27.80 -46.86 -5.80
CA THR DA 274 -27.23 -45.68 -5.17
C THR DA 274 -27.97 -44.41 -5.60
N LEU DA 275 -29.30 -44.46 -5.47
CA LEU DA 275 -30.21 -43.41 -5.89
C LEU DA 275 -29.97 -42.11 -5.12
N MET DA 276 -30.57 -41.04 -5.63
CA MET DA 276 -30.58 -39.75 -4.96
C MET DA 276 -32.02 -39.47 -4.56
N GLY DA 277 -32.35 -39.77 -3.31
CA GLY DA 277 -33.70 -39.55 -2.85
C GLY DA 277 -33.74 -38.71 -1.59
N PRO DA 278 -34.26 -37.50 -1.70
CA PRO DA 278 -34.56 -36.72 -0.50
C PRO DA 278 -35.79 -37.28 0.20
N GLY DA 279 -35.70 -37.40 1.51
CA GLY DA 279 -36.82 -37.92 2.27
C GLY DA 279 -37.94 -36.90 2.35
N ILE DA 280 -39.16 -37.39 2.17
CA ILE DA 280 -40.35 -36.55 2.18
C ILE DA 280 -41.33 -37.09 3.21
N ASP DA 281 -42.39 -36.32 3.43
CA ASP DA 281 -43.53 -36.68 4.24
C ASP DA 281 -44.30 -37.82 3.57
N THR DA 282 -45.24 -38.40 4.29
CA THR DA 282 -46.05 -39.46 3.70
C THR DA 282 -47.12 -38.92 2.75
N LEU DA 283 -47.31 -37.60 2.67
CA LEU DA 283 -48.14 -36.98 1.64
C LEU DA 283 -47.32 -36.21 0.62
N GLY DA 284 -46.01 -36.15 0.74
CA GLY DA 284 -45.17 -35.55 -0.26
C GLY DA 284 -44.49 -34.27 0.13
N SER DA 285 -44.67 -33.80 1.36
CA SER DA 285 -44.03 -32.57 1.78
C SER DA 285 -42.56 -32.82 2.09
N SER DA 286 -41.71 -31.85 1.76
CA SER DA 286 -40.28 -32.05 1.89
C SER DA 286 -39.86 -32.02 3.35
N GLY DA 287 -39.13 -33.05 3.78
CA GLY DA 287 -38.65 -33.14 5.13
C GLY DA 287 -39.50 -34.00 6.03
N HIS DA 288 -38.88 -34.73 6.94
CA HIS DA 288 -39.64 -35.63 7.80
C HIS DA 288 -40.08 -34.88 9.05
N PRO DA 289 -41.35 -34.97 9.43
CA PRO DA 289 -41.79 -34.27 10.65
C PRO DA 289 -41.41 -35.04 11.90
N GLY DA 290 -41.05 -34.29 12.94
CA GLY DA 290 -40.62 -34.90 14.19
C GLY DA 290 -41.32 -34.36 15.41
N ASN DA 291 -40.81 -34.67 16.59
CA ASN DA 291 -41.38 -34.24 17.86
C ASN DA 291 -40.43 -33.22 18.49
N TYR DA 292 -40.76 -31.94 18.36
CA TYR DA 292 -39.89 -30.88 18.84
C TYR DA 292 -39.90 -30.82 20.36
N ASN DA 293 -38.74 -30.56 20.94
CA ASN DA 293 -38.58 -30.57 22.40
C ASN DA 293 -37.53 -29.53 22.75
N ALA DA 294 -37.96 -28.32 23.07
CA ALA DA 294 -37.08 -27.36 23.72
C ALA DA 294 -37.05 -27.69 25.21
N HIS DA 295 -35.86 -27.88 25.74
CA HIS DA 295 -35.70 -28.52 27.05
C HIS DA 295 -35.89 -27.47 28.14
N TRP DA 296 -37.14 -27.05 28.33
CA TRP DA 296 -37.40 -26.06 29.37
C TRP DA 296 -37.46 -26.65 30.77
N GLY DA 297 -37.40 -27.97 30.90
CA GLY DA 297 -37.26 -28.55 32.23
C GLY DA 297 -35.87 -28.36 32.78
N ASN DA 298 -34.84 -28.50 31.93
CA ASN DA 298 -33.47 -28.38 32.40
C ASN DA 298 -32.97 -26.94 32.38
N LYS DA 299 -33.54 -26.09 31.53
CA LYS DA 299 -33.08 -24.71 31.47
C LYS DA 299 -33.55 -23.92 32.68
N ILE DA 300 -34.73 -24.26 33.19
CA ILE DA 300 -35.25 -23.54 34.35
C ILE DA 300 -34.58 -24.02 35.63
N ALA DA 301 -34.46 -25.34 35.81
CA ALA DA 301 -34.02 -25.89 37.08
C ALA DA 301 -32.54 -25.63 37.34
N SER DA 302 -31.75 -25.40 36.29
CA SER DA 302 -30.34 -25.12 36.49
C SER DA 302 -30.12 -23.67 36.91
N ALA DA 303 -31.10 -22.80 36.68
CA ALA DA 303 -30.94 -21.39 36.97
C ALA DA 303 -31.96 -20.87 37.97
N LEU DA 304 -32.98 -21.66 38.32
CA LEU DA 304 -33.88 -21.24 39.38
C LEU DA 304 -33.27 -21.50 40.75
N PHE DA 305 -32.58 -22.63 40.90
CA PHE DA 305 -32.16 -23.07 42.23
C PHE DA 305 -31.00 -22.24 42.76
N ILE DA 306 -30.16 -21.71 41.87
CA ILE DA 306 -29.04 -20.91 42.36
C ILE DA 306 -29.41 -19.43 42.39
N SER DA 307 -30.41 -19.01 41.62
CA SER DA 307 -30.87 -17.64 41.74
C SER DA 307 -31.79 -17.47 42.94
N LEU DA 308 -32.39 -18.56 43.42
CA LEU DA 308 -33.20 -18.48 44.63
C LEU DA 308 -32.34 -18.58 45.88
N LEU DA 309 -31.15 -19.17 45.76
CA LEU DA 309 -30.23 -19.22 46.90
C LEU DA 309 -29.60 -17.85 47.12
N SER DA 310 -29.46 -17.08 46.05
CA SER DA 310 -28.98 -15.70 46.20
C SER DA 310 -30.10 -14.76 46.60
N ASP DA 311 -31.35 -15.21 46.48
CA ASP DA 311 -32.47 -14.38 46.88
C ASP DA 311 -32.80 -14.56 48.36
N ALA DA 312 -32.34 -15.64 48.97
CA ALA DA 312 -32.47 -15.77 50.42
C ALA DA 312 -31.45 -14.90 51.14
N PHE DA 313 -30.30 -14.69 50.52
CA PHE DA 313 -29.28 -13.84 51.13
C PHE DA 313 -29.65 -12.36 51.01
N LYS DA 314 -30.36 -11.99 49.95
CA LYS DA 314 -30.76 -10.59 49.79
C LYS DA 314 -31.91 -10.24 50.72
N TYR DA 315 -32.81 -11.19 50.98
CA TYR DA 315 -33.93 -10.91 51.87
C TYR DA 315 -33.49 -10.85 53.32
N ALA DA 316 -32.50 -11.64 53.70
CA ALA DA 316 -31.98 -11.60 55.06
C ALA DA 316 -31.05 -10.43 55.30
N ALA DA 317 -30.73 -9.65 54.28
CA ALA DA 317 -29.87 -8.48 54.42
C ALA DA 317 -30.59 -7.16 54.24
N ALA DA 318 -31.65 -7.12 53.43
CA ALA DA 318 -32.44 -5.91 53.29
C ALA DA 318 -33.15 -5.58 54.60
N GLU DA 319 -33.89 -6.54 55.14
CA GLU DA 319 -34.25 -6.50 56.54
C GLU DA 319 -33.22 -7.32 57.31
N TYR DA 320 -33.35 -7.34 58.65
CA TYR DA 320 -32.33 -7.87 59.57
C TYR DA 320 -30.97 -7.22 59.36
N GLY DA 321 -30.97 -5.91 59.09
CA GLY DA 321 -29.75 -5.20 58.79
C GLY DA 321 -29.91 -3.70 58.82
N PRO DA 322 -28.77 -2.97 58.79
CA PRO DA 322 -28.82 -1.51 58.82
C PRO DA 322 -29.34 -0.87 57.54
N GLU DA 323 -29.34 0.46 57.50
CA GLU DA 323 -29.80 1.19 56.33
C GLU DA 323 -29.07 2.52 56.19
N PRO DA 338 -31.18 0.57 52.03
CA PRO DA 338 -31.13 -0.80 52.54
C PRO DA 338 -29.73 -1.40 52.47
N PHE DA 339 -29.48 -2.42 53.27
CA PHE DA 339 -28.14 -2.99 53.42
C PHE DA 339 -27.90 -3.98 52.27
N GLU DA 340 -27.08 -3.56 51.31
CA GLU DA 340 -26.71 -4.43 50.21
C GLU DA 340 -25.73 -5.50 50.68
N SER DA 341 -25.99 -6.75 50.31
CA SER DA 341 -25.11 -7.85 50.65
C SER DA 341 -24.15 -8.13 49.52
N ASN DA 342 -23.12 -8.93 49.81
CA ASN DA 342 -22.19 -9.38 48.79
C ASN DA 342 -22.43 -10.80 48.34
N THR DA 343 -22.96 -11.66 49.20
CA THR DA 343 -23.26 -13.03 48.79
C THR DA 343 -24.49 -13.08 47.89
N ALA DA 344 -25.32 -12.03 47.90
CA ALA DA 344 -26.39 -11.94 46.93
C ALA DA 344 -25.90 -11.38 45.61
N ARG DA 345 -24.70 -10.79 45.60
CA ARG DA 345 -24.15 -10.29 44.35
C ARG DA 345 -23.25 -11.31 43.68
N SER DA 346 -22.39 -11.98 44.45
CA SER DA 346 -21.45 -12.91 43.84
C SER DA 346 -22.13 -14.20 43.41
N MET DA 347 -23.27 -14.53 44.01
CA MET DA 347 -23.99 -15.74 43.63
C MET DA 347 -25.00 -15.48 42.52
N GLN DA 348 -25.46 -14.24 42.38
CA GLN DA 348 -26.20 -13.87 41.19
C GLN DA 348 -25.28 -13.85 39.96
N GLN DA 349 -23.97 -13.75 40.17
CA GLN DA 349 -23.04 -13.91 39.06
C GLN DA 349 -22.96 -15.36 38.60
N LEU DA 350 -23.11 -16.31 39.51
CA LEU DA 350 -23.17 -17.72 39.10
C LEU DA 350 -24.50 -18.04 38.43
N ALA DA 351 -25.57 -17.36 38.82
CA ALA DA 351 -26.85 -17.56 38.15
C ALA DA 351 -26.84 -17.02 36.74
N GLU DA 352 -26.03 -15.99 36.47
CA GLU DA 352 -25.89 -15.51 35.11
C GLU DA 352 -24.98 -16.41 34.28
N GLN DA 353 -24.17 -17.25 34.93
CA GLN DA 353 -23.43 -18.25 34.18
C GLN DA 353 -24.32 -19.44 33.83
N ALA DA 354 -25.30 -19.74 34.68
CA ALA DA 354 -26.18 -20.87 34.42
C ALA DA 354 -27.22 -20.54 33.35
N VAL DA 355 -27.48 -19.26 33.11
CA VAL DA 355 -28.35 -18.89 32.01
C VAL DA 355 -27.59 -18.94 30.69
N GLU DA 356 -26.34 -18.48 30.71
CA GLU DA 356 -25.52 -18.46 29.50
C GLU DA 356 -25.15 -19.87 29.04
N LYS DA 357 -24.81 -20.74 29.99
CA LYS DA 357 -24.40 -22.09 29.63
C LYS DA 357 -25.58 -22.92 29.17
N SER DA 358 -26.72 -22.79 29.83
CA SER DA 358 -27.91 -23.54 29.47
C SER DA 358 -28.68 -22.91 28.34
N GLY DA 359 -28.24 -21.76 27.83
CA GLY DA 359 -28.77 -21.22 26.60
C GLY DA 359 -28.00 -21.62 25.36
N ARG DA 360 -26.89 -22.33 25.55
CA ARG DA 360 -26.10 -22.86 24.44
C ARG DA 360 -26.53 -24.25 24.03
N ARG DA 361 -27.51 -24.84 24.71
CA ARG DA 361 -27.99 -26.17 24.39
C ARG DA 361 -29.02 -26.08 23.26
N PRO DA 362 -28.86 -26.86 22.21
CA PRO DA 362 -29.84 -26.81 21.11
C PRO DA 362 -31.08 -27.62 21.44
N ALA DA 363 -32.16 -27.29 20.74
CA ALA DA 363 -33.37 -28.08 20.83
C ALA DA 363 -33.24 -29.35 19.99
N THR DA 364 -34.04 -30.35 20.31
CA THR DA 364 -34.02 -31.59 19.57
C THR DA 364 -35.37 -31.82 18.91
N LEU DA 365 -35.37 -32.68 17.89
CA LEU DA 365 -36.62 -33.27 17.44
C LEU DA 365 -36.37 -34.74 17.16
N THR DA 366 -37.20 -35.58 17.75
CA THR DA 366 -37.05 -37.02 17.63
C THR DA 366 -38.09 -37.58 16.67
N ILE DA 367 -37.72 -38.63 15.97
CA ILE DA 367 -38.63 -39.40 15.14
C ILE DA 367 -38.56 -40.83 15.64
N ASN DA 368 -39.70 -41.38 16.03
CA ASN DA 368 -39.71 -42.67 16.72
C ASN DA 368 -39.40 -43.80 15.76
N GLN DA 369 -39.20 -44.99 16.33
CA GLN DA 369 -38.63 -46.11 15.59
C GLN DA 369 -39.66 -46.93 14.84
N GLY DA 370 -40.84 -46.39 14.56
CA GLY DA 370 -41.79 -47.16 13.79
C GLY DA 370 -42.47 -46.39 12.69
N THR DA 371 -42.17 -45.09 12.59
CA THR DA 371 -42.96 -44.19 11.78
C THR DA 371 -42.78 -44.47 10.29
N VAL DA 372 -43.88 -44.41 9.55
CA VAL DA 372 -43.88 -44.71 8.12
C VAL DA 372 -43.32 -43.49 7.40
N LEU DA 373 -42.10 -43.59 6.90
CA LEU DA 373 -41.48 -42.51 6.15
C LEU DA 373 -41.83 -42.69 4.68
N ASN DA 374 -41.23 -41.86 3.83
CA ASN DA 374 -41.49 -41.92 2.40
C ASN DA 374 -40.34 -41.21 1.70
N VAL DA 375 -39.92 -41.71 0.54
CA VAL DA 375 -38.75 -41.22 -0.16
C VAL DA 375 -39.13 -40.83 -1.58
N TYR DA 376 -38.80 -39.62 -1.98
CA TYR DA 376 -39.02 -39.15 -3.35
C TYR DA 376 -37.74 -39.39 -4.12
N VAL DA 377 -37.74 -40.28 -5.09
CA VAL DA 377 -36.56 -40.45 -5.91
C VAL DA 377 -36.48 -39.29 -6.90
N ALA DA 378 -35.28 -38.73 -7.07
CA ALA DA 378 -35.11 -37.51 -7.81
C ALA DA 378 -34.29 -37.66 -9.09
N LYS DA 379 -33.72 -38.82 -9.36
CA LYS DA 379 -33.10 -39.11 -10.64
C LYS DA 379 -33.42 -40.53 -11.04
N ASP DA 380 -33.39 -40.78 -12.35
CA ASP DA 380 -33.70 -42.08 -12.89
C ASP DA 380 -32.61 -43.08 -12.55
N VAL DA 381 -33.00 -44.31 -12.24
CA VAL DA 381 -32.09 -45.41 -12.00
C VAL DA 381 -32.42 -46.50 -13.01
N ASP DA 382 -31.40 -47.03 -13.67
CA ASP DA 382 -31.60 -47.96 -14.78
C ASP DA 382 -31.23 -49.37 -14.33
N PHE DA 383 -32.24 -50.22 -14.16
CA PHE DA 383 -32.07 -51.61 -13.77
C PHE DA 383 -31.96 -52.56 -14.94
N SER DA 384 -31.72 -52.07 -16.15
CA SER DA 384 -31.80 -52.94 -17.32
C SER DA 384 -30.63 -53.91 -17.43
N ALA DA 385 -29.51 -53.60 -16.79
CA ALA DA 385 -28.33 -54.46 -16.82
C ALA DA 385 -28.35 -55.54 -15.76
N VAL DA 386 -29.50 -55.74 -15.10
CA VAL DA 386 -29.65 -56.66 -13.99
C VAL DA 386 -30.74 -57.69 -14.27
N LEU DA 387 -31.88 -57.23 -14.79
CA LEU DA 387 -33.06 -58.05 -14.92
C LEU DA 387 -32.83 -59.17 -15.95
N PRO DA 388 -33.36 -60.36 -15.70
CA PRO DA 388 -33.14 -61.46 -16.64
C PRO DA 388 -33.85 -61.24 -17.96
N LYS DA 389 -33.26 -61.77 -19.03
CA LYS DA 389 -33.76 -61.52 -20.36
C LYS DA 389 -34.57 -62.71 -20.87
N CYS EA 22 -26.95 -34.49 43.72
CA CYS EA 22 -26.65 -33.96 42.40
C CYS EA 22 -25.50 -34.74 41.74
N ALA EA 23 -24.97 -35.72 42.47
CA ALA EA 23 -23.78 -36.44 42.02
C ALA EA 23 -24.15 -37.48 40.96
N THR EA 24 -23.18 -38.31 40.58
CA THR EA 24 -23.33 -39.26 39.49
C THR EA 24 -23.73 -40.62 40.04
N LYS EA 25 -24.75 -41.21 39.45
CA LYS EA 25 -25.20 -42.55 39.84
C LYS EA 25 -24.20 -43.59 39.36
N PRO EA 26 -23.64 -44.42 40.26
CA PRO EA 26 -22.65 -45.41 39.82
C PRO EA 26 -23.25 -46.62 39.15
N ALA EA 27 -22.40 -47.61 38.86
CA ALA EA 27 -22.84 -48.85 38.25
C ALA EA 27 -23.63 -49.68 39.26
N PRO EA 28 -24.48 -50.60 38.79
CA PRO EA 28 -25.19 -51.47 39.73
C PRO EA 28 -24.25 -52.42 40.45
N ASP EA 29 -24.65 -52.83 41.65
CA ASP EA 29 -23.84 -53.68 42.49
C ASP EA 29 -24.60 -54.96 42.79
N PHE EA 30 -23.87 -56.04 43.04
CA PHE EA 30 -24.48 -57.35 43.23
C PHE EA 30 -24.88 -57.53 44.70
N GLY EA 31 -25.23 -58.76 45.06
CA GLY EA 31 -25.58 -59.08 46.43
C GLY EA 31 -26.49 -60.29 46.49
N GLY EA 32 -26.24 -61.19 47.43
CA GLY EA 32 -27.01 -62.41 47.51
C GLY EA 32 -26.50 -63.43 48.51
N ARG EA 33 -26.43 -64.69 48.09
CA ARG EA 33 -26.31 -65.82 49.00
C ARG EA 33 -24.93 -66.49 48.94
N TRP EA 34 -24.16 -66.26 47.88
CA TRP EA 34 -22.89 -66.93 47.59
C TRP EA 34 -23.07 -68.44 47.50
N LYS EA 35 -23.83 -68.86 46.50
CA LYS EA 35 -23.83 -70.26 46.11
C LYS EA 35 -22.54 -70.57 45.37
N HIS EA 36 -22.14 -71.84 45.37
CA HIS EA 36 -20.87 -72.22 44.77
C HIS EA 36 -21.06 -72.68 43.33
N VAL EA 37 -20.09 -72.33 42.48
CA VAL EA 37 -20.24 -72.52 41.04
C VAL EA 37 -20.05 -73.99 40.66
N ASN EA 38 -18.85 -74.53 40.93
CA ASN EA 38 -18.44 -75.83 40.43
C ASN EA 38 -19.15 -76.92 41.23
N HIS EA 39 -20.38 -77.21 40.81
CA HIS EA 39 -21.28 -78.07 41.57
C HIS EA 39 -21.61 -79.31 40.75
N PHE EA 40 -21.19 -80.47 41.24
CA PHE EA 40 -21.68 -81.73 40.70
C PHE EA 40 -23.13 -81.95 41.09
N ASP EA 41 -23.88 -82.59 40.22
CA ASP EA 41 -25.26 -82.93 40.52
C ASP EA 41 -25.33 -84.34 41.11
N GLU EA 42 -26.54 -84.87 41.25
CA GLU EA 42 -26.73 -86.22 41.77
C GLU EA 42 -27.47 -87.13 40.81
N ALA EA 43 -27.98 -86.62 39.70
CA ALA EA 43 -28.70 -87.43 38.74
C ALA EA 43 -27.80 -87.66 37.53
N PRO EA 44 -27.37 -88.88 37.27
CA PRO EA 44 -26.55 -89.13 36.07
C PRO EA 44 -27.37 -89.11 34.80
N THR EA 45 -27.55 -87.91 34.24
CA THR EA 45 -28.25 -87.73 32.98
C THR EA 45 -27.52 -88.46 31.86
N GLU EA 46 -28.26 -89.32 31.15
CA GLU EA 46 -27.67 -90.19 30.13
C GLU EA 46 -27.73 -89.48 28.78
N ILE EA 47 -26.59 -89.01 28.31
CA ILE EA 47 -26.50 -88.36 27.00
C ILE EA 47 -26.35 -89.44 25.94
N PRO EA 48 -27.25 -89.53 24.97
CA PRO EA 48 -27.09 -90.53 23.90
C PRO EA 48 -25.94 -90.16 22.97
N LEU EA 49 -25.36 -91.18 22.36
CA LEU EA 49 -24.29 -91.00 21.38
C LEU EA 49 -24.75 -91.16 19.95
N TYR EA 50 -25.60 -92.14 19.68
CA TYR EA 50 -26.02 -92.49 18.32
C TYR EA 50 -27.51 -92.19 18.21
N THR EA 51 -27.85 -91.05 17.64
CA THR EA 51 -29.23 -90.58 17.55
C THR EA 51 -29.76 -90.86 16.15
N SER EA 52 -30.93 -91.51 16.07
CA SER EA 52 -31.57 -91.82 14.81
C SER EA 52 -32.44 -90.63 14.37
N TYR EA 53 -33.24 -90.85 13.32
CA TYR EA 53 -34.11 -89.80 12.79
C TYR EA 53 -35.54 -90.05 13.23
N THR EA 54 -36.14 -89.05 13.88
CA THR EA 54 -37.50 -89.17 14.37
C THR EA 54 -38.47 -88.59 13.35
N TYR EA 55 -39.35 -89.42 12.83
CA TYR EA 55 -40.43 -88.95 11.96
C TYR EA 55 -41.44 -88.18 12.79
N GLN EA 56 -41.56 -86.88 12.53
CA GLN EA 56 -42.51 -86.07 13.28
C GLN EA 56 -43.05 -84.98 12.36
N ALA EA 57 -43.94 -84.16 12.91
CA ALA EA 57 -44.69 -83.17 12.14
C ALA EA 57 -44.38 -81.78 12.70
N THR EA 58 -43.61 -81.00 11.95
CA THR EA 58 -43.36 -79.63 12.31
C THR EA 58 -44.56 -78.76 11.96
N PRO EA 59 -44.67 -77.58 12.56
CA PRO EA 59 -45.70 -76.62 12.10
C PRO EA 59 -45.34 -75.90 10.82
N MET EA 60 -44.10 -75.99 10.35
CA MET EA 60 -43.69 -75.21 9.19
C MET EA 60 -44.26 -75.75 7.88
N ASP EA 61 -44.08 -77.05 7.63
CA ASP EA 61 -44.67 -77.67 6.45
C ASP EA 61 -46.19 -77.68 6.55
N GLY EA 62 -46.84 -76.94 5.66
CA GLY EA 62 -48.25 -76.66 5.80
C GLY EA 62 -49.18 -77.82 5.51
N THR EA 63 -49.01 -78.46 4.37
CA THR EA 63 -49.95 -79.45 3.90
C THR EA 63 -49.39 -80.86 4.10
N LEU EA 64 -50.23 -81.85 3.76
CA LEU EA 64 -49.83 -83.24 3.90
C LEU EA 64 -48.79 -83.63 2.86
N LYS EA 65 -48.81 -83.00 1.69
CA LYS EA 65 -47.85 -83.35 0.65
C LYS EA 65 -46.47 -82.81 0.97
N THR EA 66 -46.39 -81.60 1.52
CA THR EA 66 -45.09 -81.01 1.85
C THR EA 66 -44.46 -81.66 3.06
N MET EA 67 -45.25 -82.31 3.91
CA MET EA 67 -44.67 -83.05 5.02
C MET EA 67 -44.07 -84.37 4.56
N LEU EA 68 -44.72 -85.03 3.60
CA LEU EA 68 -44.20 -86.29 3.11
C LEU EA 68 -43.11 -86.09 2.06
N GLU EA 69 -43.00 -84.91 1.48
CA GLU EA 69 -41.85 -84.64 0.61
C GLU EA 69 -40.57 -84.47 1.42
N ARG EA 70 -40.68 -84.07 2.69
CA ARG EA 70 -39.49 -83.97 3.53
C ARG EA 70 -39.30 -85.15 4.47
N TRP EA 71 -40.23 -86.10 4.50
CA TRP EA 71 -39.91 -87.39 5.10
C TRP EA 71 -39.18 -88.27 4.11
N ALA EA 72 -39.54 -88.17 2.83
CA ALA EA 72 -38.84 -88.93 1.80
C ALA EA 72 -37.45 -88.36 1.54
N ALA EA 73 -37.30 -87.04 1.66
CA ALA EA 73 -35.99 -86.44 1.41
C ALA EA 73 -35.04 -86.71 2.56
N ASP EA 74 -35.53 -86.69 3.80
CA ASP EA 74 -34.70 -86.89 4.96
C ASP EA 74 -34.50 -88.36 5.31
N SER EA 75 -34.90 -89.28 4.43
CA SER EA 75 -34.71 -90.69 4.67
C SER EA 75 -34.29 -91.48 3.44
N ASN EA 76 -34.05 -90.81 2.31
CA ASN EA 76 -33.72 -91.41 1.01
C ASN EA 76 -34.78 -92.42 0.58
N MET EA 77 -35.99 -91.91 0.38
CA MET EA 77 -37.08 -92.68 -0.20
C MET EA 77 -37.76 -91.84 -1.28
N GLN EA 78 -38.64 -92.49 -2.03
CA GLN EA 78 -39.36 -91.83 -3.12
C GLN EA 78 -40.82 -91.66 -2.73
N LEU EA 79 -41.41 -90.54 -3.14
CA LEU EA 79 -42.79 -90.24 -2.83
C LEU EA 79 -43.64 -90.38 -4.09
N SER EA 80 -44.68 -91.19 -4.00
CA SER EA 80 -45.68 -91.33 -5.06
C SER EA 80 -47.00 -90.84 -4.49
N TYR EA 81 -47.23 -89.54 -4.61
CA TYR EA 81 -48.47 -88.93 -4.15
C TYR EA 81 -49.50 -89.07 -5.26
N ASN EA 82 -50.48 -89.94 -5.05
CA ASN EA 82 -51.47 -90.26 -6.07
C ASN EA 82 -52.86 -89.82 -5.66
N LEU EA 83 -52.97 -88.62 -5.11
CA LEU EA 83 -54.27 -88.04 -4.81
C LEU EA 83 -54.51 -86.82 -5.71
N PRO EA 84 -55.75 -86.59 -6.14
CA PRO EA 84 -56.02 -85.42 -6.98
C PRO EA 84 -56.01 -84.10 -6.24
N SER EA 85 -55.96 -84.10 -4.92
CA SER EA 85 -55.95 -82.86 -4.15
C SER EA 85 -55.12 -83.05 -2.90
N ASP EA 86 -54.84 -81.94 -2.23
CA ASP EA 86 -53.90 -81.88 -1.11
C ASP EA 86 -54.64 -81.41 0.14
N TYR EA 87 -54.27 -81.99 1.28
CA TYR EA 87 -54.93 -81.72 2.54
C TYR EA 87 -53.97 -81.01 3.50
N THR EA 88 -54.49 -80.06 4.26
CA THR EA 88 -53.66 -79.38 5.24
C THR EA 88 -53.56 -80.20 6.51
N LEU EA 89 -52.56 -79.86 7.33
CA LEU EA 89 -52.30 -80.61 8.55
C LEU EA 89 -53.22 -80.14 9.66
N ILE EA 90 -53.70 -81.11 10.46
CA ILE EA 90 -54.67 -80.81 11.51
C ILE EA 90 -54.09 -81.12 12.88
N GLY EA 91 -54.90 -80.90 13.91
CA GLY EA 91 -54.53 -81.06 15.31
C GLY EA 91 -53.90 -82.37 15.74
N PRO EA 92 -54.56 -83.52 15.52
CA PRO EA 92 -53.98 -84.80 15.94
C PRO EA 92 -52.78 -85.27 15.13
N VAL EA 93 -52.31 -84.49 14.14
CA VAL EA 93 -51.07 -84.86 13.46
C VAL EA 93 -49.88 -84.61 14.37
N SER EA 94 -49.99 -83.63 15.27
CA SER EA 94 -48.88 -83.28 16.16
C SER EA 94 -48.79 -84.21 17.37
N ALA EA 95 -48.80 -85.51 17.13
CA ALA EA 95 -48.50 -86.50 18.16
C ALA EA 95 -47.62 -87.62 17.63
N ILE EA 96 -47.26 -87.61 16.35
CA ILE EA 96 -46.41 -88.63 15.76
C ILE EA 96 -44.96 -88.29 16.07
N SER EA 97 -44.27 -89.20 16.77
CA SER EA 97 -42.84 -89.04 17.02
C SER EA 97 -42.25 -90.44 17.12
N THR EA 98 -41.71 -90.93 16.02
CA THR EA 98 -41.26 -92.31 15.93
C THR EA 98 -40.00 -92.36 15.08
N THR EA 99 -39.04 -93.19 15.47
CA THR EA 99 -37.86 -93.48 14.67
C THR EA 99 -38.10 -94.59 13.65
N SER EA 100 -39.35 -95.00 13.45
CA SER EA 100 -39.74 -96.04 12.51
C SER EA 100 -40.69 -95.45 11.48
N VAL EA 101 -40.45 -95.75 10.21
CA VAL EA 101 -41.27 -95.19 9.16
C VAL EA 101 -42.62 -95.90 9.09
N GLN EA 102 -42.67 -97.18 9.47
CA GLN EA 102 -43.90 -97.94 9.35
C GLN EA 102 -44.89 -97.57 10.44
N GLN EA 103 -44.40 -97.25 11.64
CA GLN EA 103 -45.29 -96.88 12.73
C GLN EA 103 -45.79 -95.44 12.56
N ALA EA 104 -45.05 -94.63 11.80
CA ALA EA 104 -45.47 -93.26 11.54
C ALA EA 104 -46.47 -93.18 10.39
N ALA EA 105 -46.35 -94.08 9.41
CA ALA EA 105 -47.34 -94.13 8.36
C ALA EA 105 -48.64 -94.77 8.83
N THR EA 106 -48.57 -95.57 9.91
CA THR EA 106 -49.78 -96.13 10.48
C THR EA 106 -50.54 -95.09 11.28
N GLU EA 107 -49.83 -94.30 12.09
CA GLU EA 107 -50.48 -93.26 12.89
C GLU EA 107 -50.99 -92.13 12.01
N LEU EA 108 -50.42 -91.94 10.82
CA LEU EA 108 -50.90 -90.89 9.93
C LEU EA 108 -52.21 -91.28 9.28
N SER EA 109 -52.31 -92.54 8.82
CA SER EA 109 -53.51 -93.01 8.15
C SER EA 109 -54.69 -93.18 9.10
N ALA EA 110 -54.43 -93.28 10.41
CA ALA EA 110 -55.51 -93.26 11.39
C ALA EA 110 -56.10 -91.86 11.52
N VAL EA 111 -55.29 -90.83 11.30
CA VAL EA 111 -55.78 -89.46 11.38
C VAL EA 111 -56.62 -89.12 10.15
N TYR EA 112 -56.07 -89.35 8.97
CA TYR EA 112 -56.76 -89.03 7.72
C TYR EA 112 -57.54 -90.23 7.18
N ALA EA 113 -58.38 -90.80 8.04
CA ALA EA 113 -59.26 -91.88 7.62
C ALA EA 113 -60.60 -91.37 7.14
N ALA EA 114 -60.99 -90.17 7.58
CA ALA EA 114 -62.29 -89.62 7.20
C ALA EA 114 -62.31 -89.12 5.76
N GLN EA 115 -61.14 -88.87 5.16
CA GLN EA 115 -61.05 -88.35 3.81
C GLN EA 115 -60.59 -89.38 2.82
N GLY EA 116 -60.42 -90.64 3.24
CA GLY EA 116 -60.01 -91.70 2.35
C GLY EA 116 -58.57 -91.58 1.91
N VAL EA 117 -57.67 -91.38 2.86
CA VAL EA 117 -56.25 -91.23 2.59
C VAL EA 117 -55.51 -92.36 3.28
N SER EA 118 -54.83 -93.20 2.52
CA SER EA 118 -54.05 -94.30 3.04
C SER EA 118 -52.59 -94.14 2.63
N VAL EA 119 -51.70 -94.11 3.62
CA VAL EA 119 -50.27 -93.93 3.40
C VAL EA 119 -49.57 -95.20 3.86
N SER EA 120 -48.80 -95.82 2.97
CA SER EA 120 -48.08 -97.04 3.28
C SER EA 120 -46.69 -96.97 2.65
N VAL EA 121 -45.84 -97.91 3.05
CA VAL EA 121 -44.45 -97.96 2.61
C VAL EA 121 -44.22 -99.31 1.94
N SER EA 122 -43.89 -99.28 0.65
CA SER EA 122 -43.55 -100.51 -0.08
C SER EA 122 -42.04 -100.77 -0.07
N ALA EA 123 -41.46 -100.68 1.13
CA ALA EA 123 -40.11 -101.11 1.52
C ALA EA 123 -38.98 -100.27 0.93
N ASN EA 124 -39.28 -99.40 -0.03
CA ASN EA 124 -38.30 -98.44 -0.52
C ASN EA 124 -38.89 -97.09 -0.88
N LYS EA 125 -40.20 -96.90 -0.71
CA LYS EA 125 -40.88 -95.71 -1.19
C LYS EA 125 -42.23 -95.60 -0.48
N LEU EA 126 -42.76 -94.38 -0.48
CA LEU EA 126 -44.04 -94.09 0.15
C LEU EA 126 -45.15 -94.06 -0.90
N LEU EA 127 -46.30 -94.60 -0.55
CA LEU EA 127 -47.46 -94.65 -1.44
C LEU EA 127 -48.61 -93.92 -0.79
N VAL EA 128 -49.15 -92.91 -1.47
CA VAL EA 128 -50.32 -92.17 -1.00
C VAL EA 128 -51.41 -92.44 -2.01
N GLN EA 129 -52.33 -93.33 -1.66
CA GLN EA 129 -53.41 -93.77 -2.52
C GLN EA 129 -54.71 -93.75 -1.73
N PRO EA 130 -55.86 -93.64 -2.40
CA PRO EA 130 -57.14 -93.75 -1.69
C PRO EA 130 -57.35 -95.14 -1.11
N VAL EA 131 -58.20 -95.19 -0.09
CA VAL EA 131 -58.46 -96.43 0.64
C VAL EA 131 -59.35 -97.33 -0.24
N PRO EA 132 -59.08 -98.64 -0.31
CA PRO EA 132 -59.98 -99.56 -1.03
C PRO EA 132 -61.35 -99.70 -0.37
N GLN FA 27 21.79 -71.07 4.50
CA GLN FA 27 22.43 -71.51 3.26
C GLN FA 27 22.08 -70.59 2.11
N VAL FA 28 20.80 -70.32 1.97
CA VAL FA 28 20.26 -69.38 0.98
C VAL FA 28 19.85 -68.07 1.63
N VAL FA 29 19.08 -68.15 2.71
CA VAL FA 29 18.80 -67.01 3.59
C VAL FA 29 19.51 -67.32 4.90
N GLN FA 30 20.55 -66.57 5.21
CA GLN FA 30 21.41 -66.87 6.34
C GLN FA 30 21.24 -65.81 7.43
N GLU FA 31 21.08 -66.26 8.66
CA GLU FA 31 21.02 -65.38 9.82
C GLU FA 31 22.37 -65.34 10.50
N TYR FA 32 22.80 -64.15 10.90
CA TYR FA 32 23.98 -63.98 11.72
C TYR FA 32 23.57 -63.43 13.08
N GLU FA 33 24.32 -63.79 14.10
CA GLU FA 33 24.12 -63.26 15.44
C GLU FA 33 25.07 -62.11 15.65
N TYR FA 34 24.55 -60.97 16.08
CA TYR FA 34 25.38 -59.78 16.22
C TYR FA 34 26.28 -59.89 17.44
N ALA FA 35 27.58 -59.82 17.20
CA ALA FA 35 28.59 -59.68 18.23
C ALA FA 35 29.51 -58.53 17.83
N PRO FA 36 30.03 -57.77 18.78
CA PRO FA 36 30.89 -56.63 18.43
C PRO FA 36 32.23 -57.08 17.84
N ASP FA 37 32.59 -56.44 16.72
CA ASP FA 37 33.84 -56.67 15.98
C ASP FA 37 33.99 -58.12 15.52
N ARG FA 38 33.06 -58.54 14.66
CA ARG FA 38 33.09 -59.86 14.04
C ARG FA 38 33.05 -59.67 12.53
N ILE FA 39 33.73 -60.55 11.81
CA ILE FA 39 33.83 -60.45 10.36
C ILE FA 39 32.73 -61.33 9.76
N TYR FA 40 31.71 -60.72 9.18
CA TYR FA 40 30.59 -61.45 8.59
C TYR FA 40 30.84 -61.61 7.09
N GLN FA 41 30.73 -62.83 6.60
CA GLN FA 41 30.99 -63.13 5.20
C GLN FA 41 29.70 -63.11 4.41
N VAL FA 42 29.69 -62.30 3.35
CA VAL FA 42 28.55 -62.19 2.44
C VAL FA 42 29.02 -62.69 1.09
N ARG FA 43 28.36 -63.71 0.56
CA ARG FA 43 28.74 -64.34 -0.69
C ARG FA 43 27.72 -63.99 -1.76
N THR FA 44 28.17 -63.35 -2.83
CA THR FA 44 27.29 -62.83 -3.86
C THR FA 44 27.50 -63.58 -5.16
N GLY FA 45 26.60 -63.30 -6.12
CA GLY FA 45 26.72 -63.83 -7.46
C GLY FA 45 26.61 -62.69 -8.46
N LEU FA 46 26.91 -63.00 -9.72
CA LEU FA 46 27.17 -61.92 -10.67
C LEU FA 46 25.89 -61.26 -11.18
N GLY FA 47 24.82 -62.03 -11.40
CA GLY FA 47 23.56 -61.42 -11.81
C GLY FA 47 22.46 -61.56 -10.80
N ILE FA 48 22.79 -61.40 -9.52
CA ILE FA 48 21.93 -61.74 -8.39
C ILE FA 48 22.03 -60.62 -7.35
N THR FA 49 20.90 -60.06 -6.96
CA THR FA 49 20.90 -59.15 -5.81
C THR FA 49 20.99 -59.96 -4.53
N THR FA 50 21.82 -59.48 -3.61
CA THR FA 50 21.86 -59.97 -2.24
C THR FA 50 21.52 -58.79 -1.35
N GLN FA 51 20.57 -58.94 -0.46
CA GLN FA 51 20.28 -57.87 0.48
C GLN FA 51 20.80 -58.24 1.86
N VAL FA 52 21.42 -57.26 2.52
CA VAL FA 52 21.70 -57.36 3.94
C VAL FA 52 20.68 -56.50 4.66
N GLU FA 53 20.17 -56.99 5.78
CA GLU FA 53 19.11 -56.30 6.51
C GLU FA 53 19.57 -56.05 7.92
N LEU FA 54 19.72 -54.78 8.27
CA LEU FA 54 20.16 -54.37 9.59
C LEU FA 54 18.94 -54.23 10.50
N SER FA 55 19.14 -53.67 11.68
CA SER FA 55 18.01 -53.52 12.58
C SER FA 55 17.15 -52.34 12.15
N PRO FA 56 15.83 -52.45 12.29
CA PRO FA 56 14.97 -51.28 12.00
C PRO FA 56 15.04 -50.20 13.05
N ASN FA 57 15.68 -50.46 14.19
CA ASN FA 57 15.66 -49.54 15.32
C ASN FA 57 16.59 -48.35 15.09
N GLU FA 58 17.81 -48.62 14.66
CA GLU FA 58 18.86 -47.60 14.58
C GLU FA 58 19.00 -47.04 13.19
N LYS FA 59 19.42 -45.79 13.12
CA LYS FA 59 19.66 -45.09 11.87
C LYS FA 59 21.09 -45.28 11.42
N ILE FA 60 21.27 -45.54 10.13
CA ILE FA 60 22.61 -45.77 9.57
C ILE FA 60 23.31 -44.44 9.37
N LEU FA 61 24.46 -44.26 10.00
CA LEU FA 61 25.21 -43.02 9.88
C LEU FA 61 25.98 -42.97 8.56
N ASP FA 62 26.88 -43.93 8.35
CA ASP FA 62 27.72 -43.91 7.16
C ASP FA 62 28.14 -45.34 6.81
N TYR FA 63 28.73 -45.47 5.63
CA TYR FA 63 29.21 -46.74 5.12
C TYR FA 63 30.27 -46.47 4.07
N SER FA 64 31.21 -47.40 3.93
CA SER FA 64 32.26 -47.25 2.93
C SER FA 64 32.81 -48.62 2.59
N THR FA 65 32.76 -48.97 1.32
CA THR FA 65 33.35 -50.21 0.82
C THR FA 65 34.62 -49.90 0.03
N GLY FA 66 35.61 -50.76 0.18
CA GLY FA 66 36.78 -50.67 -0.68
C GLY FA 66 36.44 -51.12 -2.08
N PHE FA 67 37.11 -50.52 -3.06
CA PHE FA 67 36.90 -50.76 -4.50
C PHE FA 67 35.44 -50.49 -4.88
N THR FA 68 35.08 -49.21 -4.77
CA THR FA 68 33.70 -48.77 -4.92
C THR FA 68 33.18 -49.01 -6.34
N GLY FA 69 34.04 -48.90 -7.34
CA GLY FA 69 33.61 -49.08 -8.71
C GLY FA 69 33.53 -50.52 -9.20
N GLY FA 70 33.24 -51.44 -8.29
CA GLY FA 70 33.03 -52.82 -8.66
C GLY FA 70 31.84 -53.39 -7.92
N TRP FA 71 31.05 -52.51 -7.31
CA TRP FA 71 29.89 -52.91 -6.52
C TRP FA 71 28.81 -51.87 -6.68
N GLU FA 72 27.68 -52.27 -7.25
CA GLU FA 72 26.49 -51.43 -7.34
C GLU FA 72 25.63 -51.70 -6.11
N LEU FA 73 25.63 -50.77 -5.17
CA LEU FA 73 24.86 -50.94 -3.95
C LEU FA 73 24.07 -49.69 -3.64
N THR FA 74 22.78 -49.88 -3.33
CA THR FA 74 21.88 -48.80 -2.94
C THR FA 74 21.26 -49.16 -1.60
N ARG FA 75 20.80 -48.14 -0.87
CA ARG FA 75 20.19 -48.38 0.43
C ARG FA 75 18.81 -47.77 0.52
N ARG FA 76 17.93 -48.44 1.27
CA ARG FA 76 16.63 -47.90 1.65
C ARG FA 76 16.47 -48.08 3.17
N GLU FA 77 17.11 -47.18 3.90
CA GLU FA 77 16.93 -46.86 5.32
C GLU FA 77 17.36 -47.94 6.32
N ASN FA 78 17.41 -49.21 5.92
CA ASN FA 78 18.18 -50.21 6.68
C ASN FA 78 18.68 -51.37 5.83
N VAL FA 79 18.43 -51.40 4.52
CA VAL FA 79 18.72 -52.56 3.69
C VAL FA 79 19.60 -52.14 2.54
N PHE FA 80 20.67 -52.90 2.30
CA PHE FA 80 21.61 -52.63 1.23
C PHE FA 80 21.46 -53.73 0.18
N TYR FA 81 21.12 -53.35 -1.04
CA TYR FA 81 21.00 -54.31 -2.13
C TYR FA 81 22.33 -54.35 -2.87
N LEU FA 82 23.08 -55.42 -2.69
CA LEU FA 82 24.43 -55.55 -3.21
C LEU FA 82 24.44 -56.37 -4.49
N LYS FA 83 25.20 -55.91 -5.49
CA LYS FA 83 25.49 -56.74 -6.63
C LYS FA 83 26.85 -56.34 -7.17
N PRO FA 84 27.68 -57.29 -7.55
CA PRO FA 84 29.01 -56.97 -8.09
C PRO FA 84 28.91 -56.49 -9.53
N LYS FA 85 30.05 -56.11 -10.09
CA LYS FA 85 30.11 -55.73 -11.49
C LYS FA 85 31.13 -56.50 -12.30
N ASN FA 86 32.06 -57.22 -11.67
CA ASN FA 86 33.05 -57.97 -12.42
C ASN FA 86 33.43 -59.19 -11.58
N VAL FA 87 34.32 -60.02 -12.12
CA VAL FA 87 34.54 -61.35 -11.56
C VAL FA 87 35.42 -61.32 -10.31
N ASP FA 88 36.30 -60.32 -10.17
CA ASP FA 88 37.20 -60.23 -9.01
C ASP FA 88 37.05 -58.86 -8.36
N VAL FA 89 36.04 -58.72 -7.51
CA VAL FA 89 35.76 -57.46 -6.85
C VAL FA 89 35.65 -57.70 -5.35
N ASP FA 90 36.38 -58.69 -4.86
CA ASP FA 90 36.34 -59.07 -3.44
C ASP FA 90 36.86 -57.94 -2.58
N THR FA 91 36.09 -57.56 -1.57
CA THR FA 91 36.43 -56.40 -0.76
C THR FA 91 35.75 -56.53 0.60
N ASN FA 92 35.91 -55.50 1.42
CA ASN FA 92 35.18 -55.33 2.65
C ASN FA 92 34.13 -54.24 2.52
N MET FA 93 33.18 -54.23 3.44
CA MET FA 93 32.27 -53.11 3.56
C MET FA 93 31.97 -52.92 5.04
N MET FA 94 32.01 -51.68 5.49
CA MET FA 94 31.85 -51.35 6.90
C MET FA 94 30.67 -50.43 7.05
N ILE FA 95 29.71 -50.85 7.85
CA ILE FA 95 28.51 -50.06 8.15
C ILE FA 95 28.63 -49.61 9.59
N ARG FA 96 28.33 -48.36 9.84
CA ARG FA 96 28.41 -47.79 11.19
C ARG FA 96 27.09 -47.10 11.48
N THR FA 97 26.28 -47.70 12.35
CA THR FA 97 25.04 -47.09 12.79
C THR FA 97 25.29 -46.28 14.06
N ALA FA 98 24.22 -45.92 14.77
CA ALA FA 98 24.38 -45.12 15.98
C ALA FA 98 24.99 -45.91 17.12
N THR FA 99 24.71 -47.21 17.20
CA THR FA 99 25.24 -48.00 18.30
C THR FA 99 25.83 -49.35 17.87
N HIS FA 100 25.78 -49.70 16.58
CA HIS FA 100 26.34 -50.94 16.10
C HIS FA 100 27.40 -50.65 15.05
N SER FA 101 28.27 -51.64 14.83
CA SER FA 101 29.34 -51.52 13.85
C SER FA 101 29.56 -52.87 13.21
N TYR FA 102 29.41 -52.92 11.89
CA TYR FA 102 29.45 -54.15 11.11
C TYR FA 102 30.67 -54.15 10.21
N ILE FA 103 31.34 -55.28 10.11
CA ILE FA 103 32.45 -55.45 9.19
C ILE FA 103 32.08 -56.62 8.27
N LEU FA 104 31.58 -56.30 7.09
CA LEU FA 104 31.18 -57.31 6.12
C LEU FA 104 32.34 -57.64 5.21
N GLU FA 105 32.41 -58.90 4.79
CA GLU FA 105 33.52 -59.41 3.98
C GLU FA 105 32.93 -59.93 2.67
N LEU FA 106 32.85 -59.06 1.67
CA LEU FA 106 32.14 -59.32 0.43
C LEU FA 106 32.94 -60.23 -0.48
N LYS FA 107 32.29 -61.25 -1.03
CA LYS FA 107 32.92 -62.21 -1.91
C LYS FA 107 32.11 -62.34 -3.19
N VAL FA 108 32.68 -63.01 -4.18
CA VAL FA 108 31.97 -63.38 -5.41
C VAL FA 108 32.19 -64.87 -5.63
N VAL FA 109 31.12 -65.64 -5.61
CA VAL FA 109 31.22 -67.09 -5.61
C VAL FA 109 30.58 -67.74 -6.83
N ALA FA 110 29.64 -67.10 -7.51
CA ALA FA 110 29.02 -67.64 -8.71
C ALA FA 110 29.06 -66.59 -9.80
N THR FA 111 29.75 -66.90 -10.90
CA THR FA 111 29.91 -65.95 -11.98
C THR FA 111 29.65 -66.53 -13.37
N ASP FA 112 29.66 -67.84 -13.54
CA ASP FA 112 29.62 -68.48 -14.85
C ASP FA 112 28.33 -69.26 -15.06
N TRP FA 113 27.36 -69.12 -14.16
CA TRP FA 113 26.17 -69.94 -14.16
C TRP FA 113 25.24 -69.55 -15.30
N GLN FA 114 24.59 -70.56 -15.87
CA GLN FA 114 23.55 -70.36 -16.87
C GLN FA 114 22.17 -70.63 -16.30
N ARG FA 115 22.07 -71.59 -15.38
CA ARG FA 115 20.85 -71.96 -14.71
C ARG FA 115 20.94 -71.51 -13.26
N LEU FA 116 19.84 -70.98 -12.73
CA LEU FA 116 19.89 -70.31 -11.43
C LEU FA 116 20.02 -71.29 -10.27
N GLU FA 117 19.79 -72.57 -10.51
CA GLU FA 117 20.10 -73.61 -9.52
C GLU FA 117 21.61 -73.80 -9.36
N GLN FA 118 22.40 -73.45 -10.36
CA GLN FA 118 23.85 -73.59 -10.25
C GLN FA 118 24.46 -72.55 -9.31
N ALA FA 119 23.80 -71.42 -9.13
CA ALA FA 119 24.29 -70.44 -8.17
C ALA FA 119 23.88 -70.81 -6.74
N LYS FA 120 22.79 -71.56 -6.58
CA LYS FA 120 22.43 -72.09 -5.28
C LYS FA 120 23.50 -73.03 -4.76
N GLN FA 121 23.95 -73.95 -5.62
CA GLN FA 121 24.94 -74.95 -5.23
C GLN FA 121 26.33 -74.34 -5.10
N ALA FA 122 26.60 -73.26 -5.84
CA ALA FA 122 27.88 -72.57 -5.67
C ALA FA 122 27.96 -71.87 -4.32
N GLY FA 123 26.83 -71.44 -3.78
CA GLY FA 123 26.81 -70.96 -2.41
C GLY FA 123 26.47 -69.51 -2.25
N VAL FA 124 25.60 -68.97 -3.13
CA VAL FA 124 25.23 -67.57 -2.98
C VAL FA 124 24.27 -67.42 -1.81
N GLN FA 125 24.12 -66.19 -1.35
CA GLN FA 125 23.22 -65.85 -0.27
C GLN FA 125 22.26 -64.80 -0.77
N TYR FA 126 20.99 -65.18 -0.88
CA TYR FA 126 19.96 -64.25 -1.34
C TYR FA 126 19.70 -63.16 -0.30
N LYS FA 127 19.58 -63.53 0.97
CA LYS FA 127 19.29 -62.57 2.02
C LYS FA 127 20.25 -62.78 3.17
N VAL FA 128 20.61 -61.69 3.83
CA VAL FA 128 21.40 -61.72 5.08
C VAL FA 128 20.65 -60.89 6.11
N VAL FA 129 20.30 -61.50 7.24
CA VAL FA 129 19.65 -60.78 8.33
C VAL FA 129 20.43 -61.03 9.61
N PHE FA 130 20.41 -60.05 10.50
CA PHE FA 130 21.13 -60.08 11.75
C PHE FA 130 20.17 -60.22 12.91
N THR FA 131 20.42 -61.19 13.79
CA THR FA 131 19.67 -61.35 15.02
C THR FA 131 20.44 -60.72 16.17
N TYR FA 132 19.72 -60.06 17.07
CA TYR FA 132 20.35 -59.26 18.11
C TYR FA 132 20.01 -59.81 19.48
N PRO FA 133 20.94 -60.48 20.16
CA PRO FA 133 20.65 -61.03 21.48
C PRO FA 133 20.67 -59.95 22.54
N LYS FA 134 20.07 -60.26 23.68
CA LYS FA 134 20.18 -59.39 24.83
C LYS FA 134 21.46 -59.68 25.58
N ASP FA 135 21.77 -58.82 26.55
CA ASP FA 135 23.03 -58.88 27.25
C ASP FA 135 23.09 -60.12 28.14
N THR FA 136 24.31 -60.64 28.33
CA THR FA 136 24.47 -61.91 29.02
C THR FA 136 24.28 -61.78 30.53
N SER FA 137 24.23 -60.55 31.05
CA SER FA 137 23.94 -60.38 32.47
C SER FA 137 22.46 -60.58 32.74
N PHE FA 138 21.62 -60.49 31.71
CA PHE FA 138 20.20 -60.78 31.89
C PHE FA 138 19.89 -62.25 31.60
N ASN FA 139 20.82 -62.96 30.96
CA ASN FA 139 20.61 -64.38 30.69
C ASN FA 139 20.82 -65.22 31.95
N ASN FA 140 21.54 -64.67 32.94
CA ASN FA 140 21.69 -65.36 34.21
C ASN FA 140 20.40 -65.33 35.01
N VAL FA 141 19.53 -64.37 34.73
CA VAL FA 141 18.23 -64.27 35.38
C VAL FA 141 17.21 -65.15 34.67
N LYS FA 148 9.13 -71.69 28.85
CA LYS FA 148 9.70 -72.39 27.71
C LYS FA 148 8.88 -73.63 27.36
N ASN FA 149 8.39 -74.30 28.40
CA ASN FA 149 7.63 -75.55 28.26
C ASN FA 149 6.22 -75.23 27.77
N GLY FA 150 6.11 -74.97 26.47
CA GLY FA 150 4.83 -74.70 25.86
C GLY FA 150 4.29 -73.33 26.21
N PRO FA 151 3.04 -73.08 25.81
CA PRO FA 151 2.42 -71.77 26.09
C PRO FA 151 1.95 -71.64 27.52
N LEU FA 152 1.87 -70.38 27.97
CA LEU FA 152 1.47 -70.09 29.33
C LEU FA 152 -0.03 -70.15 29.52
N LEU FA 153 -0.81 -69.90 28.48
CA LEU FA 153 -2.27 -69.91 28.56
C LEU FA 153 -2.76 -71.11 27.77
N ASN FA 154 -3.19 -72.14 28.47
CA ASN FA 154 -3.69 -73.34 27.83
C ASN FA 154 -4.99 -73.70 28.53
N ALA FA 155 -6.10 -73.60 27.80
CA ALA FA 155 -7.43 -73.75 28.38
C ALA FA 155 -7.76 -75.17 28.80
N LYS FA 156 -7.00 -76.16 28.35
CA LYS FA 156 -7.16 -77.52 28.83
C LYS FA 156 -6.55 -77.68 30.21
N ILE FA 157 -6.77 -78.85 30.80
CA ILE FA 157 -6.18 -79.19 32.09
C ILE FA 157 -4.91 -79.98 31.82
N LEU FA 158 -3.79 -79.47 32.27
CA LEU FA 158 -2.51 -80.10 31.98
C LEU FA 158 -2.15 -81.09 33.07
N LYS FA 159 -1.16 -81.92 32.79
CA LYS FA 159 -0.73 -82.95 33.73
C LYS FA 159 0.00 -82.34 34.93
N ASP FA 160 0.77 -81.28 34.70
CA ASP FA 160 1.69 -80.74 35.69
C ASP FA 160 1.39 -79.29 36.03
N ARG FA 161 0.12 -78.96 36.20
CA ARG FA 161 -0.28 -77.65 36.69
C ARG FA 161 -1.28 -77.83 37.83
N ARG FA 162 -1.25 -76.91 38.77
CA ARG FA 162 -2.08 -76.96 39.96
C ARG FA 162 -3.28 -76.05 39.79
N TYR FA 163 -4.47 -76.61 39.91
CA TYR FA 163 -5.73 -75.90 39.69
C TYR FA 163 -6.46 -75.72 41.02
N TYR FA 164 -7.36 -74.73 41.04
CA TYR FA 164 -8.07 -74.35 42.26
C TYR FA 164 -9.56 -74.21 41.93
N TYR FA 165 -10.34 -75.24 42.24
CA TYR FA 165 -11.75 -75.29 41.91
C TYR FA 165 -12.60 -74.90 43.13
N ASP FA 166 -12.51 -73.64 43.52
CA ASP FA 166 -13.30 -73.22 44.67
C ASP FA 166 -13.69 -71.76 44.45
N TYR FA 167 -14.86 -71.56 43.88
CA TYR FA 167 -15.36 -70.24 43.53
C TYR FA 167 -16.86 -70.19 43.80
N ASP FA 168 -17.35 -69.01 44.15
CA ASP FA 168 -18.76 -68.80 44.43
C ASP FA 168 -19.33 -67.79 43.46
N TYR FA 169 -20.66 -67.61 43.51
CA TYR FA 169 -21.31 -66.57 42.72
C TYR FA 169 -22.45 -66.00 43.53
N ALA FA 170 -22.74 -64.72 43.32
CA ALA FA 170 -23.82 -64.05 44.01
C ALA FA 170 -24.51 -63.07 43.06
N THR FA 171 -25.83 -63.17 42.97
CA THR FA 171 -26.60 -62.30 42.09
C THR FA 171 -28.04 -62.23 42.60
N ARG FA 172 -28.75 -61.19 42.16
CA ARG FA 172 -30.11 -60.96 42.63
C ARG FA 172 -31.08 -61.99 42.07
N THR FA 173 -31.13 -62.13 40.75
CA THR FA 173 -32.02 -63.08 40.12
C THR FA 173 -31.54 -64.51 40.35
N LYS FA 174 -32.48 -65.44 40.51
CA LYS FA 174 -32.14 -66.80 40.89
C LYS FA 174 -31.52 -67.57 39.73
N LYS FA 175 -32.28 -67.75 38.65
CA LYS FA 175 -31.78 -68.42 37.45
C LYS FA 175 -31.56 -67.34 36.39
N SER FA 176 -30.31 -66.94 36.23
CA SER FA 176 -29.93 -65.97 35.22
C SER FA 176 -29.12 -66.65 34.14
N TRP FA 177 -29.02 -65.97 32.99
CA TRP FA 177 -28.16 -66.38 31.91
C TRP FA 177 -26.76 -65.81 32.00
N LEU FA 178 -26.47 -65.08 33.08
CA LEU FA 178 -25.17 -64.46 33.26
C LEU FA 178 -24.31 -65.23 34.26
N ILE FA 179 -24.88 -66.23 34.92
CA ILE FA 179 -24.12 -67.07 35.85
C ILE FA 179 -23.14 -67.93 35.07
N PRO FA 180 -21.85 -67.92 35.41
CA PRO FA 180 -20.89 -68.76 34.69
C PRO FA 180 -21.12 -70.24 34.96
N SER FA 181 -20.73 -71.05 33.99
CA SER FA 181 -20.86 -72.49 34.13
C SER FA 181 -19.78 -73.03 35.06
N ARG FA 182 -18.52 -72.73 34.78
CA ARG FA 182 -17.38 -73.23 35.52
C ARG FA 182 -16.34 -72.15 35.65
N VAL FA 183 -15.81 -71.93 36.84
CA VAL FA 183 -14.76 -70.96 37.08
C VAL FA 183 -13.63 -71.67 37.82
N TYR FA 184 -12.40 -71.52 37.33
CA TYR FA 184 -11.22 -72.07 37.99
C TYR FA 184 -10.02 -71.25 37.57
N ASP FA 185 -8.82 -71.66 37.99
CA ASP FA 185 -7.60 -70.99 37.59
C ASP FA 185 -6.42 -71.94 37.71
N ASP FA 186 -5.32 -71.58 37.05
CA ASP FA 186 -4.08 -72.35 37.10
C ASP FA 186 -2.98 -71.63 37.86
N GLY FA 187 -3.33 -70.64 38.68
CA GLY FA 187 -2.37 -69.84 39.38
C GLY FA 187 -2.00 -68.57 38.65
N LYS FA 188 -2.13 -68.53 37.33
CA LYS FA 188 -1.75 -67.39 36.53
C LYS FA 188 -2.89 -66.80 35.71
N PHE FA 189 -3.89 -67.59 35.34
CA PHE FA 189 -5.02 -67.12 34.55
C PHE FA 189 -6.30 -67.69 35.13
N THR FA 190 -7.35 -66.87 35.19
CA THR FA 190 -8.66 -67.30 35.67
C THR FA 190 -9.56 -67.63 34.49
N TYR FA 191 -10.08 -68.85 34.44
CA TYR FA 191 -10.79 -69.37 33.26
C TYR FA 191 -12.29 -69.37 33.53
N ILE FA 192 -12.95 -68.27 33.23
CA ILE FA 192 -14.40 -68.21 33.32
C ILE FA 192 -14.99 -68.91 32.10
N ASN FA 193 -15.91 -69.84 32.35
CA ASN FA 193 -16.48 -70.65 31.27
C ASN FA 193 -17.99 -70.50 31.32
N MET FA 194 -18.60 -70.27 30.15
CA MET FA 194 -20.01 -69.94 30.08
C MET FA 194 -20.72 -70.71 28.97
N ASP FA 195 -20.32 -71.96 28.72
CA ASP FA 195 -20.83 -72.70 27.58
C ASP FA 195 -21.96 -73.67 27.94
N LEU FA 196 -22.69 -73.40 29.01
CA LEU FA 196 -23.92 -74.13 29.28
C LEU FA 196 -25.13 -73.24 29.42
N THR FA 197 -24.96 -71.92 29.49
CA THR FA 197 -26.07 -70.98 29.36
C THR FA 197 -26.26 -70.74 27.86
N ARG FA 198 -27.00 -71.66 27.24
CA ARG FA 198 -27.00 -71.82 25.80
C ARG FA 198 -27.97 -70.88 25.07
N PHE FA 199 -29.08 -70.49 25.72
CA PHE FA 199 -30.17 -69.85 24.99
C PHE FA 199 -29.86 -68.45 24.48
N PRO FA 200 -29.57 -67.44 25.29
CA PRO FA 200 -29.47 -66.09 24.71
C PRO FA 200 -28.16 -65.97 23.94
N THR FA 201 -28.26 -65.67 22.64
CA THR FA 201 -27.05 -65.60 21.85
C THR FA 201 -26.20 -64.39 22.22
N GLY FA 202 -26.83 -63.31 22.66
CA GLY FA 202 -26.08 -62.19 23.17
C GLY FA 202 -25.88 -62.22 24.67
N ASN FA 203 -25.05 -63.13 25.17
CA ASN FA 203 -24.90 -63.31 26.61
C ASN FA 203 -23.48 -63.08 27.10
N PHE FA 204 -22.66 -62.33 26.35
CA PHE FA 204 -21.25 -62.31 26.64
C PHE FA 204 -20.91 -61.06 27.43
N PRO FA 205 -20.35 -61.19 28.63
CA PRO FA 205 -20.17 -60.05 29.51
C PRO FA 205 -18.86 -59.29 29.39
N ALA FA 206 -18.67 -58.34 30.29
CA ALA FA 206 -17.39 -57.67 30.50
C ALA FA 206 -16.95 -57.94 31.94
N VAL FA 207 -15.76 -58.50 32.10
CA VAL FA 207 -15.29 -58.96 33.40
C VAL FA 207 -14.37 -57.91 34.01
N PHE FA 208 -14.67 -57.51 35.24
CA PHE FA 208 -13.84 -56.62 36.05
C PHE FA 208 -13.30 -57.42 37.23
N ALA FA 209 -12.57 -56.75 38.12
CA ALA FA 209 -12.04 -57.41 39.29
C ALA FA 209 -12.01 -56.42 40.45
N ARG FA 210 -11.87 -56.95 41.65
CA ARG FA 210 -12.13 -56.15 42.83
C ARG FA 210 -11.35 -56.75 43.99
N GLU FA 211 -10.78 -55.90 44.84
CA GLU FA 211 -9.93 -56.39 45.93
C GLU FA 211 -10.70 -56.75 47.18
N LYS FA 212 -11.83 -56.11 47.44
CA LYS FA 212 -12.69 -56.46 48.56
C LYS FA 212 -14.05 -56.84 48.01
N GLU FA 213 -15.04 -57.02 48.88
CA GLU FA 213 -16.32 -57.48 48.39
C GLU FA 213 -17.13 -56.34 47.78
N HIS FA 214 -17.20 -55.19 48.45
CA HIS FA 214 -17.97 -54.06 47.97
C HIS FA 214 -17.08 -52.84 47.78
N ALA FA 215 -15.84 -53.05 47.37
CA ALA FA 215 -14.94 -51.97 47.02
C ALA FA 215 -15.23 -51.51 45.60
N GLU FA 216 -14.38 -50.66 45.05
CA GLU FA 216 -14.54 -50.19 43.68
C GLU FA 216 -13.71 -51.06 42.76
N ASP FA 217 -14.32 -51.50 41.67
CA ASP FA 217 -13.66 -52.44 40.78
C ASP FA 217 -12.72 -51.73 39.82
N PHE FA 218 -11.86 -52.53 39.17
CA PHE FA 218 -10.87 -52.02 38.23
C PHE FA 218 -10.83 -52.95 37.02
N LEU FA 219 -9.85 -52.73 36.15
CA LEU FA 219 -9.81 -53.34 34.83
C LEU FA 219 -8.79 -54.46 34.76
N VAL FA 220 -9.12 -55.49 33.96
CA VAL FA 220 -8.26 -56.62 33.73
C VAL FA 220 -8.09 -56.81 32.23
N ASN FA 221 -7.04 -57.55 31.87
CA ASN FA 221 -6.82 -57.93 30.47
C ASN FA 221 -7.43 -59.30 30.25
N THR FA 222 -8.22 -59.43 29.19
CA THR FA 222 -8.92 -60.67 28.90
C THR FA 222 -8.62 -61.15 27.50
N THR FA 223 -8.47 -62.46 27.34
CA THR FA 223 -8.52 -63.10 26.04
C THR FA 223 -9.60 -64.17 26.10
N VAL FA 224 -10.15 -64.49 24.93
CA VAL FA 224 -11.32 -65.36 24.85
C VAL FA 224 -11.07 -66.45 23.80
N GLU FA 225 -11.60 -67.65 24.07
CA GLU FA 225 -11.46 -68.79 23.18
C GLU FA 225 -12.82 -69.49 23.11
N GLY FA 226 -13.65 -69.09 22.16
CA GLY FA 226 -14.95 -69.69 22.02
C GLY FA 226 -15.95 -69.11 23.00
N ASN FA 227 -16.36 -69.89 23.99
CA ASN FA 227 -17.22 -69.41 25.06
C ASN FA 227 -16.48 -69.26 26.39
N THR FA 228 -15.17 -69.51 26.41
CA THR FA 228 -14.39 -69.36 27.62
C THR FA 228 -13.79 -67.96 27.64
N LEU FA 229 -14.05 -67.23 28.73
CA LEU FA 229 -13.44 -65.92 28.94
C LEU FA 229 -12.29 -66.12 29.92
N ILE FA 230 -11.08 -65.74 29.52
CA ILE FA 230 -9.89 -66.04 30.29
C ILE FA 230 -9.30 -64.71 30.77
N VAL FA 231 -9.15 -64.57 32.09
CA VAL FA 231 -8.74 -63.33 32.71
C VAL FA 231 -7.28 -63.45 33.11
N HIS FA 232 -6.47 -62.49 32.67
CA HIS FA 232 -5.04 -62.49 32.94
C HIS FA 232 -4.79 -62.13 34.40
N GLY FA 233 -4.61 -63.15 35.25
CA GLY FA 233 -4.30 -62.90 36.65
C GLY FA 233 -5.36 -63.44 37.58
N THR FA 234 -4.96 -63.83 38.79
CA THR FA 234 -5.88 -64.35 39.80
C THR FA 234 -6.20 -63.26 40.80
N TYR FA 235 -7.48 -63.10 41.11
CA TYR FA 235 -7.99 -62.00 41.91
C TYR FA 235 -8.86 -62.55 43.03
N PRO FA 236 -9.04 -61.79 44.12
CA PRO FA 236 -9.98 -62.25 45.15
C PRO FA 236 -11.43 -62.22 44.69
N PHE FA 237 -11.81 -61.22 43.90
CA PHE FA 237 -13.18 -61.06 43.43
C PHE FA 237 -13.18 -60.71 41.95
N LEU FA 238 -14.13 -61.26 41.23
CA LEU FA 238 -14.38 -60.90 39.84
C LEU FA 238 -15.80 -60.38 39.73
N VAL FA 239 -16.01 -59.35 38.93
CA VAL FA 239 -17.32 -58.76 38.73
C VAL FA 239 -17.69 -58.92 37.26
N VAL FA 240 -18.89 -59.42 36.99
CA VAL FA 240 -19.32 -59.79 35.65
C VAL FA 240 -20.58 -58.98 35.34
N ARG FA 241 -20.49 -58.10 34.33
CA ARG FA 241 -21.53 -57.12 34.05
C ARG FA 241 -22.05 -57.27 32.62
N HIS FA 242 -23.36 -57.10 32.46
CA HIS FA 242 -24.00 -57.04 31.15
C HIS FA 242 -25.10 -55.98 31.15
N GLY FA 243 -24.80 -54.81 31.71
CA GLY FA 243 -25.79 -53.74 31.71
C GLY FA 243 -26.29 -53.42 33.10
N ASP FA 244 -27.56 -53.72 33.36
CA ASP FA 244 -28.14 -53.54 34.68
C ASP FA 244 -28.01 -54.76 35.57
N ASN FA 245 -27.66 -55.92 35.02
CA ASN FA 245 -27.51 -57.14 35.79
C ASN FA 245 -26.05 -57.53 35.95
N VAL FA 246 -25.70 -57.95 37.17
CA VAL FA 246 -24.32 -58.12 37.59
C VAL FA 246 -24.22 -59.40 38.42
N VAL FA 247 -23.11 -60.12 38.25
CA VAL FA 247 -22.83 -61.35 38.99
C VAL FA 247 -21.45 -61.23 39.60
N GLY FA 248 -21.36 -61.33 40.92
CA GLY FA 248 -20.07 -61.34 41.58
C GLY FA 248 -19.48 -62.74 41.65
N LEU FA 249 -18.18 -62.82 41.88
CA LEU FA 249 -17.48 -64.11 41.90
C LEU FA 249 -16.40 -64.07 42.97
N ARG FA 250 -16.62 -64.74 44.09
CA ARG FA 250 -15.62 -64.82 45.14
C ARG FA 250 -14.76 -66.05 44.94
N ARG FA 251 -13.45 -65.86 45.05
CA ARG FA 251 -12.53 -66.96 45.27
C ARG FA 251 -12.48 -67.24 46.76
N ASN FA 252 -12.82 -68.47 47.15
CA ASN FA 252 -12.84 -68.79 48.56
C ASN FA 252 -11.42 -68.96 49.09
N LYS FA 253 -11.27 -68.67 50.38
CA LYS FA 253 -9.94 -68.60 50.98
C LYS FA 253 -9.40 -69.99 51.24
N GLN FA 254 -8.10 -70.15 50.98
CA GLN FA 254 -7.40 -71.42 51.13
C GLN FA 254 -7.35 -71.82 52.59
N LYS FA 255 -8.07 -72.87 52.95
CA LYS FA 255 -8.08 -73.35 54.32
C LYS FA 255 -6.80 -74.12 54.63
N PRO GA 150 2.87 -49.15 -52.63
CA PRO GA 150 2.78 -50.40 -51.88
C PRO GA 150 1.55 -51.21 -52.25
N THR GA 151 1.40 -52.38 -51.65
CA THR GA 151 0.21 -53.20 -51.86
C THR GA 151 -0.83 -52.86 -50.80
N LEU GA 152 -1.86 -53.71 -50.69
CA LEU GA 152 -2.91 -53.48 -49.71
C LEU GA 152 -2.48 -53.94 -48.32
N LEU GA 153 -1.86 -55.12 -48.24
CA LEU GA 153 -1.37 -55.64 -46.96
C LEU GA 153 -0.21 -54.81 -46.43
N GLU GA 154 0.71 -54.42 -47.31
CA GLU GA 154 1.88 -53.65 -46.91
C GLU GA 154 1.54 -52.23 -46.51
N ARG GA 155 0.32 -51.76 -46.80
CA ARG GA 155 -0.08 -50.40 -46.45
C ARG GA 155 -0.68 -50.35 -45.05
N ARG GA 156 -1.48 -51.36 -44.69
CA ARG GA 156 -2.11 -51.39 -43.37
C ARG GA 156 -1.08 -51.58 -42.27
N ILE GA 157 0.02 -52.27 -42.57
CA ILE GA 157 1.14 -52.33 -41.64
C ILE GA 157 1.80 -50.97 -41.55
N LEU GA 158 1.91 -50.28 -42.69
CA LEU GA 158 2.64 -49.01 -42.75
C LEU GA 158 1.82 -47.86 -42.19
N ALA GA 159 0.56 -47.75 -42.60
CA ALA GA 159 -0.28 -46.62 -42.17
C ALA GA 159 -0.66 -46.71 -40.70
N GLU GA 160 -0.63 -47.90 -40.12
CA GLU GA 160 -0.88 -48.06 -38.69
C GLU GA 160 0.40 -48.09 -37.87
N SER GA 161 1.54 -47.82 -38.49
CA SER GA 161 2.82 -47.75 -37.77
C SER GA 161 3.72 -46.69 -38.39
N GLY GA 183 -26.12 -34.30 -10.27
CA GLY GA 183 -24.81 -34.25 -9.65
C GLY GA 183 -24.07 -35.57 -9.72
N PRO GA 184 -24.34 -36.47 -8.78
CA PRO GA 184 -23.72 -37.79 -8.81
C PRO GA 184 -24.37 -38.70 -9.85
N VAL GA 185 -23.85 -39.91 -9.94
CA VAL GA 185 -24.41 -40.88 -10.86
C VAL GA 185 -25.22 -41.91 -10.07
N THR GA 186 -26.26 -42.45 -10.68
CA THR GA 186 -27.16 -43.40 -10.06
C THR GA 186 -27.09 -44.71 -10.83
N LEU GA 187 -26.57 -45.76 -10.19
CA LEU GA 187 -26.40 -47.04 -10.83
C LEU GA 187 -27.05 -48.13 -10.00
N ALA GA 188 -27.21 -49.30 -10.61
CA ALA GA 188 -27.84 -50.46 -9.96
C ALA GA 188 -27.04 -51.69 -10.36
N LYS GA 189 -26.09 -52.06 -9.53
CA LYS GA 189 -25.17 -53.16 -9.78
C LYS GA 189 -25.45 -54.32 -8.83
N PRO GA 190 -25.07 -55.54 -9.19
CA PRO GA 190 -25.23 -56.64 -8.24
C PRO GA 190 -24.23 -56.54 -7.11
N ILE GA 191 -24.64 -57.06 -5.96
CA ILE GA 191 -23.83 -56.94 -4.75
C ILE GA 191 -22.68 -57.93 -4.85
N SER GA 192 -21.53 -57.55 -4.31
CA SER GA 192 -20.27 -58.21 -4.60
C SER GA 192 -19.80 -58.99 -3.38
N ASN GA 193 -19.57 -60.29 -3.55
CA ASN GA 193 -19.14 -61.25 -2.54
C ASN GA 193 -20.00 -61.19 -1.29
N PRO GA 194 -21.24 -61.67 -1.32
CA PRO GA 194 -22.10 -61.57 -0.14
C PRO GA 194 -21.78 -62.57 0.95
N ASP GA 195 -20.92 -63.56 0.69
CA ASP GA 195 -20.60 -64.52 1.73
C ASP GA 195 -19.67 -63.93 2.79
N GLY GA 196 -18.96 -62.86 2.47
CA GLY GA 196 -18.08 -62.25 3.44
C GLY GA 196 -18.24 -60.75 3.54
N LEU GA 197 -19.46 -60.26 3.39
CA LEU GA 197 -19.72 -58.83 3.36
C LEU GA 197 -20.30 -58.38 4.68
N LEU GA 198 -19.66 -57.42 5.32
CA LEU GA 198 -20.20 -56.72 6.48
C LEU GA 198 -20.75 -55.41 5.95
N VAL GA 199 -22.03 -55.39 5.64
CA VAL GA 199 -22.59 -54.33 4.80
C VAL GA 199 -22.75 -53.06 5.61
N ARG GA 200 -22.92 -51.94 4.92
CA ARG GA 200 -23.28 -50.69 5.54
C ARG GA 200 -24.67 -50.81 6.15
N GLY GA 201 -24.75 -50.63 7.46
CA GLY GA 201 -26.00 -50.71 8.15
C GLY GA 201 -26.22 -51.91 9.04
N THR GA 202 -25.18 -52.65 9.38
CA THR GA 202 -25.36 -53.65 10.42
C THR GA 202 -25.03 -53.02 11.76
N TYR GA 203 -25.58 -53.60 12.82
CA TYR GA 203 -25.50 -53.02 14.14
C TYR GA 203 -24.66 -53.95 15.01
N ILE GA 204 -23.50 -53.48 15.44
CA ILE GA 204 -22.62 -54.26 16.28
C ILE GA 204 -22.95 -53.89 17.72
N ARG GA 205 -23.57 -54.79 18.45
CA ARG GA 205 -23.90 -54.53 19.85
C ARG GA 205 -22.72 -54.92 20.71
N CYS GA 206 -22.22 -53.98 21.49
CA CYS GA 206 -21.14 -54.25 22.42
C CYS GA 206 -21.47 -53.60 23.75
N ILE GA 207 -20.86 -54.11 24.81
CA ILE GA 207 -21.04 -53.54 26.14
C ILE GA 207 -19.73 -52.89 26.57
N LEU GA 208 -19.85 -51.74 27.21
CA LEU GA 208 -18.69 -50.88 27.46
C LEU GA 208 -17.83 -51.47 28.57
N GLU GA 209 -16.52 -51.32 28.43
CA GLU GA 209 -15.56 -51.77 29.43
C GLU GA 209 -14.82 -50.65 30.13
N THR GA 210 -14.48 -49.57 29.42
CA THR GA 210 -13.81 -48.42 30.01
C THR GA 210 -14.84 -47.34 30.28
N ARG GA 211 -14.93 -46.90 31.54
CA ARG GA 211 -15.82 -45.82 31.94
C ARG GA 211 -15.46 -44.50 31.28
N ILE GA 212 -16.30 -44.01 30.39
CA ILE GA 212 -16.01 -42.80 29.62
C ILE GA 212 -16.32 -41.58 30.48
N ILE GA 213 -15.38 -40.63 30.55
CA ILE GA 213 -15.61 -39.33 31.17
C ILE GA 213 -15.10 -38.25 30.22
N SER GA 214 -15.97 -37.31 29.87
CA SER GA 214 -15.66 -36.30 28.85
C SER GA 214 -14.98 -35.10 29.50
N ASP GA 215 -13.69 -35.27 29.80
CA ASP GA 215 -12.84 -34.18 30.21
C ASP GA 215 -11.72 -33.90 29.22
N PHE GA 216 -10.90 -34.91 28.92
CA PHE GA 216 -9.74 -34.69 28.08
C PHE GA 216 -9.81 -35.36 26.73
N GLY GA 217 -10.60 -36.39 26.57
CA GLY GA 217 -10.66 -37.03 25.29
C GLY GA 217 -9.58 -38.08 25.21
N GLY GA 218 -9.98 -39.32 25.08
CA GLY GA 218 -9.05 -40.43 25.16
C GLY GA 218 -9.52 -41.58 24.34
N TYR GA 219 -9.44 -42.77 24.90
CA TYR GA 219 -9.62 -44.01 24.17
C TYR GA 219 -10.59 -44.90 24.92
N THR GA 220 -11.45 -45.59 24.19
CA THR GA 220 -12.49 -46.44 24.75
C THR GA 220 -12.27 -47.87 24.30
N SER GA 221 -13.01 -48.79 24.91
CA SER GA 221 -12.98 -50.20 24.53
C SER GA 221 -14.27 -50.85 24.97
N CYS GA 222 -14.96 -51.52 24.04
CA CYS GA 222 -16.17 -52.24 24.40
C CYS GA 222 -16.06 -53.66 23.87
N ILE GA 223 -16.55 -54.60 24.64
CA ILE GA 223 -16.53 -56.01 24.27
C ILE GA 223 -17.82 -56.34 23.56
N VAL GA 224 -17.70 -56.92 22.34
CA VAL GA 224 -18.87 -57.33 21.57
C VAL GA 224 -19.63 -58.39 22.34
N THR GA 225 -20.96 -58.37 22.26
CA THR GA 225 -21.78 -59.29 23.02
C THR GA 225 -22.59 -60.25 22.17
N GLU GA 226 -22.89 -59.92 20.92
CA GLU GA 226 -23.66 -60.82 20.09
C GLU GA 226 -22.93 -61.04 18.77
N PRO GA 227 -22.87 -62.28 18.27
CA PRO GA 227 -22.18 -62.54 17.02
C PRO GA 227 -22.82 -61.87 15.82
N VAL GA 228 -21.96 -61.35 14.93
CA VAL GA 228 -22.38 -60.57 13.79
C VAL GA 228 -22.07 -61.36 12.53
N TYR GA 229 -23.10 -61.67 11.76
CA TYR GA 229 -22.99 -62.54 10.60
C TYR GA 229 -22.83 -61.70 9.34
N SER GA 230 -22.96 -62.33 8.18
CA SER GA 230 -22.75 -61.69 6.90
C SER GA 230 -23.97 -60.84 6.50
N ILE GA 231 -24.03 -60.41 5.24
CA ILE GA 231 -25.25 -59.75 4.76
C ILE GA 231 -26.38 -60.75 4.65
N ASN GA 232 -26.10 -62.01 4.33
CA ASN GA 232 -27.13 -63.02 4.18
C ASN GA 232 -26.93 -64.21 5.12
N GLY GA 233 -26.07 -64.07 6.10
CA GLY GA 233 -25.98 -65.04 7.18
C GLY GA 233 -25.28 -66.34 6.86
N HIS GA 234 -24.49 -66.40 5.79
CA HIS GA 234 -23.82 -67.66 5.52
C HIS GA 234 -22.56 -67.84 6.34
N ASN GA 235 -22.00 -66.78 6.89
CA ASN GA 235 -20.72 -66.85 7.57
C ASN GA 235 -20.75 -66.02 8.84
N LEU GA 236 -19.92 -66.42 9.81
CA LEU GA 236 -19.75 -65.66 11.03
C LEU GA 236 -18.57 -64.72 10.87
N LEU GA 237 -18.83 -63.42 10.92
CA LEU GA 237 -17.75 -62.47 10.66
C LEU GA 237 -17.08 -62.02 11.95
N LEU GA 238 -17.84 -61.40 12.84
CA LEU GA 238 -17.30 -61.00 14.13
C LEU GA 238 -17.80 -61.96 15.18
N PRO GA 239 -16.93 -62.75 15.83
CA PRO GA 239 -17.40 -63.69 16.84
C PRO GA 239 -17.89 -63.03 18.11
N LYS GA 240 -18.22 -63.85 19.11
CA LYS GA 240 -18.99 -63.38 20.25
C LYS GA 240 -18.17 -62.51 21.19
N GLY GA 241 -16.87 -62.73 21.30
CA GLY GA 241 -16.13 -62.00 22.32
C GLY GA 241 -15.09 -61.03 21.83
N SER GA 242 -15.31 -60.41 20.68
CA SER GA 242 -14.36 -59.47 20.10
C SER GA 242 -14.31 -58.18 20.90
N LYS GA 243 -13.23 -57.41 20.71
CA LYS GA 243 -13.09 -56.10 21.33
C LYS GA 243 -13.16 -55.02 20.28
N MET GA 244 -14.10 -54.10 20.45
CA MET GA 244 -14.11 -52.91 19.62
C MET GA 244 -13.35 -51.79 20.32
N LEU GA 245 -12.66 -51.00 19.52
CA LEU GA 245 -11.70 -50.02 19.99
C LEU GA 245 -12.03 -48.68 19.36
N GLY GA 246 -12.17 -47.65 20.17
CA GLY GA 246 -12.60 -46.36 19.66
C GLY GA 246 -11.94 -45.22 20.40
N GLN GA 247 -12.28 -44.00 20.00
CA GLN GA 247 -11.74 -42.82 20.65
C GLN GA 247 -12.67 -41.64 20.41
N TYR GA 248 -12.62 -40.68 21.33
CA TYR GA 248 -13.47 -39.50 21.31
C TYR GA 248 -12.61 -38.28 21.55
N SER GA 249 -13.24 -37.11 21.59
CA SER GA 249 -12.53 -35.86 21.70
C SER GA 249 -13.15 -35.01 22.80
N ALA GA 250 -12.33 -34.14 23.38
CA ALA GA 250 -12.79 -33.30 24.47
C ALA GA 250 -13.66 -32.17 23.96
N GLY GA 251 -14.63 -31.78 24.77
CA GLY GA 251 -15.49 -30.68 24.41
C GLY GA 251 -16.42 -30.36 25.55
N GLU GA 252 -17.10 -29.23 25.42
CA GLU GA 252 -18.14 -28.87 26.36
C GLU GA 252 -19.41 -29.63 26.01
N PRO GA 253 -19.95 -30.43 26.91
CA PRO GA 253 -21.17 -31.18 26.60
C PRO GA 253 -22.42 -30.33 26.67
N THR GA 254 -22.73 -29.62 25.59
CA THR GA 254 -23.99 -28.89 25.47
C THR GA 254 -25.15 -29.87 25.49
N SER GA 255 -25.24 -30.72 24.47
CA SER GA 255 -26.20 -31.80 24.49
C SER GA 255 -25.73 -32.88 25.45
N HIS GA 256 -26.68 -33.65 25.98
CA HIS GA 256 -26.32 -34.70 26.94
C HIS GA 256 -26.02 -36.02 26.25
N ARG GA 257 -25.17 -35.96 25.24
CA ARG GA 257 -24.72 -37.14 24.51
C ARG GA 257 -23.26 -36.96 24.14
N LEU GA 258 -22.57 -38.07 23.97
CA LEU GA 258 -21.16 -38.07 23.62
C LEU GA 258 -20.99 -38.78 22.29
N GLN GA 259 -19.99 -38.39 21.52
CA GLN GA 259 -19.81 -38.85 20.16
C GLN GA 259 -18.49 -39.58 20.04
N VAL GA 260 -18.56 -40.91 19.84
CA VAL GA 260 -17.40 -41.79 19.77
C VAL GA 260 -17.32 -42.36 18.36
N VAL GA 261 -16.10 -42.50 17.83
CA VAL GA 261 -15.89 -43.08 16.51
C VAL GA 261 -15.13 -44.39 16.70
N TRP GA 262 -15.82 -45.51 16.60
CA TRP GA 262 -15.24 -46.82 16.80
C TRP GA 262 -14.57 -47.27 15.52
N ASP GA 263 -13.30 -47.67 15.59
CA ASP GA 263 -12.55 -47.81 14.35
C ASP GA 263 -11.63 -49.03 14.24
N ARG GA 264 -11.76 -50.03 15.12
CA ARG GA 264 -10.96 -51.24 15.01
C ARG GA 264 -11.59 -52.33 15.86
N VAL GA 265 -11.63 -53.55 15.32
CA VAL GA 265 -12.08 -54.74 16.04
C VAL GA 265 -11.00 -55.80 15.91
N THR GA 266 -10.70 -56.50 17.01
CA THR GA 266 -9.78 -57.63 16.99
C THR GA 266 -10.52 -58.86 17.48
N THR GA 267 -10.73 -59.83 16.60
CA THR GA 267 -11.59 -60.97 16.88
C THR GA 267 -10.83 -62.07 17.65
N PRO GA 268 -11.56 -62.98 18.31
CA PRO GA 268 -10.88 -64.14 18.91
C PRO GA 268 -10.34 -65.12 17.90
N THR GA 269 -10.81 -65.07 16.66
CA THR GA 269 -10.35 -65.95 15.59
C THR GA 269 -9.19 -65.36 14.82
N GLY GA 270 -8.53 -64.36 15.36
CA GLY GA 270 -7.32 -63.83 14.77
C GLY GA 270 -7.54 -62.95 13.57
N LEU GA 271 -8.29 -61.86 13.74
CA LEU GA 271 -8.48 -60.88 12.68
C LEU GA 271 -8.29 -59.48 13.25
N ASP GA 272 -8.17 -58.52 12.35
CA ASP GA 272 -7.90 -57.14 12.72
C ASP GA 272 -8.55 -56.26 11.65
N VAL GA 273 -9.78 -55.84 11.91
CA VAL GA 273 -10.53 -55.07 10.94
C VAL GA 273 -10.47 -53.61 11.35
N THR GA 274 -10.72 -52.72 10.39
CA THR GA 274 -10.52 -51.30 10.61
C THR GA 274 -11.68 -50.49 10.07
N LEU GA 275 -12.89 -50.89 10.48
CA LEU GA 275 -14.15 -50.31 10.02
C LEU GA 275 -14.28 -48.83 10.42
N MET GA 276 -15.25 -48.17 9.81
CA MET GA 276 -15.63 -46.82 10.17
C MET GA 276 -17.01 -46.88 10.79
N GLY GA 277 -17.08 -46.92 12.11
CA GLY GA 277 -18.36 -46.98 12.77
C GLY GA 277 -18.54 -45.89 13.78
N PRO GA 278 -19.45 -44.96 13.51
CA PRO GA 278 -19.86 -44.02 14.56
C PRO GA 278 -20.73 -44.70 15.59
N GLY GA 279 -20.46 -44.42 16.85
CA GLY GA 279 -21.23 -45.03 17.91
C GLY GA 279 -22.62 -44.41 17.99
N ILE GA 280 -23.61 -45.27 18.16
CA ILE GA 280 -25.00 -44.85 18.22
C ILE GA 280 -25.62 -45.34 19.52
N ASP GA 281 -26.84 -44.89 19.76
CA ASP GA 281 -27.69 -45.34 20.85
C ASP GA 281 -28.10 -46.80 20.61
N THR GA 282 -28.70 -47.43 21.62
CA THR GA 282 -29.17 -48.79 21.45
C THR GA 282 -30.46 -48.88 20.64
N LEU GA 283 -31.09 -47.75 20.32
CA LEU GA 283 -32.19 -47.70 19.36
C LEU GA 283 -31.81 -47.04 18.04
N GLY GA 284 -30.59 -46.57 17.89
CA GLY GA 284 -30.13 -46.04 16.63
C GLY GA 284 -29.88 -44.56 16.58
N SER GA 285 -30.07 -43.84 17.68
CA SER GA 285 -29.84 -42.41 17.68
C SER GA 285 -28.35 -42.12 17.75
N SER GA 286 -27.91 -41.08 17.06
CA SER GA 286 -26.50 -40.79 16.93
C SER GA 286 -25.95 -40.24 18.24
N GLY GA 287 -24.87 -40.85 18.73
CA GLY GA 287 -24.23 -40.41 19.95
C GLY GA 287 -24.63 -41.21 21.16
N HIS GA 288 -23.70 -41.44 22.07
CA HIS GA 288 -24.00 -42.25 23.24
C HIS GA 288 -24.53 -41.37 24.35
N PRO GA 289 -25.64 -41.70 25.00
CA PRO GA 289 -26.15 -40.87 26.08
C PRO GA 289 -25.39 -41.12 27.38
N GLY GA 290 -25.18 -40.04 28.14
CA GLY GA 290 -24.42 -40.13 29.37
C GLY GA 290 -25.13 -39.51 30.56
N ASN GA 291 -24.40 -39.31 31.65
CA ASN GA 291 -24.94 -38.74 32.88
C ASN GA 291 -24.33 -37.36 33.07
N TYR GA 292 -25.08 -36.32 32.73
CA TYR GA 292 -24.58 -34.95 32.79
C TYR GA 292 -24.43 -34.49 34.23
N ASN GA 293 -23.36 -33.75 34.49
CA ASN GA 293 -23.05 -33.30 35.84
C ASN GA 293 -22.37 -31.95 35.74
N ALA GA 294 -23.15 -30.88 35.86
CA ALA GA 294 -22.58 -29.56 36.10
C ALA GA 294 -22.27 -29.45 37.58
N HIS GA 295 -21.03 -29.12 37.90
CA HIS GA 295 -20.51 -29.30 39.25
C HIS GA 295 -20.93 -28.10 40.11
N TRP GA 296 -22.21 -28.03 40.45
CA TRP GA 296 -22.66 -26.91 41.26
C TRP GA 296 -22.36 -27.09 42.74
N GLY GA 297 -21.85 -28.25 43.15
CA GLY GA 297 -21.36 -28.38 44.52
C GLY GA 297 -20.06 -27.62 44.73
N ASN GA 298 -19.16 -27.68 43.76
CA ASN GA 298 -17.86 -27.04 43.89
C ASN GA 298 -17.88 -25.58 43.46
N LYS GA 299 -18.80 -25.21 42.57
CA LYS GA 299 -18.84 -23.83 42.11
C LYS GA 299 -19.42 -22.91 43.18
N ILE GA 300 -20.34 -23.42 43.98
CA ILE GA 300 -20.93 -22.61 45.04
C ILE GA 300 -20.00 -22.49 46.23
N ALA GA 301 -19.42 -23.61 46.67
CA ALA GA 301 -18.67 -23.64 47.92
C ALA GA 301 -17.35 -22.89 47.81
N SER GA 302 -16.82 -22.73 46.61
CA SER GA 302 -15.57 -22.00 46.45
C SER GA 302 -15.80 -20.49 46.49
N ALA GA 303 -17.03 -20.05 46.26
CA ALA GA 303 -17.33 -18.64 46.20
C ALA GA 303 -18.35 -18.19 47.25
N LEU GA 304 -19.00 -19.12 47.95
CA LEU GA 304 -19.85 -18.72 49.06
C LEU GA 304 -19.04 -18.40 50.29
N PHE GA 305 -17.99 -19.19 50.56
CA PHE GA 305 -17.29 -19.10 51.84
C PHE GA 305 -16.44 -17.84 51.93
N ILE GA 306 -15.93 -17.35 50.79
CA ILE GA 306 -15.10 -16.16 50.87
C ILE GA 306 -15.94 -14.91 50.64
N SER GA 307 -17.11 -15.03 50.01
CA SER GA 307 -18.00 -13.88 49.92
C SER GA 307 -18.76 -13.67 51.21
N LEU GA 308 -18.91 -14.71 52.03
CA LEU GA 308 -19.55 -14.54 53.32
C LEU GA 308 -18.57 -14.04 54.36
N LEU GA 309 -17.27 -14.26 54.14
CA LEU GA 309 -16.26 -13.72 55.06
C LEU GA 309 -16.11 -12.22 54.84
N SER GA 310 -16.37 -11.76 53.62
CA SER GA 310 -16.37 -10.33 53.36
C SER GA 310 -17.69 -9.69 53.76
N ASP GA 311 -18.72 -10.50 54.00
CA ASP GA 311 -20.01 -9.97 54.42
C ASP GA 311 -20.07 -9.82 55.93
N ALA GA 312 -19.20 -10.51 56.67
CA ALA GA 312 -19.11 -10.28 58.10
C ALA GA 312 -18.38 -8.97 58.39
N PHE GA 313 -17.44 -8.60 57.53
CA PHE GA 313 -16.71 -7.36 57.71
C PHE GA 313 -17.56 -6.15 57.35
N LYS GA 314 -18.48 -6.32 56.39
CA LYS GA 314 -19.34 -5.20 56.01
C LYS GA 314 -20.42 -4.96 57.05
N TYR GA 315 -20.92 -6.03 57.68
CA TYR GA 315 -21.96 -5.86 58.69
C TYR GA 315 -21.40 -5.27 59.98
N ALA GA 316 -20.16 -5.60 60.32
CA ALA GA 316 -19.53 -5.04 61.51
C ALA GA 316 -19.03 -3.62 61.29
N ALA GA 317 -19.12 -3.08 60.09
CA ALA GA 317 -18.70 -1.73 59.79
C ALA GA 317 -19.84 -0.79 59.46
N ALA GA 318 -20.93 -1.29 58.90
CA ALA GA 318 -22.11 -0.45 58.65
C ALA GA 318 -22.73 -0.01 59.97
N GLU GA 319 -23.02 -0.96 60.85
CA GLU GA 319 -23.22 -0.65 62.25
C GLU GA 319 -21.89 -0.87 62.96
N TYR GA 320 -21.84 -0.57 64.26
CA TYR GA 320 -20.61 -0.49 65.06
C TYR GA 320 -19.58 0.45 64.43
N GLY GA 321 -20.06 1.57 63.90
CA GLY GA 321 -19.19 2.51 63.22
C GLY GA 321 -19.85 3.84 62.95
N PRO GA 322 -19.04 4.83 62.53
CA PRO GA 322 -19.58 6.17 62.24
C PRO GA 322 -20.43 6.24 60.98
N GLU GA 323 -20.88 7.45 60.64
CA GLU GA 323 -21.69 7.66 59.45
C GLU GA 323 -21.48 9.05 58.87
N PRO GA 338 -23.26 5.51 55.75
CA PRO GA 338 -22.70 4.40 56.53
C PRO GA 338 -21.19 4.25 56.32
N PHE GA 339 -20.52 3.61 57.27
CA PHE GA 339 -19.06 3.52 57.27
C PHE GA 339 -18.64 2.39 56.35
N GLU GA 340 -18.11 2.75 55.18
CA GLU GA 340 -17.61 1.76 54.24
C GLU GA 340 -16.28 1.21 54.74
N SER GA 341 -16.14 -0.11 54.71
CA SER GA 341 -14.90 -0.77 55.11
C SER GA 341 -14.04 -1.05 53.89
N ASN GA 342 -12.78 -1.40 54.14
CA ASN GA 342 -11.87 -1.81 53.08
C ASN GA 342 -11.67 -3.30 53.01
N THR GA 343 -11.77 -4.01 54.14
CA THR GA 343 -11.65 -5.46 54.11
C THR GA 343 -12.88 -6.12 53.50
N ALA GA 344 -14.00 -5.40 53.44
CA ALA GA 344 -15.15 -5.91 52.72
C ALA GA 344 -15.02 -5.61 51.23
N ARG GA 345 -14.11 -4.71 50.85
CA ARG GA 345 -13.90 -4.43 49.43
C ARG GA 345 -12.80 -5.30 48.84
N SER GA 346 -11.69 -5.43 49.56
CA SER GA 346 -10.55 -6.17 49.00
C SER GA 346 -10.80 -7.67 49.01
N MET GA 347 -11.68 -8.15 49.89
CA MET GA 347 -11.99 -9.58 49.93
C MET GA 347 -13.16 -9.94 49.02
N GLN GA 348 -14.02 -8.99 48.70
CA GLN GA 348 -14.98 -9.19 47.63
C GLN GA 348 -14.27 -9.24 46.27
N GLN GA 349 -13.05 -8.70 46.18
CA GLN GA 349 -12.25 -8.88 44.97
C GLN GA 349 -11.75 -10.31 44.83
N LEU GA 350 -11.46 -10.98 45.95
CA LEU GA 350 -11.09 -12.38 45.87
C LEU GA 350 -12.29 -13.26 45.58
N ALA GA 351 -13.48 -12.84 46.01
CA ALA GA 351 -14.69 -13.59 45.68
C ALA GA 351 -15.02 -13.48 44.20
N GLU GA 352 -14.63 -12.37 43.55
CA GLU GA 352 -14.83 -12.27 42.12
C GLU GA 352 -13.78 -13.05 41.35
N GLN GA 353 -12.66 -13.40 41.99
CA GLN GA 353 -11.71 -14.30 41.35
C GLN GA 353 -12.18 -15.74 41.46
N ALA GA 354 -12.89 -16.07 42.53
CA ALA GA 354 -13.37 -17.44 42.70
C ALA GA 354 -14.57 -17.74 41.82
N VAL GA 355 -15.28 -16.71 41.36
CA VAL GA 355 -16.35 -16.94 40.39
C VAL GA 355 -15.77 -17.12 39.00
N GLU GA 356 -14.75 -16.32 38.66
CA GLU GA 356 -14.14 -16.39 37.34
C GLU GA 356 -13.36 -17.69 37.15
N LYS GA 357 -12.63 -18.13 38.17
CA LYS GA 357 -11.85 -19.34 38.05
C LYS GA 357 -12.72 -20.59 38.03
N SER GA 358 -13.75 -20.61 38.86
CA SER GA 358 -14.64 -21.75 38.92
C SER GA 358 -15.72 -21.73 37.84
N GLY GA 359 -15.75 -20.68 37.02
CA GLY GA 359 -16.58 -20.68 35.83
C GLY GA 359 -15.86 -21.16 34.60
N ARG GA 360 -14.56 -21.42 34.70
CA ARG GA 360 -13.78 -21.98 33.61
C ARG GA 360 -13.75 -23.49 33.60
N ARG GA 361 -14.38 -24.13 34.59
CA ARG GA 361 -14.42 -25.57 34.66
C ARG GA 361 -15.53 -26.11 33.78
N PRO GA 362 -15.25 -27.07 32.91
CA PRO GA 362 -16.30 -27.61 32.05
C PRO GA 362 -17.15 -28.63 32.78
N ALA GA 363 -18.36 -28.85 32.26
CA ALA GA 363 -19.21 -29.91 32.77
C ALA GA 363 -18.74 -31.25 32.21
N THR GA 364 -19.12 -32.32 32.90
CA THR GA 364 -18.76 -33.66 32.47
C THR GA 364 -20.02 -34.45 32.16
N LEU GA 365 -19.85 -35.51 31.37
CA LEU GA 365 -20.87 -36.54 31.32
C LEU GA 365 -20.17 -37.89 31.34
N THR GA 366 -20.59 -38.75 32.25
CA THR GA 366 -19.98 -40.06 32.42
C THR GA 366 -20.87 -41.14 31.83
N ILE GA 367 -20.25 -42.17 31.32
CA ILE GA 367 -20.94 -43.38 30.88
C ILE GA 367 -20.33 -44.53 31.66
N ASN GA 368 -21.16 -45.27 32.38
CA ASN GA 368 -20.66 -46.26 33.33
C ASN GA 368 -20.09 -47.48 32.61
N GLN GA 369 -19.43 -48.34 33.37
CA GLN GA 369 -18.61 -49.39 32.80
C GLN GA 369 -19.38 -50.66 32.47
N GLY GA 370 -20.69 -50.59 32.32
CA GLY GA 370 -21.41 -51.79 31.95
C GLY GA 370 -22.43 -51.59 30.86
N THR GA 371 -22.60 -50.35 30.42
CA THR GA 371 -23.74 -49.98 29.60
C THR GA 371 -23.65 -50.59 28.21
N VAL GA 372 -24.78 -51.06 27.71
CA VAL GA 372 -24.84 -51.72 26.41
C VAL GA 372 -24.82 -50.65 25.33
N LEU GA 373 -23.71 -50.52 24.64
CA LEU GA 373 -23.58 -49.55 23.56
C LEU GA 373 -24.02 -50.21 22.26
N ASN GA 374 -23.84 -49.51 21.15
CA ASN GA 374 -24.23 -50.04 19.85
C ASN GA 374 -23.47 -49.23 18.79
N VAL GA 375 -23.05 -49.89 17.72
CA VAL GA 375 -22.20 -49.27 16.70
C VAL GA 375 -22.85 -49.44 15.35
N TYR GA 376 -23.00 -48.33 14.62
CA TYR GA 376 -23.52 -48.35 13.26
C TYR GA 376 -22.33 -48.39 12.31
N VAL GA 377 -22.15 -49.47 11.59
CA VAL GA 377 -21.09 -49.50 10.60
C VAL GA 377 -21.51 -48.68 9.39
N ALA GA 378 -20.60 -47.87 8.87
CA ALA GA 378 -20.95 -46.90 7.85
C ALA GA 378 -20.28 -47.14 6.50
N LYS GA 379 -19.38 -48.12 6.39
CA LYS GA 379 -18.86 -48.54 5.11
C LYS GA 379 -18.72 -50.04 5.10
N ASP GA 380 -18.76 -50.62 3.90
CA ASP GA 380 -18.67 -52.06 3.75
C ASP GA 380 -17.27 -52.55 4.07
N VAL GA 381 -17.18 -53.71 4.72
CA VAL GA 381 -15.93 -54.38 5.01
C VAL GA 381 -15.98 -55.74 4.35
N ASP GA 382 -14.93 -56.11 3.63
CA ASP GA 382 -14.93 -57.32 2.82
C ASP GA 382 -14.05 -58.37 3.49
N PHE GA 383 -14.69 -59.41 4.04
CA PHE GA 383 -14.01 -60.53 4.69
C PHE GA 383 -13.73 -61.69 3.76
N SER GA 384 -13.80 -61.50 2.44
CA SER GA 384 -13.72 -62.63 1.54
C SER GA 384 -12.31 -63.20 1.42
N ALA GA 385 -11.30 -62.41 1.74
CA ALA GA 385 -9.91 -62.85 1.67
C ALA GA 385 -9.44 -63.56 2.92
N VAL GA 386 -10.37 -63.90 3.82
CA VAL GA 386 -10.07 -64.47 5.11
C VAL GA 386 -10.76 -65.82 5.29
N LEU GA 387 -12.04 -65.88 4.93
CA LEU GA 387 -12.89 -67.03 5.22
C LEU GA 387 -12.41 -68.25 4.44
N PRO GA 388 -12.49 -69.44 5.03
CA PRO GA 388 -11.99 -70.64 4.34
C PRO GA 388 -12.90 -71.01 3.18
N LYS GA 389 -12.29 -71.61 2.16
CA LYS GA 389 -13.00 -71.90 0.92
C LYS GA 389 -13.41 -73.36 0.87
N CYS HA 22 -8.41 -27.53 54.75
CA CYS HA 22 -8.46 -27.33 53.31
C CYS HA 22 -7.21 -27.87 52.63
N ALA HA 23 -6.29 -28.41 53.43
CA ALA HA 23 -4.98 -28.83 52.94
C ALA HA 23 -5.10 -30.19 52.22
N THR HA 24 -3.96 -30.75 51.85
CA THR HA 24 -3.90 -31.96 51.05
C THR HA 24 -3.74 -33.18 51.96
N LYS HA 25 -4.57 -34.19 51.73
CA LYS HA 25 -4.48 -35.44 52.49
C LYS HA 25 -3.24 -36.23 52.07
N PRO HA 26 -2.35 -36.57 52.99
CA PRO HA 26 -1.13 -37.29 52.59
C PRO HA 26 -1.36 -38.77 52.34
N ALA HA 27 -0.27 -39.49 52.11
CA ALA HA 27 -0.31 -40.93 51.90
C ALA HA 27 -0.66 -41.64 53.20
N PRO HA 28 -1.20 -42.87 53.13
CA PRO HA 28 -1.45 -43.62 54.36
C PRO HA 28 -0.16 -44.01 55.06
N ASP HA 29 -0.26 -44.17 56.38
CA ASP HA 29 0.89 -44.47 57.22
C ASP HA 29 0.64 -45.79 57.94
N PHE HA 30 1.73 -46.49 58.26
CA PHE HA 30 1.63 -47.81 58.87
C PHE HA 30 1.49 -47.69 60.39
N GLY HA 31 1.63 -48.82 61.07
CA GLY HA 31 1.57 -48.85 62.52
C GLY HA 31 1.13 -50.20 63.03
N GLY HA 32 1.79 -50.69 64.08
CA GLY HA 32 1.49 -52.01 64.57
C GLY HA 32 2.42 -52.52 65.65
N ARG HA 33 2.86 -53.77 65.51
CA ARG HA 33 3.48 -54.51 66.61
C ARG HA 33 4.98 -54.72 66.43
N TRP HA 34 5.50 -54.58 65.21
CA TRP HA 34 6.87 -54.88 64.83
C TRP HA 34 7.22 -56.34 65.12
N LYS HA 35 6.53 -57.23 64.41
CA LYS HA 35 6.96 -58.62 64.35
C LYS HA 35 8.19 -58.72 63.45
N HIS HA 36 8.99 -59.76 63.65
CA HIS HA 36 10.23 -59.89 62.90
C HIS HA 36 10.05 -60.77 61.68
N VAL HA 37 10.74 -60.39 60.59
CA VAL HA 37 10.50 -61.01 59.30
C VAL HA 37 11.14 -62.39 59.22
N ASN HA 38 12.46 -62.45 59.36
CA ASN HA 38 13.23 -63.66 59.09
C ASN HA 38 13.03 -64.65 60.23
N HIS HA 39 11.94 -65.39 60.14
CA HIS HA 39 11.48 -66.24 61.24
C HIS HA 39 11.50 -67.70 60.80
N PHE HA 40 12.35 -68.50 61.44
CA PHE HA 40 12.26 -69.95 61.30
C PHE HA 40 11.02 -70.46 62.02
N ASP HA 41 10.43 -71.52 61.47
CA ASP HA 41 9.30 -72.16 62.10
C ASP HA 41 9.79 -73.31 62.99
N GLU HA 42 8.86 -74.11 63.49
CA GLU HA 42 9.19 -75.26 64.32
C GLU HA 42 8.70 -76.58 63.76
N ALA HA 43 7.92 -76.57 62.69
CA ALA HA 43 7.42 -77.79 62.09
C ALA HA 43 8.19 -78.07 60.81
N PRO HA 44 8.98 -79.12 60.75
CA PRO HA 44 9.69 -79.44 59.50
C PRO HA 44 8.77 -80.01 58.44
N THR HA 45 8.13 -79.13 57.68
CA THR HA 45 7.27 -79.52 56.58
C THR HA 45 8.07 -80.27 55.52
N GLU HA 46 7.60 -81.47 55.19
CA GLU HA 46 8.32 -82.38 54.29
C GLU HA 46 7.86 -82.12 52.86
N ILE HA 47 8.71 -81.47 52.06
CA ILE HA 47 8.42 -81.22 50.66
C ILE HA 47 8.81 -82.45 49.85
N PRO HA 48 7.88 -83.07 49.12
CA PRO HA 48 8.26 -84.22 48.30
C PRO HA 48 9.08 -83.79 47.10
N LEU HA 49 9.91 -84.72 46.62
CA LEU HA 49 10.74 -84.51 45.45
C LEU HA 49 10.20 -85.19 44.21
N TYR HA 50 9.70 -86.41 44.34
CA TYR HA 50 9.26 -87.23 43.20
C TYR HA 50 7.76 -87.44 43.33
N THR HA 51 6.99 -86.64 42.60
CA THR HA 51 5.53 -86.67 42.68
C THR HA 51 4.96 -87.47 41.51
N SER HA 52 4.09 -88.42 41.82
CA SER HA 52 3.45 -89.24 40.81
C SER HA 52 2.19 -88.55 40.30
N TYR HA 53 1.39 -89.26 39.51
CA TYR HA 53 0.16 -88.73 38.94
C TYR HA 53 -1.03 -89.25 39.71
N THR HA 54 -1.86 -88.35 40.22
CA THR HA 54 -3.04 -88.72 40.99
C THR HA 54 -4.26 -88.75 40.07
N TYR HA 55 -4.86 -89.93 39.94
CA TYR HA 55 -6.11 -90.07 39.22
C TYR HA 55 -7.22 -89.43 40.05
N GLN HA 56 -7.82 -88.36 39.54
CA GLN HA 56 -8.89 -87.69 40.25
C GLN HA 56 -9.87 -87.11 39.24
N ALA HA 57 -10.92 -86.48 39.76
CA ALA HA 57 -12.04 -86.00 38.96
C ALA HA 57 -12.17 -84.49 39.12
N THR HA 58 -11.80 -83.76 38.08
CA THR HA 58 -11.99 -82.33 38.06
C THR HA 58 -13.45 -81.99 37.79
N PRO HA 59 -13.88 -80.77 38.12
CA PRO HA 59 -15.22 -80.34 37.68
C PRO HA 59 -15.28 -79.92 36.23
N MET HA 60 -14.15 -79.77 35.55
CA MET HA 60 -14.17 -79.25 34.18
C MET HA 60 -14.66 -80.28 33.18
N ASP HA 61 -14.09 -81.47 33.18
CA ASP HA 61 -14.56 -82.55 32.31
C ASP HA 61 -15.96 -82.99 32.71
N GLY HA 62 -16.93 -82.75 31.83
CA GLY HA 62 -18.33 -82.87 32.19
C GLY HA 62 -18.82 -84.29 32.35
N THR HA 63 -18.57 -85.13 31.37
CA THR HA 63 -19.17 -86.45 31.33
C THR HA 63 -18.16 -87.53 31.72
N LEU HA 64 -18.63 -88.77 31.79
CA LEU HA 64 -17.76 -89.89 32.14
C LEU HA 64 -16.79 -90.20 31.03
N LYS HA 65 -17.17 -89.96 29.77
CA LYS HA 65 -16.27 -90.28 28.68
C LYS HA 65 -15.13 -89.29 28.58
N THR HA 66 -15.40 -88.01 28.83
CA THR HA 66 -14.35 -86.99 28.75
C THR HA 66 -13.39 -87.06 29.92
N MET HA 67 -13.82 -87.66 31.03
CA MET HA 67 -12.89 -87.85 32.15
C MET HA 67 -11.94 -89.00 31.87
N LEU HA 68 -12.44 -90.07 31.24
CA LEU HA 68 -11.57 -91.20 30.95
C LEU HA 68 -10.75 -90.98 29.68
N GLU HA 69 -11.11 -90.02 28.83
CA GLU HA 69 -10.23 -89.67 27.73
C GLU HA 69 -9.00 -88.90 28.20
N ARG HA 70 -9.09 -88.24 29.34
CA ARG HA 70 -7.93 -87.55 29.88
C ARG HA 70 -7.24 -88.31 31.01
N TRP HA 71 -7.78 -89.45 31.43
CA TRP HA 71 -6.96 -90.36 32.22
C TRP HA 71 -6.10 -91.23 31.32
N ALA HA 72 -6.62 -91.60 30.16
CA ALA HA 72 -5.83 -92.36 29.21
C ALA HA 72 -4.76 -91.50 28.55
N ALA HA 73 -5.05 -90.21 28.35
CA ALA HA 73 -4.07 -89.34 27.71
C ALA HA 73 -2.94 -88.98 28.67
N ASP HA 74 -3.27 -88.77 29.95
CA ASP HA 74 -2.29 -88.39 30.94
C ASP HA 74 -1.57 -89.58 31.56
N SER HA 75 -1.72 -90.77 31.00
CA SER HA 75 -1.04 -91.95 31.51
C SER HA 75 -0.52 -92.88 30.42
N ASN HA 76 -0.66 -92.50 29.15
CA ASN HA 76 -0.30 -93.31 27.98
C ASN HA 76 -0.99 -94.67 27.99
N MET HA 77 -2.32 -94.62 27.94
CA MET HA 77 -3.14 -95.81 27.78
C MET HA 77 -4.19 -95.55 26.70
N GLN HA 78 -4.88 -96.60 26.30
CA GLN HA 78 -5.89 -96.52 25.26
C GLN HA 78 -7.27 -96.69 25.88
N LEU HA 79 -8.24 -95.96 25.36
CA LEU HA 79 -9.61 -96.01 25.86
C LEU HA 79 -10.50 -96.75 24.87
N SER HA 80 -11.17 -97.78 25.34
CA SER HA 80 -12.17 -98.49 24.56
C SER HA 80 -13.52 -98.29 25.25
N TYR HA 81 -14.18 -97.20 24.90
CA TYR HA 81 -15.50 -96.88 25.46
C TYR HA 81 -16.54 -97.62 24.64
N ASN HA 82 -17.14 -98.65 25.22
CA ASN HA 82 -18.07 -99.53 24.51
C ASN HA 82 -19.47 -99.42 25.09
N LEU HA 83 -19.91 -98.21 25.37
CA LEU HA 83 -21.28 -97.99 25.78
C LEU HA 83 -22.03 -97.20 24.70
N PRO HA 84 -23.32 -97.47 24.49
CA PRO HA 84 -24.07 -96.72 23.48
C PRO HA 84 -24.42 -95.31 23.89
N SER HA 85 -24.22 -94.92 25.15
CA SER HA 85 -24.55 -93.59 25.59
C SER HA 85 -23.56 -93.15 26.67
N ASP HA 86 -23.61 -91.87 27.00
CA ASP HA 86 -22.62 -91.23 27.87
C ASP HA 86 -23.31 -90.68 29.10
N TYR HA 87 -22.64 -90.78 30.24
CA TYR HA 87 -23.20 -90.39 31.53
C TYR HA 87 -22.44 -89.20 32.09
N THR HA 88 -23.17 -88.27 32.72
CA THR HA 88 -22.51 -87.13 33.33
C THR HA 88 -21.98 -87.49 34.71
N LEU HA 89 -21.07 -86.66 35.21
CA LEU HA 89 -20.43 -86.93 36.49
C LEU HA 89 -21.32 -86.48 37.63
N ILE HA 90 -21.34 -87.27 38.70
CA ILE HA 90 -22.23 -87.01 39.83
C ILE HA 90 -21.43 -86.74 41.09
N GLY HA 91 -22.14 -86.51 42.19
CA GLY HA 91 -21.58 -86.16 43.49
C GLY HA 91 -20.49 -87.05 44.06
N PRO HA 92 -20.75 -88.35 44.24
CA PRO HA 92 -19.72 -89.23 44.80
C PRO HA 92 -18.53 -89.52 43.89
N VAL HA 93 -18.46 -88.95 42.69
CA VAL HA 93 -17.26 -89.10 41.87
C VAL HA 93 -16.13 -88.26 42.45
N SER HA 94 -16.46 -87.15 43.11
CA SER HA 94 -15.46 -86.26 43.67
C SER HA 94 -14.92 -86.75 45.01
N ALA HA 95 -14.49 -88.01 45.07
CA ALA HA 95 -13.76 -88.54 46.21
C ALA HA 95 -12.62 -89.44 45.79
N ILE HA 96 -12.45 -89.66 44.48
CA ILE HA 96 -11.37 -90.51 43.99
C ILE HA 96 -10.10 -89.69 43.92
N SER HA 97 -9.07 -90.12 44.63
CA SER HA 97 -7.75 -89.47 44.55
C SER HA 97 -6.72 -90.55 44.84
N THR HA 98 -6.17 -91.14 43.79
CA THR HA 98 -5.29 -92.28 43.93
C THR HA 98 -4.20 -92.19 42.87
N THR HA 99 -2.97 -92.56 43.24
CA THR HA 99 -1.86 -92.69 42.30
C THR HA 99 -1.83 -94.05 41.63
N SER HA 100 -2.88 -94.85 41.78
CA SER HA 100 -2.99 -96.18 41.19
C SER HA 100 -4.21 -96.22 40.27
N VAL HA 101 -4.02 -96.75 39.07
CA VAL HA 101 -5.11 -96.79 38.10
C VAL HA 101 -6.13 -97.87 38.46
N GLN HA 102 -5.69 -98.94 39.12
CA GLN HA 102 -6.60 -100.03 39.42
C GLN HA 102 -7.52 -99.69 40.58
N GLN HA 103 -7.03 -98.92 41.55
CA GLN HA 103 -7.87 -98.55 42.68
C GLN HA 103 -8.84 -97.43 42.30
N ALA HA 104 -8.52 -96.67 41.25
CA ALA HA 104 -9.41 -95.62 40.80
C ALA HA 104 -10.49 -96.16 39.88
N ALA HA 105 -10.19 -97.22 39.12
CA ALA HA 105 -11.23 -97.86 38.31
C ALA HA 105 -12.16 -98.69 39.18
N THR HA 106 -11.70 -99.11 40.36
CA THR HA 106 -12.57 -99.84 41.28
C THR HA 106 -13.54 -98.89 41.96
N GLU HA 107 -13.05 -97.73 42.42
CA GLU HA 107 -13.92 -96.75 43.07
C GLU HA 107 -14.89 -96.11 42.09
N LEU HA 108 -14.55 -96.10 40.80
CA LEU HA 108 -15.46 -95.53 39.81
C LEU HA 108 -16.62 -96.46 39.54
N SER HA 109 -16.35 -97.76 39.39
CA SER HA 109 -17.39 -98.73 39.10
C SER HA 109 -18.31 -98.98 40.29
N ALA HA 110 -17.88 -98.64 41.50
CA ALA HA 110 -18.79 -98.67 42.65
C ALA HA 110 -19.80 -97.54 42.58
N VAL HA 111 -19.42 -96.41 41.98
CA VAL HA 111 -20.35 -95.28 41.86
C VAL HA 111 -21.38 -95.56 40.78
N TYR HA 112 -20.93 -95.94 39.59
CA TYR HA 112 -21.82 -96.20 38.45
C TYR HA 112 -22.20 -97.67 38.37
N ALA HA 113 -22.69 -98.21 39.48
CA ALA HA 113 -23.20 -99.57 39.50
C ALA HA 113 -24.68 -99.63 39.19
N ALA HA 114 -25.40 -98.54 39.42
CA ALA HA 114 -26.84 -98.53 39.19
C ALA HA 114 -27.20 -98.47 37.72
N GLN HA 115 -26.26 -98.06 36.86
CA GLN HA 115 -26.52 -97.93 35.44
C GLN HA 115 -25.84 -99.02 34.63
N GLY HA 116 -25.21 -99.99 35.28
CA GLY HA 116 -24.57 -101.08 34.58
C GLY HA 116 -23.31 -100.66 33.84
N VAL HA 117 -22.43 -99.95 34.53
CA VAL HA 117 -21.18 -99.46 33.95
C VAL HA 117 -20.03 -100.09 34.72
N SER HA 118 -19.20 -100.85 34.03
CA SER HA 118 -18.04 -101.49 34.63
C SER HA 118 -16.79 -101.01 33.91
N VAL HA 119 -15.85 -100.45 34.66
CA VAL HA 119 -14.60 -99.92 34.12
C VAL HA 119 -13.46 -100.74 34.70
N SER HA 120 -12.64 -101.32 33.84
CA SER HA 120 -11.50 -102.12 34.26
C SER HA 120 -10.32 -101.82 33.38
N VAL HA 121 -9.15 -102.31 33.79
CA VAL HA 121 -7.89 -102.07 33.11
C VAL HA 121 -7.29 -103.42 32.71
N SER HA 122 -7.14 -103.65 31.42
CA SER HA 122 -6.49 -104.87 30.92
C SER HA 122 -5.00 -104.65 30.68
N ALA HA 123 -4.34 -104.07 31.70
CA ALA HA 123 -2.89 -103.95 31.90
C ALA HA 123 -2.19 -103.01 30.92
N ASN HA 124 -2.88 -102.56 29.87
CA ASN HA 124 -2.34 -101.54 29.00
C ASN HA 124 -3.40 -100.58 28.46
N LYS HA 125 -4.67 -100.73 28.86
CA LYS HA 125 -5.77 -99.99 28.26
C LYS HA 125 -6.98 -100.09 29.18
N LEU HA 126 -7.90 -99.15 29.02
CA LEU HA 126 -9.11 -99.10 29.82
C LEU HA 126 -10.27 -99.68 29.03
N LEU HA 127 -11.13 -100.42 29.72
CA LEU HA 127 -12.29 -101.06 29.10
C LEU HA 127 -13.54 -100.56 29.81
N VAL HA 128 -14.46 -99.98 29.03
CA VAL HA 128 -15.75 -99.53 29.54
C VAL HA 128 -16.81 -100.38 28.86
N GLN HA 129 -17.31 -101.37 29.58
CA GLN HA 129 -18.27 -102.34 29.07
C GLN HA 129 -19.41 -102.48 30.08
N PRO HA 130 -20.58 -102.92 29.64
CA PRO HA 130 -21.66 -103.21 30.60
C PRO HA 130 -21.33 -104.38 31.51
N VAL HA 131 -21.97 -104.40 32.66
CA VAL HA 131 -21.71 -105.42 33.69
C VAL HA 131 -22.34 -106.73 33.22
N PRO HA 132 -21.64 -107.88 33.40
CA PRO HA 132 -22.25 -109.18 33.09
C PRO HA 132 -23.40 -109.53 34.03
N GLN IA 27 45.02 -57.24 15.74
CA GLN IA 27 45.63 -57.78 14.53
C GLN IA 27 44.85 -57.36 13.29
N VAL IA 28 43.54 -57.54 13.36
CA VAL IA 28 42.62 -57.11 12.31
C VAL IA 28 41.85 -55.86 12.72
N VAL IA 29 41.29 -55.87 13.92
CA VAL IA 29 40.75 -54.68 14.56
C VAL IA 29 41.66 -54.38 15.74
N GLN IA 30 42.41 -53.29 15.66
CA GLN IA 30 43.44 -53.01 16.64
C GLN IA 30 43.06 -51.79 17.47
N GLU IA 31 43.21 -51.91 18.79
CA GLU IA 31 42.98 -50.81 19.71
C GLU IA 31 44.31 -50.17 20.08
N TYR IA 32 44.34 -48.85 20.10
CA TYR IA 32 45.49 -48.11 20.62
C TYR IA 32 45.07 -47.35 21.87
N GLU IA 33 46.02 -47.19 22.78
CA GLU IA 33 45.79 -46.39 23.98
C GLU IA 33 46.33 -44.99 23.73
N TYR IA 34 45.50 -43.99 23.99
CA TYR IA 34 45.88 -42.62 23.69
C TYR IA 34 46.90 -42.11 24.70
N ALA IA 35 48.07 -41.74 24.20
CA ALA IA 35 49.08 -41.00 24.95
C ALA IA 35 49.50 -39.80 24.13
N PRO IA 36 49.84 -38.69 24.77
CA PRO IA 36 50.21 -37.49 24.00
C PRO IA 36 51.54 -37.66 23.27
N ASP IA 37 51.54 -37.28 21.99
CA ASP IA 37 52.69 -37.31 21.08
C ASP IA 37 53.27 -38.72 20.94
N ARG IA 38 52.45 -39.62 20.40
CA ARG IA 38 52.85 -40.98 20.09
C ARG IA 38 52.58 -41.24 18.62
N ILE IA 39 53.43 -42.04 18.00
CA ILE IA 39 53.32 -42.33 16.57
C ILE IA 39 52.53 -43.62 16.42
N TYR IA 40 51.30 -43.52 15.93
CA TYR IA 40 50.45 -44.69 15.74
C TYR IA 40 50.55 -45.17 14.30
N GLN IA 41 50.80 -46.46 14.13
CA GLN IA 41 50.99 -47.04 12.81
C GLN IA 41 49.68 -47.62 12.30
N VAL IA 42 49.27 -47.17 11.11
CA VAL IA 42 48.07 -47.67 10.45
C VAL IA 42 48.51 -48.35 9.18
N ARG IA 43 48.19 -49.64 9.04
CA ARG IA 43 48.62 -50.44 7.90
C ARG IA 43 47.43 -50.72 7.01
N THR IA 44 47.50 -50.30 5.76
CA THR IA 44 46.39 -50.37 4.83
C THR IA 44 46.68 -51.35 3.71
N GLY IA 45 45.65 -51.62 2.92
CA GLY IA 45 45.77 -52.43 1.73
C GLY IA 45 45.17 -51.71 0.55
N LEU IA 46 45.42 -52.25 -0.65
CA LEU IA 46 45.18 -51.45 -1.85
C LEU IA 46 43.70 -51.38 -2.23
N GLY IA 47 42.93 -52.44 -2.04
CA GLY IA 47 41.51 -52.39 -2.33
C GLY IA 47 40.64 -52.56 -1.10
N ILE IA 48 41.05 -51.96 0.01
CA ILE IA 48 40.48 -52.22 1.33
C ILE IA 48 40.32 -50.89 2.05
N THR IA 49 39.11 -50.59 2.53
CA THR IA 49 38.95 -49.46 3.42
C THR IA 49 39.44 -49.81 4.81
N THR IA 50 40.16 -48.87 5.41
CA THR IA 50 40.52 -48.93 6.82
C THR IA 50 39.91 -47.71 7.47
N GLN IA 51 39.18 -47.89 8.55
CA GLN IA 51 38.66 -46.74 9.26
C GLN IA 51 39.43 -46.53 10.56
N VAL IA 52 39.74 -45.27 10.85
CA VAL IA 52 40.21 -44.89 12.17
C VAL IA 52 39.05 -44.20 12.87
N GLU IA 53 38.87 -44.50 14.16
CA GLU IA 53 37.73 -43.99 14.90
C GLU IA 53 38.24 -43.23 16.11
N LEU IA 54 37.97 -41.94 16.13
CA LEU IA 54 38.41 -41.06 17.20
C LEU IA 54 37.33 -41.05 18.28
N SER IA 55 37.46 -40.16 19.24
CA SER IA 55 36.46 -40.10 20.29
C SER IA 55 35.20 -39.41 19.79
N PRO IA 56 34.02 -39.85 20.21
CA PRO IA 56 32.79 -39.13 19.85
C PRO IA 56 32.62 -37.82 20.60
N ASN IA 57 33.43 -37.56 21.61
CA ASN IA 57 33.22 -36.42 22.49
C ASN IA 57 33.66 -35.12 21.83
N GLU IA 58 34.85 -35.11 21.23
CA GLU IA 58 35.46 -33.89 20.73
C GLU IA 58 35.25 -33.72 19.24
N LYS IA 59 35.22 -32.47 18.81
CA LYS IA 59 35.05 -32.11 17.41
C LYS IA 59 36.40 -31.97 16.74
N ILE IA 60 36.51 -32.51 15.53
CA ILE IA 60 37.76 -32.48 14.78
C ILE IA 60 37.94 -31.11 14.15
N LEU IA 61 39.04 -30.42 14.49
CA LEU IA 61 39.29 -29.10 13.94
C LEU IA 61 39.84 -29.20 12.53
N ASP IA 62 40.99 -29.86 12.36
CA ASP IA 62 41.64 -29.92 11.06
C ASP IA 62 42.47 -31.18 10.94
N TYR IA 63 42.92 -31.46 9.73
CA TYR IA 63 43.75 -32.62 9.44
C TYR IA 63 44.52 -32.35 8.16
N SER IA 64 45.69 -32.95 8.05
CA SER IA 64 46.51 -32.78 6.85
C SER IA 64 47.45 -33.96 6.72
N THR IA 65 47.37 -34.65 5.59
CA THR IA 65 48.28 -35.73 5.27
C THR IA 65 49.27 -35.29 4.20
N GLY IA 66 50.52 -35.75 4.33
CA GLY IA 66 51.47 -35.54 3.27
C GLY IA 66 51.15 -36.45 2.10
N PHE IA 67 51.46 -35.97 0.89
CA PHE IA 67 51.17 -36.64 -0.38
C PHE IA 67 49.68 -36.94 -0.51
N THR IA 68 48.92 -35.84 -0.63
CA THR IA 68 47.46 -35.90 -0.60
C THR IA 68 46.90 -36.66 -1.78
N GLY IA 69 47.55 -36.58 -2.94
CA GLY IA 69 47.05 -37.25 -4.12
C GLY IA 69 47.40 -38.72 -4.25
N GLY IA 70 47.55 -39.41 -3.12
CA GLY IA 70 47.79 -40.83 -3.12
C GLY IA 70 46.95 -41.51 -2.06
N TRP IA 71 45.99 -40.77 -1.51
CA TRP IA 71 45.13 -41.26 -0.44
C TRP IA 71 43.75 -40.68 -0.60
N GLU IA 72 42.77 -41.53 -0.84
CA GLU IA 72 41.36 -41.15 -0.87
C GLU IA 72 40.79 -41.32 0.53
N LEU IA 73 40.58 -40.20 1.22
CA LEU IA 73 40.06 -40.25 2.59
C LEU IA 73 38.93 -39.26 2.75
N THR IA 74 37.83 -39.73 3.35
CA THR IA 74 36.67 -38.92 3.66
C THR IA 74 36.37 -39.05 5.14
N ARG IA 75 35.68 -38.06 5.71
CA ARG IA 75 35.34 -38.10 7.12
C ARG IA 75 33.85 -37.93 7.35
N ARG IA 76 33.35 -38.60 8.39
CA ARG IA 76 31.99 -38.40 8.89
C ARG IA 76 32.09 -38.19 10.40
N GLU IA 77 32.46 -36.97 10.78
CA GLU IA 77 32.35 -36.35 12.10
C GLU IA 77 33.24 -36.92 13.21
N ASN IA 78 33.66 -38.18 13.10
CA ASN IA 78 34.81 -38.65 13.89
C ASN IA 78 35.57 -39.79 13.24
N VAL IA 79 35.20 -40.26 12.05
CA VAL IA 79 35.77 -41.46 11.47
C VAL IA 79 36.32 -41.14 10.09
N PHE IA 80 37.54 -41.58 9.82
CA PHE IA 80 38.20 -41.35 8.54
C PHE IA 80 38.32 -42.68 7.82
N TYR IA 81 37.72 -42.77 6.64
CA TYR IA 81 37.82 -43.98 5.84
C TYR IA 81 38.99 -43.82 4.87
N LEU IA 82 40.07 -44.53 5.14
CA LEU IA 82 41.32 -44.39 4.39
C LEU IA 82 41.45 -45.49 3.36
N LYS IA 83 41.88 -45.11 2.16
CA LYS IA 83 42.31 -46.11 1.18
C LYS IA 83 43.38 -45.47 0.32
N PRO IA 84 44.44 -46.20 -0.01
CA PRO IA 84 45.50 -45.66 -0.85
C PRO IA 84 45.08 -45.66 -2.32
N LYS IA 85 45.96 -45.13 -3.16
CA LYS IA 85 45.72 -45.13 -4.60
C LYS IA 85 46.85 -45.76 -5.40
N ASN IA 86 48.03 -45.97 -4.83
CA ASN IA 86 49.12 -46.58 -5.56
C ASN IA 86 49.99 -47.33 -4.57
N VAL IA 87 51.03 -47.98 -5.08
CA VAL IA 87 51.75 -48.98 -4.29
C VAL IA 87 52.70 -48.33 -3.28
N ASP IA 88 53.20 -47.12 -3.54
CA ASP IA 88 54.14 -46.46 -2.65
C ASP IA 88 53.63 -45.06 -2.30
N VAL IA 89 52.74 -45.01 -1.32
CA VAL IA 89 52.11 -43.76 -0.90
C VAL IA 89 52.27 -43.60 0.60
N ASP IA 90 53.36 -44.14 1.15
CA ASP IA 90 53.60 -44.12 2.59
C ASP IA 90 53.80 -42.69 3.06
N THR IA 91 53.06 -42.29 4.09
CA THR IA 91 53.09 -40.91 4.54
C THR IA 91 52.65 -40.85 6.00
N ASN IA 92 52.55 -39.64 6.51
CA ASN IA 92 51.95 -39.36 7.81
C ASN IA 92 50.59 -38.71 7.64
N MET IA 93 49.80 -38.74 8.71
CA MET IA 93 48.59 -37.95 8.76
C MET IA 93 48.41 -37.47 10.18
N MET IA 94 48.08 -36.19 10.33
CA MET IA 94 47.98 -35.56 11.62
C MET IA 94 46.58 -35.02 11.82
N ILE IA 95 45.91 -35.47 12.86
CA ILE IA 95 44.58 -35.02 13.20
C ILE IA 95 44.70 -34.19 14.46
N ARG IA 96 44.02 -33.05 14.48
CA ARG IA 96 44.06 -32.15 15.62
C ARG IA 96 42.62 -31.84 16.00
N THR IA 97 42.17 -32.37 17.13
CA THR IA 97 40.85 -32.07 17.67
C THR IA 97 40.96 -30.91 18.65
N ALA IA 98 39.93 -30.70 19.46
CA ALA IA 98 39.93 -29.59 20.39
C ALA IA 98 40.91 -29.81 21.54
N THR IA 99 41.10 -31.07 21.97
CA THR IA 99 42.00 -31.33 23.08
C THR IA 99 42.94 -32.50 22.85
N HIS IA 100 42.87 -33.19 21.72
CA HIS IA 100 43.76 -34.29 21.42
C HIS IA 100 44.54 -34.00 20.14
N SER IA 101 45.65 -34.70 19.99
CA SER IA 101 46.50 -34.54 18.81
C SER IA 101 47.09 -35.89 18.44
N TYR IA 102 46.81 -36.34 17.22
CA TYR IA 102 47.18 -37.67 16.76
C TYR IA 102 48.22 -37.54 15.66
N ILE IA 103 49.21 -38.42 15.67
CA ILE IA 103 50.19 -38.49 14.61
C ILE IA 103 50.14 -39.91 14.07
N LEU IA 104 49.44 -40.10 12.97
CA LEU IA 104 49.29 -41.41 12.35
C LEU IA 104 50.38 -41.63 11.32
N GLU IA 105 50.82 -42.86 11.19
CA GLU IA 105 51.93 -43.22 10.31
C GLU IA 105 51.41 -44.23 9.29
N LEU IA 106 50.93 -43.73 8.16
CA LEU IA 106 50.21 -44.54 7.17
C LEU IA 106 51.18 -45.37 6.35
N LYS IA 107 50.83 -46.65 6.18
CA LYS IA 107 51.66 -47.59 5.43
C LYS IA 107 50.78 -48.29 4.40
N VAL IA 108 51.43 -49.01 3.49
CA VAL IA 108 50.77 -49.90 2.54
C VAL IA 108 51.45 -51.25 2.61
N VAL IA 109 50.71 -52.28 3.02
CA VAL IA 109 51.30 -53.57 3.33
C VAL IA 109 50.79 -54.70 2.44
N ALA IA 110 49.60 -54.56 1.83
CA ALA IA 110 49.08 -55.58 0.93
C ALA IA 110 48.63 -54.92 -0.36
N THR IA 111 49.25 -55.29 -1.47
CA THR IA 111 48.95 -54.68 -2.75
C THR IA 111 48.74 -55.66 -3.89
N ASP IA 112 49.18 -56.91 -3.77
CA ASP IA 112 49.21 -57.87 -4.87
C ASP IA 112 48.24 -59.01 -4.63
N TRP IA 113 47.40 -58.92 -3.61
CA TRP IA 113 46.56 -60.04 -3.19
C TRP IA 113 45.43 -60.27 -4.19
N GLN IA 114 45.11 -61.55 -4.38
CA GLN IA 114 43.94 -61.95 -5.16
C GLN IA 114 42.81 -62.46 -4.28
N ARG IA 115 43.16 -63.10 -3.19
CA ARG IA 115 42.23 -63.63 -2.21
C ARG IA 115 42.32 -62.79 -0.95
N LEU IA 116 41.17 -62.49 -0.33
CA LEU IA 116 41.15 -61.50 0.74
C LEU IA 116 41.73 -62.03 2.04
N GLU IA 117 41.94 -63.34 2.14
CA GLU IA 117 42.68 -63.91 3.26
C GLU IA 117 44.17 -63.60 3.16
N GLN IA 118 44.68 -63.31 1.96
CA GLN IA 118 46.10 -62.98 1.82
C GLN IA 118 46.41 -61.60 2.36
N ALA IA 119 45.43 -60.71 2.41
CA ALA IA 119 45.67 -59.41 3.02
C ALA IA 119 45.59 -59.47 4.53
N LYS IA 120 44.84 -60.44 5.06
CA LYS IA 120 44.83 -60.67 6.51
C LYS IA 120 46.21 -61.08 6.99
N GLN IA 121 46.85 -62.01 6.29
CA GLN IA 121 48.15 -62.52 6.68
C GLN IA 121 49.26 -61.51 6.40
N ALA IA 122 49.06 -60.65 5.41
CA ALA IA 122 50.03 -59.58 5.15
C ALA IA 122 50.03 -58.56 6.27
N GLY IA 123 48.90 -58.34 6.92
CA GLY IA 123 48.87 -57.55 8.12
C GLY IA 123 48.07 -56.28 8.01
N VAL IA 124 46.98 -56.28 7.23
CA VAL IA 124 46.18 -55.07 7.14
C VAL IA 124 45.36 -54.90 8.41
N GLN IA 125 44.86 -53.68 8.60
CA GLN IA 125 44.04 -53.35 9.74
C GLN IA 125 42.71 -52.82 9.22
N TYR IA 126 41.64 -53.58 9.44
CA TYR IA 126 40.32 -53.15 9.02
C TYR IA 126 39.83 -51.95 9.81
N LYS IA 127 39.99 -51.98 11.13
CA LYS IA 127 39.50 -50.90 11.98
C LYS IA 127 40.61 -50.48 12.93
N VAL IA 128 40.66 -49.19 13.25
CA VAL IA 128 41.53 -48.66 14.29
C VAL IA 128 40.68 -47.82 15.24
N VAL IA 129 40.69 -48.18 16.52
CA VAL IA 129 39.97 -47.42 17.53
C VAL IA 129 40.93 -47.06 18.64
N PHE IA 130 40.67 -45.92 19.28
CA PHE IA 130 41.51 -45.40 20.34
C PHE IA 130 40.79 -45.49 21.67
N THR IA 131 41.45 -46.05 22.68
CA THR IA 131 40.94 -46.09 24.04
C THR IA 131 41.58 -44.97 24.84
N TYR IA 132 40.80 -44.33 25.70
CA TYR IA 132 41.23 -43.13 26.39
C TYR IA 132 41.27 -43.35 27.89
N PRO IA 133 42.44 -43.50 28.50
CA PRO IA 133 42.51 -43.72 29.94
C PRO IA 133 42.28 -42.44 30.70
N LYS IA 134 41.95 -42.59 31.98
CA LYS IA 134 41.89 -41.44 32.86
C LYS IA 134 43.27 -41.12 33.39
N ASP IA 135 43.39 -39.97 34.06
CA ASP IA 135 44.66 -39.46 34.50
C ASP IA 135 45.25 -40.33 35.60
N THR IA 136 46.58 -40.40 35.65
CA THR IA 136 47.24 -41.32 36.57
C THR IA 136 47.19 -40.83 38.01
N SER IA 137 46.79 -39.58 38.25
CA SER IA 137 46.61 -39.13 39.62
C SER IA 137 45.33 -39.67 40.22
N PHE IA 138 44.40 -40.13 39.38
CA PHE IA 138 43.20 -40.77 39.90
C PHE IA 138 43.38 -42.28 40.01
N ASN IA 139 44.42 -42.82 39.38
CA ASN IA 139 44.66 -44.26 39.48
C ASN IA 139 45.29 -44.61 40.82
N ASN IA 140 45.89 -43.63 41.50
CA ASN IA 140 46.42 -43.87 42.84
C ASN IA 140 45.29 -44.01 43.86
N VAL IA 141 44.12 -43.47 43.54
CA VAL IA 141 42.96 -43.57 44.40
C VAL IA 141 42.22 -44.88 44.13
N LYS IA 148 36.23 -54.87 41.64
CA LYS IA 148 36.86 -55.66 40.59
C LYS IA 148 36.48 -57.13 40.70
N ASN IA 149 36.37 -57.60 41.94
CA ASN IA 149 36.08 -59.01 42.22
C ASN IA 149 34.59 -59.27 41.98
N GLY IA 150 34.25 -59.43 40.70
CA GLY IA 150 32.90 -59.73 40.30
C GLY IA 150 31.96 -58.55 40.44
N PRO IA 151 30.66 -58.79 40.26
CA PRO IA 151 29.68 -57.72 40.36
C PRO IA 151 29.35 -57.34 41.79
N LEU IA 152 28.91 -56.10 41.95
CA LEU IA 152 28.59 -55.57 43.26
C LEU IA 152 27.23 -56.02 43.77
N LEU IA 153 26.30 -56.31 42.87
CA LEU IA 153 24.95 -56.73 43.25
C LEU IA 153 24.81 -58.19 42.85
N ASN IA 154 24.84 -59.07 43.83
CA ASN IA 154 24.71 -60.51 43.59
C ASN IA 154 23.70 -61.02 44.59
N ALA IA 155 22.54 -61.46 44.10
CA ALA IA 155 21.42 -61.83 44.96
C ALA IA 155 21.65 -63.11 45.74
N LYS IA 156 22.64 -63.92 45.38
CA LYS IA 156 23.00 -65.08 46.16
C LYS IA 156 23.79 -64.66 47.39
N ILE IA 157 24.05 -65.63 48.26
CA ILE IA 157 24.88 -65.42 49.45
C ILE IA 157 26.29 -65.84 49.11
N LEU IA 158 27.21 -64.90 49.20
CA LEU IA 158 28.59 -65.18 48.81
C LEU IA 158 29.38 -65.68 50.01
N LYS IA 159 30.57 -66.22 49.72
CA LYS IA 159 31.42 -66.76 50.77
C LYS IA 159 32.03 -65.66 51.62
N ASP IA 160 32.37 -64.52 51.02
CA ASP IA 160 33.16 -63.49 51.66
C ASP IA 160 32.42 -62.16 51.72
N ARG IA 161 31.14 -62.19 52.06
CA ARG IA 161 30.38 -60.98 52.33
C ARG IA 161 29.64 -61.12 53.65
N ARG IA 162 29.46 -60.01 54.33
CA ARG IA 162 28.85 -59.98 55.65
C ARG IA 162 27.40 -59.56 55.52
N TYR IA 163 26.49 -60.40 56.00
CA TYR IA 163 25.05 -60.17 55.89
C TYR IA 163 24.45 -59.87 57.25
N TYR IA 164 23.29 -59.23 57.23
CA TYR IA 164 22.64 -58.76 58.45
C TYR IA 164 21.16 -59.15 58.41
N TYR IA 165 20.82 -60.25 59.08
CA TYR IA 165 19.47 -60.80 59.06
C TYR IA 165 18.70 -60.37 60.30
N ASP IA 166 18.39 -59.08 60.38
CA ASP IA 166 17.65 -58.61 61.55
C ASP IA 166 16.76 -57.46 61.10
N TYR IA 167 15.53 -57.78 60.73
CA TYR IA 167 14.57 -56.83 60.21
C TYR IA 167 13.19 -57.16 60.74
N ASP IA 168 12.38 -56.13 60.92
CA ASP IA 168 11.03 -56.27 61.42
C ASP IA 168 10.03 -55.79 60.38
N TYR IA 169 8.74 -56.01 60.65
CA TYR IA 169 7.69 -55.47 59.80
C TYR IA 169 6.52 -55.06 60.67
N ALA IA 170 5.79 -54.04 60.24
CA ALA IA 170 4.62 -53.56 60.97
C ALA IA 170 3.55 -53.14 59.98
N THR IA 171 2.34 -53.64 60.18
CA THR IA 171 1.22 -53.33 59.31
C THR IA 171 -0.08 -53.55 60.06
N ARG IA 172 -1.15 -52.94 59.55
CA ARG IA 172 -2.46 -53.00 60.22
C ARG IA 172 -3.07 -54.39 60.11
N THR IA 173 -3.22 -54.89 58.88
CA THR IA 173 -3.80 -56.21 58.67
C THR IA 173 -2.84 -57.29 59.12
N LYS IA 174 -3.39 -58.38 59.66
CA LYS IA 174 -2.55 -59.41 60.26
C LYS IA 174 -1.85 -60.26 59.20
N LYS IA 175 -2.62 -60.95 58.37
CA LYS IA 175 -2.08 -61.74 57.26
C LYS IA 175 -2.35 -60.98 55.97
N SER IA 176 -1.34 -60.29 55.48
CA SER IA 176 -1.43 -59.57 54.23
C SER IA 176 -0.56 -60.24 53.17
N TRP IA 177 -0.84 -59.90 51.92
CA TRP IA 177 -0.02 -60.33 50.80
C TRP IA 177 1.10 -59.36 50.49
N LEU IA 178 1.25 -58.31 51.30
CA LEU IA 178 2.27 -57.30 51.08
C LEU IA 178 3.44 -57.48 52.03
N ILE IA 179 3.34 -58.37 52.99
CA ILE IA 179 4.44 -58.66 53.92
C ILE IA 179 5.55 -59.36 53.16
N PRO IA 180 6.80 -58.88 53.23
CA PRO IA 180 7.90 -59.56 52.54
C PRO IA 180 8.21 -60.90 53.18
N SER IA 181 8.74 -61.80 52.34
CA SER IA 181 9.12 -63.10 52.84
C SER IA 181 10.42 -63.03 53.62
N ARG IA 182 11.46 -62.44 53.04
CA ARG IA 182 12.78 -62.37 53.64
C ARG IA 182 13.40 -61.03 53.30
N VAL IA 183 13.96 -60.35 54.29
CA VAL IA 183 14.64 -59.08 54.09
C VAL IA 183 16.02 -59.18 54.73
N TYR IA 184 17.06 -58.81 53.99
CA TYR IA 184 18.42 -58.78 54.50
C TYR IA 184 19.22 -57.79 53.67
N ASP IA 185 20.52 -57.70 53.93
CA ASP IA 185 21.39 -56.82 53.15
C ASP IA 185 22.83 -57.31 53.25
N ASP IA 186 23.65 -56.83 52.32
CA ASP IA 186 25.07 -57.15 52.29
C ASP IA 186 25.94 -55.95 52.64
N GLY IA 187 25.38 -54.94 53.27
CA GLY IA 187 26.09 -53.71 53.56
C GLY IA 187 25.91 -52.64 52.51
N LYS IA 188 25.63 -53.03 51.27
CA LYS IA 188 25.50 -52.09 50.18
C LYS IA 188 24.14 -52.11 49.49
N PHE IA 189 23.44 -53.24 49.51
CA PHE IA 189 22.13 -53.35 48.87
C PHE IA 189 21.19 -54.09 49.81
N THR IA 190 19.94 -53.64 49.90
CA THR IA 190 18.93 -54.30 50.71
C THR IA 190 18.06 -55.19 49.84
N TYR IA 191 17.98 -56.48 50.17
CA TYR IA 191 17.37 -57.48 49.31
C TYR IA 191 16.00 -57.87 49.87
N ILE IA 192 14.96 -57.14 49.46
CA ILE IA 192 13.59 -57.49 49.82
C ILE IA 192 13.15 -58.65 48.94
N ASN IA 193 12.63 -59.70 49.55
CA ASN IA 193 12.25 -60.91 48.83
C ASN IA 193 10.80 -61.22 49.13
N MET IA 194 10.01 -61.50 48.09
CA MET IA 194 8.58 -61.65 48.22
C MET IA 194 8.05 -62.87 47.48
N ASP IA 195 8.82 -63.95 47.44
CA ASP IA 195 8.47 -65.11 46.63
C ASP IA 195 7.78 -66.23 47.41
N LEU IA 196 7.13 -65.90 48.52
CA LEU IA 196 6.26 -66.86 49.18
C LEU IA 196 4.85 -66.37 49.36
N THR IA 197 4.57 -65.09 49.09
CA THR IA 197 3.20 -64.60 48.98
C THR IA 197 2.77 -64.86 47.53
N ARG IA 198 2.31 -66.09 47.29
CA ARG IA 198 2.19 -66.63 45.95
C ARG IA 198 0.90 -66.26 45.25
N PHE IA 199 -0.20 -66.05 46.00
CA PHE IA 199 -1.52 -66.01 45.38
C PHE IA 199 -1.76 -64.77 44.51
N PRO IA 200 -1.75 -63.53 45.01
CA PRO IA 200 -2.18 -62.44 44.12
C PRO IA 200 -1.08 -62.15 43.11
N THR IA 201 -1.43 -62.25 41.82
CA THR IA 201 -0.41 -62.05 40.80
C THR IA 201 0.01 -60.60 40.72
N GLY IA 202 -0.90 -59.67 41.03
CA GLY IA 202 -0.52 -58.27 41.11
C GLY IA 202 -0.15 -57.84 42.52
N ASN IA 203 0.99 -58.28 43.04
CA ASN IA 203 1.36 -58.01 44.42
C ASN IA 203 2.67 -57.23 44.55
N PHE IA 204 3.08 -56.51 43.50
CA PHE IA 204 4.43 -55.99 43.50
C PHE IA 204 4.42 -54.53 43.91
N PRO IA 205 5.12 -54.15 44.96
CA PRO IA 205 5.00 -52.80 45.52
C PRO IA 205 5.96 -51.77 44.97
N ALA IA 206 5.92 -50.58 45.57
CA ALA IA 206 6.89 -49.53 45.38
C ALA IA 206 7.57 -49.25 46.72
N VAL IA 207 8.89 -49.37 46.77
CA VAL IA 207 9.64 -49.28 48.02
C VAL IA 207 10.21 -47.88 48.18
N PHE IA 208 9.94 -47.27 49.33
CA PHE IA 208 10.50 -46.00 49.73
C PHE IA 208 11.41 -46.23 50.93
N ALA IA 209 11.96 -45.16 51.47
CA ALA IA 209 12.82 -45.28 52.64
C ALA IA 209 12.65 -44.05 53.52
N ARG IA 210 13.09 -44.16 54.75
CA ARG IA 210 12.72 -43.18 55.76
C ARG IA 210 13.79 -43.17 56.85
N GLU IA 211 14.13 -41.99 57.35
CA GLU IA 211 15.21 -41.89 58.33
C GLU IA 211 14.77 -42.10 59.76
N LYS IA 212 13.52 -41.78 60.08
CA LYS IA 212 12.96 -42.04 61.41
C LYS IA 212 11.75 -42.95 61.24
N GLU IA 213 11.00 -43.17 62.31
CA GLU IA 213 9.89 -44.11 62.20
C GLU IA 213 8.69 -43.48 61.51
N HIS IA 214 8.31 -42.27 61.91
CA HIS IA 214 7.15 -41.59 61.36
C HIS IA 214 7.55 -40.26 60.73
N ALA IA 215 8.72 -40.21 60.14
CA ALA IA 215 9.15 -39.04 59.38
C ALA IA 215 8.57 -39.10 57.98
N GLU IA 216 9.01 -38.23 57.10
CA GLU IA 216 8.55 -38.21 55.72
C GLU IA 216 9.51 -39.02 54.87
N ASP IA 217 8.96 -39.91 54.04
CA ASP IA 217 9.79 -40.82 53.28
C ASP IA 217 10.33 -40.15 52.02
N PHE IA 218 11.32 -40.79 51.40
CA PHE IA 218 11.95 -40.29 50.19
C PHE IA 218 12.17 -41.46 49.24
N LEU IA 219 12.91 -41.21 48.17
CA LEU IA 219 13.01 -42.12 47.04
C LEU IA 219 14.33 -42.86 47.01
N VAL IA 220 14.28 -44.11 46.54
CA VAL IA 220 15.44 -44.97 46.40
C VAL IA 220 15.49 -45.50 44.98
N ASN IA 221 16.67 -45.95 44.59
CA ASN IA 221 16.86 -46.62 43.31
C ASN IA 221 16.72 -48.11 43.51
N THR IA 222 15.91 -48.77 42.69
CA THR IA 222 15.65 -50.18 42.83
C THR IA 222 15.92 -50.92 41.53
N THR IA 223 16.49 -52.11 41.65
CA THR IA 223 16.51 -53.07 40.56
C THR IA 223 15.88 -54.36 41.06
N VAL IA 224 15.33 -55.14 40.14
CA VAL IA 224 14.53 -56.31 40.48
C VAL IA 224 15.01 -57.51 39.68
N GLU IA 225 14.96 -58.69 40.31
CA GLU IA 225 15.37 -59.95 39.69
C GLU IA 225 14.34 -61.01 40.05
N GLY IA 226 13.32 -61.14 39.21
CA GLY IA 226 12.28 -62.12 39.47
C GLY IA 226 11.27 -61.62 40.47
N ASN IA 227 11.27 -62.19 41.68
CA ASN IA 227 10.43 -61.71 42.76
C ASN IA 227 11.22 -60.99 43.85
N THR IA 228 12.52 -60.82 43.67
CA THR IA 228 13.35 -60.11 44.62
C THR IA 228 13.42 -58.65 44.22
N LEU IA 229 13.07 -57.76 45.14
CA LEU IA 229 13.22 -56.33 44.94
C LEU IA 229 14.46 -55.90 45.68
N ILE IA 230 15.42 -55.31 44.98
CA ILE IA 230 16.72 -54.99 45.54
C ILE IA 230 16.87 -53.48 45.59
N VAL IA 231 17.12 -52.95 46.79
CA VAL IA 231 17.16 -51.51 47.02
C VAL IA 231 18.60 -51.07 47.14
N HIS IA 232 18.99 -50.08 46.35
CA HIS IA 232 20.36 -49.57 46.32
C HIS IA 232 20.63 -48.77 47.59
N GLY IA 233 21.25 -49.40 48.58
CA GLY IA 233 21.61 -48.72 49.80
C GLY IA 233 20.91 -49.26 51.03
N THR IA 234 21.56 -49.17 52.18
CA THR IA 234 20.99 -49.63 53.44
C THR IA 234 20.44 -48.45 54.22
N TYR IA 235 19.22 -48.61 54.74
CA TYR IA 235 18.46 -47.54 55.36
C TYR IA 235 17.98 -47.99 56.72
N PRO IA 236 17.67 -47.06 57.62
CA PRO IA 236 17.07 -47.48 58.90
C PRO IA 236 15.66 -48.00 58.74
N PHE IA 237 14.86 -47.42 57.85
CA PHE IA 237 13.49 -47.81 57.63
C PHE IA 237 13.20 -47.90 56.15
N LEU IA 238 12.41 -48.89 55.76
CA LEU IA 238 11.90 -49.02 54.40
C LEU IA 238 10.38 -49.00 54.48
N VAL IA 239 9.73 -48.34 53.52
CA VAL IA 239 8.28 -48.25 53.46
C VAL IA 239 7.83 -48.90 52.16
N VAL IA 240 6.85 -49.79 52.26
CA VAL IA 240 6.41 -50.64 51.15
C VAL IA 240 4.94 -50.35 50.91
N ARG IA 241 4.60 -49.79 49.75
CA ARG IA 241 3.26 -49.30 49.47
C ARG IA 241 2.66 -49.98 48.25
N HIS IA 242 1.36 -50.26 48.31
CA HIS IA 242 0.60 -50.75 47.17
C HIS IA 242 -0.80 -50.11 47.16
N GLY IA 243 -0.85 -48.80 47.37
CA GLY IA 243 -2.13 -48.12 47.33
C GLY IA 243 -2.55 -47.59 48.68
N ASP IA 244 -3.60 -48.18 49.25
CA ASP IA 244 -4.05 -47.82 50.58
C ASP IA 244 -3.41 -48.66 51.68
N ASN IA 245 -2.75 -49.76 51.34
CA ASN IA 245 -2.12 -50.62 52.33
C ASN IA 245 -0.60 -50.49 52.28
N VAL IA 246 0.01 -50.44 53.46
CA VAL IA 246 1.41 -50.06 53.63
C VAL IA 246 2.04 -50.97 54.69
N VAL IA 247 3.29 -51.35 54.47
CA VAL IA 247 4.06 -52.19 55.38
C VAL IA 247 5.38 -51.49 55.66
N GLY IA 248 5.65 -51.20 56.93
CA GLY IA 248 6.94 -50.63 57.30
C GLY IA 248 7.96 -51.71 57.57
N LEU IA 249 9.24 -51.35 57.54
CA LEU IA 249 10.32 -52.31 57.71
C LEU IA 249 11.45 -51.65 58.50
N ARG IA 250 11.59 -52.03 59.77
CA ARG IA 250 12.67 -51.51 60.59
C ARG IA 250 13.88 -52.42 60.50
N ARG IA 251 15.04 -51.83 60.30
CA ARG IA 251 16.30 -52.49 60.57
C ARG IA 251 16.62 -52.33 62.05
N ASN IA 252 16.76 -53.44 62.76
CA ASN IA 252 17.02 -53.37 64.19
C ASN IA 252 18.46 -52.94 64.45
N LYS IA 253 18.66 -52.27 65.57
CA LYS IA 253 19.94 -51.65 65.87
C LYS IA 253 20.96 -52.69 66.31
N GLN IA 254 22.19 -52.51 65.84
CA GLN IA 254 23.28 -53.43 66.13
C GLN IA 254 23.65 -53.37 67.61
N LYS IA 255 23.36 -54.45 68.32
CA LYS IA 255 23.68 -54.53 69.74
C LYS IA 255 25.17 -54.76 69.95
N PRO JA 150 13.17 -58.59 -39.90
CA PRO JA 150 13.61 -59.55 -38.88
C PRO JA 150 12.69 -60.77 -38.81
N THR JA 151 13.02 -61.73 -37.95
CA THR JA 151 12.16 -62.88 -37.74
C THR JA 151 11.20 -62.59 -36.58
N LEU JA 152 10.55 -63.64 -36.09
CA LEU JA 152 9.60 -63.47 -34.99
C LEU JA 152 10.33 -63.38 -33.65
N LEU JA 153 11.31 -64.26 -33.43
CA LEU JA 153 12.09 -64.23 -32.19
C LEU JA 153 12.96 -62.98 -32.10
N GLU JA 154 13.57 -62.59 -33.21
CA GLU JA 154 14.46 -61.42 -33.24
C GLU JA 154 13.69 -60.12 -33.11
N ARG JA 155 12.37 -60.14 -33.24
CA ARG JA 155 11.57 -58.92 -33.13
C ARG JA 155 11.16 -58.66 -31.69
N ARG JA 156 10.80 -59.72 -30.96
CA ARG JA 156 10.37 -59.59 -29.56
C ARG JA 156 11.53 -59.14 -28.68
N ILE JA 157 12.75 -59.53 -29.03
CA ILE JA 157 13.92 -58.99 -28.36
C ILE JA 157 14.09 -57.52 -28.71
N LEU JA 158 13.83 -57.17 -29.97
CA LEU JA 158 14.07 -55.82 -30.46
C LEU JA 158 12.98 -54.85 -30.01
N ALA JA 159 11.71 -55.25 -30.17
CA ALA JA 159 10.60 -54.35 -29.84
C ALA JA 159 10.45 -54.13 -28.34
N GLU JA 160 10.95 -55.05 -27.53
CA GLU JA 160 10.94 -54.88 -26.09
C GLU JA 160 12.24 -54.29 -25.56
N SER JA 161 13.15 -53.88 -26.44
CA SER JA 161 14.38 -53.24 -26.02
C SER JA 161 14.80 -52.17 -27.03
N GLY JA 183 -13.97 -42.02 3.04
CA GLY JA 183 -12.70 -41.41 3.36
C GLY JA 183 -11.56 -42.42 3.44
N PRO JA 184 -11.39 -43.06 4.59
CA PRO JA 184 -10.36 -44.09 4.73
C PRO JA 184 -10.79 -45.39 4.07
N VAL JA 185 -9.91 -46.37 4.15
CA VAL JA 185 -10.21 -47.69 3.60
C VAL JA 185 -10.51 -48.64 4.75
N THR JA 186 -11.37 -49.62 4.49
CA THR JA 186 -11.81 -50.59 5.49
C THR JA 186 -11.39 -51.97 5.02
N LEU JA 187 -10.48 -52.60 5.76
CA LEU JA 187 -9.95 -53.89 5.39
C LEU JA 187 -10.09 -54.85 6.56
N ALA JA 188 -9.91 -56.14 6.28
CA ALA JA 188 -10.03 -57.20 7.28
C ALA JA 188 -8.91 -58.21 7.01
N LYS JA 189 -7.80 -58.03 7.70
CA LYS JA 189 -6.61 -58.82 7.51
C LYS JA 189 -6.37 -59.70 8.73
N PRO JA 190 -5.64 -60.81 8.58
CA PRO JA 190 -5.28 -61.60 9.76
C PRO JA 190 -4.26 -60.89 10.62
N ILE JA 191 -4.32 -61.17 11.91
CA ILE JA 191 -3.47 -60.49 12.88
C ILE JA 191 -2.07 -61.07 12.78
N SER JA 192 -1.06 -60.23 12.97
CA SER JA 192 0.30 -60.55 12.60
C SER JA 192 1.14 -60.77 13.83
N ASN JA 193 1.78 -61.94 13.92
CA ASN JA 193 2.63 -62.41 15.00
C ASN JA 193 1.96 -62.27 16.35
N PRO JA 194 0.95 -63.08 16.67
CA PRO JA 194 0.25 -62.92 17.96
C PRO JA 194 1.02 -63.46 19.15
N ASP JA 195 2.13 -64.17 18.95
CA ASP JA 195 2.89 -64.65 20.09
C ASP JA 195 3.67 -63.55 20.78
N GLY JA 196 3.93 -62.45 20.11
CA GLY JA 196 4.65 -61.36 20.72
C GLY JA 196 4.01 -60.02 20.51
N LEU JA 197 2.68 -59.97 20.51
CA LEU JA 197 1.96 -58.75 20.21
C LEU JA 197 1.40 -58.15 21.49
N LEU JA 198 1.77 -56.90 21.76
CA LEU JA 198 1.15 -56.11 22.82
C LEU JA 198 0.13 -55.21 22.13
N VAL JA 199 -1.12 -55.67 22.08
CA VAL JA 199 -2.10 -55.11 21.17
C VAL JA 199 -2.58 -53.76 21.69
N ARG JA 200 -3.20 -52.99 20.80
CA ARG JA 200 -3.89 -51.78 21.20
C ARG JA 200 -5.06 -52.12 22.09
N GLY JA 201 -5.05 -51.64 23.30
CA GLY JA 201 -6.11 -51.88 24.23
C GLY JA 201 -5.81 -52.79 25.39
N THR JA 202 -4.54 -53.08 25.68
CA THR JA 202 -4.24 -53.76 26.92
C THR JA 202 -4.00 -52.72 28.00
N TYR JA 203 -4.19 -53.12 29.25
CA TYR JA 203 -4.15 -52.20 30.37
C TYR JA 203 -2.96 -52.55 31.23
N ILE JA 204 -1.99 -51.66 31.30
CA ILE JA 204 -0.79 -51.88 32.11
C ILE JA 204 -1.05 -51.23 33.46
N ARG JA 205 -1.25 -52.05 34.48
CA ARG JA 205 -1.49 -51.53 35.83
C ARG JA 205 -0.15 -51.29 36.50
N CYS JA 206 0.09 -50.06 36.93
CA CYS JA 206 1.31 -49.73 37.66
C CYS JA 206 0.93 -48.88 38.85
N ILE JA 207 1.80 -48.86 39.86
CA ILE JA 207 1.59 -48.02 41.03
C ILE JA 207 2.64 -46.93 41.04
N LEU JA 208 2.21 -45.72 41.42
CA LEU JA 208 3.03 -44.54 41.24
C LEU JA 208 4.16 -44.50 42.25
N GLU JA 209 5.32 -44.01 41.82
CA GLU JA 209 6.48 -43.87 42.68
C GLU JA 209 6.87 -42.42 42.94
N THR JA 210 6.75 -41.55 41.96
CA THR JA 210 7.05 -40.13 42.13
C THR JA 210 5.75 -39.35 42.36
N ARG JA 211 5.66 -38.65 43.48
CA ARG JA 211 4.50 -37.82 43.80
C ARG JA 211 4.31 -36.68 42.80
N ILE JA 212 3.25 -36.74 42.02
CA ILE JA 212 3.03 -35.75 40.96
C ILE JA 212 2.43 -34.49 41.57
N ILE JA 213 2.98 -33.33 41.24
CA ILE JA 213 2.40 -32.04 41.58
C ILE JA 213 2.40 -31.16 40.33
N SER JA 214 1.23 -30.66 39.96
CA SER JA 214 1.05 -29.92 38.71
C SER JA 214 1.36 -28.44 38.92
N ASP JA 215 2.64 -28.14 38.99
CA ASP JA 215 3.12 -26.76 38.96
C ASP JA 215 3.95 -26.46 37.73
N PHE JA 216 5.02 -27.21 37.51
CA PHE JA 216 5.94 -26.89 36.43
C PHE JA 216 5.94 -27.89 35.30
N GLY JA 217 5.54 -29.12 35.54
CA GLY JA 217 5.55 -30.08 34.45
C GLY JA 217 6.90 -30.74 34.40
N GLY JA 218 6.94 -32.02 34.63
CA GLY JA 218 8.20 -32.74 34.77
C GLY JA 218 8.05 -34.16 34.34
N TYR JA 219 8.59 -35.06 35.12
CA TYR JA 219 8.77 -36.45 34.75
C TYR JA 219 8.25 -37.34 35.86
N THR JA 220 7.59 -38.43 35.47
CA THR JA 220 6.99 -39.36 36.41
C THR JA 220 7.62 -40.74 36.25
N SER JA 221 7.31 -41.63 37.19
CA SER JA 221 7.78 -43.01 37.13
C SER JA 221 6.84 -43.86 37.96
N CYS JA 222 6.32 -44.94 37.36
CA CYS JA 222 5.48 -45.86 38.10
C CYS JA 222 6.01 -47.27 37.89
N ILE JA 223 5.95 -48.07 38.94
CA ILE JA 223 6.41 -49.45 38.90
C ILE JA 223 5.24 -50.33 38.54
N VAL JA 224 5.40 -51.16 37.50
CA VAL JA 224 4.36 -52.09 37.07
C VAL JA 224 4.12 -53.09 38.20
N THR JA 225 2.86 -53.48 38.38
CA THR JA 225 2.50 -54.35 39.48
C THR JA 225 1.96 -55.72 39.06
N GLU JA 226 1.43 -55.85 37.84
CA GLU JA 226 0.91 -57.13 37.41
C GLU JA 226 1.52 -57.48 36.05
N PRO JA 227 1.93 -58.72 35.84
CA PRO JA 227 2.53 -59.11 34.56
C PRO JA 227 1.56 -59.01 33.40
N VAL JA 228 2.07 -58.54 32.27
CA VAL JA 228 1.28 -58.26 31.08
C VAL JA 228 1.69 -59.24 29.99
N TYR JA 229 0.76 -60.04 29.54
CA TYR JA 229 1.01 -61.12 28.59
C TYR JA 229 0.73 -60.65 27.18
N SER JA 230 0.69 -61.59 26.24
CA SER JA 230 0.51 -61.29 24.82
C SER JA 230 -0.96 -60.99 24.51
N ILE JA 231 -1.31 -60.95 23.23
CA ILE JA 231 -2.72 -60.86 22.86
C ILE JA 231 -3.46 -62.14 23.21
N ASN JA 232 -2.79 -63.28 23.13
CA ASN JA 232 -3.43 -64.56 23.41
C ASN JA 232 -2.74 -65.32 24.53
N GLY JA 233 -1.86 -64.68 25.28
CA GLY JA 233 -1.33 -65.25 26.50
C GLY JA 233 -0.27 -66.30 26.34
N HIS JA 234 0.37 -66.41 25.18
CA HIS JA 234 1.39 -67.45 25.07
C HIS JA 234 2.73 -67.02 25.63
N ASN JA 235 2.95 -65.72 25.81
CA ASN JA 235 4.25 -65.22 26.22
C ASN JA 235 4.09 -64.11 27.25
N LEU JA 236 5.10 -63.97 28.09
CA LEU JA 236 5.15 -62.88 29.06
C LEU JA 236 5.92 -61.72 28.45
N LEU JA 237 5.23 -60.59 28.26
CA LEU JA 237 5.88 -59.48 27.59
C LEU JA 237 6.50 -58.51 28.59
N LEU JA 238 5.69 -57.92 29.45
CA LEU JA 238 6.21 -57.04 30.48
C LEU JA 238 6.20 -57.77 31.81
N PRO JA 239 7.35 -58.05 32.41
CA PRO JA 239 7.36 -58.77 33.68
C PRO JA 239 6.81 -57.97 34.85
N LYS JA 240 6.90 -58.55 36.04
CA LYS JA 240 6.17 -58.03 37.19
C LYS JA 240 6.74 -56.73 37.73
N GLY JA 241 8.04 -56.51 37.63
CA GLY JA 241 8.60 -55.34 38.29
C GLY JA 241 9.20 -54.28 37.39
N SER JA 242 8.63 -54.09 36.20
CA SER JA 242 9.13 -53.12 35.25
C SER JA 242 8.84 -51.69 35.72
N LYS JA 243 9.55 -50.73 35.15
CA LYS JA 243 9.32 -49.32 35.43
C LYS JA 243 8.76 -48.64 34.19
N MET JA 244 7.58 -48.04 34.33
CA MET JA 244 7.07 -47.17 33.28
C MET JA 244 7.49 -45.74 33.55
N LEU JA 245 7.76 -45.02 32.47
CA LEU JA 245 8.39 -43.71 32.52
C LEU JA 245 7.54 -42.77 31.67
N GLY JA 246 7.15 -41.64 32.24
CA GLY JA 246 6.25 -40.73 31.56
C GLY JA 246 6.58 -39.29 31.87
N GLN JA 247 5.80 -38.39 31.30
CA GLN JA 247 5.97 -36.96 31.54
C GLN JA 247 4.68 -36.23 31.24
N TYR JA 248 4.49 -35.09 31.89
CA TYR JA 248 3.30 -34.28 31.79
C TYR JA 248 3.71 -32.83 31.57
N SER JA 249 2.73 -31.95 31.47
CA SER JA 249 2.98 -30.56 31.15
C SER JA 249 2.25 -29.66 32.14
N ALA JA 250 2.78 -28.46 32.33
CA ALA JA 250 2.20 -27.53 33.28
C ALA JA 250 0.93 -26.90 32.71
N GLY JA 251 0.00 -26.61 33.60
CA GLY JA 251 -1.23 -25.97 33.18
C GLY JA 251 -2.07 -25.63 34.39
N GLU JA 252 -3.11 -24.85 34.15
CA GLU JA 252 -4.09 -24.57 35.17
C GLU JA 252 -5.06 -25.73 35.27
N PRO JA 253 -5.18 -26.38 36.42
CA PRO JA 253 -6.10 -27.51 36.52
C PRO JA 253 -7.55 -27.10 36.66
N THR JA 254 -8.21 -26.83 35.53
CA THR JA 254 -9.64 -26.58 35.51
C THR JA 254 -10.40 -27.81 35.98
N SER JA 255 -10.30 -28.89 35.21
CA SER JA 255 -10.83 -30.16 35.66
C SER JA 255 -9.91 -30.74 36.73
N HIS JA 256 -10.46 -31.58 37.60
CA HIS JA 256 -9.66 -32.16 38.67
C HIS JA 256 -9.02 -33.48 38.25
N ARG JA 257 -8.35 -33.45 37.09
CA ARG JA 257 -7.63 -34.59 36.57
C ARG JA 257 -6.37 -34.09 35.89
N LEU JA 258 -5.36 -34.96 35.83
CA LEU JA 258 -4.09 -34.62 35.22
C LEU JA 258 -3.84 -35.59 34.07
N GLN JA 259 -3.13 -35.14 33.05
CA GLN JA 259 -2.98 -35.89 31.82
C GLN JA 259 -1.50 -36.20 31.60
N VAL JA 260 -1.14 -37.48 31.72
CA VAL JA 260 0.24 -37.95 31.61
C VAL JA 260 0.34 -38.85 30.38
N VAL JA 261 1.45 -38.76 29.66
CA VAL JA 261 1.70 -39.59 28.49
C VAL JA 261 2.88 -40.49 28.80
N TRP JA 262 2.60 -41.76 29.10
CA TRP JA 262 3.63 -42.73 29.47
C TRP JA 262 4.24 -43.30 28.20
N ASP JA 263 5.58 -43.26 28.11
CA ASP JA 263 6.18 -43.51 26.81
C ASP JA 263 7.43 -44.38 26.80
N ARG JA 264 7.76 -45.09 27.87
CA ARG JA 264 8.91 -45.98 27.88
C ARG JA 264 8.78 -46.94 29.06
N VAL JA 265 9.11 -48.21 28.82
CA VAL JA 265 9.17 -49.22 29.87
C VAL JA 265 10.53 -49.91 29.76
N THR JA 266 11.18 -50.15 30.90
CA THR JA 266 12.42 -50.92 30.95
C THR JA 266 12.20 -52.13 31.85
N THR JA 267 12.23 -53.32 31.27
CA THR JA 267 11.86 -54.54 31.96
C THR JA 267 13.02 -55.10 32.78
N PRO JA 268 12.73 -55.98 33.77
CA PRO JA 268 13.83 -56.67 34.46
C PRO JA 268 14.55 -57.68 33.60
N THR JA 269 13.95 -58.12 32.49
CA THR JA 269 14.55 -59.08 31.58
C THR JA 269 15.34 -58.41 30.48
N GLY JA 270 15.68 -57.14 30.64
CA GLY JA 270 16.57 -56.47 29.72
C GLY JA 270 15.92 -56.05 28.42
N LEU JA 271 14.87 -55.24 28.49
CA LEU JA 271 14.23 -54.68 27.30
C LEU JA 271 14.00 -53.20 27.49
N ASP JA 272 13.67 -52.53 26.39
CA ASP JA 272 13.50 -51.09 26.39
C ASP JA 272 12.47 -50.78 25.31
N VAL JA 273 11.21 -50.69 25.70
CA VAL JA 273 10.13 -50.48 24.76
C VAL JA 273 9.74 -49.01 24.82
N THR JA 274 9.09 -48.54 23.76
CA THR JA 274 8.83 -47.11 23.60
C THR JA 274 7.39 -46.87 23.15
N LEU JA 275 6.45 -47.49 23.85
CA LEU JA 275 5.03 -47.47 23.55
C LEU JA 275 4.45 -46.05 23.63
N MET JA 276 3.24 -45.90 23.10
CA MET JA 276 2.48 -44.67 23.22
C MET JA 276 1.28 -44.98 24.10
N GLY JA 277 1.38 -44.66 25.38
CA GLY JA 277 0.29 -44.93 26.28
C GLY JA 277 -0.14 -43.70 27.05
N PRO JA 278 -1.34 -43.20 26.76
CA PRO JA 278 -1.91 -42.17 27.63
C PRO JA 278 -2.38 -42.77 28.93
N GLY JA 279 -2.06 -42.09 30.03
CA GLY JA 279 -2.46 -42.58 31.33
C GLY JA 279 -3.94 -42.41 31.54
N ILE JA 280 -4.57 -43.44 32.10
CA ILE JA 280 -6.00 -43.46 32.34
C ILE JA 280 -6.25 -43.73 33.82
N ASP JA 281 -7.52 -43.62 34.19
CA ASP JA 281 -8.03 -43.99 35.50
C ASP JA 281 -7.94 -45.51 35.68
N THR JA 282 -8.17 -45.97 36.90
CA THR JA 282 -8.16 -47.40 37.14
C THR JA 282 -9.44 -48.10 36.65
N LEU JA 283 -10.45 -47.35 36.21
CA LEU JA 283 -11.60 -47.90 35.50
C LEU JA 283 -11.63 -47.54 34.03
N GLY JA 284 -10.66 -46.79 33.53
CA GLY JA 284 -10.56 -46.52 32.11
C GLY JA 284 -10.84 -45.10 31.70
N SER JA 285 -11.13 -44.20 32.62
CA SER JA 285 -11.40 -42.82 32.26
C SER JA 285 -10.11 -42.09 31.96
N SER JA 286 -10.14 -41.20 30.98
CA SER JA 286 -8.93 -40.56 30.52
C SER JA 286 -8.45 -39.52 31.53
N GLY JA 287 -7.18 -39.63 31.91
CA GLY JA 287 -6.59 -38.69 32.85
C GLY JA 287 -6.55 -39.21 34.27
N HIS JA 288 -5.49 -38.90 34.99
CA HIS JA 288 -5.36 -39.40 36.35
C HIS JA 288 -6.02 -38.44 37.33
N PRO JA 289 -6.87 -38.90 38.23
CA PRO JA 289 -7.50 -37.99 39.19
C PRO JA 289 -6.57 -37.63 40.33
N GLY JA 290 -6.65 -36.38 40.76
CA GLY JA 290 -5.77 -35.90 41.81
C GLY JA 290 -6.49 -35.21 42.94
N ASN JA 291 -5.74 -34.52 43.81
CA ASN JA 291 -6.30 -33.81 44.96
C ASN JA 291 -6.18 -32.32 44.71
N TYR JA 292 -7.28 -31.68 44.30
CA TYR JA 292 -7.27 -30.27 43.95
C TYR JA 292 -7.11 -29.41 45.20
N ASN JA 293 -6.34 -28.33 45.06
CA ASN JA 293 -6.04 -27.46 46.20
C ASN JA 293 -5.89 -26.04 45.66
N ALA JA 294 -6.96 -25.27 45.69
CA ALA JA 294 -6.86 -23.84 45.52
C ALA JA 294 -6.43 -23.22 46.84
N HIS JA 295 -5.35 -22.47 46.82
CA HIS JA 295 -4.65 -22.10 48.05
C HIS JA 295 -5.34 -20.90 48.67
N TRP JA 296 -6.51 -21.13 49.25
CA TRP JA 296 -7.23 -20.01 49.87
C TRP JA 296 -6.70 -19.68 51.26
N GLY JA 297 -5.79 -20.47 51.80
CA GLY JA 297 -5.14 -20.06 53.03
C GLY JA 297 -4.16 -18.93 52.80
N ASN JA 298 -3.41 -18.99 51.71
CA ASN JA 298 -2.40 -17.97 51.43
C ASN JA 298 -2.97 -16.77 50.70
N LYS JA 299 -4.05 -16.94 49.95
CA LYS JA 299 -4.61 -15.82 49.22
C LYS JA 299 -5.34 -14.86 50.15
N ILE JA 300 -5.93 -15.37 51.23
CA ILE JA 300 -6.64 -14.53 52.17
C ILE JA 300 -5.66 -13.81 53.10
N ALA JA 301 -4.69 -14.55 53.64
CA ALA JA 301 -3.84 -14.00 54.69
C ALA JA 301 -2.87 -12.95 54.16
N SER JA 302 -2.57 -12.97 52.87
CA SER JA 302 -1.68 -11.98 52.30
C SER JA 302 -2.40 -10.66 52.05
N ALA JA 303 -3.73 -10.69 51.99
CA ALA JA 303 -4.50 -9.50 51.67
C ALA JA 303 -5.47 -9.11 52.77
N LEU JA 304 -5.68 -9.96 53.78
CA LEU JA 304 -6.49 -9.55 54.92
C LEU JA 304 -5.69 -8.66 55.87
N PHE JA 305 -4.42 -9.00 56.08
CA PHE JA 305 -3.64 -8.36 57.14
C PHE JA 305 -3.26 -6.93 56.77
N ILE JA 306 -3.09 -6.63 55.48
CA ILE JA 306 -2.72 -5.28 55.12
C ILE JA 306 -3.95 -4.45 54.79
N SER JA 307 -5.07 -5.09 54.46
CA SER JA 307 -6.30 -4.33 54.28
C SER JA 307 -6.94 -4.01 55.63
N LEU JA 308 -6.63 -4.77 56.67
CA LEU JA 308 -7.12 -4.46 57.99
C LEU JA 308 -6.26 -3.42 58.68
N LEU JA 309 -5.00 -3.29 58.25
CA LEU JA 309 -4.14 -2.25 58.81
C LEU JA 309 -4.54 -0.90 58.24
N SER JA 310 -5.07 -0.88 57.02
CA SER JA 310 -5.60 0.36 56.46
C SER JA 310 -6.99 0.65 56.97
N ASP JA 311 -7.65 -0.34 57.57
CA ASP JA 311 -8.98 -0.12 58.11
C ASP JA 311 -8.92 0.42 59.54
N ALA JA 312 -7.78 0.26 60.22
CA ALA JA 312 -7.62 0.89 61.52
C ALA JA 312 -7.33 2.37 61.36
N PHE JA 313 -6.69 2.76 60.26
CA PHE JA 313 -6.42 4.17 60.02
C PHE JA 313 -7.67 4.91 59.58
N LYS JA 314 -8.58 4.23 58.88
CA LYS JA 314 -9.81 4.87 58.45
C LYS JA 314 -10.77 5.06 59.60
N TYR JA 315 -10.80 4.11 60.54
CA TYR JA 315 -11.70 4.23 61.68
C TYR JA 315 -11.23 5.29 62.66
N ALA JA 316 -9.93 5.46 62.81
CA ALA JA 316 -9.39 6.49 63.69
C ALA JA 316 -9.43 7.87 63.08
N ALA JA 317 -9.84 7.99 61.82
CA ALA JA 317 -9.94 9.28 61.15
C ALA JA 317 -11.36 9.71 60.86
N ALA JA 318 -12.28 8.77 60.65
CA ALA JA 318 -13.69 9.12 60.47
C ALA JA 318 -14.27 9.70 61.74
N GLU JA 319 -14.12 8.98 62.86
CA GLU JA 319 -14.23 9.61 64.16
C GLU JA 319 -12.83 9.99 64.62
N TYR JA 320 -12.75 10.64 65.79
CA TYR JA 320 -11.52 11.30 66.28
C TYR JA 320 -10.96 12.30 65.27
N GLY JA 321 -11.86 13.02 64.61
CA GLY JA 321 -11.44 13.95 63.57
C GLY JA 321 -12.54 14.90 63.15
N PRO JA 322 -12.17 15.93 62.37
CA PRO JA 322 -13.16 16.91 61.90
C PRO JA 322 -14.13 16.37 60.86
N GLU JA 323 -15.00 17.25 60.36
CA GLU JA 323 -15.97 16.87 59.34
C GLU JA 323 -16.31 18.04 58.44
N PRO JA 338 -17.13 13.42 56.61
CA PRO JA 338 -16.14 12.79 57.48
C PRO JA 338 -14.71 13.05 57.01
N PHE JA 339 -13.75 12.93 57.93
CA PHE JA 339 -12.37 13.28 57.65
C PHE JA 339 -11.69 12.11 56.93
N GLU JA 340 -11.46 12.28 55.64
CA GLU JA 340 -10.76 11.27 54.86
C GLU JA 340 -9.27 11.30 55.19
N SER JA 341 -8.69 10.12 55.43
CA SER JA 341 -7.28 10.01 55.71
C SER JA 341 -6.52 9.68 54.43
N ASN JA 342 -5.20 9.80 54.50
CA ASN JA 342 -4.33 9.41 53.40
C ASN JA 342 -3.64 8.07 53.62
N THR JA 343 -3.36 7.72 54.88
CA THR JA 343 -2.75 6.42 55.14
C THR JA 343 -3.74 5.28 54.95
N ALA JA 344 -5.04 5.58 54.98
CA ALA JA 344 -6.03 4.58 54.61
C ALA JA 344 -6.18 4.47 53.11
N ARG JA 345 -5.69 5.46 52.36
CA ARG JA 345 -5.76 5.39 50.91
C ARG JA 345 -4.51 4.78 50.31
N SER JA 346 -3.33 5.18 50.80
CA SER JA 346 -2.10 4.68 50.21
C SER JA 346 -1.81 3.24 50.60
N MET JA 347 -2.36 2.78 51.72
CA MET JA 347 -2.16 1.40 52.13
C MET JA 347 -3.23 0.47 51.58
N GLN JA 348 -4.40 1.00 51.24
CA GLN JA 348 -5.35 0.22 50.45
C GLN JA 348 -4.84 0.02 49.03
N GLN JA 349 -3.89 0.85 48.58
CA GLN JA 349 -3.23 0.59 47.30
C GLN JA 349 -2.29 -0.60 47.39
N LEU JA 350 -1.65 -0.81 48.54
CA LEU JA 350 -0.85 -2.01 48.70
C LEU JA 350 -1.69 -3.26 48.86
N ALA JA 351 -2.90 -3.11 49.42
CA ALA JA 351 -3.81 -4.24 49.52
C ALA JA 351 -4.32 -4.65 48.14
N GLU JA 352 -4.42 -3.70 47.21
CA GLU JA 352 -4.81 -4.06 45.85
C GLU JA 352 -3.65 -4.67 45.09
N GLN JA 353 -2.42 -4.48 45.55
CA GLN JA 353 -1.30 -5.20 44.95
C GLN JA 353 -1.23 -6.62 45.46
N ALA JA 354 -1.66 -6.85 46.71
CA ALA JA 354 -1.61 -8.19 47.27
C ALA JA 354 -2.74 -9.06 46.74
N VAL JA 355 -3.80 -8.47 46.21
CA VAL JA 355 -4.84 -9.26 45.56
C VAL JA 355 -4.39 -9.63 44.15
N GLU JA 356 -3.76 -8.69 43.44
CA GLU JA 356 -3.32 -8.94 42.07
C GLU JA 356 -2.18 -9.94 42.02
N LYS JA 357 -1.23 -9.84 42.95
CA LYS JA 357 -0.09 -10.75 42.95
C LYS JA 357 -0.49 -12.15 43.38
N SER JA 358 -1.35 -12.26 44.39
CA SER JA 358 -1.78 -13.56 44.87
C SER JA 358 -2.92 -14.14 44.06
N GLY JA 359 -3.40 -13.42 43.05
CA GLY JA 359 -4.31 -14.00 42.07
C GLY JA 359 -3.62 -14.56 40.86
N ARG JA 360 -2.30 -14.39 40.76
CA ARG JA 360 -1.52 -14.95 39.68
C ARG JA 360 -0.98 -16.33 40.01
N ARG JA 361 -1.23 -16.83 41.22
CA ARG JA 361 -0.77 -18.15 41.62
C ARG JA 361 -1.73 -19.22 41.12
N PRO JA 362 -1.25 -20.25 40.44
CA PRO JA 362 -2.13 -21.30 39.96
C PRO JA 362 -2.50 -22.28 41.06
N ALA JA 363 -3.60 -22.98 40.84
CA ALA JA 363 -3.98 -24.06 41.73
C ALA JA 363 -3.16 -25.30 41.40
N THR JA 364 -3.06 -26.21 42.38
CA THR JA 364 -2.32 -27.44 42.19
C THR JA 364 -3.26 -28.62 42.33
N LEU JA 365 -2.84 -29.75 41.77
CA LEU JA 365 -3.43 -31.02 42.17
C LEU JA 365 -2.33 -32.04 42.33
N THR JA 366 -2.32 -32.70 43.49
CA THR JA 366 -1.29 -33.66 43.81
C THR JA 366 -1.82 -35.07 43.67
N ILE JA 367 -0.94 -35.99 43.29
CA ILE JA 367 -1.23 -37.41 43.27
C ILE JA 367 -0.17 -38.07 44.16
N ASN JA 368 -0.61 -38.79 45.18
CA ASN JA 368 0.31 -39.28 46.20
C ASN JA 368 1.16 -40.42 45.66
N GLN JA 369 2.16 -40.80 46.46
CA GLN JA 369 3.22 -41.68 45.99
C GLN JA 369 2.89 -43.15 46.10
N GLY JA 370 1.62 -43.53 46.20
CA GLY JA 370 1.33 -44.94 46.26
C GLY JA 370 0.18 -45.36 45.38
N THR JA 371 -0.46 -44.40 44.72
CA THR JA 371 -1.75 -44.63 44.08
C THR JA 371 -1.61 -45.54 42.87
N VAL JA 372 -2.56 -46.45 42.72
CA VAL JA 372 -2.55 -47.42 41.65
C VAL JA 372 -3.02 -46.74 40.38
N LEU JA 373 -2.10 -46.47 39.47
CA LEU JA 373 -2.44 -45.86 38.20
C LEU JA 373 -2.78 -46.95 37.19
N ASN JA 374 -2.97 -46.56 35.93
CA ASN JA 374 -3.31 -47.51 34.89
C ASN JA 374 -3.00 -46.84 33.56
N VAL JA 375 -2.52 -47.62 32.59
CA VAL JA 375 -2.05 -47.08 31.32
C VAL JA 375 -2.77 -47.79 30.18
N TYR JA 376 -3.36 -47.03 29.28
CA TYR JA 376 -4.00 -47.58 28.09
C TYR JA 376 -2.99 -47.52 26.97
N VAL JA 377 -2.55 -48.66 26.48
CA VAL JA 377 -1.65 -48.64 25.33
C VAL JA 377 -2.48 -48.35 24.08
N ALA JA 378 -1.96 -47.48 23.21
CA ALA JA 378 -2.73 -46.98 22.09
C ALA JA 378 -2.19 -47.37 20.73
N LYS JA 379 -1.03 -48.02 20.66
CA LYS JA 379 -0.54 -48.61 19.42
C LYS JA 379 0.10 -49.95 19.72
N ASP JA 380 0.13 -50.81 18.71
CA ASP JA 380 0.68 -52.14 18.86
C ASP JA 380 2.19 -52.08 19.00
N VAL JA 381 2.73 -52.94 19.86
CA VAL JA 381 4.17 -53.09 20.03
C VAL JA 381 4.50 -54.54 19.71
N ASP JA 382 5.53 -54.76 18.91
CA ASP JA 382 5.85 -56.09 18.40
C ASP JA 382 7.10 -56.60 19.10
N PHE JA 383 6.92 -57.58 19.97
CA PHE JA 383 8.01 -58.22 20.71
C PHE JA 383 8.56 -59.45 20.02
N SER JA 384 8.27 -59.66 18.74
CA SER JA 384 8.63 -60.93 18.11
C SER JA 384 10.12 -61.06 17.84
N ALA JA 385 10.84 -59.95 17.77
CA ALA JA 385 12.28 -59.95 17.52
C ALA JA 385 13.10 -60.12 18.78
N VAL JA 386 12.46 -60.45 19.89
CA VAL JA 386 13.08 -60.54 21.21
C VAL JA 386 12.91 -61.92 21.81
N LEU JA 387 11.70 -62.47 21.74
CA LEU JA 387 11.34 -63.69 22.44
C LEU JA 387 12.11 -64.87 21.87
N PRO JA 388 12.52 -65.82 22.71
CA PRO JA 388 13.29 -66.96 22.22
C PRO JA 388 12.44 -67.89 21.38
N LYS JA 389 13.10 -68.53 20.42
CA LYS JA 389 12.40 -69.35 19.44
C LYS JA 389 12.51 -70.83 19.79
N CYS KA 22 7.91 -12.63 60.06
CA CYS KA 22 7.63 -12.85 58.65
C CYS KA 22 8.90 -13.16 57.87
N ALA KA 23 10.04 -13.15 58.56
CA ALA KA 23 11.35 -13.30 57.92
C ALA KA 23 11.61 -14.76 57.57
N THR KA 24 12.82 -15.05 57.12
CA THR KA 24 13.19 -16.36 56.62
C THR KA 24 13.86 -17.17 57.72
N LYS KA 25 13.40 -18.41 57.89
CA LYS KA 25 14.00 -19.32 58.86
C LYS KA 25 15.37 -19.79 58.40
N PRO KA 26 16.43 -19.57 59.17
CA PRO KA 26 17.77 -19.98 58.72
C PRO KA 26 18.02 -21.47 58.84
N ALA KA 27 19.26 -21.87 58.57
CA ALA KA 27 19.67 -23.26 58.70
C ALA KA 27 19.75 -23.66 60.17
N PRO KA 28 19.64 -24.95 60.48
CA PRO KA 28 19.81 -25.38 61.87
C PRO KA 28 21.23 -25.16 62.37
N ASP KA 29 21.35 -24.97 63.68
CA ASP KA 29 22.61 -24.69 64.32
C ASP KA 29 22.91 -25.76 65.34
N PHE KA 30 24.20 -25.99 65.60
CA PHE KA 30 24.62 -27.06 66.49
C PHE KA 30 24.63 -26.59 67.94
N GLY KA 31 25.22 -27.38 68.82
CA GLY KA 31 25.33 -27.03 70.22
C GLY KA 31 25.45 -28.26 71.09
N GLY KA 32 26.35 -28.22 72.08
CA GLY KA 32 26.58 -29.39 72.90
C GLY KA 32 27.74 -29.28 73.86
N ARG KA 33 28.56 -30.33 73.92
CA ARG KA 33 29.51 -30.51 75.00
C ARG KA 33 30.96 -30.32 74.58
N TRP KA 34 31.26 -30.36 73.28
CA TRP KA 34 32.60 -30.34 72.71
C TRP KA 34 33.46 -31.49 73.24
N LYS KA 35 33.02 -32.70 72.90
CA LYS KA 35 33.88 -33.86 73.06
C LYS KA 35 34.97 -33.84 71.98
N HIS KA 36 36.09 -34.49 72.24
CA HIS KA 36 37.21 -34.45 71.32
C HIS KA 36 37.19 -35.64 70.38
N VAL KA 37 37.59 -35.40 69.12
CA VAL KA 37 37.42 -36.39 68.06
C VAL KA 37 38.47 -37.48 68.17
N ASN KA 38 39.74 -37.10 68.06
CA ASN KA 38 40.85 -38.05 67.91
C ASN KA 38 41.12 -38.71 69.27
N HIS KA 39 40.34 -39.73 69.57
CA HIS KA 39 40.33 -40.35 70.89
C HIS KA 39 40.78 -41.80 70.79
N PHE KA 40 41.92 -42.10 71.41
CA PHE KA 40 42.32 -43.49 71.62
C PHE KA 40 41.42 -44.13 72.66
N ASP KA 41 41.16 -45.41 72.49
CA ASP KA 41 40.40 -46.17 73.46
C ASP KA 41 41.34 -46.83 74.47
N GLU KA 42 40.80 -47.71 75.31
CA GLU KA 42 41.60 -48.42 76.29
C GLU KA 42 41.53 -49.93 76.14
N ALA KA 43 40.66 -50.44 75.27
CA ALA KA 43 40.54 -51.88 75.07
C ALA KA 43 41.20 -52.26 73.76
N PRO KA 44 42.29 -53.00 73.78
CA PRO KA 44 42.92 -53.42 72.51
C PRO KA 44 42.14 -54.52 71.81
N THR KA 45 41.14 -54.10 71.02
CA THR KA 45 40.34 -55.02 70.22
C THR KA 45 41.22 -55.76 69.22
N GLU KA 46 41.16 -57.10 69.26
CA GLU KA 46 42.02 -57.94 68.46
C GLU KA 46 41.34 -58.24 67.13
N ILE KA 47 41.82 -57.61 66.06
CA ILE KA 47 41.31 -57.86 64.71
C ILE KA 47 42.00 -59.08 64.15
N PRO KA 48 41.27 -60.12 63.77
CA PRO KA 48 41.90 -61.29 63.16
C PRO KA 48 42.39 -60.99 61.75
N LEU KA 49 43.42 -61.72 61.35
CA LEU KA 49 43.99 -61.60 60.01
C LEU KA 49 43.57 -62.73 59.08
N TYR KA 50 43.53 -63.96 59.58
CA TYR KA 50 43.27 -65.14 58.76
C TYR KA 50 41.95 -65.75 59.23
N THR KA 51 40.87 -65.45 58.50
CA THR KA 51 39.53 -65.88 58.88
C THR KA 51 39.14 -67.11 58.05
N SER KA 52 38.68 -68.15 58.74
CA SER KA 52 38.24 -69.37 58.08
C SER KA 52 36.77 -69.25 57.69
N TYR KA 53 36.17 -70.36 57.25
CA TYR KA 53 34.79 -70.39 56.83
C TYR KA 53 33.94 -71.02 57.92
N THR KA 54 32.91 -70.30 58.37
CA THR KA 54 32.03 -70.77 59.43
C THR KA 54 30.79 -71.41 58.81
N TYR KA 55 30.61 -72.71 59.05
CA TYR KA 55 29.40 -73.40 58.64
C TYR KA 55 28.25 -72.92 59.51
N GLN KA 56 27.27 -72.26 58.91
CA GLN KA 56 26.13 -71.76 59.65
C GLN KA 56 24.90 -71.81 58.75
N ALA KA 57 23.77 -71.40 59.32
CA ALA KA 57 22.46 -71.51 58.67
C ALA KA 57 21.86 -70.13 58.51
N THR KA 58 21.83 -69.64 57.28
CA THR KA 58 21.17 -68.38 56.99
C THR KA 58 19.66 -68.58 56.94
N PRO KA 59 18.87 -67.51 57.07
CA PRO KA 59 17.43 -67.63 56.82
C PRO KA 59 17.06 -67.66 55.35
N MET KA 60 18.00 -67.38 54.44
CA MET KA 60 17.64 -67.28 53.03
C MET KA 60 17.41 -68.65 52.40
N ASP KA 61 18.35 -69.57 52.55
CA ASP KA 61 18.17 -70.92 52.04
C ASP KA 61 17.06 -71.64 52.81
N GLY KA 62 15.97 -71.95 52.11
CA GLY KA 62 14.75 -72.37 52.76
C GLY KA 62 14.79 -73.77 53.32
N THR KA 63 15.19 -74.74 52.52
CA THR KA 63 15.07 -76.14 52.89
C THR KA 63 16.43 -76.71 53.32
N LEU KA 64 16.41 -77.97 53.74
CA LEU KA 64 17.64 -78.63 54.16
C LEU KA 64 18.53 -78.95 52.97
N LYS KA 65 17.95 -79.17 51.80
CA LYS KA 65 18.77 -79.51 50.63
C LYS KA 65 19.50 -78.28 50.10
N THR KA 66 18.83 -77.13 50.10
CA THR KA 66 19.45 -75.91 49.59
C THR KA 66 20.52 -75.37 50.54
N MET KA 67 20.45 -75.73 51.82
CA MET KA 67 21.51 -75.33 52.74
C MET KA 67 22.75 -76.18 52.55
N LEU KA 68 22.57 -77.47 52.27
CA LEU KA 68 23.73 -78.33 52.07
C LEU KA 68 24.28 -78.23 50.66
N GLU KA 69 23.52 -77.69 49.71
CA GLU KA 69 24.10 -77.41 48.40
C GLU KA 69 25.04 -76.23 48.44
N ARG KA 70 24.87 -75.33 49.40
CA ARG KA 70 25.79 -74.20 49.53
C ARG KA 70 26.81 -74.39 50.63
N TRP KA 71 26.75 -75.47 51.41
CA TRP KA 71 27.91 -75.85 52.20
C TRP KA 71 28.90 -76.62 51.35
N ALA KA 72 28.40 -77.43 50.43
CA ALA KA 72 29.29 -78.16 49.53
C ALA KA 72 29.92 -77.23 48.51
N ALA KA 73 29.20 -76.20 48.09
CA ALA KA 73 29.74 -75.29 47.09
C ALA KA 73 30.78 -74.36 47.70
N ASP KA 74 30.55 -73.92 48.94
CA ASP KA 74 31.46 -73.00 49.61
C ASP KA 74 32.61 -73.70 50.32
N SER KA 75 32.80 -75.00 50.08
CA SER KA 75 33.89 -75.73 50.69
C SER KA 75 34.56 -76.73 49.76
N ASN KA 76 34.16 -76.77 48.49
CA ASN KA 76 34.63 -77.71 47.47
C ASN KA 76 34.45 -79.17 47.93
N MET KA 77 33.18 -79.53 48.13
CA MET KA 77 32.80 -80.91 48.40
C MET KA 77 31.61 -81.27 47.52
N GLN KA 78 31.28 -82.56 47.51
CA GLN KA 78 30.18 -83.07 46.71
C GLN KA 78 29.03 -83.46 47.61
N LEU KA 79 27.81 -83.22 47.14
CA LEU KA 79 26.61 -83.54 47.90
C LEU KA 79 25.91 -84.75 47.28
N SER KA 80 25.68 -85.76 48.11
CA SER KA 80 24.90 -86.93 47.72
C SER KA 80 23.65 -86.95 48.60
N TYR KA 81 22.62 -86.25 48.16
CA TYR KA 81 21.35 -86.20 48.87
C TYR KA 81 20.54 -87.42 48.46
N ASN KA 82 20.39 -88.37 49.37
CA ASN KA 82 19.73 -89.64 49.07
C ASN KA 82 18.45 -89.80 49.88
N LEU KA 83 17.67 -88.74 49.97
CA LEU KA 83 16.36 -88.84 50.58
C LEU KA 83 15.27 -88.63 49.52
N PRO KA 84 14.13 -89.33 49.64
CA PRO KA 84 13.07 -89.14 48.65
C PRO KA 84 12.30 -87.83 48.80
N SER KA 85 12.51 -87.09 49.88
CA SER KA 85 11.80 -85.83 50.07
C SER KA 85 12.69 -84.85 50.81
N ASP KA 86 12.27 -83.60 50.85
CA ASP KA 86 13.07 -82.49 51.34
C ASP KA 86 12.38 -81.84 52.53
N TYR KA 87 13.17 -81.43 53.52
CA TYR KA 87 12.66 -80.88 54.77
C TYR KA 87 13.04 -79.41 54.88
N THR KA 88 12.12 -78.61 55.42
CA THR KA 88 12.42 -77.20 55.62
C THR KA 88 13.19 -76.99 56.91
N LEU KA 89 13.82 -75.83 57.03
CA LEU KA 89 14.66 -75.53 58.18
C LEU KA 89 13.81 -75.07 59.35
N ILE KA 90 14.18 -75.51 60.55
CA ILE KA 90 13.40 -75.23 61.75
C ILE KA 90 14.20 -74.39 62.73
N GLY KA 91 13.58 -74.09 63.87
CA GLY KA 91 14.13 -73.25 64.91
C GLY KA 91 15.52 -73.58 65.45
N PRO KA 92 15.74 -74.80 65.96
CA PRO KA 92 17.06 -75.15 66.49
C PRO KA 92 18.16 -75.31 65.45
N VAL KA 93 17.90 -75.09 64.16
CA VAL KA 93 18.96 -75.10 63.18
C VAL KA 93 19.81 -73.84 63.32
N SER KA 94 19.21 -72.74 63.77
CA SER KA 94 19.91 -71.48 63.90
C SER KA 94 20.73 -71.39 65.18
N ALA KA 95 21.56 -72.40 65.43
CA ALA KA 95 22.55 -72.36 66.49
C ALA KA 95 23.87 -72.96 66.06
N ILE KA 96 23.97 -73.47 64.84
CA ILE KA 96 25.20 -74.07 64.33
C ILE KA 96 26.10 -72.95 63.83
N SER KA 97 27.29 -72.84 64.40
CA SER KA 97 28.28 -71.89 63.93
C SER KA 97 29.65 -72.48 64.24
N THR KA 98 30.25 -73.15 63.25
CA THR KA 98 31.48 -73.89 63.47
C THR KA 98 32.33 -73.77 62.22
N THR KA 99 33.64 -73.64 62.41
CA THR KA 99 34.61 -73.70 61.32
C THR KA 99 35.03 -75.12 60.97
N SER KA 100 34.34 -76.11 61.50
CA SER KA 100 34.61 -77.52 61.25
C SER KA 100 33.38 -78.17 60.63
N VAL KA 101 33.61 -78.94 59.56
CA VAL KA 101 32.48 -79.56 58.87
C VAL KA 101 31.94 -80.74 59.66
N GLN KA 102 32.78 -81.42 60.43
CA GLN KA 102 32.35 -82.61 61.14
C GLN KA 102 31.49 -82.25 62.35
N GLN KA 103 31.81 -81.13 63.01
CA GLN KA 103 31.03 -80.73 64.18
C GLN KA 103 29.71 -80.10 63.77
N ALA KA 104 29.63 -79.60 62.53
CA ALA KA 104 28.38 -79.02 62.02
C ALA KA 104 27.45 -80.10 61.49
N ALA KA 105 28.00 -81.18 60.95
CA ALA KA 105 27.16 -82.29 60.53
C ALA KA 105 26.67 -83.10 61.72
N THR KA 106 27.38 -83.02 62.84
CA THR KA 106 26.92 -83.68 64.05
C THR KA 106 25.76 -82.93 64.69
N GLU KA 107 25.89 -81.59 64.77
CA GLU KA 107 24.81 -80.78 65.35
C GLU KA 107 23.58 -80.75 64.46
N LEU KA 108 23.74 -80.99 63.16
CA LEU KA 108 22.59 -81.01 62.28
C LEU KA 108 21.78 -82.29 62.46
N SER KA 109 22.47 -83.43 62.55
CA SER KA 109 21.79 -84.71 62.69
C SER KA 109 21.15 -84.89 64.06
N ALA KA 110 21.57 -84.11 65.06
CA ALA KA 110 20.87 -84.10 66.34
C ALA KA 110 19.53 -83.38 66.22
N VAL KA 111 19.44 -82.40 65.32
CA VAL KA 111 18.19 -81.68 65.14
C VAL KA 111 17.18 -82.53 64.38
N TYR KA 112 17.59 -83.07 63.24
CA TYR KA 112 16.72 -83.88 62.39
C TYR KA 112 16.84 -85.37 62.71
N ALA KA 113 16.70 -85.70 63.98
CA ALA KA 113 16.69 -87.09 64.40
C ALA KA 113 15.29 -87.67 64.43
N ALA KA 114 14.27 -86.83 64.55
CA ALA KA 114 12.90 -87.30 64.60
C ALA KA 114 12.38 -87.76 63.25
N GLN KA 115 13.02 -87.34 62.17
CA GLN KA 115 12.57 -87.69 60.82
C GLN KA 115 13.48 -88.71 60.16
N GLY KA 116 14.46 -89.24 60.87
CA GLY KA 116 15.36 -90.23 60.32
C GLY KA 116 16.30 -89.67 59.27
N VAL KA 117 16.96 -88.57 59.59
CA VAL KA 117 17.89 -87.92 58.68
C VAL KA 117 19.27 -87.93 59.33
N SER KA 118 20.22 -88.57 58.67
CA SER KA 118 21.60 -88.65 59.16
C SER KA 118 22.52 -88.04 58.12
N VAL KA 119 23.29 -87.04 58.53
CA VAL KA 119 24.22 -86.33 57.65
C VAL KA 119 25.63 -86.58 58.15
N SER KA 120 26.49 -87.10 57.29
CA SER KA 120 27.87 -87.40 57.66
C SER KA 120 28.79 -87.01 56.50
N VAL KA 121 30.08 -87.00 56.78
CA VAL KA 121 31.10 -86.59 55.82
C VAL KA 121 32.07 -87.75 55.63
N SER KA 122 32.13 -88.27 54.41
CA SER KA 122 33.09 -89.33 54.08
C SER KA 122 34.38 -88.75 53.52
N ALA KA 123 34.93 -87.74 54.22
CA ALA KA 123 36.25 -87.15 54.09
C ALA KA 123 36.48 -86.35 52.81
N ASN KA 124 35.57 -86.43 51.84
CA ASN KA 124 35.61 -85.57 50.68
C ASN KA 124 34.25 -85.16 50.17
N LYS KA 125 33.17 -85.57 50.83
CA LYS KA 125 31.81 -85.38 50.31
C LYS KA 125 30.83 -85.58 51.45
N LEU KA 126 29.63 -85.02 51.27
CA LEU KA 126 28.57 -85.13 52.27
C LEU KA 126 27.59 -86.23 51.87
N LEU KA 127 27.12 -86.97 52.86
CA LEU KA 127 26.19 -88.06 52.65
C LEU KA 127 24.92 -87.79 53.46
N VAL KA 128 23.78 -87.75 52.77
CA VAL KA 128 22.48 -87.57 53.41
C VAL KA 128 21.70 -88.86 53.17
N GLN KA 129 21.64 -89.72 54.17
CA GLN KA 129 21.02 -91.02 54.09
C GLN KA 129 20.13 -91.22 55.31
N PRO KA 130 19.13 -92.09 55.23
CA PRO KA 130 18.33 -92.40 56.41
C PRO KA 130 19.15 -93.12 57.47
N VAL KA 131 18.68 -93.01 58.71
CA VAL KA 131 19.39 -93.59 59.85
C VAL KA 131 19.20 -95.11 59.84
N PRO KA 132 20.24 -95.89 60.12
CA PRO KA 132 20.08 -97.36 60.24
C PRO KA 132 19.24 -97.77 61.43
N GLN LA 27 63.29 -34.57 18.76
CA GLN LA 27 63.90 -35.21 17.60
C GLN LA 27 62.88 -35.40 16.48
N VAL LA 28 61.73 -35.93 16.85
CA VAL LA 28 60.61 -36.11 15.94
C VAL LA 28 59.52 -35.08 16.19
N VAL LA 29 59.12 -34.92 17.46
CA VAL LA 29 58.29 -33.82 17.91
C VAL LA 29 59.17 -32.95 18.78
N GLN LA 30 59.51 -31.76 18.31
CA GLN LA 30 60.48 -30.91 18.99
C GLN LA 30 59.80 -29.69 19.59
N GLU LA 31 60.14 -29.39 20.84
CA GLU LA 31 59.66 -28.20 21.51
C GLU LA 31 60.73 -27.13 21.47
N TYR LA 32 60.32 -25.89 21.19
CA TYR LA 32 61.19 -24.74 21.29
C TYR LA 32 60.70 -23.83 22.40
N GLU LA 33 61.64 -23.14 23.05
CA GLU LA 33 61.29 -22.15 24.06
C GLU LA 33 61.29 -20.78 23.41
N TYR LA 34 60.20 -20.04 23.60
CA TYR LA 34 60.06 -18.76 22.93
C TYR LA 34 60.96 -17.71 23.58
N ALA LA 35 61.87 -17.16 22.79
CA ALA LA 35 62.64 -15.98 23.14
C ALA LA 35 62.53 -14.98 22.00
N PRO LA 36 62.55 -13.69 22.29
CA PRO LA 36 62.40 -12.69 21.23
C PRO LA 36 63.61 -12.65 20.30
N ASP LA 37 63.34 -12.67 19.00
CA ASP LA 37 64.31 -12.60 17.91
C ASP LA 37 65.32 -13.74 17.97
N ARG LA 38 64.80 -14.96 17.82
CA ARG LA 38 65.59 -16.17 17.75
C ARG LA 38 65.26 -16.90 16.46
N ILE LA 39 66.25 -17.54 15.86
CA ILE LA 39 66.08 -18.23 14.59
C ILE LA 39 65.76 -19.70 14.89
N TYR LA 40 64.53 -20.10 14.64
CA TYR LA 40 64.09 -21.47 14.90
C TYR LA 40 64.19 -22.28 13.61
N GLN LA 41 64.85 -23.44 13.68
CA GLN LA 41 65.06 -24.26 12.50
C GLN LA 41 63.98 -25.33 12.41
N VAL LA 42 63.31 -25.37 11.27
CA VAL LA 42 62.28 -26.35 10.97
C VAL LA 42 62.78 -27.20 9.82
N ARG LA 43 62.89 -28.51 10.04
CA ARG LA 43 63.43 -29.43 9.05
C ARG LA 43 62.31 -30.28 8.49
N THR LA 44 62.10 -30.21 7.19
CA THR LA 44 60.96 -30.86 6.55
C THR LA 44 61.45 -31.99 5.64
N GLY LA 45 60.48 -32.76 5.14
CA GLY LA 45 60.75 -33.79 4.17
C GLY LA 45 59.79 -33.64 2.99
N LEU LA 46 60.07 -34.38 1.93
CA LEU LA 46 59.43 -34.06 0.65
C LEU LA 46 57.99 -34.53 0.56
N GLY LA 47 57.65 -35.69 1.13
CA GLY LA 47 56.28 -36.13 1.12
C GLY LA 47 55.66 -36.22 2.51
N ILE LA 48 55.98 -35.24 3.36
CA ILE LA 48 55.68 -35.27 4.79
C ILE LA 48 55.17 -33.91 5.21
N THR LA 49 53.99 -33.87 5.84
CA THR LA 49 53.55 -32.64 6.48
C THR LA 49 54.30 -32.43 7.78
N THR LA 50 54.73 -31.20 8.01
CA THR LA 50 55.24 -30.76 9.29
C THR LA 50 54.34 -29.64 9.76
N GLN LA 51 53.83 -29.72 10.98
CA GLN LA 51 53.04 -28.63 11.51
C GLN LA 51 53.84 -27.86 12.54
N VAL LA 52 53.74 -26.54 12.48
CA VAL LA 52 54.20 -25.68 13.57
C VAL LA 52 52.97 -25.21 14.31
N GLU LA 53 53.04 -25.19 15.64
CA GLU LA 53 51.89 -24.85 16.45
C GLU LA 53 52.24 -23.67 17.35
N LEU LA 54 51.57 -22.56 17.13
CA LEU LA 54 51.80 -21.34 17.88
C LEU LA 54 50.91 -21.35 19.12
N SER LA 55 50.85 -20.23 19.81
CA SER LA 55 50.02 -20.19 21.01
C SER LA 55 48.54 -20.06 20.62
N PRO LA 56 47.65 -20.72 21.35
CA PRO LA 56 46.21 -20.52 21.10
C PRO LA 56 45.69 -19.17 21.55
N ASN LA 57 46.49 -18.41 22.30
CA ASN LA 57 46.00 -17.19 22.93
C ASN LA 57 45.90 -16.05 21.92
N GLU LA 58 46.93 -15.85 21.11
CA GLU LA 58 47.04 -14.69 20.24
C GLU LA 58 46.60 -15.01 18.82
N LYS LA 59 46.09 -13.99 18.14
CA LYS LA 59 45.65 -14.10 16.76
C LYS LA 59 46.80 -13.75 15.82
N ILE LA 60 46.94 -14.54 14.76
CA ILE LA 60 48.02 -14.35 13.79
C ILE LA 60 47.64 -13.21 12.85
N LEU LA 61 48.47 -12.18 12.81
CA LEU LA 61 48.21 -11.03 11.93
C LEU LA 61 48.59 -11.34 10.49
N ASP LA 62 49.85 -11.66 10.25
CA ASP LA 62 50.33 -11.88 8.90
C ASP LA 62 51.52 -12.82 8.90
N TYR LA 63 51.90 -13.27 7.71
CA TYR LA 63 53.03 -14.17 7.53
C TYR LA 63 53.51 -14.03 6.10
N SER LA 64 54.80 -14.26 5.89
CA SER LA 64 55.36 -14.19 4.55
C SER LA 64 56.63 -15.03 4.49
N THR LA 65 56.66 -15.99 3.59
CA THR LA 65 57.84 -16.79 3.34
C THR LA 65 58.50 -16.40 2.02
N GLY LA 66 59.82 -16.40 2.01
CA GLY LA 66 60.52 -16.23 0.76
C GLY LA 66 60.39 -17.47 -0.09
N PHE LA 67 60.37 -17.27 -1.41
CA PHE LA 67 60.19 -18.32 -2.43
C PHE LA 67 58.88 -19.07 -2.19
N THR LA 68 57.78 -18.33 -2.39
CA THR LA 68 56.45 -18.80 -2.06
C THR LA 68 56.04 -20.00 -2.92
N GLY LA 69 56.49 -20.05 -4.16
CA GLY LA 69 56.11 -21.14 -5.04
C GLY LA 69 56.93 -22.41 -4.90
N GLY LA 70 57.43 -22.68 -3.70
CA GLY LA 70 58.13 -23.92 -3.44
C GLY LA 70 57.71 -24.48 -2.10
N TRP LA 71 56.61 -23.95 -1.56
CA TRP LA 71 56.11 -24.36 -0.25
C TRP LA 71 54.60 -24.28 -0.27
N GLU LA 72 53.95 -25.43 -0.10
CA GLU LA 72 52.50 -25.51 0.06
C GLU LA 72 52.18 -25.43 1.55
N LEU LA 73 51.69 -24.29 2.00
CA LEU LA 73 51.39 -24.11 3.42
C LEU LA 73 50.01 -23.51 3.58
N THR LA 74 49.21 -24.09 4.47
CA THR LA 74 47.89 -23.61 4.82
C THR LA 74 47.83 -23.41 6.32
N ARG LA 75 46.91 -22.56 6.78
CA ARG LA 75 46.77 -22.31 8.21
C ARG LA 75 45.35 -22.54 8.68
N ARG LA 76 45.23 -23.01 9.92
CA ARG LA 76 43.95 -23.09 10.62
C ARG LA 76 44.13 -22.46 12.01
N GLU LA 77 44.12 -21.13 12.02
CA GLU LA 77 43.96 -20.22 13.17
C GLU LA 77 45.10 -20.19 14.17
N ASN LA 78 45.92 -21.24 14.27
CA ASN LA 78 47.24 -21.12 14.89
C ASN LA 78 48.27 -22.11 14.37
N VAL LA 79 47.94 -22.98 13.42
CA VAL LA 79 48.81 -24.07 13.02
C VAL LA 79 49.06 -23.98 11.52
N PHE LA 80 50.31 -24.10 11.12
CA PHE LA 80 50.70 -24.04 9.72
C PHE LA 80 51.18 -25.42 9.30
N TYR LA 81 50.52 -26.00 8.31
CA TYR LA 81 50.92 -27.31 7.79
C TYR LA 81 51.85 -27.08 6.60
N LEU LA 82 53.13 -27.33 6.80
CA LEU LA 82 54.16 -27.04 5.81
C LEU LA 82 54.54 -28.28 5.03
N LYS LA 83 54.68 -28.14 3.73
CA LYS LA 83 55.31 -29.19 2.93
C LYS LA 83 55.98 -28.52 1.75
N PRO LA 84 57.18 -28.97 1.39
CA PRO LA 84 57.89 -28.39 0.25
C PRO LA 84 57.34 -28.91 -1.06
N LYS LA 85 57.87 -28.40 -2.16
CA LYS LA 85 57.49 -28.87 -3.48
C LYS LA 85 58.65 -29.33 -4.33
N ASN LA 86 59.89 -29.01 -3.98
CA ASN LA 86 61.03 -29.44 -4.77
C ASN LA 86 62.21 -29.60 -3.82
N VAL LA 87 63.35 -30.02 -4.36
CA VAL LA 87 64.45 -30.50 -3.54
C VAL LA 87 65.24 -29.35 -2.91
N ASP LA 88 65.27 -28.17 -3.53
CA ASP LA 88 66.03 -27.04 -3.00
C ASP LA 88 65.11 -25.82 -2.87
N VAL LA 89 64.37 -25.76 -1.78
CA VAL LA 89 63.41 -24.69 -1.53
C VAL LA 89 63.69 -24.09 -0.16
N ASP LA 90 64.95 -24.12 0.26
CA ASP LA 90 65.33 -23.62 1.59
C ASP LA 90 65.09 -22.13 1.68
N THR LA 91 64.39 -21.70 2.72
CA THR LA 91 63.99 -20.31 2.84
C THR LA 91 63.73 -19.99 4.30
N ASN LA 92 63.29 -18.75 4.54
CA ASN LA 92 62.79 -18.34 5.83
C ASN LA 92 61.27 -18.19 5.80
N MET LA 93 60.68 -18.15 6.99
CA MET LA 93 59.28 -17.78 7.11
C MET LA 93 59.12 -17.00 8.40
N MET LA 94 58.39 -15.89 8.31
CA MET LA 94 58.23 -14.98 9.43
C MET LA 94 56.76 -14.86 9.76
N ILE LA 95 56.42 -15.18 11.00
CA ILE LA 95 55.05 -15.09 11.49
C ILE LA 95 55.03 -13.93 12.48
N ARG LA 96 54.01 -13.09 12.39
CA ARG LA 96 53.87 -11.94 13.27
C ARG LA 96 52.47 -11.98 13.85
N THR LA 97 52.36 -12.29 15.13
CA THR LA 97 51.10 -12.27 15.84
C THR LA 97 50.91 -10.90 16.49
N ALA LA 98 49.97 -10.80 17.43
CA ALA LA 98 49.70 -9.52 18.08
C ALA LA 98 50.82 -9.12 19.02
N THR LA 99 51.48 -10.09 19.67
CA THR LA 99 52.54 -9.75 20.62
C THR LA 99 53.79 -10.60 20.47
N HIS LA 100 53.82 -11.57 19.55
CA HIS LA 100 54.99 -12.40 19.34
C HIS LA 100 55.48 -12.24 17.90
N SER LA 101 56.73 -12.60 17.68
CA SER LA 101 57.34 -12.52 16.36
C SER LA 101 58.30 -13.69 16.19
N TYR LA 102 58.05 -14.51 15.18
CA TYR LA 102 58.79 -15.74 14.96
C TYR LA 102 59.59 -15.63 13.68
N ILE LA 103 60.82 -16.12 13.68
CA ILE LA 103 61.64 -16.19 12.48
C ILE LA 103 62.02 -17.65 12.30
N LEU LA 104 61.29 -18.34 11.43
CA LEU LA 104 61.53 -19.75 11.17
C LEU LA 104 62.50 -19.89 10.01
N GLU LA 105 63.31 -20.95 10.06
CA GLU LA 105 64.37 -21.18 9.08
C GLU LA 105 64.11 -22.54 8.45
N LEU LA 106 63.35 -22.53 7.35
CA LEU LA 106 62.84 -23.75 6.73
C LEU LA 106 63.93 -24.47 5.94
N LYS LA 107 64.03 -25.77 6.13
CA LYS LA 107 65.02 -26.59 5.45
C LYS LA 107 64.33 -27.78 4.80
N VAL LA 108 65.07 -28.49 3.96
CA VAL LA 108 64.64 -29.76 3.38
C VAL LA 108 65.75 -30.77 3.62
N VAL LA 109 65.44 -31.82 4.37
CA VAL LA 109 66.47 -32.74 4.84
C VAL LA 109 66.27 -34.17 4.35
N ALA LA 110 65.05 -34.57 3.97
CA ALA LA 110 64.80 -35.91 3.45
C ALA LA 110 64.00 -35.78 2.16
N THR LA 111 64.58 -36.25 1.06
CA THR LA 111 63.94 -36.12 -0.25
C THR LA 111 63.95 -37.40 -1.07
N ASP LA 112 64.80 -38.38 -0.76
CA ASP LA 112 65.03 -39.54 -1.60
C ASP LA 112 64.54 -40.83 -0.94
N TRP LA 113 63.84 -40.70 0.18
CA TRP LA 113 63.48 -41.86 0.99
C TRP LA 113 62.39 -42.68 0.32
N GLN LA 114 62.50 -44.00 0.48
CA GLN LA 114 61.46 -44.93 0.07
C GLN LA 114 60.68 -45.49 1.24
N ARG LA 115 61.35 -45.67 2.37
CA ARG LA 115 60.76 -46.17 3.60
C ARG LA 115 60.71 -45.02 4.60
N LEU LA 116 59.62 -44.92 5.34
CA LEU LA 116 59.38 -43.73 6.16
C LEU LA 116 60.25 -43.68 7.40
N GLU LA 117 60.90 -44.80 7.75
CA GLU LA 117 61.92 -44.79 8.78
C GLU LA 117 63.19 -44.09 8.33
N GLN LA 118 63.43 -44.01 7.01
CA GLN LA 118 64.62 -43.32 6.53
C GLN LA 118 64.52 -41.82 6.67
N ALA LA 119 63.30 -41.27 6.72
CA ALA LA 119 63.16 -39.84 6.96
C ALA LA 119 63.27 -39.51 8.44
N LYS LA 120 62.96 -40.47 9.31
CA LYS LA 120 63.20 -40.29 10.74
C LYS LA 120 64.68 -40.12 11.02
N GLN LA 121 65.51 -40.97 10.43
CA GLN LA 121 66.95 -40.94 10.66
C GLN LA 121 67.61 -39.77 9.95
N ALA LA 122 67.01 -39.31 8.84
CA ALA LA 122 67.53 -38.12 8.17
C ALA LA 122 67.31 -36.88 9.01
N GLY LA 123 66.26 -36.85 9.81
CA GLY LA 123 66.11 -35.79 10.78
C GLY LA 123 64.91 -34.89 10.56
N VAL LA 124 63.81 -35.43 10.03
CA VAL LA 124 62.64 -34.61 9.83
C VAL LA 124 61.97 -34.34 11.18
N GLN LA 125 61.11 -33.32 11.18
CA GLN LA 125 60.36 -32.95 12.37
C GLN LA 125 58.88 -33.00 12.01
N TYR LA 126 58.17 -33.95 12.61
CA TYR LA 126 56.73 -34.08 12.36
C TYR LA 126 55.96 -32.90 12.95
N LYS LA 127 56.27 -32.51 14.18
CA LYS LA 127 55.55 -31.45 14.85
C LYS LA 127 56.56 -30.47 15.45
N VAL LA 128 56.20 -29.20 15.46
CA VAL LA 128 56.96 -28.15 16.16
C VAL LA 128 55.99 -27.38 17.05
N VAL LA 129 56.26 -27.36 18.35
CA VAL LA 129 55.45 -26.60 19.29
C VAL LA 129 56.35 -25.67 20.09
N PHE LA 130 55.80 -24.54 20.49
CA PHE LA 130 56.53 -23.51 21.22
C PHE LA 130 56.04 -23.45 22.65
N THR LA 131 56.97 -23.49 23.60
CA THR LA 131 56.66 -23.30 25.01
C THR LA 131 56.98 -21.87 25.40
N TYR LA 132 56.12 -21.29 26.24
CA TYR LA 132 56.20 -19.86 26.54
C TYR LA 132 56.49 -19.65 28.02
N PRO LA 133 57.70 -19.27 28.39
CA PRO LA 133 58.00 -19.05 29.80
C PRO LA 133 57.45 -17.74 30.30
N LYS LA 134 57.35 -17.62 31.62
CA LYS LA 134 56.98 -16.36 32.22
C LYS LA 134 58.23 -15.49 32.37
N ASP LA 135 58.02 -14.24 32.74
CA ASP LA 135 59.10 -13.26 32.79
C ASP LA 135 60.07 -13.58 33.92
N THR LA 136 61.34 -13.23 33.72
CA THR LA 136 62.38 -13.63 34.67
C THR LA 136 62.33 -12.81 35.95
N SER LA 137 61.55 -11.72 35.97
CA SER LA 137 61.41 -10.97 37.22
C SER LA 137 60.46 -11.69 38.17
N PHE LA 138 59.65 -12.61 37.65
CA PHE LA 138 58.81 -13.41 38.52
C PHE LA 138 59.49 -14.71 38.93
N ASN LA 139 60.58 -15.07 38.24
CA ASN LA 139 61.31 -16.29 38.61
C ASN LA 139 62.17 -16.05 39.84
N ASN LA 140 62.47 -14.79 40.15
CA ASN LA 140 63.20 -14.48 41.38
C ASN LA 140 62.31 -14.66 42.60
N VAL LA 141 61.00 -14.60 42.42
CA VAL LA 141 60.04 -14.82 43.50
C VAL LA 141 59.77 -16.30 43.67
N LYS LA 148 57.28 -27.91 44.70
CA LYS LA 148 58.01 -28.72 43.74
C LYS LA 148 58.17 -30.15 44.25
N ASN LA 149 58.36 -30.28 45.57
CA ASN LA 149 58.60 -31.58 46.20
C ASN LA 149 57.27 -32.33 46.33
N GLY LA 150 56.86 -32.92 45.21
CA GLY LA 150 55.66 -33.71 45.17
C GLY LA 150 54.40 -32.87 45.23
N PRO LA 151 53.25 -33.53 45.37
CA PRO LA 151 51.98 -32.81 45.41
C PRO LA 151 51.70 -32.17 46.76
N LEU LA 152 50.89 -31.12 46.72
CA LEU LA 152 50.57 -30.38 47.93
C LEU LA 152 49.50 -31.05 48.78
N LEU LA 153 48.62 -31.84 48.17
CA LEU LA 153 47.56 -32.53 48.89
C LEU LA 153 47.88 -34.01 48.86
N ASN LA 154 48.32 -34.54 49.98
CA ASN LA 154 48.64 -35.95 50.09
C ASN LA 154 47.99 -36.45 51.38
N ALA LA 155 47.01 -37.33 51.23
CA ALA LA 155 46.18 -37.77 52.35
C ALA LA 155 46.93 -38.66 53.34
N LYS LA 156 48.08 -39.20 52.97
CA LYS LA 156 48.90 -39.94 53.91
C LYS LA 156 49.65 -38.98 54.83
N ILE LA 157 50.31 -39.55 55.83
CA ILE LA 157 51.14 -38.79 56.75
C ILE LA 157 52.57 -38.84 56.25
N LEU LA 158 53.13 -37.68 55.94
CA LEU LA 158 54.45 -37.64 55.36
C LEU LA 158 55.51 -37.53 56.45
N LYS LA 159 56.76 -37.74 56.06
CA LYS LA 159 57.86 -37.70 57.01
C LYS LA 159 58.16 -36.28 57.46
N ASP LA 160 58.02 -35.31 56.56
CA ASP LA 160 58.48 -33.95 56.79
C ASP LA 160 57.35 -32.93 56.70
N ARG LA 161 56.21 -33.25 57.28
CA ARG LA 161 55.12 -32.29 57.42
C ARG LA 161 54.63 -32.29 58.86
N ARG LA 162 54.16 -31.13 59.30
CA ARG LA 162 53.73 -30.93 60.67
C ARG LA 162 52.22 -31.01 60.74
N TYR LA 163 51.70 -31.92 61.57
CA TYR LA 163 50.28 -32.17 61.69
C TYR LA 163 49.77 -31.69 63.06
N TYR LA 164 48.46 -31.46 63.13
CA TYR LA 164 47.83 -30.89 64.32
C TYR LA 164 46.60 -31.71 64.66
N TYR LA 165 46.72 -32.62 65.61
CA TYR LA 165 45.65 -33.54 65.98
C TYR LA 165 44.92 -33.03 67.23
N ASP LA 166 44.21 -31.92 67.08
CA ASP LA 166 43.49 -31.39 68.23
C ASP LA 166 42.22 -30.73 67.71
N TYR LA 167 41.14 -31.49 67.69
CA TYR LA 167 39.86 -31.05 67.16
C TYR LA 167 38.74 -31.61 68.02
N ASP LA 168 37.65 -30.85 68.13
CA ASP LA 168 36.49 -31.26 68.91
C ASP LA 168 35.28 -31.40 68.00
N TYR LA 169 34.20 -31.91 68.57
CA TYR LA 169 32.93 -31.95 67.85
C TYR LA 169 31.79 -31.70 68.82
N ALA LA 170 30.72 -31.11 68.32
CA ALA LA 170 29.55 -30.81 69.14
C ALA LA 170 28.29 -31.01 68.33
N THR LA 171 27.35 -31.79 68.87
CA THR LA 171 26.10 -32.07 68.18
C THR LA 171 25.05 -32.45 69.21
N ARG LA 172 23.78 -32.35 68.80
CA ARG LA 172 22.67 -32.61 69.70
C ARG LA 172 22.55 -34.09 70.03
N THR LA 173 22.44 -34.92 69.01
CA THR LA 173 22.32 -36.36 69.20
C THR LA 173 23.64 -36.96 69.69
N LYS LA 174 23.55 -37.96 70.56
CA LYS LA 174 24.76 -38.49 71.19
C LYS LA 174 25.56 -39.35 70.23
N LYS LA 175 24.98 -40.43 69.74
CA LYS LA 175 25.63 -41.30 68.75
C LYS LA 175 24.98 -41.04 67.41
N SER LA 176 25.63 -40.25 66.58
CA SER LA 176 25.15 -39.95 65.24
C SER LA 176 26.07 -40.60 64.22
N TRP LA 177 25.55 -40.72 63.00
CA TRP LA 177 26.33 -41.17 61.86
C TRP LA 177 27.00 -40.03 61.13
N LEU LA 178 26.88 -38.81 61.63
CA LEU LA 178 27.48 -37.65 61.00
C LEU LA 178 28.74 -37.19 61.71
N ILE LA 179 29.05 -37.79 62.86
CA ILE LA 179 30.29 -37.46 63.59
C ILE LA 179 31.49 -37.98 62.79
N PRO LA 180 32.48 -37.15 62.50
CA PRO LA 180 33.66 -37.63 61.78
C PRO LA 180 34.48 -38.59 62.61
N SER LA 181 35.18 -39.48 61.92
CA SER LA 181 36.05 -40.43 62.60
C SER LA 181 37.32 -39.76 63.09
N ARG LA 182 38.03 -39.08 62.19
CA ARG LA 182 39.31 -38.45 62.48
C ARG LA 182 39.39 -37.14 61.73
N VAL LA 183 39.80 -36.07 62.42
CA VAL LA 183 39.98 -34.76 61.81
C VAL LA 183 41.38 -34.28 62.17
N TYR LA 184 42.13 -33.83 61.17
CA TYR LA 184 43.46 -33.25 61.38
C TYR LA 184 43.76 -32.34 60.22
N ASP LA 185 44.98 -31.79 60.19
CA ASP LA 185 45.41 -30.95 59.07
C ASP LA 185 46.92 -30.94 58.98
N ASP LA 186 47.43 -30.51 57.83
CA ASP LA 186 48.86 -30.38 57.59
C ASP LA 186 49.31 -28.94 57.48
N GLY LA 187 48.51 -28.01 57.98
CA GLY LA 187 48.79 -26.60 57.84
C GLY LA 187 48.14 -25.95 56.63
N LYS LA 188 47.87 -26.73 55.60
CA LYS LA 188 47.30 -26.20 54.36
C LYS LA 188 45.97 -26.82 53.99
N PHE LA 189 45.69 -28.06 54.39
CA PHE LA 189 44.43 -28.73 54.07
C PHE LA 189 43.91 -29.43 55.32
N THR LA 190 42.60 -29.37 55.55
CA THR LA 190 41.98 -30.05 56.68
C THR LA 190 41.36 -31.36 56.21
N TYR LA 191 41.77 -32.46 56.82
CA TYR LA 191 41.43 -33.80 56.35
C TYR LA 191 40.34 -34.41 57.23
N ILE LA 192 39.09 -34.16 56.89
CA ILE LA 192 37.98 -34.79 57.59
C ILE LA 192 37.84 -36.22 57.09
N ASN LA 193 37.79 -37.18 58.01
CA ASN LA 193 37.76 -38.59 57.67
C ASN LA 193 36.54 -39.22 58.31
N MET LA 194 35.79 -40.00 57.54
CA MET LA 194 34.51 -40.54 57.99
C MET LA 194 34.34 -42.00 57.65
N ASP LA 195 35.42 -42.78 57.71
CA ASP LA 195 35.40 -44.16 57.25
C ASP LA 195 35.22 -45.17 58.37
N LEU LA 196 34.63 -44.77 59.49
CA LEU LA 196 34.23 -45.72 60.52
C LEU LA 196 32.75 -45.64 60.85
N THR LA 197 32.03 -44.63 60.38
CA THR LA 197 30.57 -44.62 60.42
C THR LA 197 30.09 -45.38 59.20
N ARG LA 198 30.05 -46.70 59.33
CA ARG LA 198 29.97 -47.60 58.19
C ARG LA 198 28.55 -47.84 57.69
N PHE LA 199 27.54 -47.78 58.59
CA PHE LA 199 26.23 -48.30 58.24
C PHE LA 199 25.48 -47.48 57.19
N PRO LA 200 25.13 -46.21 57.39
CA PRO LA 200 24.26 -45.57 56.39
C PRO LA 200 25.06 -45.27 55.13
N THR LA 201 24.63 -45.81 54.00
CA THR LA 201 25.39 -45.61 52.78
C THR LA 201 25.28 -44.17 52.29
N GLY LA 202 24.16 -43.51 52.56
CA GLY LA 202 24.04 -42.11 52.26
C GLY LA 202 24.40 -41.20 53.43
N ASN LA 203 25.68 -41.13 53.79
CA ASN LA 203 26.09 -40.39 54.98
C ASN LA 203 27.07 -39.26 54.67
N PHE LA 204 27.09 -38.76 53.43
CA PHE LA 204 28.18 -37.88 53.04
C PHE LA 204 27.71 -36.44 53.11
N PRO LA 205 28.36 -35.60 53.89
CA PRO LA 205 27.86 -34.24 54.15
C PRO LA 205 28.34 -33.16 53.20
N ALA LA 206 27.97 -31.93 53.53
CA ALA LA 206 28.50 -30.73 52.92
C ALA LA 206 29.19 -29.90 53.99
N VAL LA 207 30.47 -29.60 53.81
CA VAL LA 207 31.29 -28.96 54.84
C VAL LA 207 31.36 -27.47 54.57
N PHE LA 208 31.04 -26.67 55.58
CA PHE LA 208 31.18 -25.23 55.57
C PHE LA 208 32.25 -24.84 56.58
N ALA LA 209 32.46 -23.54 56.76
CA ALA LA 209 33.44 -23.08 57.73
C ALA LA 209 32.96 -21.77 58.32
N ARG LA 210 33.56 -21.41 59.45
CA ARG LA 210 32.99 -20.34 60.26
C ARG LA 210 34.12 -19.72 61.08
N GLU LA 211 34.09 -18.39 61.24
CA GLU LA 211 35.18 -17.71 61.93
C GLU LA 211 34.99 -17.64 63.44
N LYS LA 212 33.77 -17.64 63.92
CA LYS LA 212 33.49 -17.68 65.34
C LYS LA 212 32.65 -18.92 65.63
N GLU LA 213 32.14 -19.04 66.86
CA GLU LA 213 31.41 -20.27 67.17
C GLU LA 213 29.99 -20.23 66.61
N HIS LA 214 29.28 -19.13 66.81
CA HIS LA 214 27.91 -19.01 66.36
C HIS LA 214 27.75 -17.85 65.39
N ALA LA 215 28.76 -17.61 64.57
CA ALA LA 215 28.68 -16.62 63.51
C ALA LA 215 28.00 -17.24 62.29
N GLU LA 216 28.01 -16.54 61.17
CA GLU LA 216 27.40 -17.05 59.95
C GLU LA 216 28.48 -17.73 59.12
N ASP LA 217 28.18 -18.93 58.64
CA ASP LA 217 29.17 -19.73 57.95
C ASP LA 217 29.30 -19.31 56.49
N PHE LA 218 30.37 -19.77 55.85
CA PHE LA 218 30.65 -19.45 54.46
C PHE LA 218 31.14 -20.71 53.76
N LEU LA 219 31.63 -20.56 52.55
CA LEU LA 219 31.89 -21.68 51.64
C LEU LA 219 33.37 -21.97 51.51
N VAL LA 220 33.70 -23.25 51.36
CA VAL LA 220 35.06 -23.73 51.18
C VAL LA 220 35.12 -24.59 49.92
N ASN LA 221 36.33 -24.77 49.42
CA ASN LA 221 36.58 -25.67 48.31
C ASN LA 221 36.99 -27.02 48.86
N THR LA 222 36.35 -28.08 48.38
CA THR LA 222 36.60 -29.42 48.89
C THR LA 222 36.96 -30.36 47.76
N THR LA 223 37.90 -31.26 48.02
CA THR LA 223 38.12 -32.43 47.20
C THR LA 223 38.03 -33.66 48.08
N VAL LA 224 37.68 -34.79 47.48
CA VAL LA 224 37.36 -36.00 48.23
C VAL LA 224 38.12 -37.17 47.64
N GLU LA 225 38.55 -38.10 48.50
CA GLU LA 225 39.29 -39.29 48.11
C GLU LA 225 38.72 -40.48 48.89
N GLY LA 226 37.72 -41.13 48.32
CA GLY LA 226 37.11 -42.26 49.00
C GLY LA 226 36.11 -41.82 50.05
N ASN LA 227 36.45 -42.01 51.32
CA ASN LA 227 35.63 -41.53 52.41
C ASN LA 227 36.25 -40.34 53.14
N THR LA 228 37.38 -39.85 52.66
CA THR LA 228 38.03 -38.69 53.26
C THR LA 228 37.55 -37.44 52.54
N LEU LA 229 37.02 -36.48 53.29
CA LEU LA 229 36.66 -35.18 52.74
C LEU LA 229 37.76 -34.22 53.12
N ILE LA 230 38.37 -33.58 52.12
CA ILE LA 230 39.55 -32.75 52.34
C ILE LA 230 39.19 -31.31 52.02
N VAL LA 231 39.37 -30.42 52.98
CA VAL LA 231 38.94 -29.04 52.88
C VAL LA 231 40.17 -28.17 52.61
N HIS LA 232 40.10 -27.36 51.56
CA HIS LA 232 41.20 -26.50 51.15
C HIS LA 232 41.33 -25.34 52.12
N GLY LA 233 42.23 -25.47 53.09
CA GLY LA 233 42.48 -24.39 54.03
C GLY LA 233 42.15 -24.76 55.47
N THR LA 234 42.86 -24.17 56.42
CA THR LA 234 42.63 -24.41 57.83
C THR LA 234 41.80 -23.29 58.43
N TYR LA 235 40.78 -23.65 59.20
CA TYR LA 235 39.79 -22.73 59.70
C TYR LA 235 39.65 -22.91 61.20
N PRO LA 236 39.15 -21.89 61.91
CA PRO LA 236 38.87 -22.11 63.34
C PRO LA 236 37.71 -23.06 63.59
N PHE LA 237 36.67 -23.01 62.76
CA PHE LA 237 35.49 -23.83 62.92
C PHE LA 237 35.08 -24.40 61.58
N LEU LA 238 34.63 -25.65 61.59
CA LEU LA 238 34.04 -26.29 60.42
C LEU LA 238 32.62 -26.71 60.79
N VAL LA 239 31.69 -26.56 59.85
CA VAL LA 239 30.30 -26.93 60.07
C VAL LA 239 29.95 -28.01 59.07
N VAL LA 240 29.35 -29.09 59.55
CA VAL LA 240 29.09 -30.30 58.77
C VAL LA 240 27.59 -30.54 58.76
N ARG LA 241 26.95 -30.45 57.60
CA ARG LA 241 25.50 -30.48 57.49
C ARG LA 241 25.03 -31.62 56.59
N HIS LA 242 23.93 -32.24 56.98
CA HIS LA 242 23.24 -33.24 56.16
C HIS LA 242 21.73 -33.06 56.27
N GLY LA 243 21.26 -31.82 56.19
CA GLY LA 243 19.83 -31.59 56.26
C GLY LA 243 19.41 -30.86 57.52
N ASP LA 244 18.70 -31.55 58.40
CA ASP LA 244 18.30 -31.00 59.69
C ASP LA 244 19.31 -31.27 60.78
N ASN LA 245 20.26 -32.17 60.58
CA ASN LA 245 21.26 -32.50 61.58
C ASN LA 245 22.63 -31.95 61.20
N VAL LA 246 23.32 -31.39 62.20
CA VAL LA 246 24.51 -30.58 61.99
C VAL LA 246 25.53 -30.94 63.09
N VAL LA 247 26.81 -30.97 62.70
CA VAL LA 247 27.91 -31.26 63.61
C VAL LA 247 28.94 -30.16 63.46
N GLY LA 248 29.24 -29.45 64.55
CA GLY LA 248 30.29 -28.46 64.53
C GLY LA 248 31.65 -29.06 64.82
N LEU LA 249 32.72 -28.36 64.46
CA LEU LA 249 34.08 -28.87 64.62
C LEU LA 249 34.99 -27.72 65.01
N ARG LA 250 35.40 -27.66 66.27
CA ARG LA 250 36.33 -26.64 66.73
C ARG LA 250 37.75 -27.14 66.60
N ARG LA 251 38.62 -26.31 66.05
CA ARG LA 251 40.05 -26.47 66.21
C ARG LA 251 40.46 -25.83 67.52
N ASN LA 252 41.05 -26.60 68.41
CA ASN LA 252 41.43 -26.06 69.71
C ASN LA 252 42.66 -25.17 69.57
N LYS LA 253 42.75 -24.19 70.46
CA LYS LA 253 43.77 -23.16 70.35
C LYS LA 253 45.12 -23.69 70.81
N GLN LA 254 46.16 -23.28 70.07
CA GLN LA 254 47.53 -23.72 70.33
C GLN LA 254 48.01 -23.15 71.66
N LYS LA 255 48.20 -24.02 72.64
CA LYS LA 255 48.68 -23.61 73.95
C LYS LA 255 50.18 -23.33 73.90
N PRO MA 150 27.65 -60.51 -27.73
CA PRO MA 150 28.49 -60.98 -26.64
C PRO MA 150 28.06 -62.35 -26.12
N THR MA 151 28.79 -62.89 -25.15
CA THR MA 151 28.40 -64.14 -24.52
C THR MA 151 27.55 -63.85 -23.29
N LEU MA 152 27.35 -64.87 -22.46
CA LEU MA 152 26.54 -64.70 -21.25
C LEU MA 152 27.33 -64.03 -20.15
N LEU MA 153 28.58 -64.48 -19.93
CA LEU MA 153 29.43 -63.89 -18.91
C LEU MA 153 29.82 -62.46 -19.27
N GLU MA 154 30.16 -62.22 -20.54
CA GLU MA 154 30.57 -60.90 -20.99
C GLU MA 154 29.43 -59.88 -21.01
N ARG MA 155 28.19 -60.35 -20.88
CA ARG MA 155 27.05 -59.45 -20.88
C ARG MA 155 26.74 -58.93 -19.48
N ARG MA 156 26.84 -59.82 -18.47
CA ARG MA 156 26.56 -59.43 -17.09
C ARG MA 156 27.59 -58.43 -16.57
N ILE MA 157 28.83 -58.52 -17.07
CA ILE MA 157 29.81 -57.49 -16.77
C ILE MA 157 29.43 -56.19 -17.46
N LEU MA 158 28.92 -56.29 -18.69
CA LEU MA 158 28.62 -55.12 -19.52
C LEU MA 158 27.33 -54.45 -19.07
N ALA MA 159 26.26 -55.23 -18.90
CA ALA MA 159 24.96 -54.65 -18.56
C ALA MA 159 24.92 -54.08 -17.16
N GLU MA 160 25.78 -54.55 -16.27
CA GLU MA 160 25.88 -53.99 -14.93
C GLU MA 160 26.96 -52.93 -14.80
N SER MA 161 27.57 -52.53 -15.92
CA SER MA 161 28.55 -51.45 -15.90
C SER MA 161 28.46 -50.63 -17.19
N GLY MA 183 1.60 -41.71 14.97
CA GLY MA 183 2.63 -40.69 14.89
C GLY MA 183 4.04 -41.25 14.95
N PRO MA 184 4.54 -41.46 16.17
CA PRO MA 184 5.87 -42.07 16.32
C PRO MA 184 5.84 -43.56 16.07
N VAL MA 185 7.00 -44.18 16.19
CA VAL MA 185 7.11 -45.61 16.02
C VAL MA 185 7.28 -46.26 17.38
N THR MA 186 6.78 -47.49 17.52
CA THR MA 186 6.81 -48.23 18.77
C THR MA 186 7.61 -49.50 18.56
N LEU MA 187 8.76 -49.60 19.22
CA LEU MA 187 9.66 -50.73 19.05
C LEU MA 187 9.99 -51.32 20.40
N ALA MA 188 10.56 -52.53 20.38
CA ALA MA 188 10.93 -53.26 21.60
C ALA MA 188 12.28 -53.91 21.35
N LYS MA 189 13.33 -53.23 21.74
CA LYS MA 189 14.70 -53.65 21.50
C LYS MA 189 15.36 -54.05 22.81
N PRO MA 190 16.40 -54.89 22.77
CA PRO MA 190 17.14 -55.19 24.01
C PRO MA 190 17.95 -54.00 24.46
N ILE MA 191 18.14 -53.91 25.77
CA ILE MA 191 18.80 -52.77 26.38
C ILE MA 191 20.30 -52.91 26.14
N SER MA 192 20.98 -51.79 25.93
CA SER MA 192 22.32 -51.78 25.37
C SER MA 192 23.32 -51.38 26.44
N ASN MA 193 24.32 -52.25 26.65
CA ASN MA 193 25.40 -52.12 27.62
C ASN MA 193 24.87 -51.82 29.02
N PRO MA 194 24.25 -52.78 29.70
CA PRO MA 194 23.70 -52.48 31.03
C PRO MA 194 24.73 -52.41 32.14
N ASP MA 195 25.98 -52.79 31.88
CA ASP MA 195 26.99 -52.70 32.94
C ASP MA 195 27.42 -51.27 33.20
N GLY MA 196 27.21 -50.37 32.25
CA GLY MA 196 27.60 -48.99 32.45
C GLY MA 196 26.50 -48.01 32.08
N LEU MA 197 25.26 -48.36 32.33
CA LEU MA 197 24.13 -47.55 31.92
C LEU MA 197 23.55 -46.81 33.11
N LEU MA 198 23.50 -45.49 33.03
CA LEU MA 198 22.77 -44.66 33.98
C LEU MA 198 21.44 -44.34 33.33
N VAL MA 199 20.43 -45.14 33.63
CA VAL MA 199 19.21 -45.17 32.82
C VAL MA 199 18.37 -43.94 33.12
N ARG MA 200 17.42 -43.66 32.23
CA ARG MA 200 16.41 -42.65 32.47
C ARG MA 200 15.53 -43.08 33.63
N GLY MA 201 15.52 -42.29 34.69
CA GLY MA 201 14.72 -42.58 35.84
C GLY MA 201 15.45 -43.01 37.08
N THR MA 202 16.76 -42.81 37.17
CA THR MA 202 17.41 -43.00 38.45
C THR MA 202 17.41 -41.68 39.20
N TYR MA 203 17.51 -41.76 40.52
CA TYR MA 203 17.36 -40.60 41.38
C TYR MA 203 18.70 -40.34 42.05
N ILE MA 204 19.31 -39.21 41.72
CA ILE MA 204 20.59 -38.83 42.30
C ILE MA 204 20.28 -37.96 43.50
N ARG MA 205 20.49 -38.47 44.71
CA ARG MA 205 20.25 -37.70 45.91
C ARG MA 205 21.50 -36.90 46.24
N CYS MA 206 21.36 -35.59 46.34
CA CYS MA 206 22.45 -34.72 46.71
C CYS MA 206 21.95 -33.73 47.74
N ILE MA 207 22.87 -33.18 48.53
CA ILE MA 207 22.53 -32.15 49.50
C ILE MA 207 23.13 -30.83 49.06
N LEU MA 208 22.38 -29.76 49.23
CA LEU MA 208 22.71 -28.48 48.63
C LEU MA 208 23.87 -27.83 49.37
N GLU MA 209 24.74 -27.16 48.63
CA GLU MA 209 25.87 -26.44 49.19
C GLU MA 209 25.77 -24.93 49.04
N THR MA 210 25.25 -24.44 47.93
CA THR MA 210 25.07 -23.01 47.72
C THR MA 210 23.62 -22.63 48.02
N ARG MA 211 23.43 -21.70 48.95
CA ARG MA 211 22.11 -21.19 49.31
C ARG MA 211 21.43 -20.48 48.14
N ILE MA 212 20.36 -21.07 47.61
CA ILE MA 212 19.69 -20.52 46.43
C ILE MA 212 18.78 -19.39 46.86
N ILE MA 213 18.86 -18.25 46.17
CA ILE MA 213 17.92 -17.14 46.32
C ILE MA 213 17.48 -16.70 44.94
N SER MA 214 16.17 -16.69 44.71
CA SER MA 214 15.61 -16.40 43.38
C SER MA 214 15.42 -14.90 43.19
N ASP MA 215 16.53 -14.22 42.93
CA ASP MA 215 16.50 -12.82 42.52
C ASP MA 215 17.04 -12.64 41.11
N PHE MA 216 18.26 -13.06 40.84
CA PHE MA 216 18.88 -12.80 39.57
C PHE MA 216 19.09 -14.03 38.70
N GLY MA 217 19.17 -15.20 39.29
CA GLY MA 217 19.38 -16.36 38.46
C GLY MA 217 20.86 -16.58 38.29
N GLY MA 218 21.36 -17.68 38.79
CA GLY MA 218 22.79 -17.92 38.82
C GLY MA 218 23.09 -19.38 38.76
N TYR MA 219 23.99 -19.83 39.60
CA TYR MA 219 24.58 -21.15 39.52
C TYR MA 219 24.52 -21.81 40.87
N THR MA 220 24.24 -23.11 40.88
CA THR MA 220 24.10 -23.89 42.10
C THR MA 220 25.14 -25.01 42.12
N SER MA 221 25.26 -25.65 43.29
CA SER MA 221 26.16 -26.79 43.44
C SER MA 221 25.67 -27.62 44.61
N CYS MA 222 25.48 -28.92 44.38
CA CYS MA 222 25.10 -29.81 45.45
C CYS MA 222 26.04 -31.00 45.46
N ILE MA 223 26.38 -31.47 46.65
CA ILE MA 223 27.28 -32.60 46.82
C ILE MA 223 26.44 -33.86 46.91
N VAL MA 224 26.75 -34.85 46.06
CA VAL MA 224 26.05 -36.13 46.07
C VAL MA 224 26.28 -36.80 47.42
N THR MA 225 25.26 -37.49 47.93
CA THR MA 225 25.35 -38.10 49.25
C THR MA 225 25.26 -39.62 49.25
N GLU MA 226 24.67 -40.23 48.22
CA GLU MA 226 24.57 -41.67 48.19
C GLU MA 226 25.11 -42.18 46.85
N PRO MA 227 25.88 -43.26 46.85
CA PRO MA 227 26.43 -43.78 45.59
C PRO MA 227 25.35 -44.30 44.65
N VAL MA 228 25.54 -44.02 43.36
CA VAL MA 228 24.58 -44.32 42.32
C VAL MA 228 25.17 -45.40 41.42
N TYR MA 229 24.51 -46.54 41.35
CA TYR MA 229 25.01 -47.71 40.64
C TYR MA 229 24.42 -47.74 39.24
N SER MA 230 24.60 -48.87 38.55
CA SER MA 230 24.17 -49.04 37.18
C SER MA 230 22.66 -49.29 37.11
N ILE MA 231 22.17 -49.72 35.93
CA ILE MA 231 20.78 -50.15 35.83
C ILE MA 231 20.56 -51.45 36.60
N ASN MA 232 21.56 -52.32 36.64
CA ASN MA 232 21.44 -53.61 37.33
C ASN MA 232 22.47 -53.78 38.43
N GLY MA 233 23.16 -52.71 38.82
CA GLY MA 233 23.98 -52.75 40.01
C GLY MA 233 25.32 -53.44 39.88
N HIS MA 234 25.82 -53.68 38.67
CA HIS MA 234 27.11 -54.35 38.59
C HIS MA 234 28.27 -53.39 38.77
N ASN MA 235 28.06 -52.09 38.61
CA ASN MA 235 29.15 -51.13 38.63
C ASN MA 235 28.75 -49.88 39.40
N LEU MA 236 29.73 -49.21 39.98
CA LEU MA 236 29.53 -47.95 40.65
C LEU MA 236 29.77 -46.82 39.67
N LEU MA 237 28.73 -46.05 39.36
CA LEU MA 237 28.88 -45.02 38.35
C LEU MA 237 29.26 -43.68 38.97
N LEU MA 238 28.39 -43.15 39.82
CA LEU MA 238 28.69 -41.90 40.50
C LEU MA 238 29.08 -42.21 41.93
N PRO MA 239 30.33 -41.97 42.35
CA PRO MA 239 30.72 -42.26 43.73
C PRO MA 239 30.08 -41.38 44.77
N LYS MA 240 30.48 -41.56 46.01
CA LYS MA 240 29.75 -40.99 47.13
C LYS MA 240 29.92 -39.48 47.25
N GLY MA 241 31.04 -38.92 46.85
CA GLY MA 241 31.24 -37.51 47.11
C GLY MA 241 31.33 -36.59 45.90
N SER MA 242 30.60 -36.92 44.84
CA SER MA 242 30.64 -36.14 43.61
C SER MA 242 29.94 -34.80 43.80
N LYS MA 243 30.21 -33.86 42.91
CA LYS MA 243 29.55 -32.56 42.90
C LYS MA 243 28.64 -32.45 41.69
N MET MA 244 27.36 -32.21 41.92
CA MET MA 244 26.48 -31.86 40.82
C MET MA 244 26.40 -30.36 40.68
N LEU MA 245 26.28 -29.91 39.44
CA LEU MA 245 26.43 -28.51 39.07
C LEU MA 245 25.24 -28.13 38.22
N GLY MA 246 24.54 -27.06 38.59
CA GLY MA 246 23.32 -26.69 37.92
C GLY MA 246 23.17 -25.19 37.84
N GLN MA 247 22.07 -24.76 37.23
CA GLN MA 247 21.78 -23.34 37.12
C GLN MA 247 20.28 -23.14 36.93
N TYR MA 248 19.81 -21.96 37.33
CA TYR MA 248 18.40 -21.61 37.28
C TYR MA 248 18.27 -20.22 36.68
N SER MA 249 17.04 -19.74 36.59
CA SER MA 249 16.76 -18.47 35.92
C SER MA 249 15.89 -17.60 36.82
N ALA MA 250 16.01 -16.29 36.63
CA ALA MA 250 15.25 -15.36 37.44
C ALA MA 250 13.80 -15.32 37.01
N GLY MA 251 12.91 -15.08 37.98
CA GLY MA 251 11.51 -14.98 37.69
C GLY MA 251 10.75 -14.59 38.93
N GLU MA 252 9.49 -14.26 38.72
CA GLU MA 252 8.59 -14.01 39.83
C GLU MA 252 8.10 -15.34 40.38
N PRO MA 253 8.34 -15.65 41.64
CA PRO MA 253 7.88 -16.93 42.18
C PRO MA 253 6.39 -16.95 42.50
N THR MA 254 5.56 -17.21 41.48
CA THR MA 254 4.13 -17.41 41.69
C THR MA 254 3.90 -18.64 42.57
N SER MA 255 4.26 -19.81 42.06
CA SER MA 255 4.26 -21.01 42.87
C SER MA 255 5.44 -20.97 43.84
N HIS MA 256 5.29 -21.67 44.96
CA HIS MA 256 6.37 -21.66 45.96
C HIS MA 256 7.37 -22.78 45.72
N ARG MA 257 7.85 -22.88 44.48
CA ARG MA 257 8.85 -23.85 44.08
C ARG MA 257 9.79 -23.21 43.08
N LEU MA 258 11.01 -23.72 43.01
CA LEU MA 258 12.01 -23.18 42.10
C LEU MA 258 12.44 -24.32 41.17
N GLN MA 259 12.83 -23.97 39.96
CA GLN MA 259 13.08 -24.95 38.92
C GLN MA 259 14.55 -24.86 38.49
N VAL MA 260 15.34 -25.88 38.80
CA VAL MA 260 16.77 -25.93 38.54
C VAL MA 260 17.02 -27.05 37.54
N VAL MA 261 17.96 -26.84 36.61
CA VAL MA 261 18.33 -27.85 35.63
C VAL MA 261 19.78 -28.24 35.90
N TRP MA 262 19.98 -29.39 36.52
CA TRP MA 262 21.30 -29.88 36.88
C TRP MA 262 21.94 -30.56 35.68
N ASP MA 263 23.16 -30.15 35.32
CA ASP MA 263 23.65 -30.55 34.01
C ASP MA 263 25.11 -30.97 33.94
N ARG MA 264 25.78 -31.22 35.07
CA ARG MA 264 27.16 -31.70 35.05
C ARG MA 264 27.51 -32.29 36.40
N VAL MA 265 28.21 -33.42 36.40
CA VAL MA 265 28.73 -34.05 37.61
C VAL MA 265 30.22 -34.29 37.39
N THR MA 266 31.04 -34.01 38.39
CA THR MA 266 32.46 -34.33 38.37
C THR MA 266 32.77 -35.26 39.54
N THR MA 267 33.15 -36.49 39.24
CA THR MA 267 33.29 -37.53 40.25
C THR MA 267 34.65 -37.47 40.93
N PRO MA 268 34.80 -38.09 42.11
CA PRO MA 268 36.13 -38.20 42.71
C PRO MA 268 37.05 -39.15 41.98
N THR MA 269 36.51 -40.03 41.14
CA THR MA 269 37.29 -40.98 40.36
C THR MA 269 37.69 -40.43 39.00
N GLY MA 270 37.59 -39.12 38.81
CA GLY MA 270 38.08 -38.49 37.60
C GLY MA 270 37.18 -38.67 36.40
N LEU MA 271 35.94 -38.22 36.50
CA LEU MA 271 35.02 -38.22 35.37
C LEU MA 271 34.32 -36.88 35.26
N ASP MA 272 33.67 -36.67 34.13
CA ASP MA 272 33.01 -35.40 33.84
C ASP MA 272 31.82 -35.72 32.94
N VAL MA 273 30.65 -35.91 33.55
CA VAL MA 273 29.47 -36.30 32.81
C VAL MA 273 28.61 -35.07 32.62
N THR MA 274 27.72 -35.11 31.64
CA THR MA 274 26.98 -33.93 31.23
C THR MA 274 25.50 -34.26 31.03
N LEU MA 275 24.92 -34.92 32.02
CA LEU MA 275 23.55 -35.40 31.99
C LEU MA 275 22.53 -34.26 31.88
N MET MA 276 21.30 -34.63 31.59
CA MET MA 276 20.17 -33.70 31.58
C MET MA 276 19.26 -34.10 32.71
N GLY MA 277 19.40 -33.43 33.85
CA GLY MA 277 18.57 -33.75 34.98
C GLY MA 277 17.85 -32.55 35.52
N PRO MA 278 16.53 -32.53 35.38
CA PRO MA 278 15.74 -31.52 36.10
C PRO MA 278 15.66 -31.84 37.57
N GLY MA 279 15.85 -30.83 38.39
CA GLY MA 279 15.79 -31.04 39.83
C GLY MA 279 14.36 -31.27 40.29
N ILE MA 280 14.20 -32.25 41.17
CA ILE MA 280 12.90 -32.62 41.69
C ILE MA 280 12.92 -32.55 43.21
N ASP MA 281 11.75 -32.73 43.80
CA ASP MA 281 11.54 -32.85 45.23
C ASP MA 281 12.16 -34.16 45.71
N THR MA 282 12.25 -34.33 47.03
CA THR MA 282 12.77 -35.57 47.57
C THR MA 282 11.76 -36.72 47.50
N LEU MA 283 10.51 -36.46 47.13
CA LEU MA 283 9.54 -37.50 46.80
C LEU MA 283 9.22 -37.58 45.32
N GLY MA 284 9.81 -36.74 44.49
CA GLY MA 284 9.65 -36.85 43.06
C GLY MA 284 8.87 -35.75 42.39
N SER MA 285 8.39 -34.76 43.14
CA SER MA 285 7.63 -33.68 42.54
C SER MA 285 8.56 -32.71 41.83
N SER MA 286 8.11 -32.18 40.71
CA SER MA 286 8.98 -31.35 39.88
C SER MA 286 9.18 -29.99 40.53
N GLY MA 287 10.44 -29.60 40.66
CA GLY MA 287 10.78 -28.31 41.24
C GLY MA 287 11.17 -28.39 42.70
N HIS MA 288 12.13 -27.58 43.11
CA HIS MA 288 12.58 -27.62 44.50
C HIS MA 288 11.75 -26.68 45.34
N PRO MA 289 11.21 -27.11 46.49
CA PRO MA 289 10.43 -26.21 47.32
C PRO MA 289 11.31 -25.28 48.14
N GLY MA 290 10.86 -24.04 48.30
CA GLY MA 290 11.63 -23.05 49.02
C GLY MA 290 10.86 -22.32 50.10
N ASN MA 291 11.41 -21.24 50.62
CA ASN MA 291 10.79 -20.44 51.67
C ASN MA 291 10.37 -19.11 51.07
N TYR MA 292 9.08 -18.97 50.76
CA TYR MA 292 8.57 -17.78 50.11
C TYR MA 292 8.56 -16.60 51.08
N ASN MA 293 8.91 -15.42 50.56
CA ASN MA 293 9.02 -14.22 51.39
C ASN MA 293 8.62 -13.03 50.53
N ALA MA 294 7.36 -12.63 50.62
CA ALA MA 294 6.95 -11.34 50.09
C ALA MA 294 7.29 -10.29 51.13
N HIS MA 295 8.05 -9.28 50.74
CA HIS MA 295 8.71 -8.40 51.70
C HIS MA 295 7.74 -7.33 52.17
N TRP MA 296 6.78 -7.74 53.00
CA TRP MA 296 5.80 -6.77 53.48
C TRP MA 296 6.34 -5.92 54.63
N GLY MA 297 7.53 -6.22 55.14
CA GLY MA 297 8.14 -5.32 56.10
C GLY MA 297 8.65 -4.04 55.44
N ASN MA 298 9.24 -4.18 54.25
CA ASN MA 298 9.80 -3.02 53.58
C ASN MA 298 8.78 -2.29 52.72
N LYS MA 299 7.73 -2.98 52.26
CA LYS MA 299 6.74 -2.32 51.42
C LYS MA 299 5.85 -1.41 52.23
N ILE MA 300 5.59 -1.76 53.49
CA ILE MA 300 4.76 -0.94 54.35
C ILE MA 300 5.53 0.25 54.88
N ALA MA 301 6.75 0.03 55.37
CA ALA MA 301 7.48 1.07 56.09
C ALA MA 301 7.96 2.17 55.16
N SER MA 302 8.11 1.89 53.86
CA SER MA 302 8.54 2.92 52.93
C SER MA 302 7.38 3.83 52.54
N ALA MA 303 6.15 3.38 52.75
CA ALA MA 303 4.99 4.16 52.34
C ALA MA 303 4.07 4.53 53.49
N LEU MA 304 4.28 3.97 54.68
CA LEU MA 304 3.52 4.42 55.84
C LEU MA 304 4.08 5.72 56.39
N PHE MA 305 5.40 5.86 56.42
CA PHE MA 305 6.03 6.96 57.14
C PHE MA 305 5.85 8.28 56.40
N ILE MA 306 5.78 8.24 55.07
CA ILE MA 306 5.62 9.49 54.34
C ILE MA 306 4.14 9.80 54.09
N SER MA 307 3.28 8.78 54.13
CA SER MA 307 1.85 9.07 54.05
C SER MA 307 1.30 9.53 55.38
N LEU MA 308 1.98 9.22 56.49
CA LEU MA 308 1.55 9.71 57.78
C LEU MA 308 2.09 11.12 58.03
N LEU MA 309 3.17 11.49 57.35
CA LEU MA 309 3.68 12.84 57.47
C LEU MA 309 2.79 13.81 56.71
N SER MA 310 2.14 13.33 55.65
CA SER MA 310 1.17 14.16 54.94
C SER MA 310 -0.18 14.15 55.64
N ASP MA 311 -0.39 13.22 56.57
CA ASP MA 311 -1.64 13.17 57.30
C ASP MA 311 -1.60 14.06 58.53
N ALA MA 312 -0.41 14.44 58.99
CA ALA MA 312 -0.31 15.42 60.06
C ALA MA 312 -0.58 16.82 59.52
N PHE MA 313 -0.23 17.06 58.26
CA PHE MA 313 -0.48 18.37 57.66
C PHE MA 313 -1.95 18.55 57.32
N LYS MA 314 -2.65 17.47 56.99
CA LYS MA 314 -4.07 17.57 56.67
C LYS MA 314 -4.90 17.77 57.92
N TYR MA 315 -4.49 17.15 59.04
CA TYR MA 315 -5.25 17.30 60.28
C TYR MA 315 -5.06 18.68 60.88
N ALA MA 316 -3.88 19.27 60.73
CA ALA MA 316 -3.63 20.60 61.24
C ALA MA 316 -4.20 21.69 60.35
N ALA MA 317 -4.78 21.34 59.21
CA ALA MA 317 -5.38 22.30 58.30
C ALA MA 317 -6.89 22.19 58.21
N ALA MA 318 -7.45 21.00 58.40
CA ALA MA 318 -8.90 20.85 58.43
C ALA MA 318 -9.49 21.55 59.64
N GLU MA 319 -8.98 21.25 60.82
CA GLU MA 319 -9.16 22.13 61.96
C GLU MA 319 -7.93 23.02 62.04
N TYR MA 320 -7.93 23.98 63.00
CA TYR MA 320 -6.95 25.08 63.08
C TYR MA 320 -6.88 25.87 61.78
N GLY MA 321 -8.04 26.10 61.16
CA GLY MA 321 -8.09 26.78 59.89
C GLY MA 321 -9.48 27.21 59.49
N PRO MA 322 -9.58 28.05 58.44
CA PRO MA 322 -10.89 28.52 57.97
C PRO MA 322 -11.73 27.46 57.29
N GLU MA 323 -12.90 27.86 56.79
CA GLU MA 323 -13.80 26.94 56.09
C GLU MA 323 -14.62 27.67 55.03
N PRO MA 338 -14.02 22.69 54.48
CA PRO MA 338 -12.77 22.65 55.26
C PRO MA 338 -11.59 23.18 54.47
N PHE MA 339 -10.55 23.61 55.17
CA PHE MA 339 -9.40 24.27 54.56
C PHE MA 339 -8.46 23.22 54.00
N GLU MA 340 -8.45 23.07 52.67
CA GLU MA 340 -7.54 22.14 52.02
C GLU MA 340 -6.13 22.70 52.04
N SER MA 341 -5.16 21.88 52.41
CA SER MA 341 -3.76 22.27 52.43
C SER MA 341 -3.09 21.84 51.12
N ASN MA 342 -1.89 22.37 50.90
CA ASN MA 342 -1.07 21.97 49.76
C ASN MA 342 0.05 21.03 50.13
N THR MA 343 0.58 21.11 51.36
CA THR MA 343 1.61 20.18 51.78
C THR MA 343 1.04 18.80 52.05
N ALA MA 344 -0.26 18.69 52.25
CA ALA MA 344 -0.88 17.38 52.34
C ALA MA 344 -1.17 16.82 50.95
N ARG MA 345 -1.13 17.67 49.92
CA ARG MA 345 -1.33 17.19 48.56
C ARG MA 345 -0.02 16.84 47.87
N SER MA 346 1.00 17.69 48.03
CA SER MA 346 2.25 17.44 47.32
C SER MA 346 3.05 16.32 47.96
N MET MA 347 2.82 16.04 49.24
CA MET MA 347 3.52 14.95 49.90
C MET MA 347 2.77 13.63 49.80
N GLN MA 348 1.46 13.67 49.58
CA GLN MA 348 0.75 12.47 49.18
C GLN MA 348 1.14 12.04 47.77
N GLN MA 349 1.69 12.95 46.98
CA GLN MA 349 2.25 12.57 45.68
C GLN MA 349 3.54 11.78 45.84
N LEU MA 350 4.34 12.10 46.86
CA LEU MA 350 5.52 11.29 47.12
C LEU MA 350 5.16 9.94 47.72
N ALA MA 351 4.06 9.86 48.45
CA ALA MA 351 3.60 8.58 48.98
C ALA MA 351 3.10 7.68 47.86
N GLU MA 352 2.58 8.26 46.78
CA GLU MA 352 2.18 7.45 45.64
C GLU MA 352 3.39 7.02 44.80
N GLN MA 353 4.52 7.69 44.96
CA GLN MA 353 5.74 7.21 44.33
C GLN MA 353 6.35 6.07 45.12
N ALA MA 354 6.17 6.07 46.45
CA ALA MA 354 6.74 5.01 47.28
C ALA MA 354 5.92 3.73 47.18
N VAL MA 355 4.66 3.82 46.75
CA VAL MA 355 3.89 2.61 46.51
C VAL MA 355 4.28 2.01 45.16
N GLU MA 356 4.46 2.85 44.15
CA GLU MA 356 4.80 2.39 42.82
C GLU MA 356 6.20 1.80 42.76
N LYS MA 357 7.16 2.43 43.44
CA LYS MA 357 8.53 1.95 43.40
C LYS MA 357 8.69 0.66 44.21
N SER MA 358 8.03 0.59 45.36
CA SER MA 358 8.12 -0.60 46.20
C SER MA 358 7.16 -1.70 45.78
N GLY MA 359 6.36 -1.46 44.75
CA GLY MA 359 5.60 -2.52 44.13
C GLY MA 359 6.28 -3.17 42.96
N ARG MA 360 7.45 -2.65 42.57
CA ARG MA 360 8.25 -3.22 41.51
C ARG MA 360 9.26 -4.23 42.02
N ARG MA 361 9.33 -4.44 43.33
CA ARG MA 361 10.25 -5.39 43.91
C ARG MA 361 9.66 -6.79 43.86
N PRO MA 362 10.39 -7.77 43.35
CA PRO MA 362 9.86 -9.13 43.30
C PRO MA 362 9.98 -9.83 44.63
N ALA MA 363 9.16 -10.86 44.80
CA ALA MA 363 9.28 -11.71 45.97
C ALA MA 363 10.43 -12.70 45.77
N THR MA 364 10.94 -13.22 46.88
CA THR MA 364 12.03 -14.18 46.83
C THR MA 364 11.56 -15.51 47.41
N LEU MA 365 12.28 -16.57 47.04
CA LEU MA 365 12.20 -17.80 47.82
C LEU MA 365 13.59 -18.36 47.98
N THR MA 366 13.97 -18.64 49.22
CA THR MA 366 15.30 -19.12 49.54
C THR MA 366 15.26 -20.60 49.83
N ILE MA 367 16.34 -21.28 49.49
CA ILE MA 367 16.56 -22.67 49.85
C ILE MA 367 17.86 -22.72 50.63
N ASN MA 368 17.82 -23.24 51.85
CA ASN MA 368 18.96 -23.13 52.76
C ASN MA 368 20.08 -24.05 52.33
N GLN MA 369 21.24 -23.90 52.97
CA GLN MA 369 22.47 -24.50 52.50
C GLN MA 369 22.68 -25.93 53.00
N GLY MA 370 21.63 -26.62 53.42
CA GLY MA 370 21.84 -27.99 53.86
C GLY MA 370 20.81 -28.95 53.34
N THR MA 371 19.81 -28.44 52.62
CA THR MA 371 18.62 -29.21 52.32
C THR MA 371 18.91 -30.33 51.35
N VAL MA 372 18.31 -31.49 51.59
CA VAL MA 372 18.54 -32.67 50.77
C VAL MA 372 17.72 -32.54 49.51
N LEU MA 373 18.38 -32.27 48.39
CA LEU MA 373 17.70 -32.15 47.12
C LEU MA 373 17.65 -33.53 46.46
N ASN MA 374 17.19 -33.57 45.21
CA ASN MA 374 17.07 -34.84 44.49
C ASN MA 374 16.98 -34.49 43.01
N VAL MA 375 17.59 -35.32 42.16
CA VAL MA 375 17.70 -35.04 40.73
C VAL MA 375 17.14 -36.21 39.95
N TYR MA 376 16.22 -35.95 39.04
CA TYR MA 376 15.67 -36.97 38.14
C TYR MA 376 16.47 -36.92 36.85
N VAL MA 377 17.22 -37.95 36.56
CA VAL MA 377 17.91 -37.98 35.28
C VAL MA 377 16.91 -38.31 34.18
N ALA MA 378 16.99 -37.60 33.07
CA ALA MA 378 15.97 -37.67 32.03
C ALA MA 378 16.45 -38.25 30.72
N LYS MA 379 17.74 -38.52 30.56
CA LYS MA 379 18.26 -39.24 29.41
C LYS MA 379 19.34 -40.19 29.87
N ASP MA 380 19.54 -41.25 29.09
CA ASP MA 380 20.54 -42.26 29.42
C ASP MA 380 21.94 -41.72 29.24
N VAL MA 381 22.83 -42.10 30.15
CA VAL MA 381 24.25 -41.77 30.06
C VAL MA 381 25.01 -43.08 30.01
N ASP MA 382 25.96 -43.19 29.08
CA ASP MA 382 26.65 -44.46 28.83
C ASP MA 382 28.07 -44.36 29.36
N PHE MA 383 28.34 -45.07 30.45
CA PHE MA 383 29.65 -45.13 31.08
C PHE MA 383 30.51 -46.27 30.59
N SER MA 384 30.16 -46.90 29.47
CA SER MA 384 30.85 -48.13 29.08
C SER MA 384 32.26 -47.87 28.55
N ALA MA 385 32.55 -46.65 28.09
CA ALA MA 385 33.86 -46.31 27.57
C ALA MA 385 34.82 -45.86 28.65
N VAL MA 386 34.47 -46.06 29.92
CA VAL MA 386 35.24 -45.60 31.06
C VAL MA 386 35.61 -46.73 31.98
N LEU MA 387 34.66 -47.62 32.28
CA LEU MA 387 34.81 -48.65 33.28
C LEU MA 387 35.87 -49.66 32.85
N PRO MA 388 36.67 -50.18 33.79
CA PRO MA 388 37.72 -51.11 33.41
C PRO MA 388 37.15 -52.45 32.99
N LYS MA 389 37.87 -53.11 32.08
CA LYS MA 389 37.37 -54.34 31.46
C LYS MA 389 38.02 -55.55 32.11
N CYS NA 22 18.60 7.28 58.59
CA CYS NA 22 18.25 6.61 57.34
C CYS NA 22 19.45 6.49 56.42
N ALA NA 23 20.59 7.04 56.86
CA ALA NA 23 21.78 7.11 56.02
C ALA NA 23 22.49 5.75 55.95
N THR NA 24 23.66 5.74 55.33
CA THR NA 24 24.39 4.51 55.07
C THR NA 24 25.42 4.26 56.17
N LYS NA 25 25.44 3.05 56.70
CA LYS NA 25 26.41 2.67 57.71
C LYS NA 25 27.79 2.52 57.09
N PRO NA 26 28.80 3.25 57.57
CA PRO NA 26 30.14 3.14 56.97
C PRO NA 26 30.89 1.89 57.36
N ALA NA 27 32.16 1.82 56.95
CA ALA NA 27 33.03 0.72 57.29
C ALA NA 27 33.40 0.78 58.77
N PRO NA 28 33.79 -0.35 59.37
CA PRO NA 28 34.25 -0.31 60.76
C PRO NA 28 35.55 0.45 60.90
N ASP NA 29 35.76 1.01 62.10
CA ASP NA 29 36.91 1.83 62.38
C ASP NA 29 37.68 1.22 63.54
N PHE NA 30 38.99 1.47 63.57
CA PHE NA 30 39.84 0.85 64.58
C PHE NA 30 39.86 1.70 65.86
N GLY NA 31 40.79 1.39 66.75
CA GLY NA 31 40.94 2.13 67.99
C GLY NA 31 41.57 1.27 69.07
N GLY NA 32 42.51 1.85 69.82
CA GLY NA 32 43.21 1.08 70.81
C GLY NA 32 44.38 1.79 71.48
N ARG NA 33 45.50 1.10 71.60
CA ARG NA 33 46.57 1.51 72.49
C ARG NA 33 47.82 2.01 71.76
N TRP NA 34 47.96 1.70 70.47
CA TRP NA 34 49.14 1.96 69.64
C TRP NA 34 50.39 1.30 70.23
N LYS NA 35 50.36 -0.02 70.26
CA LYS NA 35 51.58 -0.78 70.49
C LYS NA 35 52.45 -0.73 69.24
N HIS NA 36 53.75 -0.92 69.42
CA HIS NA 36 54.68 -0.79 68.30
C HIS NA 36 54.95 -2.16 67.67
N VAL NA 37 55.08 -2.16 66.34
CA VAL NA 37 55.15 -3.41 65.58
C VAL NA 37 56.51 -4.06 65.72
N ASN NA 38 57.56 -3.36 65.27
CA ASN NA 38 58.90 -3.94 65.12
C ASN NA 38 59.53 -4.08 66.50
N HIS NA 39 59.19 -5.18 67.16
CA HIS NA 39 59.54 -5.38 68.57
C HIS NA 39 60.45 -6.60 68.70
N PHE NA 40 61.68 -6.36 69.13
CA PHE NA 40 62.55 -7.45 69.56
C PHE NA 40 62.05 -8.02 70.88
N ASP NA 41 62.23 -9.32 71.05
CA ASP NA 41 61.89 -9.97 72.30
C ASP NA 41 63.11 -10.02 73.22
N GLU NA 42 63.00 -10.75 74.33
CA GLU NA 42 64.11 -10.90 75.26
C GLU NA 42 64.53 -12.34 75.47
N ALA NA 43 63.80 -13.31 74.92
CA ALA NA 43 64.15 -14.70 75.08
C ALA NA 43 64.74 -15.21 73.78
N PRO NA 44 66.02 -15.56 73.73
CA PRO NA 44 66.60 -16.10 72.50
C PRO NA 44 66.15 -17.53 72.23
N THR NA 45 65.00 -17.67 71.57
CA THR NA 45 64.47 -18.96 71.17
C THR NA 45 65.43 -19.66 70.21
N GLU NA 46 65.82 -20.88 70.56
CA GLU NA 46 66.82 -21.63 69.81
C GLU NA 46 66.14 -22.46 68.74
N ILE NA 47 66.25 -22.04 67.48
CA ILE NA 47 65.69 -22.77 66.35
C ILE NA 47 66.69 -23.86 65.95
N PRO NA 48 66.31 -25.13 65.97
CA PRO NA 48 67.23 -26.17 65.51
C PRO NA 48 67.43 -26.13 64.01
N LEU NA 49 68.59 -26.61 63.58
CA LEU NA 49 68.92 -26.70 62.16
C LEU NA 49 68.80 -28.10 61.61
N TYR NA 50 69.24 -29.11 62.37
CA TYR NA 50 69.31 -30.49 61.90
C TYR NA 50 68.33 -31.31 62.75
N THR NA 51 67.15 -31.56 62.21
CA THR NA 51 66.08 -32.25 62.93
C THR NA 51 66.04 -33.71 62.49
N SER NA 52 66.05 -34.62 63.46
CA SER NA 52 65.98 -36.05 63.18
C SER NA 52 64.52 -36.48 63.09
N TYR NA 53 64.29 -37.79 63.03
CA TYR NA 53 62.95 -38.35 62.92
C TYR NA 53 62.50 -38.88 64.27
N THR NA 54 61.35 -38.40 64.74
CA THR NA 54 60.81 -38.82 66.03
C THR NA 54 59.80 -39.94 65.82
N TYR NA 55 60.11 -41.11 66.38
CA TYR NA 55 59.17 -42.21 66.40
C TYR NA 55 58.03 -41.89 67.35
N GLN NA 56 56.82 -41.74 66.82
CA GLN NA 56 55.67 -41.42 67.65
C GLN NA 56 54.43 -42.08 67.05
N ALA NA 57 53.31 -41.88 67.72
CA ALA NA 57 52.06 -42.55 67.39
C ALA NA 57 51.00 -41.51 67.05
N THR NA 58 50.66 -41.40 65.78
CA THR NA 58 49.58 -40.54 65.35
C THR NA 58 48.24 -41.19 65.65
N PRO NA 59 47.15 -40.42 65.70
CA PRO NA 59 45.82 -41.02 65.77
C PRO NA 59 45.31 -41.57 64.46
N MET NA 60 45.98 -41.28 63.34
CA MET NA 60 45.46 -41.69 62.03
C MET NA 60 45.62 -43.18 61.78
N ASP NA 61 46.84 -43.69 61.95
CA ASP NA 61 47.08 -45.12 61.80
C ASP NA 61 46.37 -45.89 62.90
N GLY NA 62 45.38 -46.69 62.52
CA GLY NA 62 44.46 -47.28 63.48
C GLY NA 62 45.03 -48.39 64.33
N THR NA 63 45.65 -49.37 63.70
CA THR NA 63 46.06 -50.59 64.38
C THR NA 63 47.56 -50.58 64.64
N LEU NA 64 48.03 -51.62 65.33
CA LEU NA 64 49.45 -51.74 65.63
C LEU NA 64 50.25 -52.10 64.39
N LYS NA 65 49.65 -52.79 63.43
CA LYS NA 65 50.39 -53.18 62.24
C LYS NA 65 50.58 -51.98 61.31
N THR NA 66 49.57 -51.12 61.19
CA THR NA 66 49.68 -49.97 60.30
C THR NA 66 50.60 -48.90 60.88
N MET NA 67 50.82 -48.90 62.19
CA MET NA 67 51.77 -47.96 62.77
C MET NA 67 53.19 -48.42 62.52
N LEU NA 68 53.44 -49.72 62.58
CA LEU NA 68 54.78 -50.22 62.35
C LEU NA 68 55.10 -50.35 60.87
N GLU NA 69 54.10 -50.35 59.99
CA GLU NA 69 54.38 -50.29 58.56
C GLU NA 69 54.86 -48.90 58.15
N ARG NA 70 54.51 -47.86 58.91
CA ARG NA 70 55.00 -46.53 58.59
C ARG NA 70 56.15 -46.09 59.49
N TRP NA 71 56.54 -46.89 60.47
CA TRP NA 71 57.85 -46.66 61.08
C TRP NA 71 58.95 -47.32 60.26
N ALA NA 72 58.64 -48.46 59.65
CA ALA NA 72 59.61 -49.10 58.77
C ALA NA 72 59.77 -48.35 57.46
N ALA NA 73 58.69 -47.74 56.98
CA ALA NA 73 58.77 -47.01 55.71
C ALA NA 73 59.50 -45.68 55.89
N ASP NA 74 59.28 -45.01 57.02
CA ASP NA 74 59.89 -43.71 57.27
C ASP NA 74 61.28 -43.82 57.87
N SER NA 75 61.88 -45.01 57.89
CA SER NA 75 63.21 -45.19 58.42
C SER NA 75 64.07 -46.15 57.62
N ASN NA 76 63.56 -46.66 56.49
CA ASN NA 76 64.21 -47.66 55.64
C ASN NA 76 64.59 -48.92 56.44
N MET NA 77 63.56 -49.58 56.95
CA MET NA 77 63.69 -50.87 57.60
C MET NA 77 62.61 -51.80 57.08
N GLN NA 78 62.73 -53.07 57.42
CA GLN NA 78 61.79 -54.10 56.99
C GLN NA 78 60.95 -54.56 58.17
N LEU NA 79 59.68 -54.83 57.91
CA LEU NA 79 58.75 -55.26 58.95
C LEU NA 79 58.44 -56.75 58.77
N SER NA 80 58.67 -57.53 59.82
CA SER NA 80 58.29 -58.93 59.86
C SER NA 80 57.23 -59.07 60.96
N TYR NA 81 55.98 -58.86 60.59
CA TYR NA 81 54.87 -58.99 61.52
C TYR NA 81 54.47 -60.47 61.56
N ASN NA 82 54.77 -61.14 62.66
CA ASN NA 82 54.55 -62.57 62.79
C ASN NA 82 53.51 -62.89 63.85
N LEU NA 83 52.43 -62.13 63.86
CA LEU NA 83 51.31 -62.44 64.73
C LEU NA 83 50.10 -62.86 63.89
N PRO NA 84 49.29 -63.80 64.39
CA PRO NA 84 48.11 -64.23 63.62
C PRO NA 84 46.97 -63.23 63.62
N SER NA 85 47.04 -62.17 64.45
CA SER NA 85 45.97 -61.19 64.49
C SER NA 85 46.57 -59.83 64.80
N ASP NA 86 45.73 -58.79 64.64
CA ASP NA 86 46.16 -57.41 64.70
C ASP NA 86 45.44 -56.71 65.84
N TYR NA 87 46.15 -55.82 66.53
CA TYR NA 87 45.63 -55.12 67.70
C TYR NA 87 45.49 -53.63 67.42
N THR NA 88 44.43 -53.03 67.94
CA THR NA 88 44.25 -51.60 67.75
C THR NA 88 45.06 -50.82 68.78
N LEU NA 89 45.26 -49.54 68.51
CA LEU NA 89 46.08 -48.70 69.38
C LEU NA 89 45.27 -48.21 70.56
N ILE NA 90 45.90 -48.18 71.73
CA ILE NA 90 45.21 -47.82 72.97
C ILE NA 90 45.80 -46.54 73.56
N GLY NA 91 45.24 -46.14 74.70
CA GLY NA 91 45.59 -44.92 75.41
C GLY NA 91 47.07 -44.66 75.71
N PRO NA 92 47.74 -45.57 76.42
CA PRO NA 92 49.16 -45.34 76.73
C PRO NA 92 50.13 -45.44 75.56
N VAL NA 93 49.65 -45.69 74.33
CA VAL NA 93 50.54 -45.64 73.18
C VAL NA 93 50.91 -44.20 72.87
N SER NA 94 50.02 -43.25 73.19
CA SER NA 94 50.27 -41.84 72.89
C SER NA 94 51.16 -41.17 73.93
N ALA NA 95 52.30 -41.78 74.22
CA ALA NA 95 53.33 -41.16 75.03
C ALA NA 95 54.72 -41.43 74.48
N ILE NA 96 54.84 -42.20 73.41
CA ILE NA 96 56.14 -42.52 72.81
C ILE NA 96 56.54 -41.37 71.90
N SER NA 97 57.68 -40.75 72.19
CA SER NA 97 58.22 -39.71 71.32
C SER NA 97 59.73 -39.77 71.48
N THR NA 98 60.41 -40.47 70.57
CA THR NA 98 61.83 -40.72 70.69
C THR NA 98 62.45 -40.70 69.30
N THR NA 99 63.64 -40.13 69.19
CA THR NA 99 64.44 -40.18 67.97
C THR NA 99 65.27 -41.46 67.87
N SER NA 100 65.02 -42.44 68.73
CA SER NA 100 65.72 -43.71 68.76
C SER NA 100 64.74 -44.84 68.55
N VAL NA 101 65.08 -45.77 67.65
CA VAL NA 101 64.16 -46.85 67.35
C VAL NA 101 64.14 -47.89 68.48
N GLN NA 102 65.26 -48.05 69.19
CA GLN NA 102 65.34 -49.07 70.23
C GLN NA 102 64.56 -48.65 71.48
N GLN NA 103 64.55 -47.36 71.80
CA GLN NA 103 63.83 -46.90 72.98
C GLN NA 103 62.33 -46.85 72.70
N ALA NA 104 61.94 -46.74 71.43
CA ALA NA 104 60.53 -46.73 71.07
C ALA NA 104 59.96 -48.14 70.99
N ALA NA 105 60.77 -49.12 70.59
CA ALA NA 105 60.32 -50.49 70.61
C ALA NA 105 60.28 -51.05 72.02
N THR NA 106 61.04 -50.46 72.93
CA THR NA 106 60.97 -50.87 74.33
C THR NA 106 59.72 -50.34 75.00
N GLU NA 107 59.39 -49.07 74.75
CA GLU NA 107 58.19 -48.48 75.34
C GLU NA 107 56.92 -49.07 74.74
N LEU NA 108 57.00 -49.60 73.52
CA LEU NA 108 55.82 -50.20 72.91
C LEU NA 108 55.53 -51.56 73.53
N SER NA 109 56.56 -52.38 73.73
CA SER NA 109 56.38 -53.71 74.28
C SER NA 109 56.00 -53.69 75.76
N ALA NA 110 56.25 -52.58 76.46
CA ALA NA 110 55.75 -52.44 77.81
C ALA NA 110 54.24 -52.19 77.81
N VAL NA 111 53.71 -51.58 76.76
CA VAL NA 111 52.28 -51.35 76.67
C VAL NA 111 51.54 -52.64 76.34
N TYR NA 112 51.97 -53.31 75.28
CA TYR NA 112 51.34 -54.56 74.83
C TYR NA 112 51.99 -55.78 75.44
N ALA NA 113 52.13 -55.78 76.76
CA ALA NA 113 52.65 -56.94 77.48
C ALA NA 113 51.54 -57.89 77.90
N ALA NA 114 50.31 -57.39 78.03
CA ALA NA 114 49.20 -58.21 78.47
C ALA NA 114 48.71 -59.16 77.39
N GLN NA 115 49.03 -58.88 76.12
CA GLN NA 115 48.58 -59.71 75.01
C GLN NA 115 49.69 -60.54 74.41
N GLY NA 116 50.88 -60.53 75.02
CA GLY NA 116 51.98 -61.33 74.53
C GLY NA 116 52.55 -60.83 73.23
N VAL NA 117 52.83 -59.54 73.15
CA VAL NA 117 53.37 -58.91 71.96
C VAL NA 117 54.74 -58.34 72.30
N SER NA 118 55.77 -58.82 71.63
CA SER NA 118 57.13 -58.34 71.83
C SER NA 118 57.67 -57.79 70.51
N VAL NA 119 58.09 -56.54 70.53
CA VAL NA 119 58.61 -55.86 69.34
C VAL NA 119 60.07 -55.52 69.60
N SER NA 120 60.96 -55.98 68.73
CA SER NA 120 62.38 -55.73 68.85
C SER NA 120 62.97 -55.42 67.49
N VAL NA 121 64.20 -54.94 67.49
CA VAL NA 121 64.91 -54.54 66.27
C VAL NA 121 66.18 -55.36 66.16
N SER NA 122 66.28 -56.15 65.10
CA SER NA 122 67.50 -56.91 64.83
C SER NA 122 68.44 -56.16 63.90
N ALA NA 123 68.68 -54.89 64.24
CA ALA NA 123 69.71 -53.98 63.72
C ALA NA 123 69.50 -53.53 62.28
N ASN NA 124 68.56 -54.15 61.56
CA ASN NA 124 68.18 -53.66 60.24
C ASN NA 124 66.69 -53.84 59.94
N LYS NA 125 65.91 -54.36 60.87
CA LYS NA 125 64.52 -54.73 60.62
C LYS NA 125 63.80 -54.90 61.94
N LEU NA 126 62.48 -54.80 61.89
CA LEU NA 126 61.64 -54.93 63.06
C LEU NA 126 61.05 -56.34 63.13
N LEU NA 127 60.98 -56.89 64.34
CA LEU NA 127 60.45 -58.22 64.57
C LEU NA 127 59.27 -58.12 65.52
N VAL NA 128 58.12 -58.62 65.10
CA VAL NA 128 56.93 -58.67 65.93
C VAL NA 128 56.60 -60.14 66.13
N GLN NA 129 56.96 -60.67 67.29
CA GLN NA 129 56.81 -62.08 67.63
C GLN NA 129 56.19 -62.18 69.02
N PRO NA 130 55.54 -63.31 69.32
CA PRO NA 130 55.04 -63.51 70.69
C PRO NA 130 56.17 -63.63 71.70
N VAL NA 131 55.85 -63.33 72.95
CA VAL NA 131 56.83 -63.32 74.02
C VAL NA 131 57.17 -64.77 74.38
N PRO NA 132 58.45 -65.11 74.62
CA PRO NA 132 58.81 -66.45 75.08
C PRO NA 132 58.30 -66.75 76.49
N GLN OA 27 72.97 -7.53 12.96
CA GLN OA 27 73.63 -8.25 11.88
C GLN OA 27 72.61 -9.03 11.05
N VAL OA 28 71.76 -9.77 11.75
CA VAL OA 28 70.67 -10.52 11.14
C VAL OA 28 69.34 -9.83 11.38
N VAL OA 29 69.07 -9.46 12.62
CA VAL OA 29 67.96 -8.58 12.99
C VAL OA 29 68.59 -7.28 13.45
N GLN OA 30 68.44 -6.22 12.67
CA GLN OA 30 69.14 -4.97 12.94
C GLN OA 30 68.16 -3.89 13.37
N GLU OA 31 68.51 -3.18 14.43
CA GLU OA 31 67.74 -2.04 14.91
C GLU OA 31 68.36 -0.75 14.41
N TYR OA 32 67.53 0.17 13.96
CA TYR OA 32 67.97 1.51 13.63
C TYR OA 32 67.33 2.50 14.58
N GLU OA 33 68.03 3.59 14.86
CA GLU OA 33 67.50 4.67 15.67
C GLU OA 33 66.95 5.74 14.75
N TYR OA 34 65.71 6.15 14.98
CA TYR OA 34 65.06 7.10 14.09
C TYR OA 34 65.62 8.49 14.29
N ALA OA 35 66.18 9.05 13.23
CA ALA OA 35 66.56 10.46 13.15
C ALA OA 35 65.98 11.02 11.87
N PRO OA 36 65.59 12.29 11.86
CA PRO OA 36 64.98 12.88 10.65
C PRO OA 36 65.99 13.01 9.52
N ASP OA 37 65.59 12.56 8.33
CA ASP OA 37 66.35 12.62 7.08
C ASP OA 37 67.68 11.89 7.19
N ARG OA 38 67.59 10.58 7.43
CA ARG OA 38 68.75 9.69 7.47
C ARG OA 38 68.53 8.57 6.45
N ILE OA 39 69.61 8.12 5.83
CA ILE OA 39 69.53 7.09 4.81
C ILE OA 39 69.77 5.74 5.47
N TYR OA 40 68.73 4.92 5.58
CA TYR OA 40 68.82 3.63 6.21
C TYR OA 40 69.04 2.55 5.14
N GLN OA 41 70.05 1.71 5.34
CA GLN OA 41 70.39 0.70 4.35
C GLN OA 41 69.74 -0.62 4.71
N VAL OA 42 68.99 -1.18 3.77
CA VAL OA 42 68.33 -2.46 3.91
C VAL OA 42 68.96 -3.41 2.90
N ARG OA 43 69.53 -4.50 3.38
CA ARG OA 43 70.23 -5.45 2.52
C ARG OA 43 69.41 -6.73 2.42
N THR OA 44 69.04 -7.08 1.20
CA THR OA 44 68.14 -8.19 0.95
C THR OA 44 68.86 -9.33 0.23
N GLY OA 45 68.16 -10.46 0.13
CA GLY OA 45 68.65 -11.59 -0.63
C GLY OA 45 67.57 -12.06 -1.59
N LEU OA 46 67.95 -12.94 -2.51
CA LEU OA 46 67.11 -13.19 -3.67
C LEU OA 46 65.90 -14.08 -3.36
N GLY OA 47 66.06 -15.08 -2.49
CA GLY OA 47 64.92 -15.90 -2.13
C GLY OA 47 64.53 -15.79 -0.66
N ILE OA 48 64.60 -14.56 -0.13
CA ILE OA 48 64.50 -14.29 1.30
C ILE OA 48 63.60 -13.09 1.51
N THR OA 49 62.56 -13.23 2.33
CA THR OA 49 61.82 -12.05 2.76
C THR OA 49 62.59 -11.28 3.80
N THR OA 50 62.59 -9.96 3.67
CA THR OA 50 63.07 -9.06 4.68
C THR OA 50 61.90 -8.18 5.07
N GLN OA 51 61.60 -8.07 6.36
CA GLN OA 51 60.55 -7.16 6.77
C GLN OA 51 61.16 -5.94 7.43
N VAL OA 52 60.61 -4.78 7.10
CA VAL OA 52 60.87 -3.56 7.86
C VAL OA 52 59.64 -3.29 8.71
N GLU OA 53 59.86 -2.88 9.95
CA GLU OA 53 58.76 -2.69 10.89
C GLU OA 53 58.80 -1.27 11.40
N LEU OA 54 57.77 -0.51 11.08
CA LEU OA 54 57.65 0.87 11.48
C LEU OA 54 56.97 0.94 12.85
N SER OA 55 56.61 2.13 13.28
CA SER OA 55 55.96 2.25 14.57
C SER OA 55 54.50 1.82 14.47
N PRO OA 56 53.96 1.15 15.50
CA PRO OA 56 52.53 0.84 15.49
C PRO OA 56 51.64 2.04 15.74
N ASN OA 57 52.21 3.18 16.12
CA ASN OA 57 51.41 4.32 16.54
C ASN OA 57 50.80 5.06 15.35
N GLU OA 58 51.61 5.32 14.32
CA GLU OA 58 51.21 6.17 13.21
C GLU OA 58 50.75 5.36 12.02
N LYS OA 59 49.85 5.95 11.24
CA LYS OA 59 49.31 5.35 10.03
C LYS OA 59 50.16 5.74 8.84
N ILE OA 60 50.44 4.76 7.97
CA ILE OA 60 51.26 5.01 6.79
C ILE OA 60 50.41 5.67 5.71
N LEU OA 61 50.83 6.86 5.29
CA LEU OA 61 50.09 7.58 4.25
C LEU OA 61 50.38 7.01 2.87
N ASP OA 62 51.65 7.05 2.45
CA ASP OA 62 52.01 6.61 1.11
C ASP OA 62 53.45 6.12 1.08
N TYR OA 63 53.81 5.49 -0.03
CA TYR OA 63 55.15 4.95 -0.23
C TYR OA 63 55.39 4.82 -1.72
N SER OA 64 56.64 4.95 -2.12
CA SER OA 64 56.99 4.81 -3.53
C SER OA 64 58.45 4.41 -3.65
N THR OA 65 58.70 3.29 -4.32
CA THR OA 65 60.05 2.84 -4.60
C THR OA 65 60.37 3.04 -6.08
N GLY OA 66 61.60 3.43 -6.37
CA GLY OA 66 62.06 3.45 -7.74
C GLY OA 66 62.26 2.04 -8.25
N PHE OA 67 62.02 1.87 -9.54
CA PHE OA 67 62.10 0.56 -10.24
C PHE OA 67 61.15 -0.44 -9.58
N THR OA 68 59.85 -0.15 -9.73
CA THR OA 68 58.81 -0.89 -9.04
C THR OA 68 58.74 -2.34 -9.50
N GLY OA 69 59.02 -2.60 -10.77
CA GLY OA 69 58.94 -3.94 -11.30
C GLY OA 69 60.15 -4.82 -11.05
N GLY OA 70 60.85 -4.59 -9.94
CA GLY OA 70 61.95 -5.43 -9.55
C GLY OA 70 61.91 -5.72 -8.07
N TRP OA 71 60.77 -5.41 -7.45
CA TRP OA 71 60.60 -5.57 -6.01
C TRP OA 71 59.15 -5.96 -5.75
N GLU OA 72 58.96 -7.16 -5.21
CA GLU OA 72 57.65 -7.61 -4.74
C GLU OA 72 57.51 -7.24 -3.28
N LEU OA 73 56.71 -6.22 -2.99
CA LEU OA 73 56.53 -5.76 -1.63
C LEU OA 73 55.05 -5.57 -1.33
N THR OA 74 54.62 -6.10 -0.19
CA THR OA 74 53.26 -5.96 0.31
C THR OA 74 53.31 -5.38 1.71
N ARG OA 75 52.22 -4.76 2.13
CA ARG OA 75 52.17 -4.18 3.47
C ARG OA 75 50.96 -4.68 4.26
N ARG OA 76 51.16 -4.81 5.58
CA ARG OA 76 50.07 -5.07 6.52
C ARG OA 76 50.19 -4.06 7.65
N GLU OA 77 49.73 -2.84 7.38
CA GLU OA 77 49.41 -1.74 8.31
C GLU OA 77 50.58 -1.09 9.03
N ASN OA 78 51.71 -1.78 9.19
CA ASN OA 78 52.97 -1.11 9.50
C ASN OA 78 54.21 -1.85 9.02
N VAL OA 79 54.08 -3.01 8.37
CA VAL OA 79 55.23 -3.85 8.05
C VAL OA 79 55.25 -4.11 6.54
N PHE OA 80 56.42 -3.94 5.94
CA PHE OA 80 56.60 -4.16 4.52
C PHE OA 80 57.46 -5.40 4.32
N TYR OA 81 56.93 -6.40 3.64
CA TYR OA 81 57.69 -7.62 3.35
C TYR OA 81 58.34 -7.45 1.98
N LEU OA 82 59.65 -7.24 1.96
CA LEU OA 82 60.39 -6.93 0.75
C LEU OA 82 61.08 -8.17 0.22
N LYS OA 83 61.01 -8.37 -1.10
CA LYS OA 83 61.85 -9.35 -1.74
C LYS OA 83 62.14 -8.87 -3.16
N PRO OA 84 63.36 -9.01 -3.64
CA PRO OA 84 63.69 -8.58 -5.00
C PRO OA 84 63.19 -9.58 -6.02
N LYS OA 85 63.39 -9.26 -7.29
CA LYS OA 85 63.04 -10.17 -8.37
C LYS OA 85 64.19 -10.47 -9.31
N ASN OA 86 65.27 -9.71 -9.29
CA ASN OA 86 66.39 -9.98 -10.18
C ASN OA 86 67.66 -9.51 -9.47
N VAL OA 87 68.81 -9.71 -10.13
CA VAL OA 87 70.08 -9.59 -9.45
C VAL OA 87 70.51 -8.12 -9.26
N ASP OA 88 70.06 -7.21 -10.12
CA ASP OA 88 70.44 -5.80 -10.03
C ASP OA 88 69.18 -4.93 -9.99
N VAL OA 89 68.61 -4.80 -8.81
CA VAL OA 89 67.38 -4.04 -8.61
C VAL OA 89 67.58 -3.04 -7.50
N ASP OA 90 68.81 -2.56 -7.33
CA ASP OA 90 69.16 -1.63 -6.27
C ASP OA 90 68.43 -0.31 -6.46
N THR OA 91 67.76 0.15 -5.41
CA THR OA 91 66.92 1.34 -5.53
C THR OA 91 66.74 1.96 -4.16
N ASN OA 92 65.93 3.01 -4.11
CA ASN OA 92 65.47 3.60 -2.87
C ASN OA 92 64.00 3.27 -2.62
N MET OA 93 63.58 3.46 -1.39
CA MET OA 93 62.17 3.40 -1.07
C MET OA 93 61.90 4.42 0.01
N MET OA 94 60.82 5.19 -0.16
CA MET OA 94 60.50 6.29 0.73
C MET OA 94 59.13 6.05 1.32
N ILE OA 95 59.06 5.99 2.63
CA ILE OA 95 57.81 5.81 3.35
C ILE OA 95 57.51 7.13 4.05
N ARG OA 96 56.27 7.56 3.98
CA ARG OA 96 55.84 8.82 4.59
C ARG OA 96 54.61 8.53 5.44
N THR OA 97 54.78 8.56 6.74
CA THR OA 97 53.67 8.39 7.68
C THR OA 97 53.11 9.77 8.03
N ALA OA 98 52.30 9.83 9.09
CA ALA OA 98 51.69 11.10 9.48
C ALA OA 98 52.71 12.06 10.07
N THR OA 99 53.72 11.56 10.77
CA THR OA 99 54.70 12.43 11.39
C THR OA 99 56.15 11.98 11.18
N HIS OA 100 56.40 10.87 10.51
CA HIS OA 100 57.75 10.41 10.27
C HIS OA 100 57.98 10.29 8.76
N SER OA 101 59.26 10.28 8.38
CA SER OA 101 59.64 10.17 6.97
C SER OA 101 60.91 9.35 6.88
N TYR OA 102 60.84 8.24 6.15
CA TYR OA 102 61.92 7.28 6.06
C TYR OA 102 62.48 7.27 4.65
N ILE OA 103 63.80 7.19 4.53
CA ILE OA 103 64.45 7.05 3.23
C ILE OA 103 65.27 5.77 3.30
N LEU OA 104 64.73 4.68 2.77
CA LEU OA 104 65.40 3.39 2.78
C LEU OA 104 66.23 3.24 1.52
N GLU OA 105 67.34 2.53 1.64
CA GLU OA 105 68.29 2.37 0.55
C GLU OA 105 68.44 0.87 0.28
N LEU OA 106 67.61 0.35 -0.61
CA LEU OA 106 67.48 -1.08 -0.83
C LEU OA 106 68.64 -1.63 -1.64
N LYS OA 107 69.20 -2.74 -1.19
CA LYS OA 107 70.32 -3.38 -1.85
C LYS OA 107 70.01 -4.85 -2.07
N VAL OA 108 70.85 -5.51 -2.86
CA VAL OA 108 70.81 -6.96 -3.04
C VAL OA 108 72.22 -7.48 -2.82
N VAL OA 109 72.38 -8.33 -1.80
CA VAL OA 109 73.71 -8.73 -1.36
C VAL OA 109 73.94 -10.23 -1.48
N ALA OA 110 72.91 -11.07 -1.50
CA ALA OA 110 73.07 -12.51 -1.67
C ALA OA 110 72.13 -12.98 -2.76
N THR OA 111 72.70 -13.54 -3.82
CA THR OA 111 71.91 -13.97 -4.97
C THR OA 111 72.26 -15.37 -5.47
N ASP OA 112 73.42 -15.92 -5.13
CA ASP OA 112 73.93 -17.14 -5.72
C ASP OA 112 73.99 -18.27 -4.71
N TRP OA 113 73.42 -18.07 -3.52
CA TRP OA 113 73.57 -19.01 -2.42
C TRP OA 113 72.76 -20.27 -2.66
N GLN OA 114 73.33 -21.40 -2.23
CA GLN OA 114 72.62 -22.67 -2.22
C GLN OA 114 72.23 -23.10 -0.82
N ARG OA 115 73.04 -22.76 0.16
CA ARG OA 115 72.81 -23.05 1.56
C ARG OA 115 72.49 -21.74 2.27
N LEU OA 116 71.52 -21.78 3.18
CA LEU OA 116 70.99 -20.53 3.74
C LEU OA 116 71.93 -19.88 4.74
N GLU OA 117 72.95 -20.61 5.19
CA GLU OA 117 74.02 -20.02 5.97
C GLU OA 117 74.93 -19.12 5.13
N GLN OA 118 74.97 -19.33 3.81
CA GLN OA 118 75.79 -18.48 2.96
C GLN OA 118 75.18 -17.10 2.78
N ALA OA 119 73.88 -16.96 2.95
CA ALA OA 119 73.28 -15.63 2.89
C ALA OA 119 73.45 -14.89 4.20
N LYS OA 120 73.58 -15.61 5.32
CA LYS OA 120 73.92 -14.99 6.59
C LYS OA 120 75.28 -14.31 6.52
N GLN OA 121 76.27 -15.01 5.98
CA GLN OA 121 77.63 -14.48 5.91
C GLN OA 121 77.75 -13.41 4.84
N ALA OA 122 76.92 -13.48 3.80
CA ALA OA 122 76.92 -12.41 2.80
C ALA OA 122 76.39 -11.11 3.36
N GLY OA 123 75.49 -11.18 4.33
CA GLY OA 123 75.10 -10.00 5.06
C GLY OA 123 73.65 -9.60 4.89
N VAL OA 124 72.75 -10.57 4.72
CA VAL OA 124 71.34 -10.21 4.58
C VAL OA 124 70.78 -9.80 5.94
N GLN OA 125 69.64 -9.12 5.89
CA GLN OA 125 68.94 -8.68 7.08
C GLN OA 125 67.55 -9.27 7.05
N TYR OA 126 67.27 -10.18 7.98
CA TYR OA 126 65.95 -10.80 8.05
C TYR OA 126 64.91 -9.80 8.52
N LYS OA 127 65.20 -9.01 9.54
CA LYS OA 127 64.25 -8.07 10.09
C LYS OA 127 64.92 -6.71 10.24
N VAL OA 128 64.15 -5.64 10.04
CA VAL OA 128 64.58 -4.28 10.33
C VAL OA 128 63.52 -3.63 11.19
N VAL OA 129 63.92 -3.16 12.37
CA VAL OA 129 63.01 -2.45 13.26
C VAL OA 129 63.63 -1.12 13.64
N PHE OA 130 62.78 -0.13 13.89
CA PHE OA 130 63.19 1.22 14.21
C PHE OA 130 62.88 1.53 15.66
N THR OA 131 63.87 2.02 16.40
CA THR OA 131 63.69 2.49 17.75
C THR OA 131 63.53 4.01 17.75
N TYR OA 132 62.64 4.51 18.59
CA TYR OA 132 62.25 5.92 18.55
C TYR OA 132 62.62 6.60 19.86
N PRO OA 133 63.67 7.42 19.89
CA PRO OA 133 64.04 8.10 21.12
C PRO OA 133 63.13 9.27 21.41
N LYS OA 134 63.15 9.70 22.67
CA LYS OA 134 62.46 10.92 23.03
C LYS OA 134 63.35 12.12 22.74
N ASP OA 135 62.76 13.31 22.86
CA ASP OA 135 63.44 14.54 22.47
C ASP OA 135 64.58 14.85 23.43
N THR OA 136 65.63 15.49 22.91
CA THR OA 136 66.84 15.70 23.69
C THR OA 136 66.67 16.79 24.74
N SER OA 137 65.58 17.55 24.68
CA SER OA 137 65.33 18.53 25.73
C SER OA 137 64.80 17.85 26.99
N PHE OA 138 64.30 16.63 26.86
CA PHE OA 138 63.88 15.89 28.04
C PHE OA 138 65.01 15.02 28.58
N ASN OA 139 66.07 14.82 27.79
CA ASN OA 139 67.21 14.03 28.26
C ASN OA 139 68.07 14.84 29.21
N ASN OA 140 67.96 16.17 29.16
CA ASN OA 140 68.68 17.01 30.12
C ASN OA 140 68.06 16.92 31.51
N VAL OA 141 66.79 16.53 31.58
CA VAL OA 141 66.09 16.34 32.85
C VAL OA 141 66.36 14.94 33.39
N LYS OA 148 68.12 3.87 37.45
CA LYS OA 148 68.97 3.09 36.57
C LYS OA 148 69.66 1.97 37.35
N ASN OA 149 70.03 2.27 38.58
CA ASN OA 149 70.77 1.34 39.44
C ASN OA 149 69.80 0.29 39.98
N GLY OA 150 69.49 -0.69 39.13
CA GLY OA 150 68.63 -1.78 39.50
C GLY OA 150 67.17 -1.37 39.62
N PRO OA 151 66.35 -2.28 40.13
CA PRO OA 151 64.92 -1.99 40.27
C PRO OA 151 64.61 -1.11 41.47
N LEU OA 152 63.48 -0.42 41.36
CA LEU OA 152 63.07 0.50 42.41
C LEU OA 152 62.41 -0.20 43.59
N LEU OA 153 61.78 -1.35 43.35
CA LEU OA 153 61.10 -2.10 44.41
C LEU OA 153 61.90 -3.37 44.64
N ASN OA 154 62.63 -3.41 45.75
CA ASN OA 154 63.43 -4.58 46.11
C ASN OA 154 63.13 -4.87 47.56
N ALA OA 155 62.51 -6.03 47.82
CA ALA OA 155 62.01 -6.36 49.15
C ALA OA 155 63.13 -6.68 50.15
N LYS OA 156 64.34 -6.92 49.68
CA LYS OA 156 65.47 -7.10 50.57
C LYS OA 156 65.94 -5.74 51.10
N ILE OA 157 66.87 -5.79 52.04
CA ILE OA 157 67.50 -4.59 52.59
C ILE OA 157 68.79 -4.35 51.83
N LEU OA 158 68.88 -3.21 51.16
CA LEU OA 158 70.04 -2.93 50.33
C LEU OA 158 71.10 -2.22 51.15
N LYS OA 159 72.30 -2.15 50.56
CA LYS OA 159 73.43 -1.52 51.25
C LYS OA 159 73.27 -0.01 51.31
N ASP OA 160 72.71 0.59 50.26
CA ASP OA 160 72.70 2.03 50.09
C ASP OA 160 71.28 2.60 50.00
N ARG OA 161 70.40 2.13 50.86
CA ARG OA 161 69.07 2.71 51.00
C ARG OA 161 68.78 2.97 52.46
N ARG OA 162 68.00 4.00 52.72
CA ARG OA 162 67.69 4.43 54.08
C ARG OA 162 66.31 3.93 54.46
N TYR OA 163 66.24 3.18 55.55
CA TYR OA 163 65.01 2.56 56.02
C TYR OA 163 64.53 3.21 57.29
N TYR OA 164 63.24 3.06 57.58
CA TYR OA 164 62.61 3.71 58.72
C TYR OA 164 61.76 2.69 59.47
N TYR OA 165 62.30 2.15 60.56
CA TYR OA 165 61.65 1.09 61.33
C TYR OA 165 60.95 1.68 62.55
N ASP OA 166 59.89 2.44 62.30
CA ASP OA 166 59.17 3.02 63.44
C ASP OA 166 57.70 3.11 63.04
N TYR OA 167 56.94 2.08 63.41
CA TYR OA 167 55.54 1.95 63.06
C TYR OA 167 54.79 1.35 64.23
N ASP OA 168 53.53 1.73 64.38
CA ASP OA 168 52.68 1.23 65.45
C ASP OA 168 51.49 0.50 64.85
N TYR OA 169 50.70 -0.14 65.73
CA TYR OA 169 49.46 -0.76 65.30
C TYR OA 169 48.43 -0.61 66.40
N ALA OA 170 47.17 -0.51 66.01
CA ALA OA 170 46.07 -0.36 66.95
C ALA OA 170 44.87 -1.15 66.47
N THR OA 171 44.32 -1.99 67.35
CA THR OA 171 43.17 -2.82 67.01
C THR OA 171 42.44 -3.19 68.28
N ARG OA 172 41.17 -3.60 68.12
CA ARG OA 172 40.33 -3.92 69.27
C ARG OA 172 40.77 -5.21 69.94
N THR OA 173 40.83 -6.29 69.16
CA THR OA 173 41.22 -7.59 69.70
C THR OA 173 42.71 -7.60 70.02
N LYS OA 174 43.08 -8.31 71.09
CA LYS OA 174 44.45 -8.26 71.57
C LYS OA 174 45.39 -9.06 70.68
N LYS OA 175 45.16 -10.36 70.57
CA LYS OA 175 45.95 -11.23 69.70
C LYS OA 175 45.09 -11.57 68.48
N SER OA 176 45.33 -10.86 67.39
CA SER OA 176 44.63 -11.11 66.14
C SER OA 176 45.59 -11.71 65.12
N TRP OA 177 45.00 -12.31 64.09
CA TRP OA 177 45.75 -12.80 62.95
C TRP OA 177 45.91 -11.75 61.86
N LEU OA 178 45.44 -10.54 62.10
CA LEU OA 178 45.52 -9.47 61.11
C LEU OA 178 46.63 -8.48 61.44
N ILE OA 179 47.26 -8.62 62.59
CA ILE OA 179 48.38 -7.75 62.97
C ILE OA 179 49.58 -8.09 62.10
N PRO OA 180 50.19 -7.11 61.44
CA PRO OA 180 51.38 -7.40 60.62
C PRO OA 180 52.57 -7.80 61.46
N SER OA 181 53.45 -8.59 60.86
CA SER OA 181 54.65 -9.00 61.55
C SER OA 181 55.67 -7.88 61.61
N ARG OA 182 55.99 -7.29 60.45
CA ARG OA 182 57.00 -6.26 60.34
C ARG OA 182 56.54 -5.23 59.32
N VAL OA 183 56.65 -3.95 59.65
CA VAL OA 183 56.29 -2.87 58.75
C VAL OA 183 57.48 -1.91 58.71
N TYR OA 184 57.91 -1.55 57.51
CA TYR OA 184 58.98 -0.57 57.32
C TYR OA 184 58.82 0.05 55.93
N ASP OA 185 59.77 0.89 55.55
CA ASP OA 185 59.75 1.49 54.21
C ASP OA 185 61.14 1.93 53.82
N ASP OA 186 61.33 2.15 52.53
CA ASP OA 186 62.61 2.64 51.98
C ASP OA 186 62.52 4.06 51.47
N GLY OA 187 61.51 4.81 51.89
CA GLY OA 187 61.27 6.14 51.40
C GLY OA 187 60.31 6.20 50.23
N LYS OA 188 60.19 5.12 49.46
CA LYS OA 188 59.35 5.10 48.29
C LYS OA 188 58.27 4.03 48.33
N PHE OA 189 58.47 2.92 49.05
CA PHE OA 189 57.49 1.86 49.14
C PHE OA 189 57.40 1.40 50.58
N THR OA 190 56.18 1.13 51.06
CA THR OA 190 55.96 0.63 52.41
C THR OA 190 55.78 -0.88 52.38
N TYR OA 191 56.60 -1.60 53.13
CA TYR OA 191 56.69 -3.06 53.04
C TYR OA 191 55.99 -3.69 54.23
N ILE OA 192 54.69 -3.94 54.10
CA ILE OA 192 53.95 -4.66 55.13
C ILE OA 192 54.25 -6.14 55.00
N ASN OA 193 54.63 -6.77 56.09
CA ASN OA 193 55.05 -8.17 56.09
C ASN OA 193 54.21 -8.94 57.09
N MET OA 194 53.67 -10.08 56.67
CA MET OA 194 52.71 -10.83 57.47
C MET OA 194 53.02 -12.31 57.51
N ASP OA 195 54.30 -12.69 57.52
CA ASP OA 195 54.69 -14.08 57.40
C ASP OA 195 55.00 -14.74 58.73
N LEU OA 196 54.45 -14.25 59.82
CA LEU OA 196 54.51 -14.96 61.09
C LEU OA 196 53.15 -15.24 61.69
N THR OA 197 52.09 -14.66 61.15
CA THR OA 197 50.72 -15.08 61.49
C THR OA 197 50.39 -16.25 60.57
N ARG OA 198 50.81 -17.43 61.01
CA ARG OA 198 50.92 -18.59 60.13
C ARG OA 198 49.61 -19.37 60.00
N PHE OA 199 48.76 -19.37 61.04
CA PHE OA 199 47.66 -20.34 61.08
C PHE OA 199 46.56 -20.10 60.05
N PRO OA 200 45.83 -18.99 60.02
CA PRO OA 200 44.68 -18.94 59.11
C PRO OA 200 45.18 -18.77 57.68
N THR OA 201 44.84 -19.71 56.80
CA THR OA 201 45.33 -19.62 55.45
C THR OA 201 44.68 -18.48 54.69
N GLY OA 202 43.45 -18.15 55.02
CA GLY OA 202 42.83 -16.97 54.44
C GLY OA 202 42.99 -15.72 55.29
N ASN OA 203 44.20 -15.18 55.36
CA ASN OA 203 44.47 -14.04 56.25
C ASN OA 203 44.96 -12.81 55.50
N PHE OA 204 44.66 -12.68 54.21
CA PHE OA 204 45.33 -11.66 53.43
C PHE OA 204 44.41 -10.46 53.26
N PRO OA 205 44.83 -9.28 53.70
CA PRO OA 205 43.92 -8.13 53.75
C PRO OA 205 43.89 -7.26 52.52
N ALA OA 206 43.16 -6.15 52.62
CA ALA OA 206 43.19 -5.06 51.65
C ALA OA 206 43.67 -3.80 52.38
N VAL OA 207 44.74 -3.20 51.86
CA VAL OA 207 45.40 -2.09 52.54
C VAL OA 207 44.92 -0.77 51.94
N PHE OA 208 44.47 0.13 52.80
CA PHE OA 208 44.11 1.50 52.44
C PHE OA 208 45.10 2.44 53.10
N ALA OA 209 44.87 3.74 52.95
CA ALA OA 209 45.74 4.72 53.57
C ALA OA 209 44.92 5.94 53.95
N ARG OA 210 45.47 6.77 54.82
CA ARG OA 210 44.69 7.80 55.47
C ARG OA 210 45.61 8.93 55.89
N GLU OA 211 45.15 10.17 55.76
CA GLU OA 211 46.02 11.30 56.05
C GLU OA 211 46.01 11.72 57.51
N LYS OA 212 44.91 11.50 58.22
CA LYS OA 212 44.84 11.77 59.65
C LYS OA 212 44.50 10.46 60.36
N GLU OA 213 44.21 10.53 61.65
CA GLU OA 213 43.99 9.29 62.37
C GLU OA 213 42.59 8.74 62.12
N HIS OA 214 41.58 9.59 62.20
CA HIS OA 214 40.19 9.16 62.01
C HIS OA 214 39.53 9.91 60.87
N ALA OA 215 40.30 10.21 59.83
CA ALA OA 215 39.78 10.79 58.61
C ALA OA 215 39.21 9.69 57.73
N GLU OA 216 38.84 10.02 56.50
CA GLU OA 216 38.32 9.04 55.57
C GLU OA 216 39.45 8.51 54.71
N ASP OA 217 39.53 7.19 54.58
CA ASP OA 217 40.64 6.57 53.90
C ASP OA 217 40.44 6.60 52.39
N PHE OA 218 41.53 6.31 51.66
CA PHE OA 218 41.53 6.30 50.21
C PHE OA 218 42.33 5.11 49.72
N LEU OA 219 42.59 5.06 48.42
CA LEU OA 219 43.11 3.87 47.76
C LEU OA 219 44.58 4.01 47.41
N VAL OA 220 45.30 2.90 47.48
CA VAL OA 220 46.71 2.82 47.14
C VAL OA 220 46.92 1.71 46.13
N ASN OA 221 48.05 1.78 45.44
CA ASN OA 221 48.45 0.71 44.53
C ASN OA 221 49.36 -0.24 45.29
N THR OA 222 49.08 -1.54 45.18
CA THR OA 222 49.82 -2.54 45.91
C THR OA 222 50.35 -3.61 44.97
N THR OA 223 51.56 -4.07 45.23
CA THR OA 223 52.07 -5.30 44.65
C THR OA 223 52.50 -6.21 45.80
N VAL OA 224 52.49 -7.51 45.54
CA VAL OA 224 52.69 -8.51 46.58
C VAL OA 224 53.74 -9.53 46.12
N GLU OA 225 54.54 -9.99 47.08
CA GLU OA 225 55.60 -10.98 46.81
C GLU OA 225 55.57 -12.01 47.93
N GLY OA 226 54.79 -13.07 47.74
CA GLY OA 226 54.70 -14.09 48.76
C GLY OA 226 53.73 -13.71 49.86
N ASN OA 227 54.25 -13.42 51.05
CA ASN OA 227 53.46 -12.93 52.16
C ASN OA 227 53.70 -11.46 52.45
N THR OA 228 54.54 -10.81 51.67
CA THR OA 228 54.83 -9.39 51.85
C THR OA 228 53.87 -8.58 50.98
N LEU OA 229 53.14 -7.67 51.59
CA LEU OA 229 52.29 -6.73 50.85
C LEU OA 229 53.04 -5.42 50.77
N ILE OA 230 53.27 -4.92 49.57
CA ILE OA 230 54.11 -3.76 49.35
C ILE OA 230 53.24 -2.64 48.80
N VAL OA 231 53.22 -1.51 49.49
CA VAL OA 231 52.35 -0.40 49.17
C VAL OA 231 53.16 0.69 48.47
N HIS OA 232 52.70 1.11 47.31
CA HIS OA 232 53.38 2.12 46.50
C HIS OA 232 53.22 3.48 47.15
N GLY OA 233 54.22 3.91 47.91
CA GLY OA 233 54.19 5.22 48.53
C GLY OA 233 54.18 5.18 50.05
N THR OA 234 54.76 6.20 50.68
CA THR OA 234 54.79 6.29 52.13
C THR OA 234 53.70 7.23 52.61
N TYR OA 235 52.95 6.82 53.63
CA TYR OA 235 51.78 7.50 54.11
C TYR OA 235 51.88 7.69 55.62
N PRO OA 236 51.15 8.67 56.17
CA PRO OA 236 51.13 8.78 57.63
C PRO OA 236 50.41 7.64 58.31
N PHE OA 237 49.31 7.15 57.72
CA PHE OA 237 48.51 6.08 58.29
C PHE OA 237 48.17 5.06 57.21
N LEU OA 238 48.18 3.79 57.59
CA LEU OA 238 47.70 2.72 56.73
C LEU OA 238 46.57 2.01 57.46
N VAL OA 239 45.55 1.61 56.72
CA VAL OA 239 44.40 0.91 57.28
C VAL OA 239 44.32 -0.46 56.64
N VAL OA 240 44.17 -1.49 57.46
CA VAL OA 240 44.26 -2.88 57.04
C VAL OA 240 42.94 -3.56 57.39
N ARG OA 241 42.19 -3.98 56.38
CA ARG OA 241 40.83 -4.47 56.56
C ARG OA 241 40.68 -5.90 56.06
N HIS OA 242 39.89 -6.70 56.79
CA HIS OA 242 39.51 -8.04 56.36
C HIS OA 242 38.05 -8.30 56.74
N GLY OA 243 37.18 -7.33 56.48
CA GLY OA 243 35.77 -7.52 56.77
C GLY OA 243 35.28 -6.64 57.90
N ASP OA 244 34.96 -7.25 59.04
CA ASP OA 244 34.55 -6.50 60.21
C ASP OA 244 35.71 -6.15 61.13
N ASN OA 245 36.88 -6.74 60.94
CA ASN OA 245 38.04 -6.47 61.77
C ASN OA 245 39.08 -5.66 61.01
N VAL OA 246 39.65 -4.67 61.70
CA VAL OA 246 40.46 -3.63 61.10
C VAL OA 246 41.66 -3.35 62.01
N VAL OA 247 42.82 -3.10 61.40
CA VAL OA 247 44.05 -2.78 62.11
C VAL OA 247 44.62 -1.51 61.52
N GLY OA 248 44.79 -0.47 62.34
CA GLY OA 248 45.43 0.74 61.88
C GLY OA 248 46.93 0.66 62.03
N LEU OA 249 47.65 1.53 61.31
CA LEU OA 249 49.11 1.53 61.30
C LEU OA 249 49.61 2.95 61.24
N ARG OA 250 50.11 3.48 62.36
CA ARG OA 250 50.70 4.82 62.38
C ARG OA 250 52.18 4.74 62.09
N ARG OA 251 52.64 5.61 61.20
CA ARG OA 251 54.05 5.94 61.10
C ARG OA 251 54.36 7.01 62.12
N ASN OA 252 55.29 6.72 63.04
CA ASN OA 252 55.60 7.69 64.07
C ASN OA 252 56.43 8.83 63.50
N LYS OA 253 56.28 10.00 64.11
CA LYS OA 253 56.88 11.22 63.58
C LYS OA 253 58.37 11.26 63.86
N GLN OA 254 59.12 11.74 62.86
CA GLN OA 254 60.57 11.82 62.93
C GLN OA 254 60.99 12.85 63.98
N LYS OA 255 61.56 12.37 65.07
CA LYS OA 255 62.02 13.26 66.13
C LYS OA 255 63.33 13.95 65.73
N PRO PA 150 43.11 -54.66 -18.57
CA PRO PA 150 44.19 -54.54 -17.59
C PRO PA 150 44.31 -55.77 -16.71
N THR PA 151 45.28 -55.78 -15.81
CA THR PA 151 45.42 -56.87 -14.85
C THR PA 151 44.67 -56.52 -13.57
N LEU PA 152 44.92 -57.28 -12.51
CA LEU PA 152 44.25 -57.04 -11.24
C LEU PA 152 44.89 -55.88 -10.49
N LEU PA 153 46.23 -55.86 -10.44
CA LEU PA 153 46.94 -54.78 -9.76
C LEU PA 153 46.79 -53.47 -10.50
N GLU PA 154 46.86 -53.50 -11.83
CA GLU PA 154 46.76 -52.29 -12.64
C GLU PA 154 45.34 -51.71 -12.65
N ARG PA 155 44.35 -52.46 -12.17
CA ARG PA 155 42.99 -51.98 -12.14
C ARG PA 155 42.69 -51.22 -10.86
N ARG PA 156 43.20 -51.71 -9.73
CA ARG PA 156 42.96 -51.07 -8.44
C ARG PA 156 43.65 -49.71 -8.37
N ILE PA 157 44.77 -49.56 -9.07
CA ILE PA 157 45.39 -48.25 -9.21
C ILE PA 157 44.50 -47.36 -10.09
N LEU PA 158 43.92 -47.94 -11.14
CA LEU PA 158 43.16 -47.18 -12.11
C LEU PA 158 41.76 -46.83 -11.59
N ALA PA 159 41.05 -47.81 -11.03
CA ALA PA 159 39.69 -47.58 -10.59
C ALA PA 159 39.61 -46.69 -9.36
N GLU PA 160 40.68 -46.62 -8.57
CA GLU PA 160 40.75 -45.71 -7.44
C GLU PA 160 41.40 -44.38 -7.77
N SER PA 161 41.71 -44.14 -9.04
CA SER PA 161 42.25 -42.86 -9.48
C SER PA 161 41.75 -42.49 -10.86
N GLY PA 183 17.39 -33.51 23.21
CA GLY PA 183 17.99 -32.29 22.71
C GLY PA 183 19.50 -32.36 22.61
N PRO PA 184 20.18 -32.08 23.71
CA PRO PA 184 21.64 -32.19 23.73
C PRO PA 184 22.10 -33.64 23.82
N VAL PA 185 23.40 -33.82 23.85
CA VAL PA 185 23.97 -35.15 23.97
C VAL PA 185 24.51 -35.32 25.39
N THR PA 186 24.47 -36.55 25.90
CA THR PA 186 24.90 -36.88 27.25
C THR PA 186 26.06 -37.86 27.17
N LEU PA 187 27.24 -37.42 27.59
CA LEU PA 187 28.44 -38.23 27.49
C LEU PA 187 29.11 -38.31 28.86
N ALA PA 188 30.04 -39.24 28.98
CA ALA PA 188 30.77 -39.47 30.24
C ALA PA 188 32.23 -39.73 29.88
N LYS PA 189 33.03 -38.68 29.89
CA LYS PA 189 34.42 -38.74 29.49
C LYS PA 189 35.32 -38.53 30.69
N PRO PA 190 36.58 -39.00 30.63
CA PRO PA 190 37.50 -38.72 31.73
C PRO PA 190 37.92 -37.26 31.74
N ILE PA 191 38.21 -36.77 32.93
CA ILE PA 191 38.52 -35.37 33.12
C ILE PA 191 39.93 -35.11 32.63
N SER PA 192 40.16 -33.94 32.05
CA SER PA 192 41.35 -33.68 31.24
C SER PA 192 42.28 -32.73 31.97
N ASN PA 193 43.52 -33.16 32.16
CA ASN PA 193 44.60 -32.46 32.85
C ASN PA 193 44.18 -31.96 34.23
N PRO PA 194 44.00 -32.84 35.22
CA PRO PA 194 43.54 -32.37 36.53
C PRO PA 194 44.60 -31.69 37.36
N ASP PA 195 45.87 -31.73 36.95
CA ASP PA 195 46.90 -31.06 37.74
C ASP PA 195 46.85 -29.56 37.58
N GLY PA 196 46.23 -29.05 36.52
CA GLY PA 196 46.15 -27.62 36.34
C GLY PA 196 44.76 -27.15 35.98
N LEU PA 197 43.73 -27.77 36.55
CA LEU PA 197 42.36 -27.48 36.19
C LEU PA 197 41.72 -26.65 37.29
N LEU PA 198 41.21 -25.48 36.92
CA LEU PA 198 40.36 -24.68 37.80
C LEU PA 198 38.93 -24.96 37.36
N VAL PA 199 38.29 -25.91 38.04
CA VAL PA 199 37.08 -26.51 37.52
C VAL PA 199 35.90 -25.56 37.69
N ARG PA 200 34.83 -25.84 36.97
CA ARG PA 200 33.56 -25.15 37.18
C ARG PA 200 33.02 -25.48 38.55
N GLY PA 201 32.87 -24.48 39.38
CA GLY PA 201 32.36 -24.67 40.71
C GLY PA 201 33.32 -24.50 41.85
N THR PA 202 34.49 -23.91 41.62
CA THR PA 202 35.31 -23.53 42.76
C THR PA 202 34.94 -22.11 43.19
N TYR PA 203 35.23 -21.80 44.44
CA TYR PA 203 34.78 -20.55 45.04
C TYR PA 203 36.02 -19.73 45.35
N ILE PA 204 36.18 -18.61 44.66
CA ILE PA 204 37.30 -17.72 44.88
C ILE PA 204 36.87 -16.67 45.89
N ARG PA 205 37.37 -16.75 47.11
CA ARG PA 205 37.03 -15.79 48.15
C ARG PA 205 37.96 -14.60 48.03
N CYS PA 206 37.39 -13.42 47.86
CA CYS PA 206 38.17 -12.20 47.81
C CYS PA 206 37.48 -11.15 48.67
N ILE PA 207 38.24 -10.16 49.11
CA ILE PA 207 37.70 -9.06 49.89
C ILE PA 207 37.76 -7.79 49.05
N LEU PA 208 36.70 -6.98 49.13
CA LEU PA 208 36.52 -5.87 48.21
C LEU PA 208 37.46 -4.73 48.54
N GLU PA 209 37.95 -4.07 47.50
CA GLU PA 209 38.85 -2.92 47.66
C GLU PA 209 38.22 -1.61 47.20
N THR PA 210 37.43 -1.62 46.13
CA THR PA 210 36.75 -0.43 45.65
C THR PA 210 35.31 -0.43 46.15
N ARG PA 211 34.92 0.62 46.87
CA ARG PA 211 33.55 0.78 47.35
C ARG PA 211 32.54 0.92 46.23
N ILE PA 212 31.69 -0.08 46.06
CA ILE PA 212 30.75 -0.11 44.94
C ILE PA 212 29.55 0.77 45.28
N ILE PA 213 29.17 1.65 44.35
CA ILE PA 213 27.93 2.42 44.45
C ILE PA 213 27.20 2.33 43.11
N SER PA 214 25.95 1.87 43.15
CA SER PA 214 25.18 1.60 41.93
C SER PA 214 24.47 2.87 41.46
N ASP PA 215 25.25 3.76 40.84
CA ASP PA 215 24.70 4.90 40.14
C ASP PA 215 24.96 4.85 38.64
N PHE PA 216 26.23 4.74 38.24
CA PHE PA 216 26.56 4.83 36.84
C PHE PA 216 27.09 3.53 36.25
N GLY PA 217 27.62 2.63 37.04
CA GLY PA 217 28.11 1.41 36.48
C GLY PA 217 29.55 1.61 36.07
N GLY PA 218 30.44 0.89 36.69
CA GLY PA 218 31.86 1.10 36.50
C GLY PA 218 32.63 -0.16 36.69
N TYR PA 219 33.73 -0.07 37.42
CA TYR PA 219 34.71 -1.13 37.50
C TYR PA 219 35.05 -1.38 38.96
N THR PA 220 35.22 -2.64 39.31
CA THR PA 220 35.50 -3.07 40.68
C THR PA 220 36.84 -3.77 40.75
N SER PA 221 37.32 -4.00 41.97
CA SER PA 221 38.56 -4.73 42.19
C SER PA 221 38.52 -5.32 43.59
N CYS PA 222 38.76 -6.63 43.69
CA CYS PA 222 38.83 -7.27 44.99
C CYS PA 222 40.11 -8.07 45.08
N ILE PA 223 40.72 -8.06 46.24
CA ILE PA 223 41.96 -8.78 46.49
C ILE PA 223 41.61 -10.17 47.01
N VAL PA 224 42.14 -11.20 46.36
CA VAL PA 224 41.94 -12.58 46.80
C VAL PA 224 42.53 -12.76 48.19
N THR PA 225 41.86 -13.55 49.03
CA THR PA 225 42.31 -13.72 50.40
C THR PA 225 42.74 -15.14 50.75
N GLU PA 226 42.29 -16.15 50.03
CA GLU PA 226 42.68 -17.51 50.34
C GLU PA 226 43.18 -18.18 49.06
N PRO PA 227 44.29 -18.94 49.15
CA PRO PA 227 44.82 -19.59 47.95
C PRO PA 227 43.88 -20.64 47.38
N VAL PA 228 43.83 -20.69 46.05
CA VAL PA 228 42.90 -21.55 45.32
C VAL PA 228 43.71 -22.60 44.58
N TYR PA 229 43.47 -23.86 44.90
CA TYR PA 229 44.25 -24.96 44.37
C TYR PA 229 43.55 -25.56 43.16
N SER PA 230 44.02 -26.73 42.72
CA SER PA 230 43.52 -27.39 41.53
C SER PA 230 42.19 -28.09 41.82
N ILE PA 231 41.74 -28.95 40.90
CA ILE PA 231 40.57 -29.79 41.18
C ILE PA 231 40.91 -30.82 42.24
N ASN PA 232 42.14 -31.31 42.28
CA ASN PA 232 42.53 -32.33 43.23
C ASN PA 232 43.69 -31.89 44.12
N GLY PA 233 44.01 -30.61 44.12
CA GLY PA 233 44.94 -30.06 45.10
C GLY PA 233 46.40 -30.33 44.86
N HIS PA 234 46.81 -30.73 43.66
CA HIS PA 234 48.22 -30.98 43.47
C HIS PA 234 49.01 -29.70 43.20
N ASN PA 235 48.35 -28.62 42.80
CA ASN PA 235 49.05 -27.41 42.40
C ASN PA 235 48.33 -26.19 42.94
N LEU PA 236 49.10 -25.13 43.14
CA LEU PA 236 48.56 -23.84 43.54
C LEU PA 236 48.28 -23.01 42.31
N LEU PA 237 47.02 -22.70 42.05
CA LEU PA 237 46.68 -21.98 40.83
C LEU PA 237 46.65 -20.49 41.04
N LEU PA 238 45.77 -20.02 41.91
CA LEU PA 238 45.71 -18.60 42.23
C LEU PA 238 46.34 -18.37 43.59
N PRO PA 239 47.47 -17.66 43.68
CA PRO PA 239 48.10 -17.45 44.98
C PRO PA 239 47.32 -16.53 45.90
N LYS PA 240 47.90 -16.24 47.06
CA LYS PA 240 47.16 -15.63 48.15
C LYS PA 240 46.81 -14.17 47.89
N GLY PA 241 47.63 -13.42 47.15
CA GLY PA 241 47.36 -12.01 47.05
C GLY PA 241 47.00 -11.48 45.68
N SER PA 242 46.31 -12.29 44.89
CA SER PA 242 45.93 -11.90 43.53
C SER PA 242 44.84 -10.83 43.56
N LYS PA 243 44.67 -10.13 42.44
CA LYS PA 243 43.61 -9.16 42.28
C LYS PA 243 42.58 -9.65 41.27
N MET PA 244 41.34 -9.75 41.69
CA MET PA 244 40.27 -9.99 40.75
C MET PA 244 39.67 -8.68 40.30
N LEU PA 245 39.27 -8.64 39.03
CA LEU PA 245 38.89 -7.43 38.34
C LEU PA 245 37.54 -7.68 37.69
N GLY PA 246 36.58 -6.80 37.95
CA GLY PA 246 35.23 -7.01 37.46
C GLY PA 246 34.57 -5.70 37.08
N GLN PA 247 33.33 -5.79 36.63
CA GLN PA 247 32.56 -4.62 36.27
C GLN PA 247 31.08 -4.93 36.33
N TYR PA 248 30.28 -3.89 36.56
CA TYR PA 248 28.84 -4.00 36.71
C TYR PA 248 28.18 -2.93 35.85
N SER PA 249 26.85 -2.89 35.90
CA SER PA 249 26.09 -1.99 35.05
C SER PA 249 25.09 -1.22 35.87
N ALA PA 250 24.73 -0.03 35.39
CA ALA PA 250 23.79 0.82 36.10
C ALA PA 250 22.37 0.30 35.98
N GLY PA 251 21.59 0.53 37.02
CA GLY PA 251 20.20 0.12 37.00
C GLY PA 251 19.51 0.59 38.26
N GLU PA 252 18.19 0.46 38.23
CA GLU PA 252 17.40 0.73 39.42
C GLU PA 252 17.45 -0.49 40.33
N PRO PA 253 17.93 -0.36 41.56
CA PRO PA 253 18.00 -1.52 42.45
C PRO PA 253 16.65 -1.89 43.05
N THR PA 254 15.86 -2.66 42.31
CA THR PA 254 14.61 -3.20 42.83
C THR PA 254 14.91 -4.16 43.98
N SER PA 255 15.58 -5.26 43.69
CA SER PA 255 16.09 -6.13 44.73
C SER PA 255 17.28 -5.48 45.41
N HIS PA 256 17.51 -5.85 46.67
CA HIS PA 256 18.63 -5.25 47.41
C HIS PA 256 19.93 -6.05 47.22
N ARG PA 257 20.26 -6.34 45.97
CA ARG PA 257 21.48 -7.03 45.61
C ARG PA 257 22.02 -6.44 44.32
N LEU PA 258 23.32 -6.54 44.12
CA LEU PA 258 23.97 -6.03 42.93
C LEU PA 258 24.64 -7.19 42.22
N GLN PA 259 24.76 -7.09 40.90
CA GLN PA 259 25.21 -8.19 40.07
C GLN PA 259 26.48 -7.78 39.34
N VAL PA 260 27.61 -8.40 39.72
CA VAL PA 260 28.93 -8.09 39.20
C VAL PA 260 29.43 -9.31 38.44
N VAL PA 261 30.12 -9.09 37.32
CA VAL PA 261 30.70 -10.17 36.53
C VAL PA 261 32.21 -10.02 36.59
N TRP PA 262 32.87 -10.86 37.39
CA TRP PA 262 34.31 -10.80 37.58
C TRP PA 262 34.99 -11.57 36.45
N ASP PA 263 35.95 -10.92 35.78
CA ASP PA 263 36.39 -11.51 34.52
C ASP PA 263 37.90 -11.48 34.25
N ARG PA 264 38.73 -11.20 35.26
CA ARG PA 264 40.18 -11.23 35.06
C ARG PA 264 40.86 -11.29 36.42
N VAL PA 265 41.90 -12.12 36.53
CA VAL PA 265 42.74 -12.20 37.71
C VAL PA 265 44.18 -12.05 37.26
N THR PA 266 44.98 -11.26 38.00
CA THR PA 266 46.42 -11.14 37.76
C THR PA 266 47.15 -11.57 39.02
N THR PA 267 47.88 -12.68 38.93
CA THR PA 267 48.48 -13.30 40.10
C THR PA 267 49.82 -12.66 40.47
N PRO PA 268 50.30 -12.85 41.70
CA PRO PA 268 51.66 -12.39 42.04
C PRO PA 268 52.75 -13.19 41.35
N THR PA 269 52.44 -14.39 40.86
CA THR PA 269 53.40 -15.23 40.18
C THR PA 269 53.43 -15.00 38.68
N GLY PA 270 52.87 -13.87 38.22
CA GLY PA 270 52.97 -13.49 36.83
C GLY PA 270 52.06 -14.24 35.91
N LEU PA 271 50.76 -14.17 36.14
CA LEU PA 271 49.77 -14.77 35.26
C LEU PA 271 48.65 -13.78 35.00
N ASP PA 272 47.84 -14.10 33.99
CA ASP PA 272 46.76 -13.20 33.57
C ASP PA 272 45.66 -14.10 33.02
N VAL PA 273 44.70 -14.45 33.87
CA VAL PA 273 43.64 -15.36 33.49
C VAL PA 273 42.40 -14.54 33.20
N THR PA 274 41.47 -15.12 32.45
CA THR PA 274 40.32 -14.37 31.95
C THR PA 274 39.04 -15.17 32.12
N LEU PA 275 38.82 -15.66 33.34
CA LEU PA 275 37.71 -16.52 33.70
C LEU PA 275 36.37 -15.82 33.53
N MET PA 276 35.30 -16.61 33.58
CA MET PA 276 33.94 -16.09 33.58
C MET PA 276 33.35 -16.42 34.95
N GLY PA 277 33.38 -15.46 35.85
CA GLY PA 277 32.85 -15.68 37.17
C GLY PA 277 31.83 -14.65 37.57
N PRO PA 278 30.57 -15.06 37.69
CA PRO PA 278 29.57 -14.18 38.30
C PRO PA 278 29.79 -14.10 39.80
N GLY PA 279 29.72 -12.88 40.33
CA GLY PA 279 29.89 -12.70 41.75
C GLY PA 279 28.70 -13.21 42.53
N ILE PA 280 28.98 -13.91 43.62
CA ILE PA 280 27.95 -14.50 44.46
C ILE PA 280 28.13 -14.01 45.89
N ASP PA 281 27.15 -14.36 46.72
CA ASP PA 281 27.18 -14.14 48.15
C ASP PA 281 28.26 -15.03 48.79
N THR PA 282 28.54 -14.79 50.06
CA THR PA 282 29.51 -15.62 50.76
C THR PA 282 28.96 -16.99 51.15
N LEU PA 283 27.65 -17.22 50.97
CA LEU PA 283 27.08 -18.55 51.08
C LEU PA 283 26.62 -19.13 49.75
N GLY PA 284 26.79 -18.41 48.65
CA GLY PA 284 26.52 -18.96 47.34
C GLY PA 284 25.33 -18.36 46.62
N SER PA 285 24.64 -17.39 47.21
CA SER PA 285 23.49 -16.80 46.56
C SER PA 285 23.95 -15.83 45.48
N SER PA 286 23.21 -15.79 44.37
CA SER PA 286 23.64 -15.00 43.23
C SER PA 286 23.45 -13.51 43.50
N GLY PA 287 24.51 -12.74 43.29
CA GLY PA 287 24.47 -11.31 43.49
C GLY PA 287 25.01 -10.86 44.82
N HIS PA 288 25.68 -9.73 44.85
CA HIS PA 288 26.28 -9.26 46.09
C HIS PA 288 25.28 -8.41 46.85
N PRO PA 289 25.08 -8.65 48.14
CA PRO PA 289 24.12 -7.82 48.89
C PRO PA 289 24.73 -6.49 49.30
N GLY PA 290 23.91 -5.45 49.27
CA GLY PA 290 24.38 -4.11 49.58
C GLY PA 290 23.53 -3.39 50.60
N ASN PA 291 23.74 -2.08 50.74
CA ASN PA 291 23.01 -1.26 51.70
C ASN PA 291 22.09 -0.32 50.92
N TYR PA 292 20.81 -0.67 50.85
CA TYR PA 292 19.85 0.10 50.07
C TYR PA 292 19.55 1.44 50.72
N ASN PA 293 19.42 2.47 49.90
CA ASN PA 293 19.21 3.83 50.41
C ASN PA 293 18.34 4.57 49.41
N ALA PA 294 17.03 4.58 49.65
CA ALA PA 294 16.15 5.50 48.94
C ALA PA 294 16.24 6.84 49.64
N HIS PA 295 16.56 7.88 48.88
CA HIS PA 295 16.99 9.14 49.48
C HIS PA 295 15.77 9.96 49.88
N TRP PA 296 15.11 9.52 50.95
CA TRP PA 296 13.93 10.27 51.39
C TRP PA 296 14.27 11.51 52.19
N GLY PA 297 15.54 11.73 52.51
CA GLY PA 297 15.92 13.00 53.11
C GLY PA 297 15.88 14.13 52.10
N ASN PA 298 16.34 13.86 50.87
CA ASN PA 298 16.40 14.91 49.86
C ASN PA 298 15.10 15.03 49.07
N LYS PA 299 14.31 13.96 49.01
CA LYS PA 299 13.06 14.04 48.26
C LYS PA 299 12.01 14.84 49.01
N ILE PA 300 12.04 14.77 50.34
CA ILE PA 300 11.07 15.51 51.13
C ILE PA 300 11.45 16.99 51.22
N ALA PA 301 12.73 17.27 51.50
CA ALA PA 301 13.14 18.64 51.81
C ALA PA 301 13.10 19.54 50.58
N SER PA 302 13.19 18.96 49.38
CA SER PA 302 13.13 19.78 48.18
C SER PA 302 11.70 20.17 47.83
N ALA PA 303 10.72 19.44 48.37
CA ALA PA 303 9.33 19.69 48.05
C ALA PA 303 8.49 20.07 49.24
N LEU PA 304 9.00 19.95 50.47
CA LEU PA 304 8.28 20.45 51.63
C LEU PA 304 8.42 21.96 51.74
N PHE PA 305 9.61 22.48 51.48
CA PHE PA 305 9.91 23.88 51.79
C PHE PA 305 9.22 24.83 50.83
N ILE PA 306 8.99 24.41 49.59
CA ILE PA 306 8.34 25.31 48.65
C ILE PA 306 6.83 25.07 48.64
N SER PA 307 6.37 23.90 49.08
CA SER PA 307 4.94 23.71 49.21
C SER PA 307 4.42 24.34 50.49
N LEU PA 308 5.29 24.55 51.48
CA LEU PA 308 4.87 25.23 52.69
C LEU PA 308 4.92 26.75 52.51
N LEU PA 309 5.73 27.23 51.57
CA LEU PA 309 5.75 28.66 51.28
C LEU PA 309 4.51 29.07 50.52
N SER PA 310 3.94 28.14 49.74
CA SER PA 310 2.67 28.41 49.07
C SER PA 310 1.51 28.19 50.01
N ASP PA 311 1.73 27.54 51.15
CA ASP PA 311 0.66 27.31 52.11
C ASP PA 311 0.53 28.49 53.07
N ALA PA 312 1.57 29.30 53.19
CA ALA PA 312 1.45 30.53 53.97
C ALA PA 312 0.67 31.58 53.21
N PHE PA 313 0.76 31.56 51.88
CA PHE PA 313 0.02 32.51 51.06
C PHE PA 313 -1.45 32.15 50.99
N LYS PA 314 -1.77 30.86 51.06
CA LYS PA 314 -3.17 30.45 51.01
C LYS PA 314 -3.86 30.72 52.33
N TYR PA 315 -3.15 30.59 53.45
CA TYR PA 315 -3.76 30.84 54.75
C TYR PA 315 -3.98 32.32 54.99
N ALA PA 316 -3.09 33.17 54.47
CA ALA PA 316 -3.25 34.60 54.62
C ALA PA 316 -4.26 35.18 53.64
N ALA PA 317 -4.81 34.38 52.74
CA ALA PA 317 -5.81 34.83 51.79
C ALA PA 317 -7.19 34.25 52.02
N ALA PA 318 -7.28 33.04 52.58
CA ALA PA 318 -8.59 32.48 52.93
C ALA PA 318 -9.24 33.28 54.04
N GLU PA 319 -8.52 33.49 55.14
CA GLU PA 319 -8.85 34.55 56.07
C GLU PA 319 -8.00 35.76 55.70
N TYR PA 320 -8.22 36.89 56.40
CA TYR PA 320 -7.66 38.21 56.04
C TYR PA 320 -8.02 38.60 54.60
N GLY PA 321 -9.25 38.29 54.20
CA GLY PA 321 -9.67 38.55 52.84
C GLY PA 321 -11.17 38.42 52.64
N PRO PA 322 -11.66 38.87 51.48
CA PRO PA 322 -13.10 38.78 51.19
C PRO PA 322 -13.61 37.37 50.93
N GLU PA 323 -14.89 37.25 50.61
CA GLU PA 323 -15.50 35.95 50.32
C GLU PA 323 -16.63 36.09 49.32
N PRO PA 338 -14.45 31.56 49.77
CA PRO PA 338 -13.19 32.11 50.28
C PRO PA 338 -12.35 32.73 49.17
N PHE PA 339 -11.44 33.62 49.54
CA PHE PA 339 -10.66 34.40 48.57
C PHE PA 339 -9.49 33.56 48.09
N GLU PA 340 -9.59 33.08 46.85
CA GLU PA 340 -8.51 32.32 46.26
C GLU PA 340 -7.37 33.26 45.86
N SER PA 341 -6.15 32.89 46.21
CA SER PA 341 -4.97 33.66 45.86
C SER PA 341 -4.35 33.12 44.58
N ASN PA 342 -3.43 33.89 44.00
CA ASN PA 342 -2.67 33.47 42.85
C ASN PA 342 -1.25 33.04 43.19
N THR PA 343 -0.66 33.61 44.24
CA THR PA 343 0.68 33.19 44.63
C THR PA 343 0.65 31.82 45.31
N ALA PA 344 -0.51 31.39 45.79
CA ALA PA 344 -0.64 30.02 46.28
C ALA PA 344 -0.87 29.05 45.14
N ARG PA 345 -1.24 29.56 43.96
CA ARG PA 345 -1.43 28.68 42.81
C ARG PA 345 -0.17 28.57 41.98
N SER PA 346 0.51 29.69 41.72
CA SER PA 346 1.68 29.65 40.86
C SER PA 346 2.88 29.03 41.56
N MET PA 347 2.91 29.05 42.89
CA MET PA 347 4.02 28.45 43.62
C MET PA 347 3.75 26.99 43.96
N GLN PA 348 2.50 26.58 44.01
CA GLN PA 348 2.18 25.16 44.04
C GLN PA 348 2.54 24.49 42.71
N GLN PA 349 2.64 25.28 41.63
CA GLN PA 349 3.14 24.74 40.37
C GLN PA 349 4.64 24.45 40.44
N LEU PA 350 5.39 25.25 41.19
CA LEU PA 350 6.80 24.94 41.38
C LEU PA 350 6.99 23.76 42.32
N ALA PA 351 6.07 23.56 43.26
CA ALA PA 351 6.14 22.40 44.13
C ALA PA 351 5.85 21.12 43.36
N GLU PA 352 5.05 21.20 42.31
CA GLU PA 352 4.81 20.03 41.48
C GLU PA 352 5.98 19.77 40.54
N GLN PA 353 6.84 20.76 40.31
CA GLN PA 353 8.07 20.51 39.58
C GLN PA 353 9.12 19.87 40.46
N ALA PA 354 9.10 20.18 41.76
CA ALA PA 354 10.08 19.61 42.67
C ALA PA 354 9.75 18.17 43.03
N VAL PA 355 8.49 17.76 42.85
CA VAL PA 355 8.15 16.35 43.04
C VAL PA 355 8.56 15.54 41.81
N GLU PA 356 8.32 16.10 40.63
CA GLU PA 356 8.64 15.41 39.38
C GLU PA 356 10.14 15.27 39.18
N LYS PA 357 10.91 16.32 39.50
CA LYS PA 357 12.35 16.27 39.30
C LYS PA 357 13.02 15.37 40.32
N SER PA 358 12.58 15.41 41.57
CA SER PA 358 13.16 14.60 42.62
C SER PA 358 12.58 13.18 42.65
N GLY PA 359 11.63 12.88 41.77
CA GLY PA 359 11.21 11.51 41.56
C GLY PA 359 11.94 10.80 40.45
N ARG PA 360 12.80 11.52 39.74
CA ARG PA 360 13.62 10.95 38.69
C ARG PA 360 14.97 10.46 39.20
N ARG PA 361 15.25 10.65 40.48
CA ARG PA 361 16.50 10.22 41.07
C ARG PA 361 16.42 8.75 41.45
N PRO PA 362 17.37 7.93 41.03
CA PRO PA 362 17.33 6.51 41.39
C PRO PA 362 17.84 6.28 42.79
N ALA PA 363 17.44 5.14 43.35
CA ALA PA 363 17.99 4.71 44.63
C ALA PA 363 19.36 4.10 44.43
N THR PA 364 20.14 4.07 45.50
CA THR PA 364 21.48 3.51 45.44
C THR PA 364 21.57 2.31 46.38
N LEU PA 365 22.56 1.46 46.13
CA LEU PA 365 22.98 0.53 47.15
C LEU PA 365 24.50 0.48 47.16
N THR PA 366 25.07 0.66 48.33
CA THR PA 366 26.52 0.72 48.48
C THR PA 366 27.02 -0.58 49.09
N ILE PA 367 28.23 -0.97 48.70
CA ILE PA 367 28.95 -2.08 49.31
C ILE PA 367 30.26 -1.51 49.80
N ASN PA 368 30.54 -1.65 51.09
CA ASN PA 368 31.67 -0.98 51.71
C ASN PA 368 32.99 -1.60 51.27
N GLN PA 369 34.09 -0.94 51.62
CA GLN PA 369 35.39 -1.26 51.07
C GLN PA 369 36.12 -2.36 51.82
N GLY PA 370 35.43 -3.18 52.59
CA GLY PA 370 36.14 -4.25 53.25
C GLY PA 370 35.44 -5.59 53.19
N THR PA 371 34.26 -5.61 52.58
CA THR PA 371 33.36 -6.76 52.70
C THR PA 371 33.91 -7.97 51.96
N VAL PA 372 33.77 -9.13 52.58
CA VAL PA 372 34.29 -10.37 52.02
C VAL PA 372 33.33 -10.84 50.94
N LEU PA 373 33.72 -10.70 49.68
CA LEU PA 373 32.91 -11.15 48.57
C LEU PA 373 33.25 -12.61 48.26
N ASN PA 374 32.69 -13.13 47.17
CA ASN PA 374 32.93 -14.50 46.78
C ASN PA 374 32.55 -14.63 45.32
N VAL PA 375 33.30 -15.43 44.57
CA VAL PA 375 33.14 -15.54 43.12
C VAL PA 375 32.93 -16.99 42.75
N TYR PA 376 31.87 -17.28 42.00
CA TYR PA 376 31.60 -18.62 41.48
C TYR PA 376 32.18 -18.69 40.08
N VAL PA 377 33.20 -19.50 39.87
CA VAL PA 377 33.71 -19.66 38.52
C VAL PA 377 32.75 -20.56 37.75
N ALA PA 378 32.45 -20.19 36.50
CA ALA PA 378 31.41 -20.85 35.75
C ALA PA 378 31.90 -21.59 34.51
N LYS PA 379 33.18 -21.50 34.17
CA LYS PA 379 33.77 -22.32 33.13
C LYS PA 379 35.17 -22.75 33.56
N ASP PA 380 35.62 -23.87 33.02
CA ASP PA 380 36.92 -24.41 33.36
C ASP PA 380 38.03 -23.54 32.79
N VAL PA 381 39.10 -23.37 33.56
CA VAL PA 381 40.30 -22.67 33.11
C VAL PA 381 41.45 -23.65 33.21
N ASP PA 382 42.26 -23.74 32.16
CA ASP PA 382 43.30 -24.75 32.05
C ASP PA 382 44.67 -24.09 32.26
N PHE PA 383 45.28 -24.36 33.40
CA PHE PA 383 46.59 -23.85 33.76
C PHE PA 383 47.74 -24.78 33.37
N SER PA 384 47.49 -25.76 32.51
CA SER PA 384 48.51 -26.78 32.28
C SER PA 384 49.67 -26.27 31.44
N ALA PA 385 49.48 -25.21 30.66
CA ALA PA 385 50.53 -24.64 29.83
C ALA PA 385 51.40 -23.65 30.58
N VAL PA 386 51.28 -23.58 31.89
CA VAL PA 386 51.96 -22.61 32.73
C VAL PA 386 52.82 -23.30 33.79
N LEU PA 387 52.26 -24.31 34.45
CA LEU PA 387 52.87 -24.93 35.60
C LEU PA 387 54.15 -25.66 35.21
N PRO PA 388 55.18 -25.63 36.06
CA PRO PA 388 56.44 -26.28 35.70
C PRO PA 388 56.31 -27.79 35.70
N LYS PA 389 57.10 -28.42 34.84
CA LYS PA 389 56.98 -29.86 34.63
C LYS PA 389 58.07 -30.61 35.38
#